data_8OES
#
_entry.id   8OES
#
_cell.length_a   1.00
_cell.length_b   1.00
_cell.length_c   1.00
_cell.angle_alpha   90.00
_cell.angle_beta   90.00
_cell.angle_gamma   90.00
#
_symmetry.space_group_name_H-M   'P 1'
#
loop_
_entity.id
_entity.type
_entity.pdbx_description
1 polymer Mucin-5B
2 polymer Mucin-5B
3 non-polymer 'CALCIUM ION'
4 non-polymer 2-acetamido-2-deoxy-beta-D-glucopyranose
#
loop_
_entity_poly.entity_id
_entity_poly.type
_entity_poly.pdbx_seq_one_letter_code
_entity_poly.pdbx_strand_id
1 'polypeptide(L)'
;QGPVEPSWENAGHTMDGGAPTSSPTRRVSFVPPVTVFPSLSPLNPAHNGRVCSTWGDFHYKTFDGDVFRFPGLCNYVFSE
HCRAAYEDFNVQLRRGLVGSRPVVTRVVIKAQGLVLEASNGSVLINGQREELPYSRTGLLVEQSGDYIKVSIRLVLTFLW
NGEDSALLELDPKYANQTCGLCGDFNGLPAFNEFYAHNARLTPLQFGNLQKLDGPTEQCPDPLPLPAGNCTDEEGICHRT
LLGPAFAECHALVDSTAYLAACAQDLCRCPTCPCATFVEYSRQCAHAGGQPRNWRCPELCPRTCPLNMQHQECGSPCTDT
CSNPQRAQLCEDHCVDGCFCPPGTVLDDITHSGCLPLGQCPCTHGGRTYSPGTSFNTTCSSCTCSGGLWQCQDLPCPGTC
SVQGGAHISTYDEKLYDLHGDCSYVLSKKCADSSFTVLAELRKCGLTDNENCLKAVTLSLDGGDTAIRVQADGGVFLNSI
YTQLPLSAANITLFTPSSFFIVVQTGLGLQLLVQLVPLMQVFVRLDPAHQGQMCGLCGNFNQNQADDFTALSGVVEATGA
AFANTWKAQAACANARNSFEDPCSLSVENENYARHWCSRLTDPNSAFSRCHSIINPKPFHSNCMFDTCNCERSEDCLCAA
LSSYVHACAAKGVQLSDWRDGVCTKYMQNCPKSQRYAYVVDACQPTCRGLSEADVTCSVSFVPVDGCTCPAGTFLNDAGA
CVPAQECPCYAHGTVLAPGEVVHDEGAVCSCTGGKLSCLGASLQKSTGCAAPMVYLDCSNSSAGTPGAECLRSCHTLDVG
CFSTHCVSGCVCPPGLVSDGSGGCIAEEDCPCVHNEATYKPGETIRVDCNTCTCRNRRWECSHRLCLGTCVAYGDGHFIT
FDGDRYSFEGSCEYILAQDYCGDNTTHGTFRIVTENIPCGTTGTTCSKAIKLFVESYELILQEGTFKAVARGPGGDPPYK
IRYMGIFLVIETHGMAVSWDRKTSVFIRLHQDYKGRVCGLCGNFDDNAINDFATRSRSVVGDALEFGNSWKLSPSCPDAL
APKDPCTANPFRKSWAQKQCSILHGPTFAACRSQVDSTKYYEACVNDACACDSGGDCECFCTAVAAYAQACHDAGLCVSW
RTPDTCPLFCDFYNPHGGCEWHYQPCGAPCLKTCRNPSGHCLVDLPGLEGCYPKCPPSQPFFNEDQMKCVAQCGCYDKDG
NYYDVGARVPTAENCQSCNCTPSGIQC
;
A,B,C,D,E,F,G,H
2 'polypeptide(L)'
;CVREVCRWSSWYNGHRPEPGLGGGDFETFENLRQRGYQVCPVLADIECRAAQLPDMPLEELGQQVDCDRMRGLMCANSQQ
SPPLCHDYELRVLCCEYVPC
;
I,J,K,L,M,N
#
# COMPACT_ATOMS: atom_id res chain seq x y z
N ALA A 46 -26.02 -42.39 5.72
CA ALA A 46 -24.85 -41.60 6.08
C ALA A 46 -23.91 -41.42 4.89
N HIS A 47 -22.63 -41.28 5.17
CA HIS A 47 -21.60 -41.09 4.14
C HIS A 47 -21.33 -42.41 3.44
N ASN A 48 -22.35 -42.88 2.72
CA ASN A 48 -22.32 -44.24 2.18
C ASN A 48 -21.27 -44.37 1.08
N GLY A 49 -21.44 -43.63 0.00
CA GLY A 49 -20.52 -43.73 -1.11
C GLY A 49 -20.01 -42.39 -1.57
N ARG A 50 -19.93 -41.43 -0.65
CA ARG A 50 -19.42 -40.11 -0.94
C ARG A 50 -18.05 -39.93 -0.30
N VAL A 51 -17.24 -40.98 -0.33
CA VAL A 51 -15.94 -41.00 0.31
C VAL A 51 -14.93 -41.66 -0.62
N CYS A 52 -13.73 -41.09 -0.69
CA CYS A 52 -12.58 -41.75 -1.29
C CYS A 52 -11.40 -41.60 -0.35
N SER A 53 -10.39 -42.46 -0.51
CA SER A 53 -9.32 -42.49 0.47
C SER A 53 -8.01 -42.93 -0.15
N THR A 54 -6.92 -42.57 0.52
CA THR A 54 -5.57 -42.93 0.10
C THR A 54 -4.74 -43.22 1.34
N TRP A 55 -4.19 -44.42 1.43
CA TRP A 55 -3.55 -44.81 2.67
C TRP A 55 -2.40 -45.77 2.42
N GLY A 56 -1.49 -45.80 3.39
CA GLY A 56 -0.45 -46.79 3.47
C GLY A 56 0.43 -46.83 2.23
N ASP A 57 0.64 -48.04 1.72
CA ASP A 57 1.53 -48.28 0.60
C ASP A 57 0.77 -48.05 -0.71
N PHE A 58 0.50 -46.76 -0.97
CA PHE A 58 -0.12 -46.31 -2.21
C PHE A 58 -1.43 -47.05 -2.51
N HIS A 59 -2.31 -47.11 -1.52
CA HIS A 59 -3.59 -47.78 -1.70
C HIS A 59 -4.66 -46.72 -1.89
N TYR A 60 -5.38 -46.80 -3.01
CA TYR A 60 -6.40 -45.82 -3.39
C TYR A 60 -7.74 -46.50 -3.42
N LYS A 61 -8.74 -45.85 -2.80
CA LYS A 61 -10.10 -46.36 -2.75
C LYS A 61 -11.00 -45.27 -3.33
N THR A 62 -11.77 -45.63 -4.36
CA THR A 62 -12.62 -44.68 -5.04
C THR A 62 -13.96 -44.57 -4.32
N PHE A 63 -14.83 -43.69 -4.83
CA PHE A 63 -16.10 -43.43 -4.17
C PHE A 63 -16.95 -44.69 -4.11
N ASP A 64 -16.99 -45.46 -5.20
CA ASP A 64 -17.99 -46.50 -5.38
C ASP A 64 -17.55 -47.84 -4.79
N GLY A 65 -16.36 -47.93 -4.22
CA GLY A 65 -15.94 -49.11 -3.50
C GLY A 65 -14.69 -49.77 -4.01
N ASP A 66 -14.13 -49.31 -5.12
CA ASP A 66 -12.94 -49.95 -5.67
C ASP A 66 -11.73 -49.71 -4.78
N VAL A 67 -10.76 -50.62 -4.88
CA VAL A 67 -9.48 -50.49 -4.20
C VAL A 67 -8.41 -50.90 -5.20
N PHE A 68 -7.32 -50.16 -5.26
CA PHE A 68 -6.19 -50.61 -6.04
C PHE A 68 -4.93 -49.92 -5.56
N ARG A 69 -3.81 -50.60 -5.74
CA ARG A 69 -2.51 -50.06 -5.39
C ARG A 69 -1.94 -49.37 -6.62
N PHE A 70 -1.36 -48.20 -6.43
CA PHE A 70 -0.77 -47.49 -7.54
C PHE A 70 0.46 -46.76 -7.04
N PRO A 71 1.67 -47.25 -7.32
CA PRO A 71 2.89 -46.69 -6.72
C PRO A 71 3.42 -45.47 -7.46
N GLY A 72 2.53 -44.55 -7.81
CA GLY A 72 2.96 -43.32 -8.45
C GLY A 72 3.77 -42.46 -7.50
N LEU A 73 4.59 -41.58 -8.07
CA LEU A 73 5.42 -40.72 -7.24
C LEU A 73 5.50 -39.29 -7.77
N CYS A 74 4.48 -38.83 -8.49
CA CYS A 74 4.39 -37.46 -8.97
C CYS A 74 3.12 -36.81 -8.44
N ASN A 75 2.83 -35.62 -8.94
CA ASN A 75 1.54 -35.00 -8.67
C ASN A 75 0.46 -35.66 -9.49
N TYR A 76 -0.72 -35.81 -8.90
CA TYR A 76 -1.82 -36.47 -9.59
C TYR A 76 -3.11 -35.73 -9.26
N VAL A 77 -4.07 -35.80 -10.19
CA VAL A 77 -5.39 -35.23 -9.95
C VAL A 77 -6.14 -36.22 -9.07
N PHE A 78 -6.09 -36.01 -7.76
CA PHE A 78 -6.74 -36.94 -6.85
C PHE A 78 -8.25 -36.85 -6.96
N SER A 79 -8.79 -35.67 -7.31
CA SER A 79 -10.19 -35.52 -7.67
C SER A 79 -10.39 -34.10 -8.18
N GLU A 80 -11.44 -33.92 -8.97
CA GLU A 80 -11.64 -32.65 -9.65
C GLU A 80 -13.03 -32.61 -10.25
N HIS A 81 -13.69 -31.47 -10.13
CA HIS A 81 -14.98 -31.26 -10.79
C HIS A 81 -14.68 -30.98 -12.25
N CYS A 82 -14.84 -32.00 -13.10
CA CYS A 82 -14.42 -31.88 -14.49
C CYS A 82 -15.52 -32.20 -15.49
N ARG A 83 -16.75 -32.43 -15.05
CA ARG A 83 -17.85 -32.53 -16.00
C ARG A 83 -18.88 -31.45 -15.72
N ALA A 84 -18.41 -30.23 -15.52
CA ALA A 84 -19.27 -29.09 -15.29
C ALA A 84 -18.76 -27.90 -16.07
N ALA A 85 -19.67 -26.97 -16.38
CA ALA A 85 -19.28 -25.76 -17.09
C ALA A 85 -18.29 -24.95 -16.27
N TYR A 86 -18.47 -24.90 -14.96
CA TYR A 86 -17.56 -24.21 -14.05
C TYR A 86 -17.17 -25.17 -12.94
N GLU A 87 -15.87 -25.29 -12.68
CA GLU A 87 -15.39 -26.27 -11.72
C GLU A 87 -15.48 -25.73 -10.30
N ASP A 88 -15.81 -26.61 -9.37
CA ASP A 88 -15.96 -26.24 -7.97
C ASP A 88 -14.76 -26.63 -7.11
N PHE A 89 -14.12 -27.75 -7.39
CA PHE A 89 -13.02 -28.22 -6.55
C PHE A 89 -11.98 -28.87 -7.44
N ASN A 90 -10.72 -28.78 -7.01
CA ASN A 90 -9.62 -29.41 -7.73
C ASN A 90 -8.58 -29.80 -6.68
N VAL A 91 -8.68 -31.02 -6.20
CA VAL A 91 -7.81 -31.52 -5.13
C VAL A 91 -6.80 -32.46 -5.75
N GLN A 92 -5.52 -32.20 -5.50
CA GLN A 92 -4.43 -32.97 -6.08
C GLN A 92 -3.50 -33.45 -4.99
N LEU A 93 -2.89 -34.60 -5.21
CA LEU A 93 -1.96 -35.20 -4.27
C LEU A 93 -0.59 -35.36 -4.90
N ARG A 94 0.43 -35.27 -4.07
CA ARG A 94 1.79 -35.63 -4.45
C ARG A 94 2.28 -36.66 -3.46
N ARG A 95 2.71 -37.81 -3.96
CA ARG A 95 3.12 -38.91 -3.12
C ARG A 95 4.63 -39.10 -3.21
N GLY A 96 5.28 -39.21 -2.06
CA GLY A 96 6.72 -39.34 -2.02
C GLY A 96 7.23 -40.37 -1.04
N LEU A 97 8.53 -40.36 -0.80
CA LEU A 97 9.20 -41.34 0.04
C LEU A 97 9.83 -40.64 1.25
N VAL A 98 9.62 -41.21 2.43
CA VAL A 98 10.37 -40.80 3.61
C VAL A 98 11.30 -41.95 3.96
N GLY A 99 12.53 -41.91 3.44
CA GLY A 99 13.48 -42.98 3.59
C GLY A 99 13.06 -44.17 2.76
N SER A 100 11.99 -44.84 3.21
CA SER A 100 11.28 -45.83 2.42
C SER A 100 9.77 -45.76 2.59
N ARG A 101 9.26 -45.03 3.57
CA ARG A 101 7.83 -45.05 3.85
C ARG A 101 7.07 -44.28 2.77
N PRO A 102 6.02 -44.85 2.20
CA PRO A 102 5.15 -44.08 1.29
C PRO A 102 4.38 -43.03 2.06
N VAL A 103 4.51 -41.78 1.64
CA VAL A 103 3.84 -40.67 2.30
C VAL A 103 3.21 -39.77 1.26
N VAL A 104 2.37 -38.86 1.73
CA VAL A 104 1.86 -37.75 0.91
C VAL A 104 2.62 -36.51 1.34
N THR A 105 3.31 -35.89 0.38
CA THR A 105 4.18 -34.76 0.68
C THR A 105 3.53 -33.41 0.43
N ARG A 106 2.47 -33.35 -0.35
CA ARG A 106 1.85 -32.07 -0.67
C ARG A 106 0.46 -32.29 -1.25
N VAL A 107 -0.52 -31.57 -0.70
CA VAL A 107 -1.88 -31.55 -1.22
C VAL A 107 -2.17 -30.14 -1.67
N VAL A 108 -2.81 -29.99 -2.81
CA VAL A 108 -3.20 -28.68 -3.33
C VAL A 108 -4.67 -28.72 -3.65
N ILE A 109 -5.49 -28.17 -2.77
CA ILE A 109 -6.93 -28.11 -2.95
C ILE A 109 -7.27 -26.74 -3.51
N LYS A 110 -7.85 -26.72 -4.70
CA LYS A 110 -8.33 -25.50 -5.32
C LYS A 110 -9.85 -25.59 -5.35
N ALA A 111 -10.51 -24.58 -4.76
CA ALA A 111 -11.96 -24.62 -4.66
C ALA A 111 -12.50 -23.21 -4.60
N GLN A 112 -13.26 -22.83 -5.63
CA GLN A 112 -14.06 -21.60 -5.61
C GLN A 112 -13.16 -20.38 -5.45
N GLY A 113 -11.99 -20.41 -6.08
CA GLY A 113 -11.06 -19.31 -5.96
C GLY A 113 -10.16 -19.35 -4.76
N LEU A 114 -10.20 -20.41 -3.96
CA LEU A 114 -9.35 -20.56 -2.80
C LEU A 114 -8.31 -21.63 -3.10
N VAL A 115 -7.05 -21.33 -2.80
CA VAL A 115 -5.93 -22.24 -3.02
C VAL A 115 -5.38 -22.63 -1.66
N LEU A 116 -5.23 -23.93 -1.43
CA LEU A 116 -4.86 -24.46 -0.13
C LEU A 116 -3.78 -25.52 -0.33
N GLU A 117 -2.56 -25.19 0.04
CA GLU A 117 -1.41 -26.06 -0.18
C GLU A 117 -0.90 -26.56 1.17
N ALA A 118 -1.14 -27.83 1.45
CA ALA A 118 -0.70 -28.45 2.70
C ALA A 118 0.56 -29.27 2.42
N SER A 119 1.65 -28.91 3.09
CA SER A 119 2.91 -29.60 2.91
C SER A 119 3.85 -29.19 4.03
N ASN A 120 4.77 -30.09 4.36
CA ASN A 120 5.81 -29.79 5.35
C ASN A 120 5.18 -29.39 6.68
N GLY A 121 4.07 -30.04 7.03
CA GLY A 121 3.40 -29.79 8.30
C GLY A 121 2.81 -28.40 8.37
N SER A 122 2.81 -27.69 7.26
CA SER A 122 2.36 -26.31 7.19
C SER A 122 1.25 -26.20 6.16
N VAL A 123 0.46 -25.15 6.29
CA VAL A 123 -0.68 -24.89 5.43
C VAL A 123 -0.53 -23.51 4.82
N LEU A 124 -0.70 -23.43 3.50
CA LEU A 124 -0.67 -22.17 2.78
C LEU A 124 -2.08 -21.89 2.28
N ILE A 125 -2.65 -20.75 2.69
CA ILE A 125 -3.98 -20.36 2.28
C ILE A 125 -3.83 -19.18 1.33
N ASN A 126 -4.17 -19.41 0.06
CA ASN A 126 -4.04 -18.39 -0.98
C ASN A 126 -2.64 -17.81 -1.02
N GLY A 127 -1.63 -18.65 -0.77
CA GLY A 127 -0.25 -18.25 -0.85
C GLY A 127 0.36 -17.74 0.44
N GLN A 128 -0.43 -17.59 1.50
CA GLN A 128 0.07 -17.08 2.77
C GLN A 128 -0.04 -18.16 3.83
N ARG A 129 1.03 -18.35 4.59
CA ARG A 129 0.99 -19.28 5.72
C ARG A 129 -0.01 -18.77 6.76
N GLU A 130 -0.77 -19.70 7.32
CA GLU A 130 -1.76 -19.36 8.34
C GLU A 130 -1.64 -20.31 9.52
N GLU A 131 -1.96 -19.80 10.71
CA GLU A 131 -1.91 -20.59 11.92
C GLU A 131 -3.25 -21.29 12.13
N LEU A 132 -3.17 -22.56 12.47
CA LEU A 132 -4.39 -23.35 12.64
C LEU A 132 -5.09 -22.92 13.92
N PRO A 133 -6.43 -22.96 13.96
CA PRO A 133 -7.34 -23.19 12.83
C PRO A 133 -7.58 -21.90 12.08
N TYR A 134 -7.91 -21.97 10.79
CA TYR A 134 -8.18 -20.81 9.97
C TYR A 134 -9.59 -20.95 9.43
N SER A 135 -10.44 -19.98 9.74
CA SER A 135 -11.86 -20.09 9.42
C SER A 135 -12.33 -18.85 8.69
N ARG A 136 -13.23 -19.07 7.74
CA ARG A 136 -13.84 -18.02 6.94
CA ARG A 136 -13.88 -17.99 7.01
C ARG A 136 -15.21 -18.51 6.48
N THR A 137 -15.98 -17.62 5.90
CA THR A 137 -17.32 -18.01 5.44
C THR A 137 -17.23 -19.21 4.52
N GLY A 138 -17.78 -20.34 4.97
CA GLY A 138 -17.83 -21.56 4.19
C GLY A 138 -16.59 -22.42 4.25
N LEU A 139 -15.49 -21.92 4.81
CA LEU A 139 -14.23 -22.65 4.86
C LEU A 139 -13.76 -22.75 6.30
N LEU A 140 -13.24 -23.91 6.69
CA LEU A 140 -12.49 -23.95 7.94
C LEU A 140 -11.49 -25.09 7.91
N VAL A 141 -10.26 -24.77 8.32
CA VAL A 141 -9.15 -25.72 8.36
C VAL A 141 -8.68 -25.82 9.80
N GLU A 142 -8.47 -27.04 10.27
CA GLU A 142 -8.16 -27.24 11.68
C GLU A 142 -7.18 -28.38 11.84
N GLN A 143 -6.52 -28.40 13.00
CA GLN A 143 -5.65 -29.47 13.46
C GLN A 143 -6.43 -30.47 14.31
N SER A 144 -7.72 -30.66 13.99
CA SER A 144 -8.60 -31.46 14.82
C SER A 144 -8.05 -32.87 14.98
N GLY A 145 -7.97 -33.33 16.23
CA GLY A 145 -7.49 -34.68 16.48
C GLY A 145 -6.07 -34.86 15.99
N ASP A 146 -5.84 -35.94 15.25
CA ASP A 146 -4.52 -36.35 14.81
C ASP A 146 -4.18 -35.85 13.41
N TYR A 147 -5.05 -35.07 12.79
CA TYR A 147 -5.00 -34.83 11.36
C TYR A 147 -4.96 -33.33 11.07
N ILE A 148 -5.09 -33.00 9.79
CA ILE A 148 -5.45 -31.67 9.34
C ILE A 148 -6.70 -31.82 8.50
N LYS A 149 -7.78 -31.17 8.92
CA LYS A 149 -9.07 -31.30 8.25
C LYS A 149 -9.45 -29.97 7.64
N VAL A 150 -9.76 -29.99 6.36
CA VAL A 150 -10.19 -28.81 5.62
C VAL A 150 -11.61 -29.07 5.15
N SER A 151 -12.57 -28.35 5.70
CA SER A 151 -13.96 -28.51 5.31
C SER A 151 -14.39 -27.25 4.59
N ILE A 152 -14.79 -27.41 3.33
CA ILE A 152 -15.33 -26.33 2.51
C ILE A 152 -16.82 -26.62 2.39
N ARG A 153 -17.60 -25.94 3.22
CA ARG A 153 -18.98 -26.32 3.46
C ARG A 153 -19.79 -26.31 2.16
N LEU A 154 -20.62 -27.34 1.98
CA LEU A 154 -21.29 -27.73 0.73
C LEU A 154 -20.35 -28.13 -0.39
N VAL A 155 -19.05 -28.22 -0.16
CA VAL A 155 -18.17 -28.69 -1.24
C VAL A 155 -17.49 -29.99 -0.84
N LEU A 156 -16.67 -29.95 0.20
CA LEU A 156 -15.84 -31.13 0.44
C LEU A 156 -15.36 -31.14 1.89
N THR A 157 -14.84 -32.30 2.27
CA THR A 157 -14.29 -32.53 3.60
C THR A 157 -13.02 -33.35 3.41
N PHE A 158 -11.87 -32.74 3.63
CA PHE A 158 -10.59 -33.36 3.33
C PHE A 158 -9.83 -33.58 4.63
N LEU A 159 -9.65 -34.84 5.00
CA LEU A 159 -8.82 -35.20 6.14
C LEU A 159 -7.45 -35.64 5.65
N TRP A 160 -6.40 -35.19 6.33
CA TRP A 160 -5.04 -35.54 5.94
C TRP A 160 -4.25 -35.82 7.21
N ASN A 161 -3.92 -37.10 7.44
CA ASN A 161 -3.28 -37.47 8.69
C ASN A 161 -1.92 -36.83 8.85
N GLY A 162 -1.34 -36.33 7.78
CA GLY A 162 -0.04 -35.69 7.83
C GLY A 162 1.07 -36.48 7.18
N GLU A 163 1.01 -37.82 7.21
CA GLU A 163 2.04 -38.61 6.54
C GLU A 163 1.49 -39.43 5.39
N ASP A 164 0.51 -40.30 5.61
CA ASP A 164 0.13 -41.27 4.59
C ASP A 164 -1.35 -41.24 4.23
N SER A 165 -2.24 -41.05 5.21
CA SER A 165 -3.66 -41.14 4.90
C SER A 165 -4.19 -39.82 4.37
N ALA A 166 -5.29 -39.90 3.61
CA ALA A 166 -5.97 -38.72 3.11
C ALA A 166 -7.33 -39.15 2.58
N LEU A 167 -8.38 -38.51 3.08
CA LEU A 167 -9.75 -38.96 2.84
C LEU A 167 -10.60 -37.78 2.40
N LEU A 168 -11.43 -38.00 1.38
CA LEU A 168 -12.30 -36.97 0.83
C LEU A 168 -13.75 -37.38 0.98
N GLU A 169 -14.54 -36.50 1.58
CA GLU A 169 -16.00 -36.58 1.56
C GLU A 169 -16.50 -35.51 0.61
N LEU A 170 -17.40 -35.88 -0.28
CA LEU A 170 -17.92 -34.95 -1.28
C LEU A 170 -19.43 -34.86 -1.17
N ASP A 171 -19.97 -33.73 -1.61
CA ASP A 171 -21.41 -33.54 -1.58
C ASP A 171 -22.09 -34.51 -2.52
N PRO A 172 -23.35 -34.86 -2.26
CA PRO A 172 -24.08 -35.71 -3.21
C PRO A 172 -24.33 -35.06 -4.55
N LYS A 173 -24.24 -33.73 -4.64
CA LYS A 173 -24.54 -33.06 -5.90
C LYS A 173 -23.39 -33.14 -6.90
N TYR A 174 -22.26 -33.70 -6.50
CA TYR A 174 -21.10 -33.87 -7.37
C TYR A 174 -21.05 -35.23 -8.02
N ALA A 175 -22.16 -35.97 -8.02
CA ALA A 175 -22.19 -37.27 -8.65
C ALA A 175 -22.01 -37.12 -10.15
N ASN A 176 -21.17 -38.00 -10.72
CA ASN A 176 -21.04 -38.14 -12.17
C ASN A 176 -20.31 -36.95 -12.81
N GLN A 177 -19.98 -35.93 -12.03
CA GLN A 177 -19.30 -34.76 -12.58
C GLN A 177 -17.86 -34.64 -12.12
N THR A 178 -17.34 -35.64 -11.42
CA THR A 178 -15.95 -35.62 -10.99
C THR A 178 -15.13 -36.60 -11.81
N CYS A 179 -13.82 -36.40 -11.79
CA CYS A 179 -12.92 -37.33 -12.45
C CYS A 179 -11.53 -37.19 -11.84
N GLY A 180 -10.92 -38.32 -11.59
CA GLY A 180 -9.68 -38.38 -10.86
C GLY A 180 -9.57 -39.74 -10.21
N LEU A 181 -8.46 -39.92 -9.48
CA LEU A 181 -8.21 -41.21 -8.85
C LEU A 181 -9.39 -41.66 -8.00
N CYS A 182 -10.12 -40.72 -7.42
CA CYS A 182 -11.29 -41.04 -6.62
C CYS A 182 -12.46 -41.53 -7.45
N GLY A 183 -12.37 -41.48 -8.77
CA GLY A 183 -13.40 -42.09 -9.59
C GLY A 183 -14.36 -41.09 -10.19
N ASP A 184 -15.58 -41.54 -10.51
CA ASP A 184 -16.57 -40.66 -11.11
C ASP A 184 -17.77 -40.38 -10.23
N PHE A 185 -17.94 -41.06 -9.10
CA PHE A 185 -19.06 -40.82 -8.19
C PHE A 185 -20.41 -41.09 -8.84
N ASN A 186 -20.44 -42.02 -9.78
CA ASN A 186 -21.69 -42.45 -10.40
C ASN A 186 -22.34 -43.60 -9.64
N GLY A 187 -21.65 -44.16 -8.65
CA GLY A 187 -22.17 -45.23 -7.83
C GLY A 187 -21.85 -46.62 -8.32
N LEU A 188 -21.36 -46.77 -9.54
CA LEU A 188 -21.06 -48.09 -10.09
C LEU A 188 -19.57 -48.35 -9.98
N PRO A 189 -19.14 -49.23 -9.08
CA PRO A 189 -17.71 -49.37 -8.81
C PRO A 189 -16.93 -50.01 -9.94
N ALA A 190 -17.35 -51.19 -10.36
CA ALA A 190 -16.48 -52.08 -11.11
C ALA A 190 -16.54 -51.87 -12.62
N PHE A 191 -17.24 -50.86 -13.12
CA PHE A 191 -17.55 -50.89 -14.54
C PHE A 191 -17.16 -49.59 -15.24
N ASN A 192 -17.04 -48.48 -14.53
CA ASN A 192 -16.89 -47.24 -15.28
C ASN A 192 -15.64 -46.43 -14.97
N GLU A 193 -14.81 -46.86 -14.02
CA GLU A 193 -13.59 -46.11 -13.74
C GLU A 193 -12.48 -46.45 -14.72
N PHE A 194 -12.48 -47.67 -15.25
CA PHE A 194 -11.36 -48.22 -16.00
C PHE A 194 -11.76 -48.61 -17.41
N TYR A 195 -12.44 -47.72 -18.11
CA TYR A 195 -12.78 -47.93 -19.51
C TYR A 195 -12.47 -46.66 -20.29
N ALA A 196 -11.23 -46.53 -20.73
CA ALA A 196 -10.77 -45.38 -21.50
C ALA A 196 -11.06 -45.64 -22.96
N HIS A 197 -12.12 -45.02 -23.47
CA HIS A 197 -12.60 -45.28 -24.82
C HIS A 197 -12.78 -46.78 -25.07
N ASN A 198 -13.64 -47.39 -24.24
CA ASN A 198 -14.10 -48.77 -24.36
C ASN A 198 -12.99 -49.81 -24.20
N ALA A 199 -11.88 -49.45 -23.57
CA ALA A 199 -10.80 -50.39 -23.28
C ALA A 199 -10.53 -50.41 -21.79
N ARG A 200 -10.31 -51.60 -21.22
CA ARG A 200 -10.13 -51.73 -19.79
C ARG A 200 -8.66 -51.56 -19.41
N LEU A 201 -8.41 -50.81 -18.34
CA LEU A 201 -7.04 -50.49 -17.94
C LEU A 201 -6.65 -51.16 -16.63
N THR A 202 -5.35 -51.33 -16.45
CA THR A 202 -4.75 -51.77 -15.20
C THR A 202 -4.60 -50.56 -14.27
N PRO A 203 -4.55 -50.76 -12.95
CA PRO A 203 -4.45 -49.60 -12.05
C PRO A 203 -3.23 -48.75 -12.30
N LEU A 204 -2.12 -49.34 -12.79
CA LEU A 204 -0.98 -48.52 -13.14
C LEU A 204 -1.32 -47.56 -14.28
N GLN A 205 -1.94 -48.08 -15.34
CA GLN A 205 -2.37 -47.22 -16.44
C GLN A 205 -3.39 -46.20 -15.98
N PHE A 206 -4.36 -46.63 -15.16
CA PHE A 206 -5.40 -45.72 -14.70
C PHE A 206 -4.80 -44.55 -13.92
N GLY A 207 -3.96 -44.86 -12.94
CA GLY A 207 -3.31 -43.79 -12.20
C GLY A 207 -2.38 -42.96 -13.06
N ASN A 208 -1.86 -43.53 -14.14
CA ASN A 208 -1.02 -42.75 -15.04
C ASN A 208 -1.83 -41.82 -15.92
N LEU A 209 -3.09 -42.15 -16.21
CA LEU A 209 -3.93 -41.22 -16.95
C LEU A 209 -4.17 -39.93 -16.16
N GLN A 210 -4.47 -40.06 -14.86
CA GLN A 210 -4.72 -38.91 -14.02
C GLN A 210 -3.43 -38.33 -13.50
N LYS A 211 -2.51 -38.01 -14.39
CA LYS A 211 -1.20 -37.47 -14.04
C LYS A 211 -1.12 -36.01 -14.47
N LEU A 212 -0.27 -35.24 -13.79
CA LEU A 212 -0.15 -33.81 -14.02
C LEU A 212 1.26 -33.38 -13.67
N ASP A 213 2.06 -33.06 -14.67
CA ASP A 213 3.44 -32.68 -14.39
C ASP A 213 3.50 -31.24 -13.92
N GLY A 214 4.63 -30.90 -13.30
CA GLY A 214 4.91 -29.52 -12.97
C GLY A 214 5.19 -28.73 -14.22
N PRO A 215 5.30 -27.41 -14.10
CA PRO A 215 5.64 -26.60 -15.27
C PRO A 215 6.98 -26.95 -15.89
N THR A 216 7.96 -27.32 -15.07
CA THR A 216 9.30 -27.63 -15.53
C THR A 216 9.74 -29.02 -15.07
N GLU A 217 8.78 -29.89 -14.79
CA GLU A 217 9.08 -31.21 -14.24
C GLU A 217 8.59 -32.29 -15.18
N GLN A 218 9.41 -33.34 -15.31
CA GLN A 218 9.08 -34.52 -16.11
C GLN A 218 9.26 -35.75 -15.21
N CYS A 219 8.22 -36.08 -14.47
CA CYS A 219 8.30 -37.21 -13.55
C CYS A 219 7.97 -38.51 -14.29
N PRO A 220 8.72 -39.57 -14.05
CA PRO A 220 8.47 -40.82 -14.77
C PRO A 220 7.22 -41.53 -14.29
N ASP A 221 6.97 -42.71 -14.79
CA ASP A 221 5.89 -43.54 -14.31
C ASP A 221 6.44 -44.73 -13.54
N PRO A 222 5.75 -45.20 -12.51
CA PRO A 222 6.25 -46.36 -11.75
C PRO A 222 6.13 -47.63 -12.57
N LEU A 223 7.26 -48.27 -12.81
CA LEU A 223 7.26 -49.53 -13.51
C LEU A 223 6.63 -50.61 -12.61
N PRO A 224 5.89 -51.56 -13.21
CA PRO A 224 5.07 -52.48 -12.40
C PRO A 224 5.91 -53.23 -11.37
N LEU A 225 5.36 -53.34 -10.18
CA LEU A 225 6.02 -54.09 -9.13
C LEU A 225 5.94 -55.58 -9.44
N PRO A 226 7.04 -56.31 -9.32
CA PRO A 226 6.99 -57.77 -9.55
C PRO A 226 6.10 -58.48 -8.53
N ALA A 227 5.99 -59.80 -8.66
CA ALA A 227 5.09 -60.58 -7.82
C ALA A 227 5.38 -60.36 -6.34
N GLY A 228 4.36 -60.63 -5.51
CA GLY A 228 4.47 -60.50 -4.09
C GLY A 228 4.88 -61.80 -3.42
N ASN A 229 4.89 -61.75 -2.08
CA ASN A 229 5.28 -62.86 -1.23
C ASN A 229 4.51 -62.76 0.08
N CYS A 230 5.02 -63.42 1.11
CA CYS A 230 4.55 -63.26 2.48
C CYS A 230 3.12 -63.75 2.66
N THR A 231 2.16 -62.97 2.14
CA THR A 231 0.75 -63.14 2.47
C THR A 231 0.56 -63.11 3.98
N ASP A 232 -0.58 -63.59 4.47
CA ASP A 232 -0.87 -63.56 5.89
C ASP A 232 -0.57 -64.93 6.51
N GLU A 233 0.72 -65.17 6.72
CA GLU A 233 1.15 -66.46 7.25
C GLU A 233 0.71 -66.64 8.70
N GLU A 234 0.99 -65.65 9.55
CA GLU A 234 0.58 -65.73 10.94
C GLU A 234 -0.93 -65.54 11.12
N GLY A 235 -1.63 -65.06 10.10
CA GLY A 235 -3.06 -64.88 10.19
C GLY A 235 -3.49 -63.61 10.89
N ILE A 236 -2.59 -62.63 11.04
CA ILE A 236 -2.94 -61.43 11.80
C ILE A 236 -4.04 -60.65 11.11
N CYS A 237 -3.95 -60.49 9.78
CA CYS A 237 -4.97 -59.74 9.06
C CYS A 237 -6.32 -60.41 9.18
N HIS A 238 -6.37 -61.73 8.98
CA HIS A 238 -7.64 -62.45 9.09
C HIS A 238 -8.14 -62.43 10.53
N ARG A 239 -7.24 -62.64 11.50
CA ARG A 239 -7.67 -62.71 12.89
C ARG A 239 -8.25 -61.39 13.36
N THR A 240 -7.65 -60.27 12.96
CA THR A 240 -8.13 -58.96 13.40
C THR A 240 -9.34 -58.51 12.58
N LEU A 241 -9.20 -58.44 11.26
CA LEU A 241 -10.25 -57.91 10.41
C LEU A 241 -11.52 -58.73 10.52
N LEU A 242 -11.39 -60.06 10.57
CA LEU A 242 -12.54 -60.93 10.75
C LEU A 242 -12.87 -61.15 12.22
N GLY A 243 -12.12 -60.52 13.13
CA GLY A 243 -12.35 -60.68 14.54
C GLY A 243 -13.62 -59.98 15.00
N PRO A 244 -13.80 -59.90 16.32
CA PRO A 244 -15.05 -59.35 16.84
C PRO A 244 -15.24 -57.88 16.52
N ALA A 245 -14.16 -57.08 16.58
CA ALA A 245 -14.29 -55.63 16.58
C ALA A 245 -15.09 -55.13 15.39
N PHE A 246 -14.72 -55.56 14.19
CA PHE A 246 -15.35 -55.07 12.98
C PHE A 246 -16.51 -55.96 12.53
N ALA A 247 -17.17 -56.62 13.49
CA ALA A 247 -18.24 -57.56 13.17
C ALA A 247 -19.28 -56.95 12.24
N GLU A 248 -19.97 -55.91 12.71
CA GLU A 248 -20.96 -55.24 11.90
C GLU A 248 -20.33 -54.53 10.69
N CYS A 249 -19.03 -54.25 10.75
CA CYS A 249 -18.36 -53.70 9.57
C CYS A 249 -18.38 -54.69 8.41
N HIS A 250 -18.38 -55.99 8.72
CA HIS A 250 -18.53 -57.00 7.68
C HIS A 250 -19.87 -56.86 6.98
N ALA A 251 -20.85 -56.23 7.61
CA ALA A 251 -22.16 -56.06 7.01
C ALA A 251 -22.25 -54.86 6.09
N LEU A 252 -21.24 -53.99 6.08
CA LEU A 252 -21.28 -52.78 5.28
C LEU A 252 -20.16 -52.71 4.25
N VAL A 253 -18.93 -52.98 4.66
CA VAL A 253 -17.76 -52.85 3.79
C VAL A 253 -17.08 -54.20 3.71
N ASP A 254 -16.89 -54.70 2.49
CA ASP A 254 -16.18 -55.95 2.29
C ASP A 254 -14.70 -55.77 2.58
N SER A 255 -14.11 -56.80 3.20
CA SER A 255 -12.74 -56.72 3.70
C SER A 255 -11.72 -57.37 2.78
N THR A 256 -12.16 -57.93 1.65
CA THR A 256 -11.25 -58.71 0.81
C THR A 256 -10.05 -57.88 0.37
N ALA A 257 -10.31 -56.71 -0.22
CA ALA A 257 -9.22 -55.85 -0.65
C ALA A 257 -8.41 -55.36 0.54
N TYR A 258 -9.06 -55.12 1.67
CA TYR A 258 -8.33 -54.70 2.86
C TYR A 258 -7.48 -55.84 3.41
N LEU A 259 -7.97 -57.07 3.34
CA LEU A 259 -7.14 -58.21 3.72
C LEU A 259 -5.90 -58.30 2.83
N ALA A 260 -6.11 -58.15 1.52
CA ALA A 260 -4.97 -58.19 0.60
C ALA A 260 -3.98 -57.07 0.89
N ALA A 261 -4.48 -55.87 1.17
CA ALA A 261 -3.60 -54.74 1.45
C ALA A 261 -2.85 -54.95 2.76
N CYS A 262 -3.51 -55.54 3.77
CA CYS A 262 -2.82 -55.84 5.01
C CYS A 262 -1.69 -56.82 4.78
N ALA A 263 -1.94 -57.86 3.97
CA ALA A 263 -0.87 -58.80 3.65
C ALA A 263 0.26 -58.12 2.88
N GLN A 264 -0.09 -57.26 1.93
CA GLN A 264 0.92 -56.58 1.14
C GLN A 264 1.76 -55.64 2.00
N ASP A 265 1.12 -54.97 2.96
CA ASP A 265 1.88 -54.15 3.91
C ASP A 265 2.75 -55.01 4.80
N LEU A 266 2.25 -56.18 5.20
CA LEU A 266 3.10 -57.13 5.90
C LEU A 266 4.36 -57.44 5.09
N CYS A 267 4.23 -57.50 3.76
CA CYS A 267 5.42 -57.65 2.93
C CYS A 267 6.37 -56.48 3.12
N ARG A 268 5.84 -55.29 3.38
CA ARG A 268 6.66 -54.14 3.71
C ARG A 268 7.01 -54.22 5.19
N CYS A 269 7.41 -53.11 5.77
CA CYS A 269 7.93 -53.10 7.13
C CYS A 269 6.91 -53.72 8.10
N PRO A 270 7.35 -54.38 9.17
CA PRO A 270 6.41 -54.88 10.12
C PRO A 270 6.13 -53.98 11.32
N THR A 271 6.35 -52.66 11.23
CA THR A 271 5.72 -51.71 12.12
C THR A 271 4.63 -50.92 11.41
N CYS A 272 4.38 -51.21 10.13
CA CYS A 272 3.39 -50.47 9.34
C CYS A 272 2.33 -51.38 8.71
N PRO A 273 1.77 -52.35 9.47
CA PRO A 273 0.64 -53.11 8.91
C PRO A 273 -0.71 -52.60 9.38
N CYS A 274 -0.72 -51.69 10.35
CA CYS A 274 -1.97 -51.23 10.94
C CYS A 274 -2.63 -50.12 10.14
N ALA A 275 -1.99 -49.65 9.07
CA ALA A 275 -2.61 -48.63 8.23
C ALA A 275 -3.90 -49.14 7.63
N THR A 276 -3.91 -50.39 7.16
CA THR A 276 -5.12 -50.94 6.57
C THR A 276 -6.22 -51.10 7.62
N PHE A 277 -5.86 -51.51 8.84
CA PHE A 277 -6.88 -51.60 9.88
C PHE A 277 -7.46 -50.23 10.20
N VAL A 278 -6.60 -49.21 10.27
CA VAL A 278 -7.08 -47.86 10.51
C VAL A 278 -8.03 -47.43 9.41
N GLU A 279 -7.66 -47.71 8.15
CA GLU A 279 -8.52 -47.32 7.04
C GLU A 279 -9.84 -48.08 7.07
N TYR A 280 -9.80 -49.35 7.46
CA TYR A 280 -11.05 -50.10 7.55
C TYR A 280 -11.93 -49.55 8.66
N SER A 281 -11.32 -49.12 9.76
CA SER A 281 -12.09 -48.46 10.82
C SER A 281 -12.74 -47.20 10.29
N ARG A 282 -11.99 -46.38 9.56
CA ARG A 282 -12.54 -45.14 9.01
C ARG A 282 -13.70 -45.44 8.05
N GLN A 283 -13.51 -46.41 7.15
CA GLN A 283 -14.55 -46.74 6.19
C GLN A 283 -15.79 -47.31 6.86
N CYS A 284 -15.60 -48.20 7.84
CA CYS A 284 -16.74 -48.76 8.54
C CYS A 284 -17.50 -47.68 9.28
N ALA A 285 -16.78 -46.73 9.88
CA ALA A 285 -17.44 -45.61 10.54
C ALA A 285 -18.18 -44.74 9.55
N HIS A 286 -17.64 -44.59 8.35
CA HIS A 286 -18.26 -43.70 7.36
C HIS A 286 -19.49 -44.33 6.71
N ALA A 287 -19.50 -45.64 6.53
CA ALA A 287 -20.71 -46.29 6.01
C ALA A 287 -21.85 -46.16 7.01
N GLY A 288 -21.54 -46.18 8.30
CA GLY A 288 -22.57 -46.04 9.31
C GLY A 288 -22.39 -46.98 10.49
N GLY A 289 -21.66 -48.07 10.27
CA GLY A 289 -21.50 -49.07 11.31
C GLY A 289 -20.62 -48.57 12.44
N GLN A 290 -20.71 -49.28 13.57
CA GLN A 290 -19.94 -48.89 14.75
C GLN A 290 -18.71 -49.77 14.86
N PRO A 291 -17.53 -49.27 14.52
CA PRO A 291 -16.31 -50.05 14.76
C PRO A 291 -16.07 -50.18 16.25
N ARG A 292 -15.43 -51.28 16.64
CA ARG A 292 -15.06 -51.50 18.01
CA ARG A 292 -15.06 -51.52 18.02
C ARG A 292 -13.55 -51.44 18.17
N ASN A 293 -13.11 -51.21 19.41
CA ASN A 293 -11.69 -51.03 19.70
C ASN A 293 -10.93 -52.30 19.37
N TRP A 294 -9.98 -52.20 18.46
CA TRP A 294 -9.11 -53.31 18.10
C TRP A 294 -7.70 -53.15 18.60
N ARG A 295 -7.30 -51.92 18.94
CA ARG A 295 -5.94 -51.64 19.34
C ARG A 295 -5.63 -52.27 20.69
N CYS A 296 -4.52 -52.98 20.75
CA CYS A 296 -3.97 -53.58 21.95
C CYS A 296 -2.52 -53.10 22.07
N PRO A 297 -1.95 -53.11 23.29
CA PRO A 297 -0.61 -52.53 23.48
C PRO A 297 0.43 -52.99 22.48
N GLU A 298 0.16 -54.07 21.76
CA GLU A 298 1.05 -54.53 20.70
C GLU A 298 0.58 -54.17 19.31
N LEU A 299 -0.73 -54.00 19.10
CA LEU A 299 -1.28 -53.72 17.78
C LEU A 299 -1.31 -52.21 17.58
N CYS A 300 -0.15 -51.65 17.22
CA CYS A 300 0.04 -50.22 16.99
C CYS A 300 -0.58 -49.42 18.12
N PRO A 301 0.01 -49.46 19.32
CA PRO A 301 -0.60 -48.79 20.47
C PRO A 301 -0.65 -47.28 20.26
N ARG A 302 -1.69 -46.67 20.81
CA ARG A 302 -1.87 -45.23 20.77
C ARG A 302 -1.87 -44.67 22.19
N THR A 303 -1.57 -43.39 22.31
CA THR A 303 -1.53 -42.73 23.59
C THR A 303 -2.35 -41.45 23.51
N CYS A 304 -2.97 -41.09 24.63
CA CYS A 304 -3.76 -39.88 24.78
C CYS A 304 -3.42 -39.26 26.13
N PRO A 305 -3.83 -37.99 26.37
CA PRO A 305 -3.51 -37.35 27.66
C PRO A 305 -4.06 -38.09 28.87
N LEU A 306 -3.74 -37.57 30.06
CA LEU A 306 -4.04 -38.31 31.29
C LEU A 306 -5.53 -38.57 31.46
N ASN A 307 -6.37 -37.55 31.21
CA ASN A 307 -7.80 -37.70 31.34
C ASN A 307 -8.47 -38.12 30.03
N MET A 308 -7.69 -38.23 28.96
CA MET A 308 -8.23 -38.52 27.65
C MET A 308 -7.84 -39.94 27.23
N GLN A 309 -8.82 -40.70 26.79
CA GLN A 309 -8.62 -42.08 26.35
C GLN A 309 -8.67 -42.13 24.83
N HIS A 310 -7.87 -43.02 24.26
CA HIS A 310 -7.83 -43.19 22.81
C HIS A 310 -8.91 -44.18 22.41
N GLN A 311 -9.93 -43.70 21.71
CA GLN A 311 -11.07 -44.51 21.32
C GLN A 311 -11.18 -44.60 19.81
N GLU A 312 -11.63 -45.76 19.35
CA GLU A 312 -12.20 -45.94 18.03
C GLU A 312 -13.71 -45.82 18.17
N CYS A 313 -14.33 -45.05 17.28
CA CYS A 313 -15.74 -44.70 17.40
C CYS A 313 -16.06 -44.03 18.73
N GLY A 314 -15.52 -42.83 18.92
CA GLY A 314 -16.04 -41.92 19.91
C GLY A 314 -16.88 -40.87 19.23
N SER A 315 -17.78 -40.28 20.01
CA SER A 315 -18.68 -39.26 19.47
C SER A 315 -17.87 -38.07 18.98
N PRO A 316 -18.06 -37.61 17.74
CA PRO A 316 -17.21 -36.55 17.20
C PRO A 316 -17.26 -35.26 17.98
N CYS A 317 -18.42 -34.91 18.51
CA CYS A 317 -18.62 -33.65 19.21
C CYS A 317 -18.37 -33.87 20.70
N THR A 318 -17.13 -33.64 21.11
CA THR A 318 -16.75 -33.82 22.50
C THR A 318 -17.42 -32.76 23.36
N ASP A 319 -18.35 -33.18 24.22
CA ASP A 319 -18.99 -32.24 25.12
C ASP A 319 -17.94 -31.59 26.01
N THR A 320 -18.06 -30.28 26.18
CA THR A 320 -17.08 -29.50 26.94
C THR A 320 -17.82 -28.39 27.65
N CYS A 321 -17.57 -28.23 28.96
CA CYS A 321 -18.49 -27.44 29.77
C CYS A 321 -18.56 -25.98 29.34
N SER A 322 -17.76 -25.56 28.37
CA SER A 322 -18.10 -24.34 27.64
C SER A 322 -19.42 -24.53 26.89
N ASN A 323 -19.59 -25.68 26.26
CA ASN A 323 -20.86 -26.08 25.65
C ASN A 323 -21.15 -27.52 26.08
N PRO A 324 -21.41 -27.75 27.37
CA PRO A 324 -21.38 -29.11 27.90
C PRO A 324 -22.42 -30.03 27.31
N GLN A 325 -23.27 -29.53 26.41
CA GLN A 325 -24.32 -30.35 25.82
C GLN A 325 -24.26 -30.29 24.30
N ARG A 326 -23.06 -30.07 23.75
CA ARG A 326 -22.91 -30.07 22.30
C ARG A 326 -23.27 -31.42 21.72
N ALA A 327 -22.96 -32.49 22.45
CA ALA A 327 -23.17 -33.84 21.97
C ALA A 327 -24.62 -34.30 22.08
N GLN A 328 -25.56 -33.37 22.22
CA GLN A 328 -26.96 -33.75 22.41
C GLN A 328 -27.57 -34.29 21.12
N LEU A 329 -27.67 -33.45 20.09
CA LEU A 329 -28.36 -33.81 18.86
C LEU A 329 -27.40 -33.68 17.68
N CYS A 330 -26.19 -34.20 17.85
CA CYS A 330 -25.19 -34.15 16.79
C CYS A 330 -25.61 -35.04 15.62
N GLU A 331 -25.09 -34.69 14.44
CA GLU A 331 -25.12 -35.61 13.32
C GLU A 331 -23.73 -35.67 12.75
N ASP A 332 -23.02 -36.75 13.10
CA ASP A 332 -21.75 -37.18 12.55
C ASP A 332 -21.44 -38.57 13.09
N HIS A 333 -20.89 -39.43 12.26
CA HIS A 333 -20.69 -40.84 12.59
C HIS A 333 -19.56 -40.97 13.60
N CYS A 334 -19.22 -42.21 13.95
CA CYS A 334 -18.05 -42.47 14.77
C CYS A 334 -16.83 -41.74 14.22
N VAL A 335 -15.99 -41.28 15.13
CA VAL A 335 -14.67 -40.76 14.79
C VAL A 335 -13.67 -41.25 15.83
N ASP A 336 -12.47 -41.59 15.38
CA ASP A 336 -11.38 -42.02 16.24
C ASP A 336 -10.70 -40.81 16.85
N GLY A 337 -10.10 -40.99 18.02
CA GLY A 337 -9.26 -39.96 18.60
C GLY A 337 -9.26 -40.03 20.11
N CYS A 338 -8.82 -38.94 20.72
CA CYS A 338 -8.87 -38.82 22.17
C CYS A 338 -10.26 -38.37 22.61
N PHE A 339 -10.73 -38.90 23.73
CA PHE A 339 -12.06 -38.61 24.22
C PHE A 339 -12.05 -38.63 25.74
N CYS A 340 -13.15 -38.31 26.31
CA CYS A 340 -13.19 -38.24 27.76
C CYS A 340 -14.12 -39.31 28.32
N PRO A 341 -13.82 -39.84 29.51
CA PRO A 341 -14.74 -40.76 30.14
C PRO A 341 -16.09 -40.11 30.36
N PRO A 342 -17.18 -40.86 30.22
CA PRO A 342 -18.51 -40.25 30.28
C PRO A 342 -18.74 -39.54 31.60
N GLY A 343 -19.41 -38.40 31.53
CA GLY A 343 -19.66 -37.61 32.71
C GLY A 343 -18.78 -36.39 32.87
N THR A 344 -17.49 -36.53 32.55
CA THR A 344 -16.52 -35.45 32.73
C THR A 344 -16.19 -34.86 31.37
N VAL A 345 -16.87 -33.75 31.04
CA VAL A 345 -16.74 -33.11 29.74
C VAL A 345 -15.37 -32.45 29.62
N LEU A 346 -15.01 -32.04 28.41
CA LEU A 346 -13.70 -31.45 28.19
C LEU A 346 -13.65 -30.03 28.76
N ASP A 347 -12.45 -29.60 29.14
CA ASP A 347 -12.21 -28.24 29.61
C ASP A 347 -11.37 -27.51 28.58
N ASP A 348 -12.03 -26.79 27.68
CA ASP A 348 -11.37 -26.03 26.64
C ASP A 348 -11.06 -24.62 27.06
N ILE A 349 -11.30 -24.27 28.32
CA ILE A 349 -11.12 -22.90 28.78
C ILE A 349 -9.73 -22.70 29.36
N THR A 350 -9.17 -23.71 30.02
CA THR A 350 -7.80 -23.67 30.49
C THR A 350 -7.01 -24.93 30.13
N HIS A 351 -7.64 -25.92 29.51
CA HIS A 351 -6.97 -27.13 29.03
C HIS A 351 -6.34 -27.91 30.18
N SER A 352 -7.14 -28.15 31.22
CA SER A 352 -6.76 -29.01 32.33
C SER A 352 -7.20 -30.44 32.12
N GLY A 353 -7.38 -30.87 30.87
CA GLY A 353 -7.94 -32.17 30.60
C GLY A 353 -9.43 -32.17 30.83
N CYS A 354 -10.03 -33.34 30.67
CA CYS A 354 -11.45 -33.49 30.93
C CYS A 354 -11.71 -33.28 32.42
N LEU A 355 -12.69 -32.47 32.73
CA LEU A 355 -12.94 -32.10 34.12
C LEU A 355 -14.40 -32.35 34.46
N PRO A 356 -14.71 -32.59 35.73
CA PRO A 356 -16.11 -32.75 36.12
C PRO A 356 -16.89 -31.47 35.84
N LEU A 357 -18.18 -31.64 35.54
CA LEU A 357 -19.00 -30.50 35.12
C LEU A 357 -18.99 -29.39 36.15
N GLY A 358 -18.97 -29.74 37.43
CA GLY A 358 -19.03 -28.76 38.49
C GLY A 358 -17.71 -28.30 39.06
N GLN A 359 -16.60 -28.53 38.36
CA GLN A 359 -15.31 -28.01 38.81
C GLN A 359 -14.55 -27.35 37.68
N CYS A 360 -15.22 -26.97 36.63
CA CYS A 360 -14.50 -26.36 35.54
C CYS A 360 -14.84 -24.87 35.43
N PRO A 361 -13.91 -24.06 34.92
CA PRO A 361 -14.04 -22.61 35.07
C PRO A 361 -15.19 -22.03 34.27
N CYS A 362 -15.40 -20.74 34.48
CA CYS A 362 -16.29 -19.92 33.67
C CYS A 362 -15.48 -18.83 33.00
N THR A 363 -16.07 -18.19 32.00
CA THR A 363 -15.40 -17.13 31.26
C THR A 363 -16.31 -15.92 31.17
N HIS A 364 -15.76 -14.75 31.49
CA HIS A 364 -16.48 -13.50 31.32
C HIS A 364 -15.53 -12.47 30.72
N GLY A 365 -15.81 -12.04 29.50
CA GLY A 365 -15.00 -11.02 28.85
C GLY A 365 -13.56 -11.40 28.67
N GLY A 366 -13.30 -12.68 28.41
CA GLY A 366 -11.94 -13.17 28.32
C GLY A 366 -11.26 -13.42 29.64
N ARG A 367 -11.97 -13.25 30.76
CA ARG A 367 -11.42 -13.49 32.07
C ARG A 367 -11.88 -14.86 32.59
N THR A 368 -10.93 -15.60 33.14
CA THR A 368 -11.19 -16.96 33.63
C THR A 368 -11.56 -16.91 35.11
N TYR A 369 -12.57 -17.67 35.50
CA TYR A 369 -13.10 -17.66 36.86
C TYR A 369 -13.21 -19.10 37.34
N SER A 370 -12.30 -19.51 38.19
CA SER A 370 -12.38 -20.85 38.77
C SER A 370 -13.70 -20.99 39.52
N PRO A 371 -14.41 -22.11 39.37
CA PRO A 371 -15.73 -22.24 39.99
C PRO A 371 -15.63 -22.13 41.50
N GLY A 372 -16.56 -21.38 42.09
CA GLY A 372 -16.47 -20.88 43.44
C GLY A 372 -16.32 -19.37 43.49
N THR A 373 -15.74 -18.78 42.46
CA THR A 373 -15.58 -17.33 42.40
C THR A 373 -16.89 -16.67 41.98
N SER A 374 -16.95 -15.37 42.24
CA SER A 374 -18.10 -14.55 41.91
C SER A 374 -17.60 -13.27 41.28
N PHE A 375 -18.49 -12.58 40.59
CA PHE A 375 -18.19 -11.22 40.13
C PHE A 375 -19.49 -10.44 40.07
N ASN A 376 -19.50 -9.29 40.72
CA ASN A 376 -20.69 -8.45 40.80
C ASN A 376 -20.51 -7.26 39.87
N THR A 377 -21.48 -7.05 38.99
CA THR A 377 -21.51 -5.83 38.20
C THR A 377 -22.14 -4.72 39.01
N THR A 378 -22.34 -3.57 38.38
CA THR A 378 -23.11 -2.51 39.03
C THR A 378 -24.55 -2.94 39.25
N CYS A 379 -25.09 -3.74 38.33
CA CYS A 379 -26.51 -4.09 38.36
C CYS A 379 -26.80 -5.51 38.77
N SER A 380 -25.82 -6.41 38.72
CA SER A 380 -26.07 -7.80 39.07
C SER A 380 -24.78 -8.48 39.47
N SER A 381 -24.92 -9.58 40.20
CA SER A 381 -23.81 -10.40 40.64
C SER A 381 -24.00 -11.83 40.16
N CYS A 382 -22.94 -12.39 39.57
CA CYS A 382 -22.99 -13.73 38.98
C CYS A 382 -21.85 -14.56 39.55
N THR A 383 -22.20 -15.75 40.03
CA THR A 383 -21.24 -16.70 40.61
C THR A 383 -20.97 -17.81 39.61
N CYS A 384 -19.72 -18.26 39.53
CA CYS A 384 -19.37 -19.34 38.62
C CYS A 384 -19.65 -20.67 39.30
N SER A 385 -20.79 -21.28 38.99
CA SER A 385 -21.16 -22.54 39.63
C SER A 385 -22.12 -23.31 38.75
N GLY A 386 -22.19 -24.62 39.00
CA GLY A 386 -23.03 -25.48 38.21
C GLY A 386 -22.63 -25.56 36.75
N GLY A 387 -21.37 -25.26 36.44
CA GLY A 387 -20.95 -25.17 35.06
C GLY A 387 -21.47 -23.96 34.32
N LEU A 388 -22.18 -23.06 35.01
CA LEU A 388 -22.78 -21.89 34.40
C LEU A 388 -22.50 -20.69 35.29
N TRP A 389 -23.11 -19.55 34.94
CA TRP A 389 -23.12 -18.37 35.79
C TRP A 389 -24.49 -18.30 36.45
N GLN A 390 -24.51 -18.36 37.78
CA GLN A 390 -25.73 -18.18 38.55
C GLN A 390 -25.83 -16.71 38.89
N CYS A 391 -26.78 -16.02 38.27
CA CYS A 391 -26.85 -14.56 38.31
C CYS A 391 -28.07 -14.13 39.12
N GLN A 392 -27.83 -13.36 40.17
CA GLN A 392 -28.86 -12.61 40.86
C GLN A 392 -28.64 -11.13 40.58
N ASP A 393 -29.67 -10.33 40.84
CA ASP A 393 -29.63 -8.91 40.54
C ASP A 393 -29.61 -8.10 41.83
N LEU A 394 -28.64 -7.20 41.95
CA LEU A 394 -28.78 -6.16 42.95
C LEU A 394 -29.72 -5.09 42.42
N PRO A 395 -30.50 -4.45 43.29
CA PRO A 395 -31.40 -3.40 42.83
C PRO A 395 -30.63 -2.27 42.16
N CYS A 396 -31.16 -1.79 41.04
CA CYS A 396 -30.48 -0.80 40.21
C CYS A 396 -31.37 0.40 40.00
N PRO A 397 -30.97 1.59 40.43
CA PRO A 397 -31.75 2.79 40.12
C PRO A 397 -31.75 3.05 38.62
N GLY A 398 -32.95 3.23 38.07
CA GLY A 398 -33.04 3.51 36.64
C GLY A 398 -32.50 4.87 36.29
N THR A 399 -32.16 5.04 35.02
CA THR A 399 -31.46 6.24 34.59
C THR A 399 -31.99 6.69 33.24
N CYS A 400 -32.71 7.80 33.22
CA CYS A 400 -33.06 8.47 31.98
C CYS A 400 -32.06 9.58 31.71
N SER A 401 -31.98 9.99 30.46
CA SER A 401 -31.09 11.09 30.15
C SER A 401 -31.50 11.72 28.84
N VAL A 402 -31.28 13.02 28.73
CA VAL A 402 -31.42 13.76 27.48
C VAL A 402 -30.10 14.43 27.19
N GLN A 403 -29.48 14.04 26.08
CA GLN A 403 -28.15 14.47 25.72
C GLN A 403 -28.18 15.08 24.33
N GLY A 404 -27.40 16.15 24.14
CA GLY A 404 -27.38 16.85 22.89
C GLY A 404 -28.61 17.67 22.61
N GLY A 405 -29.50 17.84 23.60
CA GLY A 405 -30.76 18.51 23.39
C GLY A 405 -31.73 17.78 22.49
N ALA A 406 -31.33 16.69 21.90
CA ALA A 406 -32.21 15.96 21.00
C ALA A 406 -32.33 14.49 21.34
N HIS A 407 -31.25 13.85 21.78
CA HIS A 407 -31.27 12.42 21.98
C HIS A 407 -31.74 12.09 23.39
N ILE A 408 -32.49 11.00 23.51
CA ILE A 408 -33.08 10.59 24.77
C ILE A 408 -32.78 9.11 24.97
N SER A 409 -32.22 8.78 26.12
CA SER A 409 -32.00 7.40 26.53
C SER A 409 -32.91 7.14 27.72
N THR A 410 -33.92 6.31 27.52
CA THR A 410 -34.97 6.16 28.51
C THR A 410 -34.53 5.20 29.61
N TYR A 411 -35.46 4.85 30.51
CA TYR A 411 -35.15 3.90 31.58
C TYR A 411 -35.00 2.49 31.04
N ASP A 412 -35.72 2.17 29.97
CA ASP A 412 -35.57 0.90 29.29
C ASP A 412 -34.42 0.91 28.30
N GLU A 413 -33.62 1.98 28.30
CA GLU A 413 -32.48 2.15 27.40
C GLU A 413 -32.90 2.09 25.93
N LYS A 414 -34.06 2.68 25.62
CA LYS A 414 -34.52 2.79 24.24
C LYS A 414 -34.07 4.13 23.70
N LEU A 415 -32.85 4.17 23.18
CA LEU A 415 -32.32 5.43 22.65
C LEU A 415 -33.13 5.87 21.46
N TYR A 416 -33.51 7.15 21.43
CA TYR A 416 -34.25 7.69 20.30
C TYR A 416 -34.00 9.18 20.19
N ASP A 417 -34.14 9.70 18.98
CA ASP A 417 -33.90 11.10 18.73
C ASP A 417 -35.20 11.89 18.75
N LEU A 418 -35.12 13.12 19.28
CA LEU A 418 -36.30 13.97 19.41
C LEU A 418 -35.90 15.39 19.01
N HIS A 419 -36.36 15.83 17.85
CA HIS A 419 -36.18 17.20 17.39
C HIS A 419 -37.52 17.90 17.56
N GLY A 420 -37.74 18.46 18.75
CA GLY A 420 -38.98 19.13 19.05
C GLY A 420 -38.70 20.51 19.65
N ASP A 421 -39.74 21.33 19.64
CA ASP A 421 -39.69 22.69 20.17
C ASP A 421 -40.94 22.90 21.00
N CYS A 422 -40.88 22.52 22.26
CA CYS A 422 -41.98 22.65 23.20
C CYS A 422 -41.44 22.27 24.57
N SER A 423 -42.33 22.22 25.55
CA SER A 423 -42.01 21.64 26.85
C SER A 423 -42.61 20.25 26.87
N TYR A 424 -41.78 19.25 27.15
CA TYR A 424 -42.20 17.86 27.13
C TYR A 424 -42.12 17.29 28.53
N VAL A 425 -43.10 16.46 28.88
CA VAL A 425 -43.11 15.82 30.19
C VAL A 425 -42.04 14.75 30.16
N LEU A 426 -40.86 15.08 30.68
CA LEU A 426 -39.75 14.14 30.61
C LEU A 426 -40.05 12.86 31.37
N SER A 427 -40.65 12.99 32.55
CA SER A 427 -41.01 11.80 33.31
C SER A 427 -42.06 12.16 34.35
N LYS A 428 -42.90 11.19 34.69
CA LYS A 428 -44.02 11.46 35.58
C LYS A 428 -44.58 10.14 36.08
N LYS A 429 -44.72 10.00 37.39
CA LYS A 429 -45.32 8.80 37.96
C LYS A 429 -46.82 8.83 37.68
N CYS A 430 -47.22 8.32 36.51
CA CYS A 430 -48.52 8.66 35.95
C CYS A 430 -49.70 8.03 36.67
N ALA A 431 -49.46 7.36 37.79
CA ALA A 431 -50.56 7.03 38.68
C ALA A 431 -51.07 8.30 39.38
N ASP A 432 -50.14 9.08 39.92
CA ASP A 432 -50.46 10.29 40.67
C ASP A 432 -49.73 11.48 40.06
N SER A 433 -49.73 12.60 40.76
CA SER A 433 -48.91 13.74 40.38
C SER A 433 -47.85 14.03 41.43
N SER A 434 -47.25 12.96 41.98
CA SER A 434 -46.24 13.11 43.01
C SER A 434 -45.07 13.95 42.54
N PHE A 435 -44.50 13.61 41.39
CA PHE A 435 -43.45 14.39 40.77
C PHE A 435 -43.65 14.41 39.27
N THR A 436 -43.13 15.45 38.63
CA THR A 436 -43.27 15.62 37.18
C THR A 436 -42.07 16.38 36.66
N VAL A 437 -41.09 15.66 36.12
CA VAL A 437 -39.92 16.30 35.54
C VAL A 437 -40.25 16.72 34.13
N LEU A 438 -40.10 18.01 33.85
CA LEU A 438 -40.36 18.61 32.55
C LEU A 438 -39.06 19.11 31.94
N ALA A 439 -38.96 19.03 30.61
CA ALA A 439 -37.80 19.52 29.89
C ALA A 439 -38.29 20.38 28.74
N GLU A 440 -37.73 21.57 28.61
CA GLU A 440 -38.09 22.49 27.53
C GLU A 440 -36.99 22.44 26.47
N LEU A 441 -37.30 21.88 25.31
CA LEU A 441 -36.34 21.75 24.22
C LEU A 441 -36.66 22.82 23.19
N ARG A 442 -35.65 23.59 22.80
CA ARG A 442 -35.87 24.78 22.00
C ARG A 442 -34.97 24.77 20.77
N LYS A 443 -35.54 25.14 19.63
CA LYS A 443 -34.80 25.10 18.38
C LYS A 443 -33.75 26.21 18.36
N CYS A 444 -32.52 25.83 17.95
CA CYS A 444 -31.34 26.67 18.13
C CYS A 444 -30.68 27.13 16.84
N GLY A 445 -31.34 27.00 15.70
CA GLY A 445 -30.67 27.38 14.48
C GLY A 445 -31.60 27.45 13.30
N LEU A 446 -30.99 27.56 12.12
CA LEU A 446 -31.77 27.62 10.89
C LEU A 446 -32.57 26.35 10.68
N THR A 447 -31.95 25.19 10.94
CA THR A 447 -32.58 23.91 10.66
C THR A 447 -33.56 23.54 11.77
N ASP A 448 -34.68 22.94 11.36
CA ASP A 448 -35.68 22.48 12.31
C ASP A 448 -35.15 21.42 13.26
N ASN A 449 -34.07 20.74 12.88
CA ASN A 449 -33.48 19.71 13.71
C ASN A 449 -32.27 20.20 14.49
N GLU A 450 -32.18 21.51 14.74
CA GLU A 450 -31.11 22.08 15.54
C GLU A 450 -31.70 22.51 16.88
N ASN A 451 -31.61 21.63 17.87
CA ASN A 451 -32.24 21.84 19.17
C ASN A 451 -31.20 21.93 20.28
N CYS A 452 -31.59 22.62 21.35
CA CYS A 452 -30.86 22.62 22.60
C CYS A 452 -31.84 22.48 23.74
N LEU A 453 -31.47 21.71 24.75
CA LEU A 453 -32.20 21.74 26.01
C LEU A 453 -32.05 23.13 26.61
N LYS A 454 -33.11 23.64 27.22
CA LYS A 454 -33.06 24.99 27.76
C LYS A 454 -33.49 25.10 29.22
N ALA A 455 -34.22 24.13 29.76
CA ALA A 455 -34.63 24.20 31.15
C ALA A 455 -35.02 22.81 31.61
N VAL A 456 -35.06 22.65 32.92
CA VAL A 456 -35.54 21.43 33.56
C VAL A 456 -36.43 21.86 34.71
N THR A 457 -37.72 21.64 34.57
CA THR A 457 -38.71 22.18 35.50
C THR A 457 -39.33 21.02 36.29
N LEU A 458 -38.72 20.68 37.42
CA LEU A 458 -39.30 19.67 38.30
C LEU A 458 -40.53 20.25 38.98
N SER A 459 -41.71 19.93 38.49
CA SER A 459 -42.95 20.16 39.20
C SER A 459 -43.09 19.11 40.29
N LEU A 460 -43.81 19.45 41.35
CA LEU A 460 -43.81 18.60 42.54
C LEU A 460 -45.03 18.92 43.38
N ASP A 461 -45.51 17.90 44.09
CA ASP A 461 -46.70 17.99 44.93
C ASP A 461 -47.92 18.41 44.12
N GLY A 462 -48.03 17.89 42.90
CA GLY A 462 -49.11 18.30 42.03
C GLY A 462 -49.01 19.75 41.61
N GLY A 463 -47.79 20.22 41.34
CA GLY A 463 -47.58 21.59 40.91
C GLY A 463 -47.45 22.59 42.03
N ASP A 464 -47.56 22.17 43.29
CA ASP A 464 -47.39 23.11 44.39
C ASP A 464 -45.98 23.68 44.42
N THR A 465 -44.98 22.89 44.04
CA THR A 465 -43.59 23.36 44.02
C THR A 465 -43.04 23.16 42.62
N ALA A 466 -42.11 24.03 42.21
CA ALA A 466 -41.52 23.94 40.88
C ALA A 466 -40.09 24.43 40.96
N ILE A 467 -39.14 23.51 40.80
CA ILE A 467 -37.72 23.84 40.78
C ILE A 467 -37.28 23.87 39.33
N ARG A 468 -36.89 25.04 38.84
CA ARG A 468 -36.63 25.24 37.42
C ARG A 468 -35.15 25.56 37.24
N VAL A 469 -34.38 24.61 36.74
CA VAL A 469 -32.96 24.83 36.46
C VAL A 469 -32.86 25.28 35.00
N GLN A 470 -32.34 26.48 34.79
CA GLN A 470 -32.21 27.00 33.43
C GLN A 470 -30.94 26.47 32.79
N ALA A 471 -30.58 27.03 31.64
CA ALA A 471 -29.39 26.60 30.92
C ALA A 471 -28.15 27.41 31.30
N ASP A 472 -28.31 28.60 31.86
CA ASP A 472 -27.17 29.37 32.33
C ASP A 472 -26.71 28.95 33.71
N GLY A 473 -27.44 28.05 34.36
CA GLY A 473 -27.18 27.68 35.73
C GLY A 473 -28.12 28.29 36.75
N GLY A 474 -28.91 29.27 36.35
CA GLY A 474 -29.87 29.88 37.24
C GLY A 474 -30.90 28.89 37.72
N VAL A 475 -31.14 28.85 39.02
CA VAL A 475 -32.09 27.92 39.62
C VAL A 475 -33.22 28.73 40.23
N PHE A 476 -34.44 28.43 39.83
CA PHE A 476 -35.63 29.17 40.24
C PHE A 476 -36.47 28.26 41.12
N LEU A 477 -36.58 28.60 42.39
CA LEU A 477 -37.46 27.90 43.32
C LEU A 477 -38.80 28.62 43.32
N ASN A 478 -39.84 27.95 42.85
CA ASN A 478 -41.17 28.53 42.73
C ASN A 478 -41.12 29.87 42.00
N SER A 479 -40.41 29.87 40.86
CA SER A 479 -40.27 31.04 40.00
C SER A 479 -39.61 32.20 40.72
N ILE A 480 -38.72 31.90 41.67
CA ILE A 480 -37.93 32.90 42.37
C ILE A 480 -36.49 32.44 42.33
N TYR A 481 -35.57 33.36 42.06
CA TYR A 481 -34.15 33.00 42.06
C TYR A 481 -33.74 32.46 43.41
N THR A 482 -33.00 31.35 43.38
CA THR A 482 -32.50 30.71 44.60
C THR A 482 -31.09 30.21 44.31
N GLN A 483 -30.12 30.78 45.02
CA GLN A 483 -28.74 30.36 44.82
C GLN A 483 -28.55 28.94 45.36
N LEU A 484 -27.33 28.43 45.26
CA LEU A 484 -27.11 27.06 45.68
C LEU A 484 -26.00 27.00 46.72
N PRO A 485 -26.10 26.09 47.70
CA PRO A 485 -27.12 25.05 47.90
C PRO A 485 -28.42 25.53 48.55
N LEU A 486 -29.43 24.67 48.56
CA LEU A 486 -30.67 24.90 49.28
C LEU A 486 -31.24 23.59 49.76
N SER A 487 -31.63 23.53 51.03
CA SER A 487 -32.11 22.29 51.64
C SER A 487 -33.42 22.56 52.37
N ALA A 488 -34.54 22.13 51.79
CA ALA A 488 -35.84 22.36 52.40
C ALA A 488 -36.86 21.42 51.79
N ALA A 489 -37.82 20.99 52.62
CA ALA A 489 -38.85 20.05 52.21
C ALA A 489 -38.24 18.76 51.66
N ASN A 490 -37.12 18.36 52.26
CA ASN A 490 -36.31 17.20 51.89
C ASN A 490 -35.61 17.37 50.56
N ILE A 491 -35.78 18.50 49.88
CA ILE A 491 -35.17 18.76 48.59
C ILE A 491 -33.82 19.44 48.82
N THR A 492 -32.78 18.92 48.17
CA THR A 492 -31.41 19.40 48.33
C THR A 492 -30.87 19.76 46.96
N LEU A 493 -30.48 21.02 46.79
CA LEU A 493 -29.92 21.52 45.54
C LEU A 493 -28.49 21.94 45.80
N PHE A 494 -27.54 21.40 45.03
CA PHE A 494 -26.16 21.84 45.20
C PHE A 494 -25.35 21.49 43.96
N THR A 495 -24.21 22.16 43.82
CA THR A 495 -23.35 21.91 42.68
C THR A 495 -22.15 21.09 43.11
N PRO A 496 -22.04 19.83 42.73
CA PRO A 496 -20.80 19.09 42.99
C PRO A 496 -19.60 19.75 42.35
N SER A 497 -19.77 20.31 41.15
CA SER A 497 -18.73 21.07 40.49
C SER A 497 -19.41 22.15 39.66
N SER A 498 -18.60 22.94 38.96
CA SER A 498 -19.17 24.02 38.17
C SER A 498 -19.92 23.52 36.95
N PHE A 499 -19.82 22.23 36.63
CA PHE A 499 -20.46 21.71 35.42
C PHE A 499 -21.83 21.13 35.67
N PHE A 500 -22.17 20.78 36.91
CA PHE A 500 -23.36 20.01 37.20
C PHE A 500 -24.13 20.60 38.38
N ILE A 501 -25.43 20.37 38.38
CA ILE A 501 -26.32 20.77 39.46
C ILE A 501 -27.11 19.54 39.88
N VAL A 502 -27.19 19.28 41.18
CA VAL A 502 -27.86 18.12 41.73
C VAL A 502 -29.11 18.59 42.45
N VAL A 503 -30.26 18.06 42.03
CA VAL A 503 -31.56 18.31 42.63
C VAL A 503 -32.01 16.98 43.20
N GLN A 504 -31.73 16.73 44.46
CA GLN A 504 -32.04 15.48 45.13
C GLN A 504 -33.34 15.63 45.90
N THR A 505 -34.29 14.74 45.66
CA THR A 505 -35.55 14.78 46.37
C THR A 505 -35.77 13.48 47.14
N GLY A 506 -36.61 13.57 48.16
CA GLY A 506 -36.97 12.38 48.91
C GLY A 506 -38.06 11.55 48.28
N LEU A 507 -38.76 12.09 47.27
CA LEU A 507 -39.83 11.34 46.61
C LEU A 507 -39.31 10.17 45.79
N GLY A 508 -38.00 10.09 45.58
CA GLY A 508 -37.41 8.95 44.90
C GLY A 508 -36.48 9.34 43.78
N LEU A 509 -36.82 10.37 43.01
CA LEU A 509 -36.02 10.75 41.86
C LEU A 509 -34.97 11.77 42.22
N GLN A 510 -33.84 11.67 41.53
CA GLN A 510 -32.75 12.62 41.62
C GLN A 510 -32.49 13.18 40.22
N LEU A 511 -32.33 14.49 40.10
CA LEU A 511 -31.96 15.11 38.85
C LEU A 511 -30.51 15.55 38.91
N LEU A 512 -29.74 15.25 37.89
CA LEU A 512 -28.35 15.67 37.77
C LEU A 512 -28.24 16.36 36.42
N VAL A 513 -28.06 17.68 36.43
CA VAL A 513 -28.19 18.48 35.23
C VAL A 513 -26.84 19.04 34.87
N GLN A 514 -26.46 18.93 33.59
CA GLN A 514 -25.19 19.40 33.08
C GLN A 514 -25.40 20.72 32.36
N LEU A 515 -24.51 21.67 32.63
CA LEU A 515 -24.53 22.99 32.01
C LEU A 515 -23.37 23.22 31.08
N VAL A 516 -22.22 22.64 31.38
CA VAL A 516 -21.00 22.80 30.58
C VAL A 516 -20.72 21.46 29.90
N PRO A 517 -20.41 21.45 28.60
CA PRO A 517 -20.33 22.57 27.68
C PRO A 517 -21.70 23.02 27.20
N LEU A 518 -22.73 22.21 27.35
CA LEU A 518 -24.09 22.64 27.05
C LEU A 518 -25.03 21.97 28.04
N MET A 519 -26.33 22.06 27.76
CA MET A 519 -27.35 21.64 28.72
C MET A 519 -27.79 20.21 28.42
N GLN A 520 -27.56 19.32 29.39
CA GLN A 520 -28.01 17.93 29.32
C GLN A 520 -28.65 17.57 30.65
N VAL A 521 -29.51 16.56 30.65
CA VAL A 521 -30.18 16.19 31.89
C VAL A 521 -30.03 14.70 32.12
N PHE A 522 -29.91 14.33 33.39
CA PHE A 522 -29.85 12.93 33.79
C PHE A 522 -30.81 12.76 34.96
N VAL A 523 -31.52 11.64 34.97
CA VAL A 523 -32.55 11.37 35.96
C VAL A 523 -32.28 9.98 36.54
N ARG A 524 -32.31 9.87 37.86
CA ARG A 524 -32.13 8.60 38.54
C ARG A 524 -33.37 8.29 39.35
N LEU A 525 -33.79 7.04 39.31
CA LEU A 525 -34.98 6.60 40.05
C LEU A 525 -34.62 5.43 40.96
N ASP A 526 -35.03 5.52 42.21
CA ASP A 526 -35.03 4.35 43.08
C ASP A 526 -35.90 3.28 42.43
N PRO A 527 -35.39 2.07 42.25
CA PRO A 527 -36.12 1.07 41.44
C PRO A 527 -37.53 0.74 41.95
N ALA A 528 -37.92 1.32 43.08
CA ALA A 528 -39.26 1.07 43.61
C ALA A 528 -40.33 1.50 42.63
N HIS A 529 -40.07 2.54 41.85
CA HIS A 529 -41.05 3.05 40.89
C HIS A 529 -41.11 2.23 39.62
N GLN A 530 -40.48 1.06 39.59
CA GLN A 530 -40.43 0.25 38.38
C GLN A 530 -41.82 -0.07 37.88
N GLY A 531 -42.01 0.03 36.57
CA GLY A 531 -43.28 -0.28 35.97
C GLY A 531 -44.41 0.59 36.46
N GLN A 532 -44.12 1.86 36.76
CA GLN A 532 -45.14 2.79 37.20
C GLN A 532 -45.13 4.13 36.47
N MET A 533 -44.00 4.56 35.94
CA MET A 533 -43.87 5.91 35.41
C MET A 533 -44.53 6.03 34.05
N CYS A 534 -44.63 7.27 33.57
CA CYS A 534 -45.05 7.59 32.21
C CYS A 534 -44.11 8.67 31.70
N GLY A 535 -44.46 9.27 30.57
CA GLY A 535 -43.67 10.35 30.03
C GLY A 535 -42.70 9.91 28.96
N LEU A 536 -41.82 10.83 28.59
CA LEU A 536 -40.85 10.56 27.54
C LEU A 536 -39.93 9.42 27.93
N CYS A 537 -39.47 9.41 29.16
CA CYS A 537 -38.50 8.40 29.53
C CYS A 537 -39.11 7.04 29.71
N GLY A 538 -40.37 6.78 29.40
CA GLY A 538 -40.88 5.42 29.41
C GLY A 538 -41.16 4.90 30.81
N ASN A 539 -41.94 3.81 30.85
CA ASN A 539 -42.56 3.38 32.09
C ASN A 539 -41.63 2.60 33.00
N PHE A 540 -40.37 2.40 32.63
CA PHE A 540 -39.40 1.78 33.51
C PHE A 540 -39.89 0.41 34.00
N ASN A 541 -40.04 -0.52 33.06
CA ASN A 541 -40.52 -1.85 33.37
C ASN A 541 -39.71 -2.94 32.68
N GLN A 542 -38.46 -2.64 32.32
CA GLN A 542 -37.54 -3.60 31.69
C GLN A 542 -38.19 -4.26 30.47
N ASN A 543 -38.54 -3.42 29.51
CA ASN A 543 -39.15 -3.85 28.25
C ASN A 543 -38.98 -2.69 27.29
N GLN A 544 -38.21 -2.91 26.22
CA GLN A 544 -37.98 -1.84 25.25
C GLN A 544 -39.09 -1.72 24.24
N ALA A 545 -39.97 -2.72 24.13
CA ALA A 545 -41.06 -2.65 23.17
C ALA A 545 -42.27 -1.90 23.70
N ASP A 546 -42.33 -1.63 25.00
CA ASP A 546 -43.44 -0.92 25.60
C ASP A 546 -43.14 0.54 25.86
N ASP A 547 -41.92 0.99 25.55
CA ASP A 547 -41.53 2.34 25.89
C ASP A 547 -42.40 3.37 25.19
N PHE A 548 -42.90 3.05 24.00
CA PHE A 548 -43.73 3.96 23.25
C PHE A 548 -45.22 3.78 23.56
N THR A 549 -45.54 3.19 24.70
CA THR A 549 -46.92 3.14 25.14
C THR A 549 -47.40 4.56 25.42
N ALA A 550 -48.43 4.99 24.72
CA ALA A 550 -48.98 6.31 24.93
C ALA A 550 -50.10 6.24 25.96
N LEU A 551 -50.87 7.32 26.10
CA LEU A 551 -52.01 7.32 26.99
C LEU A 551 -53.23 6.64 26.38
N SER A 552 -53.14 6.25 25.11
CA SER A 552 -54.25 5.62 24.41
C SER A 552 -54.12 4.10 24.36
N GLY A 553 -53.09 3.54 24.98
CA GLY A 553 -52.98 2.10 25.11
C GLY A 553 -52.30 1.38 23.98
N VAL A 554 -51.61 2.09 23.09
CA VAL A 554 -50.92 1.47 21.96
C VAL A 554 -49.48 1.95 21.95
N VAL A 555 -48.58 1.10 21.43
CA VAL A 555 -47.19 1.47 21.28
C VAL A 555 -47.04 2.38 20.05
N GLU A 556 -46.45 3.56 20.25
CA GLU A 556 -46.26 4.47 19.15
C GLU A 556 -45.14 3.99 18.23
N ALA A 557 -45.10 4.54 17.03
CA ALA A 557 -44.21 4.00 16.00
C ALA A 557 -42.78 4.49 16.16
N THR A 558 -42.57 5.80 16.04
CA THR A 558 -41.24 6.38 16.05
C THR A 558 -41.11 7.37 17.20
N GLY A 559 -39.91 7.95 17.31
CA GLY A 559 -39.67 8.89 18.38
C GLY A 559 -40.62 10.07 18.35
N ALA A 560 -40.57 10.86 17.28
CA ALA A 560 -41.32 12.11 17.25
C ALA A 560 -42.82 11.88 17.35
N ALA A 561 -43.33 10.82 16.71
CA ALA A 561 -44.74 10.50 16.83
C ALA A 561 -45.11 10.18 18.26
N PHE A 562 -44.19 9.61 19.03
CA PHE A 562 -44.47 9.35 20.44
C PHE A 562 -44.39 10.64 21.25
N ALA A 563 -43.36 11.46 21.01
CA ALA A 563 -43.18 12.67 21.79
C ALA A 563 -44.31 13.65 21.60
N ASN A 564 -44.85 13.76 20.39
CA ASN A 564 -45.91 14.72 20.15
C ASN A 564 -47.20 14.38 20.89
N THR A 565 -47.22 13.31 21.68
CA THR A 565 -48.34 13.05 22.56
C THR A 565 -48.09 13.55 23.98
N TRP A 566 -46.87 13.95 24.30
CA TRP A 566 -46.48 14.35 25.64
C TRP A 566 -46.14 15.83 25.72
N LYS A 567 -46.52 16.62 24.72
CA LYS A 567 -46.24 18.05 24.76
C LYS A 567 -46.97 18.70 25.92
N ALA A 568 -46.34 19.71 26.53
CA ALA A 568 -46.99 20.39 27.65
C ALA A 568 -48.10 21.31 27.16
N GLN A 569 -47.87 22.06 26.08
CA GLN A 569 -48.80 23.06 25.59
C GLN A 569 -49.41 22.61 24.27
N ALA A 570 -50.74 22.69 24.17
CA ALA A 570 -51.41 22.30 22.94
C ALA A 570 -51.01 23.15 21.75
N ALA A 571 -50.47 24.34 21.99
CA ALA A 571 -50.12 25.24 20.90
C ALA A 571 -48.76 24.93 20.28
N CYS A 572 -48.03 23.96 20.81
CA CYS A 572 -46.73 23.65 20.26
C CYS A 572 -46.86 23.01 18.89
N ALA A 573 -45.76 23.06 18.14
CA ALA A 573 -45.70 22.42 16.83
C ALA A 573 -45.17 21.00 16.98
N ASN A 574 -45.80 20.07 16.26
CA ASN A 574 -45.43 18.67 16.38
C ASN A 574 -44.02 18.44 15.86
N ALA A 575 -43.28 17.60 16.57
CA ALA A 575 -41.93 17.25 16.13
C ALA A 575 -41.98 16.44 14.84
N ARG A 576 -40.92 16.53 14.06
CA ARG A 576 -40.89 15.91 12.75
C ARG A 576 -39.71 14.95 12.65
N ASN A 577 -39.94 13.86 11.93
CA ASN A 577 -38.90 12.85 11.74
C ASN A 577 -37.80 13.38 10.83
N SER A 578 -36.56 13.11 11.21
CA SER A 578 -35.40 13.69 10.55
C SER A 578 -34.53 12.58 9.95
N PHE A 579 -34.46 12.52 8.63
CA PHE A 579 -33.61 11.57 7.94
C PHE A 579 -32.32 12.20 7.46
N GLU A 580 -32.36 13.47 7.10
CA GLU A 580 -31.22 14.13 6.48
C GLU A 580 -30.11 14.29 7.51
N ASP A 581 -29.01 13.59 7.30
CA ASP A 581 -27.86 13.73 8.17
C ASP A 581 -27.19 15.06 7.92
N PRO A 582 -27.04 15.92 8.92
CA PRO A 582 -26.31 17.17 8.73
C PRO A 582 -24.86 16.95 8.38
N CYS A 583 -24.36 15.74 8.57
CA CYS A 583 -22.97 15.45 8.26
C CYS A 583 -22.67 15.60 6.77
N SER A 584 -23.68 15.41 5.92
CA SER A 584 -23.48 15.46 4.47
C SER A 584 -23.29 16.86 3.94
N LEU A 585 -23.47 17.89 4.77
CA LEU A 585 -23.48 19.27 4.25
C LEU A 585 -22.08 19.77 3.94
N SER A 586 -21.23 19.85 4.95
CA SER A 586 -19.93 20.49 4.82
C SER A 586 -18.82 19.46 4.93
N VAL A 587 -17.90 19.47 3.96
CA VAL A 587 -16.80 18.52 3.96
C VAL A 587 -15.83 18.82 5.09
N GLU A 588 -15.62 20.10 5.41
CA GLU A 588 -14.76 20.41 6.55
C GLU A 588 -15.41 20.01 7.86
N ASN A 589 -16.73 20.24 7.99
CA ASN A 589 -17.46 19.71 9.13
C ASN A 589 -17.36 18.20 9.18
N GLU A 590 -17.48 17.55 8.03
CA GLU A 590 -17.26 16.11 7.93
C GLU A 590 -15.95 15.69 8.56
N ASN A 591 -14.84 16.21 8.03
CA ASN A 591 -13.55 15.74 8.47
C ASN A 591 -13.30 16.08 9.93
N TYR A 592 -13.75 17.26 10.37
CA TYR A 592 -13.58 17.63 11.77
C TYR A 592 -14.31 16.66 12.69
N ALA A 593 -15.61 16.45 12.41
CA ALA A 593 -16.40 15.57 13.25
C ALA A 593 -15.87 14.15 13.22
N ARG A 594 -15.48 13.66 12.04
CA ARG A 594 -14.94 12.32 11.95
C ARG A 594 -13.67 12.18 12.75
N HIS A 595 -12.70 13.07 12.51
CA HIS A 595 -11.41 12.94 13.17
C HIS A 595 -11.52 13.09 14.68
N TRP A 596 -12.54 13.79 15.17
CA TRP A 596 -12.62 13.88 16.62
C TRP A 596 -13.52 12.80 17.23
N CYS A 597 -14.75 12.66 16.73
CA CYS A 597 -15.66 11.66 17.27
C CYS A 597 -15.15 10.23 17.08
N SER A 598 -14.21 10.00 16.17
CA SER A 598 -13.63 8.68 16.05
C SER A 598 -12.83 8.29 17.29
N ARG A 599 -12.50 9.25 18.16
CA ARG A 599 -11.81 8.93 19.39
C ARG A 599 -12.64 8.00 20.28
N LEU A 600 -13.94 7.92 20.04
CA LEU A 600 -14.77 7.03 20.83
C LEU A 600 -14.40 5.57 20.58
N THR A 601 -14.53 5.10 19.35
CA THR A 601 -14.40 3.69 19.03
C THR A 601 -12.95 3.25 18.81
N ASP A 602 -11.98 4.08 19.15
CA ASP A 602 -10.59 3.69 19.00
C ASP A 602 -10.22 2.72 20.12
N PRO A 603 -9.83 1.49 19.81
CA PRO A 603 -9.51 0.53 20.88
C PRO A 603 -8.30 0.91 21.71
N ASN A 604 -7.45 1.80 21.25
CA ASN A 604 -6.33 2.28 22.05
C ASN A 604 -6.67 3.54 22.84
N SER A 605 -7.87 4.09 22.67
CA SER A 605 -8.27 5.33 23.30
C SER A 605 -8.58 5.10 24.78
N ALA A 606 -8.71 6.22 25.50
CA ALA A 606 -9.12 6.13 26.90
C ALA A 606 -10.48 5.48 27.05
N PHE A 607 -11.34 5.62 26.05
CA PHE A 607 -12.71 5.10 26.11
C PHE A 607 -12.78 3.59 25.98
N SER A 608 -11.71 2.94 25.52
CA SER A 608 -11.75 1.50 25.29
C SER A 608 -12.11 0.74 26.55
N ARG A 609 -11.75 1.25 27.71
CA ARG A 609 -12.03 0.56 28.96
C ARG A 609 -13.52 0.33 29.17
N CYS A 610 -14.37 1.14 28.54
CA CYS A 610 -15.81 0.96 28.65
C CYS A 610 -16.41 0.24 27.45
N HIS A 611 -15.62 -0.01 26.41
CA HIS A 611 -16.15 -0.67 25.22
C HIS A 611 -16.68 -2.06 25.55
N SER A 612 -15.95 -2.79 26.38
CA SER A 612 -16.36 -4.14 26.79
C SER A 612 -17.57 -4.13 27.71
N ILE A 613 -18.15 -2.98 28.01
CA ILE A 613 -19.31 -2.86 28.89
C ILE A 613 -20.46 -2.14 28.20
N ILE A 614 -20.20 -0.97 27.63
CA ILE A 614 -21.20 -0.19 26.92
C ILE A 614 -20.81 -0.13 25.46
N ASN A 615 -21.74 -0.48 24.58
CA ASN A 615 -21.49 -0.39 23.16
C ASN A 615 -21.46 1.07 22.75
N PRO A 616 -20.36 1.58 22.21
CA PRO A 616 -20.25 3.02 21.90
C PRO A 616 -20.83 3.45 20.57
N LYS A 617 -21.52 2.58 19.84
CA LYS A 617 -22.07 2.97 18.54
C LYS A 617 -23.12 4.06 18.67
N PRO A 618 -24.11 3.99 19.56
CA PRO A 618 -25.04 5.12 19.67
C PRO A 618 -24.36 6.41 20.08
N PHE A 619 -23.35 6.32 20.94
CA PHE A 619 -22.63 7.51 21.36
C PHE A 619 -21.84 8.11 20.20
N HIS A 620 -21.27 7.26 19.35
CA HIS A 620 -20.58 7.77 18.17
C HIS A 620 -21.56 8.40 17.18
N SER A 621 -22.74 7.80 17.01
CA SER A 621 -23.75 8.43 16.17
C SER A 621 -24.16 9.78 16.73
N ASN A 622 -24.32 9.87 18.05
CA ASN A 622 -24.65 11.13 18.68
C ASN A 622 -23.56 12.17 18.43
N CYS A 623 -22.29 11.78 18.60
CA CYS A 623 -21.20 12.72 18.39
C CYS A 623 -21.18 13.22 16.95
N MET A 624 -21.31 12.29 16.00
CA MET A 624 -21.36 12.68 14.59
C MET A 624 -22.48 13.68 14.34
N PHE A 625 -23.70 13.32 14.75
CA PHE A 625 -24.87 14.14 14.45
C PHE A 625 -24.75 15.51 15.10
N ASP A 626 -24.37 15.55 16.36
CA ASP A 626 -24.17 16.81 17.05
C ASP A 626 -23.15 17.66 16.31
N THR A 627 -21.91 17.18 16.22
CA THR A 627 -20.84 18.02 15.69
C THR A 627 -21.15 18.50 14.29
N CYS A 628 -21.72 17.64 13.45
CA CYS A 628 -22.09 18.08 12.10
C CYS A 628 -23.19 19.12 12.15
N ASN A 629 -24.18 18.94 13.01
CA ASN A 629 -25.31 19.85 13.08
C ASN A 629 -25.07 21.05 13.98
N CYS A 630 -24.12 20.94 14.90
CA CYS A 630 -23.93 21.99 15.90
C CYS A 630 -23.18 23.16 15.28
N GLU A 631 -23.71 24.37 15.49
CA GLU A 631 -22.97 25.56 15.10
C GLU A 631 -21.68 25.70 15.89
N ARG A 632 -21.73 25.38 17.18
CA ARG A 632 -20.52 25.31 18.00
C ARG A 632 -20.07 23.86 18.05
N SER A 633 -19.32 23.47 17.02
CA SER A 633 -18.97 22.06 16.84
C SER A 633 -18.22 21.53 18.04
N GLU A 634 -17.29 22.31 18.59
CA GLU A 634 -16.54 21.85 19.75
C GLU A 634 -17.46 21.63 20.94
N ASP A 635 -18.44 22.52 21.14
CA ASP A 635 -19.33 22.39 22.28
C ASP A 635 -20.10 21.09 22.23
N CYS A 636 -20.78 20.81 21.11
CA CYS A 636 -21.55 19.58 21.01
C CYS A 636 -20.65 18.35 21.00
N LEU A 637 -19.46 18.46 20.41
CA LEU A 637 -18.51 17.35 20.41
C LEU A 637 -18.13 16.97 21.84
N CYS A 638 -17.70 17.96 22.62
CA CYS A 638 -17.30 17.69 23.99
C CYS A 638 -18.51 17.31 24.84
N ALA A 639 -19.70 17.78 24.49
CA ALA A 639 -20.90 17.32 25.18
C ALA A 639 -21.11 15.84 24.94
N ALA A 640 -20.89 15.38 23.70
CA ALA A 640 -21.05 13.96 23.42
C ALA A 640 -20.00 13.13 24.15
N LEU A 641 -18.76 13.59 24.16
CA LEU A 641 -17.72 12.84 24.86
C LEU A 641 -17.97 12.82 26.36
N SER A 642 -18.39 13.94 26.93
CA SER A 642 -18.77 13.98 28.33
C SER A 642 -19.93 13.05 28.60
N SER A 643 -20.90 12.98 27.69
CA SER A 643 -22.03 12.09 27.89
C SER A 643 -21.59 10.64 27.92
N TYR A 644 -20.72 10.26 26.99
CA TYR A 644 -20.22 8.88 26.98
C TYR A 644 -19.48 8.58 28.28
N VAL A 645 -18.62 9.50 28.69
CA VAL A 645 -17.87 9.29 29.92
C VAL A 645 -18.80 9.16 31.10
N HIS A 646 -19.80 10.02 31.19
CA HIS A 646 -20.67 10.01 32.35
C HIS A 646 -21.53 8.75 32.37
N ALA A 647 -22.00 8.30 31.21
CA ALA A 647 -22.74 7.04 31.17
C ALA A 647 -21.88 5.88 31.64
N CYS A 648 -20.65 5.82 31.14
CA CYS A 648 -19.76 4.73 31.54
C CYS A 648 -19.46 4.79 33.03
N ALA A 649 -19.23 5.99 33.56
CA ALA A 649 -18.99 6.12 35.00
C ALA A 649 -20.22 5.77 35.81
N ALA A 650 -21.41 5.99 35.25
CA ALA A 650 -22.62 5.49 35.88
C ALA A 650 -22.60 3.97 35.96
N LYS A 651 -22.16 3.32 34.87
CA LYS A 651 -22.03 1.87 34.93
C LYS A 651 -20.90 1.41 35.83
N GLY A 652 -20.02 2.32 36.26
CA GLY A 652 -18.97 1.95 37.19
C GLY A 652 -17.60 1.78 36.58
N VAL A 653 -17.20 2.69 35.68
CA VAL A 653 -15.86 2.73 35.12
C VAL A 653 -15.36 4.18 35.20
N GLN A 654 -14.13 4.36 35.68
CA GLN A 654 -13.58 5.68 35.91
C GLN A 654 -12.69 6.07 34.72
N LEU A 655 -13.32 6.48 33.63
CA LEU A 655 -12.59 6.97 32.48
C LEU A 655 -11.91 8.29 32.84
N SER A 656 -10.62 8.38 32.54
CA SER A 656 -9.81 9.51 32.97
C SER A 656 -8.89 9.95 31.84
N ASP A 657 -8.53 11.24 31.88
CA ASP A 657 -7.53 11.81 30.98
C ASP A 657 -7.89 11.60 29.52
N TRP A 658 -9.18 11.75 29.19
CA TRP A 658 -9.62 11.54 27.82
C TRP A 658 -9.62 12.81 26.99
N ARG A 659 -9.26 13.94 27.57
CA ARG A 659 -9.31 15.22 26.87
C ARG A 659 -7.97 15.61 26.27
N ASP A 660 -7.20 14.62 25.82
CA ASP A 660 -5.90 14.87 25.21
C ASP A 660 -6.05 15.66 23.92
N GLY A 661 -5.56 16.90 23.90
CA GLY A 661 -5.64 17.71 22.71
C GLY A 661 -7.05 18.04 22.27
N VAL A 662 -8.03 17.86 23.14
CA VAL A 662 -9.43 18.10 22.80
C VAL A 662 -10.14 18.59 24.06
N CYS A 663 -11.05 19.55 23.86
CA CYS A 663 -11.91 20.04 24.93
C CYS A 663 -11.11 20.67 26.07
N THR A 664 -9.91 21.16 25.80
CA THR A 664 -9.10 21.74 26.85
C THR A 664 -9.52 23.16 27.22
N LYS A 665 -10.28 23.83 26.34
CA LYS A 665 -10.80 25.13 26.72
C LYS A 665 -11.78 25.02 27.87
N TYR A 666 -12.24 23.80 28.17
CA TYR A 666 -12.99 23.54 29.39
C TYR A 666 -12.11 23.22 30.58
N MET A 667 -10.85 22.82 30.35
CA MET A 667 -9.89 22.88 31.44
C MET A 667 -9.66 24.32 31.87
N GLN A 668 -9.38 25.20 30.89
CA GLN A 668 -8.84 26.51 31.26
C GLN A 668 -9.90 27.47 31.80
N ASN A 669 -11.15 27.38 31.34
CA ASN A 669 -12.14 28.41 31.62
C ASN A 669 -12.64 28.38 33.06
N CYS A 670 -11.99 27.62 33.94
CA CYS A 670 -12.47 27.45 35.30
C CYS A 670 -12.52 28.77 36.05
N PRO A 671 -13.43 28.89 37.02
CA PRO A 671 -13.38 30.05 37.92
C PRO A 671 -12.06 30.10 38.66
N LYS A 672 -11.59 31.31 38.90
CA LYS A 672 -10.29 31.50 39.54
C LYS A 672 -10.28 30.89 40.93
N SER A 673 -9.12 30.33 41.30
CA SER A 673 -8.84 29.63 42.54
C SER A 673 -9.44 28.22 42.57
N GLN A 674 -10.21 27.83 41.56
CA GLN A 674 -10.66 26.45 41.42
C GLN A 674 -9.75 25.71 40.45
N ARG A 675 -10.07 24.44 40.21
CA ARG A 675 -9.32 23.67 39.22
C ARG A 675 -10.16 22.50 38.76
N TYR A 676 -9.78 21.94 37.62
CA TYR A 676 -10.50 20.81 37.09
C TYR A 676 -10.29 19.57 37.97
N ALA A 677 -11.19 18.61 37.83
CA ALA A 677 -11.06 17.32 38.47
C ALA A 677 -11.89 16.31 37.69
N TYR A 678 -11.30 15.15 37.43
CA TYR A 678 -11.94 14.13 36.61
C TYR A 678 -12.88 13.26 37.42
N VAL A 679 -12.54 12.97 38.67
CA VAL A 679 -13.37 12.16 39.54
C VAL A 679 -13.78 13.06 40.71
N VAL A 680 -14.94 13.70 40.58
CA VAL A 680 -15.58 14.41 41.68
C VAL A 680 -16.71 13.51 42.15
N ASP A 681 -16.52 12.87 43.30
CA ASP A 681 -17.44 11.82 43.75
C ASP A 681 -18.02 12.11 45.12
N ALA A 682 -18.21 13.38 45.46
CA ALA A 682 -18.76 13.73 46.77
C ALA A 682 -19.25 15.17 46.72
N CYS A 683 -19.55 15.71 47.89
CA CYS A 683 -19.91 17.10 48.03
C CYS A 683 -18.70 17.98 47.76
N GLN A 684 -18.90 19.30 47.87
CA GLN A 684 -17.80 20.24 47.73
C GLN A 684 -17.27 20.61 49.10
N PRO A 685 -15.98 20.43 49.36
CA PRO A 685 -15.46 20.75 50.69
C PRO A 685 -15.56 22.23 51.02
N THR A 686 -16.29 22.56 52.07
CA THR A 686 -16.58 23.95 52.43
C THR A 686 -16.19 24.21 53.88
N CYS A 687 -15.83 25.45 54.16
CA CYS A 687 -15.45 25.84 55.51
C CYS A 687 -16.63 25.69 56.47
N ARG A 688 -17.82 26.13 56.03
CA ARG A 688 -19.02 25.94 56.84
C ARG A 688 -19.25 24.46 57.13
N GLY A 689 -19.08 23.61 56.12
CA GLY A 689 -19.34 22.19 56.30
C GLY A 689 -18.38 21.56 57.29
N LEU A 690 -17.08 21.83 57.15
CA LEU A 690 -16.13 21.27 58.09
C LEU A 690 -16.31 21.86 59.48
N SER A 691 -16.89 23.05 59.57
CA SER A 691 -17.14 23.62 60.89
C SER A 691 -18.34 22.97 61.57
N GLU A 692 -19.45 22.78 60.83
CA GLU A 692 -20.69 22.40 61.47
C GLU A 692 -21.49 21.36 60.68
N ALA A 693 -20.80 20.49 59.95
CA ALA A 693 -21.46 19.45 59.15
C ALA A 693 -22.35 20.06 58.07
N ASP A 694 -23.01 19.22 57.28
CA ASP A 694 -23.81 19.72 56.16
C ASP A 694 -24.76 18.63 55.67
N VAL A 695 -26.01 18.99 55.43
CA VAL A 695 -26.95 18.07 54.82
C VAL A 695 -26.55 17.72 53.40
N THR A 696 -25.83 18.62 52.73
CA THR A 696 -25.49 18.44 51.32
C THR A 696 -24.75 17.13 51.09
N CYS A 697 -23.76 16.82 51.93
CA CYS A 697 -22.84 15.73 51.64
C CYS A 697 -23.43 14.36 51.95
N SER A 698 -24.74 14.27 52.17
CA SER A 698 -25.40 13.00 52.44
C SER A 698 -26.19 12.49 51.24
N VAL A 699 -25.73 12.80 50.03
CA VAL A 699 -26.41 12.40 48.81
C VAL A 699 -25.42 11.66 47.93
N SER A 700 -25.82 10.47 47.48
CA SER A 700 -24.96 9.64 46.64
C SER A 700 -25.34 9.86 45.17
N PHE A 701 -24.39 10.34 44.39
CA PHE A 701 -24.60 10.58 42.97
C PHE A 701 -23.40 10.06 42.20
N VAL A 702 -23.64 9.72 40.93
CA VAL A 702 -22.58 9.14 40.11
C VAL A 702 -21.43 10.12 40.02
N PRO A 703 -20.17 9.67 40.05
CA PRO A 703 -19.06 10.61 40.12
C PRO A 703 -18.86 11.37 38.82
N VAL A 704 -19.22 12.64 38.85
CA VAL A 704 -19.13 13.50 37.67
C VAL A 704 -17.81 14.24 37.72
N ASP A 705 -17.42 14.80 36.58
CA ASP A 705 -16.22 15.61 36.51
C ASP A 705 -16.60 17.08 36.46
N GLY A 706 -15.62 17.93 36.72
CA GLY A 706 -15.87 19.36 36.66
C GLY A 706 -14.86 20.12 37.50
N CYS A 707 -15.18 21.39 37.72
CA CYS A 707 -14.27 22.29 38.41
C CYS A 707 -14.64 22.37 39.89
N THR A 708 -13.65 22.13 40.74
CA THR A 708 -13.83 22.16 42.18
C THR A 708 -12.54 22.66 42.80
N CYS A 709 -12.62 23.02 44.07
CA CYS A 709 -11.41 23.31 44.81
C CYS A 709 -10.59 22.04 44.99
N PRO A 710 -9.25 22.15 45.00
CA PRO A 710 -8.43 20.97 45.20
C PRO A 710 -8.48 20.49 46.64
N ALA A 711 -8.02 19.25 46.84
CA ALA A 711 -8.01 18.67 48.17
C ALA A 711 -7.10 19.48 49.09
N GLY A 712 -7.45 19.49 50.36
CA GLY A 712 -6.73 20.30 51.33
C GLY A 712 -7.09 21.76 51.31
N THR A 713 -8.03 22.17 50.47
CA THR A 713 -8.50 23.54 50.40
C THR A 713 -10.00 23.56 50.64
N PHE A 714 -10.53 24.73 50.96
CA PHE A 714 -11.95 24.92 51.15
C PHE A 714 -12.32 26.31 50.66
N LEU A 715 -13.57 26.45 50.27
CA LEU A 715 -14.10 27.72 49.82
C LEU A 715 -14.95 28.32 50.94
N ASN A 716 -14.58 29.52 51.35
CA ASN A 716 -15.30 30.20 52.42
C ASN A 716 -16.61 30.75 51.87
N ASP A 717 -17.39 31.44 52.70
CA ASP A 717 -18.62 32.03 52.24
C ASP A 717 -18.37 33.00 51.10
N ALA A 718 -17.19 33.62 51.07
CA ALA A 718 -16.83 34.48 49.96
C ALA A 718 -16.64 33.70 48.67
N GLY A 719 -16.45 32.39 48.75
CA GLY A 719 -16.27 31.56 47.59
C GLY A 719 -14.84 31.37 47.15
N ALA A 720 -13.92 32.21 47.62
CA ALA A 720 -12.52 32.05 47.29
C ALA A 720 -11.95 30.80 47.94
N CYS A 721 -10.96 30.21 47.29
CA CYS A 721 -10.37 28.94 47.72
C CYS A 721 -9.15 29.21 48.58
N VAL A 722 -9.25 28.89 49.87
CA VAL A 722 -8.16 29.09 50.82
C VAL A 722 -7.95 27.78 51.57
N PRO A 723 -6.75 27.55 52.10
CA PRO A 723 -6.53 26.36 52.94
C PRO A 723 -7.33 26.45 54.23
N ALA A 724 -7.31 25.34 54.97
CA ALA A 724 -8.07 25.28 56.22
C ALA A 724 -7.62 26.33 57.22
N GLN A 725 -6.33 26.64 57.24
CA GLN A 725 -5.79 27.60 58.18
C GLN A 725 -6.35 29.00 57.98
N GLU A 726 -6.78 29.34 56.76
CA GLU A 726 -7.27 30.67 56.47
C GLU A 726 -8.78 30.81 56.62
N CYS A 727 -9.50 29.71 56.86
CA CYS A 727 -10.94 29.84 56.96
C CYS A 727 -11.40 29.61 58.39
N PRO A 728 -12.43 30.31 58.83
CA PRO A 728 -12.78 30.34 60.25
C PRO A 728 -13.81 29.29 60.65
N CYS A 729 -13.73 28.88 61.91
CA CYS A 729 -14.81 28.11 62.52
C CYS A 729 -16.01 29.01 62.75
N TYR A 730 -17.20 28.41 62.67
CA TYR A 730 -18.45 29.15 62.78
C TYR A 730 -19.29 28.59 63.92
N ALA A 731 -19.50 29.41 64.95
CA ALA A 731 -20.33 29.03 66.09
C ALA A 731 -21.54 29.94 66.13
N HIS A 732 -22.73 29.33 66.17
CA HIS A 732 -24.00 30.06 66.14
C HIS A 732 -24.12 30.95 64.92
N GLY A 733 -23.43 30.60 63.84
CA GLY A 733 -23.36 31.47 62.68
C GLY A 733 -22.39 32.61 62.79
N THR A 734 -21.61 32.68 63.87
CA THR A 734 -20.64 33.75 64.05
C THR A 734 -19.30 33.36 63.44
N VAL A 735 -18.75 34.27 62.64
CA VAL A 735 -17.44 34.06 62.07
C VAL A 735 -16.40 34.13 63.19
N LEU A 736 -15.83 32.97 63.53
CA LEU A 736 -14.84 32.89 64.59
C LEU A 736 -13.51 32.57 63.93
N ALA A 737 -12.61 33.54 63.92
CA ALA A 737 -11.45 33.50 63.03
C ALA A 737 -10.52 32.35 63.39
N PRO A 738 -9.71 31.88 62.44
CA PRO A 738 -8.83 30.75 62.72
C PRO A 738 -7.76 31.08 63.74
N GLY A 739 -7.35 30.07 64.49
CA GLY A 739 -6.29 30.22 65.47
C GLY A 739 -6.60 31.25 66.53
N GLU A 740 -7.87 31.34 66.93
CA GLU A 740 -8.33 32.37 67.85
C GLU A 740 -8.99 31.72 69.05
N VAL A 741 -8.47 32.02 70.24
CA VAL A 741 -9.01 31.51 71.50
C VAL A 741 -10.04 32.51 71.99
N VAL A 742 -11.23 32.02 72.35
CA VAL A 742 -12.33 32.87 72.74
C VAL A 742 -12.99 32.32 73.99
N HIS A 743 -13.83 33.14 74.59
CA HIS A 743 -14.61 32.78 75.76
C HIS A 743 -16.08 32.75 75.39
N ASP A 744 -16.79 31.75 75.89
CA ASP A 744 -18.23 31.64 75.64
C ASP A 744 -18.86 30.76 76.69
N GLU A 745 -19.81 31.32 77.46
CA GLU A 745 -20.65 30.55 78.37
C GLU A 745 -19.83 29.76 79.39
N GLY A 746 -18.85 30.42 80.00
CA GLY A 746 -17.99 29.74 80.94
C GLY A 746 -17.06 28.72 80.33
N ALA A 747 -16.76 28.85 79.04
CA ALA A 747 -15.94 27.88 78.32
C ALA A 747 -14.89 28.60 77.48
N VAL A 748 -13.81 27.89 77.21
CA VAL A 748 -12.71 28.42 76.40
C VAL A 748 -12.63 27.62 75.11
N CYS A 749 -12.65 28.31 73.97
CA CYS A 749 -12.72 27.65 72.68
C CYS A 749 -11.56 28.09 71.80
N SER A 750 -11.24 27.24 70.84
CA SER A 750 -10.16 27.48 69.89
C SER A 750 -10.62 27.09 68.50
N CYS A 751 -9.99 27.71 67.50
CA CYS A 751 -10.31 27.52 66.09
C CYS A 751 -9.01 27.09 65.41
N THR A 752 -8.74 25.80 65.41
CA THR A 752 -7.49 25.25 64.89
C THR A 752 -7.74 24.60 63.54
N GLY A 753 -7.11 25.14 62.50
CA GLY A 753 -7.26 24.58 61.17
C GLY A 753 -8.69 24.58 60.67
N GLY A 754 -9.48 25.59 61.02
CA GLY A 754 -10.88 25.65 60.70
C GLY A 754 -11.77 24.79 61.58
N LYS A 755 -11.19 24.02 62.49
CA LYS A 755 -11.94 23.11 63.35
C LYS A 755 -12.19 23.79 64.69
N LEU A 756 -13.43 23.71 65.16
CA LEU A 756 -13.83 24.36 66.40
C LEU A 756 -13.74 23.36 67.56
N SER A 757 -13.11 23.81 68.66
CA SER A 757 -12.98 22.99 69.86
C SER A 757 -13.34 23.84 71.06
N CYS A 758 -14.00 23.25 72.06
CA CYS A 758 -14.42 23.98 73.25
C CYS A 758 -14.16 23.14 74.50
N LEU A 759 -13.73 23.82 75.57
CA LEU A 759 -13.26 23.20 76.79
C LEU A 759 -13.90 23.88 77.99
N GLY A 760 -14.11 23.10 79.05
CA GLY A 760 -14.68 23.61 80.28
C GLY A 760 -16.17 23.37 80.41
N GLY A 768 -12.10 11.41 81.50
CA GLY A 768 -11.14 12.07 82.37
C GLY A 768 -11.79 12.78 83.54
N CYS A 769 -12.88 12.22 84.04
CA CYS A 769 -13.65 12.80 85.14
C CYS A 769 -13.60 11.84 86.31
N ALA A 770 -14.25 12.21 87.42
CA ALA A 770 -14.20 11.41 88.64
C ALA A 770 -15.56 10.84 89.02
N ALA A 771 -16.56 11.71 89.21
CA ALA A 771 -17.89 11.26 89.57
C ALA A 771 -18.57 10.61 88.37
N PRO A 772 -19.66 9.83 88.59
CA PRO A 772 -20.25 9.00 87.52
C PRO A 772 -20.30 9.63 86.13
N MET A 773 -20.44 10.95 86.06
CA MET A 773 -20.38 11.63 84.76
C MET A 773 -19.00 11.51 84.10
N VAL A 774 -19.00 11.00 82.87
CA VAL A 774 -17.78 10.68 82.13
C VAL A 774 -17.65 11.61 80.92
N TYR A 775 -16.44 11.73 80.40
CA TYR A 775 -16.18 12.68 79.32
C TYR A 775 -16.86 12.26 78.02
N LEU A 776 -17.29 13.27 77.26
CA LEU A 776 -17.81 13.08 75.92
C LEU A 776 -17.06 14.02 74.98
N ASP A 777 -16.54 13.46 73.90
CA ASP A 777 -15.72 14.17 72.93
C ASP A 777 -16.42 14.17 71.58
N CYS A 778 -16.42 15.32 70.91
CA CYS A 778 -17.10 15.48 69.63
C CYS A 778 -16.22 15.12 68.44
N SER A 779 -14.96 14.75 68.66
CA SER A 779 -14.06 14.46 67.54
C SER A 779 -14.54 13.25 66.75
N ASN A 780 -14.96 12.19 67.45
CA ASN A 780 -15.45 11.00 66.78
C ASN A 780 -16.84 11.17 66.19
N SER A 781 -17.74 11.83 66.91
CA SER A 781 -19.12 11.99 66.45
C SER A 781 -19.19 12.91 65.24
N SER A 782 -20.14 12.63 64.36
CA SER A 782 -20.41 13.52 63.24
C SER A 782 -20.88 14.87 63.75
N ALA A 783 -20.49 15.93 63.04
CA ALA A 783 -20.72 17.29 63.54
C ALA A 783 -22.21 17.56 63.71
N GLY A 784 -22.57 18.09 64.89
CA GLY A 784 -23.94 18.45 65.19
C GLY A 784 -24.57 17.71 66.35
N THR A 785 -23.91 16.75 66.97
CA THR A 785 -24.51 16.03 68.07
C THR A 785 -24.67 16.93 69.30
N PRO A 786 -25.68 16.69 70.12
CA PRO A 786 -25.84 17.48 71.34
C PRO A 786 -24.78 17.13 72.37
N GLY A 787 -23.82 18.02 72.55
CA GLY A 787 -22.67 17.76 73.39
C GLY A 787 -22.92 18.06 74.85
N ALA A 788 -21.84 18.40 75.56
CA ALA A 788 -21.93 18.71 76.98
C ALA A 788 -22.81 19.92 77.23
N GLU A 789 -22.89 20.83 76.26
CA GLU A 789 -23.77 21.99 76.41
C GLU A 789 -25.23 21.55 76.45
N CYS A 790 -25.59 20.56 75.63
CA CYS A 790 -26.95 20.02 75.65
C CYS A 790 -27.03 18.84 76.61
N LEU A 791 -26.56 19.09 77.83
CA LEU A 791 -26.51 18.07 78.86
C LEU A 791 -27.89 17.93 79.49
N ARG A 792 -28.37 16.69 79.61
CA ARG A 792 -29.61 16.44 80.31
C ARG A 792 -29.50 16.97 81.74
N SER A 793 -30.33 17.95 82.06
CA SER A 793 -30.19 18.69 83.30
C SER A 793 -31.56 18.92 83.91
N CYS A 794 -31.55 19.36 85.17
CA CYS A 794 -32.80 19.55 85.89
C CYS A 794 -33.70 20.59 85.24
N HIS A 795 -33.15 21.44 84.38
CA HIS A 795 -33.95 22.38 83.61
C HIS A 795 -34.08 22.01 82.15
N THR A 796 -33.00 21.66 81.47
CA THR A 796 -33.04 21.42 80.04
C THR A 796 -33.49 19.99 79.71
N LEU A 797 -33.77 19.18 80.73
CA LEU A 797 -34.43 17.90 80.46
C LEU A 797 -35.77 18.13 79.77
N ASP A 798 -36.44 19.23 80.14
CA ASP A 798 -37.81 19.47 79.68
C ASP A 798 -37.88 20.31 78.42
N VAL A 799 -37.22 21.46 78.39
CA VAL A 799 -37.33 22.38 77.26
C VAL A 799 -36.71 21.78 76.01
N GLY A 800 -35.67 20.96 76.18
CA GLY A 800 -34.97 20.41 75.04
C GLY A 800 -33.93 21.38 74.54
N CYS A 801 -32.68 20.94 74.45
CA CYS A 801 -31.56 21.83 74.21
C CYS A 801 -31.35 22.07 72.72
N PHE A 802 -30.87 23.27 72.40
CA PHE A 802 -30.54 23.65 71.03
C PHE A 802 -29.06 24.04 70.99
N SER A 803 -28.33 23.47 70.04
CA SER A 803 -26.94 23.86 69.82
C SER A 803 -26.47 23.28 68.49
N THR A 804 -25.89 24.14 67.65
CA THR A 804 -25.30 23.69 66.39
C THR A 804 -23.84 23.31 66.51
N HIS A 805 -23.24 23.50 67.68
CA HIS A 805 -21.82 23.21 67.88
C HIS A 805 -21.68 22.28 69.08
N CYS A 806 -21.19 21.07 68.85
CA CYS A 806 -20.93 20.17 69.96
C CYS A 806 -19.74 20.68 70.77
N VAL A 807 -19.80 20.47 72.07
CA VAL A 807 -18.71 20.82 72.97
C VAL A 807 -18.37 19.58 73.81
N SER A 808 -17.08 19.35 74.01
CA SER A 808 -16.64 18.20 74.78
C SER A 808 -16.65 18.52 76.27
N GLY A 809 -17.13 17.57 77.06
CA GLY A 809 -17.21 17.80 78.50
C GLY A 809 -17.76 16.58 79.17
N CYS A 810 -17.73 16.62 80.51
CA CYS A 810 -18.15 15.48 81.31
C CYS A 810 -19.68 15.49 81.46
N VAL A 811 -20.30 14.35 81.15
CA VAL A 811 -21.75 14.21 81.05
C VAL A 811 -22.16 12.95 81.79
N CYS A 812 -23.27 13.03 82.53
CA CYS A 812 -23.71 11.91 83.33
C CYS A 812 -24.06 10.71 82.44
N PRO A 813 -23.91 9.49 82.96
CA PRO A 813 -24.26 8.31 82.18
C PRO A 813 -25.75 8.26 81.92
N PRO A 814 -26.18 7.58 80.87
CA PRO A 814 -27.62 7.56 80.53
C PRO A 814 -28.47 7.03 81.67
N GLY A 815 -29.65 7.61 81.82
CA GLY A 815 -30.54 7.31 82.92
C GLY A 815 -30.54 8.33 84.03
N LEU A 816 -29.59 9.26 84.02
CA LEU A 816 -29.48 10.28 85.04
C LEU A 816 -29.37 11.65 84.37
N VAL A 817 -29.28 12.69 85.20
CA VAL A 817 -28.98 14.04 84.78
C VAL A 817 -27.95 14.60 85.75
N SER A 818 -27.57 15.85 85.55
CA SER A 818 -26.65 16.51 86.46
C SER A 818 -27.40 17.50 87.35
N ASP A 819 -26.81 17.79 88.50
CA ASP A 819 -27.33 18.83 89.38
C ASP A 819 -26.88 20.22 88.97
N GLY A 820 -26.04 20.33 87.94
CA GLY A 820 -25.43 21.58 87.56
C GLY A 820 -24.12 21.87 88.26
N SER A 821 -23.70 21.03 89.20
CA SER A 821 -22.48 21.24 89.97
C SER A 821 -21.50 20.08 89.81
N GLY A 822 -21.74 19.18 88.87
CA GLY A 822 -20.86 18.05 88.65
C GLY A 822 -21.33 16.72 89.21
N GLY A 823 -22.52 16.65 89.78
CA GLY A 823 -23.07 15.41 90.28
C GLY A 823 -23.99 14.74 89.27
N CYS A 824 -24.50 13.58 89.68
CA CYS A 824 -25.47 12.84 88.88
C CYS A 824 -26.65 12.46 89.75
N ILE A 825 -27.85 12.80 89.29
CA ILE A 825 -29.08 12.60 90.05
C ILE A 825 -30.11 12.00 89.11
N ALA A 826 -30.96 11.13 89.65
CA ALA A 826 -32.05 10.57 88.85
C ALA A 826 -33.01 11.68 88.42
N GLU A 827 -33.72 11.42 87.33
CA GLU A 827 -34.64 12.41 86.76
C GLU A 827 -35.87 12.64 87.60
N GLU A 828 -36.14 11.80 88.59
CA GLU A 828 -37.31 11.95 89.44
C GLU A 828 -36.96 12.55 90.80
N ASP A 829 -35.82 13.22 90.92
CA ASP A 829 -35.47 13.95 92.13
C ASP A 829 -34.83 15.29 91.83
N CYS A 830 -35.02 15.79 90.62
CA CYS A 830 -34.41 17.06 90.23
C CYS A 830 -34.99 18.20 91.06
N PRO A 831 -34.16 19.03 91.70
CA PRO A 831 -34.69 20.11 92.54
C PRO A 831 -35.54 21.09 91.74
N CYS A 832 -36.59 21.59 92.37
CA CYS A 832 -37.46 22.58 91.76
C CYS A 832 -36.96 23.98 92.10
N VAL A 833 -36.97 24.85 91.09
CA VAL A 833 -36.46 26.20 91.20
C VAL A 833 -37.64 27.17 91.16
N HIS A 834 -37.70 28.06 92.14
CA HIS A 834 -38.78 29.05 92.19
C HIS A 834 -38.23 30.35 92.74
N ASN A 835 -38.27 31.41 91.91
CA ASN A 835 -37.89 32.76 92.32
C ASN A 835 -36.43 32.82 92.74
N GLU A 836 -35.55 32.35 91.85
CA GLU A 836 -34.11 32.41 92.02
C GLU A 836 -33.65 31.42 93.08
N ALA A 837 -34.59 30.84 93.80
CA ALA A 837 -34.25 29.85 94.81
C ALA A 837 -34.15 28.46 94.18
N THR A 838 -33.67 27.52 94.97
CA THR A 838 -33.68 26.11 94.59
C THR A 838 -34.16 25.30 95.79
N TYR A 839 -35.09 24.38 95.56
CA TYR A 839 -35.68 23.60 96.61
C TYR A 839 -35.50 22.12 96.32
N LYS A 840 -35.01 21.37 97.31
CA LYS A 840 -34.92 19.93 97.16
C LYS A 840 -36.32 19.31 97.20
N PRO A 841 -36.52 18.18 96.54
CA PRO A 841 -37.81 17.50 96.64
C PRO A 841 -38.11 17.15 98.09
N GLY A 842 -39.38 17.34 98.47
CA GLY A 842 -39.78 17.25 99.86
C GLY A 842 -39.88 18.59 100.56
N GLU A 843 -39.54 19.68 99.89
CA GLU A 843 -39.68 21.02 100.44
C GLU A 843 -40.99 21.63 99.99
N THR A 844 -41.55 22.48 100.85
CA THR A 844 -42.80 23.16 100.54
C THR A 844 -42.59 24.66 100.56
N ILE A 845 -43.40 25.36 99.77
CA ILE A 845 -43.37 26.81 99.71
C ILE A 845 -44.80 27.31 99.80
N ARG A 846 -44.93 28.59 100.16
CA ARG A 846 -46.23 29.25 100.24
C ARG A 846 -46.27 30.36 99.19
N VAL A 847 -47.21 30.24 98.25
CA VAL A 847 -47.45 31.27 97.26
C VAL A 847 -48.84 31.86 97.53
N ASP A 848 -48.88 33.19 97.71
CA ASP A 848 -50.10 33.90 98.07
C ASP A 848 -50.77 33.23 99.27
N CYS A 849 -51.95 32.63 99.05
CA CYS A 849 -52.72 32.03 100.12
C CYS A 849 -52.63 30.51 100.14
N ASN A 850 -51.93 29.92 99.19
CA ASN A 850 -51.85 28.47 99.05
C ASN A 850 -50.41 28.02 99.21
N THR A 851 -50.24 26.70 99.33
CA THR A 851 -48.93 26.10 99.54
C THR A 851 -48.70 25.04 98.48
N CYS A 852 -47.53 25.10 97.85
CA CYS A 852 -47.10 24.10 96.89
C CYS A 852 -45.99 23.25 97.47
N THR A 853 -45.80 22.08 96.86
CA THR A 853 -44.72 21.17 97.23
C THR A 853 -44.05 20.67 95.96
N CYS A 854 -42.73 20.49 96.03
CA CYS A 854 -41.90 20.16 94.89
C CYS A 854 -41.84 18.64 94.72
N ARG A 855 -42.37 18.16 93.59
CA ARG A 855 -42.33 16.73 93.27
C ARG A 855 -42.13 16.57 91.77
N ASN A 856 -41.15 15.74 91.41
CA ASN A 856 -40.88 15.41 90.02
C ASN A 856 -40.75 16.65 89.16
N ARG A 857 -39.94 17.60 89.65
CA ARG A 857 -39.70 18.88 88.97
C ARG A 857 -41.01 19.62 88.70
N ARG A 858 -41.93 19.59 89.66
CA ARG A 858 -43.18 20.32 89.53
C ARG A 858 -43.63 20.80 90.89
N TRP A 859 -44.62 21.67 90.89
CA TRP A 859 -45.25 22.14 92.11
C TRP A 859 -46.69 21.67 92.15
N GLU A 860 -47.05 20.91 93.19
CA GLU A 860 -48.44 20.59 93.47
C GLU A 860 -48.91 21.49 94.60
N CYS A 861 -49.92 22.30 94.32
CA CYS A 861 -50.39 23.32 95.25
C CYS A 861 -51.80 23.00 95.69
N SER A 862 -52.09 23.30 96.96
CA SER A 862 -53.45 23.23 97.44
C SER A 862 -54.32 24.16 96.61
N HIS A 863 -55.59 23.81 96.49
CA HIS A 863 -56.50 24.53 95.59
C HIS A 863 -57.44 25.46 96.32
N ARG A 864 -56.98 26.08 97.40
CA ARG A 864 -57.79 27.08 98.10
C ARG A 864 -57.86 28.36 97.27
N LEU A 865 -59.05 28.94 97.18
CA LEU A 865 -59.20 30.22 96.51
C LEU A 865 -58.49 31.32 97.29
N CYS A 866 -57.98 32.31 96.56
CA CYS A 866 -57.27 33.44 97.14
C CYS A 866 -58.01 34.74 96.82
N LEU A 867 -58.08 35.61 97.82
CA LEU A 867 -58.81 36.87 97.67
C LEU A 867 -58.16 37.78 96.66
N GLY A 868 -58.95 38.34 95.76
CA GLY A 868 -58.44 39.38 94.89
C GLY A 868 -58.10 40.63 95.68
N THR A 869 -57.13 41.39 95.18
CA THR A 869 -56.60 42.52 95.92
C THR A 869 -56.49 43.75 95.04
N CYS A 870 -57.10 44.83 95.48
CA CYS A 870 -56.95 46.15 94.88
C CYS A 870 -56.18 47.03 95.86
N VAL A 871 -55.31 47.89 95.33
CA VAL A 871 -54.50 48.75 96.18
C VAL A 871 -54.56 50.16 95.64
N ALA A 872 -55.03 51.09 96.47
CA ALA A 872 -55.17 52.49 96.09
C ALA A 872 -54.38 53.30 97.11
N TYR A 873 -53.21 53.81 96.72
CA TYR A 873 -52.34 54.42 97.71
C TYR A 873 -51.57 55.59 97.11
N GLY A 874 -50.82 56.28 97.96
CA GLY A 874 -49.90 57.30 97.56
C GLY A 874 -50.57 58.51 96.94
N ASP A 875 -49.85 59.17 96.04
CA ASP A 875 -50.36 60.30 95.30
C ASP A 875 -51.36 59.90 94.22
N GLY A 876 -51.79 58.64 94.22
CA GLY A 876 -52.81 58.22 93.29
C GLY A 876 -52.45 56.96 92.55
N HIS A 877 -51.44 56.23 93.01
CA HIS A 877 -51.15 54.95 92.39
C HIS A 877 -52.29 53.99 92.67
N PHE A 878 -52.66 53.22 91.66
CA PHE A 878 -53.61 52.13 91.81
C PHE A 878 -53.04 50.86 91.22
N ILE A 879 -53.28 49.76 91.91
CA ILE A 879 -53.00 48.41 91.43
C ILE A 879 -54.33 47.70 91.49
N THR A 880 -55.02 47.59 90.36
CA THR A 880 -56.37 47.04 90.38
C THR A 880 -56.35 45.55 90.70
N PHE A 881 -57.55 44.97 90.67
CA PHE A 881 -57.70 43.58 91.05
C PHE A 881 -56.97 42.65 90.09
N ASP A 882 -57.03 42.95 88.79
CA ASP A 882 -56.42 42.13 87.75
C ASP A 882 -54.93 42.36 87.62
N GLY A 883 -54.30 43.07 88.56
CA GLY A 883 -52.87 43.25 88.55
C GLY A 883 -52.36 44.42 87.75
N ASP A 884 -53.22 45.15 87.06
CA ASP A 884 -52.76 46.32 86.32
C ASP A 884 -52.35 47.42 87.29
N ARG A 885 -51.40 48.23 86.85
CA ARG A 885 -50.89 49.34 87.66
C ARG A 885 -50.98 50.63 86.86
N TYR A 886 -51.37 51.70 87.52
CA TYR A 886 -51.36 53.01 86.88
C TYR A 886 -51.38 54.09 87.95
N SER A 887 -51.31 55.33 87.51
CA SER A 887 -51.28 56.48 88.41
C SER A 887 -52.31 57.49 87.93
N PHE A 888 -53.09 58.00 88.87
CA PHE A 888 -54.14 58.96 88.54
C PHE A 888 -54.29 59.92 89.70
N GLU A 889 -54.07 61.20 89.44
CA GLU A 889 -54.17 62.24 90.47
C GLU A 889 -55.52 62.91 90.34
N GLY A 890 -56.50 62.36 91.04
CA GLY A 890 -57.85 62.90 91.04
C GLY A 890 -58.12 63.66 92.32
N SER A 891 -59.05 64.62 92.24
CA SER A 891 -59.37 65.47 93.37
C SER A 891 -60.81 65.34 93.85
N CYS A 892 -61.71 64.82 93.02
CA CYS A 892 -63.11 64.66 93.40
C CYS A 892 -63.33 63.26 93.96
N GLU A 893 -64.59 62.87 94.12
CA GLU A 893 -64.92 61.57 94.65
C GLU A 893 -64.97 60.53 93.53
N TYR A 894 -64.22 59.45 93.71
CA TYR A 894 -64.07 58.44 92.66
C TYR A 894 -64.46 57.08 93.19
N ILE A 895 -65.27 56.36 92.41
CA ILE A 895 -65.80 55.07 92.82
C ILE A 895 -64.66 54.06 92.79
N LEU A 896 -64.12 53.73 93.97
CA LEU A 896 -63.02 52.77 94.00
C LEU A 896 -63.51 51.36 93.73
N ALA A 897 -64.78 51.09 94.00
CA ALA A 897 -65.37 49.80 93.65
C ALA A 897 -66.88 49.92 93.75
N GLN A 898 -67.58 48.97 93.12
CA GLN A 898 -69.02 48.85 93.33
C GLN A 898 -69.51 47.62 92.58
N ASP A 899 -70.62 47.06 93.07
CA ASP A 899 -71.42 46.12 92.30
C ASP A 899 -72.53 46.81 91.55
N TYR A 900 -72.67 48.13 91.71
CA TYR A 900 -73.74 48.88 91.06
C TYR A 900 -73.34 49.27 89.65
N CYS A 901 -73.03 48.24 88.86
CA CYS A 901 -72.83 48.39 87.42
C CYS A 901 -73.21 47.08 86.77
N GLY A 902 -74.26 47.11 85.96
CA GLY A 902 -74.72 45.92 85.28
C GLY A 902 -76.07 46.17 84.64
N ASP A 903 -76.48 45.19 83.82
CA ASP A 903 -77.79 45.28 83.18
C ASP A 903 -78.88 45.45 84.22
N ASN A 904 -78.62 44.98 85.43
CA ASN A 904 -79.38 45.29 86.63
C ASN A 904 -78.38 45.84 87.64
N THR A 905 -78.57 47.08 88.07
CA THR A 905 -77.71 47.62 89.12
C THR A 905 -78.15 47.15 90.49
N THR A 906 -79.41 46.76 90.66
CA THR A 906 -80.00 46.59 91.98
C THR A 906 -79.81 45.19 92.57
N HIS A 907 -79.25 44.24 91.83
CA HIS A 907 -78.84 43.01 92.48
C HIS A 907 -77.43 43.12 93.04
N GLY A 908 -76.78 44.28 92.87
CA GLY A 908 -75.50 44.53 93.51
C GLY A 908 -75.66 45.04 94.93
N THR A 909 -74.58 44.93 95.71
CA THR A 909 -74.68 45.22 97.13
C THR A 909 -73.86 46.45 97.54
N PHE A 910 -72.55 46.47 97.32
CA PHE A 910 -71.70 47.44 98.00
C PHE A 910 -71.21 48.51 97.04
N ARG A 911 -70.46 49.46 97.60
CA ARG A 911 -69.93 50.60 96.86
C ARG A 911 -68.88 51.31 97.68
N ILE A 912 -67.73 51.61 97.10
CA ILE A 912 -66.64 52.26 97.80
C ILE A 912 -66.16 53.44 96.97
N VAL A 913 -66.24 54.64 97.55
CA VAL A 913 -65.76 55.87 96.95
C VAL A 913 -64.61 56.39 97.79
N THR A 914 -63.65 57.05 97.14
CA THR A 914 -62.54 57.68 97.84
C THR A 914 -62.27 59.04 97.21
N GLU A 915 -61.64 59.92 97.99
CA GLU A 915 -61.19 61.20 97.49
C GLU A 915 -60.07 61.68 98.38
N ASN A 916 -59.27 62.60 97.85
CA ASN A 916 -58.02 62.98 98.48
C ASN A 916 -58.24 64.18 99.41
N ILE A 917 -58.13 63.95 100.70
CA ILE A 917 -58.17 65.02 101.69
C ILE A 917 -56.80 65.64 101.85
N PRO A 918 -56.66 66.94 101.83
CA PRO A 918 -55.50 67.56 102.45
C PRO A 918 -55.81 67.79 103.93
N CYS A 919 -54.85 67.49 104.81
CA CYS A 919 -55.13 67.48 106.23
C CYS A 919 -54.86 68.81 106.91
N GLY A 920 -54.18 69.74 106.25
CA GLY A 920 -53.90 71.02 106.88
C GLY A 920 -53.97 72.21 105.96
N THR A 921 -54.30 71.98 104.69
CA THR A 921 -54.28 73.02 103.69
C THR A 921 -55.22 72.62 102.57
N THR A 922 -55.10 73.28 101.42
CA THR A 922 -55.72 72.84 100.17
C THR A 922 -54.61 72.79 99.14
N GLY A 923 -53.86 71.69 99.16
CA GLY A 923 -52.70 71.54 98.31
C GLY A 923 -52.47 70.10 97.91
N THR A 924 -51.25 69.61 98.10
CA THR A 924 -50.97 68.20 97.88
C THR A 924 -51.70 67.35 98.91
N THR A 925 -52.10 66.15 98.48
CA THR A 925 -52.95 65.30 99.31
C THR A 925 -52.20 64.87 100.56
N CYS A 926 -52.93 64.72 101.66
CA CYS A 926 -52.36 64.27 102.91
C CYS A 926 -53.05 63.05 103.47
N SER A 927 -54.31 62.82 103.12
CA SER A 927 -55.03 61.64 103.56
C SER A 927 -56.18 61.39 102.60
N LYS A 928 -57.03 60.44 102.95
CA LYS A 928 -58.14 60.02 102.09
C LYS A 928 -59.46 60.21 102.81
N ALA A 929 -60.53 59.89 102.09
CA ALA A 929 -61.88 59.87 102.65
C ALA A 929 -62.65 58.79 101.94
N ILE A 930 -62.98 57.73 102.66
CA ILE A 930 -63.60 56.55 102.10
C ILE A 930 -65.09 56.59 102.42
N LYS A 931 -65.92 56.06 101.53
CA LYS A 931 -67.36 55.91 101.79
C LYS A 931 -67.77 54.48 101.50
N LEU A 932 -67.61 53.61 102.49
CA LEU A 932 -67.98 52.21 102.42
C LEU A 932 -69.49 52.05 102.57
N PHE A 933 -70.20 52.08 101.44
CA PHE A 933 -71.62 51.73 101.47
C PHE A 933 -71.75 50.22 101.44
N VAL A 934 -72.67 49.68 102.23
CA VAL A 934 -73.01 48.26 102.18
C VAL A 934 -74.53 48.19 102.22
N GLU A 935 -75.15 47.88 101.07
CA GLU A 935 -76.59 47.85 100.94
C GLU A 935 -77.19 49.17 101.40
N SER A 936 -77.91 49.16 102.52
CA SER A 936 -78.52 50.37 103.05
C SER A 936 -77.69 51.04 104.13
N TYR A 937 -76.58 50.44 104.55
CA TYR A 937 -75.73 51.07 105.54
C TYR A 937 -74.79 52.06 104.86
N GLU A 938 -73.82 52.55 105.62
CA GLU A 938 -72.86 53.52 105.13
C GLU A 938 -71.80 53.69 106.21
N LEU A 939 -70.54 53.85 105.79
CA LEU A 939 -69.46 54.16 106.72
C LEU A 939 -68.50 55.14 106.10
N ILE A 940 -68.33 56.30 106.72
CA ILE A 940 -67.37 57.30 106.25
C ILE A 940 -66.08 57.10 107.03
N LEU A 941 -64.98 56.95 106.31
CA LEU A 941 -63.65 56.79 106.89
C LEU A 941 -62.89 58.07 106.63
N GLN A 942 -62.68 58.88 107.66
CA GLN A 942 -61.90 60.09 107.46
C GLN A 942 -61.20 60.46 108.75
N GLU A 943 -60.18 61.31 108.62
CA GLU A 943 -59.62 62.07 109.72
C GLU A 943 -58.99 61.19 110.80
N GLY A 944 -59.05 59.87 110.65
CA GLY A 944 -58.38 58.97 111.55
C GLY A 944 -59.23 57.88 112.12
N THR A 945 -60.56 57.99 112.04
CA THR A 945 -61.44 56.92 112.48
C THR A 945 -62.65 56.86 111.55
N PHE A 946 -63.62 56.05 111.95
CA PHE A 946 -64.79 55.74 111.15
C PHE A 946 -66.02 56.44 111.71
N LYS A 947 -67.11 56.33 110.96
CA LYS A 947 -68.40 56.80 111.42
C LYS A 947 -69.48 55.83 110.98
N ALA A 948 -70.73 56.20 111.14
CA ALA A 948 -71.84 55.39 110.67
C ALA A 948 -73.02 56.30 110.44
N VAL A 949 -73.53 56.32 109.21
CA VAL A 949 -74.65 57.17 108.84
C VAL A 949 -75.75 56.25 108.34
N ALA A 950 -75.89 55.09 108.97
CA ALA A 950 -76.93 54.14 108.58
C ALA A 950 -78.28 54.83 108.45
N ARG A 951 -78.82 54.81 107.22
CA ARG A 951 -80.08 55.47 106.91
C ARG A 951 -81.21 54.53 106.59
N GLY A 952 -80.92 53.38 105.99
CA GLY A 952 -81.95 52.47 105.53
C GLY A 952 -82.49 51.58 106.61
N PRO A 953 -82.92 50.37 106.23
CA PRO A 953 -83.39 49.39 107.22
C PRO A 953 -82.39 49.14 108.34
N GLY A 954 -82.84 49.25 109.58
CA GLY A 954 -81.97 49.14 110.73
C GLY A 954 -81.84 47.76 111.34
N GLY A 955 -81.17 46.84 110.64
CA GLY A 955 -80.86 45.53 111.16
C GLY A 955 -79.50 45.49 111.81
N ASP A 956 -78.98 44.29 111.97
CA ASP A 956 -77.61 44.18 112.48
C ASP A 956 -76.62 44.60 111.40
N PRO A 957 -75.41 44.98 111.80
CA PRO A 957 -74.39 45.36 110.82
C PRO A 957 -74.05 44.20 109.89
N PRO A 958 -74.08 44.42 108.58
CA PRO A 958 -73.47 43.46 107.65
C PRO A 958 -71.95 43.59 107.56
N TYR A 959 -71.35 44.37 108.45
CA TYR A 959 -69.92 44.59 108.51
C TYR A 959 -69.42 44.27 109.91
N LYS A 960 -68.10 44.18 110.03
CA LYS A 960 -67.43 44.08 111.31
C LYS A 960 -66.22 45.00 111.26
N ILE A 961 -65.84 45.56 112.39
CA ILE A 961 -64.80 46.56 112.47
C ILE A 961 -63.70 46.04 113.37
N ARG A 962 -62.45 46.24 112.97
CA ARG A 962 -61.32 45.76 113.74
C ARG A 962 -60.13 46.69 113.57
N TYR A 963 -59.27 46.69 114.57
CA TYR A 963 -58.07 47.53 114.59
C TYR A 963 -56.89 46.61 114.29
N MET A 964 -56.62 46.42 113.00
CA MET A 964 -55.59 45.49 112.56
C MET A 964 -54.29 46.24 112.46
N GLY A 965 -53.50 46.22 113.52
CA GLY A 965 -52.22 46.91 113.53
C GLY A 965 -52.36 48.41 113.37
N ILE A 966 -51.97 48.92 112.20
CA ILE A 966 -52.11 50.34 111.90
C ILE A 966 -53.22 50.54 110.88
N PHE A 967 -54.18 49.62 110.85
CA PHE A 967 -55.22 49.63 109.85
C PHE A 967 -56.58 49.57 110.52
N LEU A 968 -57.54 50.29 109.96
CA LEU A 968 -58.94 50.00 110.17
C LEU A 968 -59.34 48.95 109.17
N VAL A 969 -59.81 47.80 109.64
CA VAL A 969 -60.26 46.74 108.76
C VAL A 969 -61.74 46.58 108.96
N ILE A 970 -62.48 46.62 107.86
CA ILE A 970 -63.92 46.49 107.89
C ILE A 970 -64.27 45.33 106.99
N GLU A 971 -64.86 44.28 107.55
CA GLU A 971 -65.23 43.11 106.80
C GLU A 971 -66.72 43.12 106.49
N THR A 972 -67.09 42.38 105.46
CA THR A 972 -68.48 42.10 105.13
C THR A 972 -68.65 40.65 104.72
N HIS A 973 -67.83 39.76 105.30
CA HIS A 973 -67.92 38.31 105.15
C HIS A 973 -67.44 37.84 103.77
N GLY A 974 -67.25 38.78 102.84
CA GLY A 974 -66.68 38.45 101.54
C GLY A 974 -65.89 39.58 100.93
N MET A 975 -65.69 40.65 101.70
CA MET A 975 -65.16 41.90 101.17
C MET A 975 -64.56 42.68 102.34
N ALA A 976 -63.23 42.64 102.46
CA ALA A 976 -62.52 43.23 103.59
C ALA A 976 -61.70 44.42 103.13
N VAL A 977 -61.97 45.58 103.73
CA VAL A 977 -61.31 46.83 103.38
C VAL A 977 -60.34 47.20 104.50
N SER A 978 -59.09 47.48 104.14
CA SER A 978 -58.08 47.86 105.11
C SER A 978 -57.57 49.24 104.77
N TRP A 979 -57.61 50.14 105.74
CA TRP A 979 -57.27 51.54 105.56
C TRP A 979 -56.14 51.88 106.52
N ASP A 980 -55.04 52.40 106.01
CA ASP A 980 -53.90 52.62 106.90
C ASP A 980 -54.10 53.80 107.83
N ARG A 981 -55.26 54.44 107.76
CA ARG A 981 -55.69 55.63 108.48
C ARG A 981 -55.08 56.89 107.92
N LYS A 982 -54.16 56.83 106.96
CA LYS A 982 -53.73 58.05 106.29
C LYS A 982 -54.05 58.03 104.81
N THR A 983 -53.43 57.17 104.00
CA THR A 983 -53.63 57.35 102.56
C THR A 983 -53.63 56.08 101.71
N SER A 984 -53.51 54.87 102.27
CA SER A 984 -53.50 53.67 101.46
C SER A 984 -54.68 52.79 101.84
N VAL A 985 -55.36 52.27 100.82
CA VAL A 985 -56.49 51.37 100.99
C VAL A 985 -56.16 50.09 100.25
N PHE A 986 -56.24 48.97 100.94
CA PHE A 986 -56.09 47.65 100.32
C PHE A 986 -57.41 46.91 100.50
N ILE A 987 -58.03 46.53 99.39
CA ILE A 987 -59.32 45.85 99.42
C ILE A 987 -59.11 44.41 98.97
N ARG A 988 -59.62 43.48 99.76
CA ARG A 988 -59.48 42.06 99.47
C ARG A 988 -60.87 41.45 99.35
N LEU A 989 -61.18 40.91 98.19
CA LEU A 989 -62.48 40.38 97.84
C LEU A 989 -62.43 38.86 97.71
N HIS A 990 -63.55 38.23 98.03
CA HIS A 990 -63.70 36.81 97.74
C HIS A 990 -63.79 36.61 96.23
N GLN A 991 -63.57 35.36 95.81
CA GLN A 991 -63.65 35.05 94.38
C GLN A 991 -65.08 35.11 93.85
N ASP A 992 -66.06 35.24 94.73
CA ASP A 992 -67.45 35.33 94.27
C ASP A 992 -67.67 36.54 93.39
N TYR A 993 -67.11 37.68 93.77
CA TYR A 993 -67.39 38.93 93.08
C TYR A 993 -66.65 39.07 91.78
N LYS A 994 -66.08 38.00 91.26
CA LYS A 994 -65.26 38.06 90.07
C LYS A 994 -66.09 38.48 88.88
N GLY A 995 -65.61 39.49 88.15
CA GLY A 995 -66.24 39.92 86.92
C GLY A 995 -67.44 40.81 87.08
N ARG A 996 -67.92 41.04 88.31
CA ARG A 996 -69.16 41.78 88.54
C ARG A 996 -68.94 43.10 89.28
N VAL A 997 -67.70 43.51 89.50
CA VAL A 997 -67.39 44.78 90.12
C VAL A 997 -66.85 45.74 89.06
N CYS A 998 -66.67 46.99 89.44
CA CYS A 998 -66.16 48.00 88.52
C CYS A 998 -65.57 49.15 89.32
N GLY A 999 -65.33 50.29 88.66
CA GLY A 999 -64.73 51.42 89.31
C GLY A 999 -63.25 51.57 89.02
N LEU A 1000 -62.46 52.06 89.98
CA LEU A 1000 -61.03 52.25 89.79
C LEU A 1000 -60.21 51.04 90.19
N CYS A 1001 -60.84 49.96 90.63
CA CYS A 1001 -60.15 48.69 90.82
C CYS A 1001 -60.47 47.70 89.71
N GLY A 1002 -60.76 48.21 88.51
CA GLY A 1002 -61.04 47.35 87.40
C GLY A 1002 -62.35 46.60 87.61
N ASN A 1003 -62.54 45.59 86.78
CA ASN A 1003 -63.74 44.76 86.86
C ASN A 1003 -63.44 43.35 87.34
N PHE A 1004 -62.23 43.09 87.82
CA PHE A 1004 -61.89 41.81 88.42
C PHE A 1004 -62.27 40.65 87.51
N ASP A 1005 -61.65 40.62 86.34
CA ASP A 1005 -61.96 39.60 85.36
C ASP A 1005 -60.76 38.78 84.94
N ASP A 1006 -59.61 38.94 85.62
CA ASP A 1006 -58.35 38.33 85.21
C ASP A 1006 -58.02 38.68 83.76
N ASN A 1007 -58.26 39.94 83.41
CA ASN A 1007 -57.96 40.45 82.07
C ASN A 1007 -57.58 41.92 82.27
N ALA A 1008 -56.28 42.15 82.42
CA ALA A 1008 -55.80 43.46 82.85
C ALA A 1008 -55.71 44.47 81.71
N ILE A 1009 -55.79 44.03 80.46
CA ILE A 1009 -55.66 44.96 79.36
C ILE A 1009 -56.88 45.86 79.26
N ASN A 1010 -58.07 45.31 79.51
CA ASN A 1010 -59.31 46.03 79.36
C ASN A 1010 -59.81 46.64 80.66
N ASP A 1011 -59.00 46.62 81.72
CA ASP A 1011 -59.43 47.19 82.98
C ASP A 1011 -59.60 48.69 82.93
N PHE A 1012 -59.14 49.34 81.87
CA PHE A 1012 -59.43 50.76 81.68
C PHE A 1012 -60.79 50.92 81.03
N ALA A 1013 -61.81 50.32 81.62
CA ALA A 1013 -63.17 50.37 81.10
C ALA A 1013 -63.93 51.47 81.83
N THR A 1014 -64.34 52.50 81.09
CA THR A 1014 -64.92 53.70 81.68
C THR A 1014 -66.37 53.43 82.04
N ARG A 1015 -67.11 54.51 82.34
CA ARG A 1015 -68.51 54.37 82.70
C ARG A 1015 -69.31 53.68 81.61
N SER A 1016 -69.08 54.07 80.37
CA SER A 1016 -69.79 53.49 79.25
C SER A 1016 -69.08 52.27 78.68
N ARG A 1017 -68.12 51.71 79.42
CA ARG A 1017 -67.38 50.51 79.01
C ARG A 1017 -66.79 50.67 77.61
N SER A 1018 -66.06 51.77 77.41
CA SER A 1018 -65.33 52.03 76.18
C SER A 1018 -63.84 52.01 76.52
N VAL A 1019 -63.25 50.81 76.47
CA VAL A 1019 -61.89 50.61 76.98
C VAL A 1019 -60.95 51.59 76.31
N VAL A 1020 -60.23 52.36 77.12
CA VAL A 1020 -59.34 53.40 76.65
C VAL A 1020 -57.91 53.00 76.95
N GLY A 1021 -56.99 53.57 76.19
CA GLY A 1021 -55.57 53.39 76.43
C GLY A 1021 -54.96 54.46 77.30
N ASP A 1022 -55.78 55.26 77.96
CA ASP A 1022 -55.32 56.40 78.75
C ASP A 1022 -55.84 56.28 80.17
N ALA A 1023 -55.01 56.68 81.14
CA ALA A 1023 -55.43 56.64 82.53
C ALA A 1023 -56.33 57.82 82.90
N LEU A 1024 -56.08 58.98 82.30
CA LEU A 1024 -56.84 60.18 82.68
C LEU A 1024 -58.32 60.03 82.36
N GLU A 1025 -58.65 59.49 81.18
CA GLU A 1025 -60.06 59.30 80.85
C GLU A 1025 -60.71 58.26 81.74
N PHE A 1026 -59.99 57.18 82.05
CA PHE A 1026 -60.55 56.15 82.91
C PHE A 1026 -60.84 56.69 84.31
N GLY A 1027 -59.95 57.51 84.84
CA GLY A 1027 -60.24 58.14 86.12
C GLY A 1027 -61.37 59.13 86.05
N ASN A 1028 -61.38 59.97 85.01
CA ASN A 1028 -62.42 60.98 84.85
C ASN A 1028 -63.80 60.36 84.70
N SER A 1029 -63.87 59.11 84.22
CA SER A 1029 -65.18 58.49 84.06
C SER A 1029 -65.87 58.29 85.39
N TRP A 1030 -65.14 57.82 86.40
CA TRP A 1030 -65.76 57.33 87.63
C TRP A 1030 -65.88 58.40 88.71
N LYS A 1031 -65.90 59.67 88.35
CA LYS A 1031 -66.20 60.70 89.33
C LYS A 1031 -67.69 60.66 89.68
N LEU A 1032 -67.99 60.85 90.97
CA LEU A 1032 -69.38 60.76 91.42
C LEU A 1032 -70.23 61.87 90.83
N SER A 1033 -69.79 63.11 90.94
CA SER A 1033 -70.60 64.24 90.53
C SER A 1033 -70.13 64.75 89.19
N PRO A 1034 -70.93 64.63 88.13
CA PRO A 1034 -70.49 65.13 86.82
C PRO A 1034 -70.21 66.62 86.79
N SER A 1035 -70.72 67.38 87.77
CA SER A 1035 -70.37 68.79 87.85
C SER A 1035 -68.88 69.00 88.11
N CYS A 1036 -68.23 68.03 88.75
CA CYS A 1036 -66.83 68.20 89.11
C CYS A 1036 -65.96 68.35 87.86
N PRO A 1037 -64.94 69.20 87.90
CA PRO A 1037 -64.06 69.35 86.75
C PRO A 1037 -63.15 68.14 86.58
N ASP A 1038 -62.91 67.78 85.33
CA ASP A 1038 -62.00 66.68 85.03
C ASP A 1038 -60.58 67.06 85.41
N ALA A 1039 -59.84 66.11 85.95
CA ALA A 1039 -58.43 66.33 86.24
C ALA A 1039 -57.67 66.55 84.95
N LEU A 1040 -56.72 67.49 84.98
CA LEU A 1040 -55.91 67.77 83.81
C LEU A 1040 -54.77 66.76 83.75
N ALA A 1041 -53.81 67.01 82.89
CA ALA A 1041 -52.69 66.10 82.72
C ALA A 1041 -51.87 66.06 84.00
N PRO A 1042 -51.67 64.89 84.61
CA PRO A 1042 -50.77 64.80 85.76
C PRO A 1042 -49.36 65.19 85.37
N LYS A 1043 -48.64 65.79 86.32
CA LYS A 1043 -47.32 66.34 86.07
C LYS A 1043 -46.29 65.52 86.83
N ASP A 1044 -45.18 65.21 86.16
CA ASP A 1044 -44.17 64.35 86.75
C ASP A 1044 -43.50 65.07 87.92
N PRO A 1045 -43.55 64.52 89.13
CA PRO A 1045 -43.10 65.26 90.31
C PRO A 1045 -41.63 65.64 90.29
N CYS A 1046 -40.75 64.67 90.02
CA CYS A 1046 -39.32 64.92 90.13
C CYS A 1046 -38.86 65.96 89.13
N THR A 1047 -39.44 65.97 87.93
CA THR A 1047 -39.15 67.03 86.99
C THR A 1047 -39.58 68.39 87.53
N ALA A 1048 -40.75 68.44 88.18
CA ALA A 1048 -41.27 69.69 88.68
C ALA A 1048 -40.37 70.30 89.74
N ASN A 1049 -39.87 69.48 90.65
CA ASN A 1049 -39.08 69.94 91.79
C ASN A 1049 -37.79 69.15 91.84
N PRO A 1050 -36.82 69.49 91.00
CA PRO A 1050 -35.58 68.69 90.95
C PRO A 1050 -34.83 68.67 92.26
N PHE A 1051 -34.92 69.74 93.06
CA PHE A 1051 -34.12 69.85 94.27
C PHE A 1051 -34.54 68.84 95.33
N ARG A 1052 -35.69 68.19 95.18
CA ARG A 1052 -36.06 67.11 96.07
C ARG A 1052 -35.55 65.76 95.58
N LYS A 1053 -35.37 65.63 94.26
CA LYS A 1053 -35.17 64.32 93.66
C LYS A 1053 -34.07 63.54 94.34
N SER A 1054 -32.91 64.17 94.51
CA SER A 1054 -31.78 63.49 95.15
C SER A 1054 -32.20 62.93 96.50
N TRP A 1055 -32.75 63.78 97.36
CA TRP A 1055 -33.23 63.32 98.65
C TRP A 1055 -34.17 62.14 98.46
N ALA A 1056 -35.15 62.30 97.57
CA ALA A 1056 -36.10 61.23 97.33
C ALA A 1056 -35.38 59.93 97.04
N GLN A 1057 -34.43 59.96 96.11
CA GLN A 1057 -33.75 58.72 95.75
C GLN A 1057 -33.01 58.16 96.94
N LYS A 1058 -32.31 59.03 97.69
CA LYS A 1058 -31.60 58.55 98.87
C LYS A 1058 -32.58 57.94 99.86
N GLN A 1059 -33.78 58.52 99.96
CA GLN A 1059 -34.78 57.91 100.82
C GLN A 1059 -35.34 56.65 100.20
N CYS A 1060 -35.59 56.65 98.89
CA CYS A 1060 -36.23 55.48 98.30
C CYS A 1060 -35.26 54.34 98.07
N SER A 1061 -33.95 54.63 98.05
CA SER A 1061 -32.94 53.59 97.90
C SER A 1061 -33.07 52.51 98.97
N ILE A 1062 -33.92 52.70 99.98
CA ILE A 1062 -34.12 51.68 100.98
C ILE A 1062 -34.65 50.42 100.32
N LEU A 1063 -35.33 50.55 99.17
CA LEU A 1063 -35.90 49.39 98.50
C LEU A 1063 -34.86 48.54 97.80
N HIS A 1064 -33.68 49.10 97.49
CA HIS A 1064 -32.62 48.30 96.89
C HIS A 1064 -31.63 47.75 97.91
N GLY A 1065 -31.60 48.31 99.11
CA GLY A 1065 -30.62 47.91 100.09
C GLY A 1065 -30.92 46.54 100.69
N PRO A 1066 -29.98 46.03 101.48
CA PRO A 1066 -30.13 44.67 102.02
C PRO A 1066 -31.32 44.51 102.93
N THR A 1067 -31.98 45.61 103.31
CA THR A 1067 -33.22 45.48 104.07
C THR A 1067 -34.27 44.73 103.27
N PHE A 1068 -34.37 45.03 101.99
CA PHE A 1068 -35.32 44.38 101.10
C PHE A 1068 -34.63 43.50 100.08
N ALA A 1069 -33.48 42.94 100.44
CA ALA A 1069 -32.78 42.04 99.53
C ALA A 1069 -33.58 40.78 99.26
N ALA A 1070 -34.20 40.21 100.31
CA ALA A 1070 -34.93 38.97 100.12
C ALA A 1070 -36.22 39.20 99.32
N CYS A 1071 -36.98 40.22 99.68
CA CYS A 1071 -38.28 40.41 99.04
C CYS A 1071 -38.14 40.78 97.57
N ARG A 1072 -37.05 41.44 97.18
CA ARG A 1072 -36.93 41.85 95.79
C ARG A 1072 -36.94 40.67 94.84
N SER A 1073 -36.68 39.47 95.33
CA SER A 1073 -36.76 38.28 94.52
C SER A 1073 -38.15 37.64 94.53
N GLN A 1074 -39.00 38.00 95.49
CA GLN A 1074 -40.35 37.47 95.54
C GLN A 1074 -41.40 38.41 94.98
N VAL A 1075 -41.17 39.72 95.05
CA VAL A 1075 -42.12 40.70 94.55
C VAL A 1075 -41.36 41.70 93.68
N ASP A 1076 -41.86 41.91 92.47
CA ASP A 1076 -41.23 42.87 91.57
C ASP A 1076 -41.40 44.27 92.13
N SER A 1077 -40.29 44.98 92.26
CA SER A 1077 -40.27 46.26 92.94
C SER A 1077 -39.86 47.41 92.05
N THR A 1078 -40.01 47.28 90.73
CA THR A 1078 -39.69 48.39 89.86
C THR A 1078 -40.71 49.51 90.02
N LYS A 1079 -41.98 49.21 89.76
CA LYS A 1079 -43.01 50.23 89.81
C LYS A 1079 -43.19 50.77 91.23
N TYR A 1080 -42.95 49.94 92.24
CA TYR A 1080 -43.00 50.44 93.60
C TYR A 1080 -41.92 51.49 93.83
N TYR A 1081 -40.71 51.27 93.31
CA TYR A 1081 -39.65 52.25 93.45
C TYR A 1081 -39.99 53.52 92.69
N GLU A 1082 -40.54 53.39 91.49
CA GLU A 1082 -40.94 54.58 90.76
C GLU A 1082 -41.98 55.37 91.54
N ALA A 1083 -42.93 54.66 92.15
CA ALA A 1083 -43.94 55.32 92.96
C ALA A 1083 -43.32 56.03 94.15
N CYS A 1084 -42.40 55.37 94.84
CA CYS A 1084 -41.75 55.98 96.00
C CYS A 1084 -41.05 57.26 95.60
N VAL A 1085 -40.28 57.21 94.52
CA VAL A 1085 -39.53 58.39 94.11
C VAL A 1085 -40.47 59.50 93.67
N ASN A 1086 -41.54 59.16 92.94
CA ASN A 1086 -42.50 60.17 92.51
C ASN A 1086 -43.17 60.83 93.71
N ASP A 1087 -43.57 60.03 94.70
CA ASP A 1087 -44.26 60.60 95.85
C ASP A 1087 -43.34 61.45 96.70
N ALA A 1088 -42.13 60.97 96.97
CA ALA A 1088 -41.18 61.78 97.73
C ALA A 1088 -40.74 63.02 96.98
N CYS A 1089 -40.83 63.02 95.65
CA CYS A 1089 -40.59 64.24 94.89
C CYS A 1089 -41.78 65.19 94.96
N ALA A 1090 -42.99 64.65 95.03
CA ALA A 1090 -44.19 65.46 94.91
C ALA A 1090 -44.49 66.24 96.19
N CYS A 1091 -44.26 65.64 97.35
CA CYS A 1091 -44.74 66.24 98.59
C CYS A 1091 -43.90 67.45 98.98
N ASP A 1092 -44.01 68.53 98.21
CA ASP A 1092 -43.23 69.73 98.46
C ASP A 1092 -43.93 70.74 99.34
N SER A 1093 -45.11 70.41 99.86
CA SER A 1093 -45.83 71.36 100.70
C SER A 1093 -45.88 70.95 102.16
N GLY A 1094 -45.29 69.82 102.52
CA GLY A 1094 -45.23 69.39 103.90
C GLY A 1094 -45.63 67.95 104.06
N GLY A 1095 -45.15 67.34 105.15
CA GLY A 1095 -45.42 65.94 105.39
C GLY A 1095 -44.71 65.05 104.40
N ASP A 1096 -43.37 65.03 104.47
CA ASP A 1096 -42.57 64.22 103.56
C ASP A 1096 -42.41 62.80 104.07
N CYS A 1097 -42.20 62.65 105.37
CA CYS A 1097 -41.97 61.33 105.92
C CYS A 1097 -43.19 60.45 105.73
N GLU A 1098 -44.40 61.02 105.82
CA GLU A 1098 -45.59 60.20 105.59
C GLU A 1098 -45.64 59.71 104.16
N CYS A 1099 -45.31 60.58 103.19
CA CYS A 1099 -45.30 60.16 101.80
C CYS A 1099 -44.34 59.01 101.57
N PHE A 1100 -43.10 59.17 102.01
CA PHE A 1100 -42.13 58.10 101.81
C PHE A 1100 -42.53 56.84 102.57
N CYS A 1101 -43.06 57.00 103.78
CA CYS A 1101 -43.43 55.86 104.60
C CYS A 1101 -44.52 55.04 103.92
N THR A 1102 -45.55 55.70 103.40
CA THR A 1102 -46.62 54.93 102.76
C THR A 1102 -46.19 54.36 101.44
N ALA A 1103 -45.33 55.06 100.68
CA ALA A 1103 -44.85 54.51 99.44
C ALA A 1103 -44.07 53.23 99.68
N VAL A 1104 -43.24 53.21 100.73
CA VAL A 1104 -42.53 51.98 101.06
C VAL A 1104 -43.48 50.95 101.66
N ALA A 1105 -44.49 51.37 102.42
CA ALA A 1105 -45.35 50.43 103.10
C ALA A 1105 -46.26 49.67 102.14
N ALA A 1106 -46.56 50.24 100.97
CA ALA A 1106 -47.27 49.45 99.97
C ALA A 1106 -46.47 48.22 99.57
N TYR A 1107 -45.16 48.41 99.32
CA TYR A 1107 -44.28 47.28 99.05
C TYR A 1107 -44.15 46.38 100.28
N ALA A 1108 -44.16 46.97 101.47
CA ALA A 1108 -44.10 46.18 102.68
C ALA A 1108 -45.27 45.22 102.75
N GLN A 1109 -46.47 45.71 102.43
CA GLN A 1109 -47.63 44.83 102.44
C GLN A 1109 -47.60 43.83 101.30
N ALA A 1110 -47.07 44.22 100.14
CA ALA A 1110 -46.90 43.25 99.07
C ALA A 1110 -46.03 42.08 99.52
N CYS A 1111 -44.89 42.40 100.15
CA CYS A 1111 -44.03 41.35 100.71
C CYS A 1111 -44.77 40.55 101.78
N HIS A 1112 -45.52 41.23 102.63
CA HIS A 1112 -46.20 40.55 103.73
C HIS A 1112 -47.20 39.53 103.21
N ASP A 1113 -47.94 39.90 102.18
CA ASP A 1113 -48.90 38.97 101.60
C ASP A 1113 -48.19 37.86 100.84
N ALA A 1114 -47.09 38.17 100.16
CA ALA A 1114 -46.46 37.18 99.30
C ALA A 1114 -45.98 35.97 100.10
N GLY A 1115 -44.90 36.11 100.86
CA GLY A 1115 -44.57 35.07 101.81
C GLY A 1115 -43.78 35.51 103.02
N LEU A 1116 -43.49 36.80 103.14
CA LEU A 1116 -42.37 37.25 103.95
C LEU A 1116 -42.83 38.22 105.02
N CYS A 1117 -42.29 38.05 106.21
CA CYS A 1117 -42.52 38.95 107.35
C CYS A 1117 -41.32 39.89 107.41
N VAL A 1118 -41.30 40.87 106.52
CA VAL A 1118 -40.20 41.82 106.46
C VAL A 1118 -40.47 42.94 107.45
N SER A 1119 -39.41 43.38 108.13
CA SER A 1119 -39.51 44.39 109.19
C SER A 1119 -38.42 45.44 108.96
N TRP A 1120 -38.75 46.49 108.20
CA TRP A 1120 -37.77 47.52 107.95
C TRP A 1120 -37.74 48.60 109.03
N ARG A 1121 -38.70 49.53 109.00
CA ARG A 1121 -39.17 50.35 110.12
C ARG A 1121 -38.13 50.64 111.19
N THR A 1122 -36.96 51.13 110.83
CA THR A 1122 -35.94 51.40 111.82
C THR A 1122 -36.22 52.71 112.53
N PRO A 1123 -35.64 52.91 113.72
CA PRO A 1123 -35.85 54.18 114.42
C PRO A 1123 -35.47 55.40 113.62
N ASP A 1124 -34.48 55.29 112.75
CA ASP A 1124 -34.15 56.38 111.84
C ASP A 1124 -35.12 56.50 110.68
N THR A 1125 -35.73 55.40 110.26
CA THR A 1125 -36.51 55.35 109.03
C THR A 1125 -37.93 54.89 109.34
N CYS A 1126 -38.89 55.79 109.18
CA CYS A 1126 -40.30 55.48 109.39
C CYS A 1126 -40.54 54.81 110.74
N PRO A 1127 -40.26 55.50 111.84
CA PRO A 1127 -40.51 54.91 113.15
C PRO A 1127 -42.00 54.86 113.43
N LEU A 1128 -42.38 53.93 114.30
CA LEU A 1128 -43.77 53.76 114.70
C LEU A 1128 -43.83 53.73 116.22
N PHE A 1129 -44.33 54.79 116.83
CA PHE A 1129 -44.46 54.85 118.27
C PHE A 1129 -45.46 53.80 118.71
N CYS A 1130 -45.00 52.81 119.47
CA CYS A 1130 -45.87 51.77 119.98
C CYS A 1130 -45.77 51.61 121.48
N ASP A 1131 -44.85 52.31 122.13
CA ASP A 1131 -44.86 52.44 123.57
C ASP A 1131 -45.99 53.32 124.06
N PHE A 1132 -46.65 54.04 123.15
CA PHE A 1132 -47.61 55.05 123.55
C PHE A 1132 -48.78 54.45 124.31
N TYR A 1133 -49.34 53.37 123.80
CA TYR A 1133 -50.46 52.72 124.45
C TYR A 1133 -50.03 51.85 125.62
N ASN A 1134 -48.74 51.80 125.91
CA ASN A 1134 -48.24 51.15 127.12
C ASN A 1134 -48.40 52.10 128.28
N PRO A 1135 -49.31 51.83 129.22
CA PRO A 1135 -49.45 52.72 130.37
C PRO A 1135 -48.55 52.33 131.53
N HIS A 1136 -47.60 53.20 131.86
CA HIS A 1136 -46.82 53.14 133.09
C HIS A 1136 -46.17 51.76 133.29
N GLY A 1137 -45.31 51.41 132.36
CA GLY A 1137 -44.54 50.18 132.46
C GLY A 1137 -45.26 48.92 132.02
N GLY A 1138 -46.54 49.02 131.66
CA GLY A 1138 -47.21 47.88 131.05
C GLY A 1138 -46.64 47.61 129.68
N CYS A 1139 -46.39 46.34 129.38
CA CYS A 1139 -45.66 45.97 128.18
C CYS A 1139 -46.38 44.88 127.41
N GLU A 1140 -47.69 45.09 127.20
CA GLU A 1140 -48.41 44.30 126.21
C GLU A 1140 -48.10 44.78 124.80
N TRP A 1141 -48.27 46.08 124.55
CA TRP A 1141 -48.25 46.61 123.19
C TRP A 1141 -46.85 46.50 122.60
N HIS A 1142 -46.69 45.57 121.66
CA HIS A 1142 -45.43 45.35 120.97
C HIS A 1142 -45.65 45.42 119.47
N TYR A 1143 -44.63 45.87 118.75
CA TYR A 1143 -44.71 45.98 117.30
C TYR A 1143 -44.44 44.62 116.68
N GLN A 1144 -45.45 44.02 116.07
CA GLN A 1144 -45.29 42.78 115.32
C GLN A 1144 -45.32 43.10 113.85
N PRO A 1145 -44.34 42.64 113.05
CA PRO A 1145 -44.37 42.93 111.61
C PRO A 1145 -45.49 42.21 110.87
N CYS A 1146 -46.09 41.18 111.46
CA CYS A 1146 -47.21 40.47 110.85
C CYS A 1146 -48.19 40.11 111.95
N GLY A 1147 -49.34 40.78 111.98
CA GLY A 1147 -50.29 40.58 113.05
C GLY A 1147 -51.09 39.29 112.93
N ALA A 1148 -51.66 38.87 114.05
CA ALA A 1148 -52.42 37.63 114.09
C ALA A 1148 -53.59 37.70 113.12
N PRO A 1149 -53.97 36.58 112.50
CA PRO A 1149 -55.04 36.62 111.50
C PRO A 1149 -56.35 37.17 112.03
N CYS A 1150 -56.65 36.97 113.31
CA CYS A 1150 -57.85 37.55 113.93
C CYS A 1150 -57.50 38.05 115.32
N LEU A 1151 -58.24 39.06 115.76
CA LEU A 1151 -58.01 39.70 117.05
C LEU A 1151 -59.22 39.46 117.95
N LYS A 1152 -58.95 39.02 119.18
CA LYS A 1152 -60.00 38.84 120.19
C LYS A 1152 -60.32 40.23 120.75
N THR A 1153 -61.06 40.99 119.96
CA THR A 1153 -61.31 42.39 120.31
C THR A 1153 -62.48 42.49 121.28
N CYS A 1154 -62.64 43.70 121.83
CA CYS A 1154 -63.78 43.97 122.69
C CYS A 1154 -65.09 43.84 121.94
N ARG A 1155 -65.10 44.24 120.65
CA ARG A 1155 -66.30 44.13 119.83
C ARG A 1155 -66.54 42.70 119.37
N ASN A 1156 -65.49 41.92 119.19
CA ASN A 1156 -65.61 40.51 118.84
C ASN A 1156 -65.12 39.68 120.01
N PRO A 1157 -65.94 39.50 121.05
CA PRO A 1157 -65.50 38.69 122.19
C PRO A 1157 -65.29 37.24 121.85
N SER A 1158 -65.84 36.77 120.72
CA SER A 1158 -65.68 35.37 120.34
C SER A 1158 -64.22 35.04 120.05
N GLY A 1159 -63.51 35.95 119.39
CA GLY A 1159 -62.18 35.68 118.91
C GLY A 1159 -62.13 35.14 117.50
N HIS A 1160 -63.27 34.90 116.86
CA HIS A 1160 -63.32 34.43 115.49
C HIS A 1160 -63.41 35.62 114.55
N CYS A 1161 -63.28 35.33 113.26
CA CYS A 1161 -63.30 36.39 112.26
C CYS A 1161 -63.94 35.85 110.99
N LEU A 1162 -64.43 36.79 110.17
CA LEU A 1162 -65.15 36.42 108.95
C LEU A 1162 -64.21 36.34 107.75
N VAL A 1163 -63.50 37.42 107.46
CA VAL A 1163 -62.54 37.47 106.37
C VAL A 1163 -61.17 37.50 107.00
N ASP A 1164 -60.55 36.34 107.15
CA ASP A 1164 -59.28 36.22 107.87
C ASP A 1164 -58.18 36.89 107.06
N LEU A 1165 -57.82 38.11 107.44
CA LEU A 1165 -56.68 38.76 106.82
C LEU A 1165 -55.38 38.18 107.36
N PRO A 1166 -54.35 38.07 106.53
CA PRO A 1166 -53.04 37.64 107.03
C PRO A 1166 -52.34 38.72 107.82
N GLY A 1167 -51.10 38.48 108.18
CA GLY A 1167 -50.36 39.48 108.93
C GLY A 1167 -50.18 40.77 108.17
N LEU A 1168 -50.09 41.86 108.92
CA LEU A 1168 -49.87 43.19 108.36
C LEU A 1168 -49.26 44.06 109.45
N GLU A 1169 -48.51 45.09 109.05
CA GLU A 1169 -47.68 45.82 109.98
C GLU A 1169 -48.55 46.53 111.02
N GLY A 1170 -47.89 47.07 112.03
CA GLY A 1170 -48.55 47.69 113.17
C GLY A 1170 -48.15 47.01 114.46
N CYS A 1171 -48.61 47.59 115.55
CA CYS A 1171 -48.33 47.03 116.87
C CYS A 1171 -49.61 46.56 117.54
N TYR A 1172 -49.50 45.43 118.21
CA TYR A 1172 -50.61 44.71 118.77
C TYR A 1172 -50.36 44.48 120.24
N PRO A 1173 -51.40 44.34 121.03
CA PRO A 1173 -51.22 44.04 122.44
C PRO A 1173 -51.20 42.55 122.70
N LYS A 1174 -50.25 42.11 123.51
CA LYS A 1174 -50.18 40.72 123.95
C LYS A 1174 -51.00 40.61 125.23
N CYS A 1175 -52.32 40.55 125.04
CA CYS A 1175 -53.24 40.60 126.17
C CYS A 1175 -53.06 39.38 127.06
N PRO A 1176 -52.71 39.56 128.33
CA PRO A 1176 -52.43 38.42 129.19
C PRO A 1176 -53.72 37.74 129.61
N PRO A 1177 -53.64 36.52 130.14
CA PRO A 1177 -54.87 35.83 130.56
C PRO A 1177 -55.66 36.58 131.62
N SER A 1178 -54.99 37.33 132.48
CA SER A 1178 -55.70 38.12 133.48
C SER A 1178 -56.53 39.24 132.84
N GLN A 1179 -56.04 39.83 131.76
CA GLN A 1179 -56.75 40.88 131.01
C GLN A 1179 -56.77 40.49 129.55
N PRO A 1180 -57.55 39.48 129.18
CA PRO A 1180 -57.48 38.90 127.84
C PRO A 1180 -58.36 39.56 126.78
N PHE A 1181 -58.90 40.75 127.02
CA PHE A 1181 -59.76 41.40 126.05
C PHE A 1181 -59.11 42.68 125.57
N PHE A 1182 -58.80 42.75 124.29
CA PHE A 1182 -58.26 43.97 123.70
C PHE A 1182 -59.42 44.90 123.35
N ASN A 1183 -59.41 46.09 123.93
CA ASN A 1183 -60.43 47.10 123.69
C ASN A 1183 -59.85 48.19 122.79
N GLU A 1184 -60.53 48.43 121.67
CA GLU A 1184 -60.08 49.42 120.69
C GLU A 1184 -60.43 50.83 121.11
N ASP A 1185 -61.56 51.01 121.77
CA ASP A 1185 -61.98 52.35 122.12
C ASP A 1185 -61.14 52.96 123.24
N GLN A 1186 -60.34 52.15 123.92
CA GLN A 1186 -59.31 52.65 124.81
C GLN A 1186 -57.92 52.12 124.47
N MET A 1187 -57.82 51.18 123.53
CA MET A 1187 -56.56 50.57 123.13
C MET A 1187 -55.85 49.97 124.34
N LYS A 1188 -56.50 48.99 124.96
CA LYS A 1188 -55.89 48.43 126.15
C LYS A 1188 -56.38 47.01 126.38
N CYS A 1189 -55.53 46.20 127.01
CA CYS A 1189 -55.90 44.87 127.44
C CYS A 1189 -56.58 44.96 128.79
N VAL A 1190 -57.82 44.49 128.87
CA VAL A 1190 -58.64 44.61 130.06
C VAL A 1190 -59.31 43.25 130.30
N ALA A 1191 -59.95 43.14 131.47
CA ALA A 1191 -60.56 41.86 131.87
C ALA A 1191 -61.94 41.67 131.24
N GLN A 1192 -62.88 42.56 131.54
CA GLN A 1192 -64.25 42.42 131.06
C GLN A 1192 -64.61 43.61 130.18
N CYS A 1193 -65.31 43.33 129.09
CA CYS A 1193 -65.66 44.33 128.10
C CYS A 1193 -66.94 45.08 128.48
N GLY A 1194 -67.13 46.23 127.84
CA GLY A 1194 -68.32 47.03 128.01
C GLY A 1194 -69.43 46.64 127.06
N CYS A 1195 -69.90 47.60 126.26
CA CYS A 1195 -71.03 47.32 125.36
C CYS A 1195 -70.98 48.24 124.15
N TYR A 1196 -71.49 47.73 123.03
CA TYR A 1196 -71.66 48.48 121.80
C TYR A 1196 -73.13 48.46 121.43
N ASP A 1197 -73.66 49.60 121.01
CA ASP A 1197 -75.06 49.70 120.63
C ASP A 1197 -75.20 49.43 119.13
N LYS A 1198 -76.39 49.72 118.58
CA LYS A 1198 -76.59 49.53 117.15
C LYS A 1198 -75.68 50.44 116.33
N ASP A 1199 -75.61 51.71 116.69
CA ASP A 1199 -74.74 52.63 115.97
C ASP A 1199 -73.27 52.35 116.22
N GLY A 1200 -72.95 51.67 117.32
CA GLY A 1200 -71.58 51.29 117.60
C GLY A 1200 -70.86 52.12 118.65
N ASN A 1201 -71.57 52.93 119.42
CA ASN A 1201 -70.93 53.67 120.48
C ASN A 1201 -70.65 52.76 121.68
N TYR A 1202 -69.63 53.12 122.45
CA TYR A 1202 -69.15 52.31 123.55
C TYR A 1202 -69.45 52.97 124.89
N TYR A 1203 -69.71 52.16 125.89
CA TYR A 1203 -69.89 52.62 127.26
C TYR A 1203 -69.23 51.62 128.19
N ASP A 1204 -68.90 52.09 129.40
CA ASP A 1204 -68.44 51.18 130.43
C ASP A 1204 -69.63 50.37 130.96
N VAL A 1205 -69.32 49.19 131.51
CA VAL A 1205 -70.36 48.38 132.11
C VAL A 1205 -71.05 49.16 133.22
N GLY A 1206 -72.31 48.82 133.49
CA GLY A 1206 -73.07 49.54 134.49
C GLY A 1206 -73.56 50.89 134.06
N ALA A 1207 -73.66 51.15 132.77
CA ALA A 1207 -74.11 52.43 132.24
C ALA A 1207 -75.34 52.25 131.37
N ARG A 1208 -76.34 53.10 131.59
CA ARG A 1208 -77.53 53.12 130.77
C ARG A 1208 -77.23 53.76 129.41
N VAL A 1209 -77.99 53.34 128.40
CA VAL A 1209 -77.77 53.76 127.03
C VAL A 1209 -78.94 54.62 126.56
N PRO A 1210 -78.68 55.72 125.85
CA PRO A 1210 -79.74 56.56 125.26
C PRO A 1210 -80.60 55.80 124.25
N CYS A 1218 -82.06 50.80 129.25
CA CYS A 1218 -81.27 49.59 129.38
C CYS A 1218 -79.85 49.92 129.84
N ASN A 1219 -79.26 49.05 130.65
CA ASN A 1219 -77.98 49.28 131.27
C ASN A 1219 -76.91 48.42 130.58
N CYS A 1220 -75.69 48.47 131.11
CA CYS A 1220 -74.59 47.64 130.65
C CYS A 1220 -74.24 46.63 131.72
N THR A 1221 -74.16 45.36 131.34
CA THR A 1221 -74.04 44.24 132.26
C THR A 1221 -73.13 43.18 131.64
N PRO A 1222 -72.87 42.06 132.32
CA PRO A 1222 -72.16 40.96 131.65
C PRO A 1222 -72.82 40.56 130.33
N SER A 1223 -74.14 40.59 130.26
CA SER A 1223 -74.81 40.40 128.98
C SER A 1223 -74.50 41.54 128.02
N GLY A 1224 -74.42 42.76 128.53
CA GLY A 1224 -74.20 43.93 127.70
C GLY A 1224 -75.32 44.92 127.84
N ILE A 1225 -75.86 45.40 126.73
CA ILE A 1225 -77.04 46.26 126.76
C ILE A 1225 -78.25 45.35 126.91
N GLN A 1226 -78.85 45.33 128.10
CA GLN A 1226 -79.98 44.47 128.40
C GLN A 1226 -81.06 45.27 129.13
N CYS A 1227 -82.29 44.79 129.02
CA CYS A 1227 -83.42 45.39 129.73
C CYS A 1227 -84.65 44.50 129.65
N ALA B 46 -32.77 27.63 -25.24
CA ALA B 46 -31.41 27.38 -24.77
C ALA B 46 -31.36 27.45 -23.24
N HIS B 47 -30.24 27.92 -22.71
CA HIS B 47 -30.07 28.06 -21.27
C HIS B 47 -30.86 29.27 -20.78
N ASN B 48 -32.18 29.12 -20.82
CA ASN B 48 -33.07 30.24 -20.55
C ASN B 48 -33.09 30.58 -19.06
N GLY B 49 -33.53 29.66 -18.22
CA GLY B 49 -33.65 29.94 -16.81
C GLY B 49 -32.98 28.91 -15.94
N ARG B 50 -31.88 28.35 -16.43
CA ARG B 50 -31.11 27.36 -15.68
C ARG B 50 -29.70 27.87 -15.42
N VAL B 51 -29.58 29.17 -15.16
CA VAL B 51 -28.28 29.82 -14.96
C VAL B 51 -28.36 30.71 -13.74
N CYS B 52 -27.27 30.75 -12.98
CA CYS B 52 -27.07 31.75 -11.92
C CYS B 52 -25.62 32.19 -11.93
N SER B 53 -25.35 33.34 -11.32
CA SER B 53 -23.98 33.85 -11.38
C SER B 53 -23.68 34.76 -10.20
N THR B 54 -22.38 34.93 -9.96
CA THR B 54 -21.86 35.85 -8.96
C THR B 54 -20.78 36.68 -9.62
N TRP B 55 -20.90 38.00 -9.54
CA TRP B 55 -19.97 38.85 -10.25
C TRP B 55 -19.74 40.14 -9.49
N GLY B 56 -18.61 40.78 -9.82
CA GLY B 56 -18.34 42.13 -9.40
C GLY B 56 -18.43 42.31 -7.90
N ASP B 57 -19.08 43.39 -7.50
CA ASP B 57 -19.21 43.75 -6.09
C ASP B 57 -20.38 42.99 -5.48
N PHE B 58 -20.13 41.72 -5.18
CA PHE B 58 -21.08 40.86 -4.47
C PHE B 58 -22.46 40.91 -5.12
N HIS B 59 -22.49 40.84 -6.44
CA HIS B 59 -23.75 40.83 -7.17
C HIS B 59 -24.13 39.39 -7.48
N TYR B 60 -25.31 39.00 -7.05
CA TYR B 60 -25.80 37.65 -7.25
C TYR B 60 -27.00 37.69 -8.18
N LYS B 61 -26.97 36.88 -9.22
CA LYS B 61 -28.08 36.73 -10.14
C LYS B 61 -28.60 35.32 -9.99
N THR B 62 -29.87 35.18 -9.63
CA THR B 62 -30.44 33.87 -9.36
C THR B 62 -30.93 33.24 -10.65
N PHE B 63 -31.50 32.04 -10.53
CA PHE B 63 -31.96 31.30 -11.70
C PHE B 63 -33.06 32.05 -12.42
N ASP B 64 -34.00 32.62 -11.68
CA ASP B 64 -35.21 33.18 -12.27
C ASP B 64 -35.09 34.67 -12.56
N GLY B 65 -33.88 35.22 -12.56
CA GLY B 65 -33.65 36.57 -13.02
C GLY B 65 -33.42 37.59 -11.94
N ASP B 66 -33.63 37.26 -10.67
CA ASP B 66 -33.41 38.23 -9.62
C ASP B 66 -31.92 38.57 -9.49
N VAL B 67 -31.67 39.85 -9.27
CA VAL B 67 -30.33 40.35 -8.98
C VAL B 67 -30.37 41.02 -7.61
N PHE B 68 -29.34 40.81 -6.82
CA PHE B 68 -29.21 41.58 -5.60
C PHE B 68 -27.75 41.66 -5.22
N ARG B 69 -27.47 42.38 -4.16
CA ARG B 69 -26.13 42.55 -3.65
C ARG B 69 -26.06 42.08 -2.21
N PHE B 70 -25.15 41.18 -1.92
CA PHE B 70 -25.00 40.69 -0.57
C PHE B 70 -23.53 40.65 -0.23
N PRO B 71 -23.02 41.59 0.56
CA PRO B 71 -21.57 41.72 0.79
C PRO B 71 -21.03 40.79 1.86
N GLY B 72 -21.36 39.51 1.78
CA GLY B 72 -20.84 38.55 2.73
C GLY B 72 -19.34 38.39 2.60
N LEU B 73 -18.74 37.79 3.63
CA LEU B 73 -17.30 37.55 3.62
C LEU B 73 -16.92 36.16 4.11
N CYS B 74 -17.80 35.17 3.99
CA CYS B 74 -17.51 33.81 4.40
C CYS B 74 -18.19 32.82 3.44
N ASN B 75 -18.26 31.56 3.86
CA ASN B 75 -18.85 30.54 3.01
C ASN B 75 -20.37 30.64 3.01
N TYR B 76 -20.97 30.29 1.87
CA TYR B 76 -22.42 30.27 1.74
C TYR B 76 -22.81 29.16 0.79
N VAL B 77 -24.02 28.63 0.98
CA VAL B 77 -24.51 27.56 0.13
C VAL B 77 -25.01 28.21 -1.16
N PHE B 78 -24.13 28.27 -2.16
CA PHE B 78 -24.51 28.89 -3.43
C PHE B 78 -25.61 28.12 -4.13
N SER B 79 -25.53 26.79 -4.11
CA SER B 79 -26.65 25.98 -4.57
C SER B 79 -26.47 24.58 -4.03
N GLU B 80 -27.58 23.89 -3.82
CA GLU B 80 -27.57 22.57 -3.22
C GLU B 80 -28.87 21.88 -3.55
N HIS B 81 -28.79 20.61 -3.96
CA HIS B 81 -29.98 19.81 -4.17
C HIS B 81 -30.53 19.50 -2.78
N CYS B 82 -31.53 20.27 -2.35
CA CYS B 82 -31.99 20.20 -0.97
C CYS B 82 -33.48 19.90 -0.83
N ARG B 83 -34.16 19.54 -1.91
CA ARG B 83 -35.54 19.11 -1.79
C ARG B 83 -35.70 17.75 -2.43
N ALA B 84 -34.81 16.82 -2.10
CA ALA B 84 -34.85 15.48 -2.63
C ALA B 84 -34.38 14.49 -1.58
N ALA B 85 -34.69 13.22 -1.81
CA ALA B 85 -34.29 12.18 -0.87
C ALA B 85 -32.78 12.09 -0.75
N TYR B 86 -32.07 12.27 -1.87
CA TYR B 86 -30.62 12.18 -1.90
C TYR B 86 -30.06 13.36 -2.67
N GLU B 87 -29.08 14.06 -2.10
CA GLU B 87 -28.50 15.22 -2.74
C GLU B 87 -27.62 14.81 -3.92
N ASP B 88 -27.62 15.64 -4.95
CA ASP B 88 -26.82 15.41 -6.13
C ASP B 88 -25.62 16.35 -6.24
N PHE B 89 -25.78 17.60 -5.84
CA PHE B 89 -24.71 18.57 -5.93
C PHE B 89 -24.78 19.51 -4.73
N ASN B 90 -23.63 20.04 -4.36
CA ASN B 90 -23.53 21.00 -3.25
C ASN B 90 -22.37 21.93 -3.57
N VAL B 91 -22.69 23.07 -4.17
CA VAL B 91 -21.70 24.05 -4.59
C VAL B 91 -21.78 25.25 -3.66
N GLN B 92 -20.63 25.64 -3.10
CA GLN B 92 -20.53 26.71 -2.13
C GLN B 92 -19.40 27.65 -2.54
N LEU B 93 -19.55 28.92 -2.17
CA LEU B 93 -18.49 29.90 -2.38
C LEU B 93 -18.12 30.59 -1.08
N ARG B 94 -16.85 30.94 -0.96
CA ARG B 94 -16.36 31.84 0.07
C ARG B 94 -15.88 33.10 -0.63
N ARG B 95 -16.40 34.25 -0.24
CA ARG B 95 -16.06 35.51 -0.87
C ARG B 95 -15.15 36.33 0.05
N GLY B 96 -14.02 36.77 -0.49
CA GLY B 96 -13.08 37.58 0.26
C GLY B 96 -12.66 38.83 -0.48
N LEU B 97 -11.54 39.42 -0.06
CA LEU B 97 -11.06 40.69 -0.60
C LEU B 97 -9.66 40.54 -1.15
N VAL B 98 -9.41 41.13 -2.31
CA VAL B 98 -8.04 41.38 -2.77
C VAL B 98 -7.79 42.87 -2.59
N GLY B 99 -7.23 43.24 -1.45
CA GLY B 99 -6.99 44.63 -1.12
C GLY B 99 -8.28 45.35 -0.85
N SER B 100 -9.04 45.57 -1.93
CA SER B 100 -10.42 46.04 -1.84
C SER B 100 -11.37 45.33 -2.80
N ARG B 101 -10.87 44.68 -3.84
CA ARG B 101 -11.76 44.11 -4.84
C ARG B 101 -12.46 42.88 -4.27
N PRO B 102 -13.78 42.80 -4.36
CA PRO B 102 -14.46 41.56 -3.97
C PRO B 102 -14.10 40.43 -4.92
N VAL B 103 -13.65 39.31 -4.34
CA VAL B 103 -13.25 38.15 -5.12
C VAL B 103 -13.84 36.91 -4.47
N VAL B 104 -13.79 35.81 -5.19
CA VAL B 104 -14.11 34.48 -4.65
C VAL B 104 -12.80 33.79 -4.33
N THR B 105 -12.62 33.46 -3.05
CA THR B 105 -11.35 32.89 -2.62
C THR B 105 -11.35 31.36 -2.58
N ARG B 106 -12.52 30.72 -2.67
CA ARG B 106 -12.56 29.26 -2.67
C ARG B 106 -13.97 28.81 -3.01
N VAL B 107 -14.06 27.82 -3.89
CA VAL B 107 -15.31 27.17 -4.27
C VAL B 107 -15.20 25.71 -3.90
N VAL B 108 -16.26 25.16 -3.31
CA VAL B 108 -16.30 23.74 -2.98
C VAL B 108 -17.54 23.16 -3.65
N ILE B 109 -17.33 22.29 -4.63
CA ILE B 109 -18.42 21.59 -5.30
C ILE B 109 -18.37 20.14 -4.85
N LYS B 110 -19.39 19.72 -4.13
CA LYS B 110 -19.55 18.33 -3.74
C LYS B 110 -20.65 17.75 -4.60
N ALA B 111 -20.37 16.61 -5.25
CA ALA B 111 -21.34 16.03 -6.16
C ALA B 111 -21.08 14.54 -6.29
N GLN B 112 -22.05 13.75 -5.85
CA GLN B 112 -22.09 12.32 -6.15
C GLN B 112 -20.82 11.63 -5.67
N GLY B 113 -20.36 12.01 -4.49
CA GLY B 113 -19.17 11.40 -3.91
C GLY B 113 -17.86 11.95 -4.41
N LEU B 114 -17.87 13.06 -5.13
CA LEU B 114 -16.66 13.71 -5.59
C LEU B 114 -16.59 15.11 -5.00
N VAL B 115 -15.45 15.45 -4.42
CA VAL B 115 -15.25 16.73 -3.75
C VAL B 115 -14.22 17.52 -4.55
N LEU B 116 -14.60 18.71 -4.99
CA LEU B 116 -13.77 19.52 -5.87
C LEU B 116 -13.63 20.90 -5.25
N GLU B 117 -12.43 21.25 -4.81
CA GLU B 117 -12.18 22.51 -4.11
C GLU B 117 -11.23 23.35 -4.96
N ALA B 118 -11.73 24.44 -5.52
CA ALA B 118 -10.97 25.32 -6.38
C ALA B 118 -10.62 26.59 -5.62
N SER B 119 -9.33 26.85 -5.48
CA SER B 119 -8.86 27.99 -4.69
C SER B 119 -7.36 28.13 -4.90
N ASN B 120 -6.86 29.35 -4.70
CA ASN B 120 -5.43 29.62 -4.79
C ASN B 120 -4.89 29.20 -6.16
N GLY B 121 -5.70 29.40 -7.20
CA GLY B 121 -5.29 29.08 -8.54
C GLY B 121 -5.07 27.60 -8.77
N SER B 122 -5.52 26.78 -7.83
CA SER B 122 -5.34 25.34 -7.89
C SER B 122 -6.69 24.65 -7.71
N VAL B 123 -6.73 23.39 -8.12
CA VAL B 123 -7.94 22.57 -8.06
C VAL B 123 -7.60 21.30 -7.29
N LEU B 124 -8.45 20.94 -6.35
CA LEU B 124 -8.30 19.74 -5.55
C LEU B 124 -9.45 18.80 -5.88
N ILE B 125 -9.12 17.59 -6.31
CA ILE B 125 -10.13 16.58 -6.63
C ILE B 125 -10.03 15.49 -5.56
N ASN B 126 -11.04 15.44 -4.70
CA ASN B 126 -11.10 14.47 -3.60
C ASN B 126 -9.86 14.57 -2.72
N GLY B 127 -9.36 15.79 -2.54
CA GLY B 127 -8.22 16.02 -1.68
C GLY B 127 -6.87 16.01 -2.34
N GLN B 128 -6.80 15.73 -3.64
CA GLN B 128 -5.53 15.70 -4.37
C GLN B 128 -5.50 16.79 -5.42
N ARG B 129 -4.39 17.52 -5.48
CA ARG B 129 -4.18 18.46 -6.57
C ARG B 129 -4.12 17.71 -7.89
N GLU B 130 -4.65 18.33 -8.94
CA GLU B 130 -4.61 17.73 -10.26
C GLU B 130 -4.22 18.78 -11.29
N GLU B 131 -3.64 18.32 -12.39
CA GLU B 131 -3.22 19.21 -13.45
C GLU B 131 -4.31 19.32 -14.50
N LEU B 132 -4.73 20.55 -14.77
CA LEU B 132 -5.80 20.77 -15.72
C LEU B 132 -5.33 20.38 -17.13
N PRO B 133 -6.21 19.75 -17.92
CA PRO B 133 -7.56 19.31 -17.59
C PRO B 133 -7.54 17.95 -16.91
N TYR B 134 -8.54 17.69 -16.09
CA TYR B 134 -8.70 16.40 -15.42
C TYR B 134 -10.05 15.85 -15.83
N SER B 135 -10.05 14.67 -16.44
CA SER B 135 -11.26 14.11 -17.03
C SER B 135 -11.50 12.70 -16.50
N ARG B 136 -12.77 12.41 -16.24
CA ARG B 136 -13.23 11.13 -15.75
CA ARG B 136 -13.19 11.08 -15.85
C ARG B 136 -14.66 10.94 -16.23
N THR B 137 -15.16 9.71 -16.14
CA THR B 137 -16.51 9.44 -16.58
C THR B 137 -17.50 10.43 -15.97
N GLY B 138 -18.14 11.21 -16.82
CA GLY B 138 -19.13 12.19 -16.40
C GLY B 138 -18.57 13.54 -16.00
N LEU B 139 -17.34 13.62 -15.52
CA LEU B 139 -16.76 14.85 -15.03
C LEU B 139 -15.58 15.28 -15.87
N LEU B 140 -15.50 16.58 -16.18
CA LEU B 140 -14.30 17.10 -16.81
C LEU B 140 -14.07 18.52 -16.35
N VAL B 141 -12.84 18.80 -15.92
CA VAL B 141 -12.45 20.11 -15.42
C VAL B 141 -11.29 20.61 -16.28
N GLU B 142 -11.35 21.88 -16.65
CA GLU B 142 -10.40 22.41 -17.61
C GLU B 142 -10.08 23.86 -17.29
N GLN B 143 -8.93 24.30 -17.80
CA GLN B 143 -8.52 25.70 -17.80
C GLN B 143 -9.01 26.42 -19.05
N SER B 144 -10.12 25.94 -19.62
CA SER B 144 -10.59 26.39 -20.92
C SER B 144 -10.83 27.90 -20.93
N GLY B 145 -10.36 28.55 -21.99
CA GLY B 145 -10.62 29.97 -22.16
C GLY B 145 -9.99 30.78 -21.05
N ASP B 146 -10.75 31.76 -20.55
CA ASP B 146 -10.31 32.67 -19.52
C ASP B 146 -10.66 32.20 -18.11
N TYR B 147 -11.20 30.99 -17.98
CA TYR B 147 -11.79 30.55 -16.73
C TYR B 147 -11.28 29.16 -16.37
N ILE B 148 -11.83 28.63 -15.29
CA ILE B 148 -11.74 27.23 -14.93
C ILE B 148 -13.16 26.69 -14.98
N LYS B 149 -13.39 25.68 -15.80
CA LYS B 149 -14.73 25.15 -16.01
C LYS B 149 -14.80 23.71 -15.52
N VAL B 150 -15.82 23.43 -14.74
CA VAL B 150 -16.09 22.10 -14.21
C VAL B 150 -17.45 21.67 -14.73
N SER B 151 -17.47 20.69 -15.63
CA SER B 151 -18.73 20.19 -16.18
C SER B 151 -18.94 18.76 -15.71
N ILE B 152 -20.05 18.53 -15.04
CA ILE B 152 -20.45 17.21 -14.57
C ILE B 152 -21.70 16.84 -15.36
N ARG B 153 -21.55 15.93 -16.31
CA ARG B 153 -22.56 15.71 -17.33
C ARG B 153 -23.86 15.23 -16.68
N LEU B 154 -24.99 15.74 -17.19
CA LEU B 154 -26.33 15.67 -16.59
C LEU B 154 -26.43 16.32 -15.20
N VAL B 155 -25.40 17.00 -14.70
CA VAL B 155 -25.55 17.63 -13.39
C VAL B 155 -25.40 19.13 -13.51
N LEU B 156 -24.23 19.60 -13.90
CA LEU B 156 -24.02 21.03 -13.81
C LEU B 156 -22.83 21.47 -14.65
N THR B 157 -22.75 22.78 -14.82
CA THR B 157 -21.66 23.43 -15.53
C THR B 157 -21.24 24.60 -14.64
N PHE B 158 -19.96 24.68 -14.31
CA PHE B 158 -19.48 25.68 -13.37
C PHE B 158 -18.32 26.42 -14.01
N LEU B 159 -18.53 27.68 -14.34
CA LEU B 159 -17.48 28.52 -14.87
C LEU B 159 -16.97 29.43 -13.76
N TRP B 160 -15.65 29.57 -13.66
CA TRP B 160 -15.07 30.39 -12.61
C TRP B 160 -13.86 31.11 -13.16
N ASN B 161 -13.98 32.42 -13.38
CA ASN B 161 -12.86 33.17 -13.95
C ASN B 161 -11.64 33.14 -13.05
N GLY B 162 -11.80 32.75 -11.80
CA GLY B 162 -10.71 32.67 -10.87
C GLY B 162 -10.49 33.93 -10.06
N GLU B 163 -11.12 35.04 -10.45
CA GLU B 163 -11.01 36.25 -9.64
C GLU B 163 -12.36 36.68 -9.07
N ASP B 164 -13.35 37.01 -9.91
CA ASP B 164 -14.63 37.45 -9.39
C ASP B 164 -15.80 36.60 -9.84
N SER B 165 -15.98 36.37 -11.14
CA SER B 165 -17.21 35.78 -11.62
C SER B 165 -17.26 34.29 -11.30
N ALA B 166 -18.48 33.76 -11.26
CA ALA B 166 -18.69 32.33 -11.09
C ALA B 166 -20.13 32.02 -11.48
N LEU B 167 -20.30 31.15 -12.47
CA LEU B 167 -21.58 30.95 -13.13
C LEU B 167 -21.94 29.47 -13.10
N LEU B 168 -23.19 29.18 -12.75
CA LEU B 168 -23.70 27.83 -12.67
C LEU B 168 -24.79 27.63 -13.72
N GLU B 169 -24.65 26.58 -14.51
CA GLU B 169 -25.71 26.07 -15.36
C GLU B 169 -26.19 24.75 -14.76
N LEU B 170 -27.50 24.61 -14.59
CA LEU B 170 -28.04 23.41 -14.00
C LEU B 170 -28.98 22.71 -14.98
N ASP B 171 -29.14 21.41 -14.78
CA ASP B 171 -30.08 20.66 -15.61
C ASP B 171 -31.51 21.12 -15.31
N PRO B 172 -32.41 21.00 -16.28
CA PRO B 172 -33.82 21.27 -15.98
C PRO B 172 -34.42 20.35 -14.95
N LYS B 173 -33.86 19.16 -14.74
CA LYS B 173 -34.50 18.22 -13.84
C LYS B 173 -34.40 18.64 -12.38
N TYR B 174 -33.52 19.58 -12.03
CA TYR B 174 -33.43 20.08 -10.68
C TYR B 174 -34.36 21.26 -10.45
N ALA B 175 -35.41 21.39 -11.24
CA ALA B 175 -36.38 22.43 -11.00
C ALA B 175 -37.03 22.22 -9.64
N ASN B 176 -37.08 23.29 -8.85
CA ASN B 176 -37.83 23.33 -7.61
C ASN B 176 -37.21 22.51 -6.49
N GLN B 177 -36.15 21.77 -6.77
CA GLN B 177 -35.51 20.94 -5.76
C GLN B 177 -34.19 21.52 -5.29
N THR B 178 -33.89 22.76 -5.62
CA THR B 178 -32.65 23.38 -5.17
C THR B 178 -32.98 24.51 -4.20
N CYS B 179 -31.95 24.95 -3.48
CA CYS B 179 -32.09 26.08 -2.58
C CYS B 179 -30.72 26.64 -2.27
N GLY B 180 -30.61 27.95 -2.41
CA GLY B 180 -29.35 28.64 -2.19
C GLY B 180 -29.43 30.03 -2.79
N LEU B 181 -28.28 30.71 -2.76
CA LEU B 181 -28.23 32.07 -3.30
C LEU B 181 -28.70 32.11 -4.74
N CYS B 182 -28.56 31.00 -5.47
CA CYS B 182 -29.04 30.93 -6.83
C CYS B 182 -30.55 30.79 -6.93
N GLY B 183 -31.25 30.59 -5.82
CA GLY B 183 -32.69 30.60 -5.84
C GLY B 183 -33.32 29.24 -5.91
N ASP B 184 -34.64 29.19 -6.12
CA ASP B 184 -35.38 27.93 -6.06
C ASP B 184 -35.55 27.23 -7.38
N PHE B 185 -35.23 27.86 -8.52
CA PHE B 185 -35.29 27.20 -9.83
C PHE B 185 -36.69 26.68 -10.14
N ASN B 186 -37.71 27.36 -9.62
CA ASN B 186 -39.10 27.03 -9.91
C ASN B 186 -39.67 27.86 -11.05
N GLY B 187 -39.01 28.96 -11.41
CA GLY B 187 -39.42 29.78 -12.53
C GLY B 187 -40.13 31.06 -12.17
N LEU B 188 -40.48 31.27 -10.91
CA LEU B 188 -41.17 32.48 -10.49
C LEU B 188 -40.21 33.37 -9.74
N PRO B 189 -39.78 34.48 -10.33
CA PRO B 189 -38.69 35.27 -9.73
C PRO B 189 -39.10 36.02 -8.48
N ALA B 190 -40.24 36.68 -8.54
CA ALA B 190 -40.54 37.78 -7.63
C ALA B 190 -41.37 37.39 -6.42
N PHE B 191 -41.59 36.09 -6.16
CA PHE B 191 -42.58 35.79 -5.13
C PHE B 191 -42.05 34.73 -4.16
N ASN B 192 -41.11 33.89 -4.58
CA ASN B 192 -40.83 32.75 -3.71
C ASN B 192 -39.42 32.73 -3.10
N GLU B 193 -38.52 33.61 -3.56
CA GLU B 193 -37.16 33.60 -3.04
C GLU B 193 -37.04 34.11 -1.61
N PHE B 194 -37.64 35.26 -1.32
CA PHE B 194 -37.35 36.00 -0.09
C PHE B 194 -38.50 35.96 0.89
N TYR B 195 -39.30 34.89 0.83
CA TYR B 195 -40.44 34.72 1.71
C TYR B 195 -40.24 33.47 2.55
N ALA B 196 -39.68 33.65 3.74
CA ALA B 196 -39.42 32.56 4.66
C ALA B 196 -40.43 32.64 5.78
N HIS B 197 -41.19 31.56 5.98
CA HIS B 197 -42.25 31.51 6.97
C HIS B 197 -43.20 32.68 6.77
N ASN B 198 -43.56 32.93 5.51
CA ASN B 198 -44.54 33.91 5.03
C ASN B 198 -44.02 35.33 5.19
N ALA B 199 -42.85 35.53 5.77
CA ALA B 199 -42.30 36.87 5.96
C ALA B 199 -41.37 37.22 4.81
N ARG B 200 -41.64 38.34 4.15
CA ARG B 200 -40.76 38.81 3.08
C ARG B 200 -39.51 39.43 3.68
N LEU B 201 -38.35 39.02 3.18
CA LEU B 201 -37.07 39.44 3.75
C LEU B 201 -36.17 40.04 2.67
N THR B 202 -35.01 40.53 3.11
CA THR B 202 -34.17 41.41 2.33
C THR B 202 -32.87 40.73 1.91
N PRO B 203 -32.23 41.20 0.82
CA PRO B 203 -30.98 40.60 0.35
C PRO B 203 -29.97 40.26 1.44
N LEU B 204 -29.80 41.14 2.42
CA LEU B 204 -28.89 40.82 3.52
C LEU B 204 -29.39 39.59 4.26
N GLN B 205 -30.69 39.57 4.56
CA GLN B 205 -31.32 38.46 5.25
C GLN B 205 -31.25 37.19 4.42
N PHE B 206 -31.56 37.29 3.13
CA PHE B 206 -31.57 36.11 2.28
C PHE B 206 -30.18 35.52 2.13
N GLY B 207 -29.18 36.39 1.94
CA GLY B 207 -27.82 35.90 1.82
C GLY B 207 -27.24 35.42 3.13
N ASN B 208 -27.82 35.85 4.25
CA ASN B 208 -27.34 35.36 5.53
C ASN B 208 -28.03 34.07 5.97
N LEU B 209 -29.26 33.83 5.52
CA LEU B 209 -29.90 32.56 5.82
C LEU B 209 -29.11 31.41 5.21
N GLN B 210 -28.64 31.57 3.98
CA GLN B 210 -27.87 30.53 3.31
C GLN B 210 -26.41 30.60 3.72
N LYS B 211 -26.13 30.62 5.02
CA LYS B 211 -24.78 30.72 5.54
C LYS B 211 -24.32 29.35 6.04
N LEU B 212 -23.01 29.20 6.18
CA LEU B 212 -22.42 27.96 6.68
C LEU B 212 -21.03 28.29 7.21
N ASP B 213 -20.86 28.21 8.52
CA ASP B 213 -19.55 28.48 9.11
C ASP B 213 -18.63 27.28 8.94
N GLY B 214 -17.35 27.53 9.11
CA GLY B 214 -16.38 26.46 9.19
C GLY B 214 -16.55 25.71 10.50
N PRO B 215 -15.83 24.60 10.65
CA PRO B 215 -15.97 23.83 11.91
C PRO B 215 -15.61 24.63 13.14
N THR B 216 -14.60 25.51 13.05
CA THR B 216 -14.14 26.28 14.19
C THR B 216 -14.16 27.78 13.89
N GLU B 217 -15.07 28.20 13.02
CA GLU B 217 -15.11 29.58 12.54
C GLU B 217 -16.44 30.20 12.89
N GLN B 218 -16.42 31.46 13.30
CA GLN B 218 -17.62 32.25 13.55
C GLN B 218 -17.50 33.54 12.75
N CYS B 219 -17.89 33.48 11.48
CA CYS B 219 -17.88 34.65 10.62
C CYS B 219 -19.04 35.58 10.98
N PRO B 220 -18.81 36.88 10.98
CA PRO B 220 -19.91 37.81 11.31
C PRO B 220 -20.92 37.94 10.19
N ASP B 221 -21.87 38.84 10.36
CA ASP B 221 -22.71 39.20 9.24
C ASP B 221 -22.42 40.63 8.82
N PRO B 222 -22.10 40.86 7.54
CA PRO B 222 -21.77 42.21 7.08
C PRO B 222 -22.98 43.13 7.27
N LEU B 223 -22.70 44.36 7.69
CA LEU B 223 -23.76 45.30 7.99
C LEU B 223 -24.15 46.06 6.72
N PRO B 224 -25.38 46.60 6.67
CA PRO B 224 -25.83 47.30 5.47
C PRO B 224 -24.92 48.48 5.13
N LEU B 225 -24.63 48.61 3.84
CA LEU B 225 -23.82 49.73 3.39
C LEU B 225 -24.68 50.98 3.29
N PRO B 226 -24.15 52.16 3.64
CA PRO B 226 -24.95 53.39 3.55
C PRO B 226 -25.34 53.76 2.12
N ALA B 227 -26.01 54.89 1.98
CA ALA B 227 -26.60 55.30 0.71
C ALA B 227 -25.56 55.42 -0.40
N GLY B 228 -26.04 55.41 -1.64
CA GLY B 228 -25.21 55.48 -2.82
C GLY B 228 -25.04 56.90 -3.35
N ASN B 229 -24.13 57.01 -4.30
CA ASN B 229 -23.72 58.29 -4.88
C ASN B 229 -23.34 58.03 -6.34
N CYS B 230 -22.57 58.95 -6.92
CA CYS B 230 -21.95 58.76 -8.22
C CYS B 230 -23.00 58.62 -9.32
N THR B 231 -23.71 57.49 -9.30
CA THR B 231 -24.64 57.10 -10.36
C THR B 231 -23.93 57.05 -11.71
N ASP B 232 -24.68 56.97 -12.80
CA ASP B 232 -24.10 57.00 -14.13
C ASP B 232 -24.12 58.44 -14.65
N GLU B 233 -23.08 59.18 -14.27
CA GLU B 233 -23.00 60.59 -14.66
C GLU B 233 -22.71 60.71 -16.16
N GLU B 234 -21.57 60.17 -16.61
CA GLU B 234 -21.20 60.32 -18.00
C GLU B 234 -22.05 59.46 -18.92
N GLY B 235 -22.93 58.64 -18.38
CA GLY B 235 -23.80 57.81 -19.21
C GLY B 235 -23.13 56.59 -19.79
N ILE B 236 -21.94 56.23 -19.30
CA ILE B 236 -21.19 55.13 -19.90
C ILE B 236 -22.01 53.84 -19.81
N CYS B 237 -22.64 53.59 -18.68
CA CYS B 237 -23.47 52.40 -18.56
C CYS B 237 -24.66 52.46 -19.51
N HIS B 238 -25.27 53.64 -19.63
CA HIS B 238 -26.37 53.78 -20.57
C HIS B 238 -25.88 53.80 -22.01
N ARG B 239 -24.70 54.38 -22.25
CA ARG B 239 -24.17 54.43 -23.60
C ARG B 239 -23.83 53.03 -24.11
N THR B 240 -23.23 52.20 -23.27
CA THR B 240 -22.82 50.86 -23.67
C THR B 240 -23.99 49.87 -23.57
N LEU B 241 -24.53 49.69 -22.37
CA LEU B 241 -25.55 48.67 -22.15
C LEU B 241 -26.73 48.85 -23.09
N LEU B 242 -27.17 50.10 -23.28
CA LEU B 242 -28.25 50.40 -24.20
C LEU B 242 -27.75 50.60 -25.62
N GLY B 243 -26.44 50.49 -25.85
CA GLY B 243 -25.88 50.68 -27.15
C GLY B 243 -26.25 49.57 -28.11
N PRO B 244 -25.80 49.70 -29.37
CA PRO B 244 -26.17 48.69 -30.37
C PRO B 244 -25.67 47.30 -30.04
N ALA B 245 -24.54 47.22 -29.32
CA ALA B 245 -23.90 45.92 -29.08
C ALA B 245 -24.87 44.91 -28.51
N PHE B 246 -25.81 45.36 -27.69
CA PHE B 246 -26.75 44.48 -27.02
C PHE B 246 -28.19 44.72 -27.45
N ALA B 247 -28.39 45.13 -28.72
CA ALA B 247 -29.72 45.49 -29.18
C ALA B 247 -30.73 44.38 -28.90
N GLU B 248 -30.52 43.22 -29.52
CA GLU B 248 -31.42 42.09 -29.28
C GLU B 248 -31.31 41.57 -27.86
N CYS B 249 -30.21 41.87 -27.15
CA CYS B 249 -30.13 41.50 -25.75
C CYS B 249 -31.19 42.21 -24.93
N HIS B 250 -31.61 43.40 -25.35
CA HIS B 250 -32.72 44.07 -24.69
C HIS B 250 -34.01 43.27 -24.84
N ALA B 251 -34.13 42.50 -25.92
CA ALA B 251 -35.30 41.67 -26.13
C ALA B 251 -35.30 40.42 -25.26
N LEU B 252 -34.20 40.13 -24.57
CA LEU B 252 -34.06 38.89 -23.80
C LEU B 252 -33.84 39.13 -22.32
N VAL B 253 -32.88 39.98 -21.96
CA VAL B 253 -32.50 40.19 -20.57
C VAL B 253 -32.61 41.67 -20.26
N ASP B 254 -33.42 42.00 -19.25
CA ASP B 254 -33.66 43.40 -18.91
C ASP B 254 -32.49 43.95 -18.11
N SER B 255 -32.07 45.16 -18.44
CA SER B 255 -30.81 45.72 -17.97
C SER B 255 -30.96 46.63 -16.75
N THR B 256 -32.16 46.77 -16.21
CA THR B 256 -32.37 47.71 -15.11
C THR B 256 -31.45 47.39 -13.94
N ALA B 257 -31.47 46.14 -13.49
CA ALA B 257 -30.58 45.73 -12.42
C ALA B 257 -29.13 45.86 -12.84
N TYR B 258 -28.84 45.55 -14.10
CA TYR B 258 -27.48 45.70 -14.60
C TYR B 258 -27.08 47.18 -14.65
N LEU B 259 -28.02 48.05 -15.00
CA LEU B 259 -27.73 49.49 -14.96
C LEU B 259 -27.39 49.93 -13.54
N ALA B 260 -28.18 49.51 -12.57
CA ALA B 260 -27.92 49.89 -11.19
C ALA B 260 -26.58 49.34 -10.71
N ALA B 261 -26.28 48.09 -11.05
CA ALA B 261 -25.01 47.49 -10.64
C ALA B 261 -23.85 48.20 -11.30
N CYS B 262 -24.01 48.61 -12.55
CA CYS B 262 -22.99 49.41 -13.22
C CYS B 262 -22.73 50.70 -12.47
N ALA B 263 -23.79 51.39 -12.08
CA ALA B 263 -23.61 52.63 -11.32
C ALA B 263 -22.91 52.36 -10.00
N GLN B 264 -23.31 51.30 -9.31
CA GLN B 264 -22.71 50.98 -8.01
C GLN B 264 -21.23 50.66 -8.15
N ASP B 265 -20.86 49.89 -9.18
CA ASP B 265 -19.44 49.66 -9.43
C ASP B 265 -18.73 50.94 -9.80
N LEU B 266 -19.39 51.83 -10.53
CA LEU B 266 -18.79 53.13 -10.78
C LEU B 266 -18.50 53.87 -9.49
N CYS B 267 -19.30 53.65 -8.45
CA CYS B 267 -18.94 54.19 -7.14
C CYS B 267 -17.68 53.54 -6.60
N ARG B 268 -17.46 52.27 -6.93
CA ARG B 268 -16.21 51.62 -6.58
C ARG B 268 -15.13 52.07 -7.58
N CYS B 269 -14.02 51.34 -7.64
CA CYS B 269 -12.88 51.79 -8.42
C CYS B 269 -13.25 51.99 -9.89
N PRO B 270 -12.69 53.02 -10.54
CA PRO B 270 -12.89 53.14 -11.89
C PRO B 270 -12.06 52.25 -12.81
N THR B 271 -11.27 51.30 -12.29
CA THR B 271 -10.75 50.24 -13.16
C THR B 271 -11.60 48.96 -13.12
N CYS B 272 -12.66 48.94 -12.34
CA CYS B 272 -13.52 47.77 -12.21
C CYS B 272 -14.99 48.06 -12.49
N PRO B 273 -15.32 48.72 -13.62
CA PRO B 273 -16.74 48.89 -13.93
C PRO B 273 -17.26 47.91 -14.96
N CYS B 274 -16.39 47.13 -15.61
CA CYS B 274 -16.78 46.32 -16.75
C CYS B 274 -17.28 44.93 -16.36
N ALA B 275 -17.25 44.60 -15.08
CA ALA B 275 -17.77 43.30 -14.65
C ALA B 275 -19.25 43.17 -14.99
N THR B 276 -20.04 44.22 -14.75
CA THR B 276 -21.45 44.17 -15.07
C THR B 276 -21.67 44.02 -16.58
N PHE B 277 -20.87 44.73 -17.37
CA PHE B 277 -21.00 44.60 -18.82
C PHE B 277 -20.72 43.17 -19.27
N VAL B 278 -19.62 42.59 -18.77
CA VAL B 278 -19.29 41.22 -19.16
C VAL B 278 -20.39 40.26 -18.72
N GLU B 279 -20.93 40.47 -17.52
CA GLU B 279 -22.00 39.60 -17.05
C GLU B 279 -23.24 39.73 -17.92
N TYR B 280 -23.55 40.94 -18.36
CA TYR B 280 -24.70 41.11 -19.24
C TYR B 280 -24.45 40.42 -20.58
N SER B 281 -23.21 40.47 -21.08
CA SER B 281 -22.90 39.73 -22.30
C SER B 281 -23.11 38.23 -22.08
N ARG B 282 -22.63 37.70 -20.95
CA ARG B 282 -22.79 36.29 -20.65
C ARG B 282 -24.28 35.92 -20.61
N GLN B 283 -25.07 36.72 -19.90
CA GLN B 283 -26.49 36.43 -19.77
C GLN B 283 -27.22 36.53 -21.09
N CYS B 284 -26.91 37.54 -21.90
CA CYS B 284 -27.53 37.64 -23.21
C CYS B 284 -27.18 36.44 -24.08
N ALA B 285 -25.91 36.01 -24.03
CA ALA B 285 -25.52 34.81 -24.74
C ALA B 285 -26.30 33.60 -24.25
N HIS B 286 -26.50 33.49 -22.94
CA HIS B 286 -27.11 32.30 -22.36
C HIS B 286 -28.61 32.24 -22.61
N ALA B 287 -29.29 33.38 -22.65
CA ALA B 287 -30.71 33.37 -22.96
C ALA B 287 -30.95 32.91 -24.38
N GLY B 288 -29.96 33.06 -25.25
CA GLY B 288 -30.07 32.60 -26.62
C GLY B 288 -29.60 33.62 -27.64
N GLY B 289 -29.55 34.89 -27.24
CA GLY B 289 -29.21 35.94 -28.17
C GLY B 289 -27.76 35.93 -28.57
N GLN B 290 -27.45 36.80 -29.54
CA GLN B 290 -26.11 36.89 -30.08
C GLN B 290 -25.54 38.25 -29.74
N PRO B 291 -24.70 38.37 -28.71
CA PRO B 291 -24.14 39.68 -28.37
C PRO B 291 -23.15 40.14 -29.42
N ARG B 292 -22.91 41.45 -29.45
CA ARG B 292 -21.97 42.05 -30.37
CA ARG B 292 -21.97 42.07 -30.37
C ARG B 292 -20.76 42.57 -29.60
N ASN B 293 -19.67 42.79 -30.32
CA ASN B 293 -18.40 43.19 -29.70
C ASN B 293 -18.52 44.60 -29.17
N TRP B 294 -18.79 44.75 -27.88
CA TRP B 294 -18.90 46.06 -27.26
C TRP B 294 -17.55 46.66 -26.88
N ARG B 295 -16.50 45.84 -26.86
CA ARG B 295 -15.21 46.30 -26.38
C ARG B 295 -14.55 47.25 -27.36
N CYS B 296 -13.77 48.18 -26.83
CA CYS B 296 -12.93 49.09 -27.57
C CYS B 296 -11.62 49.20 -26.81
N PRO B 297 -10.54 49.66 -27.48
CA PRO B 297 -9.23 49.70 -26.83
C PRO B 297 -9.20 50.39 -25.48
N GLU B 298 -10.29 51.05 -25.09
CA GLU B 298 -10.41 51.65 -23.77
C GLU B 298 -11.38 50.92 -22.85
N LEU B 299 -12.40 50.27 -23.40
CA LEU B 299 -13.46 49.66 -22.58
C LEU B 299 -13.01 48.27 -22.15
N CYS B 300 -12.15 48.25 -21.12
CA CYS B 300 -11.55 47.03 -20.59
C CYS B 300 -11.01 46.19 -21.75
N PRO B 301 -9.97 46.66 -22.43
CA PRO B 301 -9.52 45.97 -23.65
C PRO B 301 -8.99 44.58 -23.35
N ARG B 302 -9.08 43.71 -24.35
CA ARG B 302 -8.60 42.34 -24.23
C ARG B 302 -7.44 42.10 -25.18
N THR B 303 -6.56 41.18 -24.80
CA THR B 303 -5.43 40.79 -25.62
C THR B 303 -5.47 39.29 -25.85
N CYS B 304 -5.14 38.88 -27.06
CA CYS B 304 -5.11 37.49 -27.49
C CYS B 304 -3.82 37.25 -28.25
N PRO B 305 -3.43 35.98 -28.45
CA PRO B 305 -2.19 35.68 -29.21
C PRO B 305 -2.17 36.26 -30.62
N LEU B 306 -1.02 36.13 -31.29
CA LEU B 306 -0.76 36.93 -32.49
C LEU B 306 -1.78 36.66 -33.60
N ASN B 307 -2.09 35.39 -33.85
CA ASN B 307 -3.03 35.01 -34.90
C ASN B 307 -4.45 34.97 -34.39
N MET B 308 -4.68 35.34 -33.15
CA MET B 308 -5.87 34.96 -32.41
C MET B 308 -6.53 36.24 -31.90
N GLN B 309 -7.85 36.34 -32.08
CA GLN B 309 -8.58 37.56 -31.84
C GLN B 309 -9.60 37.38 -30.72
N HIS B 310 -9.83 38.43 -29.96
CA HIS B 310 -10.81 38.40 -28.87
C HIS B 310 -12.18 38.77 -29.43
N GLN B 311 -13.10 37.82 -29.39
CA GLN B 311 -14.45 38.00 -29.89
C GLN B 311 -15.47 37.78 -28.77
N GLU B 312 -16.53 38.58 -28.81
CA GLU B 312 -17.75 38.33 -28.07
C GLU B 312 -18.68 37.54 -28.98
N CYS B 313 -19.24 36.46 -28.44
CA CYS B 313 -20.04 35.53 -29.25
C CYS B 313 -19.27 35.01 -30.45
N GLY B 314 -18.22 34.23 -30.19
CA GLY B 314 -17.67 33.34 -31.20
C GLY B 314 -18.10 31.93 -30.89
N SER B 315 -18.00 31.07 -31.90
CA SER B 315 -18.45 29.69 -31.75
C SER B 315 -17.66 28.98 -30.67
N PRO B 316 -18.32 28.32 -29.72
CA PRO B 316 -17.58 27.68 -28.62
C PRO B 316 -16.72 26.53 -29.07
N CYS B 317 -17.09 25.88 -30.17
CA CYS B 317 -16.35 24.74 -30.70
C CYS B 317 -15.42 25.25 -31.80
N THR B 318 -14.21 25.64 -31.39
CA THR B 318 -13.24 26.16 -32.34
C THR B 318 -12.81 25.05 -33.28
N ASP B 319 -12.97 25.27 -34.58
CA ASP B 319 -12.53 24.29 -35.54
C ASP B 319 -11.01 24.23 -35.55
N THR B 320 -10.47 23.05 -35.33
CA THR B 320 -9.03 22.85 -35.21
C THR B 320 -8.65 21.71 -36.13
N CYS B 321 -7.62 21.89 -36.95
CA CYS B 321 -7.41 20.89 -38.01
C CYS B 321 -7.02 19.53 -37.46
N SER B 322 -6.97 19.36 -36.13
CA SER B 322 -7.13 18.02 -35.57
C SER B 322 -8.53 17.48 -35.86
N ASN B 323 -9.54 18.34 -35.75
CA ASN B 323 -10.91 18.03 -36.17
C ASN B 323 -11.47 19.25 -36.92
N PRO B 324 -10.92 19.54 -38.10
CA PRO B 324 -11.17 20.86 -38.72
C PRO B 324 -12.62 21.15 -39.02
N GLN B 325 -13.52 20.19 -38.87
CA GLN B 325 -14.95 20.44 -39.09
C GLN B 325 -15.74 20.15 -37.82
N ARG B 326 -15.16 20.49 -36.66
CA ARG B 326 -15.87 20.30 -35.39
C ARG B 326 -17.09 21.19 -35.31
N ALA B 327 -16.99 22.40 -35.84
CA ALA B 327 -18.05 23.40 -35.72
C ALA B 327 -19.21 23.13 -36.65
N GLN B 328 -19.35 21.92 -37.19
CA GLN B 328 -20.33 21.67 -38.23
C GLN B 328 -21.75 21.70 -37.69
N LEU B 329 -22.07 20.78 -36.77
CA LEU B 329 -23.42 20.68 -36.22
C LEU B 329 -23.38 20.85 -34.70
N CYS B 330 -22.65 21.87 -34.25
CA CYS B 330 -22.53 22.14 -32.82
C CYS B 330 -23.87 22.59 -32.25
N GLU B 331 -24.05 22.32 -30.96
CA GLU B 331 -25.17 22.88 -30.20
C GLU B 331 -24.63 23.47 -28.91
N ASP B 332 -24.28 24.74 -28.97
CA ASP B 332 -23.85 25.52 -27.80
C ASP B 332 -23.91 26.99 -28.16
N HIS B 333 -24.40 27.81 -27.23
CA HIS B 333 -24.66 29.22 -27.50
C HIS B 333 -23.34 29.96 -27.67
N CYS B 334 -23.44 31.27 -27.92
CA CYS B 334 -22.25 32.10 -27.99
C CYS B 334 -21.36 31.89 -26.79
N VAL B 335 -20.06 32.05 -26.99
CA VAL B 335 -19.09 32.09 -25.92
C VAL B 335 -18.06 33.17 -26.23
N ASP B 336 -17.75 33.99 -25.24
CA ASP B 336 -16.70 34.99 -25.35
C ASP B 336 -15.33 34.31 -25.27
N GLY B 337 -14.34 34.89 -25.94
CA GLY B 337 -12.99 34.44 -25.74
C GLY B 337 -12.13 34.72 -26.96
N CYS B 338 -10.97 34.08 -26.99
CA CYS B 338 -10.08 34.15 -28.14
C CYS B 338 -10.55 33.17 -29.21
N PHE B 339 -10.31 33.51 -30.47
CA PHE B 339 -10.79 32.73 -31.60
C PHE B 339 -9.83 32.95 -32.76
N CYS B 340 -10.16 32.34 -33.88
CA CYS B 340 -9.46 32.48 -35.14
C CYS B 340 -10.37 33.08 -36.21
N PRO B 341 -9.83 33.83 -37.15
CA PRO B 341 -10.65 34.35 -38.23
C PRO B 341 -11.23 33.21 -39.05
N PRO B 342 -12.41 33.41 -39.64
CA PRO B 342 -13.04 32.32 -40.39
C PRO B 342 -12.18 31.88 -41.57
N GLY B 343 -12.17 30.57 -41.82
CA GLY B 343 -11.40 30.01 -42.90
C GLY B 343 -10.14 29.30 -42.44
N THR B 344 -9.45 29.89 -41.47
CA THR B 344 -8.25 29.29 -40.89
C THR B 344 -8.60 28.70 -39.53
N VAL B 345 -8.31 27.42 -39.36
CA VAL B 345 -8.63 26.68 -38.15
C VAL B 345 -7.50 26.79 -37.13
N LEU B 346 -7.78 26.42 -35.89
CA LEU B 346 -6.76 26.44 -34.85
C LEU B 346 -5.84 25.24 -35.00
N ASP B 347 -4.57 25.43 -34.67
CA ASP B 347 -3.58 24.37 -34.70
C ASP B 347 -3.26 23.95 -33.27
N ASP B 348 -3.86 22.84 -32.84
CA ASP B 348 -3.60 22.29 -31.53
C ASP B 348 -2.52 21.22 -31.55
N ILE B 349 -2.01 20.86 -32.72
CA ILE B 349 -1.01 19.80 -32.81
C ILE B 349 0.34 20.28 -32.33
N THR B 350 0.77 21.46 -32.76
CA THR B 350 2.01 22.05 -32.26
C THR B 350 1.85 23.46 -31.70
N HIS B 351 0.63 23.98 -31.59
CA HIS B 351 0.37 25.26 -30.94
C HIS B 351 1.06 26.40 -31.67
N SER B 352 0.86 26.46 -32.98
CA SER B 352 1.43 27.51 -33.82
C SER B 352 0.42 28.61 -34.15
N GLY B 353 -0.58 28.80 -33.30
CA GLY B 353 -1.66 29.72 -33.62
C GLY B 353 -2.66 29.08 -34.56
N CYS B 354 -3.40 29.94 -35.26
CA CYS B 354 -4.33 29.44 -36.27
C CYS B 354 -3.62 29.34 -37.61
N LEU B 355 -3.78 28.21 -38.28
CA LEU B 355 -3.13 27.98 -39.55
C LEU B 355 -4.18 27.66 -40.60
N PRO B 356 -3.89 27.92 -41.87
CA PRO B 356 -4.82 27.51 -42.93
C PRO B 356 -4.94 25.99 -42.98
N LEU B 357 -6.07 25.53 -43.51
CA LEU B 357 -6.38 24.11 -43.48
C LEU B 357 -5.31 23.29 -44.17
N GLY B 358 -4.58 23.87 -45.11
CA GLY B 358 -3.59 23.16 -45.88
C GLY B 358 -2.18 23.16 -45.35
N GLN B 359 -1.88 23.94 -44.30
CA GLN B 359 -0.50 24.05 -43.83
C GLN B 359 -0.32 23.52 -42.40
N CYS B 360 -1.25 22.77 -41.92
CA CYS B 360 -0.99 22.41 -40.54
C CYS B 360 -0.60 20.94 -40.42
N PRO B 361 0.14 20.58 -39.37
CA PRO B 361 0.75 19.25 -39.33
C PRO B 361 -0.27 18.14 -39.17
N CYS B 362 0.23 16.91 -39.29
CA CYS B 362 -0.54 15.71 -39.01
C CYS B 362 0.12 14.96 -37.86
N THR B 363 -0.52 13.89 -37.41
CA THR B 363 -0.03 13.13 -36.28
C THR B 363 -0.19 11.63 -36.55
N HIS B 364 0.79 10.84 -36.11
CA HIS B 364 0.72 9.39 -36.21
C HIS B 364 1.53 8.79 -35.07
N GLY B 365 0.86 8.11 -34.15
CA GLY B 365 1.53 7.34 -33.11
C GLY B 365 2.48 8.13 -32.25
N GLY B 366 2.08 9.31 -31.79
CA GLY B 366 2.95 10.15 -31.01
C GLY B 366 3.97 10.93 -31.82
N ARG B 367 3.97 10.77 -33.15
CA ARG B 367 4.86 11.52 -34.02
C ARG B 367 4.10 12.64 -34.68
N THR B 368 4.74 13.80 -34.78
CA THR B 368 4.16 14.95 -35.46
C THR B 368 4.84 15.13 -36.80
N TYR B 369 4.04 15.26 -37.86
CA TYR B 369 4.56 15.34 -39.22
C TYR B 369 4.24 16.71 -39.79
N SER B 370 5.28 17.42 -40.21
CA SER B 370 5.06 18.69 -40.89
C SER B 370 4.40 18.45 -42.24
N PRO B 371 3.76 19.45 -42.82
CA PRO B 371 3.25 19.29 -44.19
C PRO B 371 4.39 19.03 -45.15
N GLY B 372 4.11 18.21 -46.17
CA GLY B 372 5.09 17.76 -47.12
C GLY B 372 5.73 16.44 -46.75
N THR B 373 5.58 16.03 -45.49
CA THR B 373 6.18 14.80 -45.03
C THR B 373 5.32 13.59 -45.39
N SER B 374 5.99 12.44 -45.51
CA SER B 374 5.33 11.18 -45.76
C SER B 374 5.96 10.12 -44.89
N PHE B 375 5.19 9.09 -44.58
CA PHE B 375 5.74 7.93 -43.90
C PHE B 375 5.11 6.69 -44.51
N ASN B 376 5.94 5.70 -44.79
CA ASN B 376 5.50 4.49 -45.46
C ASN B 376 5.59 3.32 -44.49
N THR B 377 4.45 2.68 -44.24
CA THR B 377 4.43 1.40 -43.57
C THR B 377 4.83 0.32 -44.57
N THR B 378 5.09 -0.89 -44.06
CA THR B 378 5.47 -1.98 -44.95
C THR B 378 4.33 -2.34 -45.90
N CYS B 379 3.10 -1.98 -45.54
CA CYS B 379 1.94 -2.28 -46.36
C CYS B 379 1.30 -1.06 -47.00
N SER B 380 1.69 0.15 -46.61
CA SER B 380 1.06 1.35 -47.15
C SER B 380 1.97 2.55 -46.95
N SER B 381 1.67 3.62 -47.69
CA SER B 381 2.39 4.88 -47.59
C SER B 381 1.40 6.03 -47.48
N CYS B 382 1.64 6.91 -46.51
CA CYS B 382 0.70 8.00 -46.21
C CYS B 382 1.44 9.33 -46.19
N THR B 383 0.86 10.31 -46.89
CA THR B 383 1.41 11.66 -47.01
C THR B 383 0.54 12.63 -46.21
N CYS B 384 1.18 13.46 -45.39
CA CYS B 384 0.46 14.44 -44.59
C CYS B 384 0.13 15.64 -45.47
N SER B 385 -1.11 15.69 -45.96
CA SER B 385 -1.51 16.80 -46.81
C SER B 385 -3.03 16.95 -46.77
N GLY B 386 -3.49 18.14 -47.15
CA GLY B 386 -4.90 18.45 -47.05
C GLY B 386 -5.39 18.53 -45.62
N GLY B 387 -4.48 18.60 -44.66
CA GLY B 387 -4.84 18.46 -43.27
C GLY B 387 -5.17 17.04 -42.85
N LEU B 388 -5.01 16.08 -43.76
CA LEU B 388 -5.33 14.69 -43.50
C LEU B 388 -4.14 13.84 -43.92
N TRP B 389 -4.33 12.52 -43.91
CA TRP B 389 -3.36 11.58 -44.44
C TRP B 389 -3.90 11.03 -45.76
N GLN B 390 -3.18 11.30 -46.84
CA GLN B 390 -3.47 10.71 -48.14
C GLN B 390 -2.70 9.41 -48.21
N CYS B 391 -3.40 8.29 -48.11
CA CYS B 391 -2.78 6.98 -47.96
C CYS B 391 -3.03 6.15 -49.22
N GLN B 392 -1.96 5.64 -49.81
CA GLN B 392 -2.06 4.64 -50.85
C GLN B 392 -1.45 3.34 -50.36
N ASP B 393 -1.83 2.25 -51.01
CA ASP B 393 -1.48 0.91 -50.55
C ASP B 393 -0.43 0.31 -51.48
N LEU B 394 0.78 0.17 -50.96
CA LEU B 394 1.80 -0.60 -51.65
C LEU B 394 1.39 -2.08 -51.66
N PRO B 395 1.87 -2.85 -52.64
CA PRO B 395 1.53 -4.27 -52.68
C PRO B 395 2.03 -4.98 -51.43
N CYS B 396 1.22 -5.91 -50.92
CA CYS B 396 1.52 -6.62 -49.69
C CYS B 396 1.30 -8.11 -49.89
N PRO B 397 2.34 -8.93 -49.80
CA PRO B 397 2.13 -10.38 -49.83
C PRO B 397 1.41 -10.84 -48.57
N GLY B 398 0.30 -11.55 -48.75
CA GLY B 398 -0.46 -12.01 -47.62
C GLY B 398 0.28 -13.07 -46.84
N THR B 399 -0.17 -13.32 -45.61
CA THR B 399 0.57 -14.18 -44.69
C THR B 399 -0.40 -14.96 -43.83
N CYS B 400 -0.60 -16.22 -44.16
CA CYS B 400 -1.27 -17.17 -43.27
C CYS B 400 -0.25 -17.79 -42.34
N SER B 401 -0.74 -18.36 -41.25
CA SER B 401 0.18 -19.02 -40.35
C SER B 401 -0.59 -19.94 -39.43
N VAL B 402 0.08 -21.01 -39.01
CA VAL B 402 -0.41 -21.91 -37.97
C VAL B 402 0.64 -21.96 -36.88
N GLN B 403 0.25 -21.52 -35.69
CA GLN B 403 1.15 -21.33 -34.56
C GLN B 403 0.60 -22.08 -33.37
N GLY B 404 1.50 -22.63 -32.55
CA GLY B 404 1.12 -23.40 -31.40
C GLY B 404 0.54 -24.75 -31.72
N GLY B 405 0.43 -25.10 -32.99
CA GLY B 405 -0.24 -26.31 -33.40
C GLY B 405 -1.75 -26.24 -33.35
N ALA B 406 -2.31 -25.16 -32.86
CA ALA B 406 -3.75 -25.04 -32.75
C ALA B 406 -4.29 -23.76 -33.34
N HIS B 407 -3.55 -22.66 -33.26
CA HIS B 407 -4.08 -21.36 -33.64
C HIS B 407 -3.72 -21.05 -35.08
N ILE B 408 -4.66 -20.43 -35.79
CA ILE B 408 -4.52 -20.12 -37.20
C ILE B 408 -4.79 -18.64 -37.40
N SER B 409 -3.85 -17.96 -38.05
CA SER B 409 -4.05 -16.59 -38.48
C SER B 409 -4.20 -16.62 -39.99
N THR B 410 -5.40 -16.34 -40.49
CA THR B 410 -5.67 -16.49 -41.91
C THR B 410 -5.03 -15.35 -42.68
N TYR B 411 -5.28 -15.31 -43.99
CA TYR B 411 -4.78 -14.22 -44.81
C TYR B 411 -5.49 -12.91 -44.49
N ASP B 412 -6.75 -12.98 -44.11
CA ASP B 412 -7.53 -11.82 -43.69
C ASP B 412 -7.29 -11.46 -42.23
N GLU B 413 -6.32 -12.10 -41.58
CA GLU B 413 -5.99 -11.85 -40.18
C GLU B 413 -7.18 -12.15 -39.26
N LYS B 414 -7.81 -13.31 -39.47
CA LYS B 414 -8.89 -13.76 -38.60
C LYS B 414 -8.35 -14.87 -37.71
N LEU B 415 -7.84 -14.50 -36.56
CA LEU B 415 -7.24 -15.47 -35.65
C LEU B 415 -8.32 -16.37 -35.07
N TYR B 416 -8.08 -17.68 -35.11
CA TYR B 416 -9.01 -18.63 -34.52
C TYR B 416 -8.26 -19.92 -34.20
N ASP B 417 -8.66 -20.59 -33.12
CA ASP B 417 -7.99 -21.81 -32.72
C ASP B 417 -8.67 -23.02 -33.35
N LEU B 418 -7.87 -24.04 -33.66
CA LEU B 418 -8.35 -25.25 -34.29
C LEU B 418 -7.70 -26.44 -33.61
N HIS B 419 -8.48 -27.20 -32.85
CA HIS B 419 -8.03 -28.41 -32.17
C HIS B 419 -8.50 -29.61 -32.99
N GLY B 420 -7.66 -30.07 -33.89
CA GLY B 420 -8.03 -31.11 -34.82
C GLY B 420 -7.01 -32.22 -34.84
N ASP B 421 -7.47 -33.39 -35.31
CA ASP B 421 -6.64 -34.57 -35.49
C ASP B 421 -6.90 -35.11 -36.88
N CYS B 422 -6.23 -34.54 -37.87
CA CYS B 422 -6.36 -34.95 -39.27
C CYS B 422 -5.35 -34.17 -40.08
N SER B 423 -5.41 -34.31 -41.40
CA SER B 423 -4.69 -33.44 -42.31
C SER B 423 -5.68 -32.47 -42.93
N TYR B 424 -5.39 -31.19 -42.85
CA TYR B 424 -6.31 -30.15 -43.28
C TYR B 424 -5.72 -29.40 -44.45
N VAL B 425 -6.56 -29.06 -45.42
CA VAL B 425 -6.10 -28.31 -46.58
C VAL B 425 -5.86 -26.89 -46.10
N LEU B 426 -4.60 -26.58 -45.79
CA LEU B 426 -4.28 -25.29 -45.20
C LEU B 426 -4.56 -24.17 -46.17
N SER B 427 -4.17 -24.32 -47.43
CA SER B 427 -4.46 -23.28 -48.40
C SER B 427 -4.39 -23.87 -49.79
N LYS B 428 -5.25 -23.37 -50.68
CA LYS B 428 -5.36 -23.96 -52.01
C LYS B 428 -6.06 -22.98 -52.93
N LYS B 429 -5.45 -22.67 -54.06
CA LYS B 429 -6.07 -21.79 -55.05
C LYS B 429 -7.23 -22.54 -55.69
N CYS B 430 -8.44 -22.36 -55.16
CA CYS B 430 -9.50 -23.33 -55.35
C CYS B 430 -10.18 -23.28 -56.71
N ALA B 431 -9.79 -22.34 -57.58
CA ALA B 431 -10.25 -22.41 -58.96
C ALA B 431 -9.72 -23.67 -59.63
N ASP B 432 -8.46 -23.99 -59.37
CA ASP B 432 -7.79 -25.16 -59.94
C ASP B 432 -6.95 -25.86 -58.90
N SER B 433 -6.04 -26.73 -59.31
CA SER B 433 -5.15 -27.41 -58.36
C SER B 433 -3.69 -27.05 -58.60
N SER B 434 -3.38 -25.77 -58.77
CA SER B 434 -2.00 -25.35 -59.00
C SER B 434 -1.11 -25.70 -57.81
N PHE B 435 -1.57 -25.42 -56.60
CA PHE B 435 -0.86 -25.83 -55.40
C PHE B 435 -1.88 -26.13 -54.32
N THR B 436 -1.45 -26.90 -53.31
CA THR B 436 -2.29 -27.21 -52.16
C THR B 436 -1.39 -27.43 -50.96
N VAL B 437 -1.21 -26.39 -50.15
CA VAL B 437 -0.44 -26.52 -48.92
C VAL B 437 -1.31 -27.22 -47.90
N LEU B 438 -0.85 -28.39 -47.44
CA LEU B 438 -1.56 -29.25 -46.50
C LEU B 438 -0.83 -29.24 -45.17
N ALA B 439 -1.60 -29.28 -44.09
CA ALA B 439 -1.06 -29.34 -42.75
C ALA B 439 -1.71 -30.50 -42.02
N GLU B 440 -0.89 -31.35 -41.42
CA GLU B 440 -1.38 -32.46 -40.61
C GLU B 440 -1.22 -32.07 -39.15
N LEU B 441 -2.32 -32.02 -38.41
CA LEU B 441 -2.33 -31.62 -37.02
C LEU B 441 -2.73 -32.83 -36.18
N ARG B 442 -1.90 -33.19 -35.21
CA ARG B 442 -2.09 -34.42 -34.48
C ARG B 442 -2.21 -34.14 -33.00
N LYS B 443 -3.05 -34.92 -32.33
CA LYS B 443 -3.20 -34.80 -30.88
C LYS B 443 -1.93 -35.28 -30.20
N CYS B 444 -1.52 -34.56 -29.15
CA CYS B 444 -0.20 -34.76 -28.53
C CYS B 444 -0.26 -35.03 -27.04
N GLY B 445 -1.43 -35.28 -26.47
CA GLY B 445 -1.48 -35.38 -25.03
C GLY B 445 -2.71 -36.12 -24.55
N LEU B 446 -2.86 -36.17 -23.23
CA LEU B 446 -4.02 -36.83 -22.66
C LEU B 446 -5.32 -36.15 -23.08
N THR B 447 -5.33 -34.83 -23.11
CA THR B 447 -6.53 -34.07 -23.42
C THR B 447 -6.65 -33.85 -24.93
N ASP B 448 -7.90 -33.74 -25.40
CA ASP B 448 -8.17 -33.62 -26.82
C ASP B 448 -7.76 -32.26 -27.39
N ASN B 449 -7.39 -31.31 -26.54
CA ASN B 449 -6.97 -30.00 -27.00
C ASN B 449 -5.47 -29.78 -26.86
N GLU B 450 -4.68 -30.84 -26.88
CA GLU B 450 -3.21 -30.75 -26.82
C GLU B 450 -2.68 -31.20 -28.17
N ASN B 451 -2.53 -30.24 -29.09
CA ASN B 451 -2.22 -30.56 -30.48
C ASN B 451 -0.84 -30.06 -30.86
N CYS B 452 -0.28 -30.70 -31.89
CA CYS B 452 0.97 -30.28 -32.51
C CYS B 452 0.85 -30.40 -34.02
N LEU B 453 1.35 -29.40 -34.73
CA LEU B 453 1.59 -29.54 -36.15
C LEU B 453 2.66 -30.61 -36.34
N LYS B 454 2.42 -31.53 -37.28
CA LYS B 454 3.35 -32.63 -37.46
C LYS B 454 3.94 -32.74 -38.85
N ALA B 455 3.38 -32.06 -39.84
CA ALA B 455 3.95 -32.06 -41.18
C ALA B 455 3.39 -30.88 -41.94
N VAL B 456 4.04 -30.55 -43.04
CA VAL B 456 3.54 -29.57 -43.99
C VAL B 456 3.78 -30.14 -45.38
N THR B 457 2.72 -30.50 -46.07
CA THR B 457 2.83 -31.23 -47.33
C THR B 457 2.38 -30.33 -48.47
N LEU B 458 3.32 -29.62 -49.06
CA LEU B 458 3.00 -28.84 -50.26
C LEU B 458 2.76 -29.81 -51.41
N SER B 459 1.50 -30.01 -51.77
CA SER B 459 1.14 -30.77 -52.95
C SER B 459 1.02 -29.83 -54.13
N LEU B 460 1.52 -30.27 -55.29
CA LEU B 460 1.78 -29.37 -56.39
C LEU B 460 1.39 -30.03 -57.70
N ASP B 461 1.05 -29.21 -58.68
CA ASP B 461 0.75 -29.67 -60.04
C ASP B 461 -0.37 -30.70 -60.03
N GLY B 462 -1.40 -30.45 -59.22
CA GLY B 462 -2.46 -31.43 -59.08
C GLY B 462 -2.00 -32.70 -58.39
N GLY B 463 -1.11 -32.56 -57.41
CA GLY B 463 -0.58 -33.70 -56.71
C GLY B 463 0.56 -34.41 -57.39
N ASP B 464 0.96 -33.95 -58.57
CA ASP B 464 2.06 -34.59 -59.27
C ASP B 464 3.38 -34.43 -58.53
N THR B 465 3.54 -33.35 -57.77
CA THR B 465 4.75 -33.10 -57.01
C THR B 465 4.38 -32.95 -55.54
N ALA B 466 5.26 -33.36 -54.64
CA ALA B 466 4.97 -33.30 -53.22
C ALA B 466 6.25 -32.94 -52.47
N ILE B 467 6.19 -31.91 -51.65
CA ILE B 467 7.29 -31.54 -50.78
C ILE B 467 6.78 -31.59 -49.35
N ARG B 468 7.27 -32.54 -48.58
CA ARG B 468 6.74 -32.82 -47.25
C ARG B 468 7.79 -32.48 -46.22
N VAL B 469 7.58 -31.39 -45.49
CA VAL B 469 8.48 -31.01 -44.42
C VAL B 469 7.94 -31.60 -43.12
N GLN B 470 8.69 -32.52 -42.53
CA GLN B 470 8.27 -33.16 -41.29
C GLN B 470 8.60 -32.25 -40.12
N ALA B 471 8.37 -32.76 -38.90
CA ALA B 471 8.59 -31.97 -37.70
C ALA B 471 10.02 -31.98 -37.21
N ASP B 472 10.80 -33.02 -37.51
CA ASP B 472 12.18 -33.06 -37.08
C ASP B 472 13.13 -32.39 -38.06
N GLY B 473 12.62 -31.87 -39.17
CA GLY B 473 13.43 -31.22 -40.17
C GLY B 473 13.61 -31.99 -41.45
N GLY B 474 13.29 -33.28 -41.46
CA GLY B 474 13.41 -34.07 -42.67
C GLY B 474 12.48 -33.60 -43.75
N VAL B 475 13.00 -33.36 -44.96
CA VAL B 475 12.21 -32.88 -46.07
C VAL B 475 12.18 -33.96 -47.14
N PHE B 476 10.99 -34.30 -47.62
CA PHE B 476 10.78 -35.41 -48.53
C PHE B 476 10.27 -34.84 -49.85
N LEU B 477 10.99 -35.10 -50.93
CA LEU B 477 10.52 -34.74 -52.27
C LEU B 477 9.97 -36.00 -52.92
N ASN B 478 8.65 -36.03 -53.10
CA ASN B 478 7.94 -37.23 -53.56
C ASN B 478 8.29 -38.43 -52.69
N SER B 479 8.15 -38.24 -51.39
CA SER B 479 8.32 -39.30 -50.39
C SER B 479 9.73 -39.88 -50.41
N ILE B 480 10.68 -39.14 -50.97
CA ILE B 480 12.09 -39.54 -50.96
C ILE B 480 12.85 -38.51 -50.14
N TYR B 481 13.65 -38.99 -49.20
CA TYR B 481 14.44 -38.06 -48.39
C TYR B 481 15.32 -37.21 -49.28
N THR B 482 15.31 -35.91 -49.01
CA THR B 482 16.07 -34.95 -49.79
C THR B 482 16.78 -34.02 -48.82
N GLN B 483 18.10 -33.96 -48.89
CA GLN B 483 18.80 -33.03 -48.03
C GLN B 483 18.66 -31.61 -48.58
N LEU B 484 19.02 -30.63 -47.77
CA LEU B 484 18.82 -29.25 -48.18
C LEU B 484 20.16 -28.56 -48.33
N PRO B 485 20.28 -27.61 -49.28
CA PRO B 485 19.25 -27.09 -50.19
C PRO B 485 19.01 -27.96 -51.42
N LEU B 486 17.85 -27.78 -52.06
CA LEU B 486 17.57 -28.38 -53.36
C LEU B 486 16.99 -27.29 -54.25
N SER B 487 17.17 -27.44 -55.55
CA SER B 487 16.71 -26.42 -56.50
C SER B 487 16.30 -27.07 -57.81
N ALA B 488 15.01 -27.31 -58.00
CA ALA B 488 14.53 -27.95 -59.22
C ALA B 488 13.06 -27.63 -59.44
N ALA B 489 12.67 -27.56 -60.72
CA ALA B 489 11.30 -27.23 -61.11
C ALA B 489 10.86 -25.89 -60.52
N ASN B 490 11.80 -24.94 -60.50
CA ASN B 490 11.65 -23.61 -59.91
C ASN B 490 11.44 -23.63 -58.40
N ILE B 491 11.43 -24.81 -57.78
CA ILE B 491 11.27 -24.94 -56.34
C ILE B 491 12.63 -24.92 -55.69
N THR B 492 12.78 -24.09 -54.67
CA THR B 492 14.03 -23.95 -53.93
C THR B 492 13.76 -24.26 -52.47
N LEU B 493 14.48 -25.22 -51.91
CA LEU B 493 14.35 -25.61 -50.52
C LEU B 493 15.67 -25.31 -49.83
N PHE B 494 15.63 -24.55 -48.75
CA PHE B 494 16.87 -24.27 -48.05
C PHE B 494 16.59 -23.84 -46.62
N THR B 495 17.60 -23.97 -45.78
CA THR B 495 17.45 -23.59 -44.39
C THR B 495 18.15 -22.26 -44.16
N PRO B 496 17.41 -21.16 -43.98
CA PRO B 496 18.08 -19.90 -43.64
C PRO B 496 18.84 -19.97 -42.34
N SER B 497 18.37 -20.75 -41.38
CA SER B 497 19.08 -21.03 -40.15
C SER B 497 18.68 -22.41 -39.68
N SER B 498 19.17 -22.79 -38.50
CA SER B 498 18.83 -24.11 -37.99
C SER B 498 17.41 -24.17 -37.47
N PHE B 499 16.71 -23.05 -37.37
CA PHE B 499 15.36 -23.04 -36.82
C PHE B 499 14.27 -23.09 -37.89
N PHE B 500 14.59 -22.73 -39.13
CA PHE B 500 13.56 -22.53 -40.15
C PHE B 500 13.95 -23.22 -41.46
N ILE B 501 12.94 -23.64 -42.20
CA ILE B 501 13.08 -24.21 -43.53
C ILE B 501 12.22 -23.41 -44.49
N VAL B 502 12.81 -22.93 -45.58
CA VAL B 502 12.11 -22.12 -46.57
C VAL B 502 11.90 -22.97 -47.81
N VAL B 503 10.65 -23.03 -48.27
CA VAL B 503 10.26 -23.70 -49.49
C VAL B 503 9.71 -22.63 -50.41
N GLN B 504 10.56 -22.08 -51.26
CA GLN B 504 10.20 -21.01 -52.19
C GLN B 504 9.81 -21.61 -53.53
N THR B 505 8.55 -21.48 -53.90
CA THR B 505 8.08 -22.00 -55.17
C THR B 505 7.89 -20.86 -56.14
N GLY B 506 7.94 -21.18 -57.43
CA GLY B 506 7.70 -20.18 -58.43
C GLY B 506 6.25 -19.88 -58.69
N LEU B 507 5.35 -20.72 -58.17
CA LEU B 507 3.92 -20.55 -58.39
C LEU B 507 3.36 -19.30 -57.74
N GLY B 508 4.13 -18.65 -56.87
CA GLY B 508 3.72 -17.41 -56.26
C GLY B 508 3.87 -17.42 -54.75
N LEU B 509 3.61 -18.55 -54.10
CA LEU B 509 3.66 -18.63 -52.66
C LEU B 509 5.06 -19.01 -52.18
N GLN B 510 5.22 -18.98 -50.86
CA GLN B 510 6.45 -19.33 -50.20
C GLN B 510 6.14 -19.85 -48.80
N LEU B 511 6.65 -21.02 -48.46
CA LEU B 511 6.44 -21.59 -47.13
C LEU B 511 7.67 -21.34 -46.28
N LEU B 512 7.45 -21.00 -45.02
CA LEU B 512 8.52 -20.81 -44.04
C LEU B 512 8.10 -21.58 -42.80
N VAL B 513 8.80 -22.66 -42.51
CA VAL B 513 8.39 -23.61 -41.47
C VAL B 513 9.39 -23.55 -40.33
N GLN B 514 8.89 -23.36 -39.11
CA GLN B 514 9.72 -23.32 -37.92
C GLN B 514 9.72 -24.68 -37.25
N LEU B 515 10.91 -25.17 -36.92
CA LEU B 515 11.11 -26.43 -36.25
C LEU B 515 11.46 -26.28 -34.78
N VAL B 516 12.35 -25.35 -34.46
CA VAL B 516 12.81 -25.10 -33.10
C VAL B 516 12.09 -23.87 -32.58
N PRO B 517 11.44 -23.94 -31.40
CA PRO B 517 11.34 -25.09 -30.49
C PRO B 517 10.32 -26.11 -30.93
N LEU B 518 9.23 -25.74 -31.59
CA LEU B 518 8.27 -26.70 -32.09
C LEU B 518 7.91 -26.34 -33.52
N MET B 519 6.89 -27.00 -34.06
CA MET B 519 6.57 -26.92 -35.48
C MET B 519 5.48 -25.89 -35.71
N GLN B 520 5.80 -24.85 -36.48
CA GLN B 520 4.85 -23.82 -36.89
C GLN B 520 5.03 -23.55 -38.37
N VAL B 521 4.00 -23.03 -39.01
CA VAL B 521 4.10 -22.79 -40.45
C VAL B 521 3.66 -21.38 -40.78
N PHE B 522 4.30 -20.78 -41.77
CA PHE B 522 3.94 -19.46 -42.28
C PHE B 522 3.90 -19.52 -43.79
N VAL B 523 2.82 -19.03 -44.37
CA VAL B 523 2.59 -19.11 -45.81
C VAL B 523 2.47 -17.70 -46.34
N ARG B 524 3.26 -17.37 -47.35
CA ARG B 524 3.29 -16.04 -47.92
C ARG B 524 2.79 -16.10 -49.36
N LEU B 525 1.88 -15.21 -49.70
CA LEU B 525 1.28 -15.17 -51.04
C LEU B 525 1.60 -13.87 -51.75
N ASP B 526 2.10 -13.99 -52.98
CA ASP B 526 2.13 -12.86 -53.90
C ASP B 526 0.72 -12.31 -54.04
N PRO B 527 0.51 -11.01 -53.87
CA PRO B 527 -0.86 -10.47 -53.80
C PRO B 527 -1.73 -10.76 -55.01
N ALA B 528 -1.16 -11.27 -56.10
CA ALA B 528 -1.96 -11.52 -57.29
C ALA B 528 -3.06 -12.53 -57.01
N HIS B 529 -2.82 -13.48 -56.11
CA HIS B 529 -3.80 -14.50 -55.78
C HIS B 529 -4.94 -13.98 -54.93
N GLN B 530 -4.91 -12.70 -54.56
CA GLN B 530 -5.91 -12.14 -53.67
C GLN B 530 -7.31 -12.35 -54.21
N GLY B 531 -8.21 -12.78 -53.33
CA GLY B 531 -9.57 -13.04 -53.75
C GLY B 531 -9.73 -14.29 -54.58
N GLN B 532 -8.78 -15.23 -54.48
CA GLN B 532 -8.86 -16.45 -55.26
C GLN B 532 -8.70 -17.73 -54.44
N MET B 533 -8.00 -17.69 -53.32
CA MET B 533 -7.67 -18.91 -52.60
C MET B 533 -8.88 -19.48 -51.90
N CYS B 534 -8.68 -20.67 -51.31
CA CYS B 534 -9.66 -21.32 -50.46
C CYS B 534 -8.90 -21.98 -49.32
N GLY B 535 -9.56 -22.86 -48.59
CA GLY B 535 -8.90 -23.61 -47.55
C GLY B 535 -9.05 -22.99 -46.18
N LEU B 536 -8.23 -23.50 -45.26
CA LEU B 536 -8.25 -23.02 -43.89
C LEU B 536 -7.87 -21.55 -43.81
N CYS B 537 -6.87 -21.15 -44.56
CA CYS B 537 -6.41 -19.78 -44.43
C CYS B 537 -7.31 -18.78 -45.08
N GLY B 538 -8.46 -19.12 -45.66
CA GLY B 538 -9.37 -18.12 -46.18
C GLY B 538 -8.97 -17.61 -47.54
N ASN B 539 -9.89 -16.87 -48.15
CA ASN B 539 -9.81 -16.54 -49.57
C ASN B 539 -8.98 -15.31 -49.87
N PHE B 540 -8.39 -14.67 -48.87
CA PHE B 540 -7.46 -13.58 -49.10
C PHE B 540 -8.10 -12.47 -49.94
N ASN B 541 -9.14 -11.85 -49.38
CA ASN B 541 -9.87 -10.81 -50.09
C ASN B 541 -10.11 -9.59 -49.21
N GLN B 542 -9.34 -9.43 -48.14
CA GLN B 542 -9.44 -8.29 -47.22
C GLN B 542 -10.87 -8.14 -46.71
N ASN B 543 -11.32 -9.20 -46.05
CA ASN B 543 -12.66 -9.27 -45.46
C ASN B 543 -12.63 -10.40 -44.45
N GLN B 544 -12.81 -10.07 -43.18
CA GLN B 544 -12.73 -11.08 -42.13
C GLN B 544 -14.03 -11.84 -41.95
N ALA B 545 -15.13 -11.37 -42.48
CA ALA B 545 -16.41 -12.03 -42.31
C ALA B 545 -16.66 -13.12 -43.33
N ASP B 546 -15.93 -13.13 -44.44
CA ASP B 546 -16.14 -14.11 -45.48
C ASP B 546 -15.24 -15.32 -45.35
N ASP B 547 -14.35 -15.35 -44.36
CA ASP B 547 -13.35 -16.39 -44.30
C ASP B 547 -13.98 -17.76 -44.12
N PHE B 548 -15.05 -17.84 -43.36
CA PHE B 548 -15.71 -19.11 -43.09
C PHE B 548 -16.66 -19.52 -44.19
N THR B 549 -16.53 -18.93 -45.38
CA THR B 549 -17.32 -19.35 -46.52
C THR B 549 -16.86 -20.74 -46.96
N ALA B 550 -17.62 -21.75 -46.61
CA ALA B 550 -17.27 -23.11 -47.02
C ALA B 550 -17.64 -23.29 -48.48
N LEU B 551 -17.43 -24.50 -49.02
CA LEU B 551 -17.78 -24.76 -50.41
C LEU B 551 -19.28 -24.72 -50.65
N SER B 552 -20.09 -24.78 -49.60
CA SER B 552 -21.53 -24.74 -49.73
C SER B 552 -22.06 -23.32 -49.85
N GLY B 553 -21.20 -22.32 -49.81
CA GLY B 553 -21.59 -20.95 -50.06
C GLY B 553 -22.08 -20.18 -48.85
N VAL B 554 -22.05 -20.76 -47.66
CA VAL B 554 -22.50 -20.09 -46.45
C VAL B 554 -21.34 -19.99 -45.48
N VAL B 555 -21.25 -18.85 -44.79
CA VAL B 555 -20.25 -18.66 -43.75
C VAL B 555 -20.56 -19.59 -42.59
N GLU B 556 -19.56 -20.38 -42.18
CA GLU B 556 -19.73 -21.24 -41.02
C GLU B 556 -19.68 -20.39 -39.75
N ALA B 557 -20.14 -20.97 -38.65
CA ALA B 557 -20.30 -20.19 -37.43
C ALA B 557 -18.99 -20.02 -36.69
N THR B 558 -18.42 -21.13 -36.23
CA THR B 558 -17.22 -21.11 -35.40
C THR B 558 -16.03 -21.61 -36.21
N GLY B 559 -14.86 -21.57 -35.60
CA GLY B 559 -13.68 -22.04 -36.30
C GLY B 559 -13.75 -23.50 -36.67
N ALA B 560 -14.10 -24.35 -35.71
CA ALA B 560 -14.05 -25.79 -35.93
C ALA B 560 -15.13 -26.24 -36.90
N ALA B 561 -16.29 -25.59 -36.87
CA ALA B 561 -17.32 -25.93 -37.85
C ALA B 561 -16.84 -25.66 -39.26
N PHE B 562 -16.02 -24.63 -39.44
CA PHE B 562 -15.43 -24.37 -40.76
C PHE B 562 -14.33 -25.36 -41.08
N ALA B 563 -13.48 -25.68 -40.09
CA ALA B 563 -12.35 -26.56 -40.34
C ALA B 563 -12.78 -27.97 -40.68
N ASN B 564 -13.83 -28.48 -40.03
CA ASN B 564 -14.26 -29.84 -40.31
C ASN B 564 -14.87 -29.99 -41.68
N THR B 565 -14.84 -28.95 -42.52
CA THR B 565 -15.18 -29.08 -43.93
C THR B 565 -13.96 -29.24 -44.81
N TRP B 566 -12.76 -29.04 -44.27
CA TRP B 566 -11.53 -29.06 -45.05
C TRP B 566 -10.62 -30.23 -44.66
N LYS B 567 -11.13 -31.22 -43.94
CA LYS B 567 -10.32 -32.38 -43.63
C LYS B 567 -9.92 -33.11 -44.90
N ALA B 568 -8.72 -33.68 -44.90
CA ALA B 568 -8.31 -34.46 -46.06
C ALA B 568 -9.07 -35.78 -46.14
N GLN B 569 -9.15 -36.52 -45.04
CA GLN B 569 -9.71 -37.86 -45.03
C GLN B 569 -11.07 -37.86 -44.35
N ALA B 570 -12.06 -38.47 -45.01
CA ALA B 570 -13.39 -38.60 -44.42
C ALA B 570 -13.37 -39.36 -43.11
N ALA B 571 -12.37 -40.21 -42.88
CA ALA B 571 -12.31 -41.02 -41.68
C ALA B 571 -11.78 -40.26 -40.47
N CYS B 572 -11.37 -39.00 -40.64
CA CYS B 572 -10.84 -38.25 -39.52
C CYS B 572 -11.96 -37.92 -38.54
N ALA B 573 -11.56 -37.51 -37.35
CA ALA B 573 -12.49 -37.11 -36.31
C ALA B 573 -12.69 -35.61 -36.36
N ASN B 574 -13.96 -35.19 -36.35
CA ASN B 574 -14.29 -33.78 -36.43
C ASN B 574 -13.71 -33.02 -35.25
N ALA B 575 -13.21 -31.82 -35.52
CA ALA B 575 -12.74 -30.96 -34.45
C ALA B 575 -13.92 -30.49 -33.61
N ARG B 576 -13.63 -30.15 -32.36
CA ARG B 576 -14.64 -29.71 -31.41
C ARG B 576 -14.24 -28.37 -30.83
N ASN B 577 -15.23 -27.65 -30.32
CA ASN B 577 -14.97 -26.34 -29.74
C ASN B 577 -14.57 -26.49 -28.27
N SER B 578 -13.53 -25.74 -27.88
CA SER B 578 -12.92 -25.87 -26.56
C SER B 578 -13.12 -24.60 -25.77
N PHE B 579 -13.72 -24.73 -24.58
CA PHE B 579 -13.85 -23.61 -23.64
C PHE B 579 -12.98 -23.80 -22.42
N GLU B 580 -12.57 -25.04 -22.16
CA GLU B 580 -11.79 -25.35 -20.97
C GLU B 580 -10.42 -24.71 -21.06
N ASP B 581 -10.21 -23.67 -20.26
CA ASP B 581 -8.90 -23.04 -20.20
C ASP B 581 -7.93 -23.99 -19.50
N PRO B 582 -6.84 -24.39 -20.15
CA PRO B 582 -5.84 -25.22 -19.45
C PRO B 582 -5.22 -24.52 -18.28
N CYS B 583 -5.37 -23.20 -18.21
CA CYS B 583 -4.75 -22.43 -17.14
C CYS B 583 -5.40 -22.71 -15.79
N SER B 584 -6.69 -23.01 -15.78
CA SER B 584 -7.43 -23.20 -14.53
C SER B 584 -7.06 -24.49 -13.80
N LEU B 585 -6.28 -25.38 -14.42
CA LEU B 585 -6.07 -26.69 -13.83
C LEU B 585 -5.01 -26.67 -12.73
N SER B 586 -3.79 -26.31 -13.08
CA SER B 586 -2.66 -26.39 -12.15
C SER B 586 -2.23 -24.99 -11.74
N VAL B 587 -2.09 -24.77 -10.43
CA VAL B 587 -1.76 -23.44 -9.95
C VAL B 587 -0.31 -23.08 -10.29
N GLU B 588 0.61 -24.04 -10.18
CA GLU B 588 2.00 -23.73 -10.52
C GLU B 588 2.14 -23.46 -12.01
N ASN B 589 1.40 -24.20 -12.84
CA ASN B 589 1.32 -23.86 -14.26
C ASN B 589 0.84 -22.44 -14.44
N GLU B 590 -0.17 -22.04 -13.68
CA GLU B 590 -0.69 -20.68 -13.76
C GLU B 590 0.39 -19.67 -13.46
N ASN B 591 1.06 -19.81 -12.32
CA ASN B 591 2.04 -18.81 -11.93
C ASN B 591 3.19 -18.76 -12.94
N TYR B 592 3.65 -19.93 -13.39
CA TYR B 592 4.76 -19.96 -14.35
C TYR B 592 4.37 -19.26 -15.65
N ALA B 593 3.23 -19.67 -16.22
CA ALA B 593 2.78 -19.13 -17.49
C ALA B 593 2.52 -17.65 -17.41
N ARG B 594 1.86 -17.19 -16.35
CA ARG B 594 1.60 -15.77 -16.20
C ARG B 594 2.91 -15.00 -16.08
N HIS B 595 3.77 -15.43 -15.16
CA HIS B 595 5.00 -14.70 -14.92
C HIS B 595 5.86 -14.59 -16.17
N TRP B 596 5.75 -15.56 -17.09
CA TRP B 596 6.59 -15.41 -18.28
C TRP B 596 5.86 -14.80 -19.46
N CYS B 597 4.67 -15.28 -19.80
CA CYS B 597 3.91 -14.73 -20.91
C CYS B 597 3.53 -13.28 -20.68
N SER B 598 3.57 -12.78 -19.46
CA SER B 598 3.32 -11.37 -19.24
C SER B 598 4.35 -10.48 -19.92
N ARG B 599 5.51 -11.04 -20.28
CA ARG B 599 6.53 -10.25 -20.96
C ARG B 599 6.03 -9.69 -22.29
N LEU B 600 4.98 -10.27 -22.85
CA LEU B 600 4.44 -9.74 -24.10
C LEU B 600 3.87 -8.35 -23.90
N THR B 601 3.00 -8.18 -22.90
CA THR B 601 2.24 -6.95 -22.74
C THR B 601 2.97 -5.91 -21.89
N ASP B 602 4.17 -6.21 -21.42
CA ASP B 602 4.91 -5.27 -20.60
C ASP B 602 5.36 -4.08 -21.46
N PRO B 603 4.95 -2.85 -21.14
CA PRO B 603 5.40 -1.71 -21.93
C PRO B 603 6.88 -1.40 -21.77
N ASN B 604 7.55 -1.94 -20.76
CA ASN B 604 8.98 -1.78 -20.62
C ASN B 604 9.77 -2.91 -21.27
N SER B 605 9.08 -3.95 -21.76
CA SER B 605 9.73 -5.14 -22.27
C SER B 605 10.36 -4.88 -23.64
N ALA B 606 11.20 -5.82 -24.07
CA ALA B 606 11.80 -5.74 -25.39
C ALA B 606 10.76 -5.75 -26.49
N PHE B 607 9.68 -6.52 -26.32
CA PHE B 607 8.62 -6.59 -27.31
C PHE B 607 7.85 -5.28 -27.46
N SER B 608 7.99 -4.36 -26.50
CA SER B 608 7.14 -3.18 -26.45
C SER B 608 7.17 -2.38 -27.75
N ARG B 609 8.32 -2.37 -28.43
CA ARG B 609 8.46 -1.59 -29.65
C ARG B 609 7.41 -1.95 -30.68
N CYS B 610 6.93 -3.18 -30.70
CA CYS B 610 5.96 -3.62 -31.68
C CYS B 610 4.51 -3.38 -31.23
N HIS B 611 4.30 -3.00 -29.97
CA HIS B 611 2.94 -2.86 -29.47
C HIS B 611 2.16 -1.82 -30.26
N SER B 612 2.82 -0.74 -30.67
CA SER B 612 2.16 0.32 -31.41
C SER B 612 1.85 -0.06 -32.85
N ILE B 613 2.12 -1.31 -33.25
CA ILE B 613 1.84 -1.78 -34.60
C ILE B 613 0.96 -3.03 -34.59
N ILE B 614 1.36 -4.04 -33.83
CA ILE B 614 0.61 -5.29 -33.69
C ILE B 614 0.05 -5.36 -32.28
N ASN B 615 -1.26 -5.54 -32.18
CA ASN B 615 -1.89 -5.68 -30.87
C ASN B 615 -1.49 -7.02 -30.26
N PRO B 616 -0.82 -7.04 -29.11
CA PRO B 616 -0.29 -8.30 -28.57
C PRO B 616 -1.28 -9.13 -27.78
N LYS B 617 -2.54 -8.73 -27.69
CA LYS B 617 -3.49 -9.50 -26.89
C LYS B 617 -3.73 -10.91 -27.43
N PRO B 618 -3.98 -11.12 -28.73
CA PRO B 618 -4.10 -12.52 -29.20
C PRO B 618 -2.84 -13.33 -28.96
N PHE B 619 -1.68 -12.70 -29.09
CA PHE B 619 -0.43 -13.41 -28.82
C PHE B 619 -0.33 -13.78 -27.35
N HIS B 620 -0.76 -12.90 -26.45
CA HIS B 620 -0.77 -13.25 -25.04
C HIS B 620 -1.74 -14.39 -24.76
N SER B 621 -2.91 -14.37 -25.38
CA SER B 621 -3.85 -15.47 -25.19
C SER B 621 -3.27 -16.77 -25.70
N ASN B 622 -2.59 -16.73 -26.84
CA ASN B 622 -1.90 -17.91 -27.36
C ASN B 622 -0.86 -18.40 -26.38
N CYS B 623 -0.03 -17.50 -25.85
CA CYS B 623 1.02 -17.91 -24.92
C CYS B 623 0.42 -18.54 -23.68
N MET B 624 -0.62 -17.92 -23.13
CA MET B 624 -1.30 -18.49 -21.97
C MET B 624 -1.81 -19.89 -22.26
N PHE B 625 -2.58 -20.04 -23.34
CA PHE B 625 -3.19 -21.33 -23.63
C PHE B 625 -2.12 -22.38 -23.85
N ASP B 626 -1.12 -22.07 -24.69
CA ASP B 626 -0.04 -23.01 -24.96
C ASP B 626 0.63 -23.44 -23.67
N THR B 627 1.20 -22.48 -22.93
CA THR B 627 2.00 -22.84 -21.77
C THR B 627 1.18 -23.59 -20.73
N CYS B 628 -0.05 -23.16 -20.47
CA CYS B 628 -0.89 -23.86 -19.52
C CYS B 628 -1.25 -25.25 -20.02
N ASN B 629 -1.21 -25.48 -21.33
CA ASN B 629 -1.58 -26.78 -21.85
C ASN B 629 -0.39 -27.62 -22.30
N CYS B 630 0.74 -26.99 -22.61
CA CYS B 630 1.88 -27.70 -23.19
C CYS B 630 2.53 -28.62 -22.17
N GLU B 631 2.92 -29.81 -22.60
CA GLU B 631 3.63 -30.72 -21.71
C GLU B 631 5.02 -30.20 -21.37
N ARG B 632 5.78 -29.78 -22.39
CA ARG B 632 7.04 -29.08 -22.19
C ARG B 632 6.71 -27.60 -22.33
N SER B 633 6.06 -27.07 -21.29
CA SER B 633 5.47 -25.74 -21.39
C SER B 633 6.52 -24.68 -21.72
N GLU B 634 7.78 -24.95 -21.42
CA GLU B 634 8.84 -24.08 -21.90
C GLU B 634 8.86 -24.04 -23.43
N ASP B 635 8.71 -25.19 -24.07
CA ASP B 635 8.74 -25.24 -25.53
C ASP B 635 7.65 -24.37 -26.12
N CYS B 636 6.42 -24.52 -25.64
CA CYS B 636 5.31 -23.76 -26.19
C CYS B 636 5.39 -22.29 -25.82
N LEU B 637 5.90 -21.98 -24.63
CA LEU B 637 6.12 -20.59 -24.25
C LEU B 637 7.09 -19.91 -25.21
N CYS B 638 8.26 -20.52 -25.41
CA CYS B 638 9.22 -19.94 -26.34
C CYS B 638 8.70 -19.93 -27.76
N ALA B 639 7.87 -20.91 -28.12
CA ALA B 639 7.27 -20.90 -29.45
C ALA B 639 6.34 -19.71 -29.63
N ALA B 640 5.55 -19.40 -28.61
CA ALA B 640 4.63 -18.27 -28.72
C ALA B 640 5.38 -16.95 -28.76
N LEU B 641 6.43 -16.81 -27.94
CA LEU B 641 7.22 -15.59 -27.99
C LEU B 641 7.92 -15.45 -29.34
N SER B 642 8.45 -16.55 -29.86
CA SER B 642 9.05 -16.52 -31.19
C SER B 642 8.03 -16.15 -32.24
N SER B 643 6.81 -16.65 -32.10
CA SER B 643 5.76 -16.33 -33.07
C SER B 643 5.45 -14.84 -33.06
N TYR B 644 5.35 -14.25 -31.88
CA TYR B 644 5.10 -12.81 -31.81
C TYR B 644 6.27 -12.04 -32.42
N VAL B 645 7.49 -12.45 -32.10
CA VAL B 645 8.66 -11.77 -32.65
C VAL B 645 8.65 -11.85 -34.16
N HIS B 646 8.34 -13.02 -34.70
CA HIS B 646 8.38 -13.19 -36.15
C HIS B 646 7.27 -12.40 -36.82
N ALA B 647 6.07 -12.36 -36.24
CA ALA B 647 5.01 -11.55 -36.82
C ALA B 647 5.40 -10.08 -36.82
N CYS B 648 6.03 -9.62 -35.75
CA CYS B 648 6.46 -8.22 -35.70
C CYS B 648 7.54 -7.94 -36.74
N ALA B 649 8.46 -8.88 -36.93
CA ALA B 649 9.46 -8.71 -37.98
C ALA B 649 8.83 -8.72 -39.35
N ALA B 650 7.74 -9.47 -39.51
CA ALA B 650 6.98 -9.43 -40.76
C ALA B 650 6.40 -8.05 -40.99
N LYS B 651 5.87 -7.42 -39.95
CA LYS B 651 5.38 -6.06 -40.12
C LYS B 651 6.49 -5.04 -40.33
N GLY B 652 7.73 -5.37 -39.98
CA GLY B 652 8.83 -4.46 -40.22
C GLY B 652 9.46 -3.89 -38.97
N VAL B 653 9.48 -4.66 -37.88
CA VAL B 653 10.10 -4.27 -36.63
C VAL B 653 11.17 -5.28 -36.28
N GLN B 654 12.33 -4.80 -35.84
CA GLN B 654 13.47 -5.67 -35.55
C GLN B 654 13.64 -5.80 -34.04
N LEU B 655 12.95 -6.77 -33.47
CA LEU B 655 13.11 -7.08 -32.06
C LEU B 655 14.39 -7.87 -31.84
N SER B 656 15.23 -7.41 -30.92
CA SER B 656 16.51 -8.04 -30.64
C SER B 656 16.72 -8.16 -29.15
N ASP B 657 17.54 -9.15 -28.77
CA ASP B 657 17.92 -9.38 -27.38
C ASP B 657 16.70 -9.54 -26.48
N TRP B 658 15.72 -10.32 -26.93
CA TRP B 658 14.49 -10.49 -26.17
C TRP B 658 14.49 -11.72 -25.28
N ARG B 659 15.57 -12.51 -25.27
CA ARG B 659 15.58 -13.76 -24.51
C ARG B 659 16.37 -13.63 -23.21
N ASP B 660 16.23 -12.49 -22.53
CA ASP B 660 16.88 -12.27 -21.25
C ASP B 660 16.41 -13.28 -20.21
N GLY B 661 17.29 -14.18 -19.80
CA GLY B 661 16.95 -15.14 -18.77
C GLY B 661 15.81 -16.07 -19.13
N VAL B 662 15.50 -16.18 -20.43
CA VAL B 662 14.37 -16.98 -20.88
C VAL B 662 14.74 -17.62 -22.22
N CYS B 663 14.39 -18.89 -22.37
CA CYS B 663 14.57 -19.63 -23.62
C CYS B 663 16.04 -19.69 -24.04
N THR B 664 16.97 -19.68 -23.09
CA THR B 664 18.38 -19.70 -23.42
C THR B 664 18.89 -21.09 -23.78
N LYS B 665 18.13 -22.14 -23.45
CA LYS B 665 18.53 -23.46 -23.89
C LYS B 665 18.52 -23.58 -25.40
N TYR B 666 17.86 -22.64 -26.09
CA TYR B 666 17.94 -22.56 -27.54
C TYR B 666 19.16 -21.82 -28.04
N MET B 667 19.77 -20.96 -27.22
CA MET B 667 21.14 -20.57 -27.52
C MET B 667 22.09 -21.76 -27.39
N GLN B 668 22.03 -22.45 -26.25
CA GLN B 668 23.14 -23.35 -25.94
C GLN B 668 23.18 -24.58 -26.84
N ASN B 669 22.02 -25.07 -27.30
CA ASN B 669 21.98 -26.34 -28.03
C ASN B 669 22.47 -26.23 -29.47
N CYS B 670 23.12 -25.13 -29.84
CA CYS B 670 23.53 -24.94 -31.22
C CYS B 670 24.53 -26.00 -31.66
N PRO B 671 24.47 -26.40 -32.94
CA PRO B 671 25.50 -27.31 -33.46
C PRO B 671 26.87 -26.66 -33.38
N LYS B 672 27.90 -27.49 -33.25
CA LYS B 672 29.25 -26.99 -33.07
C LYS B 672 29.66 -26.15 -34.27
N SER B 673 30.50 -25.15 -34.02
CA SER B 673 31.00 -24.18 -34.97
C SER B 673 29.95 -23.17 -35.42
N GLN B 674 28.73 -23.28 -34.92
CA GLN B 674 27.67 -22.32 -35.22
C GLN B 674 27.30 -21.54 -33.97
N ARG B 675 26.68 -20.38 -34.18
CA ARG B 675 26.23 -19.57 -33.07
C ARG B 675 24.84 -19.04 -33.36
N TYR B 676 24.10 -18.72 -32.30
CA TYR B 676 22.80 -18.11 -32.45
C TYR B 676 22.92 -16.75 -33.13
N ALA B 677 21.83 -16.34 -33.76
CA ALA B 677 21.75 -15.03 -34.38
C ALA B 677 20.30 -14.58 -34.35
N TYR B 678 20.09 -13.36 -33.85
CA TYR B 678 18.76 -12.82 -33.67
C TYR B 678 18.16 -12.34 -34.98
N VAL B 679 19.00 -11.94 -35.93
CA VAL B 679 18.56 -11.43 -37.22
C VAL B 679 19.33 -12.22 -38.28
N VAL B 680 18.67 -13.19 -38.89
CA VAL B 680 19.14 -13.82 -40.11
C VAL B 680 18.24 -13.26 -41.21
N ASP B 681 18.72 -12.24 -41.92
CA ASP B 681 17.86 -11.45 -42.78
C ASP B 681 17.97 -11.85 -44.23
N ALA B 682 18.78 -12.85 -44.53
CA ALA B 682 19.03 -13.24 -45.90
C ALA B 682 19.77 -14.56 -45.92
N CYS B 683 20.55 -14.72 -46.97
CA CYS B 683 21.30 -15.91 -47.35
C CYS B 683 22.06 -16.50 -46.17
N GLN B 684 22.18 -17.83 -46.15
CA GLN B 684 23.22 -18.48 -45.35
C GLN B 684 24.53 -18.45 -46.13
N PRO B 685 25.58 -17.82 -45.62
CA PRO B 685 26.82 -17.71 -46.40
C PRO B 685 27.53 -19.04 -46.54
N THR B 686 27.58 -19.56 -47.76
CA THR B 686 28.23 -20.82 -48.05
C THR B 686 29.49 -20.60 -48.86
N CYS B 687 30.45 -21.50 -48.68
CA CYS B 687 31.70 -21.42 -49.43
C CYS B 687 31.48 -21.75 -50.91
N ARG B 688 30.65 -22.76 -51.18
CA ARG B 688 30.32 -23.08 -52.56
C ARG B 688 29.75 -21.86 -53.28
N GLY B 689 28.88 -21.11 -52.59
CA GLY B 689 28.27 -19.95 -53.21
C GLY B 689 29.29 -18.88 -53.56
N LEU B 690 30.20 -18.59 -52.63
CA LEU B 690 31.22 -17.60 -52.95
C LEU B 690 32.17 -18.12 -54.02
N SER B 691 32.18 -19.44 -54.23
CA SER B 691 32.94 -19.96 -55.36
C SER B 691 32.17 -19.79 -56.67
N GLU B 692 30.92 -20.25 -56.73
CA GLU B 692 30.24 -20.35 -58.02
C GLU B 692 28.79 -19.88 -57.95
N ALA B 693 28.48 -18.90 -57.11
CA ALA B 693 27.14 -18.33 -57.00
C ALA B 693 26.12 -19.36 -56.51
N ASP B 694 24.86 -18.93 -56.39
CA ASP B 694 23.85 -19.72 -55.69
C ASP B 694 22.46 -19.23 -56.05
N VAL B 695 21.68 -20.10 -56.70
CA VAL B 695 20.30 -19.75 -57.02
C VAL B 695 19.43 -19.79 -55.78
N THR B 696 19.84 -20.55 -54.76
CA THR B 696 19.09 -20.61 -53.51
C THR B 696 18.99 -19.24 -52.85
N CYS B 697 20.02 -18.43 -53.00
CA CYS B 697 20.33 -17.33 -52.10
C CYS B 697 19.85 -15.97 -52.63
N SER B 698 18.96 -15.94 -53.62
CA SER B 698 18.35 -14.71 -54.08
C SER B 698 16.86 -14.66 -53.75
N VAL B 699 16.48 -15.10 -52.56
CA VAL B 699 15.08 -15.19 -52.14
C VAL B 699 14.86 -14.24 -50.97
N SER B 700 13.82 -13.42 -51.07
CA SER B 700 13.47 -12.47 -50.02
C SER B 700 12.50 -13.13 -49.07
N PHE B 701 12.93 -13.34 -47.83
CA PHE B 701 12.08 -13.88 -46.79
C PHE B 701 12.17 -12.98 -45.57
N VAL B 702 11.09 -12.93 -44.81
CA VAL B 702 11.08 -12.07 -43.62
C VAL B 702 12.18 -12.55 -42.67
N PRO B 703 12.99 -11.66 -42.11
CA PRO B 703 14.17 -12.10 -41.37
C PRO B 703 13.83 -12.92 -40.14
N VAL B 704 14.22 -14.19 -40.17
CA VAL B 704 13.96 -15.09 -39.07
C VAL B 704 15.23 -15.22 -38.24
N ASP B 705 15.09 -15.80 -37.06
CA ASP B 705 16.18 -16.01 -36.14
C ASP B 705 16.65 -17.45 -36.20
N GLY B 706 17.81 -17.71 -35.62
CA GLY B 706 18.25 -19.08 -35.49
C GLY B 706 19.77 -19.19 -35.46
N CYS B 707 20.23 -20.42 -35.45
CA CYS B 707 21.66 -20.70 -35.40
C CYS B 707 22.23 -20.64 -36.80
N THR B 708 23.37 -19.98 -36.94
CA THR B 708 24.00 -19.75 -38.22
C THR B 708 25.50 -19.64 -37.99
N CYS B 709 26.26 -19.84 -39.06
CA CYS B 709 27.68 -19.53 -39.01
C CYS B 709 27.86 -18.04 -38.76
N PRO B 710 28.86 -17.66 -37.98
CA PRO B 710 29.12 -16.24 -37.74
C PRO B 710 29.57 -15.55 -39.01
N ALA B 711 29.37 -14.23 -39.03
CA ALA B 711 29.64 -13.44 -40.22
C ALA B 711 31.11 -13.52 -40.60
N GLY B 712 31.38 -13.47 -41.91
CA GLY B 712 32.72 -13.60 -42.42
C GLY B 712 33.23 -15.02 -42.48
N THR B 713 32.47 -15.99 -41.97
CA THR B 713 32.87 -17.38 -41.98
C THR B 713 31.89 -18.16 -42.83
N PHE B 714 32.34 -19.30 -43.36
CA PHE B 714 31.51 -20.10 -44.26
C PHE B 714 31.61 -21.56 -43.85
N LEU B 715 30.58 -22.32 -44.21
CA LEU B 715 30.55 -23.74 -43.93
C LEU B 715 31.00 -24.51 -45.16
N ASN B 716 31.94 -25.42 -44.99
CA ASN B 716 32.43 -26.23 -46.09
C ASN B 716 31.45 -27.39 -46.31
N ASP B 717 31.75 -28.23 -47.30
CA ASP B 717 30.86 -29.34 -47.61
C ASP B 717 30.75 -30.31 -46.45
N ALA B 718 31.75 -30.33 -45.56
CA ALA B 718 31.68 -31.19 -44.39
C ALA B 718 30.68 -30.70 -43.36
N GLY B 719 30.18 -29.46 -43.51
CA GLY B 719 29.25 -28.88 -42.58
C GLY B 719 29.88 -28.06 -41.48
N ALA B 720 31.18 -28.21 -41.24
CA ALA B 720 31.86 -27.41 -40.24
C ALA B 720 32.03 -25.97 -40.73
N CYS B 721 32.24 -25.06 -39.79
CA CYS B 721 32.39 -23.65 -40.10
C CYS B 721 33.86 -23.25 -40.02
N VAL B 722 34.39 -22.71 -41.11
CA VAL B 722 35.76 -22.22 -41.16
C VAL B 722 35.76 -20.84 -41.83
N PRO B 723 36.76 -20.03 -41.56
CA PRO B 723 36.88 -18.75 -42.27
C PRO B 723 37.12 -18.97 -43.76
N ALA B 724 37.13 -17.86 -44.51
CA ALA B 724 37.26 -17.95 -45.95
C ALA B 724 38.60 -18.55 -46.38
N GLN B 725 39.66 -18.26 -45.63
CA GLN B 725 40.99 -18.73 -46.02
C GLN B 725 41.11 -20.25 -45.99
N GLU B 726 40.34 -20.93 -45.15
CA GLU B 726 40.43 -22.37 -45.04
C GLU B 726 39.56 -23.11 -46.04
N CYS B 727 38.95 -22.42 -46.98
CA CYS B 727 37.98 -23.14 -47.77
C CYS B 727 38.35 -23.16 -49.25
N PRO B 728 38.27 -24.31 -49.90
CA PRO B 728 38.70 -24.40 -51.30
C PRO B 728 37.74 -23.73 -52.26
N CYS B 729 38.29 -23.31 -53.39
CA CYS B 729 37.48 -22.83 -54.50
C CYS B 729 37.09 -23.98 -55.41
N TYR B 730 35.84 -24.01 -55.83
CA TYR B 730 35.29 -25.13 -56.58
C TYR B 730 35.20 -24.77 -58.06
N ALA B 731 36.02 -25.41 -58.87
CA ALA B 731 36.01 -25.26 -60.31
C ALA B 731 35.52 -26.56 -60.93
N HIS B 732 34.47 -26.47 -61.75
CA HIS B 732 33.80 -27.64 -62.34
C HIS B 732 33.34 -28.62 -61.27
N GLY B 733 33.13 -28.14 -60.05
CA GLY B 733 32.85 -29.02 -58.95
C GLY B 733 34.05 -29.75 -58.39
N THR B 734 35.26 -29.39 -58.81
CA THR B 734 36.46 -30.02 -58.31
C THR B 734 37.07 -29.20 -57.17
N VAL B 735 37.40 -29.88 -56.08
CA VAL B 735 37.98 -29.22 -54.92
C VAL B 735 39.38 -28.74 -55.27
N LEU B 736 39.71 -27.51 -54.87
CA LEU B 736 41.01 -26.91 -55.16
C LEU B 736 41.40 -26.11 -53.92
N ALA B 737 42.43 -26.59 -53.22
CA ALA B 737 42.77 -26.05 -51.90
C ALA B 737 43.16 -24.58 -52.00
N PRO B 738 42.92 -23.80 -50.94
CA PRO B 738 43.21 -22.37 -51.00
C PRO B 738 44.70 -22.09 -51.13
N GLY B 739 45.01 -20.97 -51.77
CA GLY B 739 46.40 -20.58 -51.94
C GLY B 739 47.20 -21.55 -52.77
N GLU B 740 46.60 -22.05 -53.85
CA GLU B 740 47.27 -22.96 -54.77
C GLU B 740 47.05 -22.47 -56.19
N VAL B 741 48.10 -22.47 -56.99
CA VAL B 741 48.03 -22.09 -58.40
C VAL B 741 48.08 -23.36 -59.23
N VAL B 742 47.13 -23.52 -60.14
CA VAL B 742 47.03 -24.73 -60.95
C VAL B 742 46.95 -24.34 -62.41
N HIS B 743 47.37 -25.30 -63.24
CA HIS B 743 47.31 -25.22 -64.69
C HIS B 743 46.00 -25.84 -65.15
N ASP B 744 45.23 -25.09 -65.94
CA ASP B 744 43.98 -25.63 -66.46
C ASP B 744 43.65 -24.93 -67.76
N GLU B 745 43.52 -25.70 -68.84
CA GLU B 745 43.11 -25.17 -70.14
C GLU B 745 44.05 -24.07 -70.62
N GLY B 746 45.35 -24.32 -70.55
CA GLY B 746 46.32 -23.32 -70.94
C GLY B 746 46.28 -22.06 -70.11
N ALA B 747 45.63 -22.11 -68.95
CA ALA B 747 45.42 -20.96 -68.10
C ALA B 747 46.03 -21.23 -66.73
N VAL B 748 46.38 -20.16 -66.04
CA VAL B 748 46.97 -20.23 -64.71
C VAL B 748 46.00 -19.64 -63.71
N CYS B 749 45.53 -20.46 -62.78
CA CYS B 749 44.51 -20.03 -61.84
C CYS B 749 45.00 -20.24 -60.41
N SER B 750 44.27 -19.62 -59.47
CA SER B 750 44.62 -19.69 -58.07
C SER B 750 43.37 -19.64 -57.20
N CYS B 751 43.41 -20.37 -56.11
CA CYS B 751 42.35 -20.40 -55.10
C CYS B 751 42.81 -19.49 -53.97
N THR B 752 42.44 -18.22 -54.04
CA THR B 752 42.82 -17.23 -53.04
C THR B 752 41.65 -17.05 -52.08
N GLY B 753 41.83 -17.49 -50.85
CA GLY B 753 40.86 -17.23 -49.79
C GLY B 753 39.45 -17.67 -50.10
N GLY B 754 39.28 -18.69 -50.93
CA GLY B 754 37.97 -19.16 -51.30
C GLY B 754 37.47 -18.70 -52.65
N LYS B 755 37.99 -17.61 -53.20
CA LYS B 755 37.63 -17.15 -54.53
C LYS B 755 38.64 -17.66 -55.53
N LEU B 756 38.16 -18.09 -56.70
CA LEU B 756 39.03 -18.58 -57.75
C LEU B 756 39.31 -17.46 -58.75
N SER B 757 40.59 -17.19 -58.99
CA SER B 757 41.01 -16.12 -59.89
C SER B 757 42.01 -16.68 -60.87
N CYS B 758 41.75 -16.49 -62.17
CA CYS B 758 42.55 -17.13 -63.20
C CYS B 758 42.90 -16.15 -64.31
N LEU B 759 43.99 -16.43 -65.00
CA LEU B 759 44.46 -15.62 -66.13
C LEU B 759 44.92 -16.54 -67.24
N GLY B 760 45.18 -15.96 -68.41
CA GLY B 760 45.68 -16.71 -69.55
C GLY B 760 44.60 -17.09 -70.55
N GLY B 768 43.24 -3.85 -70.33
CA GLY B 768 44.69 -3.90 -70.39
C GLY B 768 45.20 -4.64 -71.61
N CYS B 769 44.49 -4.50 -72.72
CA CYS B 769 44.83 -5.18 -73.96
C CYS B 769 45.13 -4.12 -75.02
N ALA B 770 45.46 -4.56 -76.24
CA ALA B 770 45.85 -3.64 -77.29
C ALA B 770 44.88 -3.64 -78.47
N ALA B 771 44.66 -4.81 -79.08
CA ALA B 771 43.74 -4.91 -80.20
C ALA B 771 42.31 -4.80 -79.71
N PRO B 772 41.32 -4.51 -80.62
CA PRO B 772 39.96 -4.18 -80.20
C PRO B 772 39.39 -4.98 -79.03
N MET B 773 39.80 -6.23 -78.88
CA MET B 773 39.40 -7.02 -77.72
C MET B 773 39.93 -6.44 -76.41
N VAL B 774 39.01 -6.16 -75.47
CA VAL B 774 39.32 -5.49 -74.22
C VAL B 774 39.10 -6.43 -73.05
N TYR B 775 39.71 -6.13 -71.91
CA TYR B 775 39.68 -7.03 -70.76
C TYR B 775 38.28 -7.14 -70.17
N LEU B 776 37.96 -8.34 -69.67
CA LEU B 776 36.75 -8.59 -68.91
C LEU B 776 37.15 -9.27 -67.60
N ASP B 777 36.65 -8.72 -66.50
CA ASP B 777 36.97 -9.16 -65.15
C ASP B 777 35.71 -9.66 -64.47
N CYS B 778 35.82 -10.80 -63.78
CA CYS B 778 34.67 -11.41 -63.12
C CYS B 778 34.45 -10.90 -61.70
N SER B 779 35.31 -10.01 -61.20
CA SER B 779 35.17 -9.55 -59.82
C SER B 779 33.87 -8.79 -59.62
N ASN B 780 33.52 -7.91 -60.57
CA ASN B 780 32.29 -7.15 -60.46
C ASN B 780 31.05 -7.97 -60.78
N SER B 781 31.12 -8.84 -61.79
CA SER B 781 29.96 -9.62 -62.19
C SER B 781 29.60 -10.66 -61.14
N SER B 782 28.31 -10.95 -61.01
CA SER B 782 27.87 -12.02 -60.15
C SER B 782 28.40 -13.36 -60.65
N ALA B 783 28.72 -14.25 -59.71
CA ALA B 783 29.42 -15.48 -60.07
C ALA B 783 28.60 -16.33 -61.04
N GLY B 784 29.25 -16.77 -62.12
CA GLY B 784 28.61 -17.62 -63.10
C GLY B 784 28.52 -17.04 -64.50
N THR B 785 28.94 -15.80 -64.74
CA THR B 785 28.83 -15.24 -66.08
C THR B 785 29.81 -15.94 -67.04
N PRO B 786 29.46 -16.02 -68.32
CA PRO B 786 30.39 -16.61 -69.29
C PRO B 786 31.57 -15.69 -69.55
N GLY B 787 32.73 -16.05 -69.03
CA GLY B 787 33.91 -15.21 -69.07
C GLY B 787 34.69 -15.37 -70.35
N ALA B 788 36.00 -15.10 -70.25
CA ALA B 788 36.87 -15.19 -71.41
C ALA B 788 36.93 -16.62 -71.95
N GLU B 789 36.70 -17.62 -71.09
CA GLU B 789 36.66 -18.99 -71.59
C GLU B 789 35.47 -19.21 -72.51
N CYS B 790 34.33 -18.60 -72.20
CA CYS B 790 33.16 -18.68 -73.06
C CYS B 790 33.15 -17.51 -74.04
N LEU B 791 34.28 -17.34 -74.71
CA LEU B 791 34.47 -16.26 -75.66
C LEU B 791 33.81 -16.61 -76.98
N ARG B 792 33.02 -15.68 -77.50
CA ARG B 792 32.45 -15.88 -78.82
C ARG B 792 33.56 -16.08 -79.84
N SER B 793 33.58 -17.25 -80.45
CA SER B 793 34.71 -17.67 -81.27
C SER B 793 34.20 -18.36 -82.52
N CYS B 794 35.10 -18.55 -83.48
CA CYS B 794 34.73 -19.13 -84.76
C CYS B 794 34.17 -20.53 -84.62
N HIS B 795 34.43 -21.20 -83.49
CA HIS B 795 33.83 -22.50 -83.21
C HIS B 795 32.73 -22.45 -82.16
N THR B 796 32.96 -21.79 -81.03
CA THR B 796 32.00 -21.80 -79.93
C THR B 796 30.90 -20.77 -80.12
N LEU B 797 30.93 -19.99 -81.21
CA LEU B 797 29.78 -19.18 -81.54
C LEU B 797 28.54 -20.05 -81.73
N ASP B 798 28.74 -21.25 -82.26
CA ASP B 798 27.63 -22.11 -82.66
C ASP B 798 27.22 -23.09 -81.57
N VAL B 799 28.15 -23.86 -81.01
CA VAL B 799 27.82 -24.89 -80.04
C VAL B 799 27.28 -24.28 -78.76
N GLY B 800 27.75 -23.10 -78.41
CA GLY B 800 27.35 -22.48 -77.16
C GLY B 800 28.22 -22.99 -76.02
N CYS B 801 28.85 -22.09 -75.29
CA CYS B 801 29.89 -22.45 -74.34
C CYS B 801 29.28 -22.81 -72.98
N PHE B 802 29.95 -23.72 -72.28
CA PHE B 802 29.56 -24.14 -70.94
C PHE B 802 30.72 -23.88 -70.00
N SER B 803 30.45 -23.20 -68.88
CA SER B 803 31.47 -23.00 -67.86
C SER B 803 30.79 -22.50 -66.59
N THR B 804 31.08 -23.14 -65.46
CA THR B 804 30.58 -22.71 -64.18
C THR B 804 31.51 -21.73 -63.48
N HIS B 805 32.69 -21.47 -64.04
CA HIS B 805 33.67 -20.58 -63.42
C HIS B 805 34.05 -19.51 -64.44
N CYS B 806 33.75 -18.25 -64.12
CA CYS B 806 34.19 -17.17 -64.98
C CYS B 806 35.69 -17.00 -64.87
N VAL B 807 36.32 -16.63 -65.99
CA VAL B 807 37.74 -16.35 -66.03
C VAL B 807 37.93 -14.98 -66.68
N SER B 808 38.85 -14.19 -66.13
CA SER B 808 39.11 -12.86 -66.64
C SER B 808 40.08 -12.93 -67.81
N GLY B 809 39.81 -12.16 -68.84
CA GLY B 809 40.67 -12.17 -70.01
C GLY B 809 40.14 -11.21 -71.05
N CYS B 810 40.94 -11.02 -72.10
CA CYS B 810 40.62 -10.06 -73.14
C CYS B 810 39.65 -10.68 -74.14
N VAL B 811 38.55 -9.97 -74.40
CA VAL B 811 37.42 -10.47 -75.16
C VAL B 811 37.02 -9.40 -76.18
N CYS B 812 36.69 -9.82 -77.39
CA CYS B 812 36.36 -8.88 -78.45
C CYS B 812 35.10 -8.09 -78.09
N PRO B 813 34.99 -6.86 -78.58
CA PRO B 813 33.79 -6.06 -78.31
C PRO B 813 32.57 -6.68 -78.98
N PRO B 814 31.37 -6.42 -78.46
CA PRO B 814 30.18 -7.05 -79.02
C PRO B 814 30.01 -6.75 -80.51
N GLY B 815 29.51 -7.76 -81.23
CA GLY B 815 29.38 -7.69 -82.67
C GLY B 815 30.46 -8.43 -83.43
N LEU B 816 31.51 -8.87 -82.75
CA LEU B 816 32.62 -9.58 -83.37
C LEU B 816 32.89 -10.85 -82.59
N VAL B 817 33.87 -11.62 -83.07
CA VAL B 817 34.42 -12.77 -82.38
C VAL B 817 35.93 -12.68 -82.48
N SER B 818 36.62 -13.68 -81.95
CA SER B 818 38.07 -13.75 -82.07
C SER B 818 38.47 -14.81 -83.07
N ASP B 819 39.67 -14.65 -83.63
CA ASP B 819 40.25 -15.66 -84.50
C ASP B 819 40.92 -16.78 -83.71
N GLY B 820 40.97 -16.68 -82.39
CA GLY B 820 41.72 -17.60 -81.57
C GLY B 820 43.15 -17.21 -81.34
N SER B 821 43.62 -16.13 -81.96
CA SER B 821 45.01 -15.69 -81.84
C SER B 821 45.10 -14.26 -81.31
N GLY B 822 44.02 -13.71 -80.81
CA GLY B 822 44.02 -12.37 -80.27
C GLY B 822 43.46 -11.28 -81.16
N GLY B 823 42.91 -11.63 -82.33
CA GLY B 823 42.29 -10.68 -83.21
C GLY B 823 40.78 -10.61 -83.02
N CYS B 824 40.16 -9.74 -83.79
CA CYS B 824 38.71 -9.59 -83.81
C CYS B 824 38.23 -9.62 -85.25
N ILE B 825 37.26 -10.50 -85.52
CA ILE B 825 36.74 -10.72 -86.87
C ILE B 825 35.22 -10.75 -86.80
N ALA B 826 34.57 -10.25 -87.83
CA ALA B 826 33.12 -10.33 -87.89
C ALA B 826 32.67 -11.78 -87.96
N GLU B 827 31.44 -12.03 -87.52
CA GLU B 827 30.90 -13.37 -87.44
C GLU B 827 30.60 -13.97 -88.81
N GLU B 828 30.62 -13.17 -89.87
CA GLU B 828 30.36 -13.67 -91.22
C GLU B 828 31.63 -13.85 -92.04
N ASP B 829 32.79 -13.96 -91.38
CA ASP B 829 34.04 -14.26 -92.07
C ASP B 829 34.89 -15.25 -91.28
N CYS B 830 34.29 -15.97 -90.34
CA CYS B 830 35.02 -16.91 -89.51
C CYS B 830 35.57 -18.05 -90.37
N PRO B 831 36.87 -18.34 -90.29
CA PRO B 831 37.44 -19.40 -91.12
C PRO B 831 36.81 -20.75 -90.84
N CYS B 832 36.65 -21.55 -91.89
CA CYS B 832 36.12 -22.89 -91.78
C CYS B 832 37.25 -23.88 -91.56
N VAL B 833 37.04 -24.81 -90.65
CA VAL B 833 38.04 -25.80 -90.26
C VAL B 833 37.61 -27.16 -90.78
N HIS B 834 38.50 -27.84 -91.50
CA HIS B 834 38.20 -29.17 -92.03
C HIS B 834 39.45 -30.03 -91.97
N ASN B 835 39.40 -31.11 -91.20
CA ASN B 835 40.48 -32.10 -91.13
C ASN B 835 41.77 -31.47 -90.61
N GLU B 836 41.67 -30.82 -89.44
CA GLU B 836 42.80 -30.25 -88.74
C GLU B 836 43.31 -29.01 -89.47
N ALA B 837 42.81 -28.76 -90.67
CA ALA B 837 43.20 -27.58 -91.41
C ALA B 837 42.33 -26.40 -91.03
N THR B 838 42.71 -25.23 -91.52
CA THR B 838 41.89 -24.03 -91.40
C THR B 838 41.90 -23.33 -92.75
N TYR B 839 40.72 -22.93 -93.22
CA TYR B 839 40.57 -22.31 -94.53
C TYR B 839 39.91 -20.95 -94.38
N LYS B 840 40.49 -19.93 -94.99
CA LYS B 840 39.86 -18.62 -95.01
C LYS B 840 38.64 -18.65 -95.92
N PRO B 841 37.63 -17.83 -95.66
CA PRO B 841 36.50 -17.74 -96.58
C PRO B 841 36.96 -17.34 -97.96
N GLY B 842 36.39 -17.97 -98.98
CA GLY B 842 36.86 -17.85 -100.34
C GLY B 842 37.76 -18.98 -100.79
N GLU B 843 38.08 -19.92 -99.90
CA GLU B 843 38.87 -21.09 -100.26
C GLU B 843 37.95 -22.25 -100.57
N THR B 844 38.41 -23.12 -101.47
CA THR B 844 37.65 -24.29 -101.85
C THR B 844 38.45 -25.55 -101.56
N ILE B 845 37.73 -26.63 -101.28
CA ILE B 845 38.33 -27.92 -101.03
C ILE B 845 37.60 -28.97 -101.87
N ARG B 846 38.25 -30.11 -102.06
CA ARG B 846 37.67 -31.23 -102.78
C ARG B 846 37.51 -32.40 -101.82
N VAL B 847 36.27 -32.84 -101.63
CA VAL B 847 35.98 -34.02 -100.83
C VAL B 847 35.41 -35.08 -101.76
N ASP B 848 36.04 -36.25 -101.76
CA ASP B 848 35.70 -37.34 -102.67
C ASP B 848 35.63 -36.85 -104.11
N CYS B 849 34.43 -36.83 -104.69
CA CYS B 849 34.25 -36.46 -106.08
C CYS B 849 33.67 -35.06 -106.24
N ASN B 850 33.36 -34.38 -105.15
CA ASN B 850 32.72 -33.08 -105.18
C ASN B 850 33.63 -32.04 -104.54
N THR B 851 33.26 -30.78 -104.71
CA THR B 851 34.03 -29.65 -104.21
C THR B 851 33.14 -28.77 -103.35
N CYS B 852 33.62 -28.42 -102.17
CA CYS B 852 32.95 -27.51 -101.27
C CYS B 852 33.70 -26.19 -101.21
N THR B 853 33.00 -25.16 -100.76
CA THR B 853 33.56 -23.83 -100.56
C THR B 853 33.10 -23.30 -99.21
N CYS B 854 33.98 -22.57 -98.54
CA CYS B 854 33.76 -22.10 -97.18
C CYS B 854 33.06 -20.75 -97.21
N ARG B 855 31.84 -20.71 -96.67
CA ARG B 855 31.08 -19.48 -96.57
C ARG B 855 30.29 -19.47 -95.28
N ASN B 856 30.42 -18.37 -94.52
CA ASN B 856 29.67 -18.17 -93.29
C ASN B 856 29.80 -19.37 -92.36
N ARG B 857 31.04 -19.80 -92.16
CA ARG B 857 31.37 -20.94 -91.31
C ARG B 857 30.62 -22.20 -91.75
N ARG B 858 30.52 -22.41 -93.06
CA ARG B 858 29.87 -23.61 -93.57
C ARG B 858 30.54 -24.01 -94.88
N TRP B 859 30.21 -25.22 -95.33
CA TRP B 859 30.68 -25.72 -96.62
C TRP B 859 29.48 -25.89 -97.54
N GLU B 860 29.50 -25.19 -98.68
CA GLU B 860 28.55 -25.45 -99.76
C GLU B 860 29.25 -26.28 -100.83
N CYS B 861 28.73 -27.47 -101.08
CA CYS B 861 29.37 -28.43 -101.96
C CYS B 861 28.51 -28.67 -103.18
N SER B 862 29.16 -28.85 -104.32
CA SER B 862 28.45 -29.30 -105.51
C SER B 862 27.76 -30.62 -105.22
N HIS B 863 26.64 -30.87 -105.89
CA HIS B 863 25.81 -32.02 -105.61
C HIS B 863 25.97 -33.15 -106.62
N ARG B 864 27.17 -33.34 -107.14
CA ARG B 864 27.42 -34.47 -108.03
C ARG B 864 27.45 -35.76 -107.23
N LEU B 865 26.81 -36.79 -107.78
CA LEU B 865 26.86 -38.11 -107.15
C LEU B 865 28.28 -38.67 -107.22
N CYS B 866 28.63 -39.46 -106.21
CA CYS B 866 29.95 -40.08 -106.12
C CYS B 866 29.81 -41.60 -106.12
N LEU B 867 30.70 -42.26 -106.85
CA LEU B 867 30.64 -43.71 -106.99
C LEU B 867 30.92 -44.41 -105.67
N GLY B 868 30.07 -45.38 -105.33
CA GLY B 868 30.38 -46.24 -104.20
C GLY B 868 31.60 -47.09 -104.48
N THR B 869 32.31 -47.44 -103.41
CA THR B 869 33.60 -48.12 -103.55
C THR B 869 33.69 -49.31 -102.61
N CYS B 870 33.98 -50.46 -103.18
CA CYS B 870 34.31 -51.67 -102.43
C CYS B 870 35.77 -51.99 -102.66
N VAL B 871 36.45 -52.47 -101.62
CA VAL B 871 37.87 -52.76 -101.71
C VAL B 871 38.12 -54.15 -101.14
N ALA B 872 38.66 -55.04 -101.95
CA ALA B 872 38.95 -56.41 -101.55
C ALA B 872 40.42 -56.65 -101.80
N TYR B 873 41.24 -56.67 -100.74
CA TYR B 873 42.68 -56.71 -100.96
C TYR B 873 43.37 -57.52 -99.87
N GLY B 874 44.67 -57.69 -100.05
CA GLY B 874 45.53 -58.28 -99.04
C GLY B 874 45.22 -59.74 -98.78
N ASP B 875 45.48 -60.16 -97.55
CA ASP B 875 45.18 -61.51 -97.10
C ASP B 875 43.71 -61.73 -96.85
N GLY B 876 42.87 -60.79 -97.27
CA GLY B 876 41.45 -60.99 -97.16
C GLY B 876 40.73 -59.81 -96.53
N HIS B 877 41.39 -58.67 -96.41
CA HIS B 877 40.69 -57.51 -95.91
C HIS B 877 39.65 -57.07 -96.93
N PHE B 878 38.47 -56.69 -96.43
CA PHE B 878 37.43 -56.10 -97.25
C PHE B 878 36.95 -54.81 -96.61
N ILE B 879 36.71 -53.82 -97.44
CA ILE B 879 36.06 -52.57 -97.07
C ILE B 879 34.84 -52.48 -97.99
N THR B 880 33.67 -52.84 -97.49
CA THR B 880 32.52 -52.92 -98.36
C THR B 880 32.07 -51.53 -98.80
N PHE B 881 30.97 -51.51 -99.55
CA PHE B 881 30.48 -50.27 -100.13
C PHE B 881 30.06 -49.28 -99.05
N ASP B 882 29.40 -49.79 -98.00
CA ASP B 882 28.88 -48.96 -96.92
C ASP B 882 29.95 -48.55 -95.91
N GLY B 883 31.23 -48.78 -96.22
CA GLY B 883 32.31 -48.33 -95.37
C GLY B 883 32.70 -49.29 -94.27
N ASP B 884 32.01 -50.42 -94.11
CA ASP B 884 32.41 -51.38 -93.10
C ASP B 884 33.72 -52.05 -93.50
N ARG B 885 34.48 -52.45 -92.49
CA ARG B 885 35.76 -53.10 -92.69
C ARG B 885 35.81 -54.40 -91.93
N TYR B 886 36.37 -55.43 -92.55
CA TYR B 886 36.56 -56.70 -91.86
C TYR B 886 37.61 -57.50 -92.59
N SER B 887 37.96 -58.66 -92.03
CA SER B 887 38.98 -59.54 -92.58
C SER B 887 38.41 -60.94 -92.66
N PHE B 888 38.62 -61.58 -93.81
CA PHE B 888 38.10 -62.93 -94.02
C PHE B 888 39.07 -63.67 -94.92
N GLU B 889 39.63 -64.76 -94.40
CA GLU B 889 40.58 -65.58 -95.14
C GLU B 889 39.84 -66.76 -95.74
N GLY B 890 39.32 -66.58 -96.94
CA GLY B 890 38.62 -67.62 -97.66
C GLY B 890 39.48 -68.23 -98.75
N SER B 891 39.19 -69.48 -99.08
CA SER B 891 39.98 -70.20 -100.07
C SER B 891 39.19 -70.60 -101.31
N CYS B 892 37.86 -70.66 -101.23
CA CYS B 892 37.03 -71.03 -102.35
C CYS B 892 36.60 -69.80 -103.13
N GLU B 893 35.64 -69.95 -104.03
CA GLU B 893 35.15 -68.84 -104.83
C GLU B 893 34.06 -68.11 -104.08
N TYR B 894 34.20 -66.79 -103.95
CA TYR B 894 33.29 -65.99 -103.15
C TYR B 894 32.73 -64.85 -103.98
N ILE B 895 31.41 -64.68 -103.91
CA ILE B 895 30.73 -63.67 -104.71
C ILE B 895 31.08 -62.30 -104.17
N LEU B 896 31.98 -61.60 -104.84
CA LEU B 896 32.37 -60.27 -104.36
C LEU B 896 31.27 -59.26 -104.62
N ALA B 897 30.42 -59.50 -105.60
CA ALA B 897 29.26 -58.66 -105.83
C ALA B 897 28.30 -59.38 -106.77
N GLN B 898 27.05 -58.91 -106.79
CA GLN B 898 26.11 -59.38 -107.81
C GLN B 898 24.82 -58.61 -107.65
N ASP B 899 24.09 -58.49 -108.76
CA ASP B 899 22.68 -58.11 -108.73
C ASP B 899 21.77 -59.30 -108.67
N TYR B 900 22.32 -60.52 -108.71
CA TYR B 900 21.52 -61.73 -108.71
C TYR B 900 21.15 -62.14 -107.28
N CYS B 901 20.49 -61.21 -106.60
CA CYS B 901 19.87 -61.48 -105.31
C CYS B 901 18.67 -60.56 -105.17
N GLY B 902 17.48 -61.16 -105.13
CA GLY B 902 16.26 -60.39 -105.00
C GLY B 902 15.06 -61.27 -105.23
N ASP B 903 13.89 -60.69 -104.95
CA ASP B 903 12.64 -61.43 -105.17
C ASP B 903 12.54 -61.86 -106.62
N ASN B 904 13.22 -61.15 -107.51
CA ASN B 904 13.51 -61.57 -108.87
C ASN B 904 15.02 -61.49 -109.03
N THR B 905 15.66 -62.61 -109.32
CA THR B 905 17.10 -62.57 -109.60
C THR B 905 17.38 -62.12 -111.03
N THR B 906 16.41 -62.28 -111.94
CA THR B 906 16.68 -62.16 -113.36
C THR B 906 16.57 -60.75 -113.92
N HIS B 907 16.12 -59.77 -113.12
CA HIS B 907 16.26 -58.40 -113.58
C HIS B 907 17.62 -57.82 -113.20
N GLY B 908 18.47 -58.60 -112.52
CA GLY B 908 19.84 -58.20 -112.27
C GLY B 908 20.76 -58.50 -113.43
N THR B 909 21.91 -57.84 -113.45
CA THR B 909 22.78 -57.93 -114.61
C THR B 909 24.11 -58.61 -114.32
N PHE B 910 24.91 -58.11 -113.38
CA PHE B 910 26.31 -58.52 -113.31
C PHE B 910 26.56 -59.42 -112.11
N ARG B 911 27.81 -59.87 -111.99
CA ARG B 911 28.24 -60.78 -110.95
C ARG B 911 29.75 -60.85 -110.91
N ILE B 912 30.35 -60.73 -109.72
CA ILE B 912 31.80 -60.74 -109.57
C ILE B 912 32.15 -61.74 -108.47
N VAL B 913 32.95 -62.75 -108.83
CA VAL B 913 33.47 -63.74 -107.91
C VAL B 913 34.98 -63.59 -107.85
N THR B 914 35.55 -63.89 -106.68
CA THR B 914 36.99 -63.88 -106.52
C THR B 914 37.40 -65.08 -105.69
N GLU B 915 38.66 -65.48 -105.84
CA GLU B 915 39.24 -66.51 -105.00
C GLU B 915 40.74 -66.34 -105.01
N ASN B 916 41.39 -66.90 -103.99
CA ASN B 916 42.80 -66.63 -103.73
C ASN B 916 43.67 -67.65 -104.44
N ILE B 917 44.40 -67.20 -105.46
CA ILE B 917 45.39 -68.03 -106.13
C ILE B 917 46.71 -67.96 -105.39
N PRO B 918 47.34 -69.08 -105.12
CA PRO B 918 48.78 -69.06 -104.87
C PRO B 918 49.51 -69.16 -106.20
N CYS B 919 50.55 -68.35 -106.40
CA CYS B 919 51.17 -68.25 -107.71
C CYS B 919 52.32 -69.22 -107.93
N GLY B 920 52.81 -69.87 -106.88
CA GLY B 920 53.91 -70.80 -107.06
C GLY B 920 53.84 -72.04 -106.19
N THR B 921 52.78 -72.16 -105.40
CA THR B 921 52.68 -73.24 -104.44
C THR B 921 51.20 -73.45 -104.13
N THR B 922 50.92 -74.17 -103.05
CA THR B 922 49.57 -74.22 -102.47
C THR B 922 49.74 -73.86 -101.00
N GLY B 923 49.81 -72.58 -100.72
CA GLY B 923 50.07 -72.08 -99.39
C GLY B 923 49.38 -70.75 -99.13
N THR B 924 50.14 -69.78 -98.64
CA THR B 924 49.61 -68.44 -98.47
C THR B 924 49.31 -67.83 -99.85
N THR B 925 48.28 -66.98 -99.89
CA THR B 925 47.80 -66.45 -101.16
C THR B 925 48.86 -65.56 -101.79
N CYS B 926 48.92 -65.56 -103.12
CA CYS B 926 49.85 -64.72 -103.86
C CYS B 926 49.16 -63.83 -104.87
N SER B 927 47.98 -64.21 -105.34
CA SER B 927 47.22 -63.39 -106.27
C SER B 927 45.76 -63.80 -106.20
N LYS B 928 44.95 -63.24 -107.10
CA LYS B 928 43.52 -63.46 -107.10
C LYS B 928 43.07 -64.07 -108.42
N ALA B 929 41.79 -64.36 -108.50
CA ALA B 929 41.15 -64.82 -109.73
C ALA B 929 39.74 -64.27 -109.74
N ILE B 930 39.47 -63.36 -110.66
CA ILE B 930 38.21 -62.65 -110.73
C ILE B 930 37.38 -63.27 -111.84
N LYS B 931 36.04 -63.27 -111.67
CA LYS B 931 35.13 -63.70 -112.71
C LYS B 931 34.06 -62.64 -112.92
N LEU B 932 34.38 -61.65 -113.74
CA LEU B 932 33.48 -60.55 -114.08
C LEU B 932 32.44 -61.02 -115.09
N PHE B 933 31.30 -61.51 -114.60
CA PHE B 933 30.18 -61.80 -115.49
C PHE B 933 29.43 -60.50 -115.73
N VAL B 934 29.01 -60.29 -116.97
CA VAL B 934 28.13 -59.17 -117.32
C VAL B 934 27.06 -59.73 -118.24
N GLU B 935 25.84 -59.89 -117.71
CA GLU B 935 24.74 -60.48 -118.44
C GLU B 935 25.14 -61.85 -118.98
N SER B 936 25.28 -61.97 -120.30
CA SER B 936 25.67 -63.22 -120.93
C SER B 936 27.16 -63.31 -121.23
N TYR B 937 27.91 -62.25 -121.00
CA TYR B 937 29.35 -62.29 -121.22
C TYR B 937 30.04 -62.90 -120.00
N GLU B 938 31.37 -62.81 -119.99
CA GLU B 938 32.17 -63.35 -118.91
C GLU B 938 33.60 -62.89 -119.14
N LEU B 939 34.32 -62.58 -118.06
CA LEU B 939 35.74 -62.26 -118.15
C LEU B 939 36.47 -62.83 -116.95
N ILE B 940 37.44 -63.70 -117.20
CA ILE B 940 38.27 -64.26 -116.15
C ILE B 940 39.53 -63.41 -116.05
N LEU B 941 39.82 -62.93 -114.85
CA LEU B 941 41.02 -62.15 -114.59
C LEU B 941 41.95 -63.01 -113.75
N GLN B 942 43.04 -63.50 -114.36
CA GLN B 942 43.98 -64.28 -113.59
C GLN B 942 45.37 -64.12 -114.18
N GLU B 943 46.36 -64.47 -113.37
CA GLU B 943 47.71 -64.75 -113.83
C GLU B 943 48.40 -63.53 -114.45
N GLY B 944 47.71 -62.41 -114.53
CA GLY B 944 48.32 -61.17 -114.99
C GLY B 944 47.56 -60.47 -116.09
N THR B 945 46.64 -61.13 -116.78
CA THR B 945 45.82 -60.48 -117.78
C THR B 945 44.42 -61.07 -117.74
N PHE B 946 43.62 -60.70 -118.73
CA PHE B 946 42.21 -61.03 -118.81
C PHE B 946 41.98 -62.09 -119.86
N LYS B 947 40.73 -62.55 -119.92
CA LYS B 947 40.29 -63.45 -120.97
C LYS B 947 38.87 -63.10 -121.36
N ALA B 948 38.24 -63.94 -122.17
CA ALA B 948 36.86 -63.74 -122.54
C ALA B 948 36.28 -65.10 -122.91
N VAL B 949 35.23 -65.50 -122.22
CA VAL B 949 34.60 -66.79 -122.45
C VAL B 949 33.14 -66.51 -122.81
N ALA B 950 32.92 -65.43 -123.56
CA ALA B 950 31.56 -65.08 -123.97
C ALA B 950 30.83 -66.28 -124.55
N ARG B 951 29.75 -66.68 -123.87
CA ARG B 951 28.97 -67.86 -124.26
C ARG B 951 27.58 -67.52 -124.78
N GLY B 952 26.95 -66.47 -124.28
CA GLY B 952 25.59 -66.16 -124.61
C GLY B 952 25.45 -65.42 -125.94
N PRO B 953 24.41 -64.58 -126.03
CA PRO B 953 24.24 -63.75 -127.23
C PRO B 953 25.47 -62.93 -127.58
N GLY B 954 25.91 -63.03 -128.83
CA GLY B 954 27.13 -62.39 -129.27
C GLY B 954 26.98 -61.00 -129.86
N GLY B 955 26.65 -60.01 -129.04
CA GLY B 955 26.62 -58.63 -129.46
C GLY B 955 27.93 -57.92 -129.18
N ASP B 956 27.87 -56.61 -129.18
CA ASP B 956 29.07 -55.86 -128.82
C ASP B 956 29.32 -55.98 -127.31
N PRO B 957 30.56 -55.75 -126.88
CA PRO B 957 30.87 -55.81 -125.45
C PRO B 957 30.09 -54.77 -124.67
N PRO B 958 29.41 -55.18 -123.60
CA PRO B 958 28.90 -54.22 -122.63
C PRO B 958 29.96 -53.72 -121.66
N TYR B 959 31.23 -54.03 -121.93
CA TYR B 959 32.35 -53.61 -121.12
C TYR B 959 33.37 -52.91 -121.99
N LYS B 960 34.32 -52.24 -121.34
CA LYS B 960 35.49 -51.68 -121.99
C LYS B 960 36.69 -52.00 -121.13
N ILE B 961 37.84 -52.17 -121.76
CA ILE B 961 39.05 -52.62 -121.08
C ILE B 961 40.12 -51.55 -121.24
N ARG B 962 40.85 -51.27 -120.16
CA ARG B 962 41.88 -50.25 -120.20
C ARG B 962 43.00 -50.61 -119.25
N TYR B 963 44.18 -50.10 -119.56
CA TYR B 963 45.39 -50.33 -118.77
C TYR B 963 45.65 -49.07 -117.97
N MET B 964 45.02 -48.99 -116.80
CA MET B 964 45.08 -47.78 -115.98
C MET B 964 46.27 -47.92 -115.04
N GLY B 965 47.42 -47.41 -115.45
CA GLY B 965 48.61 -47.49 -114.62
C GLY B 965 49.07 -48.92 -114.38
N ILE B 966 48.89 -49.40 -113.15
CA ILE B 966 49.23 -50.78 -112.79
C ILE B 966 47.95 -51.57 -112.58
N PHE B 967 46.87 -51.16 -113.23
CA PHE B 967 45.57 -51.76 -113.03
C PHE B 967 44.97 -52.17 -114.37
N LEU B 968 44.30 -53.30 -114.37
CA LEU B 968 43.30 -53.60 -115.40
C LEU B 968 42.00 -52.97 -114.96
N VAL B 969 41.46 -52.07 -115.76
CA VAL B 969 40.19 -51.44 -115.45
C VAL B 969 39.19 -51.90 -116.48
N ILE B 970 38.06 -52.42 -116.02
CA ILE B 970 37.01 -52.90 -116.89
C ILE B 970 35.74 -52.14 -116.53
N GLU B 971 35.23 -51.37 -117.46
CA GLU B 971 34.03 -50.57 -117.23
C GLU B 971 32.83 -51.26 -117.84
N THR B 972 31.65 -50.91 -117.32
CA THR B 972 30.37 -51.30 -117.89
C THR B 972 29.39 -50.14 -117.86
N HIS B 973 29.92 -48.91 -117.96
CA HIS B 973 29.17 -47.67 -118.08
C HIS B 973 28.50 -47.27 -116.76
N GLY B 974 28.50 -48.15 -115.77
CA GLY B 974 28.02 -47.83 -114.45
C GLY B 974 28.71 -48.60 -113.35
N MET B 975 29.75 -49.36 -113.71
CA MET B 975 30.34 -50.33 -112.81
C MET B 975 31.77 -50.61 -113.30
N ALA B 976 32.75 -50.00 -112.64
CA ALA B 976 34.14 -50.05 -113.06
C ALA B 976 34.95 -50.85 -112.06
N VAL B 977 35.61 -51.90 -112.54
CA VAL B 977 36.41 -52.79 -111.71
C VAL B 977 37.87 -52.55 -112.00
N SER B 978 38.66 -52.33 -110.95
CA SER B 978 40.09 -52.09 -111.10
C SER B 978 40.85 -53.17 -110.34
N TRP B 979 41.77 -53.84 -111.03
CA TRP B 979 42.49 -54.99 -110.50
C TRP B 979 43.97 -54.68 -110.59
N ASP B 980 44.68 -54.75 -109.46
CA ASP B 980 46.08 -54.33 -109.50
C ASP B 980 46.97 -55.32 -110.21
N ARG B 981 46.39 -56.40 -110.74
CA ARG B 981 47.02 -57.52 -111.41
C ARG B 981 47.66 -58.50 -110.44
N LYS B 982 47.72 -58.20 -109.15
CA LYS B 982 48.17 -59.21 -108.19
C LYS B 982 47.08 -59.56 -107.19
N THR B 983 46.68 -58.65 -106.29
CA THR B 983 45.80 -59.10 -105.22
C THR B 983 44.78 -58.10 -104.71
N SER B 984 44.65 -56.90 -105.25
CA SER B 984 43.69 -55.94 -104.75
C SER B 984 42.70 -55.59 -105.84
N VAL B 985 41.43 -55.57 -105.48
CA VAL B 985 40.34 -55.22 -106.40
C VAL B 985 39.61 -54.04 -105.78
N PHE B 986 39.46 -52.95 -106.53
CA PHE B 986 38.66 -51.82 -106.13
C PHE B 986 37.52 -51.68 -107.12
N ILE B 987 36.29 -51.76 -106.65
CA ILE B 987 35.12 -51.69 -107.50
C ILE B 987 34.39 -50.39 -107.21
N ARG B 988 34.08 -49.64 -108.26
CA ARG B 988 33.40 -48.35 -108.13
C ARG B 988 32.11 -48.42 -108.93
N LEU B 989 31.00 -48.25 -108.23
CA LEU B 989 29.66 -48.36 -108.79
C LEU B 989 28.98 -47.01 -108.84
N HIS B 990 28.10 -46.86 -109.83
CA HIS B 990 27.24 -45.70 -109.87
C HIS B 990 26.21 -45.78 -108.74
N GLN B 991 25.60 -44.65 -108.43
CA GLN B 991 24.59 -44.62 -107.37
C GLN B 991 23.31 -45.35 -107.77
N ASP B 992 23.18 -45.76 -109.02
CA ASP B 992 21.99 -46.47 -109.44
C ASP B 992 21.83 -47.79 -108.71
N TYR B 993 22.93 -48.52 -108.54
CA TYR B 993 22.88 -49.86 -107.98
C TYR B 993 22.72 -49.88 -106.47
N LYS B 994 22.36 -48.75 -105.88
CA LYS B 994 22.29 -48.65 -104.43
C LYS B 994 21.19 -49.56 -103.89
N GLY B 995 21.54 -50.37 -102.91
CA GLY B 995 20.58 -51.21 -102.22
C GLY B 995 20.21 -52.49 -102.93
N ARG B 996 20.68 -52.71 -104.15
CA ARG B 996 20.26 -53.85 -104.96
C ARG B 996 21.39 -54.82 -105.25
N VAL B 997 22.56 -54.64 -104.66
CA VAL B 997 23.68 -55.55 -104.82
C VAL B 997 23.86 -56.35 -103.53
N CYS B 998 24.74 -57.33 -103.56
CA CYS B 998 25.00 -58.17 -102.40
C CYS B 998 26.37 -58.82 -102.54
N GLY B 999 26.63 -59.83 -101.74
CA GLY B 999 27.92 -60.50 -101.76
C GLY B 999 28.85 -60.05 -100.64
N LEU B 1000 30.16 -60.02 -100.90
CA LEU B 1000 31.13 -59.61 -99.89
C LEU B 1000 31.42 -58.12 -99.90
N CYS B 1001 30.77 -57.35 -100.76
CA CYS B 1001 30.83 -55.91 -100.69
C CYS B 1001 29.54 -55.32 -100.10
N GLY B 1002 28.86 -56.08 -99.25
CA GLY B 1002 27.67 -55.60 -98.62
C GLY B 1002 26.56 -55.45 -99.63
N ASN B 1003 25.51 -54.75 -99.21
CA ASN B 1003 24.37 -54.51 -100.08
C ASN B 1003 24.25 -53.05 -100.48
N PHE B 1004 25.26 -52.23 -100.20
CA PHE B 1004 25.30 -50.85 -100.67
C PHE B 1004 24.02 -50.12 -100.31
N ASP B 1005 23.76 -50.00 -99.01
CA ASP B 1005 22.53 -49.37 -98.53
C ASP B 1005 22.80 -48.20 -97.61
N ASP B 1006 24.06 -47.77 -97.47
CA ASP B 1006 24.45 -46.75 -96.49
C ASP B 1006 24.00 -47.15 -95.09
N ASN B 1007 24.16 -48.43 -94.77
CA ASN B 1007 23.84 -48.96 -93.45
C ASN B 1007 24.83 -50.08 -93.20
N ALA B 1008 25.94 -49.73 -92.54
CA ALA B 1008 27.07 -50.63 -92.44
C ALA B 1008 26.91 -51.67 -91.34
N ILE B 1009 25.95 -51.50 -90.44
CA ILE B 1009 25.81 -52.45 -89.34
C ILE B 1009 25.28 -53.79 -89.85
N ASN B 1010 24.35 -53.74 -90.81
CA ASN B 1010 23.71 -54.94 -91.32
C ASN B 1010 24.36 -55.49 -92.58
N ASP B 1011 25.53 -54.97 -92.96
CA ASP B 1011 26.20 -55.47 -94.16
C ASP B 1011 26.69 -56.89 -94.00
N PHE B 1012 26.69 -57.45 -92.80
CA PHE B 1012 26.97 -58.86 -92.63
C PHE B 1012 25.72 -59.68 -92.87
N ALA B 1013 25.08 -59.47 -94.01
CA ALA B 1013 23.86 -60.18 -94.38
C ALA B 1013 24.21 -61.37 -95.26
N THR B 1014 23.95 -62.57 -94.77
CA THR B 1014 24.38 -63.80 -95.41
C THR B 1014 23.46 -64.11 -96.58
N ARG B 1015 23.57 -65.34 -97.10
CA ARG B 1015 22.74 -65.74 -98.23
C ARG B 1015 21.26 -65.63 -97.90
N SER B 1016 20.87 -66.08 -96.72
CA SER B 1016 19.49 -66.02 -96.30
C SER B 1016 19.14 -64.72 -95.60
N ARG B 1017 20.00 -63.70 -95.71
CA ARG B 1017 19.77 -62.38 -95.11
C ARG B 1017 19.45 -62.50 -93.62
N SER B 1018 20.32 -63.20 -92.89
CA SER B 1018 20.24 -63.32 -91.44
C SER B 1018 21.46 -62.62 -90.86
N VAL B 1019 21.33 -61.31 -90.64
CA VAL B 1019 22.49 -60.49 -90.29
C VAL B 1019 23.19 -61.07 -89.08
N VAL B 1020 24.48 -61.34 -89.21
CA VAL B 1020 25.28 -61.97 -88.17
C VAL B 1020 26.28 -60.96 -87.65
N GLY B 1021 26.74 -61.20 -86.43
CA GLY B 1021 27.79 -60.41 -85.84
C GLY B 1021 29.17 -60.98 -86.03
N ASP B 1022 29.32 -61.94 -86.93
CA ASP B 1022 30.58 -62.63 -87.15
C ASP B 1022 30.97 -62.54 -88.61
N ALA B 1023 32.28 -62.41 -88.86
CA ALA B 1023 32.76 -62.33 -90.22
C ALA B 1023 32.85 -63.69 -90.89
N LEU B 1024 33.18 -64.72 -90.11
CA LEU B 1024 33.38 -66.04 -90.70
C LEU B 1024 32.09 -66.58 -91.32
N GLU B 1025 30.96 -66.43 -90.63
CA GLU B 1025 29.69 -66.90 -91.19
C GLU B 1025 29.31 -66.11 -92.43
N PHE B 1026 29.53 -64.79 -92.40
CA PHE B 1026 29.19 -63.96 -93.55
C PHE B 1026 30.01 -64.36 -94.78
N GLY B 1027 31.30 -64.64 -94.58
CA GLY B 1027 32.10 -65.12 -95.70
C GLY B 1027 31.68 -66.50 -96.16
N ASN B 1028 31.44 -67.42 -95.21
CA ASN B 1028 31.05 -68.78 -95.56
C ASN B 1028 29.73 -68.81 -96.32
N SER B 1029 28.88 -67.81 -96.13
CA SER B 1029 27.60 -67.83 -96.84
C SER B 1029 27.80 -67.73 -98.35
N TRP B 1030 28.68 -66.84 -98.80
CA TRP B 1030 28.75 -66.48 -100.20
C TRP B 1030 29.73 -67.32 -101.01
N LYS B 1031 30.06 -68.52 -100.57
CA LYS B 1031 30.85 -69.42 -101.40
C LYS B 1031 30.00 -69.96 -102.54
N LEU B 1032 30.60 -70.06 -103.72
CA LEU B 1032 29.85 -70.49 -104.91
C LEU B 1032 29.38 -71.92 -104.77
N SER B 1033 30.30 -72.83 -104.45
CA SER B 1033 29.96 -74.24 -104.44
C SER B 1033 29.75 -74.71 -103.01
N PRO B 1034 28.53 -75.10 -102.64
CA PRO B 1034 28.30 -75.57 -101.26
C PRO B 1034 29.11 -76.79 -100.89
N SER B 1035 29.64 -77.53 -101.86
CA SER B 1035 30.53 -78.63 -101.54
C SER B 1035 31.81 -78.16 -100.87
N CYS B 1036 32.23 -76.92 -101.13
CA CYS B 1036 33.49 -76.43 -100.59
C CYS B 1036 33.45 -76.39 -99.06
N PRO B 1037 34.54 -76.73 -98.40
CA PRO B 1037 34.56 -76.66 -96.93
C PRO B 1037 34.58 -75.23 -96.44
N ASP B 1038 33.88 -74.99 -95.33
CA ASP B 1038 33.88 -73.67 -94.71
C ASP B 1038 35.25 -73.37 -94.15
N ALA B 1039 35.67 -72.11 -94.27
CA ALA B 1039 36.91 -71.67 -93.67
C ALA B 1039 36.81 -71.75 -92.16
N LEU B 1040 37.89 -72.19 -91.52
CA LEU B 1040 37.91 -72.28 -90.07
C LEU B 1040 38.24 -70.91 -89.50
N ALA B 1041 38.53 -70.87 -88.21
CA ALA B 1041 38.83 -69.60 -87.55
C ALA B 1041 40.12 -69.03 -88.11
N PRO B 1042 40.11 -67.81 -88.63
CA PRO B 1042 41.36 -67.17 -89.06
C PRO B 1042 42.30 -66.99 -87.88
N LYS B 1043 43.59 -67.09 -88.15
CA LYS B 1043 44.60 -67.06 -87.11
C LYS B 1043 45.42 -65.77 -87.24
N ASP B 1044 45.68 -65.14 -86.10
CA ASP B 1044 46.36 -63.85 -86.09
C ASP B 1044 47.80 -64.04 -86.56
N PRO B 1045 48.22 -63.38 -87.64
CA PRO B 1045 49.54 -63.67 -88.22
C PRO B 1045 50.71 -63.40 -87.31
N CYS B 1046 50.76 -62.21 -86.72
CA CYS B 1046 51.93 -61.80 -85.94
C CYS B 1046 52.13 -62.71 -84.73
N THR B 1047 51.04 -63.15 -84.11
CA THR B 1047 51.16 -64.12 -83.03
C THR B 1047 51.74 -65.43 -83.54
N ALA B 1048 51.31 -65.86 -84.73
CA ALA B 1048 51.77 -67.13 -85.27
C ALA B 1048 53.27 -67.12 -85.52
N ASN B 1049 53.79 -66.04 -86.08
CA ASN B 1049 55.18 -65.94 -86.48
C ASN B 1049 55.78 -64.68 -85.88
N PRO B 1050 56.12 -64.71 -84.59
CA PRO B 1050 56.62 -63.50 -83.95
C PRO B 1050 57.90 -62.96 -84.57
N PHE B 1051 58.74 -63.83 -85.12
CA PHE B 1051 60.04 -63.40 -85.63
C PHE B 1051 59.93 -62.51 -86.85
N ARG B 1052 58.76 -62.44 -87.48
CA ARG B 1052 58.55 -61.48 -88.56
C ARG B 1052 58.05 -60.15 -88.05
N LYS B 1053 57.37 -60.15 -86.89
CA LYS B 1053 56.60 -58.99 -86.46
C LYS B 1053 57.44 -57.73 -86.48
N SER B 1054 58.61 -57.78 -85.87
CA SER B 1054 59.48 -56.60 -85.81
C SER B 1054 59.72 -56.06 -87.22
N TRP B 1055 60.19 -56.93 -88.12
CA TRP B 1055 60.39 -56.51 -89.50
C TRP B 1055 59.13 -55.88 -90.04
N ALA B 1056 58.00 -56.57 -89.87
CA ALA B 1056 56.73 -56.05 -90.37
C ALA B 1056 56.51 -54.63 -89.89
N GLN B 1057 56.66 -54.41 -88.59
CA GLN B 1057 56.40 -53.07 -88.07
C GLN B 1057 57.37 -52.07 -88.68
N LYS B 1058 58.66 -52.44 -88.75
CA LYS B 1058 59.62 -51.54 -89.37
C LYS B 1058 59.25 -51.25 -90.80
N GLN B 1059 58.71 -52.25 -91.50
CA GLN B 1059 58.24 -52.00 -92.85
C GLN B 1059 56.96 -51.19 -92.84
N CYS B 1060 56.04 -51.50 -91.93
CA CYS B 1060 54.75 -50.81 -91.99
C CYS B 1060 54.81 -49.42 -91.38
N SER B 1061 55.84 -49.13 -90.58
CA SER B 1061 56.01 -47.80 -90.02
C SER B 1061 56.08 -46.72 -91.08
N ILE B 1062 56.14 -47.10 -92.36
CA ILE B 1062 56.14 -46.12 -93.43
C ILE B 1062 54.85 -45.31 -93.37
N LEU B 1063 53.78 -45.89 -92.82
CA LEU B 1063 52.50 -45.20 -92.75
C LEU B 1063 52.47 -44.10 -91.71
N HIS B 1064 53.35 -44.16 -90.71
CA HIS B 1064 53.41 -43.10 -89.72
C HIS B 1064 54.44 -42.04 -90.03
N GLY B 1065 55.40 -42.33 -90.90
CA GLY B 1065 56.47 -41.41 -91.19
C GLY B 1065 56.03 -40.23 -92.01
N PRO B 1066 56.92 -39.25 -92.18
CA PRO B 1066 56.54 -38.01 -92.88
C PRO B 1066 56.17 -38.23 -94.32
N THR B 1067 56.38 -39.42 -94.86
CA THR B 1067 55.91 -39.71 -96.21
C THR B 1067 54.39 -39.60 -96.28
N PHE B 1068 53.70 -40.12 -95.26
CA PHE B 1068 52.26 -40.07 -95.18
C PHE B 1068 51.77 -39.14 -94.07
N ALA B 1069 52.55 -38.11 -93.78
CA ALA B 1069 52.15 -37.15 -92.76
C ALA B 1069 50.89 -36.40 -93.17
N ALA B 1070 50.81 -35.99 -94.43
CA ALA B 1070 49.66 -35.22 -94.89
C ALA B 1070 48.40 -36.07 -94.95
N CYS B 1071 48.51 -37.25 -95.55
CA CYS B 1071 47.32 -38.07 -95.75
C CYS B 1071 46.73 -38.57 -94.45
N ARG B 1072 47.54 -38.77 -93.42
CA ARG B 1072 47.01 -39.29 -92.17
C ARG B 1072 45.96 -38.39 -91.57
N SER B 1073 45.91 -37.13 -91.98
CA SER B 1073 44.87 -36.22 -91.52
C SER B 1073 43.64 -36.22 -92.41
N GLN B 1074 43.74 -36.76 -93.63
CA GLN B 1074 42.60 -36.85 -94.53
C GLN B 1074 41.95 -38.22 -94.55
N VAL B 1075 42.71 -39.27 -94.30
CA VAL B 1075 42.19 -40.63 -94.31
C VAL B 1075 42.63 -41.33 -93.05
N ASP B 1076 41.68 -41.92 -92.33
CA ASP B 1076 42.00 -42.65 -91.12
C ASP B 1076 42.81 -43.90 -91.48
N SER B 1077 43.98 -44.05 -90.86
CA SER B 1077 44.93 -45.08 -91.22
C SER B 1077 45.19 -46.07 -90.11
N THR B 1078 44.27 -46.22 -89.16
CA THR B 1078 44.47 -47.21 -88.12
C THR B 1078 44.33 -48.62 -88.69
N LYS B 1079 43.16 -48.92 -89.26
CA LYS B 1079 42.91 -50.26 -89.76
C LYS B 1079 43.82 -50.60 -90.93
N TYR B 1080 44.22 -49.60 -91.72
CA TYR B 1080 45.17 -49.86 -92.78
C TYR B 1080 46.50 -50.32 -92.20
N TYR B 1081 46.95 -49.69 -91.11
CA TYR B 1081 48.20 -50.10 -90.49
C TYR B 1081 48.06 -51.50 -89.89
N GLU B 1082 46.93 -51.80 -89.26
CA GLU B 1082 46.75 -53.14 -88.75
C GLU B 1082 46.80 -54.16 -89.88
N ALA B 1083 46.19 -53.83 -91.01
CA ALA B 1083 46.22 -54.72 -92.17
C ALA B 1083 47.64 -54.91 -92.68
N CYS B 1084 48.40 -53.83 -92.79
CA CYS B 1084 49.78 -53.93 -93.26
C CYS B 1084 50.59 -54.84 -92.36
N VAL B 1085 50.49 -54.64 -91.04
CA VAL B 1085 51.28 -55.44 -90.12
C VAL B 1085 50.84 -56.90 -90.19
N ASN B 1086 49.53 -57.14 -90.25
CA ASN B 1086 49.04 -58.52 -90.33
C ASN B 1086 49.54 -59.21 -91.59
N ASP B 1087 49.49 -58.52 -92.73
CA ASP B 1087 49.90 -59.13 -93.99
C ASP B 1087 51.40 -59.38 -94.02
N ALA B 1088 52.20 -58.40 -93.59
CA ALA B 1088 53.64 -58.60 -93.55
C ALA B 1088 54.05 -59.64 -92.53
N CYS B 1089 53.23 -59.89 -91.52
CA CYS B 1089 53.47 -61.00 -90.60
C CYS B 1089 53.09 -62.34 -91.22
N ALA B 1090 52.05 -62.34 -92.05
CA ALA B 1090 51.49 -63.60 -92.54
C ALA B 1090 52.34 -64.23 -93.64
N CYS B 1091 52.92 -63.42 -94.52
CA CYS B 1091 53.55 -63.96 -95.72
C CYS B 1091 54.88 -64.63 -95.39
N ASP B 1092 54.81 -65.76 -94.69
CA ASP B 1092 56.02 -66.47 -94.28
C ASP B 1092 56.46 -67.53 -95.26
N SER B 1093 55.79 -67.66 -96.40
CA SER B 1093 56.16 -68.67 -97.37
C SER B 1093 56.80 -68.10 -98.63
N GLY B 1094 56.93 -66.79 -98.73
CA GLY B 1094 57.59 -66.17 -99.86
C GLY B 1094 56.78 -65.02 -100.42
N GLY B 1095 57.47 -64.11 -101.09
CA GLY B 1095 56.83 -62.94 -101.63
C GLY B 1095 56.39 -62.00 -100.53
N ASP B 1096 57.34 -61.41 -99.82
CA ASP B 1096 57.04 -60.48 -98.73
C ASP B 1096 56.84 -59.06 -99.23
N CYS B 1097 57.67 -58.64 -100.18
CA CYS B 1097 57.58 -57.28 -100.67
C CYS B 1097 56.24 -57.03 -101.32
N GLU B 1098 55.69 -58.02 -102.03
CA GLU B 1098 54.38 -57.83 -102.64
C GLU B 1098 53.31 -57.63 -101.58
N CYS B 1099 53.36 -58.41 -100.50
CA CYS B 1099 52.39 -58.26 -99.43
C CYS B 1099 52.44 -56.86 -98.85
N PHE B 1100 53.64 -56.41 -98.45
CA PHE B 1100 53.75 -55.08 -97.87
C PHE B 1100 53.36 -54.01 -98.89
N CYS B 1101 53.76 -54.19 -100.14
CA CYS B 1101 53.47 -53.19 -101.17
C CYS B 1101 51.98 -53.02 -101.37
N THR B 1102 51.23 -54.13 -101.44
CA THR B 1102 49.79 -53.99 -101.66
C THR B 1102 49.09 -53.49 -100.41
N ALA B 1103 49.56 -53.89 -99.23
CA ALA B 1103 48.95 -53.37 -98.00
C ALA B 1103 49.09 -51.87 -97.92
N VAL B 1104 50.25 -51.34 -98.29
CA VAL B 1104 50.42 -49.90 -98.32
C VAL B 1104 49.66 -49.27 -99.48
N ALA B 1105 49.58 -49.96 -100.62
CA ALA B 1105 48.95 -49.38 -101.78
C ALA B 1105 47.45 -49.23 -101.64
N ALA B 1106 46.80 -50.03 -100.79
CA ALA B 1106 45.40 -49.78 -100.50
C ALA B 1106 45.21 -48.41 -99.88
N TYR B 1107 46.06 -48.08 -98.90
CA TYR B 1107 46.04 -46.73 -98.33
C TYR B 1107 46.45 -45.69 -99.36
N ALA B 1108 47.38 -46.04 -100.24
CA ALA B 1108 47.78 -45.11 -101.28
C ALA B 1108 46.58 -44.73 -102.14
N GLN B 1109 45.77 -45.72 -102.52
CA GLN B 1109 44.59 -45.42 -103.32
C GLN B 1109 43.54 -44.68 -102.51
N ALA B 1110 43.41 -45.00 -101.21
CA ALA B 1110 42.50 -44.22 -100.38
C ALA B 1110 42.87 -42.74 -100.40
N CYS B 1111 44.17 -42.45 -100.21
CA CYS B 1111 44.64 -41.07 -100.30
C CYS B 1111 44.39 -40.49 -101.69
N HIS B 1112 44.64 -41.28 -102.72
CA HIS B 1112 44.51 -40.78 -104.09
C HIS B 1112 43.08 -40.37 -104.39
N ASP B 1113 42.12 -41.18 -103.93
CA ASP B 1113 40.72 -40.83 -104.15
C ASP B 1113 40.32 -39.66 -103.27
N ALA B 1114 40.83 -39.60 -102.03
CA ALA B 1114 40.35 -38.57 -101.12
C ALA B 1114 40.63 -37.16 -101.64
N GLY B 1115 41.88 -36.71 -101.61
CA GLY B 1115 42.21 -35.51 -102.33
C GLY B 1115 43.66 -35.38 -102.78
N LEU B 1116 44.47 -36.40 -102.54
CA LEU B 1116 45.91 -36.20 -102.49
C LEU B 1116 46.62 -37.11 -103.49
N CYS B 1117 47.61 -36.54 -104.16
CA CYS B 1117 48.47 -37.26 -105.09
C CYS B 1117 49.75 -37.59 -104.32
N VAL B 1118 49.67 -38.59 -103.46
CA VAL B 1118 50.81 -39.00 -102.65
C VAL B 1118 51.67 -39.96 -103.46
N SER B 1119 52.99 -39.81 -103.33
CA SER B 1119 53.96 -40.58 -104.11
C SER B 1119 55.03 -41.10 -103.16
N TRP B 1120 54.82 -42.29 -102.60
CA TRP B 1120 55.80 -42.86 -101.69
C TRP B 1120 56.90 -43.64 -102.41
N ARG B 1121 56.60 -44.88 -102.82
CA ARG B 1121 57.27 -45.63 -103.88
C ARG B 1121 58.73 -45.29 -104.11
N THR B 1122 59.55 -45.29 -103.07
CA THR B 1122 60.95 -44.95 -103.24
C THR B 1122 61.72 -46.13 -103.81
N PRO B 1123 62.90 -45.89 -104.39
CA PRO B 1123 63.69 -47.00 -104.93
C PRO B 1123 64.01 -48.06 -103.89
N ASP B 1124 64.16 -47.69 -102.63
CA ASP B 1124 64.35 -48.66 -101.56
C ASP B 1124 63.05 -49.36 -101.17
N THR B 1125 61.91 -48.69 -101.34
CA THR B 1125 60.63 -49.16 -100.80
C THR B 1125 59.62 -49.30 -101.93
N CYS B 1126 59.24 -50.53 -102.24
CA CYS B 1126 58.25 -50.82 -103.26
C CYS B 1126 58.57 -50.11 -104.58
N PRO B 1127 59.69 -50.44 -105.22
CA PRO B 1127 60.01 -49.81 -106.50
C PRO B 1127 59.11 -50.34 -107.59
N LEU B 1128 58.95 -49.54 -108.63
CA LEU B 1128 58.13 -49.91 -109.78
C LEU B 1128 58.93 -49.66 -111.04
N PHE B 1129 59.38 -50.74 -111.68
CA PHE B 1129 60.15 -50.61 -112.90
C PHE B 1129 59.24 -50.03 -113.97
N CYS B 1130 59.58 -48.84 -114.46
CA CYS B 1130 58.82 -48.20 -115.51
C CYS B 1130 59.68 -47.78 -116.68
N ASP B 1131 60.99 -47.92 -116.57
CA ASP B 1131 61.87 -47.82 -117.73
C ASP B 1131 61.73 -49.01 -118.65
N PHE B 1132 61.07 -50.07 -118.20
CA PHE B 1132 61.05 -51.32 -118.95
C PHE B 1132 60.42 -51.15 -120.32
N TYR B 1133 59.27 -50.48 -120.37
CA TYR B 1133 58.58 -50.27 -121.64
C TYR B 1133 59.18 -49.13 -122.44
N ASN B 1134 60.23 -48.51 -121.94
CA ASN B 1134 60.98 -47.54 -122.70
C ASN B 1134 61.96 -48.27 -123.61
N PRO B 1135 61.73 -48.28 -124.92
CA PRO B 1135 62.67 -48.94 -125.81
C PRO B 1135 63.80 -48.03 -126.28
N HIS B 1136 65.03 -48.37 -125.88
CA HIS B 1136 66.25 -47.80 -126.43
C HIS B 1136 66.23 -46.26 -126.40
N GLY B 1137 66.15 -45.73 -125.20
CA GLY B 1137 66.23 -44.29 -125.00
C GLY B 1137 64.93 -43.54 -125.23
N GLY B 1138 63.87 -44.21 -125.66
CA GLY B 1138 62.58 -43.56 -125.71
C GLY B 1138 62.06 -43.30 -124.30
N CYS B 1139 61.52 -42.11 -124.10
CA CYS B 1139 61.20 -41.65 -122.75
C CYS B 1139 59.78 -41.10 -122.70
N GLU B 1140 58.85 -41.87 -123.26
CA GLU B 1140 57.44 -41.62 -122.98
C GLU B 1140 57.05 -42.14 -121.60
N TRP B 1141 57.35 -43.40 -121.33
CA TRP B 1141 56.81 -44.07 -120.15
C TRP B 1141 57.39 -43.49 -118.88
N HIS B 1142 56.57 -42.73 -118.14
CA HIS B 1142 56.97 -42.10 -116.89
C HIS B 1142 55.98 -42.50 -115.80
N TYR B 1143 56.47 -42.58 -114.58
CA TYR B 1143 55.63 -42.94 -113.44
C TYR B 1143 54.89 -41.71 -112.96
N GLN B 1144 53.57 -41.69 -113.14
CA GLN B 1144 52.74 -40.63 -112.61
C GLN B 1144 52.01 -41.14 -111.39
N PRO B 1145 52.04 -40.46 -110.24
CA PRO B 1145 51.31 -40.95 -109.07
C PRO B 1145 49.80 -40.88 -109.22
N CYS B 1146 49.28 -40.12 -110.16
CA CYS B 1146 47.84 -40.05 -110.42
C CYS B 1146 47.63 -39.97 -111.92
N GLY B 1147 47.13 -41.05 -112.52
CA GLY B 1147 46.99 -41.10 -113.96
C GLY B 1147 45.82 -40.30 -114.48
N ALA B 1148 45.88 -39.99 -115.78
CA ALA B 1148 44.84 -39.19 -116.41
C ALA B 1148 43.49 -39.90 -116.29
N PRO B 1149 42.40 -39.14 -116.18
CA PRO B 1149 41.09 -39.80 -115.98
C PRO B 1149 40.71 -40.74 -117.09
N CYS B 1150 41.15 -40.50 -118.32
CA CYS B 1150 40.91 -41.41 -119.42
C CYS B 1150 42.16 -41.50 -120.29
N LEU B 1151 42.33 -42.65 -120.94
CA LEU B 1151 43.50 -42.93 -121.76
C LEU B 1151 43.07 -43.08 -123.21
N LYS B 1152 43.77 -42.39 -124.11
CA LYS B 1152 43.53 -42.51 -125.55
C LYS B 1152 44.22 -43.80 -126.00
N THR B 1153 43.59 -44.92 -125.69
CA THR B 1153 44.20 -46.21 -125.93
C THR B 1153 43.99 -46.65 -127.38
N CYS B 1154 44.70 -47.71 -127.76
CA CYS B 1154 44.51 -48.30 -129.08
C CYS B 1154 43.10 -48.85 -129.23
N ARG B 1155 42.53 -49.40 -128.16
CA ARG B 1155 41.18 -49.93 -128.19
C ARG B 1155 40.14 -48.83 -128.17
N ASN B 1156 40.44 -47.71 -127.51
CA ASN B 1156 39.55 -46.57 -127.48
C ASN B 1156 40.20 -45.43 -128.26
N PRO B 1157 40.15 -45.45 -129.58
CA PRO B 1157 40.77 -44.38 -130.36
C PRO B 1157 40.09 -43.05 -130.16
N SER B 1158 38.87 -43.02 -129.63
CA SER B 1158 38.17 -41.76 -129.41
C SER B 1158 38.88 -40.91 -128.37
N GLY B 1159 39.39 -41.52 -127.32
CA GLY B 1159 39.93 -40.79 -126.20
C GLY B 1159 38.93 -40.51 -125.10
N HIS B 1160 37.67 -40.86 -125.28
CA HIS B 1160 36.64 -40.68 -124.27
C HIS B 1160 36.54 -41.92 -123.39
N CYS B 1161 35.77 -41.82 -122.33
CA CYS B 1161 35.65 -42.92 -121.39
C CYS B 1161 34.24 -42.91 -120.81
N LEU B 1162 33.82 -44.07 -120.32
CA LEU B 1162 32.46 -44.23 -119.79
C LEU B 1162 32.40 -43.95 -118.30
N VAL B 1163 33.20 -44.67 -117.51
CA VAL B 1163 33.26 -44.48 -116.07
C VAL B 1163 34.60 -43.84 -115.78
N ASP B 1164 34.62 -42.51 -115.70
CA ASP B 1164 35.87 -41.77 -115.56
C ASP B 1164 36.47 -42.02 -114.19
N LEU B 1165 37.46 -42.90 -114.11
CA LEU B 1165 38.18 -43.11 -112.87
C LEU B 1165 39.14 -41.96 -112.64
N PRO B 1166 39.34 -41.56 -111.39
CA PRO B 1166 40.35 -40.54 -111.08
C PRO B 1166 41.76 -41.11 -111.17
N GLY B 1167 42.75 -40.31 -110.78
CA GLY B 1167 44.12 -40.78 -110.83
C GLY B 1167 44.36 -41.97 -109.93
N LEU B 1168 45.32 -42.80 -110.33
CA LEU B 1168 45.72 -43.99 -109.60
C LEU B 1168 47.13 -44.34 -110.01
N GLU B 1169 47.86 -44.99 -109.11
CA GLU B 1169 49.30 -45.16 -109.29
C GLU B 1169 49.59 -46.01 -110.53
N GLY B 1170 50.86 -46.05 -110.89
CA GLY B 1170 51.31 -46.71 -112.10
C GLY B 1170 52.05 -45.73 -113.00
N CYS B 1171 52.60 -46.28 -114.08
CA CYS B 1171 53.30 -45.46 -115.05
C CYS B 1171 52.59 -45.47 -116.39
N TYR B 1172 52.56 -44.31 -117.01
CA TYR B 1172 51.81 -44.05 -118.21
C TYR B 1172 52.73 -43.51 -119.27
N PRO B 1173 52.39 -43.70 -120.52
CA PRO B 1173 53.20 -43.14 -121.60
C PRO B 1173 52.73 -41.76 -121.99
N LYS B 1174 53.67 -40.83 -122.17
CA LYS B 1174 53.36 -39.50 -122.65
C LYS B 1174 53.48 -39.55 -124.18
N CYS B 1175 52.43 -40.07 -124.79
CA CYS B 1175 52.45 -40.34 -126.23
C CYS B 1175 52.57 -39.03 -127.00
N PRO B 1176 53.61 -38.84 -127.79
CA PRO B 1176 53.82 -37.57 -128.48
C PRO B 1176 52.86 -37.44 -129.65
N PRO B 1177 52.69 -36.23 -130.19
CA PRO B 1177 51.78 -36.07 -131.33
C PRO B 1177 52.15 -36.91 -132.55
N SER B 1178 53.44 -37.18 -132.75
CA SER B 1178 53.85 -38.03 -133.86
C SER B 1178 53.38 -39.47 -133.67
N GLN B 1179 53.36 -39.95 -132.44
CA GLN B 1179 52.88 -41.30 -132.12
C GLN B 1179 51.86 -41.19 -130.99
N PRO B 1180 50.68 -40.68 -131.29
CA PRO B 1180 49.71 -40.33 -130.24
C PRO B 1180 48.77 -41.45 -129.82
N PHE B 1181 49.03 -42.70 -130.16
CA PHE B 1181 48.16 -43.80 -129.79
C PHE B 1181 48.88 -44.75 -128.85
N PHE B 1182 48.39 -44.88 -127.63
CA PHE B 1182 48.95 -45.83 -126.69
C PHE B 1182 48.34 -47.20 -126.95
N ASN B 1183 49.19 -48.18 -127.25
CA ASN B 1183 48.77 -49.54 -127.53
C ASN B 1183 49.11 -50.41 -126.32
N GLU B 1184 48.10 -51.09 -125.78
CA GLU B 1184 48.29 -51.92 -124.60
C GLU B 1184 48.88 -53.27 -124.95
N ASP B 1185 48.55 -53.81 -126.12
CA ASP B 1185 49.03 -55.14 -126.46
C ASP B 1185 50.51 -55.15 -126.79
N GLN B 1186 51.11 -53.99 -126.99
CA GLN B 1186 52.56 -53.86 -127.04
C GLN B 1186 53.10 -52.86 -126.04
N MET B 1187 52.24 -52.13 -125.35
CA MET B 1187 52.63 -51.11 -124.38
C MET B 1187 53.57 -50.10 -125.02
N LYS B 1188 53.05 -49.39 -126.03
CA LYS B 1188 53.92 -48.46 -126.71
C LYS B 1188 53.10 -47.35 -127.36
N CYS B 1189 53.71 -46.17 -127.49
CA CYS B 1189 53.13 -45.07 -128.22
C CYS B 1189 53.47 -45.22 -129.69
N VAL B 1190 52.44 -45.32 -130.53
CA VAL B 1190 52.60 -45.58 -131.95
C VAL B 1190 51.69 -44.62 -132.71
N ALA B 1191 51.86 -44.60 -134.04
CA ALA B 1191 51.13 -43.66 -134.87
C ALA B 1191 49.72 -44.15 -135.19
N GLN B 1192 49.60 -45.29 -135.86
CA GLN B 1192 48.32 -45.83 -136.28
C GLN B 1192 48.07 -47.17 -135.62
N CYS B 1193 46.83 -47.38 -135.19
CA CYS B 1193 46.45 -48.58 -134.46
C CYS B 1193 46.08 -49.73 -135.41
N GLY B 1194 46.07 -50.93 -134.84
CA GLY B 1194 45.68 -52.12 -135.58
C GLY B 1194 44.19 -52.38 -135.49
N CYS B 1195 43.81 -53.56 -135.00
CA CYS B 1195 42.39 -53.92 -134.97
C CYS B 1195 42.13 -54.91 -133.84
N TYR B 1196 40.91 -54.84 -133.30
CA TYR B 1196 40.41 -55.78 -132.31
C TYR B 1196 39.15 -56.43 -132.87
N ASP B 1197 39.03 -57.74 -132.68
CA ASP B 1197 37.87 -58.47 -133.18
C ASP B 1197 36.80 -58.52 -132.08
N LYS B 1198 35.78 -59.35 -132.29
CA LYS B 1198 34.73 -59.49 -131.28
C LYS B 1198 35.29 -60.05 -129.98
N ASP B 1199 36.09 -61.12 -130.05
CA ASP B 1199 36.67 -61.68 -128.84
C ASP B 1199 37.74 -60.76 -128.24
N GLY B 1200 38.30 -59.85 -129.02
CA GLY B 1200 39.26 -58.90 -128.52
C GLY B 1200 40.71 -59.18 -128.83
N ASN B 1201 41.00 -60.08 -129.75
CA ASN B 1201 42.38 -60.32 -130.14
C ASN B 1201 42.87 -59.20 -131.07
N TYR B 1202 44.18 -58.98 -131.04
CA TYR B 1202 44.79 -57.88 -131.77
C TYR B 1202 45.64 -58.40 -132.92
N TYR B 1203 45.68 -57.61 -133.99
CA TYR B 1203 46.53 -57.89 -135.14
C TYR B 1203 47.11 -56.57 -135.64
N ASP B 1204 48.22 -56.67 -136.36
CA ASP B 1204 48.75 -55.52 -137.04
C ASP B 1204 47.89 -55.20 -138.26
N VAL B 1205 47.91 -53.93 -138.68
CA VAL B 1205 47.17 -53.55 -139.87
C VAL B 1205 47.67 -54.37 -141.06
N GLY B 1206 46.79 -54.56 -142.05
CA GLY B 1206 47.14 -55.36 -143.20
C GLY B 1206 47.12 -56.85 -142.96
N ALA B 1207 46.41 -57.31 -141.95
CA ALA B 1207 46.35 -58.73 -141.61
C ALA B 1207 44.91 -59.21 -141.65
N ARG B 1208 44.71 -60.37 -142.29
CA ARG B 1208 43.41 -61.00 -142.30
C ARG B 1208 43.11 -61.66 -140.96
N VAL B 1209 41.82 -61.76 -140.64
CA VAL B 1209 41.37 -62.25 -139.35
C VAL B 1209 40.66 -63.58 -139.54
N PRO B 1210 40.90 -64.57 -138.67
CA PRO B 1210 40.17 -65.86 -138.69
C PRO B 1210 38.67 -65.69 -138.48
N CYS B 1218 38.38 -61.06 -144.01
CA CYS B 1218 38.48 -59.62 -143.82
C CYS B 1218 39.88 -59.26 -143.32
N ASN B 1219 40.39 -58.11 -143.76
CA ASN B 1219 41.75 -57.68 -143.47
C ASN B 1219 41.73 -56.58 -142.42
N CYS B 1220 42.91 -56.02 -142.13
CA CYS B 1220 43.06 -54.88 -141.24
C CYS B 1220 43.49 -53.67 -142.03
N THR B 1221 42.79 -52.57 -141.85
CA THR B 1221 42.92 -51.37 -142.67
C THR B 1221 42.76 -50.13 -141.78
N PRO B 1222 42.85 -48.91 -142.33
CA PRO B 1222 42.48 -47.74 -141.52
C PRO B 1222 41.10 -47.85 -140.90
N SER B 1223 40.15 -48.46 -141.61
CA SER B 1223 38.86 -48.76 -140.99
C SER B 1223 39.02 -49.79 -139.88
N GLY B 1224 39.89 -50.78 -140.09
CA GLY B 1224 40.07 -51.85 -139.13
C GLY B 1224 39.78 -53.19 -139.76
N ILE B 1225 38.97 -54.02 -139.11
CA ILE B 1225 38.53 -55.28 -139.71
C ILE B 1225 37.38 -54.95 -140.65
N GLN B 1226 37.64 -55.00 -141.95
CA GLN B 1226 36.64 -54.66 -142.96
C GLN B 1226 36.65 -55.71 -144.07
N CYS B 1227 35.52 -55.82 -144.76
CA CYS B 1227 35.39 -56.71 -145.91
C CYS B 1227 34.09 -56.44 -146.67
N ALA C 46 -79.73 64.51 109.88
CA ALA C 46 -79.20 65.30 108.78
C ALA C 46 -78.56 66.59 109.30
N HIS C 47 -78.57 67.63 108.46
CA HIS C 47 -77.97 68.92 108.81
C HIS C 47 -78.88 69.64 109.80
N ASN C 48 -78.98 69.07 111.00
CA ASN C 48 -79.96 69.53 111.96
C ASN C 48 -79.63 70.92 112.47
N GLY C 49 -78.49 71.07 113.14
CA GLY C 49 -78.13 72.35 113.70
C GLY C 49 -76.73 72.77 113.33
N ARG C 50 -76.27 72.34 112.15
CA ARG C 50 -74.96 72.70 111.65
C ARG C 50 -75.11 73.67 110.48
N VAL C 51 -76.05 74.58 110.59
CA VAL C 51 -76.38 75.52 109.54
C VAL C 51 -76.58 76.91 110.14
N CYS C 52 -76.08 77.93 109.47
CA CYS C 52 -76.44 79.32 109.74
C CYS C 52 -76.73 80.00 108.42
N SER C 53 -77.47 81.12 108.48
CA SER C 53 -77.93 81.71 107.24
C SER C 53 -78.09 83.22 107.37
N THR C 54 -78.09 83.89 106.23
CA THR C 54 -78.25 85.34 106.14
C THR C 54 -79.06 85.66 104.91
N TRP C 55 -80.19 86.32 105.09
CA TRP C 55 -81.10 86.48 103.97
C TRP C 55 -81.88 87.78 104.08
N GLY C 56 -82.35 88.24 102.91
CA GLY C 56 -83.30 89.32 102.80
C GLY C 56 -82.82 90.59 103.47
N ASP C 57 -83.70 91.17 104.28
CA ASP C 57 -83.45 92.46 104.93
C ASP C 57 -82.66 92.23 106.22
N PHE C 58 -81.38 91.87 106.02
CA PHE C 58 -80.43 91.73 107.12
C PHE C 58 -80.94 90.77 108.20
N HIS C 59 -81.40 89.60 107.78
CA HIS C 59 -81.89 88.61 108.73
C HIS C 59 -80.83 87.53 108.92
N TYR C 60 -80.41 87.33 110.16
CA TYR C 60 -79.35 86.40 110.51
C TYR C 60 -79.91 85.29 111.36
N LYS C 61 -79.57 84.05 111.01
CA LYS C 61 -80.02 82.87 111.74
C LYS C 61 -78.78 82.10 112.16
N THR C 62 -78.64 81.87 113.46
CA THR C 62 -77.47 81.19 113.99
C THR C 62 -77.64 79.68 113.92
N PHE C 63 -76.62 78.95 114.34
CA PHE C 63 -76.65 77.49 114.24
C PHE C 63 -77.79 76.90 115.04
N ASP C 64 -78.01 77.41 116.25
CA ASP C 64 -78.85 76.74 117.23
C ASP C 64 -80.33 77.13 117.11
N GLY C 65 -80.67 78.01 116.17
CA GLY C 65 -82.06 78.31 115.88
C GLY C 65 -82.46 79.76 116.04
N ASP C 66 -81.59 80.61 116.54
CA ASP C 66 -81.96 82.00 116.74
C ASP C 66 -82.13 82.72 115.42
N VAL C 67 -82.94 83.78 115.46
CA VAL C 67 -83.15 84.67 114.33
C VAL C 67 -83.11 86.08 114.85
N PHE C 68 -82.44 86.97 114.13
CA PHE C 68 -82.53 88.39 114.50
C PHE C 68 -82.14 89.23 113.30
N ARG C 69 -82.70 90.43 113.25
CA ARG C 69 -82.39 91.39 112.21
C ARG C 69 -81.25 92.27 112.70
N PHE C 70 -80.29 92.53 111.83
CA PHE C 70 -79.18 93.39 112.21
C PHE C 70 -78.76 94.20 110.99
N PRO C 71 -79.11 95.47 110.92
CA PRO C 71 -78.90 96.26 109.70
C PRO C 71 -77.48 96.82 109.58
N GLY C 72 -76.49 96.00 109.88
CA GLY C 72 -75.12 96.45 109.72
C GLY C 72 -74.77 96.67 108.27
N LEU C 73 -73.74 97.49 108.05
CA LEU C 73 -73.34 97.79 106.68
C LEU C 73 -71.82 97.82 106.51
N CYS C 74 -71.08 97.11 107.34
CA CYS C 74 -69.64 97.00 107.21
C CYS C 74 -69.24 95.53 107.07
N ASN C 75 -67.94 95.26 107.11
CA ASN C 75 -67.47 93.89 107.17
C ASN C 75 -67.70 93.34 108.58
N TYR C 76 -68.05 92.06 108.64
CA TYR C 76 -68.33 91.42 109.92
C TYR C 76 -67.78 90.02 109.90
N VAL C 77 -67.43 89.51 111.08
CA VAL C 77 -66.98 88.13 111.21
C VAL C 77 -68.25 87.27 111.20
N PHE C 78 -68.61 86.77 110.02
CA PHE C 78 -69.83 85.97 109.92
C PHE C 78 -69.67 84.63 110.61
N SER C 79 -68.45 84.10 110.65
CA SER C 79 -68.13 82.94 111.46
C SER C 79 -66.62 82.73 111.40
N GLU C 80 -66.09 82.04 112.41
CA GLU C 80 -64.64 81.92 112.54
C GLU C 80 -64.33 80.87 113.60
N HIS C 81 -63.34 80.04 113.32
CA HIS C 81 -62.83 79.09 114.31
C HIS C 81 -61.96 79.88 115.27
N CYS C 82 -62.50 80.23 116.44
CA CYS C 82 -61.82 81.13 117.36
C CYS C 82 -61.65 80.57 118.76
N ARG C 83 -62.02 79.31 119.00
CA ARG C 83 -61.68 78.70 120.28
C ARG C 83 -60.80 77.48 120.04
N ALA C 84 -59.79 77.64 119.20
CA ALA C 84 -58.84 76.57 118.91
C ALA C 84 -57.44 77.16 118.86
N ALA C 85 -56.46 76.29 119.11
CA ALA C 85 -55.06 76.73 119.06
C ALA C 85 -54.70 77.18 117.65
N TYR C 86 -55.23 76.50 116.64
CA TYR C 86 -55.02 76.87 115.25
C TYR C 86 -56.36 76.94 114.55
N GLU C 87 -56.61 78.05 113.85
CA GLU C 87 -57.91 78.28 113.25
C GLU C 87 -58.04 77.56 111.91
N ASP C 88 -59.24 77.04 111.65
CA ASP C 88 -59.50 76.31 110.42
C ASP C 88 -60.24 77.12 109.37
N PHE C 89 -61.15 78.00 109.78
CA PHE C 89 -61.95 78.75 108.82
C PHE C 89 -62.18 80.14 109.37
N ASN C 90 -62.31 81.11 108.47
CA ASN C 90 -62.60 82.49 108.84
C ASN C 90 -63.41 83.09 107.71
N VAL C 91 -64.73 83.01 107.84
CA VAL C 91 -65.65 83.47 106.81
C VAL C 91 -66.27 84.78 107.27
N GLN C 92 -66.16 85.80 106.42
CA GLN C 92 -66.63 87.14 106.74
C GLN C 92 -67.55 87.64 105.66
N LEU C 93 -68.51 88.47 106.05
CA LEU C 93 -69.48 89.04 105.14
C LEU C 93 -69.37 90.57 105.14
N ARG C 94 -69.67 91.16 103.99
CA ARG C 94 -69.86 92.60 103.88
C ARG C 94 -71.24 92.82 103.28
N ARG C 95 -72.07 93.60 103.96
CA ARG C 95 -73.44 93.82 103.55
C ARG C 95 -73.60 95.26 103.07
N GLY C 96 -74.20 95.42 101.90
CA GLY C 96 -74.37 96.74 101.33
C GLY C 96 -75.73 96.99 100.73
N LEU C 97 -75.85 98.08 99.97
CA LEU C 97 -77.11 98.52 99.40
C LEU C 97 -77.01 98.51 97.88
N VAL C 98 -78.03 97.96 97.22
CA VAL C 98 -78.18 98.14 95.78
C VAL C 98 -79.41 99.02 95.57
N GLY C 99 -79.16 100.33 95.47
CA GLY C 99 -80.22 101.31 95.38
C GLY C 99 -80.92 101.44 96.71
N SER C 100 -81.70 100.41 97.04
CA SER C 100 -82.23 100.21 98.39
C SER C 100 -82.21 98.77 98.86
N ARG C 101 -81.97 97.81 97.97
CA ARG C 101 -82.07 96.41 98.35
C ARG C 101 -80.90 96.01 99.23
N PRO C 102 -81.14 95.36 100.37
CA PRO C 102 -80.05 94.81 101.17
C PRO C 102 -79.40 93.63 100.45
N VAL C 103 -78.09 93.71 100.23
CA VAL C 103 -77.36 92.68 99.53
C VAL C 103 -76.09 92.35 100.29
N VAL C 104 -75.45 91.26 99.89
CA VAL C 104 -74.09 90.94 100.31
C VAL C 104 -73.16 91.26 99.16
N THR C 105 -72.21 92.16 99.40
CA THR C 105 -71.34 92.65 98.36
C THR C 105 -70.00 91.94 98.29
N ARG C 106 -69.58 91.26 99.35
CA ARG C 106 -68.28 90.62 99.35
C ARG C 106 -68.21 89.62 100.49
N VAL C 107 -67.77 88.41 100.17
CA VAL C 107 -67.50 87.35 101.14
C VAL C 107 -66.01 87.04 101.07
N VAL C 108 -65.38 86.87 102.22
CA VAL C 108 -63.97 86.51 102.28
C VAL C 108 -63.84 85.30 103.18
N ILE C 109 -63.71 84.12 102.57
CA ILE C 109 -63.54 82.88 103.29
C ILE C 109 -62.05 82.57 103.35
N LYS C 110 -61.51 82.50 104.56
CA LYS C 110 -60.13 82.10 104.77
C LYS C 110 -60.16 80.75 105.47
N ALA C 111 -59.50 79.76 104.86
CA ALA C 111 -59.54 78.41 105.39
C ALA C 111 -58.28 77.66 105.02
N GLN C 112 -57.49 77.30 106.01
CA GLN C 112 -56.37 76.38 105.85
C GLN C 112 -55.35 76.93 104.85
N GLY C 113 -55.14 78.23 104.89
CA GLY C 113 -54.21 78.86 103.97
C GLY C 113 -54.79 79.23 102.63
N LEU C 114 -56.09 79.05 102.42
CA LEU C 114 -56.74 79.41 101.18
C LEU C 114 -57.60 80.64 101.41
N VAL C 115 -57.47 81.62 100.52
CA VAL C 115 -58.22 82.87 100.59
C VAL C 115 -59.17 82.91 99.41
N LEU C 116 -60.45 83.16 99.68
CA LEU C 116 -61.50 83.08 98.69
C LEU C 116 -62.39 84.31 98.81
N GLU C 117 -62.27 85.23 97.87
CA GLU C 117 -63.00 86.49 97.92
C GLU C 117 -64.04 86.51 96.80
N ALA C 118 -65.30 86.40 97.17
CA ALA C 118 -66.41 86.42 96.22
C ALA C 118 -67.05 87.80 96.24
N SER C 119 -67.05 88.48 95.11
CA SER C 119 -67.62 89.81 95.00
C SER C 119 -67.74 90.16 93.54
N ASN C 120 -68.72 91.02 93.24
CA ASN C 120 -68.91 91.53 91.88
C ASN C 120 -69.09 90.38 90.89
N GLY C 121 -69.81 89.35 91.33
CA GLY C 121 -70.11 88.22 90.47
C GLY C 121 -68.88 87.41 90.10
N SER C 122 -67.76 87.73 90.73
CA SER C 122 -66.48 87.12 90.43
C SER C 122 -65.90 86.50 91.68
N VAL C 123 -64.99 85.55 91.48
CA VAL C 123 -64.38 84.81 92.57
C VAL C 123 -62.87 84.96 92.46
N LEU C 124 -62.22 85.30 93.57
CA LEU C 124 -60.77 85.39 93.64
C LEU C 124 -60.27 84.26 94.52
N ILE C 125 -59.42 83.41 93.96
CA ILE C 125 -58.85 82.29 94.69
C ILE C 125 -57.39 82.60 94.95
N ASN C 126 -57.04 82.82 96.21
CA ASN C 126 -55.68 83.17 96.61
C ASN C 126 -55.16 84.37 95.81
N GLY C 127 -56.05 85.33 95.54
CA GLY C 127 -55.68 86.54 94.86
C GLY C 127 -55.78 86.52 93.36
N GLN C 128 -56.10 85.37 92.75
CA GLN C 128 -56.19 85.25 91.30
C GLN C 128 -57.63 84.92 90.92
N ARG C 129 -58.15 85.63 89.93
CA ARG C 129 -59.46 85.31 89.39
C ARG C 129 -59.43 83.92 88.76
N GLU C 130 -60.49 83.15 88.98
CA GLU C 130 -60.61 81.82 88.43
C GLU C 130 -61.98 81.62 87.79
N GLU C 131 -62.01 80.79 86.76
CA GLU C 131 -63.25 80.49 86.06
C GLU C 131 -63.95 79.32 86.72
N LEU C 132 -65.24 79.46 86.92
CA LEU C 132 -66.00 78.42 87.61
C LEU C 132 -66.15 77.20 86.68
N PRO C 133 -66.16 75.99 87.23
CA PRO C 133 -65.87 75.62 88.61
C PRO C 133 -64.38 75.49 88.82
N TYR C 134 -63.88 75.71 90.03
CA TYR C 134 -62.48 75.59 90.35
C TYR C 134 -62.34 74.54 91.43
N SER C 135 -61.58 73.49 91.16
CA SER C 135 -61.51 72.34 92.05
C SER C 135 -60.07 71.99 92.35
N ARG C 136 -59.83 71.57 93.59
CA ARG C 136 -58.53 71.16 94.08
CA ARG C 136 -58.54 71.09 94.02
C ARG C 136 -58.75 70.18 95.23
N THR C 137 -57.68 69.54 95.67
CA THR C 137 -57.80 68.57 96.74
C THR C 137 -58.50 69.20 97.95
N GLY C 138 -59.69 68.71 98.26
CA GLY C 138 -60.46 69.17 99.40
C GLY C 138 -61.29 70.41 99.18
N LEU C 139 -61.11 71.11 98.06
CA LEU C 139 -61.81 72.35 97.78
C LEU C 139 -62.53 72.24 96.45
N LEU C 140 -63.75 72.75 96.38
CA LEU C 140 -64.35 72.95 95.06
C LEU C 140 -65.39 74.07 95.12
N VAL C 141 -65.30 74.98 94.16
CA VAL C 141 -66.20 76.12 94.03
C VAL C 141 -66.91 76.01 92.71
N GLU C 142 -68.23 76.22 92.72
CA GLU C 142 -69.02 75.98 91.52
C GLU C 142 -70.14 77.01 91.44
N GLN C 143 -70.67 77.15 90.22
CA GLN C 143 -71.85 77.93 89.91
C GLN C 143 -73.10 77.06 89.94
N SER C 144 -73.11 76.04 90.81
CA SER C 144 -74.17 75.06 90.82
C SER C 144 -75.52 75.72 91.02
N GLY C 145 -76.47 75.39 90.16
CA GLY C 145 -77.81 75.96 90.29
C GLY C 145 -77.80 77.46 90.16
N ASP C 146 -78.46 78.12 91.10
CA ASP C 146 -78.66 79.56 91.08
C ASP C 146 -77.62 80.33 91.88
N TYR C 147 -76.63 79.66 92.43
CA TYR C 147 -75.80 80.20 93.49
C TYR C 147 -74.32 80.11 93.10
N ILE C 148 -73.48 80.43 94.08
CA ILE C 148 -72.06 80.06 94.06
C ILE C 148 -71.82 79.27 95.34
N LYS C 149 -71.39 78.03 95.18
CA LYS C 149 -71.20 77.14 96.31
C LYS C 149 -69.72 76.80 96.44
N VAL C 150 -69.17 77.02 97.63
CA VAL C 150 -67.78 76.74 97.94
C VAL C 150 -67.79 75.67 99.02
N SER C 151 -67.35 74.47 98.68
CA SER C 151 -67.29 73.38 99.65
C SER C 151 -65.84 73.06 99.92
N ILE C 152 -65.43 73.20 101.17
CA ILE C 152 -64.10 72.86 101.63
C ILE C 152 -64.27 71.60 102.48
N ARG C 153 -64.01 70.45 101.85
CA ARG C 153 -64.42 69.16 102.38
C ARG C 153 -63.84 68.94 103.77
N LEU C 154 -64.67 68.42 104.68
CA LEU C 154 -64.46 68.35 106.12
C LEU C 154 -64.36 69.71 106.82
N VAL C 155 -64.57 70.81 106.12
CA VAL C 155 -64.55 72.09 106.82
C VAL C 155 -65.91 72.78 106.74
N LEU C 156 -66.34 73.13 105.53
CA LEU C 156 -67.53 73.96 105.44
C LEU C 156 -68.17 73.85 104.07
N THR C 157 -69.39 74.37 104.00
CA THR C 157 -70.19 74.38 102.78
C THR C 157 -70.87 75.74 102.74
N PHE C 158 -70.43 76.61 101.84
CA PHE C 158 -70.89 77.99 101.79
C PHE C 158 -71.67 78.21 100.51
N LEU C 159 -72.97 78.44 100.62
CA LEU C 159 -73.80 78.80 99.50
C LEU C 159 -74.01 80.30 99.50
N TRP C 160 -73.92 80.92 98.33
CA TRP C 160 -74.11 82.37 98.22
C TRP C 160 -74.93 82.64 96.96
N ASN C 161 -76.18 83.06 97.15
CA ASN C 161 -77.06 83.22 96.01
C ASN C 161 -76.59 84.30 95.05
N GLY C 162 -75.69 85.17 95.48
CA GLY C 162 -75.16 86.21 94.65
C GLY C 162 -75.63 87.60 95.02
N GLU C 163 -76.83 87.76 95.57
CA GLU C 163 -77.29 89.07 96.00
C GLU C 163 -77.52 89.15 97.50
N ASP C 164 -78.39 88.31 98.07
CA ASP C 164 -78.80 88.52 99.45
C ASP C 164 -78.61 87.31 100.35
N SER C 165 -78.82 86.10 99.85
CA SER C 165 -78.75 84.94 100.73
C SER C 165 -77.30 84.43 100.85
N ALA C 166 -77.04 83.76 101.96
CA ALA C 166 -75.73 83.13 102.19
C ALA C 166 -75.87 82.17 103.35
N LEU C 167 -75.48 80.91 103.13
CA LEU C 167 -75.75 79.84 104.08
C LEU C 167 -74.49 79.05 104.33
N LEU C 168 -74.23 78.72 105.58
CA LEU C 168 -73.05 77.98 105.98
C LEU C 168 -73.44 76.66 106.64
N GLU C 169 -72.89 75.57 106.12
CA GLU C 169 -72.92 74.27 106.77
C GLU C 169 -71.53 74.00 107.33
N LEU C 170 -71.47 73.59 108.59
CA LEU C 170 -70.20 73.35 109.24
C LEU C 170 -70.13 71.92 109.76
N ASP C 171 -68.91 71.42 109.89
CA ASP C 171 -68.71 70.08 110.37
C ASP C 171 -69.17 69.98 111.83
N PRO C 172 -69.57 68.79 112.28
CA PRO C 172 -69.91 68.63 113.70
C PRO C 172 -68.74 68.82 114.63
N LYS C 173 -67.51 68.71 114.14
CA LYS C 173 -66.35 68.82 115.03
C LYS C 173 -66.02 70.25 115.39
N TYR C 174 -66.73 71.22 114.82
CA TYR C 174 -66.53 72.63 115.12
C TYR C 174 -67.48 73.15 116.18
N ALA C 175 -68.12 72.27 116.91
CA ALA C 175 -69.03 72.70 117.97
C ALA C 175 -68.25 73.42 119.06
N ASN C 176 -68.80 74.53 119.53
CA ASN C 176 -68.31 75.24 120.71
C ASN C 176 -66.99 75.95 120.46
N GLN C 177 -66.40 75.79 119.28
CA GLN C 177 -65.13 76.41 118.97
C GLN C 177 -65.25 77.54 117.95
N THR C 178 -66.47 77.90 117.57
CA THR C 178 -66.65 78.99 116.62
C THR C 178 -67.21 80.21 117.34
N CYS C 179 -67.06 81.37 116.71
CA CYS C 179 -67.63 82.59 117.24
C CYS C 179 -67.80 83.59 116.10
N GLY C 180 -68.95 84.24 116.09
CA GLY C 180 -69.34 85.09 115.00
C GLY C 180 -70.86 85.17 114.97
N LEU C 181 -71.35 85.91 113.99
CA LEU C 181 -72.80 86.11 113.88
C LEU C 181 -73.54 84.78 113.86
N CYS C 182 -72.93 83.75 113.31
CA CYS C 182 -73.54 82.42 113.27
C CYS C 182 -73.60 81.77 114.64
N GLY C 183 -72.98 82.34 115.65
CA GLY C 183 -73.15 81.82 117.00
C GLY C 183 -71.98 81.02 117.49
N ASP C 184 -72.22 80.11 118.43
CA ASP C 184 -71.14 79.29 118.99
C ASP C 184 -71.24 77.82 118.66
N PHE C 185 -72.34 77.34 118.09
CA PHE C 185 -72.49 75.94 117.70
C PHE C 185 -72.43 75.00 118.91
N ASN C 186 -72.85 75.48 120.07
CA ASN C 186 -72.96 74.65 121.26
C ASN C 186 -74.31 73.97 121.37
N GLY C 187 -75.25 74.30 120.49
CA GLY C 187 -76.55 73.68 120.48
C GLY C 187 -77.62 74.39 121.30
N LEU C 188 -77.24 75.33 122.15
CA LEU C 188 -78.19 76.03 123.00
C LEU C 188 -78.51 77.38 122.39
N PRO C 189 -79.69 77.56 121.83
CA PRO C 189 -79.97 78.78 121.06
C PRO C 189 -80.07 80.03 121.91
N ALA C 190 -80.95 80.01 122.91
CA ALA C 190 -81.45 81.22 123.52
C ALA C 190 -80.61 81.73 124.68
N PHE C 191 -79.46 81.10 124.98
CA PHE C 191 -78.88 81.38 126.28
C PHE C 191 -77.41 81.80 126.18
N ASN C 192 -76.72 81.45 125.09
CA ASN C 192 -75.28 81.68 125.16
C ASN C 192 -74.71 82.57 124.06
N GLU C 193 -75.53 83.01 123.11
CA GLU C 193 -74.99 83.90 122.07
C GLU C 193 -74.91 85.33 122.55
N PHE C 194 -75.78 85.74 123.47
CA PHE C 194 -75.98 87.14 123.82
C PHE C 194 -75.71 87.38 125.30
N TYR C 195 -74.59 86.88 125.80
CA TYR C 195 -74.17 87.15 127.17
C TYR C 195 -72.70 87.52 127.16
N ALA C 196 -72.42 88.81 126.97
CA ALA C 196 -71.07 89.33 126.94
C ALA C 196 -70.67 89.68 128.35
N HIS C 197 -69.86 88.80 128.97
CA HIS C 197 -69.50 88.92 130.37
C HIS C 197 -70.74 89.10 131.25
N ASN C 198 -71.63 88.11 131.17
CA ASN C 198 -72.83 87.95 132.02
C ASN C 198 -73.84 89.06 131.83
N ALA C 199 -73.82 89.78 130.71
CA ALA C 199 -74.82 90.79 130.40
C ALA C 199 -75.48 90.47 129.08
N ARG C 200 -76.80 90.65 129.00
CA ARG C 200 -77.55 90.28 127.81
C ARG C 200 -77.58 91.44 126.82
N LEU C 201 -77.37 91.15 125.54
CA LEU C 201 -77.28 92.17 124.51
C LEU C 201 -78.46 92.13 123.56
N THR C 202 -78.72 93.27 122.93
CA THR C 202 -79.66 93.41 121.83
C THR C 202 -78.98 92.98 120.53
N PRO C 203 -79.73 92.56 119.51
CA PRO C 203 -79.08 92.12 118.27
C PRO C 203 -78.22 93.19 117.63
N LEU C 204 -78.57 94.46 117.79
CA LEU C 204 -77.70 95.52 117.29
C LEU C 204 -76.34 95.48 117.97
N GLN C 205 -76.33 95.41 119.30
CA GLN C 205 -75.08 95.31 120.03
C GLN C 205 -74.34 94.03 119.67
N PHE C 206 -75.06 92.92 119.58
CA PHE C 206 -74.41 91.65 119.28
C PHE C 206 -73.70 91.70 117.93
N GLY C 207 -74.41 92.14 116.90
CA GLY C 207 -73.79 92.27 115.60
C GLY C 207 -72.69 93.32 115.57
N ASN C 208 -72.76 94.30 116.47
CA ASN C 208 -71.68 95.28 116.54
C ASN C 208 -70.44 94.72 117.22
N LEU C 209 -70.59 93.74 118.12
CA LEU C 209 -69.41 93.12 118.70
C LEU C 209 -68.59 92.39 117.65
N GLN C 210 -69.25 91.63 116.77
CA GLN C 210 -68.57 90.90 115.72
C GLN C 210 -68.29 91.78 114.52
N LYS C 211 -67.64 92.91 114.74
CA LYS C 211 -67.33 93.87 113.69
C LYS C 211 -65.83 93.87 113.43
N LEU C 212 -65.45 94.26 112.22
CA LEU C 212 -64.06 94.21 111.78
C LEU C 212 -63.87 95.30 110.73
N ASP C 213 -63.16 96.36 111.09
CA ASP C 213 -62.97 97.45 110.14
C ASP C 213 -61.87 97.08 109.14
N GLY C 214 -61.85 97.82 108.03
CA GLY C 214 -60.76 97.72 107.10
C GLY C 214 -59.51 98.35 107.69
N PRO C 215 -58.38 98.17 107.02
CA PRO C 215 -57.14 98.80 107.52
C PRO C 215 -57.23 100.31 107.59
N THR C 216 -57.93 100.94 106.66
CA THR C 216 -58.04 102.39 106.61
C THR C 216 -59.49 102.84 106.61
N GLU C 217 -60.40 102.00 107.12
CA GLU C 217 -61.82 102.27 107.06
C GLU C 217 -62.39 102.37 108.47
N GLN C 218 -63.29 103.33 108.66
CA GLN C 218 -64.00 103.53 109.92
C GLN C 218 -65.50 103.55 109.60
N CYS C 219 -66.10 102.38 109.56
CA CYS C 219 -67.51 102.27 109.23
C CYS C 219 -68.36 102.46 110.49
N PRO C 220 -69.44 103.23 110.41
CA PRO C 220 -70.26 103.48 111.60
C PRO C 220 -71.07 102.27 112.00
N ASP C 221 -71.92 102.44 112.99
CA ASP C 221 -72.85 101.40 113.38
C ASP C 221 -74.27 101.80 113.00
N PRO C 222 -75.12 100.85 112.63
CA PRO C 222 -76.50 101.19 112.26
C PRO C 222 -77.30 101.61 113.49
N LEU C 223 -77.79 102.83 113.47
CA LEU C 223 -78.64 103.30 114.55
C LEU C 223 -79.97 102.56 114.51
N PRO C 224 -80.56 102.27 115.68
CA PRO C 224 -81.71 101.37 115.73
C PRO C 224 -82.86 101.85 114.84
N LEU C 225 -83.46 100.91 114.14
CA LEU C 225 -84.61 101.22 113.30
C LEU C 225 -85.82 101.52 114.18
N PRO C 226 -86.55 102.59 113.93
CA PRO C 226 -87.77 102.86 114.71
C PRO C 226 -88.82 101.78 114.55
N ALA C 227 -89.96 101.94 115.21
CA ALA C 227 -91.00 100.92 115.21
C ALA C 227 -91.46 100.59 113.80
N GLY C 228 -92.02 99.38 113.65
CA GLY C 228 -92.53 98.91 112.40
C GLY C 228 -94.00 99.24 112.20
N ASN C 229 -94.52 98.72 111.09
CA ASN C 229 -95.91 98.94 110.67
C ASN C 229 -96.36 97.72 109.89
N CYS C 230 -97.40 97.88 109.08
CA CYS C 230 -97.85 96.91 108.09
C CYS C 230 -98.32 95.61 108.75
N THR C 231 -97.39 94.82 109.26
CA THR C 231 -97.65 93.43 109.65
C THR C 231 -98.27 92.68 108.49
N ASP C 232 -98.88 91.52 108.76
CA ASP C 232 -99.47 90.72 107.69
C ASP C 232 -100.97 90.98 107.61
N GLU C 233 -101.31 92.11 107.00
CA GLU C 233 -102.71 92.50 106.91
C GLU C 233 -103.48 91.57 105.97
N GLU C 234 -102.96 91.33 104.77
CA GLU C 234 -103.63 90.43 103.84
C GLU C 234 -103.50 88.98 104.24
N GLY C 235 -102.62 88.65 105.17
CA GLY C 235 -102.46 87.29 105.62
C GLY C 235 -101.60 86.42 104.74
N ILE C 236 -100.80 87.01 103.85
CA ILE C 236 -100.03 86.22 102.88
C ILE C 236 -99.01 85.35 103.60
N CYS C 237 -98.30 85.92 104.58
CA CYS C 237 -97.29 85.15 105.30
C CYS C 237 -97.92 83.98 106.04
N HIS C 238 -99.02 84.24 106.74
CA HIS C 238 -99.69 83.16 107.46
C HIS C 238 -100.28 82.14 106.49
N ARG C 239 -100.92 82.62 105.42
CA ARG C 239 -101.57 81.71 104.48
C ARG C 239 -100.55 80.77 103.83
N THR C 240 -99.39 81.31 103.45
CA THR C 240 -98.38 80.49 102.76
C THR C 240 -97.60 79.63 103.76
N LEU C 241 -96.97 80.27 104.75
CA LEU C 241 -96.10 79.54 105.68
C LEU C 241 -96.87 78.47 106.44
N LEU C 242 -98.09 78.79 106.87
CA LEU C 242 -98.92 77.81 107.55
C LEU C 242 -99.75 76.99 106.58
N GLY C 243 -99.58 77.20 105.27
CA GLY C 243 -100.33 76.49 104.28
C GLY C 243 -99.88 75.04 104.16
N PRO C 244 -100.37 74.36 103.13
CA PRO C 244 -100.06 72.93 102.99
C PRO C 244 -98.60 72.64 102.75
N ALA C 245 -97.93 73.47 101.94
CA ALA C 245 -96.62 73.13 101.40
C ALA C 245 -95.64 72.77 102.51
N PHE C 246 -95.52 73.64 103.51
CA PHE C 246 -94.55 73.45 104.57
C PHE C 246 -95.12 72.72 105.76
N ALA C 247 -96.12 71.85 105.52
CA ALA C 247 -96.80 71.16 106.62
C ALA C 247 -95.82 70.48 107.56
N GLU C 248 -95.08 69.50 107.04
CA GLU C 248 -94.09 68.80 107.85
C GLU C 248 -92.96 69.72 108.30
N CYS C 249 -92.75 70.84 107.60
CA CYS C 249 -91.77 71.82 108.05
C CYS C 249 -92.17 72.40 109.40
N HIS C 250 -93.47 72.49 109.67
CA HIS C 250 -93.93 72.92 110.99
C HIS C 250 -93.47 71.95 112.07
N ALA C 251 -93.15 70.72 111.71
CA ALA C 251 -92.72 69.72 112.67
C ALA C 251 -91.23 69.80 112.98
N LEU C 252 -90.47 70.59 112.22
CA LEU C 252 -89.03 70.66 112.41
C LEU C 252 -88.55 72.06 112.76
N VAL C 253 -88.99 73.08 112.01
CA VAL C 253 -88.53 74.45 112.18
C VAL C 253 -89.73 75.32 112.51
N ASP C 254 -89.65 76.04 113.63
CA ASP C 254 -90.71 76.96 113.99
C ASP C 254 -90.72 78.17 113.07
N SER C 255 -91.91 78.63 112.72
CA SER C 255 -92.09 79.66 111.71
C SER C 255 -92.30 81.05 112.30
N THR C 256 -92.32 81.19 113.63
CA THR C 256 -92.67 82.46 114.25
C THR C 256 -91.76 83.58 113.77
N ALA C 257 -90.45 83.37 113.88
CA ALA C 257 -89.51 84.40 113.45
C ALA C 257 -89.61 84.61 111.94
N TYR C 258 -89.86 83.53 111.20
CA TYR C 258 -90.01 83.67 109.75
C TYR C 258 -91.28 84.42 109.40
N LEU C 259 -92.37 84.20 110.16
CA LEU C 259 -93.57 84.99 109.96
C LEU C 259 -93.29 86.47 110.20
N ALA C 260 -92.59 86.77 111.29
CA ALA C 260 -92.25 88.16 111.59
C ALA C 260 -91.39 88.76 110.49
N ALA C 261 -90.42 88.01 109.99
CA ALA C 261 -89.55 88.51 108.94
C ALA C 261 -90.30 88.72 107.64
N CYS C 262 -91.25 87.84 107.33
CA CYS C 262 -92.07 88.03 106.15
C CYS C 262 -92.89 89.31 106.26
N ALA C 263 -93.47 89.56 107.44
CA ALA C 263 -94.20 90.80 107.64
C ALA C 263 -93.29 92.02 107.51
N GLN C 264 -92.09 91.93 108.10
CA GLN C 264 -91.15 93.04 108.05
C GLN C 264 -90.71 93.32 106.62
N ASP C 265 -90.50 92.27 105.83
CA ASP C 265 -90.17 92.45 104.42
C ASP C 265 -91.36 93.04 103.66
N LEU C 266 -92.57 92.62 104.02
CA LEU C 266 -93.75 93.29 103.47
C LEU C 266 -93.71 94.78 103.73
N CYS C 267 -93.18 95.19 104.88
CA CYS C 267 -93.00 96.61 105.13
C CYS C 267 -92.03 97.22 104.11
N ARG C 268 -91.07 96.45 103.65
CA ARG C 268 -90.18 96.87 102.58
C ARG C 268 -90.91 96.62 101.26
N CYS C 269 -90.16 96.59 100.17
CA CYS C 269 -90.75 96.55 98.84
C CYS C 269 -91.69 95.34 98.72
N PRO C 270 -92.77 95.44 97.93
CA PRO C 270 -93.61 94.30 97.74
C PRO C 270 -93.31 93.43 96.52
N THR C 271 -92.09 93.45 95.99
CA THR C 271 -91.59 92.38 95.14
C THR C 271 -90.55 91.54 95.85
N CYS C 272 -90.25 91.84 97.11
CA CYS C 272 -89.23 91.14 97.88
C CYS C 272 -89.75 90.57 99.20
N PRO C 273 -90.95 89.92 99.20
CA PRO C 273 -91.37 89.24 100.43
C PRO C 273 -91.09 87.75 100.41
N CYS C 274 -90.67 87.21 99.27
CA CYS C 274 -90.49 85.77 99.12
C CYS C 274 -89.12 85.31 99.60
N ALA C 275 -88.25 86.23 100.02
CA ALA C 275 -86.97 85.82 100.55
C ALA C 275 -87.13 84.96 101.79
N THR C 276 -88.06 85.33 102.67
CA THR C 276 -88.27 84.55 103.88
C THR C 276 -88.85 83.17 103.55
N PHE C 277 -89.74 83.10 102.57
CA PHE C 277 -90.25 81.78 102.18
C PHE C 277 -89.14 80.92 101.60
N VAL C 278 -88.27 81.51 100.79
CA VAL C 278 -87.14 80.75 100.25
C VAL C 278 -86.26 80.25 101.37
N GLU C 279 -85.98 81.11 102.36
CA GLU C 279 -85.13 80.69 103.47
C GLU C 279 -85.81 79.61 104.30
N TYR C 280 -87.12 79.69 104.48
CA TYR C 280 -87.81 78.65 105.22
C TYR C 280 -87.77 77.33 104.46
N SER C 281 -87.87 77.39 103.13
CA SER C 281 -87.71 76.18 102.34
C SER C 281 -86.33 75.59 102.53
N ARG C 282 -85.29 76.42 102.48
CA ARG C 282 -83.93 75.93 102.68
C ARG C 282 -83.77 75.29 104.05
N GLN C 283 -84.25 75.97 105.10
CA GLN C 283 -84.10 75.46 106.45
C GLN C 283 -84.90 74.16 106.65
N CYS C 284 -86.11 74.10 106.12
CA CYS C 284 -86.90 72.88 106.25
C CYS C 284 -86.22 71.73 105.53
N ALA C 285 -85.64 72.00 104.35
CA ALA C 285 -84.91 70.97 103.65
C ALA C 285 -83.68 70.53 104.42
N HIS C 286 -83.03 71.46 105.13
CA HIS C 286 -81.80 71.15 105.83
C HIS C 286 -82.05 70.38 107.13
N ALA C 287 -83.16 70.64 107.80
CA ALA C 287 -83.49 69.85 108.97
C ALA C 287 -83.78 68.40 108.60
N GLY C 288 -84.37 68.19 107.42
CA GLY C 288 -84.65 66.85 106.96
C GLY C 288 -86.01 66.71 106.31
N GLY C 289 -86.92 67.63 106.62
CA GLY C 289 -88.26 67.55 106.09
C GLY C 289 -88.33 67.83 104.60
N GLN C 290 -89.45 67.43 104.00
CA GLN C 290 -89.62 67.61 102.57
C GLN C 290 -90.49 68.82 102.31
N PRO C 291 -89.92 69.95 101.89
CA PRO C 291 -90.75 71.08 101.50
C PRO C 291 -91.51 70.75 100.24
N ARG C 292 -92.68 71.36 100.10
CA ARG C 292 -93.49 71.20 98.91
CA ARG C 292 -93.51 71.20 98.91
C ARG C 292 -93.53 72.51 98.12
N ASN C 293 -93.87 72.39 96.84
CA ASN C 293 -93.85 73.53 95.93
C ASN C 293 -94.88 74.56 96.39
N TRP C 294 -94.42 75.76 96.71
CA TRP C 294 -95.29 76.86 97.08
C TRP C 294 -95.38 77.93 96.01
N ARG C 295 -94.43 77.96 95.08
CA ARG C 295 -94.39 79.00 94.07
C ARG C 295 -95.55 78.86 93.09
N CYS C 296 -96.23 79.97 92.86
CA CYS C 296 -97.29 80.10 91.89
C CYS C 296 -96.94 81.28 91.00
N PRO C 297 -97.48 81.34 89.77
CA PRO C 297 -97.08 82.38 88.82
C PRO C 297 -97.08 83.79 89.39
N GLU C 298 -97.75 84.00 90.53
CA GLU C 298 -97.73 85.29 91.19
C GLU C 298 -96.79 85.34 92.39
N LEU C 299 -96.52 84.20 93.04
CA LEU C 299 -95.68 84.17 94.23
C LEU C 299 -94.23 83.97 93.81
N CYS C 300 -93.60 85.08 93.40
CA CYS C 300 -92.22 85.11 92.93
C CYS C 300 -91.97 83.99 91.95
N PRO C 301 -92.53 84.06 90.74
CA PRO C 301 -92.40 82.95 89.80
C PRO C 301 -90.96 82.75 89.38
N ARG C 302 -90.62 81.49 89.11
CA ARG C 302 -89.29 81.11 88.65
C ARG C 302 -89.41 80.47 87.28
N THR C 303 -88.30 80.50 86.53
CA THR C 303 -88.26 79.92 85.20
C THR C 303 -87.05 79.01 85.10
N CYS C 304 -87.20 77.95 84.31
CA CYS C 304 -86.15 76.98 84.03
C CYS C 304 -86.18 76.67 82.54
N PRO C 305 -85.13 76.01 82.01
CA PRO C 305 -85.12 75.69 80.56
C PRO C 305 -86.29 74.84 80.09
N LEU C 306 -86.34 74.59 78.79
CA LEU C 306 -87.53 73.97 78.21
C LEU C 306 -87.80 72.58 78.80
N ASN C 307 -86.77 71.76 78.94
CA ASN C 307 -86.92 70.43 79.49
C ASN C 307 -86.72 70.40 81.00
N MET C 308 -86.39 71.53 81.60
CA MET C 308 -86.07 71.60 83.01
C MET C 308 -87.17 72.34 83.75
N GLN C 309 -87.65 71.74 84.83
CA GLN C 309 -88.71 72.31 85.66
C GLN C 309 -88.10 72.87 86.94
N HIS C 310 -88.68 73.96 87.43
CA HIS C 310 -88.21 74.58 88.66
C HIS C 310 -88.91 73.91 89.84
N GLN C 311 -88.14 73.18 90.64
CA GLN C 311 -88.68 72.43 91.76
C GLN C 311 -88.11 72.92 93.08
N GLU C 312 -88.96 72.88 94.09
CA GLU C 312 -88.54 72.89 95.48
C GLU C 312 -88.46 71.45 95.95
N CYS C 313 -87.37 71.10 96.62
CA CYS C 313 -87.07 69.72 96.98
C CYS C 313 -87.04 68.82 95.76
N GLY C 314 -86.04 69.03 94.90
CA GLY C 314 -85.64 68.03 93.94
C GLY C 314 -84.38 67.36 94.42
N SER C 315 -84.16 66.14 93.94
CA SER C 315 -82.99 65.38 94.35
C SER C 315 -81.72 66.10 93.93
N PRO C 316 -80.77 66.33 94.84
CA PRO C 316 -79.60 67.15 94.50
C PRO C 316 -78.76 66.59 93.38
N CYS C 317 -78.66 65.27 93.28
CA CYS C 317 -77.82 64.62 92.29
C CYS C 317 -78.66 64.31 91.06
N THR C 318 -78.66 65.23 90.11
CA THR C 318 -79.43 65.08 88.89
C THR C 318 -78.82 63.96 88.05
N ASP C 319 -79.55 62.86 87.90
CA ASP C 319 -79.08 61.78 87.05
C ASP C 319 -78.90 62.28 85.63
N THR C 320 -77.79 61.90 85.02
CA THR C 320 -77.43 62.36 83.69
C THR C 320 -76.71 61.24 82.96
N CYS C 321 -77.15 60.93 81.73
CA CYS C 321 -76.75 59.66 81.14
C CYS C 321 -75.25 59.54 80.93
N SER C 322 -74.46 60.57 81.23
CA SER C 322 -73.05 60.34 81.48
C SER C 322 -72.87 59.46 82.70
N ASN C 323 -73.63 59.73 83.77
CA ASN C 323 -73.71 58.88 84.95
C ASN C 323 -75.19 58.68 85.29
N PRO C 324 -75.93 57.98 84.44
CA PRO C 324 -77.40 58.02 84.53
C PRO C 324 -77.95 57.46 85.82
N GLN C 325 -77.10 56.95 86.71
CA GLN C 325 -77.56 56.36 87.96
C GLN C 325 -76.84 56.99 89.15
N ARG C 326 -76.44 58.24 89.01
CA ARG C 326 -75.82 58.95 90.13
C ARG C 326 -76.78 59.08 91.29
N ALA C 327 -78.06 59.24 90.99
CA ALA C 327 -79.07 59.45 92.02
C ALA C 327 -79.50 58.17 92.70
N GLN C 328 -78.70 57.10 92.62
CA GLN C 328 -79.11 55.82 93.20
C GLN C 328 -79.02 55.85 94.72
N LEU C 329 -77.81 56.01 95.26
CA LEU C 329 -77.60 55.93 96.70
C LEU C 329 -76.99 57.23 97.21
N CYS C 330 -77.55 58.35 96.79
CA CYS C 330 -77.08 59.66 97.21
C CYS C 330 -77.37 59.88 98.69
N GLU C 331 -76.57 60.74 99.30
CA GLU C 331 -76.90 61.29 100.60
C GLU C 331 -76.75 62.80 100.51
N ASP C 332 -77.89 63.47 100.36
CA ASP C 332 -78.07 64.92 100.45
C ASP C 332 -79.57 65.20 100.42
N HIS C 333 -79.99 66.17 101.23
CA HIS C 333 -81.40 66.45 101.43
C HIS C 333 -81.99 67.10 100.18
N CYS C 334 -83.26 67.49 100.26
CA CYS C 334 -83.87 68.28 99.20
C CYS C 334 -83.02 69.48 98.85
N VAL C 335 -82.99 69.82 97.56
CA VAL C 335 -82.41 71.07 97.09
C VAL C 335 -83.32 71.64 96.01
N ASP C 336 -83.46 72.96 96.02
CA ASP C 336 -84.25 73.69 95.03
C ASP C 336 -83.43 73.88 93.77
N GLY C 337 -84.12 74.00 92.64
CA GLY C 337 -83.45 74.38 91.41
C GLY C 337 -84.16 73.81 90.20
N CYS C 338 -83.46 73.79 89.08
CA CYS C 338 -83.97 73.18 87.86
C CYS C 338 -83.72 71.68 87.91
N PHE C 339 -84.68 70.90 87.41
CA PHE C 339 -84.59 69.46 87.45
C PHE C 339 -85.26 68.89 86.20
N CYS C 340 -85.19 67.60 86.07
CA CYS C 340 -85.75 67.00 84.88
C CYS C 340 -86.94 66.11 85.23
N PRO C 341 -87.93 66.01 84.35
CA PRO C 341 -89.02 65.09 84.59
C PRO C 341 -88.49 63.67 84.71
N PRO C 342 -89.10 62.86 85.58
CA PRO C 342 -88.54 61.53 85.85
C PRO C 342 -88.46 60.69 84.58
N GLY C 343 -87.38 59.93 84.46
CA GLY C 343 -87.17 59.11 83.29
C GLY C 343 -86.16 59.66 82.30
N THR C 344 -86.17 60.98 82.07
CA THR C 344 -85.31 61.62 81.09
C THR C 344 -84.18 62.33 81.84
N VAL C 345 -83.03 61.67 81.95
CA VAL C 345 -81.89 62.19 82.69
C VAL C 345 -81.28 63.37 81.96
N LEU C 346 -80.39 64.10 82.63
CA LEU C 346 -79.79 65.27 82.03
C LEU C 346 -78.76 64.88 80.97
N ASP C 347 -78.56 65.75 80.00
CA ASP C 347 -77.55 65.56 78.96
C ASP C 347 -76.46 66.60 79.17
N ASP C 348 -75.41 66.24 79.89
CA ASP C 348 -74.29 67.12 80.16
C ASP C 348 -73.20 67.01 79.12
N ILE C 349 -73.43 66.24 78.06
CA ILE C 349 -72.40 66.01 77.06
C ILE C 349 -72.49 67.02 75.92
N THR C 350 -73.70 67.42 75.56
CA THR C 350 -73.90 68.49 74.58
C THR C 350 -74.89 69.55 75.05
N HIS C 351 -75.51 69.37 76.21
CA HIS C 351 -76.39 70.37 76.81
C HIS C 351 -77.62 70.62 75.92
N SER C 352 -78.26 69.53 75.50
CA SER C 352 -79.52 69.60 74.78
C SER C 352 -80.72 69.51 75.70
N GLY C 353 -80.56 69.89 76.97
CA GLY C 353 -81.61 69.70 77.94
C GLY C 353 -81.67 68.25 78.38
N CYS C 354 -82.65 67.97 79.23
CA CYS C 354 -82.87 66.59 79.66
C CYS C 354 -83.32 65.75 78.48
N LEU C 355 -82.69 64.60 78.31
CA LEU C 355 -82.95 63.77 77.13
C LEU C 355 -83.29 62.36 77.56
N PRO C 356 -84.05 61.63 76.75
CA PRO C 356 -84.33 60.23 77.08
C PRO C 356 -83.04 59.43 77.12
N LEU C 357 -83.03 58.40 77.97
CA LEU C 357 -81.81 57.64 78.20
C LEU C 357 -81.24 57.07 76.91
N GLY C 358 -82.11 56.65 76.00
CA GLY C 358 -81.69 56.03 74.77
C GLY C 358 -81.55 56.93 73.57
N GLN C 359 -81.48 58.25 73.77
CA GLN C 359 -81.23 59.16 72.66
C GLN C 359 -80.15 60.19 73.00
N CYS C 360 -79.35 59.92 73.99
CA CYS C 360 -78.34 60.89 74.33
C CYS C 360 -76.96 60.39 73.96
N PRO C 361 -76.02 61.29 73.68
CA PRO C 361 -74.78 60.89 73.02
C PRO C 361 -73.88 60.04 73.93
N CYS C 362 -72.79 59.57 73.33
CA CYS C 362 -71.70 58.94 74.03
C CYS C 362 -70.43 59.76 73.80
N THR C 363 -69.42 59.51 74.62
CA THR C 363 -68.17 60.23 74.52
C THR C 363 -67.01 59.25 74.48
N HIS C 364 -66.10 59.43 73.53
CA HIS C 364 -64.87 58.64 73.47
C HIS C 364 -63.71 59.57 73.15
N GLY C 365 -62.79 59.71 74.09
CA GLY C 365 -61.61 60.52 73.88
C GLY C 365 -61.91 61.98 73.58
N GLY C 366 -62.96 62.52 74.19
CA GLY C 366 -63.39 63.86 73.89
C GLY C 366 -64.20 64.01 72.62
N ARG C 367 -64.52 62.91 71.95
CA ARG C 367 -65.32 62.95 70.74
C ARG C 367 -66.76 62.55 71.05
N THR C 368 -67.69 63.31 70.50
CA THR C 368 -69.11 63.11 70.75
C THR C 368 -69.69 62.20 69.68
N TYR C 369 -70.53 61.26 70.10
CA TYR C 369 -71.09 60.25 69.20
C TYR C 369 -72.59 60.20 69.43
N SER C 370 -73.37 60.76 68.51
CA SER C 370 -74.81 60.68 68.61
C SER C 370 -75.24 59.22 68.60
N PRO C 371 -76.15 58.81 69.47
CA PRO C 371 -76.51 57.39 69.56
C PRO C 371 -77.07 56.88 68.24
N GLY C 372 -76.62 55.69 67.86
CA GLY C 372 -76.75 55.17 66.52
C GLY C 372 -75.42 55.04 65.81
N THR C 373 -74.45 55.88 66.17
CA THR C 373 -73.14 55.80 65.58
C THR C 373 -72.32 54.68 66.20
N SER C 374 -71.25 54.30 65.49
CA SER C 374 -70.35 53.25 65.92
C SER C 374 -68.93 53.75 65.72
N PHE C 375 -67.98 53.09 66.38
CA PHE C 375 -66.58 53.32 66.09
C PHE C 375 -65.82 52.03 66.36
N ASN C 376 -65.05 51.58 65.37
CA ASN C 376 -64.31 50.35 65.47
C ASN C 376 -62.84 50.68 65.68
N THR C 377 -62.25 50.10 66.72
CA THR C 377 -60.81 50.18 66.90
C THR C 377 -60.14 49.11 66.05
N THR C 378 -58.83 48.98 66.20
CA THR C 378 -58.14 47.87 65.55
C THR C 378 -58.60 46.54 66.14
N CYS C 379 -58.91 46.53 67.44
CA CYS C 379 -59.19 45.29 68.15
C CYS C 379 -60.66 45.10 68.51
N SER C 380 -61.46 46.16 68.50
CA SER C 380 -62.86 46.02 68.88
C SER C 380 -63.67 47.15 68.28
N SER C 381 -64.99 46.92 68.17
CA SER C 381 -65.93 47.89 67.68
C SER C 381 -67.02 48.13 68.73
N CYS C 382 -67.30 49.40 68.98
CA CYS C 382 -68.24 49.81 70.01
C CYS C 382 -69.27 50.76 69.42
N THR C 383 -70.54 50.45 69.64
CA THR C 383 -71.66 51.24 69.15
C THR C 383 -72.24 52.06 70.30
N CYS C 384 -72.63 53.30 70.01
CA CYS C 384 -73.23 54.14 71.05
C CYS C 384 -74.72 53.84 71.14
N SER C 385 -75.11 53.02 72.12
CA SER C 385 -76.51 52.66 72.23
C SER C 385 -76.81 52.23 73.68
N GLY C 386 -78.10 52.30 74.02
CA GLY C 386 -78.52 51.97 75.37
C GLY C 386 -77.98 52.92 76.42
N GLY C 387 -77.60 54.12 76.03
CA GLY C 387 -76.93 55.03 76.94
C GLY C 387 -75.51 54.63 77.27
N LEU C 388 -74.97 53.59 76.65
CA LEU C 388 -73.64 53.09 76.93
C LEU C 388 -72.94 52.81 75.61
N TRP C 389 -71.75 52.20 75.70
CA TRP C 389 -71.05 51.66 74.54
C TRP C 389 -71.24 50.16 74.53
N GLN C 390 -71.87 49.65 73.49
CA GLN C 390 -72.02 48.22 73.29
C GLN C 390 -70.83 47.74 72.46
N CYS C 391 -69.92 47.01 73.09
CA CYS C 391 -68.63 46.69 72.52
C CYS C 391 -68.55 45.21 72.19
N GLN C 392 -68.31 44.90 70.91
CA GLN C 392 -67.92 43.57 70.49
C GLN C 392 -66.47 43.63 70.03
N ASP C 393 -65.84 42.48 69.94
CA ASP C 393 -64.42 42.40 69.60
C ASP C 393 -64.25 41.78 68.22
N LEU C 394 -63.51 42.48 67.36
CA LEU C 394 -63.00 41.81 66.18
C LEU C 394 -61.77 40.97 66.57
N PRO C 395 -61.57 39.82 65.93
CA PRO C 395 -60.39 39.01 66.27
C PRO C 395 -59.11 39.79 66.04
N CYS C 396 -58.18 39.67 66.98
CA CYS C 396 -56.95 40.44 66.99
C CYS C 396 -55.75 39.51 67.05
N PRO C 397 -54.87 39.52 66.05
CA PRO C 397 -53.63 38.74 66.15
C PRO C 397 -52.76 39.28 67.27
N GLY C 398 -52.33 38.38 68.15
CA GLY C 398 -51.47 38.78 69.25
C GLY C 398 -50.10 39.20 68.76
N THR C 399 -49.40 39.97 69.59
CA THR C 399 -48.14 40.58 69.17
C THR C 399 -47.15 40.54 70.32
N CYS C 400 -46.13 39.72 70.19
CA CYS C 400 -44.98 39.77 71.08
C CYS C 400 -43.89 40.60 70.44
N SER C 401 -42.98 41.09 71.27
CA SER C 401 -41.87 41.84 70.70
C SER C 401 -40.73 41.87 71.70
N VAL C 402 -39.51 41.90 71.17
CA VAL C 402 -38.30 42.12 71.95
C VAL C 402 -37.61 43.33 71.37
N GLN C 403 -37.49 44.39 72.18
CA GLN C 403 -36.98 45.67 71.75
C GLN C 403 -35.83 46.08 72.65
N GLY C 404 -34.81 46.68 72.05
CA GLY C 404 -33.62 47.07 72.79
C GLY C 404 -32.75 45.92 73.20
N GLY C 405 -33.00 44.72 72.71
CA GLY C 405 -32.28 43.54 73.13
C GLY C 405 -32.53 43.12 74.56
N ALA C 406 -33.26 43.89 75.31
CA ALA C 406 -33.52 43.56 76.70
C ALA C 406 -34.99 43.55 77.06
N HIS C 407 -35.78 44.46 76.50
CA HIS C 407 -37.16 44.61 76.92
C HIS C 407 -38.05 43.68 76.10
N ILE C 408 -39.07 43.14 76.75
CA ILE C 408 -39.97 42.18 76.13
C ILE C 408 -41.40 42.61 76.43
N SER C 409 -42.20 42.74 75.39
CA SER C 409 -43.62 43.00 75.51
C SER C 409 -44.35 41.76 75.03
N THR C 410 -44.99 41.05 75.94
CA THR C 410 -45.54 39.73 75.63
C THR C 410 -46.89 39.87 74.94
N TYR C 411 -47.56 38.73 74.72
CA TYR C 411 -48.88 38.76 74.10
C TYR C 411 -49.93 39.33 75.04
N ASP C 412 -49.75 39.14 76.34
CA ASP C 412 -50.61 39.75 77.35
C ASP C 412 -50.18 41.18 77.67
N GLU C 413 -49.24 41.73 76.91
CA GLU C 413 -48.72 43.08 77.10
C GLU C 413 -48.13 43.27 78.50
N LYS C 414 -47.45 42.24 79.00
CA LYS C 414 -46.75 42.35 80.28
C LYS C 414 -45.32 42.75 80.00
N LEU C 415 -45.07 44.04 79.88
CA LEU C 415 -43.73 44.52 79.60
C LEU C 415 -42.79 44.17 80.74
N TYR C 416 -41.62 43.63 80.40
CA TYR C 416 -40.63 43.31 81.42
C TYR C 416 -39.25 43.34 80.81
N ASP C 417 -38.26 43.58 81.66
CA ASP C 417 -36.88 43.68 81.19
C ASP C 417 -36.15 42.37 81.40
N LEU C 418 -35.28 42.03 80.46
CA LEU C 418 -34.53 40.78 80.49
C LEU C 418 -33.11 41.06 80.09
N HIS C 419 -32.19 41.02 81.05
CA HIS C 419 -30.77 41.14 80.82
C HIS C 419 -30.16 39.74 80.95
N GLY C 420 -30.18 39.00 79.85
CA GLY C 420 -29.67 37.65 79.85
C GLY C 420 -28.69 37.45 78.71
N ASP C 421 -27.91 36.37 78.82
CA ASP C 421 -26.93 36.00 77.81
C ASP C 421 -27.06 34.50 77.57
N CYS C 422 -27.95 34.13 76.67
CA CYS C 422 -28.21 32.74 76.31
C CYS C 422 -29.15 32.77 75.12
N SER C 423 -29.61 31.60 74.70
CA SER C 423 -30.69 31.48 73.74
C SER C 423 -31.95 31.15 74.53
N TYR C 424 -32.99 31.96 74.36
CA TYR C 424 -34.21 31.80 75.11
C TYR C 424 -35.35 31.44 74.17
N VAL C 425 -36.21 30.55 74.61
CA VAL C 425 -37.36 30.14 73.80
C VAL C 425 -38.34 31.30 73.80
N LEU C 426 -38.29 32.11 72.76
CA LEU C 426 -39.13 33.30 72.73
C LEU C 426 -40.60 32.94 72.75
N SER C 427 -40.98 31.93 71.97
CA SER C 427 -42.37 31.49 71.99
C SER C 427 -42.47 30.08 71.43
N LYS C 428 -43.48 29.34 71.89
CA LYS C 428 -43.59 27.94 71.52
C LYS C 428 -44.99 27.45 71.88
N LYS C 429 -45.68 26.84 70.91
CA LYS C 429 -46.99 26.27 71.19
C LYS C 429 -46.80 25.02 72.02
N CYS C 430 -46.76 25.18 73.34
CA CYS C 430 -46.18 24.17 74.21
C CYS C 430 -47.03 22.91 74.37
N ALA C 431 -48.12 22.80 73.63
CA ALA C 431 -48.78 21.51 73.49
C ALA C 431 -47.93 20.58 72.63
N ASP C 432 -47.48 21.09 71.48
CA ASP C 432 -46.70 20.32 70.52
C ASP C 432 -45.37 21.02 70.24
N SER C 433 -44.67 20.57 69.21
CA SER C 433 -43.48 21.28 68.73
C SER C 433 -43.71 21.81 67.32
N SER C 434 -44.92 22.30 67.04
CA SER C 434 -45.26 22.79 65.72
C SER C 434 -44.32 23.90 65.28
N PHE C 435 -44.15 24.91 66.13
CA PHE C 435 -43.19 25.98 65.87
C PHE C 435 -42.53 26.37 67.18
N THR C 436 -41.32 26.93 67.07
CA THR C 436 -40.54 27.33 68.25
C THR C 436 -39.65 28.50 67.86
N VAL C 437 -40.10 29.71 68.18
CA VAL C 437 -39.30 30.90 67.92
C VAL C 437 -38.30 31.07 69.05
N LEU C 438 -37.02 31.11 68.69
CA LEU C 438 -35.91 31.27 69.62
C LEU C 438 -35.23 32.61 69.37
N ALA C 439 -34.74 33.22 70.44
CA ALA C 439 -34.01 34.47 70.35
C ALA C 439 -32.73 34.35 71.16
N GLU C 440 -31.60 34.71 70.56
CA GLU C 440 -30.31 34.64 71.22
C GLU C 440 -29.91 36.06 71.64
N LEU C 441 -29.92 36.31 72.93
CA LEU C 441 -29.59 37.62 73.49
C LEU C 441 -28.17 37.56 74.03
N ARG C 442 -27.33 38.50 73.62
CA ARG C 442 -25.91 38.43 73.90
C ARG C 442 -25.41 39.71 74.53
N LYS C 443 -24.58 39.57 75.54
CA LYS C 443 -24.08 40.73 76.27
C LYS C 443 -23.11 41.52 75.41
N CYS C 444 -23.29 42.84 75.38
CA CYS C 444 -22.64 43.71 74.41
C CYS C 444 -21.69 44.73 75.01
N GLY C 445 -21.29 44.60 76.25
CA GLY C 445 -20.44 45.63 76.82
C GLY C 445 -19.85 45.22 78.15
N LEU C 446 -19.25 46.21 78.81
CA LEU C 446 -18.66 45.97 80.12
C LEU C 446 -19.70 45.53 81.13
N THR C 447 -20.86 46.18 81.12
CA THR C 447 -21.88 45.92 82.12
C THR C 447 -22.68 44.67 81.78
N ASP C 448 -23.01 43.89 82.82
CA ASP C 448 -23.81 42.69 82.64
C ASP C 448 -25.19 42.99 82.07
N ASN C 449 -25.67 44.22 82.20
CA ASN C 449 -26.97 44.61 81.69
C ASN C 449 -26.89 45.32 80.35
N GLU C 450 -25.82 45.09 79.59
CA GLU C 450 -25.66 45.67 78.25
C GLU C 450 -25.85 44.54 77.25
N ASN C 451 -27.07 44.39 76.74
CA ASN C 451 -27.42 43.29 75.86
C ASN C 451 -27.84 43.79 74.49
N CYS C 452 -27.67 42.90 73.50
CA CYS C 452 -28.22 43.09 72.16
C CYS C 452 -28.81 41.77 71.70
N LEU C 453 -29.96 41.86 71.04
CA LEU C 453 -30.46 40.70 70.31
C LEU C 453 -29.46 40.38 69.20
N LYS C 454 -29.24 39.10 68.94
CA LYS C 454 -28.26 38.71 67.94
C LYS C 454 -28.77 37.75 66.87
N ALA C 455 -29.87 37.04 67.12
CA ALA C 455 -30.39 36.12 66.14
C ALA C 455 -31.84 35.81 66.48
N VAL C 456 -32.55 35.29 65.48
CA VAL C 456 -33.91 34.81 65.66
C VAL C 456 -34.00 33.49 64.91
N THR C 457 -34.12 32.40 65.65
CA THR C 457 -34.01 31.06 65.08
C THR C 457 -35.37 30.38 65.17
N LEU C 458 -36.17 30.55 64.12
CA LEU C 458 -37.45 29.85 64.05
C LEU C 458 -37.20 28.37 63.77
N SER C 459 -37.26 27.55 64.81
CA SER C 459 -37.32 26.11 64.65
C SER C 459 -38.73 25.73 64.23
N LEU C 460 -38.87 24.61 63.53
CA LEU C 460 -40.14 24.29 62.90
C LEU C 460 -40.20 22.81 62.60
N ASP C 461 -41.41 22.26 62.63
CA ASP C 461 -41.67 20.85 62.40
C ASP C 461 -40.92 19.98 63.41
N GLY C 462 -40.86 20.44 64.65
CA GLY C 462 -40.08 19.73 65.65
C GLY C 462 -38.60 19.75 65.37
N GLY C 463 -38.08 20.88 64.89
CA GLY C 463 -36.67 21.01 64.61
C GLY C 463 -36.25 20.54 63.24
N ASP C 464 -37.17 20.02 62.42
CA ASP C 464 -36.79 19.60 61.08
C ASP C 464 -36.32 20.78 60.25
N THR C 465 -36.89 21.97 60.46
CA THR C 465 -36.50 23.15 59.70
C THR C 465 -36.08 24.22 60.69
N ALA C 466 -35.14 25.08 60.30
CA ALA C 466 -34.66 26.14 61.16
C ALA C 466 -34.29 27.34 60.30
N ILE C 467 -35.06 28.41 60.41
CA ILE C 467 -34.80 29.66 59.71
C ILE C 467 -34.15 30.61 60.70
N ARG C 468 -32.89 30.96 60.47
CA ARG C 468 -32.10 31.72 61.43
C ARG C 468 -31.77 33.07 60.83
N VAL C 469 -32.43 34.13 61.30
CA VAL C 469 -32.14 35.48 60.86
C VAL C 469 -31.11 36.06 61.82
N GLN C 470 -29.95 36.42 61.30
CA GLN C 470 -28.91 36.98 62.15
C GLN C 470 -29.13 38.48 62.34
N ALA C 471 -28.14 39.15 62.92
CA ALA C 471 -28.24 40.57 63.17
C ALA C 471 -27.70 41.43 62.03
N ASP C 472 -26.86 40.87 61.16
CA ASP C 472 -26.39 41.60 59.99
C ASP C 472 -27.39 41.56 58.84
N GLY C 473 -28.46 40.78 58.97
CA GLY C 473 -29.39 40.56 57.89
C GLY C 473 -29.25 39.22 57.22
N GLY C 474 -28.17 38.49 57.49
CA GLY C 474 -28.00 37.18 56.91
C GLY C 474 -29.07 36.21 57.34
N VAL C 475 -29.67 35.51 56.39
CA VAL C 475 -30.74 34.55 56.67
C VAL C 475 -30.24 33.16 56.33
N PHE C 476 -30.31 32.26 57.29
CA PHE C 476 -29.79 30.90 57.15
C PHE C 476 -30.98 29.95 57.14
N LEU C 477 -31.22 29.30 56.01
CA LEU C 477 -32.23 28.26 55.91
C LEU C 477 -31.55 26.92 56.17
N ASN C 478 -31.93 26.26 57.27
CA ASN C 478 -31.32 25.00 57.68
C ASN C 478 -29.80 25.12 57.72
N SER C 479 -29.33 26.20 58.35
CA SER C 479 -27.91 26.48 58.53
C SER C 479 -27.19 26.61 57.20
N ILE C 480 -27.88 27.10 56.19
CA ILE C 480 -27.29 27.39 54.88
C ILE C 480 -27.72 28.79 54.49
N TYR C 481 -26.80 29.57 53.96
CA TYR C 481 -27.14 30.92 53.51
C TYR C 481 -28.24 30.86 52.46
N THR C 482 -29.23 31.72 52.61
CA THR C 482 -30.34 31.82 51.67
C THR C 482 -30.70 33.28 51.50
N GLN C 483 -30.51 33.81 50.29
CA GLN C 483 -30.84 35.20 50.05
C GLN C 483 -32.36 35.40 50.11
N LEU C 484 -32.80 36.63 49.89
CA LEU C 484 -34.22 36.89 49.99
C LEU C 484 -34.75 37.50 48.71
N PRO C 485 -35.99 37.18 48.31
CA PRO C 485 -37.00 36.34 48.98
C PRO C 485 -36.82 34.84 48.81
N LEU C 486 -37.57 34.06 49.57
CA LEU C 486 -37.64 32.61 49.40
C LEU C 486 -39.03 32.13 49.77
N SER C 487 -39.62 31.29 48.92
CA SER C 487 -40.99 30.82 49.12
C SER C 487 -41.02 29.31 48.95
N ALA C 488 -41.14 28.59 50.07
CA ALA C 488 -41.17 27.13 50.02
C ALA C 488 -41.74 26.58 51.32
N ALA C 489 -42.46 25.47 51.21
CA ALA C 489 -43.11 24.84 52.36
C ALA C 489 -44.05 25.81 53.06
N ASN C 490 -44.70 26.66 52.27
CA ASN C 490 -45.60 27.72 52.69
C ASN C 490 -44.89 28.86 53.42
N ILE C 491 -43.57 28.77 53.60
CA ILE C 491 -42.80 29.79 54.29
C ILE C 491 -42.31 30.81 53.27
N THR C 492 -42.52 32.09 53.57
CA THR C 492 -42.18 33.20 52.69
C THR C 492 -41.27 34.17 53.42
N LEU C 493 -40.08 34.38 52.90
CA LEU C 493 -39.10 35.29 53.48
C LEU C 493 -38.87 36.42 52.51
N PHE C 494 -39.04 37.66 52.95
CA PHE C 494 -38.75 38.78 52.07
C PHE C 494 -38.55 40.05 52.88
N THR C 495 -37.91 41.03 52.26
CA THR C 495 -37.66 42.29 52.93
C THR C 495 -38.61 43.35 52.39
N PRO C 496 -39.60 43.80 53.18
CA PRO C 496 -40.40 44.95 52.73
C PRO C 496 -39.54 46.18 52.50
N SER C 497 -38.53 46.39 53.32
CA SER C 497 -37.57 47.46 53.13
C SER C 497 -36.23 47.00 53.65
N SER C 498 -35.24 47.87 53.57
CA SER C 498 -33.91 47.48 54.02
C SER C 498 -33.82 47.35 55.53
N PHE C 499 -34.84 47.78 56.27
CA PHE C 499 -34.77 47.76 57.72
C PHE C 499 -35.39 46.49 58.33
N PHE C 500 -36.22 45.77 57.59
CA PHE C 500 -37.02 44.70 58.17
C PHE C 500 -36.97 43.46 57.29
N ILE C 501 -37.16 42.31 57.92
CA ILE C 501 -37.25 41.01 57.26
C ILE C 501 -38.53 40.34 57.73
N VAL C 502 -39.31 39.81 56.80
CA VAL C 502 -40.57 39.17 57.10
C VAL C 502 -40.43 37.69 56.84
N VAL C 503 -40.70 36.89 57.87
CA VAL C 503 -40.71 35.43 57.83
C VAL C 503 -42.14 35.02 58.09
N GLN C 504 -42.92 34.84 57.03
CA GLN C 504 -44.33 34.49 57.12
C GLN C 504 -44.50 32.99 56.98
N THR C 505 -45.19 32.37 57.91
CA THR C 505 -45.43 30.93 57.85
C THR C 505 -46.92 30.65 57.83
N GLY C 506 -47.27 29.48 57.32
CA GLY C 506 -48.65 29.06 57.34
C GLY C 506 -49.10 28.45 58.64
N LEU C 507 -48.18 28.11 59.53
CA LEU C 507 -48.53 27.53 60.81
C LEU C 507 -49.25 28.49 61.73
N GLY C 508 -49.26 29.78 61.40
CA GLY C 508 -50.01 30.75 62.14
C GLY C 508 -49.20 31.98 62.53
N LEU C 509 -47.93 31.79 62.88
CA LEU C 509 -47.11 32.90 63.34
C LEU C 509 -46.36 33.55 62.19
N GLN C 510 -46.18 34.86 62.32
CA GLN C 510 -45.38 35.66 61.42
C GLN C 510 -44.29 36.34 62.24
N LEU C 511 -43.06 36.32 61.73
CA LEU C 511 -41.97 37.05 62.37
C LEU C 511 -41.63 38.27 61.52
N LEU C 512 -41.48 39.41 62.17
CA LEU C 512 -41.07 40.64 61.52
C LEU C 512 -39.87 41.17 62.29
N VAL C 513 -38.69 41.10 61.69
CA VAL C 513 -37.44 41.31 62.40
C VAL C 513 -36.81 42.60 61.91
N GLN C 514 -36.37 43.44 62.83
CA GLN C 514 -35.76 44.72 62.53
C GLN C 514 -34.26 44.61 62.68
N LEU C 515 -33.52 45.14 61.70
CA LEU C 515 -32.07 45.14 61.70
C LEU C 515 -31.49 46.54 61.89
N VAL C 516 -32.16 47.56 61.39
CA VAL C 516 -31.71 48.94 61.47
C VAL C 516 -32.63 49.67 62.44
N PRO C 517 -32.09 50.45 63.39
CA PRO C 517 -30.67 50.71 63.66
C PRO C 517 -30.03 49.58 64.43
N LEU C 518 -30.81 48.71 65.07
CA LEU C 518 -30.27 47.52 65.71
C LEU C 518 -31.28 46.39 65.56
N MET C 519 -31.04 45.31 66.29
CA MET C 519 -31.82 44.08 66.11
C MET C 519 -32.98 44.03 67.09
N GLN C 520 -34.19 44.00 66.58
CA GLN C 520 -35.41 43.85 67.36
C GLN C 520 -36.29 42.81 66.69
N VAL C 521 -37.18 42.19 67.45
CA VAL C 521 -38.03 41.16 66.88
C VAL C 521 -39.48 41.46 67.21
N PHE C 522 -40.37 41.15 66.27
CA PHE C 522 -41.80 41.26 66.48
C PHE C 522 -42.45 39.97 66.00
N VAL C 523 -43.45 39.50 66.72
CA VAL C 523 -44.10 38.23 66.45
C VAL C 523 -45.59 38.47 66.43
N ARG C 524 -46.26 37.96 65.40
CA ARG C 524 -47.71 38.06 65.28
C ARG C 524 -48.30 36.67 65.27
N LEU C 525 -49.41 36.50 65.97
CA LEU C 525 -50.11 35.23 66.04
C LEU C 525 -51.56 35.38 65.62
N ASP C 526 -52.01 34.51 64.73
CA ASP C 526 -53.43 34.37 64.49
C ASP C 526 -54.10 34.00 65.80
N PRO C 527 -55.13 34.72 66.23
CA PRO C 527 -55.66 34.53 67.58
C PRO C 527 -56.15 33.12 67.89
N ALA C 528 -56.11 32.23 66.90
CA ALA C 528 -56.53 30.86 67.13
C ALA C 528 -55.69 30.19 68.21
N HIS C 529 -54.42 30.55 68.31
CA HIS C 529 -53.54 29.95 69.30
C HIS C 529 -53.73 30.52 70.69
N GLN C 530 -54.78 31.29 70.92
CA GLN C 530 -55.00 31.94 72.21
C GLN C 530 -55.04 30.91 73.33
N GLY C 531 -54.37 31.24 74.44
CA GLY C 531 -54.38 30.35 75.58
C GLY C 531 -53.77 29.00 75.29
N GLN C 532 -52.76 28.95 74.43
CA GLN C 532 -52.08 27.70 74.13
C GLN C 532 -50.57 27.77 74.18
N MET C 533 -49.97 28.93 73.97
CA MET C 533 -48.53 29.03 73.81
C MET C 533 -47.82 28.94 75.15
N CYS C 534 -46.50 28.84 75.09
CA CYS C 534 -45.62 28.93 76.25
C CYS C 534 -44.44 29.80 75.84
N GLY C 535 -43.41 29.83 76.68
CA GLY C 535 -42.21 30.57 76.35
C GLY C 535 -42.17 31.94 76.99
N LEU C 536 -41.20 32.72 76.55
CA LEU C 536 -41.02 34.05 77.13
C LEU C 536 -42.23 34.94 76.87
N CYS C 537 -42.79 34.88 75.68
CA CYS C 537 -43.88 35.78 75.37
C CYS C 537 -45.17 35.37 76.02
N GLY C 538 -45.24 34.40 76.91
CA GLY C 538 -46.46 34.15 77.66
C GLY C 538 -47.53 33.44 76.84
N ASN C 539 -48.49 32.90 77.56
CA ASN C 539 -49.41 31.92 76.98
C ASN C 539 -50.54 32.54 76.16
N PHE C 540 -50.58 33.85 76.02
CA PHE C 540 -51.54 34.50 75.14
C PHE C 540 -52.97 34.09 75.50
N ASN C 541 -53.40 34.47 76.70
CA ASN C 541 -54.74 34.12 77.18
C ASN C 541 -55.44 35.31 77.83
N GLN C 542 -55.03 36.53 77.49
CA GLN C 542 -55.65 37.75 78.01
C GLN C 542 -55.70 37.75 79.53
N ASN C 543 -54.52 37.65 80.13
CA ASN C 543 -54.37 37.66 81.58
C ASN C 543 -52.90 38.00 81.83
N GLN C 544 -52.66 39.15 82.47
CA GLN C 544 -51.29 39.56 82.74
C GLN C 544 -50.71 38.91 83.99
N ALA C 545 -51.55 38.32 84.83
CA ALA C 545 -51.06 37.69 86.05
C ALA C 545 -50.58 36.27 85.82
N ASP C 546 -50.89 35.67 84.67
CA ASP C 546 -50.48 34.31 84.37
C ASP C 546 -49.28 34.25 83.45
N ASP C 547 -48.77 35.40 83.01
CA ASP C 547 -47.70 35.41 82.03
C ASP C 547 -46.46 34.73 82.55
N PHE C 548 -46.22 34.78 83.86
CA PHE C 548 -45.05 34.15 84.46
C PHE C 548 -45.33 32.73 84.90
N THR C 549 -46.34 32.08 84.33
CA THR C 549 -46.54 30.66 84.57
C THR C 549 -45.37 29.90 83.97
N ALA C 550 -44.67 29.16 84.81
CA ALA C 550 -43.54 28.36 84.35
C ALA C 550 -44.04 26.96 84.00
N LEU C 551 -43.10 26.04 83.77
CA LEU C 551 -43.47 24.66 83.53
C LEU C 551 -43.78 23.90 84.80
N SER C 552 -43.59 24.52 85.96
CA SER C 552 -43.84 23.89 87.24
C SER C 552 -45.19 24.27 87.83
N GLY C 553 -45.99 25.07 87.12
CA GLY C 553 -47.34 25.34 87.54
C GLY C 553 -47.52 26.53 88.47
N VAL C 554 -46.51 27.37 88.63
CA VAL C 554 -46.60 28.53 89.50
C VAL C 554 -46.20 29.77 88.72
N VAL C 555 -46.75 30.91 89.12
CA VAL C 555 -46.38 32.19 88.51
C VAL C 555 -45.05 32.65 89.08
N GLU C 556 -44.09 32.91 88.20
CA GLU C 556 -42.78 33.36 88.66
C GLU C 556 -42.86 34.80 89.14
N ALA C 557 -41.84 35.23 89.88
CA ALA C 557 -41.91 36.51 90.56
C ALA C 557 -41.55 37.67 89.64
N THR C 558 -40.33 37.70 89.12
CA THR C 558 -39.84 38.81 88.33
C THR C 558 -39.44 38.33 86.94
N GLY C 559 -38.99 39.28 86.13
CA GLY C 559 -38.61 38.94 84.77
C GLY C 559 -37.51 37.89 84.72
N ALA C 560 -36.34 38.21 85.26
CA ALA C 560 -35.18 37.35 85.11
C ALA C 560 -35.41 35.98 85.74
N ALA C 561 -36.07 35.94 86.89
CA ALA C 561 -36.38 34.66 87.51
C ALA C 561 -37.27 33.82 86.62
N PHE C 562 -38.15 34.46 85.84
CA PHE C 562 -38.97 33.70 84.91
C PHE C 562 -38.16 33.25 83.70
N ALA C 563 -37.34 34.14 83.15
CA ALA C 563 -36.59 33.83 81.95
C ALA C 563 -35.61 32.70 82.19
N ASN C 564 -34.97 32.66 83.35
CA ASN C 564 -33.97 31.64 83.60
C ASN C 564 -34.56 30.24 83.67
N THR C 565 -35.87 30.08 83.47
CA THR C 565 -36.47 28.77 83.31
C THR C 565 -36.63 28.37 81.85
N TRP C 566 -36.42 29.30 80.92
CA TRP C 566 -36.64 29.06 79.51
C TRP C 566 -35.36 29.10 78.70
N LYS C 567 -34.21 29.02 79.37
CA LYS C 567 -32.95 29.03 78.65
C LYS C 567 -32.85 27.81 77.74
N ALA C 568 -32.21 27.98 76.59
CA ALA C 568 -32.06 26.86 75.67
C ALA C 568 -30.99 25.88 76.16
N GLN C 569 -29.86 26.39 76.65
CA GLN C 569 -28.73 25.57 77.04
C GLN C 569 -28.55 25.60 78.55
N ALA C 570 -28.41 24.41 79.16
CA ALA C 570 -28.22 24.34 80.60
C ALA C 570 -26.95 25.02 81.06
N ALA C 571 -25.98 25.24 80.17
CA ALA C 571 -24.71 25.82 80.55
C ALA C 571 -24.75 27.34 80.61
N CYS C 572 -25.87 27.95 80.27
CA CYS C 572 -25.95 29.41 80.29
C CYS C 572 -25.93 29.92 81.73
N ALA C 573 -25.59 31.20 81.86
CA ALA C 573 -25.60 31.86 83.16
C ALA C 573 -26.96 32.52 83.38
N ASN C 574 -27.48 32.37 84.60
CA ASN C 574 -28.80 32.89 84.91
C ASN C 574 -28.82 34.40 84.84
N ALA C 575 -29.89 34.95 84.28
CA ALA C 575 -30.05 36.39 84.22
C ALA C 575 -30.22 36.97 85.61
N ARG C 576 -29.83 38.22 85.78
CA ARG C 576 -29.82 38.86 87.07
C ARG C 576 -30.68 40.12 87.05
N ASN C 577 -31.35 40.37 88.17
CA ASN C 577 -32.19 41.54 88.30
C ASN C 577 -31.35 42.80 88.37
N SER C 578 -31.79 43.84 87.65
CA SER C 578 -31.00 45.06 87.47
C SER C 578 -31.77 46.24 88.04
N PHE C 579 -31.25 46.83 89.12
CA PHE C 579 -31.83 48.02 89.70
C PHE C 579 -31.08 49.29 89.30
N GLU C 580 -29.77 49.18 89.11
CA GLU C 580 -28.94 50.35 88.87
C GLU C 580 -29.26 50.93 87.51
N ASP C 581 -29.83 52.12 87.50
CA ASP C 581 -30.11 52.81 86.25
C ASP C 581 -28.80 53.30 85.65
N PRO C 582 -28.47 52.90 84.42
CA PRO C 582 -27.27 53.44 83.78
C PRO C 582 -27.35 54.93 83.54
N CYS C 583 -28.54 55.51 83.66
CA CYS C 583 -28.70 56.95 83.45
C CYS C 583 -27.93 57.75 84.49
N SER C 584 -27.71 57.21 85.68
CA SER C 584 -27.05 57.94 86.76
C SER C 584 -25.55 58.09 86.55
N LEU C 585 -24.97 57.43 85.54
CA LEU C 585 -23.52 57.40 85.41
C LEU C 585 -22.96 58.71 84.88
N SER C 586 -23.34 59.08 83.67
CA SER C 586 -22.73 60.21 82.97
C SER C 586 -23.74 61.35 82.84
N VAL C 587 -23.32 62.55 83.25
CA VAL C 587 -24.21 63.70 83.17
C VAL C 587 -24.45 64.10 81.72
N GLU C 588 -23.44 63.97 80.85
CA GLU C 588 -23.67 64.26 79.44
C GLU C 588 -24.57 63.23 78.81
N ASN C 589 -24.39 61.94 79.15
CA ASN C 589 -25.35 60.91 78.74
C ASN C 589 -26.74 61.25 79.25
N GLU C 590 -26.82 61.68 80.51
CA GLU C 590 -28.09 62.15 81.08
C GLU C 590 -28.75 63.17 80.19
N ASN C 591 -28.08 64.29 79.95
CA ASN C 591 -28.73 65.38 79.24
C ASN C 591 -29.05 64.98 77.80
N TYR C 592 -28.17 64.22 77.16
CA TYR C 592 -28.43 63.77 75.80
C TYR C 592 -29.69 62.90 75.75
N ALA C 593 -29.74 61.87 76.58
CA ALA C 593 -30.88 60.96 76.59
C ALA C 593 -32.16 61.69 76.96
N ARG C 594 -32.10 62.58 77.95
CA ARG C 594 -33.29 63.32 78.34
C ARG C 594 -33.78 64.19 77.20
N HIS C 595 -32.90 65.02 76.64
CA HIS C 595 -33.32 65.96 75.62
C HIS C 595 -33.83 65.25 74.38
N TRP C 596 -33.39 64.03 74.12
CA TRP C 596 -33.94 63.38 72.94
C TRP C 596 -35.15 62.50 73.24
N CYS C 597 -35.04 61.60 74.21
CA CYS C 597 -36.16 60.72 74.56
C CYS C 597 -37.37 61.49 75.08
N SER C 598 -37.20 62.74 75.51
CA SER C 598 -38.36 63.52 75.89
C SER C 598 -39.26 63.84 74.71
N ARG C 599 -38.77 63.63 73.48
CA ARG C 599 -39.62 63.84 72.31
C ARG C 599 -40.81 62.91 72.30
N LEU C 600 -40.75 61.82 73.08
CA LEU C 600 -41.88 60.91 73.13
C LEU C 600 -43.10 61.58 73.76
N THR C 601 -42.99 62.01 75.01
CA THR C 601 -44.13 62.49 75.77
C THR C 601 -44.46 63.94 75.52
N ASP C 602 -43.87 64.56 74.50
CA ASP C 602 -44.20 65.95 74.21
C ASP C 602 -45.56 66.02 73.52
N PRO C 603 -46.55 66.70 74.11
CA PRO C 603 -47.89 66.72 73.48
C PRO C 603 -47.93 67.44 72.15
N ASN C 604 -46.93 68.25 71.81
CA ASN C 604 -46.88 68.87 70.50
C ASN C 604 -46.07 68.05 69.50
N SER C 605 -45.49 66.94 69.93
CA SER C 605 -44.62 66.14 69.07
C SER C 605 -45.45 65.32 68.10
N ALA C 606 -44.76 64.75 67.11
CA ALA C 606 -45.42 63.86 66.17
C ALA C 606 -46.04 62.66 66.88
N PHE C 607 -45.47 62.24 67.99
CA PHE C 607 -45.94 61.06 68.72
C PHE C 607 -47.24 61.30 69.47
N SER C 608 -47.65 62.54 69.66
CA SER C 608 -48.85 62.83 70.44
C SER C 608 -50.08 62.14 69.87
N ARG C 609 -50.12 61.94 68.55
CA ARG C 609 -51.28 61.31 67.93
C ARG C 609 -51.54 59.91 68.47
N CYS C 610 -50.52 59.25 69.02
CA CYS C 610 -50.70 57.94 69.60
C CYS C 610 -50.82 57.97 71.11
N HIS C 611 -50.62 59.13 71.74
CA HIS C 611 -50.69 59.21 73.19
C HIS C 611 -52.07 58.82 73.69
N SER C 612 -53.11 59.29 73.01
CA SER C 612 -54.48 58.98 73.39
C SER C 612 -54.85 57.52 73.13
N ILE C 613 -53.92 56.69 72.68
CA ILE C 613 -54.18 55.28 72.39
C ILE C 613 -53.20 54.38 73.14
N ILE C 614 -51.91 54.66 73.03
CA ILE C 614 -50.87 53.89 73.72
C ILE C 614 -50.20 54.80 74.73
N ASN C 615 -50.13 54.35 75.97
CA ASN C 615 -49.43 55.10 77.00
C ASN C 615 -47.94 55.05 76.73
N PRO C 616 -47.27 56.18 76.52
CA PRO C 616 -45.85 56.16 76.13
C PRO C 616 -44.87 56.08 77.29
N LYS C 617 -45.33 55.89 78.52
CA LYS C 617 -44.41 55.81 79.65
C LYS C 617 -43.44 54.64 79.57
N PRO C 618 -43.87 53.40 79.28
CA PRO C 618 -42.88 52.33 79.12
C PRO C 618 -41.91 52.59 77.99
N PHE C 619 -42.39 53.19 76.89
CA PHE C 619 -41.50 53.48 75.78
C PHE C 619 -40.49 54.56 76.17
N HIS C 620 -40.90 55.53 76.96
CA HIS C 620 -39.94 56.53 77.43
C HIS C 620 -38.92 55.92 78.39
N SER C 621 -39.37 55.02 79.27
CA SER C 621 -38.42 54.33 80.13
C SER C 621 -37.43 53.51 79.29
N ASN C 622 -37.92 52.85 78.25
CA ASN C 622 -37.04 52.10 77.36
C ASN C 622 -36.02 53.02 76.70
N CYS C 623 -36.47 54.17 76.20
CA CYS C 623 -35.55 55.08 75.53
C CYS C 623 -34.50 55.59 76.50
N MET C 624 -34.91 55.98 77.70
CA MET C 624 -33.96 56.41 78.72
C MET C 624 -32.93 55.32 78.99
N PHE C 625 -33.39 54.12 79.31
CA PHE C 625 -32.50 53.05 79.71
C PHE C 625 -31.54 52.68 78.59
N ASP C 626 -32.07 52.53 77.38
CA ASP C 626 -31.22 52.25 76.23
C ASP C 626 -30.16 53.32 76.07
N THR C 627 -30.59 54.56 75.81
CA THR C 627 -29.62 55.60 75.47
C THR C 627 -28.57 55.77 76.55
N CYS C 628 -28.98 55.72 77.82
CA CYS C 628 -28.00 55.84 78.89
C CYS C 628 -27.04 54.65 78.90
N ASN C 629 -27.57 53.44 78.68
CA ASN C 629 -26.75 52.25 78.74
C ASN C 629 -26.07 51.92 77.42
N CYS C 630 -26.56 52.44 76.31
CA CYS C 630 -26.06 52.07 75.00
C CYS C 630 -24.75 52.80 74.73
N GLU C 631 -23.74 52.04 74.29
CA GLU C 631 -22.51 52.66 73.84
C GLU C 631 -22.75 53.51 72.60
N ARG C 632 -23.60 53.03 71.69
CA ARG C 632 -24.04 53.82 70.53
C ARG C 632 -25.39 54.44 70.89
N SER C 633 -25.30 55.59 71.57
CA SER C 633 -26.50 56.20 72.13
C SER C 633 -27.53 56.51 71.06
N GLU C 634 -27.07 57.02 69.91
CA GLU C 634 -28.00 57.32 68.84
C GLU C 634 -28.69 56.06 68.33
N ASP C 635 -27.96 54.95 68.23
CA ASP C 635 -28.55 53.73 67.71
C ASP C 635 -29.69 53.25 68.60
N CYS C 636 -29.44 53.12 69.90
CA CYS C 636 -30.48 52.65 70.80
C CYS C 636 -31.61 53.67 70.93
N LEU C 637 -31.28 54.96 70.86
CA LEU C 637 -32.30 56.00 70.90
C LEU C 637 -33.27 55.87 69.73
N CYS C 638 -32.73 55.80 68.52
CA CYS C 638 -33.56 55.66 67.35
C CYS C 638 -34.25 54.32 67.31
N ALA C 639 -33.65 53.28 67.90
CA ALA C 639 -34.33 52.02 68.02
C ALA C 639 -35.56 52.15 68.90
N ALA C 640 -35.45 52.89 70.01
CA ALA C 640 -36.60 53.10 70.87
C ALA C 640 -37.69 53.89 70.17
N LEU C 641 -37.30 54.94 69.45
CA LEU C 641 -38.30 55.74 68.75
C LEU C 641 -38.97 54.94 67.64
N SER C 642 -38.18 54.15 66.90
CA SER C 642 -38.74 53.26 65.90
C SER C 642 -39.68 52.25 66.53
N SER C 643 -39.33 51.74 67.71
CA SER C 643 -40.19 50.78 68.37
C SER C 643 -41.52 51.40 68.74
N TYR C 644 -41.49 52.62 69.30
CA TYR C 644 -42.74 53.28 69.64
C TYR C 644 -43.58 53.51 68.40
N VAL C 645 -42.96 53.99 67.33
CA VAL C 645 -43.68 54.23 66.09
C VAL C 645 -44.30 52.95 65.57
N HIS C 646 -43.53 51.87 65.58
CA HIS C 646 -44.02 50.63 65.00
C HIS C 646 -45.14 50.03 65.84
N ALA C 647 -45.04 50.14 67.16
CA ALA C 647 -46.15 49.67 68.00
C ALA C 647 -47.41 50.47 67.73
N CYS C 648 -47.28 51.80 67.65
CA CYS C 648 -48.45 52.62 67.39
C CYS C 648 -49.06 52.32 66.02
N ALA C 649 -48.21 52.12 65.01
CA ALA C 649 -48.70 51.77 63.68
C ALA C 649 -49.33 50.40 63.67
N ALA C 650 -48.88 49.49 64.54
CA ALA C 650 -49.58 48.24 64.73
C ALA C 650 -50.97 48.47 65.26
N LYS C 651 -51.11 49.38 66.23
CA LYS C 651 -52.45 49.73 66.70
C LYS C 651 -53.27 50.48 65.67
N GLY C 652 -52.66 50.96 64.60
CA GLY C 652 -53.41 51.62 63.55
C GLY C 652 -53.32 53.13 63.55
N VAL C 653 -52.13 53.67 63.75
CA VAL C 653 -51.87 55.10 63.62
C VAL C 653 -50.63 55.30 62.78
N GLN C 654 -50.70 56.20 61.80
CA GLN C 654 -49.60 56.40 60.86
C GLN C 654 -48.77 57.60 61.30
N LEU C 655 -47.92 57.38 62.29
CA LEU C 655 -46.99 58.41 62.73
C LEU C 655 -45.98 58.68 61.62
N SER C 656 -45.79 59.95 61.30
CA SER C 656 -44.97 60.34 60.16
C SER C 656 -44.11 61.53 60.51
N ASP C 657 -42.97 61.64 59.83
CA ASP C 657 -42.09 62.81 59.91
C ASP C 657 -41.64 63.07 61.35
N TRP C 658 -41.33 62.01 62.08
CA TRP C 658 -40.93 62.16 63.47
C TRP C 658 -39.43 62.28 63.65
N ARG C 659 -38.65 62.20 62.56
CA ARG C 659 -37.20 62.21 62.65
C ARG C 659 -36.63 63.61 62.43
N ASP C 660 -37.34 64.64 62.87
CA ASP C 660 -36.87 66.01 62.72
C ASP C 660 -35.61 66.26 63.52
N GLY C 661 -34.50 66.50 62.84
CA GLY C 661 -33.24 66.76 63.52
C GLY C 661 -32.73 65.60 64.34
N VAL C 662 -33.25 64.39 64.11
CA VAL C 662 -32.85 63.22 64.87
C VAL C 662 -32.93 62.01 63.95
N CYS C 663 -31.97 61.10 64.10
CA CYS C 663 -31.96 59.83 63.39
C CYS C 663 -31.90 60.01 61.88
N THR C 664 -31.37 61.12 61.40
CA THR C 664 -31.31 61.37 59.97
C THR C 664 -30.18 60.61 59.29
N LYS C 665 -29.19 60.15 60.05
CA LYS C 665 -28.16 59.32 59.44
C LYS C 665 -28.74 58.00 58.96
N TYR C 666 -29.96 57.67 59.38
CA TYR C 666 -30.69 56.56 58.81
C TYR C 666 -31.51 56.95 57.59
N MET C 667 -31.81 58.24 57.42
CA MET C 667 -32.24 58.70 56.11
C MET C 667 -31.12 58.50 55.08
N GLN C 668 -29.93 58.99 55.40
CA GLN C 668 -28.92 59.13 54.36
C GLN C 668 -28.26 57.80 53.98
N ASN C 669 -28.12 56.87 54.91
CA ASN C 669 -27.28 55.69 54.68
C ASN C 669 -27.92 54.68 53.73
N CYS C 670 -29.00 55.06 53.05
CA CYS C 670 -29.73 54.11 52.21
C CYS C 670 -28.86 53.57 51.09
N PRO C 671 -29.14 52.35 50.62
CA PRO C 671 -28.49 51.86 49.41
C PRO C 671 -28.79 52.78 48.24
N LYS C 672 -27.80 52.91 47.34
CA LYS C 672 -27.94 53.82 46.22
C LYS C 672 -29.09 53.39 45.32
N SER C 673 -29.77 54.39 44.75
CA SER C 673 -30.95 54.29 43.91
C SER C 673 -32.22 53.96 44.70
N GLN C 674 -32.12 53.70 46.00
CA GLN C 674 -33.30 53.57 46.85
C GLN C 674 -33.56 54.89 47.56
N ARG C 675 -34.60 54.89 48.40
CA ARG C 675 -34.89 56.08 49.20
C ARG C 675 -35.73 55.69 50.39
N TYR C 676 -35.75 56.56 51.40
CA TYR C 676 -36.53 56.29 52.58
C TYR C 676 -38.03 56.35 52.26
N ALA C 677 -38.82 55.74 53.14
CA ALA C 677 -40.27 55.82 53.07
C ALA C 677 -40.82 55.53 54.46
N TYR C 678 -41.76 56.36 54.89
CA TYR C 678 -42.32 56.25 56.22
C TYR C 678 -43.43 55.22 56.31
N VAL C 679 -44.23 55.10 55.26
CA VAL C 679 -45.32 54.15 55.21
C VAL C 679 -45.02 53.17 54.07
N VAL C 680 -44.35 52.08 54.41
CA VAL C 680 -44.17 50.95 53.50
C VAL C 680 -45.16 49.89 53.94
N ASP C 681 -46.24 49.72 53.19
CA ASP C 681 -47.35 48.89 53.61
C ASP C 681 -47.67 47.78 52.63
N ALA C 682 -46.67 47.27 51.91
CA ALA C 682 -46.91 46.21 50.94
C ALA C 682 -45.57 45.55 50.61
N CYS C 683 -45.59 44.75 49.56
CA CYS C 683 -44.37 44.14 49.05
C CYS C 683 -43.49 45.20 48.41
N GLN C 684 -42.35 44.77 47.88
CA GLN C 684 -41.46 45.66 47.16
C GLN C 684 -41.73 45.55 45.67
N PRO C 685 -42.02 46.65 44.99
CA PRO C 685 -42.33 46.57 43.55
C PRO C 685 -41.13 46.11 42.74
N THR C 686 -41.27 44.98 42.05
CA THR C 686 -40.17 44.36 41.33
C THR C 686 -40.56 44.11 39.88
N CYS C 687 -39.56 44.14 39.01
CA CYS C 687 -39.81 43.89 37.59
C CYS C 687 -40.32 42.48 37.36
N ARG C 688 -39.73 41.50 38.04
CA ARG C 688 -40.22 40.12 37.94
C ARG C 688 -41.67 40.04 38.41
N GLY C 689 -42.00 40.72 39.50
CA GLY C 689 -43.36 40.65 40.02
C GLY C 689 -44.38 41.24 39.07
N LEU C 690 -44.09 42.43 38.54
CA LEU C 690 -45.03 43.02 37.59
C LEU C 690 -45.09 42.22 36.30
N SER C 691 -44.04 41.46 35.99
CA SER C 691 -44.09 40.64 34.79
C SER C 691 -44.93 39.39 34.99
N GLU C 692 -44.77 38.71 36.13
CA GLU C 692 -45.36 37.38 36.28
C GLU C 692 -45.94 37.14 37.67
N ALA C 693 -46.43 38.19 38.33
CA ALA C 693 -47.01 38.06 39.68
C ALA C 693 -45.97 37.57 40.68
N ASP C 694 -46.38 37.41 41.94
CA ASP C 694 -45.43 37.03 42.99
C ASP C 694 -46.19 36.55 44.22
N VAL C 695 -45.72 35.43 44.80
CA VAL C 695 -46.27 34.96 46.06
C VAL C 695 -45.99 35.95 47.18
N THR C 696 -44.90 36.71 47.07
CA THR C 696 -44.47 37.59 48.15
C THR C 696 -45.57 38.55 48.55
N CYS C 697 -46.22 39.19 47.59
CA CYS C 697 -47.10 40.30 47.87
C CYS C 697 -48.47 39.87 48.41
N SER C 698 -48.61 38.61 48.81
CA SER C 698 -49.86 38.10 49.37
C SER C 698 -49.78 37.94 50.88
N VAL C 699 -49.00 38.78 51.56
CA VAL C 699 -48.81 38.70 52.99
C VAL C 699 -49.13 40.05 53.60
N SER C 700 -50.00 40.06 54.61
CA SER C 700 -50.40 41.28 55.27
C SER C 700 -49.57 41.47 56.53
N PHE C 701 -48.82 42.56 56.58
CA PHE C 701 -47.98 42.87 57.74
C PHE C 701 -48.16 44.35 58.08
N VAL C 702 -47.90 44.67 59.34
CA VAL C 702 -48.10 46.05 59.80
C VAL C 702 -47.20 46.97 59.00
N PRO C 703 -47.65 48.17 58.63
CA PRO C 703 -46.86 49.01 57.74
C PRO C 703 -45.61 49.55 58.41
N VAL C 704 -44.46 49.02 58.03
CA VAL C 704 -43.20 49.41 58.62
C VAL C 704 -42.57 50.47 57.72
N ASP C 705 -41.59 51.17 58.28
CA ASP C 705 -40.85 52.16 57.51
C ASP C 705 -39.48 51.61 57.12
N GLY C 706 -38.86 52.25 56.15
CA GLY C 706 -37.54 51.83 55.74
C GLY C 706 -37.23 52.29 54.34
N CYS C 707 -36.18 51.72 53.78
CA CYS C 707 -35.68 52.12 52.47
C CYS C 707 -36.24 51.21 51.40
N THR C 708 -36.84 51.81 50.38
CA THR C 708 -37.43 51.09 49.27
C THR C 708 -37.27 51.94 48.03
N CYS C 709 -37.50 51.33 46.87
CA CYS C 709 -37.56 52.10 45.64
C CYS C 709 -38.82 52.98 45.66
N PRO C 710 -38.75 54.16 45.05
CA PRO C 710 -39.92 55.04 45.02
C PRO C 710 -40.98 54.50 44.06
N ALA C 711 -42.18 55.04 44.20
CA ALA C 711 -43.27 54.64 43.34
C ALA C 711 -42.96 54.98 41.89
N GLY C 712 -43.50 54.17 40.98
CA GLY C 712 -43.20 54.32 39.58
C GLY C 712 -41.87 53.76 39.16
N THR C 713 -41.12 53.16 40.07
CA THR C 713 -39.84 52.55 39.78
C THR C 713 -39.89 51.09 40.20
N PHE C 714 -38.96 50.30 39.69
CA PHE C 714 -38.84 48.90 40.05
C PHE C 714 -37.37 48.52 40.05
N LEU C 715 -37.05 47.52 40.85
CA LEU C 715 -35.69 47.00 40.92
C LEU C 715 -35.61 45.70 40.12
N ASN C 716 -34.71 45.68 39.15
CA ASN C 716 -34.54 44.51 38.31
C ASN C 716 -33.78 43.45 39.09
N ASP C 717 -33.51 42.31 38.44
CA ASP C 717 -32.75 41.27 39.12
C ASP C 717 -31.38 41.77 39.55
N ALA C 718 -30.84 42.76 38.83
CA ALA C 718 -29.60 43.39 39.24
C ALA C 718 -29.74 44.17 40.53
N GLY C 719 -30.96 44.52 40.91
CA GLY C 719 -31.22 45.27 42.12
C GLY C 719 -31.23 46.77 41.96
N ALA C 720 -30.70 47.29 40.84
CA ALA C 720 -30.73 48.71 40.59
C ALA C 720 -32.16 49.18 40.33
N CYS C 721 -32.42 50.43 40.68
CA CYS C 721 -33.77 51.00 40.59
C CYS C 721 -33.93 51.73 39.27
N VAL C 722 -34.77 51.20 38.39
CA VAL C 722 -35.02 51.79 37.08
C VAL C 722 -36.53 51.90 36.90
N PRO C 723 -36.98 52.83 36.05
CA PRO C 723 -38.42 52.90 35.76
C PRO C 723 -38.88 51.67 35.01
N ALA C 724 -40.20 51.58 34.83
CA ALA C 724 -40.77 50.41 34.16
C ALA C 724 -40.26 50.27 32.73
N GLN C 725 -40.02 51.39 32.05
CA GLN C 725 -39.57 51.36 30.66
C GLN C 725 -38.21 50.69 30.52
N GLU C 726 -37.37 50.72 31.55
CA GLU C 726 -36.03 50.17 31.46
C GLU C 726 -35.94 48.72 31.92
N CYS C 727 -37.02 48.15 32.45
CA CYS C 727 -36.91 46.79 32.93
C CYS C 727 -37.72 45.86 32.04
N PRO C 728 -37.26 44.63 31.83
CA PRO C 728 -37.84 43.77 30.81
C PRO C 728 -38.94 42.84 31.32
N CYS C 729 -39.85 42.50 30.42
CA CYS C 729 -40.78 41.42 30.70
C CYS C 729 -40.05 40.08 30.65
N TYR C 730 -40.52 39.13 31.45
CA TYR C 730 -39.88 37.83 31.59
C TYR C 730 -40.86 36.73 31.23
N ALA C 731 -40.56 36.00 30.15
CA ALA C 731 -41.36 34.87 29.70
C ALA C 731 -40.54 33.60 29.82
N HIS C 732 -41.08 32.61 30.53
CA HIS C 732 -40.39 31.35 30.80
C HIS C 732 -39.05 31.56 31.49
N GLY C 733 -38.92 32.66 32.22
CA GLY C 733 -37.64 33.04 32.79
C GLY C 733 -36.68 33.68 31.83
N THR C 734 -37.10 33.97 30.60
CA THR C 734 -36.23 34.61 29.62
C THR C 734 -36.35 36.13 29.72
N VAL C 735 -35.19 36.78 29.78
CA VAL C 735 -35.16 38.24 29.78
C VAL C 735 -35.61 38.73 28.41
N LEU C 736 -36.81 39.31 28.36
CA LEU C 736 -37.36 39.80 27.10
C LEU C 736 -37.40 41.32 27.22
N ALA C 737 -36.53 41.99 26.47
CA ALA C 737 -36.22 43.39 26.73
C ALA C 737 -37.43 44.28 26.49
N PRO C 738 -37.45 45.45 27.13
CA PRO C 738 -38.62 46.34 26.99
C PRO C 738 -38.78 46.86 25.56
N GLY C 739 -40.03 47.10 25.20
CA GLY C 739 -40.33 47.67 23.88
C GLY C 739 -39.86 46.81 22.74
N GLU C 740 -39.92 45.49 22.90
CA GLU C 740 -39.37 44.55 21.94
C GLU C 740 -40.47 43.59 21.49
N VAL C 741 -40.71 43.56 20.18
CA VAL C 741 -41.70 42.67 19.59
C VAL C 741 -40.99 41.38 19.21
N VAL C 742 -41.56 40.24 19.62
CA VAL C 742 -40.93 38.95 19.41
C VAL C 742 -41.96 37.96 18.90
N HIS C 743 -41.46 36.83 18.41
CA HIS C 743 -42.27 35.72 17.93
C HIS C 743 -42.11 34.54 18.87
N ASP C 744 -43.21 33.87 19.16
CA ASP C 744 -43.16 32.67 19.99
C ASP C 744 -44.41 31.84 19.75
N GLU C 745 -44.20 30.59 19.30
CA GLU C 745 -45.28 29.60 19.21
C GLU C 745 -46.45 30.08 18.35
N GLY C 746 -46.13 30.63 17.18
CA GLY C 746 -47.17 31.16 16.32
C GLY C 746 -47.84 32.40 16.85
N ALA C 747 -47.18 33.16 17.72
CA ALA C 747 -47.76 34.33 18.35
C ALA C 747 -46.78 35.48 18.32
N VAL C 748 -47.32 36.70 18.37
CA VAL C 748 -46.52 37.92 18.36
C VAL C 748 -46.70 38.61 19.71
N CYS C 749 -45.58 38.91 20.36
CA CYS C 749 -45.62 39.47 21.71
C CYS C 749 -44.87 40.79 21.76
N SER C 750 -45.23 41.60 22.76
CA SER C 750 -44.62 42.90 22.98
C SER C 750 -44.36 43.08 24.47
N CYS C 751 -43.39 43.94 24.78
CA CYS C 751 -42.95 44.22 26.14
C CYS C 751 -43.07 45.72 26.33
N THR C 752 -44.25 46.19 26.73
CA THR C 752 -44.55 47.61 26.84
C THR C 752 -44.55 48.00 28.31
N GLY C 753 -43.63 48.89 28.68
CA GLY C 753 -43.56 49.35 30.06
C GLY C 753 -43.32 48.25 31.06
N GLY C 754 -42.53 47.24 30.69
CA GLY C 754 -42.31 46.08 31.53
C GLY C 754 -43.44 45.07 31.51
N LYS C 755 -44.55 45.37 30.84
CA LYS C 755 -45.72 44.50 30.81
C LYS C 755 -45.67 43.65 29.55
N LEU C 756 -45.93 42.35 29.71
CA LEU C 756 -45.87 41.41 28.60
C LEU C 756 -47.25 41.20 28.01
N SER C 757 -47.35 41.27 26.69
CA SER C 757 -48.60 41.07 25.98
C SER C 757 -48.35 40.14 24.81
N CYS C 758 -49.30 39.25 24.51
CA CYS C 758 -49.14 38.30 23.42
C CYS C 758 -50.44 38.19 22.62
N LEU C 759 -50.29 38.06 21.30
CA LEU C 759 -51.39 38.11 20.35
C LEU C 759 -51.28 36.96 19.37
N GLY C 760 -52.43 36.49 18.90
CA GLY C 760 -52.48 35.41 17.93
C GLY C 760 -52.73 34.04 18.54
N GLY C 768 -63.88 38.58 20.25
CA GLY C 768 -63.67 38.99 18.87
C GLY C 768 -63.49 37.81 17.93
N CYS C 769 -64.20 36.72 18.20
CA CYS C 769 -64.10 35.50 17.42
C CYS C 769 -65.47 35.23 16.80
N ALA C 770 -65.57 34.14 16.04
CA ALA C 770 -66.82 33.82 15.33
C ALA C 770 -67.46 32.54 15.82
N ALA C 771 -66.73 31.43 15.76
CA ALA C 771 -67.26 30.14 16.21
C ALA C 771 -67.33 30.12 17.74
N PRO C 772 -68.11 29.17 18.32
CA PRO C 772 -68.40 29.21 19.77
C PRO C 772 -67.26 29.62 20.68
N MET C 773 -66.03 29.30 20.30
CA MET C 773 -64.87 29.76 21.07
C MET C 773 -64.73 31.29 21.06
N VAL C 774 -64.67 31.86 22.26
CA VAL C 774 -64.68 33.31 22.46
C VAL C 774 -63.35 33.76 23.03
N TYR C 775 -63.03 35.05 22.89
CA TYR C 775 -61.73 35.57 23.30
C TYR C 775 -61.55 35.52 24.81
N LEU C 776 -60.32 35.28 25.24
CA LEU C 776 -59.91 35.38 26.62
C LEU C 776 -58.69 36.27 26.70
N ASP C 777 -58.74 37.27 27.59
CA ASP C 777 -57.72 38.29 27.75
C ASP C 777 -57.14 38.19 29.15
N CYS C 778 -55.82 38.26 29.25
CA CYS C 778 -55.13 38.14 30.53
C CYS C 778 -54.97 39.47 31.27
N SER C 779 -55.43 40.58 30.68
CA SER C 779 -55.24 41.88 31.32
C SER C 779 -56.02 41.96 32.64
N ASN C 780 -57.25 41.47 32.66
CA ASN C 780 -58.05 41.49 33.87
C ASN C 780 -57.62 40.44 34.89
N SER C 781 -57.29 39.24 34.43
CA SER C 781 -56.93 38.15 35.34
C SER C 781 -55.58 38.42 36.00
N SER C 782 -55.46 37.96 37.24
CA SER C 782 -54.17 38.03 37.92
C SER C 782 -53.14 37.17 37.19
N ALA C 783 -51.90 37.63 37.19
CA ALA C 783 -50.87 37.01 36.37
C ALA C 783 -50.65 35.56 36.75
N GLY C 784 -50.65 34.68 35.74
CA GLY C 784 -50.42 33.26 35.95
C GLY C 784 -51.57 32.35 35.56
N THR C 785 -52.72 32.86 35.13
CA THR C 785 -53.82 31.98 34.77
C THR C 785 -53.50 31.20 33.49
N PRO C 786 -54.05 30.00 33.36
CA PRO C 786 -53.84 29.24 32.12
C PRO C 786 -54.60 29.85 30.96
N GLY C 787 -53.89 30.50 30.05
CA GLY C 787 -54.50 31.24 28.97
C GLY C 787 -54.82 30.38 27.77
N ALA C 788 -54.84 31.03 26.60
CA ALA C 788 -55.16 30.32 25.36
C ALA C 788 -54.13 29.24 25.06
N GLU C 789 -52.90 29.40 25.55
CA GLU C 789 -51.90 28.36 25.35
C GLU C 789 -52.27 27.10 26.12
N CYS C 790 -52.82 27.26 27.32
CA CYS C 790 -53.30 26.12 28.10
C CYS C 790 -54.77 25.84 27.80
N LEU C 791 -55.05 25.75 26.51
CA LEU C 791 -56.42 25.54 26.05
C LEU C 791 -56.78 24.07 26.17
N ARG C 792 -57.94 23.80 26.76
CA ARG C 792 -58.43 22.43 26.82
C ARG C 792 -58.56 21.88 25.40
N SER C 793 -57.78 20.84 25.11
CA SER C 793 -57.62 20.35 23.75
C SER C 793 -57.64 18.84 23.76
N CYS C 794 -57.77 18.27 22.57
CA CYS C 794 -57.87 16.82 22.43
C CYS C 794 -56.64 16.10 22.95
N HIS C 795 -55.52 16.80 23.08
CA HIS C 795 -54.31 16.24 23.70
C HIS C 795 -54.04 16.75 25.10
N THR C 796 -54.10 18.06 25.31
CA THR C 796 -53.73 18.63 26.60
C THR C 796 -54.88 18.59 27.60
N LEU C 797 -56.03 18.06 27.21
CA LEU C 797 -57.06 17.78 28.20
C LEU C 797 -56.54 16.81 29.24
N ASP C 798 -55.69 15.88 28.83
CA ASP C 798 -55.25 14.80 29.68
C ASP C 798 -53.95 15.10 30.43
N VAL C 799 -52.90 15.51 29.73
CA VAL C 799 -51.59 15.72 30.35
C VAL C 799 -51.63 16.87 31.33
N GLY C 800 -52.48 17.88 31.06
CA GLY C 800 -52.52 19.05 31.90
C GLY C 800 -51.45 20.03 31.48
N CYS C 801 -51.84 21.27 31.20
CA CYS C 801 -50.95 22.24 30.55
C CYS C 801 -50.12 22.98 31.59
N PHE C 802 -48.91 23.35 31.18
CA PHE C 802 -47.99 24.13 32.01
C PHE C 802 -47.65 25.41 31.27
N SER C 803 -47.79 26.55 31.94
CA SER C 803 -47.38 27.83 31.38
C SER C 803 -47.36 28.88 32.48
N THR C 804 -46.25 29.59 32.58
CA THR C 804 -46.13 30.69 33.54
C THR C 804 -46.56 32.03 32.95
N HIS C 805 -46.88 32.09 31.66
CA HIS C 805 -47.27 33.33 31.00
C HIS C 805 -48.61 33.12 30.32
N CYS C 806 -49.63 33.86 30.77
CA CYS C 806 -50.91 33.80 30.10
C CYS C 806 -50.82 34.47 28.73
N VAL C 807 -51.55 33.92 27.77
CA VAL C 807 -51.63 34.50 26.44
C VAL C 807 -53.11 34.66 26.08
N SER C 808 -53.44 35.79 25.45
CA SER C 808 -54.81 36.07 25.08
C SER C 808 -55.14 35.40 23.75
N GLY C 809 -56.32 34.82 23.66
CA GLY C 809 -56.71 34.13 22.44
C GLY C 809 -58.09 33.55 22.60
N CYS C 810 -58.62 33.05 21.48
CA CYS C 810 -59.98 32.52 21.45
C CYS C 810 -60.00 31.09 21.97
N VAL C 811 -60.88 30.84 22.93
CA VAL C 811 -60.94 29.60 23.69
C VAL C 811 -62.38 29.13 23.75
N CYS C 812 -62.60 27.82 23.60
CA CYS C 812 -63.95 27.28 23.57
C CYS C 812 -64.65 27.51 24.89
N PRO C 813 -65.98 27.64 24.87
CA PRO C 813 -66.72 27.83 26.12
C PRO C 813 -66.63 26.59 26.99
N PRO C 814 -66.80 26.73 28.31
CA PRO C 814 -66.64 25.58 29.21
C PRO C 814 -67.58 24.45 28.83
N GLY C 815 -67.08 23.22 29.00
CA GLY C 815 -67.80 22.02 28.61
C GLY C 815 -67.34 21.42 27.31
N LEU C 816 -66.51 22.12 26.54
CA LEU C 816 -66.01 21.65 25.27
C LEU C 816 -64.49 21.81 25.24
N VAL C 817 -63.89 21.38 24.14
CA VAL C 817 -62.50 21.60 23.82
C VAL C 817 -62.42 22.07 22.38
N SER C 818 -61.21 22.28 21.88
CA SER C 818 -61.01 22.64 20.49
C SER C 818 -60.45 21.45 19.71
N ASP C 819 -60.68 21.47 18.41
CA ASP C 819 -60.11 20.49 17.51
C ASP C 819 -58.67 20.83 17.12
N GLY C 820 -58.17 21.98 17.56
CA GLY C 820 -56.88 22.48 17.11
C GLY C 820 -56.93 23.34 15.88
N SER C 821 -58.11 23.47 15.25
CA SER C 821 -58.26 24.24 14.02
C SER C 821 -59.27 25.37 14.17
N GLY C 822 -59.70 25.67 15.40
CA GLY C 822 -60.64 26.74 15.64
C GLY C 822 -62.07 26.31 15.87
N GLY C 823 -62.35 25.01 15.96
CA GLY C 823 -63.67 24.51 16.26
C GLY C 823 -63.84 24.20 17.74
N CYS C 824 -65.06 23.77 18.08
CA CYS C 824 -65.38 23.33 19.43
C CYS C 824 -66.05 21.97 19.36
N ILE C 825 -65.53 21.02 20.13
CA ILE C 825 -65.99 19.64 20.12
C ILE C 825 -66.13 19.17 21.56
N ALA C 826 -67.13 18.34 21.82
CA ALA C 826 -67.27 17.77 23.15
C ALA C 826 -66.08 16.89 23.49
N GLU C 827 -65.83 16.73 24.79
CA GLU C 827 -64.68 15.98 25.27
C GLU C 827 -64.80 14.49 25.02
N GLU C 828 -65.97 13.99 24.66
CA GLU C 828 -66.16 12.57 24.40
C GLU C 828 -66.19 12.25 22.92
N ASP C 829 -65.65 13.12 22.07
CA ASP C 829 -65.52 12.82 20.65
C ASP C 829 -64.18 13.30 20.10
N CYS C 830 -63.21 13.54 20.97
CA CYS C 830 -61.91 14.04 20.54
C CYS C 830 -61.21 12.99 19.68
N PRO C 831 -60.74 13.36 18.48
CA PRO C 831 -60.10 12.38 17.61
C PRO C 831 -58.86 11.77 18.25
N CYS C 832 -58.64 10.49 17.98
CA CYS C 832 -57.47 9.78 18.47
C CYS C 832 -56.34 9.87 17.46
N VAL C 833 -55.14 10.13 17.94
CA VAL C 833 -53.96 10.33 17.11
C VAL C 833 -53.04 9.12 17.28
N HIS C 834 -52.64 8.52 16.16
CA HIS C 834 -51.73 7.38 16.21
C HIS C 834 -50.79 7.44 15.02
N ASN C 835 -49.49 7.56 15.30
CA ASN C 835 -48.43 7.52 14.29
C ASN C 835 -48.60 8.67 13.29
N GLU C 836 -48.67 9.89 13.83
CA GLU C 836 -48.72 11.12 13.05
C GLU C 836 -50.06 11.27 12.36
N ALA C 837 -50.88 10.22 12.40
CA ALA C 837 -52.20 10.29 11.82
C ALA C 837 -53.20 10.85 12.82
N THR C 838 -54.40 11.12 12.34
CA THR C 838 -55.53 11.49 13.18
C THR C 838 -56.75 10.71 12.72
N TYR C 839 -57.46 10.12 13.66
CA TYR C 839 -58.61 9.28 13.36
C TYR C 839 -59.83 9.80 14.09
N LYS C 840 -60.94 9.98 13.37
CA LYS C 840 -62.18 10.34 14.00
C LYS C 840 -62.73 9.17 14.80
N PRO C 841 -63.47 9.44 15.87
CA PRO C 841 -64.10 8.34 16.61
C PRO C 841 -65.02 7.54 15.68
N GLY C 842 -64.99 6.23 15.85
CA GLY C 842 -65.64 5.32 14.92
C GLY C 842 -64.72 4.73 13.88
N GLU C 843 -63.45 5.14 13.85
CA GLU C 843 -62.46 4.57 12.94
C GLU C 843 -61.69 3.46 13.64
N THR C 844 -61.26 2.48 12.86
CA THR C 844 -60.49 1.36 13.38
C THR C 844 -59.14 1.30 12.70
N ILE C 845 -58.15 0.78 13.43
CA ILE C 845 -56.81 0.59 12.91
C ILE C 845 -56.36 -0.82 13.25
N ARG C 846 -55.35 -1.29 12.52
CA ARG C 846 -54.75 -2.59 12.76
C ARG C 846 -53.31 -2.39 13.21
N VAL C 847 -53.00 -2.85 14.42
CA VAL C 847 -51.64 -2.84 14.94
C VAL C 847 -51.20 -4.29 15.09
N ASP C 848 -50.07 -4.61 14.46
CA ASP C 848 -49.55 -5.98 14.41
C ASP C 848 -50.63 -6.95 13.97
N CYS C 849 -51.06 -7.82 14.88
CA CYS C 849 -52.03 -8.85 14.57
C CYS C 849 -53.42 -8.53 15.11
N ASN C 850 -53.59 -7.42 15.81
CA ASN C 850 -54.84 -7.06 16.45
C ASN C 850 -55.35 -5.76 15.88
N THR C 851 -56.60 -5.44 16.21
CA THR C 851 -57.27 -4.25 15.71
C THR C 851 -57.79 -3.43 16.88
N CYS C 852 -57.51 -2.14 16.86
CA CYS C 852 -58.01 -1.21 17.85
C CYS C 852 -59.05 -0.30 17.22
N THR C 853 -59.86 0.31 18.08
CA THR C 853 -60.87 1.27 17.68
C THR C 853 -60.81 2.47 18.61
N CYS C 854 -61.03 3.65 18.06
CA CYS C 854 -60.88 4.92 18.77
C CYS C 854 -62.18 5.29 19.46
N ARG C 855 -62.14 5.33 20.80
CA ARG C 855 -63.29 5.74 21.59
C ARG C 855 -62.83 6.54 22.80
N ASN C 856 -63.45 7.70 22.99
CA ASN C 856 -63.18 8.56 24.14
C ASN C 856 -61.69 8.81 24.31
N ARG C 857 -61.06 9.20 23.20
CA ARG C 857 -59.62 9.47 23.15
C ARG C 857 -58.80 8.29 23.64
N ARG C 858 -59.20 7.07 23.26
CA ARG C 858 -58.46 5.88 23.63
C ARG C 858 -58.60 4.85 22.53
N TRP C 859 -57.78 3.81 22.62
CA TRP C 859 -57.85 2.68 21.71
C TRP C 859 -58.26 1.44 22.49
N GLU C 860 -59.37 0.83 22.08
CA GLU C 860 -59.75 -0.49 22.58
C GLU C 860 -59.40 -1.52 21.51
N CYS C 861 -58.52 -2.44 21.86
CA CYS C 861 -57.97 -3.40 20.90
C CYS C 861 -58.41 -4.80 21.27
N SER C 862 -58.67 -5.61 20.25
CA SER C 862 -58.90 -7.03 20.47
C SER C 862 -57.68 -7.63 21.16
N HIS C 863 -57.92 -8.67 21.94
CA HIS C 863 -56.87 -9.24 22.79
C HIS C 863 -56.32 -10.54 22.23
N ARG C 864 -56.21 -10.65 20.92
CA ARG C 864 -55.58 -11.82 20.32
C ARG C 864 -54.07 -11.76 20.53
N LEU C 865 -53.49 -12.89 20.89
CA LEU C 865 -52.04 -12.96 21.01
C LEU C 865 -51.38 -12.81 19.64
N CYS C 866 -50.18 -12.23 19.64
CA CYS C 866 -49.42 -12.00 18.43
C CYS C 866 -48.09 -12.74 18.50
N LEU C 867 -47.70 -13.35 17.38
CA LEU C 867 -46.50 -14.16 17.33
C LEU C 867 -45.25 -13.30 17.52
N GLY C 868 -44.35 -13.75 18.39
CA GLY C 868 -43.05 -13.12 18.48
C GLY C 868 -42.25 -13.33 17.20
N THR C 869 -41.38 -12.38 16.91
CA THR C 869 -40.67 -12.38 15.63
C THR C 869 -39.18 -12.12 15.85
N CYS C 870 -38.37 -13.03 15.32
CA CYS C 870 -36.93 -12.86 15.23
C CYS C 870 -36.55 -12.70 13.77
N VAL C 871 -35.58 -11.85 13.49
CA VAL C 871 -35.17 -11.59 12.12
C VAL C 871 -33.65 -11.67 12.05
N ALA C 872 -33.15 -12.57 11.22
CA ALA C 872 -31.71 -12.76 11.04
C ALA C 872 -31.42 -12.58 9.56
N TYR C 873 -30.82 -11.46 9.17
CA TYR C 873 -30.69 -11.18 7.75
C TYR C 873 -29.40 -10.42 7.47
N GLY C 874 -29.15 -10.21 6.18
CA GLY C 874 -28.07 -9.37 5.72
C GLY C 874 -26.70 -9.94 6.04
N ASP C 875 -25.74 -9.02 6.22
CA ASP C 875 -24.38 -9.38 6.61
C ASP C 875 -24.28 -9.77 8.07
N GLY C 876 -25.41 -9.96 8.74
CA GLY C 876 -25.39 -10.44 10.10
C GLY C 876 -26.24 -9.62 11.04
N HIS C 877 -27.11 -8.77 10.51
CA HIS C 877 -28.01 -8.06 11.38
C HIS C 877 -28.99 -9.04 12.01
N PHE C 878 -29.26 -8.86 13.30
CA PHE C 878 -30.29 -9.60 14.00
C PHE C 878 -31.21 -8.63 14.73
N ILE C 879 -32.49 -8.95 14.70
CA ILE C 879 -33.52 -8.29 15.48
C ILE C 879 -34.17 -9.41 16.28
N THR C 880 -33.79 -9.55 17.55
CA THR C 880 -34.25 -10.69 18.32
C THR C 880 -35.74 -10.56 18.63
N PHE C 881 -36.24 -11.54 19.38
CA PHE C 881 -37.66 -11.60 19.68
C PHE C 881 -38.11 -10.40 20.50
N ASP C 882 -37.29 -9.99 21.47
CA ASP C 882 -37.61 -8.89 22.37
C ASP C 882 -37.39 -7.53 21.76
N GLY C 883 -37.15 -7.45 20.45
CA GLY C 883 -37.02 -6.19 19.75
C GLY C 883 -35.63 -5.59 19.75
N ASP C 884 -34.66 -6.22 20.40
CA ASP C 884 -33.30 -5.70 20.35
C ASP C 884 -32.71 -5.89 18.97
N ARG C 885 -31.80 -4.99 18.60
CA ARG C 885 -31.16 -5.03 17.30
C ARG C 885 -29.65 -4.99 17.50
N TYR C 886 -28.94 -5.79 16.70
CA TYR C 886 -27.48 -5.74 16.73
C TYR C 886 -26.96 -6.36 15.44
N SER C 887 -25.64 -6.32 15.29
CA SER C 887 -24.96 -6.84 14.10
C SER C 887 -23.83 -7.74 14.54
N PHE C 888 -23.74 -8.90 13.92
CA PHE C 888 -22.72 -9.88 14.27
C PHE C 888 -22.32 -10.63 13.01
N GLU C 889 -21.05 -10.53 12.64
CA GLU C 889 -20.53 -11.19 11.45
C GLU C 889 -19.84 -12.48 11.87
N GLY C 890 -20.61 -13.55 11.95
CA GLY C 890 -20.09 -14.85 12.31
C GLY C 890 -19.93 -15.74 11.09
N SER C 891 -19.01 -16.70 11.18
CA SER C 891 -18.70 -17.57 10.07
C SER C 891 -18.99 -19.04 10.35
N CYS C 892 -19.09 -19.44 11.61
CA CYS C 892 -19.36 -20.83 11.96
C CYS C 892 -20.86 -21.02 12.14
N GLU C 893 -21.25 -22.16 12.71
CA GLU C 893 -22.65 -22.47 12.92
C GLU C 893 -23.12 -21.89 14.24
N TYR C 894 -24.21 -21.12 14.20
CA TYR C 894 -24.68 -20.39 15.37
C TYR C 894 -26.13 -20.74 15.64
N ILE C 895 -26.43 -21.04 16.90
CA ILE C 895 -27.77 -21.47 17.28
C ILE C 895 -28.70 -20.27 17.21
N LEU C 896 -29.51 -20.19 16.15
CA LEU C 896 -30.42 -19.07 16.02
C LEU C 896 -31.58 -19.18 16.99
N ALA C 897 -31.90 -20.39 17.42
CA ALA C 897 -32.92 -20.57 18.45
C ALA C 897 -32.82 -21.99 18.98
N GLN C 898 -33.40 -22.22 20.16
CA GLN C 898 -33.58 -23.57 20.66
C GLN C 898 -34.36 -23.53 21.95
N ASP C 899 -35.05 -24.63 22.23
CA ASP C 899 -35.56 -24.89 23.57
C ASP C 899 -34.60 -25.70 24.40
N TYR C 900 -33.47 -26.11 23.82
CA TYR C 900 -32.50 -26.94 24.52
C TYR C 900 -31.55 -26.07 25.36
N CYS C 901 -32.17 -25.31 26.26
CA CYS C 901 -31.44 -24.58 27.29
C CYS C 901 -32.35 -24.46 28.50
N GLY C 902 -31.96 -25.08 29.60
CA GLY C 902 -32.75 -25.03 30.81
C GLY C 902 -32.23 -26.03 31.81
N ASP C 903 -32.76 -25.92 33.03
CA ASP C 903 -32.39 -26.86 34.09
C ASP C 903 -32.65 -28.29 33.64
N ASN C 904 -33.58 -28.46 32.72
CA ASN C 904 -33.79 -29.68 31.95
C ASN C 904 -33.73 -29.27 30.48
N THR C 905 -32.77 -29.81 29.74
CA THR C 905 -32.73 -29.54 28.31
C THR C 905 -33.74 -30.41 27.55
N THR C 906 -34.13 -31.55 28.11
CA THR C 906 -34.83 -32.58 27.35
C THR C 906 -36.34 -32.42 27.32
N HIS C 907 -36.91 -31.47 28.05
CA HIS C 907 -38.32 -31.16 27.81
C HIS C 907 -38.48 -30.12 26.70
N GLY C 908 -37.37 -29.64 26.13
CA GLY C 908 -37.43 -28.79 24.96
C GLY C 908 -37.56 -29.58 23.67
N THR C 909 -38.00 -28.91 22.61
CA THR C 909 -38.32 -29.61 21.38
C THR C 909 -37.40 -29.24 20.22
N PHE C 910 -37.33 -27.97 19.83
CA PHE C 910 -36.75 -27.64 18.53
C PHE C 910 -35.38 -26.98 18.69
N ARG C 911 -34.77 -26.67 17.55
CA ARG C 911 -33.43 -26.09 17.50
C ARG C 911 -33.15 -25.59 16.09
N ILE C 912 -32.66 -24.36 15.96
CA ILE C 912 -32.39 -23.75 14.66
C ILE C 912 -30.98 -23.19 14.68
N VAL C 913 -30.13 -23.68 13.78
CA VAL C 913 -28.77 -23.21 13.58
C VAL C 913 -28.68 -22.59 12.20
N THR C 914 -27.83 -21.58 12.07
CA THR C 914 -27.57 -20.96 10.79
C THR C 914 -26.07 -20.69 10.65
N GLU C 915 -25.62 -20.57 9.41
CA GLU C 915 -24.25 -20.17 9.13
C GLU C 915 -24.20 -19.59 7.74
N ASN C 916 -23.18 -18.80 7.48
CA ASN C 916 -23.12 -17.99 6.27
C ASN C 916 -22.41 -18.76 5.16
N ILE C 917 -23.16 -19.13 4.13
CA ILE C 917 -22.59 -19.75 2.94
C ILE C 917 -22.14 -18.66 1.97
N PRO C 918 -20.95 -18.75 1.44
CA PRO C 918 -20.67 -18.04 0.18
C PRO C 918 -21.06 -18.94 -0.97
N CYS C 919 -21.73 -18.39 -1.99
CA CYS C 919 -22.33 -19.20 -3.03
C CYS C 919 -21.41 -19.44 -4.22
N GLY C 920 -20.30 -18.72 -4.33
CA GLY C 920 -19.41 -18.92 -5.45
C GLY C 920 -17.94 -18.82 -5.13
N THR C 921 -17.62 -18.57 -3.86
CA THR C 921 -16.25 -18.31 -3.46
C THR C 921 -16.12 -18.65 -1.98
N THR C 922 -15.04 -18.19 -1.35
CA THR C 922 -14.92 -18.19 0.11
C THR C 922 -14.56 -16.77 0.49
N GLY C 923 -15.58 -15.92 0.57
CA GLY C 923 -15.39 -14.51 0.83
C GLY C 923 -16.54 -13.92 1.61
N THR C 924 -17.08 -12.81 1.13
CA THR C 924 -18.27 -12.22 1.72
C THR C 924 -19.47 -13.16 1.53
N THR C 925 -20.36 -13.17 2.51
CA THR C 925 -21.46 -14.11 2.52
C THR C 925 -22.40 -13.87 1.34
N CYS C 926 -22.97 -14.95 0.82
CA CYS C 926 -23.92 -14.86 -0.28
C CYS C 926 -25.25 -15.50 0.04
N SER C 927 -25.28 -16.46 0.95
CA SER C 927 -26.53 -17.11 1.35
C SER C 927 -26.33 -17.72 2.74
N LYS C 928 -27.31 -18.47 3.18
CA LYS C 928 -27.31 -19.06 4.51
C LYS C 928 -27.42 -20.57 4.43
N ALA C 929 -27.38 -21.20 5.59
CA ALA C 929 -27.59 -22.63 5.73
C ALA C 929 -28.27 -22.87 7.07
N ILE C 930 -29.52 -23.29 7.01
CA ILE C 930 -30.36 -23.44 8.20
C ILE C 930 -30.41 -24.92 8.56
N LYS C 931 -30.51 -25.22 9.86
CA LYS C 931 -30.71 -26.58 10.31
C LYS C 931 -31.89 -26.62 11.29
N LEU C 932 -33.10 -26.73 10.73
CA LEU C 932 -34.34 -26.81 11.50
C LEU C 932 -34.50 -28.20 12.08
N PHE C 933 -33.99 -28.41 13.30
CA PHE C 933 -34.29 -29.64 14.01
C PHE C 933 -35.65 -29.50 14.68
N VAL C 934 -36.44 -30.56 14.64
CA VAL C 934 -37.70 -30.62 15.37
C VAL C 934 -37.76 -31.99 16.03
N GLU C 935 -37.55 -32.04 17.35
CA GLU C 935 -37.50 -33.29 18.08
C GLU C 935 -36.47 -34.22 17.46
N SER C 936 -36.93 -35.32 16.85
CA SER C 936 -36.03 -36.28 16.22
C SER C 936 -35.90 -36.07 14.72
N TYR C 937 -36.64 -35.14 14.14
CA TYR C 937 -36.51 -34.85 12.72
C TYR C 937 -35.34 -33.90 12.48
N GLU C 938 -35.24 -33.41 11.26
CA GLU C 938 -34.16 -32.51 10.87
C GLU C 938 -34.49 -32.00 9.48
N LEU C 939 -34.19 -30.73 9.21
CA LEU C 939 -34.33 -30.18 7.87
C LEU C 939 -33.18 -29.22 7.58
N ILE C 940 -32.40 -29.50 6.56
CA ILE C 940 -31.32 -28.62 6.14
C ILE C 940 -31.86 -27.73 5.03
N LEU C 941 -31.72 -26.42 5.20
CA LEU C 941 -32.14 -25.43 4.21
C LEU C 941 -30.87 -24.84 3.61
N GLN C 942 -30.57 -25.20 2.36
CA GLN C 942 -29.40 -24.62 1.72
C GLN C 942 -29.63 -24.56 0.23
N GLU C 943 -28.82 -23.72 -0.43
CA GLU C 943 -28.60 -23.78 -1.87
C GLU C 943 -29.86 -23.50 -2.68
N GLY C 944 -30.99 -23.27 -2.02
CA GLY C 944 -32.21 -22.88 -2.70
C GLY C 944 -33.42 -23.70 -2.37
N THR C 945 -33.26 -24.88 -1.78
CA THR C 945 -34.39 -25.68 -1.35
C THR C 945 -34.04 -26.39 -0.05
N PHE C 946 -34.92 -27.30 0.35
CA PHE C 946 -34.84 -27.99 1.63
C PHE C 946 -34.41 -29.43 1.43
N LYS C 947 -34.18 -30.10 2.55
CA LYS C 947 -33.90 -31.53 2.55
C LYS C 947 -34.59 -32.16 3.76
N ALA C 948 -34.28 -33.43 4.01
CA ALA C 948 -34.81 -34.10 5.19
C ALA C 948 -33.85 -35.22 5.54
N VAL C 949 -33.32 -35.19 6.75
CA VAL C 949 -32.36 -36.19 7.21
C VAL C 949 -32.96 -36.83 8.45
N ALA C 950 -34.28 -37.03 8.44
CA ALA C 950 -34.96 -37.66 9.57
C ALA C 950 -34.25 -38.93 10.00
N ARG C 951 -33.74 -38.93 11.23
CA ARG C 951 -32.97 -40.05 11.76
C ARG C 951 -33.68 -40.79 12.89
N GLY C 952 -34.48 -40.10 13.69
CA GLY C 952 -35.09 -40.69 14.87
C GLY C 952 -36.34 -41.48 14.55
N PRO C 953 -37.27 -41.52 15.51
CA PRO C 953 -38.57 -42.18 15.28
C PRO C 953 -39.28 -41.68 14.03
N GLY C 954 -39.69 -42.60 13.17
CA GLY C 954 -40.28 -42.25 11.90
C GLY C 954 -41.80 -42.15 11.88
N GLY C 955 -42.35 -41.13 12.52
CA GLY C 955 -43.77 -40.84 12.46
C GLY C 955 -44.10 -39.85 11.36
N ASP C 956 -45.28 -39.27 11.47
CA ASP C 956 -45.61 -38.22 10.52
C ASP C 956 -44.81 -36.96 10.81
N PRO C 957 -44.66 -36.08 9.81
CA PRO C 957 -43.92 -34.83 10.04
C PRO C 957 -44.59 -33.97 11.08
N PRO C 958 -43.85 -33.52 12.09
CA PRO C 958 -44.34 -32.44 12.95
C PRO C 958 -44.22 -31.05 12.32
N TYR C 959 -43.89 -31.00 11.04
CA TYR C 959 -43.76 -29.76 10.29
C TYR C 959 -44.64 -29.81 9.05
N LYS C 960 -44.80 -28.65 8.43
CA LYS C 960 -45.44 -28.54 7.13
C LYS C 960 -44.61 -27.58 6.30
N ILE C 961 -44.59 -27.79 4.99
CA ILE C 961 -43.72 -27.03 4.09
C ILE C 961 -44.61 -26.31 3.09
N ARG C 962 -44.27 -25.06 2.80
CA ARG C 962 -45.06 -24.27 1.86
C ARG C 962 -44.17 -23.28 1.14
N TYR C 963 -44.60 -22.91 -0.06
CA TYR C 963 -43.88 -21.96 -0.91
C TYR C 963 -44.61 -20.63 -0.81
N MET C 964 -44.25 -19.84 0.20
CA MET C 964 -44.94 -18.60 0.48
C MET C 964 -44.24 -17.48 -0.29
N GLY C 965 -44.72 -17.21 -1.50
CA GLY C 965 -44.12 -16.16 -2.32
C GLY C 965 -42.69 -16.47 -2.70
N ILE C 966 -41.74 -15.74 -2.12
CA ILE C 966 -40.32 -15.97 -2.36
C ILE C 966 -39.70 -16.59 -1.13
N PHE C 967 -40.50 -17.29 -0.33
CA PHE C 967 -40.05 -17.85 0.93
C PHE C 967 -40.36 -19.33 1.00
N LEU C 968 -39.44 -20.08 1.58
CA LEU C 968 -39.77 -21.39 2.12
C LEU C 968 -40.30 -21.18 3.53
N VAL C 969 -41.52 -21.60 3.78
CA VAL C 969 -42.11 -21.47 5.10
C VAL C 969 -42.31 -22.88 5.64
N ILE C 970 -41.80 -23.11 6.83
CA ILE C 970 -41.90 -24.41 7.49
C ILE C 970 -42.57 -24.17 8.83
N GLU C 971 -43.74 -24.76 9.01
CA GLU C 971 -44.49 -24.60 10.24
C GLU C 971 -44.32 -25.82 11.12
N THR C 972 -44.56 -25.63 12.42
CA THR C 972 -44.63 -26.71 13.39
C THR C 972 -45.79 -26.47 14.35
N HIS C 973 -46.85 -25.81 13.87
CA HIS C 973 -48.11 -25.58 14.59
C HIS C 973 -47.96 -24.55 15.69
N GLY C 974 -46.73 -24.14 16.01
CA GLY C 974 -46.50 -23.06 16.94
C GLY C 974 -45.24 -22.29 16.67
N MET C 975 -44.58 -22.59 15.54
CA MET C 975 -43.24 -22.09 15.26
C MET C 975 -43.03 -22.15 13.75
N ALA C 976 -43.14 -20.99 13.10
CA ALA C 976 -43.10 -20.90 11.64
C ALA C 976 -41.84 -20.17 11.21
N VAL C 977 -41.04 -20.83 10.39
CA VAL C 977 -39.77 -20.30 9.91
C VAL C 977 -39.91 -19.94 8.44
N SER C 978 -39.54 -18.71 8.09
CA SER C 978 -39.62 -18.24 6.72
C SER C 978 -38.23 -17.86 6.24
N TRP C 979 -37.82 -18.43 5.12
CA TRP C 979 -36.48 -18.29 4.58
C TRP C 979 -36.59 -17.71 3.18
N ASP C 980 -35.94 -16.59 2.91
CA ASP C 980 -36.13 -15.95 1.62
C ASP C 980 -35.45 -16.70 0.50
N ARG C 981 -34.80 -17.82 0.80
CA ARG C 981 -34.02 -18.69 -0.07
C ARG C 981 -32.65 -18.13 -0.36
N LYS C 982 -32.33 -16.90 0.06
CA LYS C 982 -30.95 -16.43 -0.05
C LYS C 982 -30.34 -16.13 1.31
N THR C 983 -30.80 -15.11 2.04
CA THR C 983 -30.04 -14.74 3.22
C THR C 983 -30.84 -14.20 4.41
N SER C 984 -32.16 -14.13 4.37
CA SER C 984 -32.92 -13.59 5.48
C SER C 984 -33.85 -14.66 6.03
N VAL C 985 -33.87 -14.79 7.34
CA VAL C 985 -34.74 -15.73 8.05
C VAL C 985 -35.60 -14.93 9.00
N PHE C 986 -36.91 -15.10 8.90
CA PHE C 986 -37.86 -14.51 9.84
C PHE C 986 -38.58 -15.64 10.55
N ILE C 987 -38.45 -15.70 11.87
CA ILE C 987 -39.05 -16.76 12.67
C ILE C 987 -40.17 -16.17 13.50
N ARG C 988 -41.34 -16.78 13.44
CA ARG C 988 -42.51 -16.32 14.16
C ARG C 988 -42.99 -17.43 15.08
N LEU C 989 -42.97 -17.15 16.38
CA LEU C 989 -43.29 -18.10 17.42
C LEU C 989 -44.61 -17.77 18.09
N HIS C 990 -45.30 -18.79 18.56
CA HIS C 990 -46.46 -18.58 19.40
C HIS C 990 -46.02 -18.03 20.76
N GLN C 991 -46.97 -17.46 21.49
CA GLN C 991 -46.67 -16.92 22.80
C GLN C 991 -46.36 -18.00 23.82
N ASP C 992 -46.57 -19.27 23.49
CA ASP C 992 -46.29 -20.35 24.42
C ASP C 992 -44.81 -20.39 24.77
N TYR C 993 -43.94 -20.22 23.78
CA TYR C 993 -42.51 -20.41 23.98
C TYR C 993 -41.85 -19.23 24.66
N LYS C 994 -42.64 -18.34 25.26
CA LYS C 994 -42.09 -17.13 25.85
C LYS C 994 -41.19 -17.48 27.02
N GLY C 995 -39.99 -16.92 27.03
CA GLY C 995 -39.07 -17.07 28.13
C GLY C 995 -38.30 -18.36 28.18
N ARG C 996 -38.59 -19.31 27.29
CA ARG C 996 -37.99 -20.65 27.35
C ARG C 996 -37.10 -20.96 26.15
N VAL C 997 -36.85 -19.98 25.28
CA VAL C 997 -35.96 -20.16 24.14
C VAL C 997 -34.66 -19.41 24.41
N CYS C 998 -33.68 -19.60 23.53
CA CYS C 998 -32.40 -18.94 23.68
C CYS C 998 -31.70 -18.90 22.32
N GLY C 999 -30.40 -18.62 22.32
CA GLY C 999 -29.65 -18.52 21.10
C GLY C 999 -29.43 -17.09 20.65
N LEU C 1000 -29.40 -16.83 19.33
CA LEU C 1000 -29.18 -15.50 18.80
C LEU C 1000 -30.46 -14.72 18.58
N CYS C 1001 -31.62 -15.29 18.92
CA CYS C 1001 -32.87 -14.54 18.95
C CYS C 1001 -33.28 -14.22 20.37
N GLY C 1002 -32.33 -14.10 21.28
CA GLY C 1002 -32.63 -13.76 22.64
C GLY C 1002 -33.36 -14.90 23.32
N ASN C 1003 -33.93 -14.59 24.47
CA ASN C 1003 -34.69 -15.56 25.23
C ASN C 1003 -36.18 -15.26 25.26
N PHE C 1004 -36.65 -14.31 24.45
CA PHE C 1004 -38.07 -14.05 24.30
C PHE C 1004 -38.73 -13.84 25.65
N ASP C 1005 -38.30 -12.80 26.37
CA ASP C 1005 -38.80 -12.53 27.70
C ASP C 1005 -39.40 -11.14 27.83
N ASP C 1006 -39.56 -10.41 26.72
CA ASP C 1006 -39.98 -9.01 26.75
C ASP C 1006 -39.06 -8.19 27.65
N ASN C 1007 -37.76 -8.46 27.56
CA ASN C 1007 -36.75 -7.73 28.33
C ASN C 1007 -35.50 -7.71 27.44
N ALA C 1008 -35.37 -6.64 26.66
CA ALA C 1008 -34.37 -6.59 25.60
C ALA C 1008 -33.00 -6.22 26.10
N ILE C 1009 -32.87 -5.72 27.33
CA ILE C 1009 -31.57 -5.30 27.82
C ILE C 1009 -30.68 -6.52 28.07
N ASN C 1010 -31.26 -7.59 28.60
CA ASN C 1010 -30.51 -8.78 28.98
C ASN C 1010 -30.50 -9.86 27.89
N ASP C 1011 -30.97 -9.53 26.69
CA ASP C 1011 -30.98 -10.53 25.61
C ASP C 1011 -29.58 -10.90 25.16
N PHE C 1012 -28.55 -10.16 25.57
CA PHE C 1012 -27.19 -10.58 25.30
C PHE C 1012 -26.73 -11.58 26.35
N ALA C 1013 -27.51 -12.64 26.55
CA ALA C 1013 -27.21 -13.66 27.53
C ALA C 1013 -26.49 -14.82 26.84
N THR C 1014 -25.25 -15.05 27.22
CA THR C 1014 -24.39 -16.00 26.54
C THR C 1014 -24.75 -17.42 26.96
N ARG C 1015 -23.88 -18.38 26.63
CA ARG C 1015 -24.13 -19.77 26.98
C ARG C 1015 -24.28 -19.94 28.49
N SER C 1016 -23.42 -19.31 29.25
CA SER C 1016 -23.47 -19.40 30.69
C SER C 1016 -24.36 -18.33 31.32
N ARG C 1017 -25.19 -17.68 30.53
CA ARG C 1017 -26.12 -16.65 31.01
C ARG C 1017 -25.40 -15.58 31.83
N SER C 1018 -24.35 -15.02 31.26
CA SER C 1018 -23.61 -13.91 31.85
C SER C 1018 -23.81 -12.71 30.93
N VAL C 1019 -24.88 -11.95 31.19
CA VAL C 1019 -25.29 -10.91 30.26
C VAL C 1019 -24.15 -9.95 30.02
N VAL C 1020 -23.81 -9.74 28.76
CA VAL C 1020 -22.68 -8.92 28.37
C VAL C 1020 -23.21 -7.69 27.65
N GLY C 1021 -22.39 -6.65 27.65
CA GLY C 1021 -22.69 -5.44 26.92
C GLY C 1021 -22.09 -5.40 25.54
N ASP C 1022 -21.62 -6.54 25.04
CA ASP C 1022 -20.92 -6.61 23.76
C ASP C 1022 -21.61 -7.63 22.87
N ALA C 1023 -21.66 -7.34 21.57
CA ALA C 1023 -22.28 -8.27 20.63
C ALA C 1023 -21.35 -9.41 20.26
N LEU C 1024 -20.04 -9.14 20.20
CA LEU C 1024 -19.10 -10.16 19.75
C LEU C 1024 -19.07 -11.35 20.70
N GLU C 1025 -19.06 -11.09 22.01
CA GLU C 1025 -19.06 -12.19 22.97
C GLU C 1025 -20.36 -12.97 22.92
N PHE C 1026 -21.49 -12.27 22.77
CA PHE C 1026 -22.77 -12.96 22.70
C PHE C 1026 -22.86 -13.87 21.49
N GLY C 1027 -22.36 -13.40 20.35
CA GLY C 1027 -22.32 -14.27 19.19
C GLY C 1027 -21.35 -15.43 19.35
N ASN C 1028 -20.16 -15.16 19.88
CA ASN C 1028 -19.16 -16.20 20.07
C ASN C 1028 -19.64 -17.28 21.02
N SER C 1029 -20.55 -16.95 21.93
CA SER C 1029 -21.03 -17.97 22.86
C SER C 1029 -21.75 -19.09 22.15
N TRP C 1030 -22.61 -18.76 21.19
CA TRP C 1030 -23.55 -19.73 20.64
C TRP C 1030 -23.04 -20.44 19.40
N LYS C 1031 -21.73 -20.53 19.21
CA LYS C 1031 -21.19 -21.36 18.15
C LYS C 1031 -21.34 -22.83 18.50
N LEU C 1032 -21.70 -23.64 17.51
CA LEU C 1032 -21.95 -25.06 17.78
C LEU C 1032 -20.68 -25.78 18.21
N SER C 1033 -19.60 -25.62 17.44
CA SER C 1033 -18.38 -26.38 17.69
C SER C 1033 -17.37 -25.49 18.38
N PRO C 1034 -17.02 -25.77 19.64
CA PRO C 1034 -16.03 -24.93 20.33
C PRO C 1034 -14.67 -24.91 19.66
N SER C 1035 -14.38 -25.88 18.79
CA SER C 1035 -13.14 -25.83 18.03
C SER C 1035 -13.09 -24.62 17.10
N CYS C 1036 -14.24 -24.13 16.67
CA CYS C 1036 -14.28 -23.05 15.70
C CYS C 1036 -13.64 -21.78 16.29
N PRO C 1037 -12.90 -21.02 15.49
CA PRO C 1037 -12.31 -19.78 16.00
C PRO C 1037 -13.36 -18.71 16.21
N ASP C 1038 -13.17 -17.93 17.27
CA ASP C 1038 -14.06 -16.81 17.54
C ASP C 1038 -13.90 -15.74 16.48
N ALA C 1039 -15.02 -15.14 16.08
CA ALA C 1039 -14.97 -14.02 15.15
C ALA C 1039 -14.24 -12.85 15.80
N LEU C 1040 -13.42 -12.16 15.00
CA LEU C 1040 -12.69 -11.01 15.50
C LEU C 1040 -13.61 -9.80 15.45
N ALA C 1041 -13.04 -8.61 15.65
CA ALA C 1041 -13.83 -7.40 15.64
C ALA C 1041 -14.42 -7.16 14.26
N PRO C 1042 -15.73 -7.03 14.14
CA PRO C 1042 -16.31 -6.67 12.85
C PRO C 1042 -15.82 -5.30 12.39
N LYS C 1043 -15.69 -5.14 11.09
CA LYS C 1043 -15.12 -3.93 10.51
C LYS C 1043 -16.20 -3.16 9.77
N ASP C 1044 -16.23 -1.85 9.94
CA ASP C 1044 -17.28 -1.03 9.37
C ASP C 1044 -17.13 -1.02 7.84
N PRO C 1045 -18.14 -1.44 7.09
CA PRO C 1045 -17.96 -1.63 5.65
C PRO C 1045 -17.64 -0.35 4.89
N CYS C 1046 -18.44 0.70 5.09
CA CYS C 1046 -18.28 1.90 4.30
C CYS C 1046 -16.92 2.55 4.51
N THR C 1047 -16.40 2.50 5.74
CA THR C 1047 -15.04 2.97 5.98
C THR C 1047 -14.04 2.15 5.20
N ALA C 1048 -14.23 0.82 5.16
CA ALA C 1048 -13.28 -0.05 4.49
C ALA C 1048 -13.20 0.25 3.00
N ASN C 1049 -14.34 0.47 2.36
CA ASN C 1049 -14.42 0.64 0.91
C ASN C 1049 -15.19 1.92 0.62
N PRO C 1050 -14.54 3.08 0.76
CA PRO C 1050 -15.27 4.34 0.57
C PRO C 1050 -15.85 4.50 -0.81
N PHE C 1051 -15.21 3.93 -1.84
CA PHE C 1051 -15.64 4.15 -3.20
C PHE C 1051 -16.99 3.50 -3.51
N ARG C 1052 -17.48 2.64 -2.64
CA ARG C 1052 -18.84 2.13 -2.79
C ARG C 1052 -19.87 2.99 -2.10
N LYS C 1053 -19.44 3.71 -1.04
CA LYS C 1053 -20.38 4.34 -0.13
C LYS C 1053 -21.40 5.18 -0.87
N SER C 1054 -20.93 6.07 -1.75
CA SER C 1054 -21.83 6.94 -2.49
C SER C 1054 -22.89 6.12 -3.20
N TRP C 1055 -22.47 5.13 -3.99
CA TRP C 1055 -23.42 4.27 -4.65
C TRP C 1055 -24.39 3.68 -3.65
N ALA C 1056 -23.85 3.13 -2.56
CA ALA C 1056 -24.70 2.53 -1.54
C ALA C 1056 -25.78 3.50 -1.11
N GLN C 1057 -25.39 4.73 -0.77
CA GLN C 1057 -26.37 5.69 -0.30
C GLN C 1057 -27.39 5.97 -1.38
N LYS C 1058 -26.94 6.18 -2.61
CA LYS C 1058 -27.87 6.41 -3.70
C LYS C 1058 -28.82 5.23 -3.86
N GLN C 1059 -28.31 4.03 -3.64
CA GLN C 1059 -29.20 2.87 -3.68
C GLN C 1059 -30.08 2.82 -2.45
N CYS C 1060 -29.53 3.12 -1.27
CA CYS C 1060 -30.33 2.96 -0.06
C CYS C 1060 -31.29 4.12 0.14
N SER C 1061 -31.05 5.26 -0.52
CA SER C 1061 -31.95 6.39 -0.42
C SER C 1061 -33.38 6.04 -0.82
N ILE C 1062 -33.60 4.83 -1.36
CA ILE C 1062 -34.94 4.41 -1.69
C ILE C 1062 -35.81 4.40 -0.44
N LEU C 1063 -35.19 4.22 0.73
CA LEU C 1063 -35.95 4.16 1.98
C LEU C 1063 -36.46 5.52 2.43
N HIS C 1064 -35.85 6.61 1.96
CA HIS C 1064 -36.34 7.94 2.31
C HIS C 1064 -37.29 8.51 1.26
N GLY C 1065 -37.28 7.98 0.04
CA GLY C 1065 -38.08 8.53 -1.02
C GLY C 1065 -39.56 8.25 -0.86
N PRO C 1066 -40.38 8.86 -1.70
CA PRO C 1066 -41.83 8.73 -1.56
C PRO C 1066 -42.33 7.32 -1.73
N THR C 1067 -41.49 6.39 -2.17
CA THR C 1067 -41.89 4.99 -2.22
C THR C 1067 -42.22 4.48 -0.83
N PHE C 1068 -41.40 4.86 0.15
CA PHE C 1068 -41.59 4.45 1.54
C PHE C 1068 -42.00 5.63 2.42
N ALA C 1069 -42.68 6.62 1.83
CA ALA C 1069 -43.13 7.76 2.62
C ALA C 1069 -44.14 7.34 3.67
N ALA C 1070 -45.08 6.47 3.31
CA ALA C 1070 -46.12 6.07 4.25
C ALA C 1070 -45.55 5.20 5.37
N CYS C 1071 -44.76 4.19 5.01
CA CYS C 1071 -44.28 3.26 6.02
C CYS C 1071 -43.34 3.90 7.02
N ARG C 1072 -42.60 4.94 6.62
CA ARG C 1072 -41.64 5.54 7.54
C ARG C 1072 -42.33 6.10 8.78
N SER C 1073 -43.63 6.32 8.72
CA SER C 1073 -44.38 6.77 9.88
C SER C 1073 -44.93 5.63 10.71
N GLN C 1074 -44.98 4.41 10.17
CA GLN C 1074 -45.46 3.25 10.90
C GLN C 1074 -44.34 2.38 11.45
N VAL C 1075 -43.18 2.35 10.79
CA VAL C 1075 -42.07 1.54 11.22
C VAL C 1075 -40.82 2.41 11.23
N ASP C 1076 -40.11 2.41 12.36
CA ASP C 1076 -38.87 3.17 12.45
C ASP C 1076 -37.83 2.57 11.53
N SER C 1077 -37.26 3.41 10.66
CA SER C 1077 -36.38 2.95 9.60
C SER C 1077 -34.97 3.48 9.71
N THR C 1078 -34.54 3.90 10.90
CA THR C 1078 -33.17 4.36 11.05
C THR C 1078 -32.21 3.19 10.92
N LYS C 1079 -32.34 2.20 11.80
CA LYS C 1079 -31.41 1.08 11.80
C LYS C 1079 -31.51 0.27 10.52
N TYR C 1080 -32.69 0.21 9.91
CA TYR C 1080 -32.80 -0.45 8.62
C TYR C 1080 -31.97 0.25 7.57
N TYR C 1081 -31.98 1.58 7.57
CA TYR C 1081 -31.15 2.32 6.61
C TYR C 1081 -29.68 2.13 6.90
N GLU C 1082 -29.29 2.12 8.17
CA GLU C 1082 -27.90 1.86 8.47
C GLU C 1082 -27.49 0.49 7.98
N ALA C 1083 -28.36 -0.50 8.16
CA ALA C 1083 -28.08 -1.85 7.68
C ALA C 1083 -27.95 -1.88 6.17
N CYS C 1084 -28.86 -1.21 5.46
CA CYS C 1084 -28.80 -1.18 4.00
C CYS C 1084 -27.48 -0.60 3.52
N VAL C 1085 -27.09 0.54 4.10
CA VAL C 1085 -25.86 1.19 3.66
C VAL C 1085 -24.65 0.33 3.99
N ASN C 1086 -24.64 -0.28 5.17
CA ASN C 1086 -23.52 -1.14 5.55
C ASN C 1086 -23.41 -2.33 4.61
N ASP C 1087 -24.52 -2.97 4.27
CA ASP C 1087 -24.49 -4.14 3.42
C ASP C 1087 -24.08 -3.78 1.99
N ALA C 1088 -24.65 -2.72 1.44
CA ALA C 1088 -24.27 -2.30 0.10
C ALA C 1088 -22.83 -1.80 0.05
N CYS C 1089 -22.28 -1.36 1.18
CA CYS C 1089 -20.86 -1.03 1.23
C CYS C 1089 -20.00 -2.29 1.31
N ALA C 1090 -20.49 -3.32 1.98
CA ALA C 1090 -19.68 -4.48 2.28
C ALA C 1090 -19.50 -5.39 1.07
N CYS C 1091 -20.53 -5.55 0.25
CA CYS C 1091 -20.49 -6.57 -0.79
C CYS C 1091 -19.57 -6.17 -1.93
N ASP C 1092 -18.27 -6.14 -1.68
CA ASP C 1092 -17.31 -5.72 -2.67
C ASP C 1092 -16.74 -6.87 -3.48
N SER C 1093 -17.22 -8.09 -3.27
CA SER C 1093 -16.70 -9.23 -4.01
C SER C 1093 -17.68 -9.79 -5.02
N GLY C 1094 -18.87 -9.22 -5.13
CA GLY C 1094 -19.83 -9.65 -6.13
C GLY C 1094 -21.21 -9.84 -5.53
N GLY C 1095 -22.22 -9.74 -6.38
CA GLY C 1095 -23.58 -9.86 -5.92
C GLY C 1095 -23.99 -8.67 -5.08
N ASP C 1096 -24.06 -7.50 -5.70
CA ASP C 1096 -24.45 -6.27 -4.99
C ASP C 1096 -25.95 -6.10 -4.92
N CYS C 1097 -26.63 -6.40 -6.03
CA CYS C 1097 -28.08 -6.22 -6.06
C CYS C 1097 -28.76 -7.09 -5.03
N GLU C 1098 -28.27 -8.31 -4.82
CA GLU C 1098 -28.88 -9.15 -3.81
C GLU C 1098 -28.73 -8.55 -2.43
N CYS C 1099 -27.55 -8.01 -2.12
CA CYS C 1099 -27.34 -7.38 -0.82
C CYS C 1099 -28.32 -6.24 -0.60
N PHE C 1100 -28.38 -5.31 -1.55
CA PHE C 1100 -29.29 -4.19 -1.40
C PHE C 1100 -30.73 -4.65 -1.36
N CYS C 1101 -31.09 -5.64 -2.19
CA CYS C 1101 -32.46 -6.13 -2.26
C CYS C 1101 -32.90 -6.69 -0.92
N THR C 1102 -32.06 -7.53 -0.30
CA THR C 1102 -32.46 -8.11 0.98
C THR C 1102 -32.45 -7.09 2.09
N ALA C 1103 -31.51 -6.15 2.07
CA ALA C 1103 -31.50 -5.11 3.10
C ALA C 1103 -32.77 -4.29 3.05
N VAL C 1104 -33.26 -3.97 1.85
CA VAL C 1104 -34.53 -3.26 1.75
C VAL C 1104 -35.70 -4.19 2.05
N ALA C 1105 -35.60 -5.47 1.71
CA ALA C 1105 -36.72 -6.37 1.89
C ALA C 1105 -36.99 -6.69 3.35
N ALA C 1106 -35.98 -6.58 4.22
CA ALA C 1106 -36.27 -6.70 5.65
C ALA C 1106 -37.23 -5.61 6.11
N TYR C 1107 -36.98 -4.36 5.67
CA TYR C 1107 -37.92 -3.29 5.95
C TYR C 1107 -39.25 -3.51 5.24
N ALA C 1108 -39.21 -4.09 4.03
CA ALA C 1108 -40.45 -4.38 3.33
C ALA C 1108 -41.31 -5.31 4.16
N GLN C 1109 -40.71 -6.35 4.73
CA GLN C 1109 -41.49 -7.26 5.56
C GLN C 1109 -41.92 -6.61 6.87
N ALA C 1110 -41.09 -5.74 7.44
CA ALA C 1110 -41.53 -4.99 8.61
C ALA C 1110 -42.80 -4.20 8.31
N CYS C 1111 -42.80 -3.48 7.19
CA CYS C 1111 -44.00 -2.75 6.78
C CYS C 1111 -45.16 -3.71 6.52
N HIS C 1112 -44.88 -4.85 5.89
CA HIS C 1112 -45.94 -5.79 5.55
C HIS C 1112 -46.63 -6.32 6.78
N ASP C 1113 -45.85 -6.64 7.82
CA ASP C 1113 -46.43 -7.12 9.05
C ASP C 1113 -47.15 -5.99 9.79
N ALA C 1114 -46.59 -4.77 9.76
CA ALA C 1114 -47.16 -3.70 10.57
C ALA C 1114 -48.59 -3.40 10.18
N GLY C 1115 -48.81 -2.75 9.05
CA GLY C 1115 -50.16 -2.67 8.52
C GLY C 1115 -50.28 -2.50 7.02
N LEU C 1116 -49.17 -2.49 6.31
CA LEU C 1116 -49.12 -1.89 4.99
C LEU C 1116 -48.66 -2.88 3.94
N CYS C 1117 -49.34 -2.85 2.79
CA CYS C 1117 -48.99 -3.65 1.63
C CYS C 1117 -48.18 -2.74 0.69
N VAL C 1118 -46.93 -2.53 1.04
CA VAL C 1118 -46.05 -1.67 0.25
C VAL C 1118 -45.45 -2.48 -0.87
N SER C 1119 -45.35 -1.87 -2.06
CA SER C 1119 -44.87 -2.55 -3.26
C SER C 1119 -43.85 -1.64 -3.96
N TRP C 1120 -42.59 -1.81 -3.60
CA TRP C 1120 -41.55 -1.00 -4.21
C TRP C 1120 -41.02 -1.58 -5.52
N ARG C 1121 -40.15 -2.59 -5.44
CA ARG C 1121 -39.87 -3.58 -6.47
C ARG C 1121 -40.07 -3.11 -7.91
N THR C 1122 -39.50 -1.99 -8.29
CA THR C 1122 -39.69 -1.51 -9.65
C THR C 1122 -38.80 -2.27 -10.62
N PRO C 1123 -39.11 -2.24 -11.91
CA PRO C 1123 -38.25 -2.92 -12.89
C PRO C 1123 -36.80 -2.45 -12.87
N ASP C 1124 -36.57 -1.20 -12.53
CA ASP C 1124 -35.21 -0.71 -12.36
C ASP C 1124 -34.59 -1.14 -11.04
N THR C 1125 -35.41 -1.36 -10.01
CA THR C 1125 -34.92 -1.56 -8.65
C THR C 1125 -35.44 -2.88 -8.12
N CYS C 1126 -34.53 -3.83 -7.91
CA CYS C 1126 -34.87 -5.14 -7.37
C CYS C 1126 -36.03 -5.78 -8.11
N PRO C 1127 -35.87 -6.08 -9.39
CA PRO C 1127 -36.95 -6.74 -10.13
C PRO C 1127 -37.08 -8.19 -9.69
N LEU C 1128 -38.28 -8.72 -9.89
CA LEU C 1128 -38.57 -10.11 -9.55
C LEU C 1128 -39.23 -10.77 -10.75
N PHE C 1129 -38.51 -11.64 -11.44
CA PHE C 1129 -39.06 -12.33 -12.58
C PHE C 1129 -40.18 -13.25 -12.10
N CYS C 1130 -41.40 -12.98 -12.54
CA CYS C 1130 -42.54 -13.80 -12.18
C CYS C 1130 -43.32 -14.28 -13.39
N ASP C 1131 -42.96 -13.81 -14.58
CA ASP C 1131 -43.45 -14.43 -15.81
C ASP C 1131 -42.83 -15.79 -16.06
N PHE C 1132 -41.78 -16.13 -15.31
CA PHE C 1132 -41.00 -17.32 -15.62
C PHE C 1132 -41.84 -18.58 -15.50
N TYR C 1133 -42.61 -18.70 -14.42
CA TYR C 1133 -43.44 -19.87 -14.23
C TYR C 1133 -44.73 -19.81 -15.03
N ASN C 1134 -44.92 -18.75 -15.80
CA ASN C 1134 -46.02 -18.68 -16.75
C ASN C 1134 -45.65 -19.44 -18.01
N PRO C 1135 -46.25 -20.60 -18.26
CA PRO C 1135 -45.94 -21.32 -19.49
C PRO C 1135 -46.79 -20.91 -20.68
N HIS C 1136 -46.15 -20.33 -21.69
CA HIS C 1136 -46.74 -20.10 -23.01
C HIS C 1136 -48.09 -19.38 -22.92
N GLY C 1137 -48.04 -18.16 -22.39
CA GLY C 1137 -49.22 -17.33 -22.34
C GLY C 1137 -50.16 -17.59 -21.18
N GLY C 1138 -49.90 -18.61 -20.38
CA GLY C 1138 -50.67 -18.79 -19.15
C GLY C 1138 -50.34 -17.68 -18.17
N CYS C 1139 -51.39 -17.14 -17.55
CA CYS C 1139 -51.23 -15.93 -16.74
C CYS C 1139 -51.89 -16.11 -15.37
N GLU C 1140 -51.57 -17.24 -14.73
CA GLU C 1140 -51.86 -17.37 -13.30
C GLU C 1140 -50.85 -16.60 -12.47
N TRP C 1141 -49.56 -16.86 -12.70
CA TRP C 1141 -48.51 -16.39 -11.80
C TRP C 1141 -48.40 -14.87 -11.87
N HIS C 1142 -48.85 -14.19 -10.82
CA HIS C 1142 -48.80 -12.75 -10.71
C HIS C 1142 -48.10 -12.36 -9.42
N TYR C 1143 -47.41 -11.23 -9.44
CA TYR C 1143 -46.70 -10.74 -8.26
C TYR C 1143 -47.69 -10.02 -7.35
N GLN C 1144 -47.96 -10.60 -6.19
CA GLN C 1144 -48.77 -9.95 -5.17
C GLN C 1144 -47.87 -9.44 -4.08
N PRO C 1145 -47.97 -8.17 -3.67
CA PRO C 1145 -47.11 -7.68 -2.59
C PRO C 1145 -47.43 -8.27 -1.24
N CYS C 1146 -48.60 -8.87 -1.06
CA CYS C 1146 -48.96 -9.53 0.20
C CYS C 1146 -49.73 -10.79 -0.14
N GLY C 1147 -49.11 -11.95 0.07
CA GLY C 1147 -49.72 -13.22 -0.31
C GLY C 1147 -50.82 -13.67 0.63
N ALA C 1148 -51.65 -14.57 0.11
CA ALA C 1148 -52.78 -15.07 0.89
C ALA C 1148 -52.29 -15.74 2.16
N PRO C 1149 -53.05 -15.67 3.25
CA PRO C 1149 -52.56 -16.25 4.52
C PRO C 1149 -52.27 -17.72 4.44
N CYS C 1150 -52.96 -18.47 3.59
CA CYS C 1150 -52.68 -19.88 3.39
C CYS C 1150 -52.82 -20.21 1.91
N LEU C 1151 -52.06 -21.22 1.48
CA LEU C 1151 -52.03 -21.63 0.09
C LEU C 1151 -52.58 -23.04 -0.05
N LYS C 1152 -53.50 -23.22 -0.99
CA LYS C 1152 -54.06 -24.54 -1.29
C LYS C 1152 -53.04 -25.28 -2.15
N THR C 1153 -51.99 -25.75 -1.49
CA THR C 1153 -50.87 -26.34 -2.20
C THR C 1153 -51.15 -27.80 -2.53
N CYS C 1154 -50.29 -28.36 -3.38
CA CYS C 1154 -50.37 -29.78 -3.69
C CYS C 1154 -50.14 -30.63 -2.46
N ARG C 1155 -49.26 -30.20 -1.57
CA ARG C 1155 -48.97 -30.93 -0.34
C ARG C 1155 -50.07 -30.74 0.69
N ASN C 1156 -50.74 -29.59 0.69
CA ASN C 1156 -51.86 -29.33 1.57
C ASN C 1156 -53.12 -29.22 0.73
N PRO C 1157 -53.69 -30.35 0.30
CA PRO C 1157 -54.92 -30.28 -0.51
C PRO C 1157 -56.10 -29.71 0.24
N SER C 1158 -56.04 -29.69 1.58
CA SER C 1158 -57.16 -29.17 2.35
C SER C 1158 -57.36 -27.68 2.09
N GLY C 1159 -56.28 -26.92 1.97
CA GLY C 1159 -56.35 -25.49 1.91
C GLY C 1159 -56.26 -24.78 3.24
N HIS C 1160 -56.19 -25.52 4.34
CA HIS C 1160 -56.05 -24.95 5.66
C HIS C 1160 -54.57 -24.84 6.01
N CYS C 1161 -54.29 -24.16 7.12
CA CYS C 1161 -52.91 -23.95 7.54
C CYS C 1161 -52.85 -23.93 9.06
N LEU C 1162 -51.65 -24.21 9.59
CA LEU C 1162 -51.47 -24.31 11.03
C LEU C 1162 -51.05 -22.97 11.63
N VAL C 1163 -49.96 -22.39 11.15
CA VAL C 1163 -49.49 -21.09 11.61
C VAL C 1163 -49.75 -20.11 10.48
N ASP C 1164 -50.89 -19.43 10.55
CA ASP C 1164 -51.32 -18.55 9.46
C ASP C 1164 -50.41 -17.33 9.39
N LEU C 1165 -49.45 -17.36 8.46
CA LEU C 1165 -48.63 -16.19 8.22
C LEU C 1165 -49.42 -15.14 7.45
N PRO C 1166 -49.19 -13.86 7.72
CA PRO C 1166 -49.83 -12.82 6.93
C PRO C 1166 -49.17 -12.67 5.56
N GLY C 1167 -49.57 -11.65 4.82
CA GLY C 1167 -49.00 -11.44 3.49
C GLY C 1167 -47.51 -11.18 3.55
N LEU C 1168 -46.83 -11.58 2.48
CA LEU C 1168 -45.40 -11.38 2.32
C LEU C 1168 -45.07 -11.41 0.84
N GLU C 1169 -43.99 -10.73 0.46
CA GLU C 1169 -43.74 -10.48 -0.95
C GLU C 1169 -43.51 -11.79 -1.70
N GLY C 1170 -43.45 -11.69 -3.02
CA GLY C 1170 -43.35 -12.83 -3.90
C GLY C 1170 -44.51 -12.87 -4.86
N CYS C 1171 -44.43 -13.82 -5.79
CA CYS C 1171 -45.50 -14.00 -6.76
C CYS C 1171 -46.16 -15.35 -6.58
N TYR C 1172 -47.48 -15.33 -6.73
CA TYR C 1172 -48.35 -16.45 -6.44
C TYR C 1172 -49.18 -16.77 -7.67
N PRO C 1173 -49.60 -18.00 -7.80
CA PRO C 1173 -50.47 -18.35 -8.92
C PRO C 1173 -51.94 -18.20 -8.56
N LYS C 1174 -52.70 -17.59 -9.47
CA LYS C 1174 -54.14 -17.48 -9.32
C LYS C 1174 -54.76 -18.72 -9.96
N CYS C 1175 -54.71 -19.82 -9.23
CA CYS C 1175 -55.11 -21.11 -9.77
C CYS C 1175 -56.60 -21.11 -10.10
N PRO C 1176 -56.97 -21.33 -11.37
CA PRO C 1176 -58.37 -21.23 -11.75
C PRO C 1176 -59.14 -22.45 -11.26
N PRO C 1177 -60.47 -22.39 -11.26
CA PRO C 1177 -61.24 -23.56 -10.81
C PRO C 1177 -60.98 -24.82 -11.62
N SER C 1178 -60.67 -24.68 -12.90
CA SER C 1178 -60.35 -25.85 -13.72
C SER C 1178 -59.05 -26.52 -13.28
N GLN C 1179 -58.08 -25.73 -12.82
CA GLN C 1179 -56.80 -26.25 -12.33
C GLN C 1179 -56.54 -25.62 -10.96
N PRO C 1180 -57.29 -26.02 -9.94
CA PRO C 1180 -57.26 -25.32 -8.65
C PRO C 1180 -56.20 -25.80 -7.67
N PHE C 1181 -55.20 -26.57 -8.09
CA PHE C 1181 -54.19 -27.07 -7.17
C PHE C 1181 -52.84 -26.50 -7.56
N PHE C 1182 -52.25 -25.72 -6.67
CA PHE C 1182 -50.91 -25.20 -6.88
C PHE C 1182 -49.89 -26.25 -6.47
N ASN C 1183 -49.04 -26.66 -7.40
CA ASN C 1183 -48.01 -27.65 -7.15
C ASN C 1183 -46.67 -26.95 -7.09
N GLU C 1184 -45.96 -27.16 -5.98
CA GLU C 1184 -44.67 -26.52 -5.75
C GLU C 1184 -43.55 -27.22 -6.49
N ASP C 1185 -43.64 -28.55 -6.61
CA ASP C 1185 -42.55 -29.28 -7.24
C ASP C 1185 -42.48 -29.06 -8.74
N GLN C 1186 -43.53 -28.48 -9.33
CA GLN C 1186 -43.47 -27.99 -10.70
C GLN C 1186 -43.84 -26.52 -10.80
N MET C 1187 -44.30 -25.90 -9.72
CA MET C 1187 -44.72 -24.51 -9.69
C MET C 1187 -45.77 -24.25 -10.76
N LYS C 1188 -46.91 -24.92 -10.62
CA LYS C 1188 -47.93 -24.76 -11.63
C LYS C 1188 -49.30 -25.06 -11.05
N CYS C 1189 -50.32 -24.41 -11.63
CA CYS C 1189 -51.71 -24.70 -11.30
C CYS C 1189 -52.17 -25.87 -12.15
N VAL C 1190 -52.60 -26.95 -11.50
CA VAL C 1190 -52.98 -28.19 -12.16
C VAL C 1190 -54.29 -28.67 -11.55
N ALA C 1191 -54.87 -29.69 -12.18
CA ALA C 1191 -56.18 -30.19 -11.76
C ALA C 1191 -56.07 -31.15 -10.58
N GLN C 1192 -55.36 -32.27 -10.75
CA GLN C 1192 -55.26 -33.29 -9.73
C GLN C 1192 -53.80 -33.46 -9.30
N CYS C 1193 -53.58 -33.61 -8.01
CA CYS C 1193 -52.25 -33.69 -7.44
C CYS C 1193 -51.70 -35.11 -7.48
N GLY C 1194 -50.39 -35.22 -7.32
CA GLY C 1194 -49.71 -36.50 -7.27
C GLY C 1194 -49.64 -37.05 -5.85
N CYS C 1195 -48.42 -37.31 -5.36
CA CYS C 1195 -48.28 -37.93 -4.05
C CYS C 1195 -46.95 -37.55 -3.43
N TYR C 1196 -46.93 -37.47 -2.11
CA TYR C 1196 -45.73 -37.26 -1.31
C TYR C 1196 -45.56 -38.45 -0.37
N ASP C 1197 -44.33 -38.94 -0.25
CA ASP C 1197 -44.06 -40.07 0.64
C ASP C 1197 -43.67 -39.55 2.02
N LYS C 1198 -43.16 -40.45 2.88
CA LYS C 1198 -42.73 -40.03 4.20
C LYS C 1198 -41.58 -39.03 4.13
N ASP C 1199 -40.57 -39.31 3.32
CA ASP C 1199 -39.45 -38.39 3.18
C ASP C 1199 -39.85 -37.12 2.45
N GLY C 1200 -40.94 -37.14 1.68
CA GLY C 1200 -41.42 -35.97 1.00
C GLY C 1200 -41.12 -35.87 -0.48
N ASN C 1201 -40.69 -36.95 -1.12
CA ASN C 1201 -40.48 -36.91 -2.55
C ASN C 1201 -41.80 -36.99 -3.30
N TYR C 1202 -41.82 -36.44 -4.50
CA TYR C 1202 -43.03 -36.32 -5.29
C TYR C 1202 -42.97 -37.23 -6.52
N TYR C 1203 -44.14 -37.73 -6.91
CA TYR C 1203 -44.29 -38.51 -8.12
C TYR C 1203 -45.60 -38.12 -8.79
N ASP C 1204 -45.68 -38.38 -10.09
CA ASP C 1204 -46.95 -38.24 -10.78
C ASP C 1204 -47.88 -39.39 -10.40
N VAL C 1205 -49.18 -39.14 -10.52
CA VAL C 1205 -50.15 -40.18 -10.25
C VAL C 1205 -49.89 -41.38 -11.16
N GLY C 1206 -50.28 -42.56 -10.71
CA GLY C 1206 -50.03 -43.77 -11.47
C GLY C 1206 -48.60 -44.27 -11.44
N ALA C 1207 -47.84 -43.87 -10.43
CA ALA C 1207 -46.44 -44.28 -10.31
C ALA C 1207 -46.22 -45.03 -9.00
N ARG C 1208 -45.51 -46.14 -9.08
CA ARG C 1208 -45.13 -46.89 -7.90
C ARG C 1208 -43.99 -46.18 -7.16
N VAL C 1209 -43.94 -46.40 -5.85
CA VAL C 1209 -42.98 -45.71 -4.99
C VAL C 1209 -41.97 -46.72 -4.44
N PRO C 1210 -40.68 -46.39 -4.39
CA PRO C 1210 -39.66 -47.24 -3.77
C PRO C 1210 -39.91 -47.49 -2.28
N CYS C 1218 -46.50 -50.00 -3.81
CA CYS C 1218 -47.68 -49.13 -3.79
C CYS C 1218 -47.59 -48.10 -4.90
N ASN C 1219 -48.74 -47.76 -5.49
CA ASN C 1219 -48.81 -46.87 -6.64
C ASN C 1219 -49.33 -45.49 -6.21
N CYS C 1220 -49.53 -44.61 -7.18
CA CYS C 1220 -50.12 -43.30 -6.95
C CYS C 1220 -51.49 -43.25 -7.59
N THR C 1221 -52.49 -42.82 -6.82
CA THR C 1221 -53.90 -42.90 -7.19
C THR C 1221 -54.61 -41.66 -6.68
N PRO C 1222 -55.92 -41.51 -6.91
CA PRO C 1222 -56.65 -40.43 -6.24
C PRO C 1222 -56.46 -40.43 -4.73
N SER C 1223 -56.37 -41.60 -4.11
CA SER C 1223 -56.00 -41.67 -2.71
C SER C 1223 -54.57 -41.18 -2.50
N GLY C 1224 -53.67 -41.52 -3.42
CA GLY C 1224 -52.27 -41.17 -3.29
C GLY C 1224 -51.40 -42.41 -3.31
N ILE C 1225 -50.48 -42.52 -2.35
CA ILE C 1225 -49.70 -43.74 -2.20
C ILE C 1225 -50.56 -44.75 -1.43
N GLN C 1226 -51.06 -45.75 -2.15
CA GLN C 1226 -51.94 -46.76 -1.57
C GLN C 1226 -51.50 -48.15 -2.02
N CYS C 1227 -51.86 -49.14 -1.22
CA CYS C 1227 -51.59 -50.54 -1.54
C CYS C 1227 -52.33 -51.48 -0.59
N ALA D 46 34.76 -75.33 -125.26
CA ALA D 46 34.84 -75.99 -123.97
C ALA D 46 36.13 -76.78 -123.83
N HIS D 47 36.10 -77.85 -123.04
CA HIS D 47 37.26 -78.70 -122.80
C HIS D 47 37.50 -79.59 -124.03
N ASN D 48 37.88 -78.93 -125.12
CA ASN D 48 37.93 -79.60 -126.40
C ASN D 48 39.06 -80.63 -126.44
N GLY D 49 40.30 -80.19 -126.29
CA GLY D 49 41.42 -81.09 -126.37
C GLY D 49 42.35 -80.94 -125.21
N ARG D 50 41.83 -80.53 -124.06
CA ARG D 50 42.61 -80.38 -122.84
C ARG D 50 42.25 -81.49 -121.86
N VAL D 51 42.04 -82.69 -122.38
CA VAL D 51 41.61 -83.84 -121.59
C VAL D 51 42.40 -85.07 -122.02
N CYS D 52 42.81 -85.88 -121.04
CA CYS D 52 43.30 -87.22 -121.29
C CYS D 52 42.63 -88.16 -120.30
N SER D 53 42.62 -89.46 -120.62
CA SER D 53 41.84 -90.38 -119.82
C SER D 53 42.45 -91.77 -119.83
N THR D 54 42.09 -92.55 -118.80
CA THR D 54 42.54 -93.92 -118.64
C THR D 54 41.40 -94.75 -118.07
N TRP D 55 40.99 -95.78 -118.79
CA TRP D 55 39.79 -96.49 -118.38
C TRP D 55 39.86 -97.96 -118.75
N GLY D 56 39.06 -98.74 -118.02
CA GLY D 56 38.80 -100.12 -118.34
C GLY D 56 40.06 -100.96 -118.43
N ASP D 57 40.14 -101.73 -119.51
CA ASP D 57 41.24 -102.67 -119.73
C ASP D 57 42.44 -101.94 -120.34
N PHE D 58 43.06 -101.11 -119.49
CA PHE D 58 44.30 -100.40 -119.84
C PHE D 58 44.15 -99.60 -121.13
N HIS D 59 43.10 -98.81 -121.22
CA HIS D 59 42.87 -97.99 -122.40
C HIS D 59 43.26 -96.56 -122.08
N TYR D 60 44.18 -96.00 -122.86
CA TYR D 60 44.72 -94.67 -122.65
C TYR D 60 44.34 -93.77 -123.81
N LYS D 61 43.85 -92.58 -123.49
CA LYS D 61 43.46 -91.61 -124.50
C LYS D 61 44.23 -90.33 -124.22
N THR D 62 44.97 -89.86 -125.21
CA THR D 62 45.82 -88.68 -125.06
C THR D 62 45.00 -87.41 -125.31
N PHE D 63 45.65 -86.26 -125.14
CA PHE D 63 44.95 -84.99 -125.27
C PHE D 63 44.37 -84.81 -126.66
N ASP D 64 45.12 -85.18 -127.69
CA ASP D 64 44.80 -84.78 -129.06
C ASP D 64 43.87 -85.76 -129.76
N GLY D 65 43.46 -86.83 -129.08
CA GLY D 65 42.45 -87.72 -129.61
C GLY D 65 42.87 -89.17 -129.79
N ASP D 66 44.15 -89.49 -129.56
CA ASP D 66 44.60 -90.86 -129.76
C ASP D 66 44.01 -91.79 -128.70
N VAL D 67 43.92 -93.07 -129.05
CA VAL D 67 43.51 -94.12 -128.15
C VAL D 67 44.45 -95.30 -128.36
N PHE D 68 44.88 -95.92 -127.28
CA PHE D 68 45.62 -97.16 -127.44
C PHE D 68 45.57 -97.94 -126.14
N ARG D 69 45.66 -99.25 -126.27
CA ARG D 69 45.70 -100.14 -125.12
C ARG D 69 47.15 -100.38 -124.74
N PHE D 70 47.43 -100.35 -123.45
CA PHE D 70 48.79 -100.59 -123.01
C PHE D 70 48.73 -101.32 -121.68
N PRO D 71 48.98 -102.62 -121.65
CA PRO D 71 48.78 -103.42 -120.44
C PRO D 71 49.94 -103.35 -119.46
N GLY D 72 50.47 -102.16 -119.23
CA GLY D 72 51.52 -102.01 -118.25
C GLY D 72 51.03 -102.28 -116.85
N LEU D 73 51.97 -102.62 -115.97
CA LEU D 73 51.59 -102.93 -114.59
C LEU D 73 52.57 -102.35 -113.58
N CYS D 74 53.27 -101.27 -113.91
CA CYS D 74 54.16 -100.59 -112.98
C CYS D 74 53.73 -99.13 -112.83
N ASN D 75 54.55 -98.35 -112.16
CA ASN D 75 54.33 -96.91 -112.12
C ASN D 75 54.73 -96.29 -113.44
N TYR D 76 53.98 -95.29 -113.88
CA TYR D 76 54.24 -94.63 -115.14
C TYR D 76 54.02 -93.15 -115.00
N VAL D 77 54.72 -92.37 -115.82
CA VAL D 77 54.52 -90.92 -115.84
C VAL D 77 53.26 -90.68 -116.67
N PHE D 78 52.12 -90.59 -116.01
CA PHE D 78 50.88 -90.39 -116.73
C PHE D 78 50.81 -89.01 -117.37
N SER D 79 51.46 -88.02 -116.77
CA SER D 79 51.65 -86.72 -117.40
C SER D 79 52.58 -85.91 -116.51
N GLU D 80 53.24 -84.92 -117.10
CA GLU D 80 54.27 -84.18 -116.39
C GLU D 80 54.65 -82.95 -117.20
N HIS D 81 54.84 -81.84 -116.50
CA HIS D 81 55.36 -80.63 -117.14
C HIS D 81 56.85 -80.81 -117.30
N CYS D 82 57.28 -81.18 -118.51
CA CYS D 82 58.68 -81.56 -118.73
C CYS D 82 59.36 -80.76 -119.83
N ARG D 83 58.70 -79.76 -120.40
CA ARG D 83 59.41 -78.88 -121.33
C ARG D 83 59.37 -77.45 -120.79
N ALA D 84 59.66 -77.29 -119.50
CA ALA D 84 59.71 -75.99 -118.86
C ALA D 84 60.91 -75.92 -117.94
N ALA D 85 61.38 -74.71 -117.69
CA ALA D 85 62.50 -74.52 -116.78
C ALA D 85 62.14 -74.99 -115.37
N TYR D 86 60.91 -74.76 -114.95
CA TYR D 86 60.42 -75.21 -113.66
C TYR D 86 59.10 -75.96 -113.87
N GLU D 87 59.00 -77.16 -113.30
CA GLU D 87 57.84 -77.99 -113.56
C GLU D 87 56.68 -77.61 -112.64
N ASP D 88 55.47 -77.68 -113.18
CA ASP D 88 54.27 -77.34 -112.44
C ASP D 88 53.50 -78.53 -111.92
N PHE D 89 53.47 -79.64 -112.65
CA PHE D 89 52.68 -80.79 -112.25
C PHE D 89 53.43 -82.05 -112.64
N ASN D 90 53.23 -83.11 -111.85
CA ASN D 90 53.83 -84.40 -112.14
C ASN D 90 52.87 -85.46 -111.63
N VAL D 91 51.98 -85.92 -112.50
CA VAL D 91 50.95 -86.88 -112.14
C VAL D 91 51.34 -88.24 -112.69
N GLN D 92 51.37 -89.24 -111.82
CA GLN D 92 51.80 -90.58 -112.18
C GLN D 92 50.74 -91.59 -111.76
N LEU D 93 50.65 -92.66 -112.53
CA LEU D 93 49.69 -93.73 -112.28
C LEU D 93 50.41 -95.04 -112.02
N ARG D 94 49.81 -95.87 -111.18
CA ARG D 94 50.22 -97.25 -111.02
C ARG D 94 49.01 -98.13 -111.29
N ARG D 95 49.14 -99.07 -112.22
CA ARG D 95 48.05 -99.90 -112.65
C ARG D 95 48.28 -101.33 -112.18
N GLY D 96 47.25 -101.91 -111.56
CA GLY D 96 47.36 -103.25 -111.01
C GLY D 96 46.16 -104.13 -111.29
N LEU D 97 46.13 -105.28 -110.61
CA LEU D 97 45.10 -106.29 -110.81
C LEU D 97 44.29 -106.47 -109.53
N VAL D 98 42.97 -106.51 -109.67
CA VAL D 98 42.11 -106.94 -108.58
C VAL D 98 41.51 -108.28 -108.99
N GLY D 99 42.18 -109.36 -108.59
CA GLY D 99 41.81 -110.70 -109.00
C GLY D 99 42.13 -110.90 -110.46
N SER D 100 41.34 -110.25 -111.31
CA SER D 100 41.65 -110.10 -112.73
C SER D 100 41.33 -108.73 -113.28
N ARG D 101 40.58 -107.90 -112.56
CA ARG D 101 40.12 -106.64 -113.10
C ARG D 101 41.28 -105.64 -113.20
N PRO D 102 41.48 -105.01 -114.34
CA PRO D 102 42.47 -103.92 -114.42
C PRO D 102 42.00 -102.71 -113.62
N VAL D 103 42.83 -102.27 -112.68
CA VAL D 103 42.51 -101.14 -111.83
C VAL D 103 43.70 -100.20 -111.75
N VAL D 104 43.44 -99.02 -111.20
CA VAL D 104 44.50 -98.09 -110.81
C VAL D 104 44.63 -98.18 -109.29
N THR D 105 45.83 -98.54 -108.83
CA THR D 105 46.03 -98.78 -107.41
C THR D 105 46.64 -97.59 -106.68
N ARG D 106 47.24 -96.64 -107.37
CA ARG D 106 47.89 -95.52 -106.71
C ARG D 106 48.16 -94.42 -107.71
N VAL D 107 47.77 -93.20 -107.36
CA VAL D 107 48.07 -92.00 -108.14
C VAL D 107 48.93 -91.10 -107.26
N VAL D 108 49.96 -90.51 -107.85
CA VAL D 108 50.82 -89.59 -107.11
C VAL D 108 50.92 -88.31 -107.93
N ILE D 109 50.17 -87.29 -107.52
CA ILE D 109 50.17 -85.99 -108.18
C ILE D 109 51.10 -85.09 -107.40
N LYS D 110 52.14 -84.62 -108.06
CA LYS D 110 53.07 -83.65 -107.50
C LYS D 110 52.86 -82.34 -108.25
N ALA D 111 52.56 -81.27 -107.51
CA ALA D 111 52.26 -80.00 -108.15
C ALA D 111 52.60 -78.87 -107.20
N GLN D 112 53.59 -78.06 -107.60
CA GLN D 112 53.88 -76.78 -106.95
C GLN D 112 54.25 -77.01 -105.47
N GLY D 113 54.98 -78.08 -105.21
CA GLY D 113 55.37 -78.40 -103.85
C GLY D 113 54.35 -79.17 -103.06
N LEU D 114 53.25 -79.58 -103.66
CA LEU D 114 52.24 -80.37 -102.99
C LEU D 114 52.29 -81.80 -103.51
N VAL D 115 52.29 -82.76 -102.59
CA VAL D 115 52.34 -84.18 -102.93
C VAL D 115 51.01 -84.80 -102.51
N LEU D 116 50.38 -85.52 -103.45
CA LEU D 116 49.03 -86.04 -103.26
C LEU D 116 49.01 -87.49 -103.71
N GLU D 117 48.94 -88.42 -102.76
CA GLU D 117 49.01 -89.84 -103.04
C GLU D 117 47.65 -90.47 -102.75
N ALA D 118 46.92 -90.83 -103.80
CA ALA D 118 45.61 -91.46 -103.67
C ALA D 118 45.77 -92.96 -103.87
N SER D 119 45.41 -93.74 -102.86
CA SER D 119 45.53 -95.19 -102.94
C SER D 119 44.74 -95.79 -101.78
N ASN D 120 44.25 -97.01 -101.99
CA ASN D 120 43.56 -97.75 -100.93
C ASN D 120 42.37 -96.95 -100.40
N GLY D 121 41.68 -96.25 -101.31
CA GLY D 121 40.50 -95.50 -100.94
C GLY D 121 40.81 -94.33 -100.04
N SER D 122 42.08 -94.04 -99.85
CA SER D 122 42.55 -93.01 -98.94
C SER D 122 43.40 -92.02 -99.71
N VAL D 123 43.53 -90.82 -99.15
CA VAL D 123 44.26 -89.73 -99.76
C VAL D 123 45.32 -89.25 -98.77
N LEU D 124 46.55 -89.11 -99.25
CA LEU D 124 47.65 -88.58 -98.46
C LEU D 124 48.02 -87.22 -99.04
N ILE D 125 47.94 -86.19 -98.20
CA ILE D 125 48.27 -84.83 -98.61
C ILE D 125 49.58 -84.46 -97.93
N ASN D 126 50.64 -84.32 -98.71
CA ASN D 126 51.97 -84.00 -98.20
C ASN D 126 52.38 -84.98 -97.11
N GLY D 127 52.00 -86.24 -97.27
CA GLY D 127 52.40 -87.28 -96.35
C GLY D 127 51.45 -87.54 -95.20
N GLN D 128 50.40 -86.73 -95.04
CA GLN D 128 49.45 -86.89 -93.95
C GLN D 128 48.08 -87.25 -94.51
N ARG D 129 47.46 -88.26 -93.93
CA ARG D 129 46.09 -88.60 -94.29
C ARG D 129 45.16 -87.46 -93.96
N GLU D 130 44.21 -87.18 -94.86
CA GLU D 130 43.25 -86.11 -94.65
C GLU D 130 41.85 -86.61 -94.95
N GLU D 131 40.88 -86.04 -94.24
CA GLU D 131 39.48 -86.40 -94.44
C GLU D 131 38.87 -85.54 -95.54
N LEU D 132 38.14 -86.18 -96.42
CA LEU D 132 37.55 -85.46 -97.54
C LEU D 132 36.41 -84.58 -97.05
N PRO D 133 36.18 -83.41 -97.66
CA PRO D 133 37.03 -82.75 -98.65
C PRO D 133 38.14 -81.97 -97.97
N TYR D 134 39.27 -81.77 -98.64
CA TYR D 134 40.39 -81.03 -98.09
C TYR D 134 40.66 -79.86 -99.03
N SER D 135 40.59 -78.64 -98.50
CA SER D 135 40.65 -77.46 -99.34
C SER D 135 41.69 -76.48 -98.79
N ARG D 136 42.38 -75.82 -99.71
CA ARG D 136 43.40 -74.83 -99.41
CA ARG D 136 43.33 -74.78 -99.37
C ARG D 136 43.48 -73.88 -100.58
N THR D 137 44.22 -72.79 -100.40
CA THR D 137 44.33 -71.81 -101.48
C THR D 137 44.81 -72.47 -102.76
N GLY D 138 43.93 -72.49 -103.76
CA GLY D 138 44.25 -73.04 -105.06
C GLY D 138 44.06 -74.53 -105.20
N LEU D 139 43.86 -75.26 -104.11
CA LEU D 139 43.73 -76.71 -104.12
C LEU D 139 42.42 -77.11 -103.48
N LEU D 140 41.73 -78.09 -104.07
CA LEU D 140 40.65 -78.74 -103.33
C LEU D 140 40.44 -80.15 -103.83
N VAL D 141 40.33 -81.07 -102.87
CA VAL D 141 40.12 -82.49 -103.15
C VAL D 141 38.81 -82.90 -102.49
N GLU D 142 37.98 -83.63 -103.24
CA GLU D 142 36.65 -83.94 -102.76
C GLU D 142 36.25 -85.34 -103.21
N GLN D 143 35.25 -85.87 -102.51
CA GLN D 143 34.57 -87.13 -102.85
C GLN D 143 33.34 -86.85 -103.71
N SER D 144 33.40 -85.81 -104.54
CA SER D 144 32.24 -85.38 -105.31
C SER D 144 31.69 -86.51 -106.16
N GLY D 145 30.39 -86.74 -106.05
CA GLY D 145 29.77 -87.78 -106.86
C GLY D 145 30.35 -89.15 -106.55
N ASP D 146 30.72 -89.87 -107.61
CA ASP D 146 31.16 -91.25 -107.51
C ASP D 146 32.68 -91.37 -107.45
N TYR D 147 33.40 -90.28 -107.42
CA TYR D 147 34.83 -90.25 -107.72
C TYR D 147 35.60 -89.62 -106.57
N ILE D 148 36.88 -89.39 -106.82
CA ILE D 148 37.71 -88.47 -106.04
C ILE D 148 38.27 -87.47 -107.02
N LYS D 149 37.95 -86.20 -106.81
CA LYS D 149 38.36 -85.14 -107.73
C LYS D 149 39.32 -84.21 -107.03
N VAL D 150 40.48 -84.00 -107.63
CA VAL D 150 41.51 -83.11 -107.12
C VAL D 150 41.67 -81.99 -108.13
N SER D 151 41.26 -80.78 -107.77
CA SER D 151 41.40 -79.64 -108.66
C SER D 151 42.43 -78.70 -108.08
N ILE D 152 43.50 -78.47 -108.83
CA ILE D 152 44.55 -77.53 -108.48
C ILE D 152 44.37 -76.34 -109.42
N ARG D 153 43.72 -75.30 -108.92
CA ARG D 153 43.17 -74.24 -109.76
C ARG D 153 44.28 -73.58 -110.57
N LEU D 154 43.99 -73.32 -111.85
CA LEU D 154 44.94 -72.95 -112.90
C LEU D 154 45.98 -74.01 -113.23
N VAL D 155 45.91 -75.20 -112.64
CA VAL D 155 46.88 -76.23 -113.02
C VAL D 155 46.17 -77.43 -113.64
N LEU D 156 45.32 -78.10 -112.88
CA LEU D 156 44.81 -79.36 -113.38
C LEU D 156 43.51 -79.74 -112.67
N THR D 157 42.84 -80.72 -113.25
CA THR D 157 41.59 -81.26 -112.72
C THR D 157 41.67 -82.77 -112.90
N PHE D 158 41.83 -83.50 -111.82
CA PHE D 158 42.07 -84.94 -111.85
C PHE D 158 40.89 -85.65 -111.24
N LEU D 159 40.14 -86.39 -112.06
CA LEU D 159 39.06 -87.24 -111.57
C LEU D 159 39.55 -88.67 -111.51
N TRP D 160 39.22 -89.37 -110.43
CA TRP D 160 39.64 -90.75 -110.25
C TRP D 160 38.46 -91.54 -109.68
N ASN D 161 37.87 -92.40 -110.50
CA ASN D 161 36.67 -93.10 -110.07
C ASN D 161 36.91 -94.01 -108.88
N GLY D 162 38.16 -94.34 -108.60
CA GLY D 162 38.49 -95.18 -107.49
C GLY D 162 38.98 -96.57 -107.87
N GLU D 163 38.51 -97.12 -108.99
CA GLU D 163 38.99 -98.43 -109.42
C GLU D 163 39.73 -98.36 -110.75
N ASP D 164 39.10 -97.89 -111.82
CA ASP D 164 39.68 -98.04 -113.15
C ASP D 164 39.82 -96.73 -113.92
N SER D 165 38.86 -95.81 -113.81
CA SER D 165 38.92 -94.61 -114.62
C SER D 165 39.79 -93.54 -113.95
N ALA D 166 40.32 -92.64 -114.78
CA ALA D 166 41.09 -91.51 -114.30
C ALA D 166 41.25 -90.52 -115.43
N LEU D 167 40.87 -89.27 -115.19
CA LEU D 167 40.76 -88.29 -116.26
C LEU D 167 41.46 -87.00 -115.83
N LEU D 168 42.22 -86.40 -116.74
CA LEU D 168 42.96 -85.19 -116.48
C LEU D 168 42.49 -84.08 -117.41
N GLU D 169 42.12 -82.95 -116.81
CA GLU D 169 41.91 -81.70 -117.53
C GLU D 169 43.09 -80.78 -117.22
N LEU D 170 43.68 -80.20 -118.25
CA LEU D 170 44.85 -79.35 -118.07
C LEU D 170 44.58 -77.96 -118.62
N ASP D 171 45.30 -76.99 -118.10
CA ASP D 171 45.14 -75.62 -118.56
C ASP D 171 45.60 -75.50 -120.00
N PRO D 172 45.08 -74.54 -120.75
CA PRO D 172 45.59 -74.33 -122.12
C PRO D 172 47.02 -73.85 -122.16
N LYS D 173 47.56 -73.32 -121.07
CA LYS D 173 48.92 -72.79 -121.11
C LYS D 173 49.97 -73.88 -121.00
N TYR D 174 49.57 -75.13 -120.84
CA TYR D 174 50.48 -76.27 -120.77
C TYR D 174 50.64 -76.97 -122.10
N ALA D 175 50.23 -76.33 -123.19
CA ALA D 175 50.38 -76.93 -124.50
C ALA D 175 51.86 -77.09 -124.84
N ASN D 176 52.21 -78.24 -125.40
CA ASN D 176 53.53 -78.48 -125.97
C ASN D 176 54.62 -78.61 -124.91
N GLN D 177 54.29 -78.39 -123.63
CA GLN D 177 55.27 -78.47 -122.57
C GLN D 177 55.08 -79.69 -121.67
N THR D 178 54.17 -80.58 -122.01
CA THR D 178 53.96 -81.78 -121.22
C THR D 178 54.49 -82.99 -121.96
N CYS D 179 54.73 -84.06 -121.20
CA CYS D 179 55.15 -85.32 -121.80
C CYS D 179 54.81 -86.46 -120.86
N GLY D 180 54.28 -87.51 -121.42
CA GLY D 180 53.74 -88.60 -120.67
C GLY D 180 52.70 -89.32 -121.49
N LEU D 181 52.10 -90.34 -120.90
CA LEU D 181 51.12 -91.14 -121.62
C LEU D 181 50.02 -90.28 -122.20
N CYS D 182 49.69 -89.17 -121.55
CA CYS D 182 48.67 -88.25 -122.04
C CYS D 182 49.13 -87.47 -123.26
N GLY D 183 50.40 -87.58 -123.65
CA GLY D 183 50.83 -86.98 -124.90
C GLY D 183 51.58 -85.69 -124.73
N ASP D 184 51.57 -84.83 -125.75
CA ASP D 184 52.30 -83.56 -125.67
C ASP D 184 51.41 -82.34 -125.67
N PHE D 185 50.10 -82.46 -125.90
CA PHE D 185 49.18 -81.32 -125.86
C PHE D 185 49.51 -80.27 -126.92
N ASN D 186 50.09 -80.71 -128.04
CA ASN D 186 50.34 -79.83 -129.16
C ASN D 186 49.17 -79.76 -130.13
N GLY D 187 48.15 -80.58 -129.93
CA GLY D 187 46.96 -80.59 -130.75
C GLY D 187 46.99 -81.53 -131.92
N LEU D 188 48.15 -82.09 -132.26
CA LEU D 188 48.26 -82.98 -133.41
C LEU D 188 48.27 -84.41 -132.93
N PRO D 189 47.19 -85.16 -133.14
CA PRO D 189 47.08 -86.49 -132.52
C PRO D 189 48.03 -87.51 -133.10
N ALA D 190 47.97 -87.71 -134.41
CA ALA D 190 48.49 -88.91 -135.02
C ALA D 190 49.96 -88.83 -135.42
N PHE D 191 50.67 -87.75 -135.07
CA PHE D 191 51.94 -87.55 -135.75
C PHE D 191 53.08 -87.33 -134.76
N ASN D 192 52.81 -86.90 -133.53
CA ASN D 192 53.95 -86.49 -132.72
C ASN D 192 54.10 -87.20 -131.39
N GLU D 193 53.17 -88.10 -131.03
CA GLU D 193 53.32 -88.82 -129.78
C GLU D 193 54.27 -90.00 -129.91
N PHE D 194 54.36 -90.58 -131.11
CA PHE D 194 55.02 -91.86 -131.33
C PHE D 194 56.16 -91.75 -132.33
N TYR D 195 57.02 -90.76 -132.16
CA TYR D 195 58.21 -90.60 -132.98
C TYR D 195 59.40 -90.32 -132.07
N ALA D 196 60.02 -91.39 -131.59
CA ALA D 196 61.18 -91.29 -130.70
C ALA D 196 62.42 -91.21 -131.57
N HIS D 197 62.96 -90.00 -131.72
CA HIS D 197 64.07 -89.75 -132.63
C HIS D 197 63.77 -90.28 -134.03
N ASN D 198 62.68 -89.79 -134.61
CA ASN D 198 62.27 -90.01 -136.00
C ASN D 198 61.93 -91.46 -136.30
N ALA D 199 61.60 -92.26 -135.29
CA ALA D 199 61.16 -93.64 -135.47
C ALA D 199 59.79 -93.83 -134.83
N ARG D 200 58.91 -94.55 -135.51
CA ARG D 200 57.55 -94.72 -135.03
C ARG D 200 57.45 -95.93 -134.10
N LEU D 201 56.74 -95.77 -132.98
CA LEU D 201 56.65 -96.82 -131.97
C LEU D 201 55.25 -97.41 -131.89
N THR D 202 55.20 -98.64 -131.39
CA THR D 202 53.97 -99.33 -131.02
C THR D 202 53.53 -98.86 -129.63
N PRO D 203 52.24 -98.96 -129.31
CA PRO D 203 51.80 -98.48 -127.99
C PRO D 203 52.48 -99.17 -126.84
N LEU D 204 52.88 -100.43 -127.00
CA LEU D 204 53.64 -101.09 -125.95
C LEU D 204 54.97 -100.39 -125.72
N GLN D 205 55.70 -100.11 -126.80
CA GLN D 205 56.96 -99.39 -126.67
C GLN D 205 56.74 -97.99 -126.13
N PHE D 206 55.70 -97.31 -126.62
CA PHE D 206 55.44 -95.94 -126.16
C PHE D 206 55.18 -95.91 -124.67
N GLY D 207 54.29 -96.76 -124.19
CA GLY D 207 54.03 -96.80 -122.76
C GLY D 207 55.23 -97.29 -121.97
N ASN D 208 56.12 -98.05 -122.60
CA ASN D 208 57.33 -98.47 -121.90
C ASN D 208 58.36 -97.35 -121.81
N LEU D 209 58.35 -96.40 -122.75
CA LEU D 209 59.24 -95.25 -122.61
C LEU D 209 58.89 -94.42 -121.39
N GLN D 210 57.61 -94.16 -121.17
CA GLN D 210 57.17 -93.37 -120.03
C GLN D 210 57.05 -94.24 -118.79
N LYS D 211 58.13 -94.93 -118.44
CA LYS D 211 58.15 -95.83 -117.29
C LYS D 211 59.05 -95.24 -116.20
N LEU D 212 58.78 -95.61 -114.95
CA LEU D 212 59.49 -95.06 -113.81
C LEU D 212 59.49 -96.11 -112.70
N ASP D 213 60.64 -96.71 -112.45
CA ASP D 213 60.70 -97.74 -111.43
C ASP D 213 60.74 -97.12 -110.04
N GLY D 214 60.43 -97.94 -109.03
CA GLY D 214 60.62 -97.53 -107.67
C GLY D 214 62.09 -97.48 -107.34
N PRO D 215 62.44 -96.95 -106.16
CA PRO D 215 63.85 -96.92 -105.77
C PRO D 215 64.48 -98.29 -105.69
N THR D 216 63.72 -99.30 -105.25
CA THR D 216 64.23 -100.65 -105.08
C THR D 216 63.40 -101.66 -105.86
N GLU D 217 62.71 -101.21 -106.90
CA GLU D 217 61.80 -102.06 -107.65
C GLU D 217 62.25 -102.17 -109.10
N GLN D 218 62.13 -103.38 -109.65
CA GLN D 218 62.44 -103.66 -111.05
C GLN D 218 61.22 -104.35 -111.65
N CYS D 219 60.27 -103.56 -112.12
CA CYS D 219 59.04 -104.11 -112.69
C CYS D 219 59.26 -104.45 -114.16
N PRO D 220 58.78 -105.59 -114.62
CA PRO D 220 59.00 -105.98 -116.02
C PRO D 220 58.13 -105.17 -116.98
N ASP D 221 58.19 -105.52 -118.24
CA ASP D 221 57.31 -104.93 -119.23
C ASP D 221 56.28 -105.94 -119.68
N PRO D 222 55.06 -105.50 -120.01
CA PRO D 222 54.03 -106.44 -120.46
C PRO D 222 54.34 -106.96 -121.86
N LEU D 223 54.52 -108.27 -121.96
CA LEU D 223 54.74 -108.87 -123.27
C LEU D 223 53.47 -108.76 -124.10
N PRO D 224 53.60 -108.58 -125.42
CA PRO D 224 52.44 -108.25 -126.25
C PRO D 224 51.34 -109.29 -126.13
N LEU D 225 50.11 -108.81 -126.04
CA LEU D 225 48.96 -109.71 -125.98
C LEU D 225 48.75 -110.33 -127.36
N PRO D 226 48.54 -111.65 -127.43
CA PRO D 226 48.25 -112.28 -128.73
C PRO D 226 46.95 -111.78 -129.34
N ALA D 227 46.61 -112.30 -130.52
CA ALA D 227 45.46 -111.82 -131.26
C ALA D 227 44.18 -111.93 -130.43
N GLY D 228 43.19 -111.11 -130.79
CA GLY D 228 41.91 -111.09 -130.14
C GLY D 228 40.90 -112.03 -130.78
N ASN D 229 39.68 -111.96 -130.27
CA ASN D 229 38.57 -112.80 -130.69
C ASN D 229 37.28 -112.01 -130.49
N CYS D 230 36.16 -112.73 -130.43
CA CYS D 230 34.87 -112.19 -130.01
C CYS D 230 34.35 -111.13 -130.99
N THR D 231 34.97 -109.95 -130.96
CA THR D 231 34.42 -108.76 -131.61
C THR D 231 32.99 -108.52 -131.13
N ASP D 232 32.23 -107.71 -131.85
CA ASP D 232 30.87 -107.38 -131.45
C ASP D 232 29.88 -108.26 -132.21
N GLU D 233 29.77 -109.51 -131.76
CA GLU D 233 28.91 -110.47 -132.45
C GLU D 233 27.43 -110.10 -132.26
N GLU D 234 27.00 -109.85 -131.03
CA GLU D 234 25.62 -109.47 -130.78
C GLU D 234 25.32 -108.05 -131.22
N GLY D 235 26.34 -107.25 -131.51
CA GLY D 235 26.12 -105.88 -131.95
C GLY D 235 25.84 -104.89 -130.86
N ILE D 236 26.14 -105.23 -129.60
CA ILE D 236 25.79 -104.34 -128.49
C ILE D 236 26.55 -103.02 -128.59
N CYS D 237 27.85 -103.09 -128.89
CA CYS D 237 28.65 -101.87 -128.99
C CYS D 237 28.12 -100.97 -130.10
N HIS D 238 27.87 -101.55 -131.28
CA HIS D 238 27.35 -100.75 -132.38
C HIS D 238 25.94 -100.25 -132.08
N ARG D 239 25.10 -101.10 -131.51
CA ARG D 239 23.71 -100.70 -131.25
C ARG D 239 23.65 -99.55 -130.27
N THR D 240 24.47 -99.59 -129.22
CA THR D 240 24.43 -98.54 -128.20
C THR D 240 25.18 -97.29 -128.66
N LEU D 241 26.47 -97.45 -129.01
CA LEU D 241 27.29 -96.30 -129.35
C LEU D 241 26.74 -95.54 -130.55
N LEU D 242 26.27 -96.27 -131.55
CA LEU D 242 25.66 -95.63 -132.72
C LEU D 242 24.17 -95.39 -132.52
N GLY D 243 23.63 -95.72 -131.34
CA GLY D 243 22.23 -95.54 -131.08
C GLY D 243 21.87 -94.08 -130.90
N PRO D 244 20.64 -93.83 -130.44
CA PRO D 244 20.17 -92.44 -130.35
C PRO D 244 20.93 -91.61 -129.34
N ALA D 245 21.28 -92.20 -128.20
CA ALA D 245 21.76 -91.43 -127.05
C ALA D 245 22.93 -90.53 -127.42
N PHE D 246 23.95 -91.10 -128.05
CA PHE D 246 25.17 -90.37 -128.36
C PHE D 246 25.13 -89.75 -129.75
N ALA D 247 23.92 -89.44 -130.25
CA ALA D 247 23.78 -88.94 -131.62
C ALA D 247 24.70 -87.78 -131.89
N GLU D 248 24.51 -86.67 -131.18
CA GLU D 248 25.38 -85.51 -131.36
C GLU D 248 26.81 -85.78 -130.94
N CYS D 249 27.04 -86.80 -130.10
CA CYS D 249 28.40 -87.19 -129.78
C CYS D 249 29.14 -87.67 -131.02
N HIS D 250 28.42 -88.26 -131.97
CA HIS D 250 29.04 -88.64 -133.24
C HIS D 250 29.56 -87.42 -133.99
N ALA D 251 29.05 -86.23 -133.67
CA ALA D 251 29.49 -85.01 -134.33
C ALA D 251 30.74 -84.41 -133.70
N LEU D 252 31.17 -84.91 -132.55
CA LEU D 252 32.33 -84.34 -131.85
C LEU D 252 33.45 -85.35 -131.67
N VAL D 253 33.15 -86.55 -131.20
CA VAL D 253 34.16 -87.56 -130.88
C VAL D 253 33.87 -88.79 -131.73
N ASP D 254 34.88 -89.23 -132.48
CA ASP D 254 34.73 -90.45 -133.27
C ASP D 254 34.72 -91.67 -132.37
N SER D 255 33.87 -92.64 -132.72
CA SER D 255 33.61 -93.79 -131.88
C SER D 255 34.40 -95.03 -132.29
N THR D 256 35.20 -94.95 -133.35
CA THR D 256 35.85 -96.14 -133.89
C THR D 256 36.70 -96.85 -132.82
N ALA D 257 37.60 -96.09 -132.19
CA ALA D 257 38.43 -96.68 -131.15
C ALA D 257 37.60 -97.13 -129.97
N TYR D 258 36.54 -96.40 -129.66
CA TYR D 258 35.66 -96.80 -128.56
C TYR D 258 34.89 -98.07 -128.92
N LEU D 259 34.47 -98.19 -130.18
CA LEU D 259 33.84 -99.44 -130.61
C LEU D 259 34.81 -100.62 -130.45
N ALA D 260 36.05 -100.43 -130.88
CA ALA D 260 37.05 -101.48 -130.75
C ALA D 260 37.28 -101.83 -129.29
N ALA D 261 37.36 -100.82 -128.42
CA ALA D 261 37.59 -101.07 -127.01
C ALA D 261 36.40 -101.78 -126.37
N CYS D 262 35.18 -101.43 -126.79
CA CYS D 262 34.01 -102.13 -126.28
C CYS D 262 34.05 -103.60 -126.68
N ALA D 263 34.42 -103.88 -127.93
CA ALA D 263 34.55 -105.27 -128.34
C ALA D 263 35.64 -105.99 -127.55
N GLN D 264 36.78 -105.32 -127.35
CA GLN D 264 37.88 -105.94 -126.62
C GLN D 264 37.49 -106.21 -125.17
N ASP D 265 36.74 -105.31 -124.55
CA ASP D 265 36.24 -105.56 -123.20
C ASP D 265 35.22 -106.69 -123.20
N LEU D 266 34.40 -106.77 -124.25
CA LEU D 266 33.54 -107.94 -124.40
C LEU D 266 34.36 -109.23 -124.39
N CYS D 267 35.56 -109.19 -124.96
CA CYS D 267 36.45 -110.36 -124.86
C CYS D 267 36.78 -110.65 -123.41
N ARG D 268 36.88 -109.62 -122.58
CA ARG D 268 37.07 -109.80 -121.15
C ARG D 268 35.70 -110.08 -120.53
N CYS D 269 35.58 -109.92 -119.22
CA CYS D 269 34.38 -110.32 -118.50
C CYS D 269 33.14 -109.66 -119.12
N PRO D 270 31.98 -110.31 -119.07
CA PRO D 270 30.79 -109.67 -119.57
C PRO D 270 29.94 -108.95 -118.52
N THR D 271 30.50 -108.55 -117.38
CA THR D 271 29.90 -107.52 -116.56
C THR D 271 30.67 -106.21 -116.64
N CYS D 272 31.74 -106.17 -117.44
CA CYS D 272 32.59 -104.99 -117.57
C CYS D 272 32.73 -104.50 -119.01
N PRO D 273 31.64 -104.41 -119.79
CA PRO D 273 31.76 -103.79 -121.10
C PRO D 273 31.30 -102.34 -121.13
N CYS D 274 30.70 -101.87 -120.03
CA CYS D 274 30.14 -100.52 -120.00
C CYS D 274 31.17 -99.46 -119.66
N ALA D 275 32.40 -99.86 -119.38
CA ALA D 275 33.44 -98.86 -119.11
C ALA D 275 33.67 -97.98 -120.32
N THR D 276 33.68 -98.57 -121.51
CA THR D 276 33.89 -97.76 -122.71
C THR D 276 32.72 -96.83 -122.96
N PHE D 277 31.49 -97.28 -122.70
CA PHE D 277 30.35 -96.39 -122.86
C PHE D 277 30.43 -95.23 -121.87
N VAL D 278 30.82 -95.52 -120.62
CA VAL D 278 30.99 -94.46 -119.63
C VAL D 278 32.03 -93.46 -120.10
N GLU D 279 33.16 -93.96 -120.62
CA GLU D 279 34.20 -93.07 -121.09
C GLU D 279 33.75 -92.25 -122.28
N TYR D 280 32.97 -92.85 -123.17
CA TYR D 280 32.46 -92.09 -124.31
C TYR D 280 31.50 -91.01 -123.84
N SER D 281 30.69 -91.31 -122.83
CA SER D 281 29.83 -90.29 -122.25
C SER D 281 30.66 -89.14 -121.70
N ARG D 282 31.72 -89.46 -120.95
CA ARG D 282 32.57 -88.42 -120.37
C ARG D 282 33.19 -87.57 -121.47
N GLN D 283 33.74 -88.22 -122.50
CA GLN D 283 34.40 -87.49 -123.58
C GLN D 283 33.41 -86.63 -124.36
N CYS D 284 32.23 -87.17 -124.66
CA CYS D 284 31.23 -86.39 -125.37
C CYS D 284 30.80 -85.19 -124.54
N ALA D 285 30.66 -85.36 -123.24
CA ALA D 285 30.32 -84.24 -122.38
C ALA D 285 31.44 -83.21 -122.35
N HIS D 286 32.69 -83.68 -122.41
CA HIS D 286 33.82 -82.75 -122.31
C HIS D 286 34.06 -81.98 -123.60
N ALA D 287 33.78 -82.58 -124.76
CA ALA D 287 33.88 -81.83 -126.00
C ALA D 287 32.85 -80.72 -126.05
N GLY D 288 31.68 -80.95 -125.47
CA GLY D 288 30.64 -79.94 -125.44
C GLY D 288 29.26 -80.49 -125.72
N GLY D 289 29.18 -81.64 -126.37
CA GLY D 289 27.91 -82.21 -126.74
C GLY D 289 27.13 -82.71 -125.55
N GLN D 290 25.84 -82.92 -125.76
CA GLN D 290 24.97 -83.37 -124.68
C GLN D 290 24.74 -84.87 -124.81
N PRO D 291 25.38 -85.69 -124.00
CA PRO D 291 25.05 -87.12 -124.01
C PRO D 291 23.65 -87.34 -123.47
N ARG D 292 23.01 -88.39 -123.96
CA ARG D 292 21.70 -88.78 -123.48
CA ARG D 292 21.69 -88.78 -123.51
C ARG D 292 21.78 -90.08 -122.71
N ASN D 293 20.76 -90.32 -121.89
CA ASN D 293 20.74 -91.48 -121.00
C ASN D 293 20.72 -92.75 -121.83
N TRP D 294 21.73 -93.59 -121.65
CA TRP D 294 21.80 -94.88 -122.31
C TRP D 294 21.58 -96.04 -121.36
N ARG D 295 21.73 -95.81 -120.06
CA ARG D 295 21.62 -96.87 -119.09
C ARG D 295 20.20 -97.39 -118.98
N CYS D 296 20.06 -98.70 -119.05
CA CYS D 296 18.81 -99.41 -118.86
C CYS D 296 19.05 -100.46 -117.79
N PRO D 297 17.99 -100.93 -117.11
CA PRO D 297 18.18 -101.84 -115.96
C PRO D 297 19.10 -103.02 -116.24
N GLU D 298 19.37 -103.30 -117.52
CA GLU D 298 20.32 -104.35 -117.87
C GLU D 298 21.68 -103.81 -118.28
N LEU D 299 21.75 -102.58 -118.80
CA LEU D 299 23.02 -102.02 -119.28
C LEU D 299 23.71 -101.30 -118.12
N CYS D 300 24.39 -102.09 -117.29
CA CYS D 300 25.10 -101.61 -116.11
C CYS D 300 24.23 -100.65 -115.31
N PRO D 301 23.18 -101.14 -114.66
CA PRO D 301 22.25 -100.24 -113.97
C PRO D 301 22.93 -99.51 -112.82
N ARG D 302 22.49 -98.28 -112.58
CA ARG D 302 22.99 -97.47 -111.50
C ARG D 302 21.85 -97.15 -110.54
N THR D 303 22.21 -96.83 -109.31
CA THR D 303 21.23 -96.49 -108.28
C THR D 303 21.63 -95.19 -107.62
N CYS D 304 20.63 -94.43 -107.21
CA CYS D 304 20.78 -93.16 -106.50
C CYS D 304 19.78 -93.13 -105.36
N PRO D 305 19.92 -92.18 -104.41
CA PRO D 305 18.97 -92.11 -103.29
C PRO D 305 17.52 -91.91 -103.70
N LEU D 306 16.62 -91.91 -102.72
CA LEU D 306 15.20 -91.95 -103.01
C LEU D 306 14.76 -90.73 -103.82
N ASN D 307 15.21 -89.53 -103.45
CA ASN D 307 14.85 -88.32 -104.16
C ASN D 307 15.84 -87.98 -105.26
N MET D 308 16.91 -88.75 -105.40
CA MET D 308 17.96 -88.46 -106.35
C MET D 308 17.93 -89.48 -107.48
N GLN D 309 17.95 -88.98 -108.71
CA GLN D 309 17.94 -89.81 -109.90
C GLN D 309 19.32 -89.85 -110.52
N HIS D 310 19.67 -91.00 -111.10
CA HIS D 310 20.97 -91.16 -111.73
C HIS D 310 20.86 -90.67 -113.17
N GLN D 311 21.55 -89.58 -113.48
CA GLN D 311 21.49 -88.95 -114.78
C GLN D 311 22.86 -88.96 -115.46
N GLU D 312 22.83 -89.12 -116.78
CA GLU D 312 23.93 -88.75 -117.65
C GLU D 312 23.64 -87.34 -118.17
N CYS D 313 24.64 -86.48 -118.13
CA CYS D 313 24.45 -85.07 -118.43
C CYS D 313 23.40 -84.42 -117.54
N GLY D 314 23.69 -84.33 -116.24
CA GLY D 314 23.00 -83.42 -115.37
C GLY D 314 23.87 -82.20 -115.12
N SER D 315 23.24 -81.10 -114.77
CA SER D 315 23.96 -79.87 -114.52
C SER D 315 24.92 -80.05 -113.35
N PRO D 316 26.20 -79.71 -113.51
CA PRO D 316 27.18 -80.01 -112.45
C PRO D 316 26.88 -79.33 -111.13
N CYS D 317 26.33 -78.12 -111.17
CA CYS D 317 26.08 -77.33 -109.98
C CYS D 317 24.66 -77.60 -109.51
N THR D 318 24.51 -78.57 -108.62
CA THR D 318 23.19 -78.94 -108.10
C THR D 318 22.67 -77.82 -107.22
N ASP D 319 21.60 -77.17 -107.67
CA ASP D 319 20.99 -76.12 -106.85
C ASP D 319 20.52 -76.72 -105.54
N THR D 320 20.78 -76.01 -104.46
CA THR D 320 20.47 -76.48 -103.11
C THR D 320 20.07 -75.30 -102.27
N CYS D 321 18.94 -75.39 -101.57
CA CYS D 321 18.32 -74.17 -101.03
C CYS D 321 19.20 -73.46 -100.01
N SER D 322 20.37 -74.01 -99.66
CA SER D 322 21.41 -73.17 -99.07
C SER D 322 21.86 -72.12 -100.08
N ASN D 323 22.05 -72.52 -101.34
CA ASN D 323 22.31 -71.61 -102.45
C ASN D 323 21.39 -72.00 -103.60
N PRO D 324 20.08 -71.82 -103.44
CA PRO D 324 19.12 -72.45 -104.36
C PRO D 324 19.23 -71.98 -105.79
N GLN D 325 20.12 -71.03 -106.08
CA GLN D 325 20.26 -70.50 -107.43
C GLN D 325 21.71 -70.58 -107.89
N ARG D 326 22.45 -71.56 -107.37
CA ARG D 326 23.82 -71.76 -107.82
C ARG D 326 23.87 -72.10 -109.30
N ALA D 327 22.87 -72.83 -109.78
CA ALA D 327 22.83 -73.28 -111.17
C ALA D 327 22.39 -72.20 -112.13
N GLN D 328 22.45 -70.92 -111.74
CA GLN D 328 21.95 -69.87 -112.61
C GLN D 328 22.89 -69.62 -113.78
N LEU D 329 24.11 -69.19 -113.51
CA LEU D 329 25.06 -68.80 -114.55
C LEU D 329 26.33 -69.62 -114.44
N CYS D 330 26.16 -70.93 -114.26
CA CYS D 330 27.30 -71.83 -114.16
C CYS D 330 28.03 -71.92 -115.49
N GLU D 331 29.31 -72.26 -115.40
CA GLU D 331 30.06 -72.70 -116.57
C GLU D 331 30.75 -73.99 -116.22
N ASP D 332 30.16 -75.10 -116.65
CA ASP D 332 30.70 -76.45 -116.64
C ASP D 332 29.76 -77.35 -117.45
N HIS D 333 30.33 -78.27 -118.22
CA HIS D 333 29.59 -79.08 -119.17
C HIS D 333 28.73 -80.09 -118.40
N CYS D 334 28.05 -80.96 -119.16
CA CYS D 334 27.35 -82.08 -118.55
C CYS D 334 28.26 -82.85 -117.62
N VAL D 335 27.69 -83.35 -116.52
CA VAL D 335 28.36 -84.30 -115.64
C VAL D 335 27.35 -85.36 -115.22
N ASP D 336 27.83 -86.59 -115.14
CA ASP D 336 27.01 -87.72 -114.70
C ASP D 336 26.95 -87.75 -113.18
N GLY D 337 25.87 -88.32 -112.65
CA GLY D 337 25.80 -88.57 -111.22
C GLY D 337 24.35 -88.54 -110.74
N CYS D 338 24.20 -88.40 -109.44
CA CYS D 338 22.89 -88.25 -108.83
C CYS D 338 22.45 -86.79 -108.93
N PHE D 339 21.16 -86.59 -109.17
CA PHE D 339 20.62 -85.25 -109.35
C PHE D 339 19.20 -85.20 -108.81
N CYS D 340 18.63 -84.06 -108.83
CA CYS D 340 17.29 -83.93 -108.28
C CYS D 340 16.28 -83.58 -109.36
N PRO D 341 15.05 -84.04 -109.23
CA PRO D 341 14.02 -83.63 -110.18
C PRO D 341 13.86 -82.13 -110.16
N PRO D 342 13.59 -81.51 -111.32
CA PRO D 342 13.56 -80.06 -111.39
C PRO D 342 12.53 -79.47 -110.44
N GLY D 343 12.90 -78.35 -109.81
CA GLY D 343 12.02 -77.71 -108.85
C GLY D 343 12.40 -77.93 -107.40
N THR D 344 12.83 -79.15 -107.06
CA THR D 344 13.14 -79.51 -105.68
C THR D 344 14.66 -79.57 -105.54
N VAL D 345 15.24 -78.48 -105.05
CA VAL D 345 16.69 -78.34 -104.91
C VAL D 345 17.21 -79.26 -103.82
N LEU D 346 18.52 -79.44 -103.75
CA LEU D 346 19.10 -80.34 -102.76
C LEU D 346 19.05 -79.70 -101.37
N ASP D 347 19.00 -80.56 -100.35
CA ASP D 347 19.04 -80.12 -98.96
C ASP D 347 20.37 -80.56 -98.36
N ASP D 348 21.36 -79.68 -98.38
CA ASP D 348 22.67 -79.97 -97.84
C ASP D 348 22.80 -79.56 -96.38
N ILE D 349 21.69 -79.14 -95.76
CA ILE D 349 21.75 -78.66 -94.38
C ILE D 349 21.46 -79.78 -93.39
N THR D 350 20.57 -80.70 -93.74
CA THR D 350 20.34 -81.88 -92.93
C THR D 350 20.36 -83.18 -93.75
N HIS D 351 20.52 -83.10 -95.07
CA HIS D 351 20.65 -84.27 -95.93
C HIS D 351 19.41 -85.14 -95.89
N SER D 352 18.25 -84.50 -96.05
CA SER D 352 16.98 -85.21 -96.20
C SER D 352 16.63 -85.48 -97.65
N GLY D 353 17.64 -85.57 -98.52
CA GLY D 353 17.38 -85.68 -99.94
C GLY D 353 16.97 -84.34 -100.53
N CYS D 354 16.64 -84.37 -101.81
CA CYS D 354 16.15 -83.16 -102.46
C CYS D 354 14.80 -82.78 -101.88
N LEU D 355 14.65 -81.52 -101.52
CA LEU D 355 13.46 -81.06 -100.84
C LEU D 355 12.85 -79.88 -101.58
N PRO D 356 11.54 -79.67 -101.45
CA PRO D 356 10.94 -78.48 -102.06
C PRO D 356 11.53 -77.22 -101.45
N LEU D 357 11.57 -76.17 -102.27
CA LEU D 357 12.25 -74.93 -101.86
C LEU D 357 11.66 -74.38 -100.57
N GLY D 358 10.35 -74.52 -100.38
CA GLY D 358 9.67 -73.97 -99.23
C GLY D 358 9.47 -74.90 -98.07
N GLN D 359 10.20 -76.02 -98.01
CA GLN D 359 10.13 -76.91 -96.86
C GLN D 359 11.51 -77.32 -96.38
N CYS D 360 12.52 -76.59 -96.74
CA CYS D 360 13.84 -76.99 -96.30
C CYS D 360 14.39 -76.01 -95.27
N PRO D 361 15.26 -76.47 -94.38
CA PRO D 361 15.59 -75.68 -93.19
C PRO D 361 16.38 -74.42 -93.51
N CYS D 362 16.59 -73.63 -92.47
CA CYS D 362 17.49 -72.50 -92.48
C CYS D 362 18.59 -72.75 -91.46
N THR D 363 19.66 -71.96 -91.56
CA THR D 363 20.80 -72.11 -90.66
C THR D 363 21.16 -70.74 -90.10
N HIS D 364 21.33 -70.67 -88.78
CA HIS D 364 21.81 -69.46 -88.13
C HIS D 364 22.84 -69.86 -87.07
N GLY D 365 24.09 -69.46 -87.28
CA GLY D 365 25.14 -69.72 -86.32
C GLY D 365 25.38 -71.19 -86.06
N GLY D 366 25.23 -72.02 -87.08
CA GLY D 366 25.33 -73.45 -86.91
C GLY D 366 24.10 -74.11 -86.34
N ARG D 367 23.02 -73.37 -86.13
CA ARG D 367 21.78 -73.92 -85.61
C ARG D 367 20.79 -74.12 -86.74
N THR D 368 20.14 -75.28 -86.75
CA THR D 368 19.21 -75.66 -87.80
C THR D 368 17.79 -75.26 -87.39
N TYR D 369 17.04 -74.69 -88.33
CA TYR D 369 15.71 -74.16 -88.07
C TYR D 369 14.77 -74.71 -89.12
N SER D 370 13.94 -75.68 -88.75
CA SER D 370 12.95 -76.19 -89.69
C SER D 370 12.02 -75.07 -90.12
N PRO D 371 11.71 -74.96 -91.40
CA PRO D 371 10.91 -73.82 -91.87
C PRO D 371 9.54 -73.80 -91.19
N GLY D 372 9.12 -72.61 -90.79
CA GLY D 372 8.04 -72.41 -89.85
C GLY D 372 8.51 -71.84 -88.53
N THR D 373 9.75 -72.12 -88.15
CA THR D 373 10.31 -71.60 -86.92
C THR D 373 10.75 -70.15 -87.09
N SER D 374 10.93 -69.49 -85.96
CA SER D 374 11.36 -68.09 -85.92
C SER D 374 12.46 -67.98 -84.87
N PHE D 375 13.21 -66.90 -84.95
CA PHE D 375 14.13 -66.56 -83.87
C PHE D 375 14.26 -65.04 -83.82
N ASN D 376 14.06 -64.47 -82.64
CA ASN D 376 14.10 -63.04 -82.46
C ASN D 376 15.38 -62.68 -81.73
N THR D 377 16.15 -61.76 -82.29
CA THR D 377 17.29 -61.21 -81.61
C THR D 377 16.82 -60.10 -80.67
N THR D 378 17.77 -59.40 -80.05
CA THR D 378 17.42 -58.22 -79.28
C THR D 378 16.86 -57.14 -80.19
N CYS D 379 17.39 -57.05 -81.42
CA CYS D 379 17.07 -55.95 -82.32
C CYS D 379 16.16 -56.35 -83.47
N SER D 380 16.04 -57.63 -83.80
CA SER D 380 15.21 -58.03 -84.93
C SER D 380 14.79 -59.48 -84.77
N SER D 381 13.71 -59.83 -85.47
CA SER D 381 13.18 -61.18 -85.50
C SER D 381 13.12 -61.68 -86.93
N CYS D 382 13.62 -62.90 -87.13
CA CYS D 382 13.71 -63.50 -88.46
C CYS D 382 13.06 -64.87 -88.44
N THR D 383 12.16 -65.10 -89.39
CA THR D 383 11.44 -66.35 -89.54
C THR D 383 12.04 -67.14 -90.70
N CYS D 384 12.13 -68.46 -90.54
CA CYS D 384 12.66 -69.31 -91.60
C CYS D 384 11.54 -69.65 -92.57
N SER D 385 11.48 -68.93 -93.69
CA SER D 385 10.41 -69.17 -94.65
C SER D 385 10.85 -68.70 -96.03
N GLY D 386 10.17 -69.24 -97.05
CA GLY D 386 10.51 -68.92 -98.42
C GLY D 386 11.89 -69.37 -98.83
N GLY D 387 12.45 -70.35 -98.13
CA GLY D 387 13.82 -70.74 -98.36
C GLY D 387 14.85 -69.74 -97.86
N LEU D 388 14.40 -68.68 -97.20
CA LEU D 388 15.29 -67.63 -96.71
C LEU D 388 14.90 -67.29 -95.28
N TRP D 389 15.53 -66.24 -94.75
CA TRP D 389 15.14 -65.64 -93.47
C TRP D 389 14.35 -64.37 -93.78
N GLN D 390 13.09 -64.35 -93.38
CA GLN D 390 12.26 -63.15 -93.48
C GLN D 390 12.43 -62.37 -92.19
N CYS D 391 13.11 -61.23 -92.27
CA CYS D 391 13.56 -60.49 -91.11
C CYS D 391 12.78 -59.18 -90.99
N GLN D 392 12.09 -59.00 -89.88
CA GLN D 392 11.56 -57.70 -89.47
C GLN D 392 12.34 -57.23 -88.26
N ASP D 393 12.23 -55.94 -87.97
CA ASP D 393 12.99 -55.34 -86.89
C ASP D 393 12.07 -54.93 -85.75
N LEU D 394 12.39 -55.36 -84.54
CA LEU D 394 11.79 -54.73 -83.39
C LEU D 394 12.51 -53.42 -83.11
N PRO D 395 11.79 -52.40 -82.63
CA PRO D 395 12.47 -51.13 -82.33
C PRO D 395 13.57 -51.32 -81.30
N CYS D 396 14.70 -50.67 -81.54
CA CYS D 396 15.90 -50.85 -80.72
C CYS D 396 16.38 -49.51 -80.21
N PRO D 397 16.43 -49.31 -78.90
CA PRO D 397 17.02 -48.08 -78.36
C PRO D 397 18.49 -48.01 -78.69
N GLY D 398 18.92 -46.89 -79.27
CA GLY D 398 20.32 -46.73 -79.59
C GLY D 398 21.18 -46.60 -78.35
N THR D 399 22.47 -46.87 -78.52
CA THR D 399 23.37 -46.95 -77.38
C THR D 399 24.71 -46.33 -77.74
N CYS D 400 25.01 -45.18 -77.15
CA CYS D 400 26.34 -44.61 -77.19
C CYS D 400 27.09 -45.00 -75.94
N SER D 401 28.41 -44.92 -76.02
CA SER D 401 29.18 -45.21 -74.82
C SER D 401 30.56 -44.62 -74.96
N VAL D 402 31.13 -44.21 -73.82
CA VAL D 402 32.52 -43.79 -73.73
C VAL D 402 33.19 -44.66 -72.70
N GLN D 403 34.18 -45.44 -73.14
CA GLN D 403 34.84 -46.43 -72.33
C GLN D 403 36.34 -46.18 -72.33
N GLY D 404 36.96 -46.38 -71.19
CA GLY D 404 38.38 -46.12 -71.04
C GLY D 404 38.75 -44.66 -71.01
N GLY D 405 37.77 -43.76 -70.92
CA GLY D 405 38.02 -42.35 -71.01
C GLY D 405 38.48 -41.86 -72.35
N ALA D 406 38.73 -42.73 -73.28
CA ALA D 406 39.20 -42.33 -74.60
C ALA D 406 38.36 -42.89 -75.73
N HIS D 407 37.89 -44.12 -75.63
CA HIS D 407 37.22 -44.77 -76.74
C HIS D 407 35.73 -44.44 -76.72
N ILE D 408 35.16 -44.27 -77.90
CA ILE D 408 33.76 -43.89 -78.04
C ILE D 408 33.12 -44.83 -79.05
N SER D 409 32.02 -45.44 -78.67
CA SER D 409 31.21 -46.26 -79.56
C SER D 409 29.89 -45.51 -79.76
N THR D 410 29.65 -45.01 -80.95
CA THR D 410 28.54 -44.11 -81.18
C THR D 410 27.25 -44.90 -81.39
N TYR D 411 26.18 -44.21 -81.75
CA TYR D 411 24.91 -44.87 -82.02
C TYR D 411 24.95 -45.68 -83.30
N ASP D 412 25.74 -45.24 -84.27
CA ASP D 412 25.97 -45.98 -85.50
C ASP D 412 27.07 -47.03 -85.33
N GLU D 413 27.52 -47.25 -84.09
CA GLU D 413 28.58 -48.21 -83.77
C GLU D 413 29.87 -47.92 -84.53
N LYS D 414 30.20 -46.64 -84.68
CA LYS D 414 31.47 -46.24 -85.28
C LYS D 414 32.48 -46.03 -84.18
N LEU D 415 33.14 -47.12 -83.78
CA LEU D 415 34.12 -47.03 -82.71
C LEU D 415 35.28 -46.14 -83.13
N TYR D 416 35.68 -45.23 -82.25
CA TYR D 416 36.80 -44.36 -82.55
C TYR D 416 37.45 -43.90 -81.25
N ASP D 417 38.73 -43.57 -81.31
CA ASP D 417 39.47 -43.16 -80.14
C ASP D 417 39.55 -41.65 -80.07
N LEU D 418 39.46 -41.13 -78.84
CA LEU D 418 39.47 -39.69 -78.60
C LEU D 418 40.37 -39.40 -77.41
N HIS D 419 41.53 -38.83 -77.67
CA HIS D 419 42.45 -38.38 -76.64
C HIS D 419 42.36 -36.86 -76.58
N GLY D 420 41.40 -36.36 -75.80
CA GLY D 420 41.18 -34.95 -75.68
C GLY D 420 41.12 -34.53 -74.23
N ASP D 421 41.26 -33.23 -74.01
CA ASP D 421 41.22 -32.63 -72.68
C ASP D 421 40.36 -31.39 -72.76
N CYS D 422 39.06 -31.57 -72.61
CA CYS D 422 38.09 -30.49 -72.65
C CYS D 422 36.75 -31.09 -72.23
N SER D 423 35.69 -30.30 -72.30
CA SER D 423 34.34 -30.79 -72.18
C SER D 423 33.76 -30.91 -73.58
N TYR D 424 33.29 -32.09 -73.93
CA TYR D 424 32.79 -32.35 -75.27
C TYR D 424 31.30 -32.64 -75.21
N VAL D 425 30.56 -32.13 -76.20
CA VAL D 425 29.13 -32.38 -76.25
C VAL D 425 28.93 -33.82 -76.67
N LEU D 426 28.72 -34.69 -75.69
CA LEU D 426 28.63 -36.11 -75.99
C LEU D 426 27.44 -36.40 -76.90
N SER D 427 26.30 -35.78 -76.64
CA SER D 427 25.16 -35.97 -77.51
C SER D 427 24.16 -34.83 -77.31
N LYS D 428 23.41 -34.52 -78.35
CA LYS D 428 22.52 -33.37 -78.32
C LYS D 428 21.54 -33.47 -79.46
N LYS D 429 20.24 -33.36 -79.17
CA LYS D 429 19.23 -33.36 -80.23
C LYS D 429 19.31 -32.02 -80.96
N CYS D 430 20.17 -31.95 -81.98
CA CYS D 430 20.63 -30.66 -82.48
C CYS D 430 19.60 -29.87 -83.26
N ALA D 431 18.36 -30.35 -83.30
CA ALA D 431 17.27 -29.49 -83.74
C ALA D 431 16.98 -28.44 -82.68
N ASP D 432 16.85 -28.87 -81.43
CA ASP D 432 16.53 -28.01 -80.30
C ASP D 432 17.58 -28.12 -79.22
N SER D 433 17.31 -27.59 -78.04
CA SER D 433 18.15 -27.79 -76.88
C SER D 433 17.41 -28.58 -75.81
N SER D 434 16.62 -29.57 -76.21
CA SER D 434 15.84 -30.36 -75.27
C SER D 434 16.72 -31.02 -74.23
N PHE D 435 17.75 -31.73 -74.68
CA PHE D 435 18.73 -32.32 -73.79
C PHE D 435 20.11 -32.19 -74.40
N THR D 436 21.13 -32.21 -73.55
CA THR D 436 22.52 -32.05 -73.99
C THR D 436 23.42 -32.79 -73.01
N VAL D 437 23.81 -34.00 -73.36
CA VAL D 437 24.72 -34.77 -72.54
C VAL D 437 26.13 -34.34 -72.84
N LEU D 438 26.85 -33.89 -71.81
CA LEU D 438 28.22 -33.43 -71.89
C LEU D 438 29.14 -34.38 -71.13
N ALA D 439 30.35 -34.56 -71.63
CA ALA D 439 31.35 -35.38 -70.97
C ALA D 439 32.65 -34.61 -70.89
N GLU D 440 33.25 -34.55 -69.71
CA GLU D 440 34.51 -33.86 -69.50
C GLU D 440 35.63 -34.88 -69.43
N LEU D 441 36.47 -34.92 -70.44
CA LEU D 441 37.57 -35.87 -70.52
C LEU D 441 38.86 -35.14 -70.15
N ARG D 442 39.61 -35.70 -69.21
CA ARG D 442 40.73 -34.98 -68.62
C ARG D 442 41.99 -35.83 -68.67
N LYS D 443 43.10 -35.19 -69.02
CA LYS D 443 44.36 -35.91 -69.17
C LYS D 443 44.89 -36.34 -67.81
N CYS D 444 45.31 -37.61 -67.72
CA CYS D 444 45.57 -38.26 -66.44
C CYS D 444 47.02 -38.69 -66.23
N GLY D 445 47.96 -38.21 -67.03
CA GLY D 445 49.31 -38.69 -66.86
C GLY D 445 50.31 -37.87 -67.64
N LEU D 446 51.53 -38.40 -67.70
CA LEU D 446 52.59 -37.73 -68.45
C LEU D 446 52.25 -37.62 -69.92
N THR D 447 51.71 -38.69 -70.49
CA THR D 447 51.45 -38.73 -71.92
C THR D 447 50.17 -38.00 -72.28
N ASP D 448 50.20 -37.28 -73.41
CA ASP D 448 49.02 -36.57 -73.89
C ASP D 448 47.85 -37.51 -74.19
N ASN D 449 48.13 -38.79 -74.40
CA ASN D 449 47.09 -39.76 -74.69
C ASN D 449 46.68 -40.57 -73.46
N GLU D 450 46.90 -40.03 -72.27
CA GLU D 450 46.49 -40.69 -71.02
C GLU D 450 45.30 -39.91 -70.46
N ASN D 451 44.10 -40.37 -70.79
CA ASN D 451 42.88 -39.66 -70.44
C ASN D 451 42.00 -40.49 -69.51
N CYS D 452 41.19 -39.79 -68.72
CA CYS D 452 40.11 -40.39 -67.94
C CYS D 452 38.86 -39.54 -68.08
N LEU D 453 37.72 -40.19 -68.20
CA LEU D 453 36.47 -39.48 -68.05
C LEU D 453 36.38 -38.94 -66.64
N LYS D 454 35.84 -37.74 -66.46
CA LYS D 454 35.79 -37.14 -65.14
C LYS D 454 34.42 -36.65 -64.71
N ALA D 455 33.49 -36.44 -65.63
CA ALA D 455 32.18 -35.99 -65.27
C ALA D 455 31.22 -36.27 -66.41
N VAL D 456 29.93 -36.25 -66.10
CA VAL D 456 28.87 -36.37 -67.08
C VAL D 456 27.82 -35.34 -66.71
N THR D 457 27.70 -34.30 -67.52
CA THR D 457 26.87 -33.13 -67.17
C THR D 457 25.68 -33.09 -68.12
N LEU D 458 24.60 -33.74 -67.72
CA LEU D 458 23.36 -33.66 -68.50
C LEU D 458 22.75 -32.27 -68.32
N SER D 459 22.94 -31.41 -69.29
CA SER D 459 22.19 -30.16 -69.39
C SER D 459 20.81 -30.48 -69.92
N LEU D 460 19.84 -29.65 -69.58
CA LEU D 460 18.45 -29.99 -69.85
C LEU D 460 17.60 -28.72 -69.83
N ASP D 461 16.53 -28.75 -70.64
CA ASP D 461 15.62 -27.61 -70.79
C ASP D 461 16.36 -26.37 -71.28
N GLY D 462 17.31 -26.58 -72.19
CA GLY D 462 18.12 -25.46 -72.63
C GLY D 462 19.00 -24.90 -71.54
N GLY D 463 19.58 -25.76 -70.72
CA GLY D 463 20.45 -25.33 -69.66
C GLY D 463 19.77 -24.94 -68.38
N ASP D 464 18.44 -25.00 -68.32
CA ASP D 464 17.75 -24.67 -67.08
C ASP D 464 18.10 -25.65 -65.98
N THR D 465 18.33 -26.91 -66.31
CA THR D 465 18.69 -27.93 -65.33
C THR D 465 20.00 -28.57 -65.74
N ALA D 466 20.79 -29.00 -64.76
CA ALA D 466 22.08 -29.62 -65.05
C ALA D 466 22.36 -30.67 -63.98
N ILE D 467 22.33 -31.93 -64.37
CA ILE D 467 22.65 -33.04 -63.48
C ILE D 467 24.07 -33.46 -63.78
N ARG D 468 24.97 -33.29 -62.83
CA ARG D 468 26.40 -33.49 -63.05
C ARG D 468 26.87 -34.66 -62.19
N VAL D 469 27.12 -35.80 -62.82
CA VAL D 469 27.65 -36.96 -62.11
C VAL D 469 29.16 -36.91 -62.21
N GLN D 470 29.85 -36.82 -61.07
CA GLN D 470 31.29 -36.75 -61.08
C GLN D 470 31.89 -38.15 -61.17
N ALA D 471 33.20 -38.25 -60.97
CA ALA D 471 33.88 -39.54 -61.05
C ALA D 471 33.97 -40.25 -59.70
N ASP D 472 33.83 -39.53 -58.59
CA ASP D 472 33.79 -40.17 -57.28
C ASP D 472 32.42 -40.72 -56.94
N GLY D 473 31.40 -40.46 -57.76
CA GLY D 473 30.04 -40.81 -57.46
C GLY D 473 29.18 -39.66 -57.02
N GLY D 474 29.79 -38.51 -56.70
CA GLY D 474 29.01 -37.35 -56.30
C GLY D 474 28.10 -36.87 -57.40
N VAL D 475 26.83 -36.63 -57.08
CA VAL D 475 25.84 -36.19 -58.05
C VAL D 475 25.39 -34.79 -57.67
N PHE D 476 25.51 -33.86 -58.61
CA PHE D 476 25.21 -32.45 -58.38
C PHE D 476 23.97 -32.09 -59.18
N LEU D 477 22.89 -31.79 -58.49
CA LEU D 477 21.68 -31.30 -59.13
C LEU D 477 21.73 -29.78 -59.12
N ASN D 478 21.81 -29.18 -60.31
CA ASN D 478 21.94 -27.73 -60.46
C ASN D 478 23.08 -27.19 -59.60
N SER D 479 24.22 -27.88 -59.69
CA SER D 479 25.45 -27.50 -58.97
C SER D 479 25.24 -27.51 -57.47
N ILE D 480 24.39 -28.40 -56.98
CA ILE D 480 24.17 -28.61 -55.56
C ILE D 480 24.24 -30.10 -55.32
N TYR D 481 24.92 -30.50 -54.24
CA TYR D 481 25.00 -31.92 -53.91
C TYR D 481 23.60 -32.48 -53.69
N THR D 482 23.37 -33.65 -54.28
CA THR D 482 22.09 -34.35 -54.15
C THR D 482 22.36 -35.83 -54.03
N GLN D 483 22.03 -36.42 -52.88
CA GLN D 483 22.25 -37.84 -52.69
C GLN D 483 21.31 -38.63 -53.59
N LEU D 484 21.40 -39.96 -53.51
CA LEU D 484 20.57 -40.77 -54.38
C LEU D 484 19.73 -41.74 -53.57
N PRO D 485 18.50 -42.03 -54.00
CA PRO D 485 17.82 -41.60 -55.23
C PRO D 485 17.20 -40.21 -55.19
N LEU D 486 16.77 -39.70 -56.35
CA LEU D 486 16.02 -38.46 -56.44
C LEU D 486 15.05 -38.55 -57.60
N SER D 487 13.79 -38.19 -57.37
CA SER D 487 12.75 -38.31 -58.38
C SER D 487 11.98 -36.99 -58.48
N ALA D 488 12.24 -36.22 -59.53
CA ALA D 488 11.56 -34.95 -59.70
C ALA D 488 11.68 -34.49 -61.15
N ALA D 489 10.64 -33.81 -61.63
CA ALA D 489 10.57 -33.34 -63.02
C ALA D 489 10.73 -34.50 -63.99
N ASN D 490 10.18 -35.65 -63.61
CA ASN D 490 10.24 -36.93 -64.34
C ASN D 490 11.64 -37.52 -64.35
N ILE D 491 12.63 -36.87 -63.75
CA ILE D 491 14.00 -37.35 -63.73
C ILE D 491 14.19 -38.21 -62.49
N THR D 492 14.76 -39.41 -62.69
CA THR D 492 14.96 -40.39 -61.63
C THR D 492 16.44 -40.76 -61.58
N LEU D 493 17.07 -40.53 -60.43
CA LEU D 493 18.47 -40.84 -60.22
C LEU D 493 18.56 -41.90 -59.15
N PHE D 494 19.22 -43.02 -59.45
CA PHE D 494 19.39 -44.04 -58.41
C PHE D 494 20.54 -44.97 -58.78
N THR D 495 21.05 -45.67 -57.79
CA THR D 495 22.15 -46.60 -58.02
C THR D 495 21.63 -48.02 -58.00
N PRO D 496 21.57 -48.71 -59.13
CA PRO D 496 21.25 -50.15 -59.08
C PRO D 496 22.23 -50.93 -58.25
N SER D 497 23.51 -50.56 -58.29
CA SER D 497 24.53 -51.16 -57.44
C SER D 497 25.57 -50.09 -57.15
N SER D 498 26.59 -50.47 -56.39
CA SER D 498 27.61 -49.50 -56.04
C SER D 498 28.49 -49.12 -57.22
N PHE D 499 28.38 -49.81 -58.35
CA PHE D 499 29.24 -49.53 -59.48
C PHE D 499 28.63 -48.56 -60.50
N PHE D 500 27.31 -48.39 -60.48
CA PHE D 500 26.61 -47.67 -61.54
C PHE D 500 25.61 -46.68 -60.98
N ILE D 501 25.37 -45.62 -61.74
CA ILE D 501 24.37 -44.61 -61.43
C ILE D 501 23.46 -44.46 -62.63
N VAL D 502 22.16 -44.47 -62.41
CA VAL D 502 21.17 -44.38 -63.48
C VAL D 502 20.48 -43.02 -63.38
N VAL D 503 20.55 -42.27 -64.47
CA VAL D 503 19.90 -40.98 -64.62
C VAL D 503 18.86 -41.18 -65.73
N GLN D 504 17.63 -41.49 -65.34
CA GLN D 504 16.56 -41.76 -66.28
C GLN D 504 15.71 -40.52 -66.45
N THR D 505 15.50 -40.10 -67.69
CA THR D 505 14.69 -38.92 -67.96
C THR D 505 13.51 -39.30 -68.85
N GLY D 506 12.47 -38.47 -68.79
CA GLY D 506 11.34 -38.67 -69.65
C GLY D 506 11.50 -38.12 -71.05
N LEU D 507 12.51 -37.30 -71.28
CA LEU D 507 12.75 -36.72 -72.60
C LEU D 507 13.19 -37.75 -73.62
N GLY D 508 13.53 -38.95 -73.19
CA GLY D 508 13.86 -40.02 -74.09
C GLY D 508 15.17 -40.72 -73.78
N LEU D 509 16.18 -39.97 -73.35
CA LEU D 509 17.49 -40.54 -73.11
C LEU D 509 17.63 -40.99 -71.66
N GLN D 510 18.39 -42.07 -71.49
CA GLN D 510 18.78 -42.59 -70.19
C GLN D 510 20.30 -42.61 -70.12
N LEU D 511 20.87 -42.16 -69.01
CA LEU D 511 22.30 -42.25 -68.80
C LEU D 511 22.57 -43.33 -67.76
N LEU D 512 23.53 -44.19 -68.04
CA LEU D 512 23.97 -45.22 -67.12
C LEU D 512 25.48 -45.07 -66.98
N VAL D 513 25.94 -44.62 -65.82
CA VAL D 513 27.30 -44.17 -65.65
C VAL D 513 28.02 -45.13 -64.72
N GLN D 514 29.21 -45.56 -65.10
CA GLN D 514 30.02 -46.49 -64.33
C GLN D 514 31.11 -45.74 -63.59
N LEU D 515 31.29 -46.06 -62.32
CA LEU D 515 32.29 -45.46 -61.46
C LEU D 515 33.41 -46.42 -61.10
N VAL D 516 33.09 -47.70 -60.95
CA VAL D 516 34.05 -48.74 -60.58
C VAL D 516 34.27 -49.63 -61.79
N PRO D 517 35.52 -49.96 -62.14
CA PRO D 517 36.76 -49.54 -61.51
C PRO D 517 37.19 -48.14 -61.91
N LEU D 518 36.62 -47.59 -62.98
CA LEU D 518 36.87 -46.21 -63.34
C LEU D 518 35.60 -45.64 -63.96
N MET D 519 35.71 -44.46 -64.56
CA MET D 519 34.55 -43.71 -65.01
C MET D 519 34.29 -44.00 -66.48
N GLN D 520 33.12 -44.57 -66.77
CA GLN D 520 32.66 -44.82 -68.13
C GLN D 520 31.21 -44.36 -68.24
N VAL D 521 30.76 -44.07 -69.45
CA VAL D 521 29.39 -43.59 -69.60
C VAL D 521 28.70 -44.41 -70.68
N PHE D 522 27.40 -44.64 -70.48
CA PHE D 522 26.56 -45.32 -71.46
C PHE D 522 25.29 -44.51 -71.61
N VAL D 523 24.81 -44.40 -72.84
CA VAL D 523 23.66 -43.57 -73.15
C VAL D 523 22.70 -44.41 -73.97
N ARG D 524 21.42 -44.40 -73.60
CA ARG D 524 20.38 -45.12 -74.32
C ARG D 524 19.36 -44.12 -74.85
N LEU D 525 18.92 -44.33 -76.07
CA LEU D 525 17.93 -43.46 -76.70
C LEU D 525 16.74 -44.27 -77.18
N ASP D 526 15.54 -43.82 -76.83
CA ASP D 526 14.34 -44.33 -77.48
C ASP D 526 14.47 -44.07 -78.97
N PRO D 527 14.30 -45.09 -79.82
CA PRO D 527 14.62 -44.93 -81.25
C PRO D 527 13.86 -43.83 -81.95
N ALA D 528 12.93 -43.17 -81.25
CA ALA D 528 12.19 -42.07 -81.86
C ALA D 528 13.11 -40.97 -82.34
N HIS D 529 14.21 -40.74 -81.65
CA HIS D 529 15.13 -39.68 -82.01
C HIS D 529 16.05 -40.05 -83.17
N GLN D 530 15.77 -41.16 -83.84
CA GLN D 530 16.63 -41.62 -84.92
C GLN D 530 16.81 -40.55 -85.99
N GLY D 531 18.04 -40.39 -86.45
CA GLY D 531 18.32 -39.42 -87.49
C GLY D 531 18.00 -38.01 -87.09
N GLN D 532 18.20 -37.66 -85.82
CA GLN D 532 17.96 -36.31 -85.34
C GLN D 532 19.09 -35.73 -84.50
N MET D 533 19.88 -36.56 -83.84
CA MET D 533 20.84 -36.07 -82.87
C MET D 533 22.06 -35.48 -83.54
N CYS D 534 22.91 -34.85 -82.75
CA CYS D 534 24.23 -34.38 -83.16
C CYS D 534 25.20 -34.73 -82.04
N GLY D 535 26.40 -34.19 -82.10
CA GLY D 535 27.37 -34.41 -81.05
C GLY D 535 28.35 -35.51 -81.37
N LEU D 536 29.12 -35.88 -80.35
CA LEU D 536 30.14 -36.90 -80.53
C LEU D 536 29.52 -38.24 -80.91
N CYS D 537 28.42 -38.60 -80.27
CA CYS D 537 27.87 -39.91 -80.55
C CYS D 537 27.16 -39.99 -81.86
N GLY D 538 27.20 -39.02 -82.75
CA GLY D 538 26.67 -39.18 -84.09
C GLY D 538 25.16 -39.13 -84.14
N ASN D 539 24.66 -38.93 -85.36
CA ASN D 539 23.27 -38.53 -85.55
C ASN D 539 22.28 -39.68 -85.46
N PHE D 540 22.72 -40.90 -85.19
CA PHE D 540 21.82 -42.01 -84.95
C PHE D 540 20.84 -42.20 -86.12
N ASN D 541 21.40 -42.52 -87.28
CA ASN D 541 20.59 -42.71 -88.48
C ASN D 541 20.98 -43.96 -89.27
N GLN D 542 21.58 -44.93 -88.60
CA GLN D 542 21.98 -46.21 -89.21
C GLN D 542 22.81 -45.99 -90.47
N ASN D 543 23.93 -45.32 -90.28
CA ASN D 543 24.88 -45.04 -91.35
C ASN D 543 26.20 -44.69 -90.67
N GLN D 544 27.22 -45.51 -90.88
CA GLN D 544 28.50 -45.26 -90.27
C GLN D 544 29.34 -44.26 -91.02
N ALA D 545 28.99 -43.95 -92.26
CA ALA D 545 29.77 -42.99 -93.03
C ALA D 545 29.36 -41.55 -92.77
N ASP D 546 28.24 -41.33 -92.10
CA ASP D 546 27.77 -39.98 -91.80
C ASP D 546 28.05 -39.57 -90.36
N ASP D 547 28.64 -40.45 -89.57
CA ASP D 547 28.84 -40.16 -88.16
C ASP D 547 29.72 -38.94 -87.95
N PHE D 548 30.66 -38.70 -88.86
CA PHE D 548 31.55 -37.56 -88.76
C PHE D 548 31.00 -36.33 -89.46
N THR D 549 29.70 -36.26 -89.67
CA THR D 549 29.08 -35.04 -90.17
C THR D 549 29.24 -33.96 -89.11
N ALA D 550 29.90 -32.87 -89.48
CA ALA D 550 30.07 -31.76 -88.56
C ALA D 550 28.93 -30.76 -88.74
N LEU D 551 29.06 -29.58 -88.14
CA LEU D 551 28.07 -28.53 -88.33
C LEU D 551 28.27 -27.79 -89.65
N SER D 552 29.34 -28.09 -90.39
CA SER D 552 29.62 -27.44 -91.64
C SER D 552 29.17 -28.24 -92.85
N GLY D 553 28.55 -29.40 -92.64
CA GLY D 553 27.96 -30.15 -93.72
C GLY D 553 28.86 -31.14 -94.42
N VAL D 554 30.03 -31.45 -93.84
CA VAL D 554 30.95 -32.40 -94.45
C VAL D 554 31.32 -33.45 -93.43
N VAL D 555 31.65 -34.65 -93.91
CA VAL D 555 32.10 -35.73 -93.05
C VAL D 555 33.56 -35.49 -92.66
N GLU D 556 33.84 -35.46 -91.37
CA GLU D 556 35.21 -35.24 -90.93
C GLU D 556 36.04 -36.49 -91.16
N ALA D 557 37.36 -36.33 -91.12
CA ALA D 557 38.26 -37.41 -91.54
C ALA D 557 38.47 -38.43 -90.44
N THR D 558 39.04 -38.02 -89.31
CA THR D 558 39.41 -38.93 -88.24
C THR D 558 38.69 -38.56 -86.96
N GLY D 559 38.93 -39.34 -85.91
CA GLY D 559 38.28 -39.08 -84.65
C GLY D 559 38.58 -37.70 -84.11
N ALA D 560 39.84 -37.42 -83.83
CA ALA D 560 40.20 -36.17 -83.15
C ALA D 560 39.82 -34.95 -83.97
N ALA D 561 40.00 -35.02 -85.29
CA ALA D 561 39.59 -33.90 -86.12
C ALA D 561 38.09 -33.66 -86.04
N PHE D 562 37.31 -34.72 -85.84
CA PHE D 562 35.88 -34.53 -85.65
C PHE D 562 35.56 -33.98 -84.27
N ALA D 563 36.20 -34.52 -83.24
CA ALA D 563 35.91 -34.10 -81.88
C ALA D 563 36.25 -32.64 -81.66
N ASN D 564 37.35 -32.17 -82.23
CA ASN D 564 37.75 -30.80 -82.00
C ASN D 564 36.78 -29.78 -82.57
N THR D 565 35.68 -30.22 -83.19
CA THR D 565 34.61 -29.32 -83.57
C THR D 565 33.49 -29.25 -82.55
N TRP D 566 33.51 -30.13 -81.56
CA TRP D 566 32.44 -30.24 -80.58
C TRP D 566 32.90 -29.85 -79.19
N LYS D 567 34.03 -29.20 -79.06
CA LYS D 567 34.51 -28.79 -77.75
C LYS D 567 33.55 -27.79 -77.13
N ALA D 568 33.41 -27.86 -75.80
CA ALA D 568 32.52 -26.92 -75.13
C ALA D 568 33.13 -25.54 -75.04
N GLN D 569 34.41 -25.45 -74.71
CA GLN D 569 35.07 -24.17 -74.47
C GLN D 569 36.08 -23.89 -75.59
N ALA D 570 36.02 -22.69 -76.15
CA ALA D 570 36.95 -22.30 -77.22
C ALA D 570 38.39 -22.33 -76.76
N ALA D 571 38.64 -22.24 -75.46
CA ALA D 571 40.01 -22.17 -74.96
C ALA D 571 40.66 -23.54 -74.83
N CYS D 572 39.94 -24.62 -75.12
CA CYS D 572 40.52 -25.94 -74.98
C CYS D 572 41.57 -26.18 -76.06
N ALA D 573 42.44 -27.15 -75.81
CA ALA D 573 43.45 -27.55 -76.76
C ALA D 573 42.91 -28.67 -77.64
N ASN D 574 43.17 -28.57 -78.94
CA ASN D 574 42.65 -29.54 -79.89
C ASN D 574 43.25 -30.92 -79.64
N ALA D 575 42.41 -31.93 -79.74
CA ALA D 575 42.87 -33.31 -79.59
C ALA D 575 43.79 -33.68 -80.75
N ARG D 576 44.70 -34.62 -80.48
CA ARG D 576 45.72 -34.98 -81.43
C ARG D 576 45.65 -36.47 -81.74
N ASN D 577 45.93 -36.80 -83.00
CA ASN D 577 45.90 -38.19 -83.44
C ASN D 577 47.07 -38.96 -82.84
N SER D 578 46.80 -40.17 -82.38
CA SER D 578 47.76 -40.96 -81.62
C SER D 578 48.06 -42.26 -82.36
N PHE D 579 49.29 -42.39 -82.85
CA PHE D 579 49.73 -43.63 -83.49
C PHE D 579 50.56 -44.50 -82.57
N GLU D 580 51.32 -43.88 -81.69
CA GLU D 580 52.27 -44.62 -80.85
C GLU D 580 51.51 -45.49 -79.87
N ASP D 581 51.62 -46.78 -80.03
CA ASP D 581 51.00 -47.71 -79.09
C ASP D 581 51.78 -47.70 -77.79
N PRO D 582 51.14 -47.39 -76.66
CA PRO D 582 51.84 -47.47 -75.37
C PRO D 582 52.28 -48.87 -75.04
N CYS D 583 51.76 -49.88 -75.75
CA CYS D 583 52.15 -51.25 -75.48
C CYS D 583 53.63 -51.50 -75.76
N SER D 584 54.23 -50.73 -76.67
CA SER D 584 55.61 -50.94 -77.06
C SER D 584 56.62 -50.48 -76.01
N LEU D 585 56.16 -49.81 -74.94
CA LEU D 585 57.09 -49.18 -74.01
C LEU D 585 57.73 -50.21 -73.08
N SER D 586 56.94 -50.88 -72.28
CA SER D 586 57.45 -51.75 -71.21
C SER D 586 57.15 -53.21 -71.54
N VAL D 587 58.18 -54.05 -71.46
CA VAL D 587 58.00 -55.46 -71.76
C VAL D 587 57.18 -56.14 -70.68
N GLU D 588 57.33 -55.72 -69.42
CA GLU D 588 56.50 -56.30 -68.38
C GLU D 588 55.05 -55.85 -68.53
N ASN D 589 54.83 -54.58 -68.87
CA ASN D 589 53.49 -54.13 -69.22
C ASN D 589 52.96 -54.92 -70.40
N GLU D 590 53.80 -55.16 -71.40
CA GLU D 590 53.43 -56.01 -72.53
C GLU D 590 52.89 -57.34 -72.06
N ASN D 591 53.71 -58.10 -71.34
CA ASN D 591 53.30 -59.46 -70.99
C ASN D 591 52.09 -59.46 -70.07
N TYR D 592 52.01 -58.51 -69.14
CA TYR D 592 50.86 -58.42 -68.26
C TYR D 592 49.58 -58.19 -69.05
N ALA D 593 49.58 -57.16 -69.91
CA ALA D 593 48.40 -56.82 -70.68
C ALA D 593 48.03 -57.96 -71.63
N ARG D 594 49.02 -58.57 -72.27
CA ARG D 594 48.73 -59.67 -73.18
C ARG D 594 48.10 -60.83 -72.43
N HIS D 595 48.75 -61.29 -71.36
CA HIS D 595 48.27 -62.46 -70.65
C HIS D 595 46.90 -62.24 -70.04
N TRP D 596 46.54 -60.99 -69.74
CA TRP D 596 45.20 -60.81 -69.19
C TRP D 596 44.16 -60.50 -70.26
N CYS D 597 44.40 -59.49 -71.09
CA CYS D 597 43.44 -59.13 -72.13
C CYS D 597 43.22 -60.23 -73.15
N SER D 598 44.12 -61.22 -73.24
CA SER D 598 43.86 -62.35 -74.11
C SER D 598 42.68 -63.19 -73.63
N ARG D 599 42.24 -63.00 -72.39
CA ARG D 599 41.06 -63.71 -71.90
C ARG D 599 39.82 -63.37 -72.71
N LEU D 600 39.84 -62.26 -73.44
CA LEU D 600 38.69 -61.91 -74.27
C LEU D 600 38.48 -62.93 -75.38
N THR D 601 39.46 -63.07 -76.26
CA THR D 601 39.31 -63.85 -77.48
C THR D 601 39.56 -65.34 -77.28
N ASP D 602 39.64 -65.81 -76.04
CA ASP D 602 39.84 -67.23 -75.80
C ASP D 602 38.52 -67.96 -76.03
N PRO D 603 38.45 -68.90 -76.99
CA PRO D 603 37.17 -69.57 -77.24
C PRO D 603 36.68 -70.45 -76.11
N ASN D 604 37.54 -70.80 -75.15
CA ASN D 604 37.09 -71.53 -73.97
C ASN D 604 36.73 -70.62 -72.81
N SER D 605 36.91 -69.31 -72.97
CA SER D 605 36.69 -68.36 -71.89
C SER D 605 35.20 -68.13 -71.69
N ALA D 606 34.87 -67.48 -70.57
CA ALA D 606 33.49 -67.10 -70.31
C ALA D 606 32.94 -66.19 -71.40
N PHE D 607 33.80 -65.40 -72.03
CA PHE D 607 33.39 -64.42 -73.03
C PHE D 607 33.00 -65.06 -74.36
N SER D 608 33.37 -66.33 -74.58
CA SER D 608 33.09 -66.98 -75.87
C SER D 608 31.61 -66.95 -76.21
N ARG D 609 30.75 -66.99 -75.20
CA ARG D 609 29.31 -67.01 -75.45
C ARG D 609 28.85 -65.78 -76.23
N CYS D 610 29.59 -64.68 -76.16
CA CYS D 610 29.23 -63.49 -76.91
C CYS D 610 30.03 -63.34 -78.20
N HIS D 611 31.02 -64.19 -78.43
CA HIS D 611 31.84 -64.07 -79.62
C HIS D 611 30.99 -64.23 -80.88
N SER D 612 30.06 -65.19 -80.87
CA SER D 612 29.19 -65.42 -82.01
C SER D 612 28.17 -64.31 -82.21
N ILE D 613 28.20 -63.25 -81.41
CA ILE D 613 27.26 -62.14 -81.51
C ILE D 613 27.99 -60.81 -81.68
N ILE D 614 28.95 -60.53 -80.80
CA ILE D 614 29.75 -59.31 -80.86
C ILE D 614 31.18 -59.69 -81.17
N ASN D 615 31.75 -59.06 -82.18
CA ASN D 615 33.15 -59.28 -82.51
C ASN D 615 34.02 -58.65 -81.44
N PRO D 616 34.84 -59.41 -80.73
CA PRO D 616 35.62 -58.87 -79.60
C PRO D 616 36.93 -58.21 -79.98
N LYS D 617 37.23 -58.04 -81.27
CA LYS D 617 38.49 -57.41 -81.65
C LYS D 617 38.61 -55.96 -81.17
N PRO D 618 37.61 -55.08 -81.36
CA PRO D 618 37.76 -53.73 -80.79
C PRO D 618 37.91 -53.73 -79.29
N PHE D 619 37.20 -54.64 -78.60
CA PHE D 619 37.32 -54.70 -77.16
C PHE D 619 38.70 -55.17 -76.74
N HIS D 620 39.29 -56.10 -77.49
CA HIS D 620 40.65 -56.52 -77.18
C HIS D 620 41.65 -55.39 -77.45
N SER D 621 41.46 -54.64 -78.52
CA SER D 621 42.32 -53.49 -78.76
C SER D 621 42.19 -52.48 -77.63
N ASN D 622 40.97 -52.25 -77.16
CA ASN D 622 40.76 -51.34 -76.03
C ASN D 622 41.48 -51.84 -74.79
N CYS D 623 41.36 -53.13 -74.50
CA CYS D 623 42.02 -53.67 -73.31
C CYS D 623 43.52 -53.54 -73.41
N MET D 624 44.09 -53.88 -74.57
CA MET D 624 45.53 -53.71 -74.77
C MET D 624 45.94 -52.26 -74.55
N PHE D 625 45.28 -51.33 -75.23
CA PHE D 625 45.69 -49.93 -75.18
C PHE D 625 45.56 -49.38 -73.77
N ASP D 626 44.42 -49.65 -73.11
CA ASP D 626 44.25 -49.21 -71.74
C ASP D 626 45.36 -49.76 -70.86
N THR D 627 45.43 -51.09 -70.73
CA THR D 627 46.35 -51.66 -69.77
C THR D 627 47.78 -51.21 -70.00
N CYS D 628 48.21 -51.14 -71.26
CA CYS D 628 49.55 -50.67 -71.55
C CYS D 628 49.72 -49.20 -71.17
N ASN D 629 48.72 -48.38 -71.44
CA ASN D 629 48.81 -46.95 -71.17
C ASN D 629 48.40 -46.58 -69.77
N CYS D 630 47.63 -47.43 -69.09
CA CYS D 630 47.08 -47.08 -67.80
C CYS D 630 48.15 -47.23 -66.71
N GLU D 631 48.27 -46.20 -65.89
CA GLU D 631 49.15 -46.31 -64.72
C GLU D 631 48.63 -47.36 -63.76
N ARG D 632 47.32 -47.43 -63.58
CA ARG D 632 46.68 -48.49 -62.79
C ARG D 632 46.21 -49.56 -63.78
N SER D 633 47.14 -50.44 -64.13
CA SER D 633 46.88 -51.41 -65.20
C SER D 633 45.68 -52.28 -64.87
N GLU D 634 45.56 -52.72 -63.63
CA GLU D 634 44.43 -53.54 -63.26
C GLU D 634 43.12 -52.78 -63.42
N ASP D 635 43.10 -51.50 -63.06
CA ASP D 635 41.87 -50.72 -63.14
C ASP D 635 41.37 -50.64 -64.58
N CYS D 636 42.24 -50.21 -65.49
CA CYS D 636 41.82 -50.11 -66.89
C CYS D 636 41.55 -51.47 -67.50
N LEU D 637 42.28 -52.49 -67.10
CA LEU D 637 42.04 -53.85 -67.59
C LEU D 637 40.64 -54.31 -67.21
N CYS D 638 40.29 -54.21 -65.94
CA CYS D 638 38.97 -54.62 -65.49
C CYS D 638 37.89 -53.71 -66.04
N ALA D 639 38.23 -52.44 -66.30
CA ALA D 639 37.27 -51.58 -66.96
C ALA D 639 36.96 -52.08 -68.36
N ALA D 640 37.99 -52.52 -69.09
CA ALA D 640 37.77 -53.05 -70.43
C ALA D 640 36.93 -54.33 -70.38
N LEU D 641 37.25 -55.22 -69.45
CA LEU D 641 36.49 -56.46 -69.35
C LEU D 641 35.04 -56.20 -68.94
N SER D 642 34.84 -55.27 -68.00
CA SER D 642 33.50 -54.87 -67.64
C SER D 642 32.77 -54.25 -68.82
N SER D 643 33.47 -53.47 -69.63
CA SER D 643 32.84 -52.86 -70.79
C SER D 643 32.38 -53.93 -71.78
N TYR D 644 33.24 -54.92 -72.05
CA TYR D 644 32.84 -55.99 -72.95
C TYR D 644 31.64 -56.73 -72.41
N VAL D 645 31.67 -57.06 -71.13
CA VAL D 645 30.56 -57.77 -70.52
C VAL D 645 29.28 -56.96 -70.63
N HIS D 646 29.36 -55.67 -70.33
CA HIS D 646 28.15 -54.86 -70.31
C HIS D 646 27.61 -54.67 -71.71
N ALA D 647 28.47 -54.52 -72.71
CA ALA D 647 27.99 -54.43 -74.08
C ALA D 647 27.29 -55.73 -74.48
N CYS D 648 27.89 -56.86 -74.18
CA CYS D 648 27.27 -58.13 -74.53
C CYS D 648 25.94 -58.32 -73.81
N ALA D 649 25.87 -57.95 -72.54
CA ALA D 649 24.61 -58.04 -71.80
C ALA D 649 23.58 -57.08 -72.34
N ALA D 650 24.01 -55.95 -72.89
CA ALA D 650 23.09 -55.08 -73.61
C ALA D 650 22.52 -55.80 -74.83
N LYS D 651 23.37 -56.52 -75.56
CA LYS D 651 22.85 -57.31 -76.67
C LYS D 651 22.00 -58.50 -76.22
N GLY D 652 22.02 -58.84 -74.94
CA GLY D 652 21.17 -59.90 -74.44
C GLY D 652 21.87 -61.22 -74.18
N VAL D 653 23.07 -61.18 -73.59
CA VAL D 653 23.77 -62.37 -73.15
C VAL D 653 24.26 -62.15 -71.72
N GLN D 654 24.03 -63.13 -70.85
CA GLN D 654 24.34 -63.00 -69.44
C GLN D 654 25.69 -63.66 -69.15
N LEU D 655 26.76 -62.95 -69.49
CA LEU D 655 28.10 -63.41 -69.17
C LEU D 655 28.29 -63.41 -67.66
N SER D 656 28.78 -64.51 -67.12
CA SER D 656 28.86 -64.70 -65.68
C SER D 656 30.17 -65.35 -65.30
N ASP D 657 30.63 -65.07 -64.09
CA ASP D 657 31.79 -65.73 -63.49
C ASP D 657 33.04 -65.56 -64.35
N TRP D 658 33.22 -64.37 -64.91
CA TRP D 658 34.37 -64.13 -65.77
C TRP D 658 35.57 -63.57 -65.02
N ARG D 659 35.46 -63.34 -63.72
CA ARG D 659 36.53 -62.73 -62.95
C ARG D 659 37.39 -63.77 -62.24
N ASP D 660 37.59 -64.92 -62.89
CA ASP D 660 38.42 -65.98 -62.31
C ASP D 660 39.87 -65.54 -62.19
N GLY D 661 40.36 -65.40 -60.96
CA GLY D 661 41.74 -65.00 -60.76
C GLY D 661 42.07 -63.62 -61.28
N VAL D 662 41.06 -62.80 -61.55
CA VAL D 662 41.27 -61.46 -62.09
C VAL D 662 40.18 -60.56 -61.55
N CYS D 663 40.55 -59.31 -61.25
CA CYS D 663 39.60 -58.29 -60.83
C CYS D 663 38.86 -58.65 -59.56
N THR D 664 39.44 -59.51 -58.72
CA THR D 664 38.76 -59.92 -57.49
C THR D 664 38.84 -58.88 -56.39
N LYS D 665 39.77 -57.93 -56.49
CA LYS D 665 39.78 -56.85 -55.52
C LYS D 665 38.55 -55.99 -55.64
N TYR D 666 37.80 -56.13 -56.73
CA TYR D 666 36.47 -55.54 -56.85
C TYR D 666 35.37 -56.42 -56.29
N MET D 667 35.61 -57.72 -56.14
CA MET D 667 34.76 -58.52 -55.27
C MET D 667 34.87 -58.03 -53.84
N GLN D 668 36.10 -57.92 -53.34
CA GLN D 668 36.27 -57.78 -51.89
C GLN D 668 35.95 -56.38 -51.37
N ASN D 669 36.18 -55.33 -52.18
CA ASN D 669 36.13 -53.97 -51.65
C ASN D 669 34.71 -53.48 -51.39
N CYS D 670 33.72 -54.37 -51.42
CA CYS D 670 32.33 -53.97 -51.29
C CYS D 670 32.07 -53.28 -49.95
N PRO D 671 31.08 -52.39 -49.90
CA PRO D 671 30.64 -51.85 -48.61
C PRO D 671 30.14 -52.98 -47.72
N LYS D 672 30.39 -52.83 -46.42
CA LYS D 672 30.03 -53.87 -45.47
C LYS D 672 28.53 -54.10 -45.47
N SER D 673 28.15 -55.37 -45.27
CA SER D 673 26.80 -55.90 -45.30
C SER D 673 26.22 -56.01 -46.70
N GLN D 674 26.92 -55.55 -47.72
CA GLN D 674 26.53 -55.80 -49.11
C GLN D 674 27.31 -56.98 -49.66
N ARG D 675 27.07 -57.28 -50.93
CA ARG D 675 27.84 -58.34 -51.58
C ARG D 675 27.75 -58.17 -53.09
N TYR D 676 28.69 -58.80 -53.78
CA TYR D 676 28.71 -58.71 -55.24
C TYR D 676 27.50 -59.42 -55.83
N ALA D 677 27.18 -59.08 -57.08
CA ALA D 677 26.17 -59.77 -57.85
C ALA D 677 26.46 -59.53 -59.33
N TYR D 678 26.39 -60.60 -60.10
CA TYR D 678 26.72 -60.53 -61.52
C TYR D 678 25.55 -60.06 -62.36
N VAL D 679 24.34 -60.45 -61.99
CA VAL D 679 23.14 -60.06 -62.72
C VAL D 679 22.30 -59.24 -61.76
N VAL D 680 22.48 -57.93 -61.78
CA VAL D 680 21.61 -56.99 -61.09
C VAL D 680 20.71 -56.38 -62.16
N ASP D 681 19.45 -56.80 -62.20
CA ASP D 681 18.57 -56.45 -63.30
C ASP D 681 17.30 -55.74 -62.83
N ALA D 682 17.37 -54.98 -61.75
CA ALA D 682 16.20 -54.28 -61.24
C ALA D 682 16.67 -53.19 -60.29
N CYS D 683 15.72 -52.62 -59.55
CA CYS D 683 16.01 -51.65 -58.53
C CYS D 683 16.71 -52.33 -57.35
N GLN D 684 17.03 -51.55 -56.33
CA GLN D 684 17.62 -52.09 -55.12
C GLN D 684 16.54 -52.33 -54.08
N PRO D 685 16.40 -53.54 -53.57
CA PRO D 685 15.33 -53.81 -52.59
C PRO D 685 15.52 -53.02 -51.31
N THR D 686 14.54 -52.19 -50.98
CA THR D 686 14.63 -51.28 -49.85
C THR D 686 13.42 -51.44 -48.94
N CYS D 687 13.63 -51.17 -47.66
CA CYS D 687 12.54 -51.28 -46.69
C CYS D 687 11.45 -50.26 -46.99
N ARG D 688 11.84 -49.03 -47.32
CA ARG D 688 10.85 -48.03 -47.71
C ARG D 688 10.06 -48.49 -48.93
N GLY D 689 10.75 -49.07 -49.91
CA GLY D 689 10.07 -49.50 -51.12
C GLY D 689 9.06 -50.60 -50.88
N LEU D 690 9.46 -51.62 -50.12
CA LEU D 690 8.52 -52.69 -49.82
C LEU D 690 7.40 -52.20 -48.92
N SER D 691 7.62 -51.13 -48.17
CA SER D 691 6.57 -50.60 -47.34
C SER D 691 5.55 -49.80 -48.16
N GLU D 692 6.02 -48.95 -49.08
CA GLU D 692 5.12 -47.98 -49.70
C GLU D 692 5.41 -47.79 -51.20
N ALA D 693 5.90 -48.84 -51.88
CA ALA D 693 6.21 -48.77 -53.31
C ALA D 693 7.30 -47.74 -53.58
N ASP D 694 7.68 -47.57 -54.85
CA ASP D 694 8.77 -46.68 -55.19
C ASP D 694 8.74 -46.36 -56.68
N VAL D 695 8.92 -45.08 -57.03
CA VAL D 695 9.06 -44.70 -58.43
C VAL D 695 10.33 -45.29 -59.03
N THR D 696 11.35 -45.53 -58.21
CA THR D 696 12.63 -45.97 -58.72
C THR D 696 12.52 -47.24 -59.56
N CYS D 697 11.76 -48.22 -59.07
CA CYS D 697 11.78 -49.55 -59.66
C CYS D 697 10.97 -49.65 -60.94
N SER D 698 10.55 -48.52 -61.52
CA SER D 698 9.79 -48.50 -62.75
C SER D 698 10.64 -48.09 -63.95
N VAL D 699 11.93 -48.40 -63.93
CA VAL D 699 12.85 -48.03 -64.99
C VAL D 699 13.55 -49.29 -65.48
N SER D 700 13.51 -49.50 -66.79
CA SER D 700 14.14 -50.67 -67.39
C SER D 700 15.52 -50.29 -67.91
N PHE D 701 16.54 -50.95 -67.36
CA PHE D 701 17.92 -50.70 -67.77
C PHE D 701 18.62 -52.04 -67.95
N VAL D 702 19.66 -52.03 -68.78
CA VAL D 702 20.37 -53.27 -69.09
C VAL D 702 20.95 -53.84 -67.80
N PRO D 703 20.93 -55.16 -67.60
CA PRO D 703 21.32 -55.71 -66.31
C PRO D 703 22.82 -55.58 -66.06
N VAL D 704 23.17 -54.67 -65.17
CA VAL D 704 24.56 -54.41 -64.85
C VAL D 704 24.95 -55.23 -63.63
N ASP D 705 26.24 -55.37 -63.42
CA ASP D 705 26.75 -56.06 -62.25
C ASP D 705 27.24 -55.05 -61.22
N GLY D 706 27.41 -55.51 -59.99
CA GLY D 706 27.90 -54.64 -58.95
C GLY D 706 27.51 -55.14 -57.58
N CYS D 707 27.69 -54.28 -56.60
CA CYS D 707 27.46 -54.63 -55.21
C CYS D 707 26.06 -54.21 -54.78
N THR D 708 25.32 -55.16 -54.23
CA THR D 708 23.96 -54.93 -53.77
C THR D 708 23.73 -55.82 -52.56
N CYS D 709 22.65 -55.54 -51.84
CA CYS D 709 22.22 -56.45 -50.80
C CYS D 709 21.74 -57.76 -51.42
N PRO D 710 21.94 -58.88 -50.73
CA PRO D 710 21.47 -60.16 -51.27
C PRO D 710 19.95 -60.27 -51.17
N ALA D 711 19.43 -61.24 -51.91
CA ALA D 711 17.99 -61.46 -51.91
C ALA D 711 17.52 -61.87 -50.51
N GLY D 712 16.28 -61.51 -50.20
CA GLY D 712 15.76 -61.73 -48.87
C GLY D 712 16.21 -60.74 -47.84
N THR D 713 17.00 -59.75 -48.22
CA THR D 713 17.46 -58.71 -47.32
C THR D 713 17.05 -57.35 -47.89
N PHE D 714 17.07 -56.34 -47.05
CA PHE D 714 16.77 -54.99 -47.45
C PHE D 714 17.64 -54.04 -46.65
N LEU D 715 17.89 -52.87 -47.24
CA LEU D 715 18.66 -51.83 -46.59
C LEU D 715 17.71 -50.76 -46.06
N ASN D 716 17.78 -50.51 -44.77
CA ASN D 716 16.91 -49.52 -44.14
C ASN D 716 17.43 -48.13 -44.48
N ASP D 717 16.77 -47.09 -43.96
CA ASP D 717 17.25 -45.74 -44.19
C ASP D 717 18.66 -45.55 -43.68
N ALA D 718 19.06 -46.32 -42.65
CA ALA D 718 20.43 -46.29 -42.18
C ALA D 718 21.40 -46.87 -43.21
N GLY D 719 20.91 -47.64 -44.17
CA GLY D 719 21.75 -48.21 -45.19
C GLY D 719 22.28 -49.60 -44.86
N ALA D 720 22.23 -50.01 -43.60
CA ALA D 720 22.68 -51.33 -43.23
C ALA D 720 21.73 -52.38 -43.78
N CYS D 721 22.28 -53.57 -44.05
CA CYS D 721 21.53 -54.65 -44.69
C CYS D 721 20.97 -55.58 -43.60
N VAL D 722 19.65 -55.59 -43.46
CA VAL D 722 18.97 -56.43 -42.47
C VAL D 722 17.87 -57.20 -43.18
N PRO D 723 17.46 -58.34 -42.65
CA PRO D 723 16.32 -59.05 -43.22
C PRO D 723 15.03 -58.25 -43.05
N ALA D 724 13.97 -58.75 -43.67
CA ALA D 724 12.68 -58.05 -43.63
C ALA D 724 12.17 -57.93 -42.20
N GLN D 725 12.42 -58.94 -41.37
CA GLN D 725 11.93 -58.93 -39.99
C GLN D 725 12.51 -57.79 -39.17
N GLU D 726 13.70 -57.31 -39.52
CA GLU D 726 14.36 -56.26 -38.74
C GLU D 726 14.06 -54.86 -39.26
N CYS D 727 13.37 -54.72 -40.38
CA CYS D 727 13.13 -53.38 -40.88
C CYS D 727 11.66 -53.02 -40.76
N PRO D 728 11.35 -51.77 -40.48
CA PRO D 728 9.99 -51.39 -40.11
C PRO D 728 9.12 -50.94 -41.28
N CYS D 729 7.82 -51.16 -41.12
CA CYS D 729 6.85 -50.53 -42.02
C CYS D 729 6.78 -49.04 -41.74
N TYR D 730 6.50 -48.26 -42.79
CA TYR D 730 6.47 -46.81 -42.70
C TYR D 730 5.11 -46.29 -43.12
N ALA D 731 4.39 -45.69 -42.18
CA ALA D 731 3.09 -45.08 -42.43
C ALA D 731 3.19 -43.58 -42.22
N HIS D 732 2.80 -42.81 -43.23
CA HIS D 732 2.90 -41.34 -43.21
C HIS D 732 4.32 -40.88 -42.97
N GLY D 733 5.31 -41.70 -43.33
CA GLY D 733 6.69 -41.39 -43.01
C GLY D 733 7.09 -41.72 -41.59
N THR D 734 6.22 -42.35 -40.81
CA THR D 734 6.53 -42.70 -39.43
C THR D 734 7.15 -44.09 -39.37
N VAL D 735 8.28 -44.19 -38.66
CA VAL D 735 8.91 -45.48 -38.47
C VAL D 735 8.03 -46.32 -37.56
N LEU D 736 7.40 -47.35 -38.12
CA LEU D 736 6.52 -48.22 -37.38
C LEU D 736 7.20 -49.57 -37.29
N ALA D 737 7.67 -49.91 -36.10
CA ALA D 737 8.63 -50.99 -35.93
C ALA D 737 8.03 -52.35 -36.33
N PRO D 738 8.87 -53.31 -36.69
CA PRO D 738 8.35 -54.61 -37.14
C PRO D 738 7.65 -55.36 -36.03
N GLY D 739 6.66 -56.16 -36.41
CA GLY D 739 5.94 -57.00 -35.46
C GLY D 739 5.25 -56.20 -34.38
N GLU D 740 4.74 -55.02 -34.72
CA GLU D 740 4.17 -54.10 -33.74
C GLU D 740 2.74 -53.77 -34.14
N VAL D 741 1.80 -54.05 -33.25
CA VAL D 741 0.40 -53.76 -33.45
C VAL D 741 0.13 -52.36 -32.90
N VAL D 742 -0.53 -51.53 -33.70
CA VAL D 742 -0.76 -50.13 -33.35
C VAL D 742 -2.20 -49.76 -33.66
N HIS D 743 -2.60 -48.61 -33.13
CA HIS D 743 -3.92 -48.04 -33.35
C HIS D 743 -3.78 -46.77 -34.17
N ASP D 744 -4.68 -46.58 -35.14
CA ASP D 744 -4.66 -45.36 -35.94
C ASP D 744 -6.03 -45.16 -36.57
N GLU D 745 -6.67 -44.04 -36.26
CA GLU D 745 -7.90 -43.61 -36.93
C GLU D 745 -9.00 -44.67 -36.86
N GLY D 746 -9.22 -45.21 -35.66
CA GLY D 746 -10.22 -46.24 -35.50
C GLY D 746 -9.87 -47.56 -36.15
N ALA D 747 -8.57 -47.82 -36.36
CA ALA D 747 -8.11 -49.02 -37.06
C ALA D 747 -6.96 -49.65 -36.30
N VAL D 748 -6.78 -50.96 -36.50
CA VAL D 748 -5.71 -51.72 -35.87
C VAL D 748 -4.77 -52.20 -36.96
N CYS D 749 -3.48 -51.90 -36.80
CA CYS D 749 -2.51 -52.21 -37.84
C CYS D 749 -1.38 -53.07 -37.28
N SER D 750 -0.72 -53.78 -38.19
CA SER D 750 0.39 -54.66 -37.85
C SER D 750 1.50 -54.48 -38.87
N CYS D 751 2.72 -54.79 -38.44
CA CYS D 751 3.92 -54.66 -39.24
C CYS D 751 4.60 -56.03 -39.26
N THR D 752 4.19 -56.87 -40.21
CA THR D 752 4.66 -58.25 -40.28
C THR D 752 5.66 -58.37 -41.41
N GLY D 753 6.90 -58.73 -41.07
CA GLY D 753 7.93 -58.90 -42.08
C GLY D 753 8.21 -57.66 -42.88
N GLY D 754 8.11 -56.49 -42.26
CA GLY D 754 8.25 -55.22 -42.96
C GLY D 754 7.03 -54.79 -43.74
N LYS D 755 5.99 -55.63 -43.79
CA LYS D 755 4.79 -55.34 -44.57
C LYS D 755 3.73 -54.76 -43.64
N LEU D 756 3.10 -53.68 -44.09
CA LEU D 756 2.10 -52.98 -43.29
C LEU D 756 0.70 -53.47 -43.64
N SER D 757 -0.09 -53.78 -42.62
CA SER D 757 -1.47 -54.24 -42.80
C SER D 757 -2.35 -53.47 -41.83
N CYS D 758 -3.56 -53.12 -42.26
CA CYS D 758 -4.49 -52.37 -41.41
C CYS D 758 -5.90 -52.94 -41.53
N LEU D 759 -6.61 -52.97 -40.40
CA LEU D 759 -7.90 -53.62 -40.26
C LEU D 759 -8.88 -52.69 -39.56
N GLY D 760 -10.15 -52.82 -39.92
CA GLY D 760 -11.20 -52.03 -39.31
C GLY D 760 -11.61 -50.82 -40.13
N GLY D 768 -16.93 -58.82 -47.87
CA GLY D 768 -17.03 -59.01 -46.44
C GLY D 768 -17.88 -57.96 -45.74
N CYS D 769 -18.85 -57.42 -46.47
CA CYS D 769 -19.76 -56.40 -45.94
C CYS D 769 -21.19 -56.83 -46.26
N ALA D 770 -22.15 -56.01 -45.85
CA ALA D 770 -23.56 -56.33 -46.02
C ALA D 770 -24.26 -55.37 -46.97
N ALA D 771 -24.10 -54.06 -46.72
CA ALA D 771 -24.71 -53.06 -47.57
C ALA D 771 -24.02 -53.06 -48.93
N PRO D 772 -24.64 -52.45 -49.97
CA PRO D 772 -24.03 -52.41 -51.31
C PRO D 772 -22.53 -52.14 -51.31
N MET D 773 -22.06 -51.38 -50.33
CA MET D 773 -20.63 -51.18 -50.15
C MET D 773 -19.92 -52.51 -49.93
N VAL D 774 -18.91 -52.78 -50.76
CA VAL D 774 -18.20 -54.05 -50.74
C VAL D 774 -16.79 -53.83 -50.20
N TYR D 775 -16.11 -54.90 -49.83
CA TYR D 775 -14.79 -54.78 -49.24
C TYR D 775 -13.75 -54.40 -50.29
N LEU D 776 -12.70 -53.73 -49.84
CA LEU D 776 -11.53 -53.41 -50.64
C LEU D 776 -10.29 -53.69 -49.81
N ASP D 777 -9.35 -54.43 -50.40
CA ASP D 777 -8.12 -54.84 -49.74
C ASP D 777 -6.94 -54.39 -50.58
N CYS D 778 -5.89 -53.91 -49.92
CA CYS D 778 -4.72 -53.38 -50.61
C CYS D 778 -3.71 -54.44 -50.99
N SER D 779 -3.93 -55.70 -50.57
CA SER D 779 -2.96 -56.75 -50.88
C SER D 779 -2.85 -56.98 -52.38
N ASN D 780 -3.97 -56.95 -53.10
CA ASN D 780 -3.95 -57.15 -54.53
C ASN D 780 -3.43 -55.93 -55.28
N SER D 781 -3.87 -54.74 -54.88
CA SER D 781 -3.47 -53.52 -55.57
C SER D 781 -2.04 -53.15 -55.22
N SER D 782 -1.39 -52.45 -56.15
CA SER D 782 -0.07 -51.90 -55.87
C SER D 782 -0.16 -50.83 -54.81
N ALA D 783 0.93 -50.65 -54.06
CA ALA D 783 0.93 -49.67 -52.98
C ALA D 783 0.70 -48.27 -53.53
N GLY D 784 -0.04 -47.46 -52.77
CA GLY D 784 -0.33 -46.09 -53.16
C GLY D 784 -1.74 -45.85 -53.66
N THR D 785 -2.52 -46.89 -54.00
CA THR D 785 -3.89 -46.68 -54.45
C THR D 785 -4.74 -46.12 -53.32
N PRO D 786 -5.75 -45.30 -53.64
CA PRO D 786 -6.61 -44.75 -52.59
C PRO D 786 -7.44 -45.80 -51.91
N GLY D 787 -7.15 -46.07 -50.64
CA GLY D 787 -7.85 -47.09 -49.87
C GLY D 787 -9.18 -46.60 -49.33
N ALA D 788 -9.66 -47.29 -48.31
CA ALA D 788 -10.94 -46.93 -47.72
C ALA D 788 -10.89 -45.57 -47.04
N GLU D 789 -9.68 -45.08 -46.73
CA GLU D 789 -9.58 -43.74 -46.18
C GLU D 789 -9.95 -42.70 -47.22
N CYS D 790 -9.57 -42.93 -48.48
CA CYS D 790 -9.95 -42.05 -49.58
C CYS D 790 -11.25 -42.54 -50.21
N LEU D 791 -12.23 -42.79 -49.35
CA LEU D 791 -13.53 -43.26 -49.79
C LEU D 791 -14.34 -42.09 -50.29
N ARG D 792 -14.93 -42.24 -51.47
CA ARG D 792 -15.83 -41.20 -51.97
C ARG D 792 -16.97 -40.99 -50.98
N SER D 793 -17.06 -39.78 -50.44
CA SER D 793 -17.97 -39.50 -49.35
C SER D 793 -18.50 -38.08 -49.49
N CYS D 794 -19.61 -37.82 -48.79
CA CYS D 794 -20.30 -36.54 -48.93
C CYS D 794 -19.41 -35.37 -48.59
N HIS D 795 -18.34 -35.59 -47.82
CA HIS D 795 -17.34 -34.57 -47.57
C HIS D 795 -16.14 -34.66 -48.49
N THR D 796 -15.61 -35.86 -48.71
CA THR D 796 -14.37 -36.02 -49.46
C THR D 796 -14.61 -36.21 -50.95
N LEU D 797 -15.87 -36.25 -51.39
CA LEU D 797 -16.13 -36.19 -52.82
C LEU D 797 -15.71 -34.83 -53.37
N ASP D 798 -15.68 -33.80 -52.52
CA ASP D 798 -15.50 -32.44 -52.98
C ASP D 798 -14.08 -31.92 -52.82
N VAL D 799 -13.39 -32.28 -51.75
CA VAL D 799 -12.07 -31.74 -51.46
C VAL D 799 -10.98 -32.48 -52.23
N GLY D 800 -11.04 -33.80 -52.21
CA GLY D 800 -9.99 -34.61 -52.80
C GLY D 800 -9.09 -35.19 -51.74
N CYS D 801 -9.03 -36.51 -51.62
CA CYS D 801 -8.41 -37.16 -50.48
C CYS D 801 -6.90 -37.25 -50.67
N PHE D 802 -6.18 -37.23 -49.55
CA PHE D 802 -4.73 -37.39 -49.53
C PHE D 802 -4.36 -38.47 -48.52
N SER D 803 -3.51 -39.41 -48.94
CA SER D 803 -2.97 -40.42 -48.06
C SER D 803 -1.85 -41.17 -48.77
N THR D 804 -0.77 -41.46 -48.03
CA THR D 804 0.34 -42.23 -48.57
C THR D 804 0.17 -43.72 -48.38
N HIS D 805 -0.85 -44.17 -47.64
CA HIS D 805 -1.03 -45.58 -47.33
C HIS D 805 -2.45 -45.99 -47.67
N CYS D 806 -2.60 -47.11 -48.37
CA CYS D 806 -3.91 -47.70 -48.58
C CYS D 806 -4.38 -48.40 -47.30
N VAL D 807 -5.69 -48.41 -47.10
CA VAL D 807 -6.31 -49.12 -45.99
C VAL D 807 -7.41 -50.02 -46.53
N SER D 808 -7.54 -51.20 -45.95
CA SER D 808 -8.61 -52.11 -46.32
C SER D 808 -9.88 -51.76 -45.53
N GLY D 809 -11.02 -51.87 -46.20
CA GLY D 809 -12.28 -51.55 -45.55
C GLY D 809 -13.41 -51.63 -46.55
N CYS D 810 -14.61 -51.40 -46.06
CA CYS D 810 -15.81 -51.48 -46.90
C CYS D 810 -16.08 -50.12 -47.55
N VAL D 811 -16.25 -50.14 -48.87
CA VAL D 811 -16.35 -48.93 -49.68
C VAL D 811 -17.53 -49.09 -50.64
N CYS D 812 -18.31 -48.02 -50.79
CA CYS D 812 -19.49 -48.08 -51.64
C CYS D 812 -19.11 -48.41 -53.08
N PRO D 813 -19.99 -49.07 -53.82
CA PRO D 813 -19.69 -49.42 -55.21
C PRO D 813 -19.58 -48.17 -56.06
N PRO D 814 -18.86 -48.24 -57.19
CA PRO D 814 -18.67 -47.05 -58.01
C PRO D 814 -19.99 -46.45 -58.47
N GLY D 815 -20.02 -45.11 -58.55
CA GLY D 815 -21.22 -44.38 -58.87
C GLY D 815 -21.95 -43.79 -57.69
N LEU D 816 -21.70 -44.30 -56.48
CA LEU D 816 -22.33 -43.83 -55.26
C LEU D 816 -21.25 -43.47 -54.26
N VAL D 817 -21.66 -42.76 -53.20
CA VAL D 817 -20.77 -42.38 -52.12
C VAL D 817 -21.36 -42.91 -50.82
N SER D 818 -20.70 -42.61 -49.71
CA SER D 818 -21.16 -43.05 -48.41
C SER D 818 -21.59 -41.87 -47.55
N ASP D 819 -22.58 -42.12 -46.70
CA ASP D 819 -23.04 -41.14 -45.72
C ASP D 819 -22.14 -41.07 -44.49
N GLY D 820 -21.13 -41.94 -44.40
CA GLY D 820 -20.32 -42.06 -43.21
C GLY D 820 -20.85 -43.02 -42.17
N SER D 821 -22.03 -43.60 -42.39
CA SER D 821 -22.62 -44.55 -41.46
C SER D 821 -22.74 -45.94 -42.05
N GLY D 822 -21.92 -46.26 -43.06
CA GLY D 822 -21.97 -47.55 -43.70
C GLY D 822 -23.00 -47.69 -44.80
N GLY D 823 -23.84 -46.67 -45.01
CA GLY D 823 -24.80 -46.66 -46.09
C GLY D 823 -24.18 -46.22 -47.40
N CYS D 824 -25.01 -46.21 -48.44
CA CYS D 824 -24.60 -45.74 -49.75
C CYS D 824 -25.69 -44.82 -50.30
N ILE D 825 -25.26 -43.73 -50.93
CA ILE D 825 -26.16 -42.67 -51.38
C ILE D 825 -25.68 -42.18 -52.73
N ALA D 826 -26.62 -41.86 -53.62
CA ALA D 826 -26.27 -41.22 -54.87
C ALA D 826 -25.64 -39.86 -54.60
N GLU D 827 -24.66 -39.49 -55.41
CA GLU D 827 -23.91 -38.26 -55.20
C GLU D 827 -24.77 -37.00 -55.28
N GLU D 828 -25.96 -37.10 -55.87
CA GLU D 828 -26.85 -35.95 -55.97
C GLU D 828 -27.80 -35.84 -54.79
N ASP D 829 -27.52 -36.54 -53.68
CA ASP D 829 -28.36 -36.48 -52.50
C ASP D 829 -27.54 -36.41 -51.21
N CYS D 830 -26.31 -35.95 -51.29
CA CYS D 830 -25.45 -35.91 -50.12
C CYS D 830 -25.95 -34.88 -49.12
N PRO D 831 -26.04 -35.21 -47.84
CA PRO D 831 -26.51 -34.24 -46.85
C PRO D 831 -25.57 -33.05 -46.75
N CYS D 832 -26.16 -31.88 -46.54
CA CYS D 832 -25.39 -30.66 -46.35
C CYS D 832 -25.05 -30.49 -44.86
N VAL D 833 -23.80 -30.15 -44.60
CA VAL D 833 -23.29 -29.95 -43.25
C VAL D 833 -23.18 -28.46 -43.00
N HIS D 834 -23.71 -28.00 -41.87
CA HIS D 834 -23.63 -26.59 -41.52
C HIS D 834 -23.60 -26.42 -40.01
N ASN D 835 -22.52 -25.82 -39.50
CA ASN D 835 -22.40 -25.43 -38.10
C ASN D 835 -22.57 -26.64 -37.17
N GLU D 836 -21.64 -27.58 -37.29
CA GLU D 836 -21.62 -28.78 -36.46
C GLU D 836 -22.92 -29.54 -36.55
N ALA D 837 -23.66 -29.35 -37.64
CA ALA D 837 -24.91 -30.06 -37.86
C ALA D 837 -24.90 -30.77 -39.21
N THR D 838 -26.05 -31.33 -39.57
CA THR D 838 -26.22 -32.02 -40.84
C THR D 838 -27.68 -31.91 -41.25
N TYR D 839 -27.92 -31.56 -42.51
CA TYR D 839 -29.26 -31.34 -43.01
C TYR D 839 -29.49 -32.22 -44.24
N LYS D 840 -30.65 -32.87 -44.29
CA LYS D 840 -30.99 -33.67 -45.45
C LYS D 840 -31.27 -32.76 -46.64
N PRO D 841 -31.15 -33.28 -47.86
CA PRO D 841 -31.57 -32.50 -49.02
C PRO D 841 -33.05 -32.16 -48.91
N GLY D 842 -33.38 -30.92 -49.24
CA GLY D 842 -34.74 -30.42 -49.09
C GLY D 842 -35.02 -29.76 -47.75
N GLU D 843 -34.10 -29.81 -46.80
CA GLU D 843 -34.24 -29.08 -45.55
C GLU D 843 -33.70 -27.66 -45.70
N THR D 844 -34.33 -26.74 -44.98
CA THR D 844 -34.02 -25.33 -45.11
C THR D 844 -33.41 -24.82 -43.81
N ILE D 845 -32.58 -23.78 -43.94
CA ILE D 845 -32.02 -23.09 -42.80
C ILE D 845 -32.15 -21.59 -43.03
N ARG D 846 -31.96 -20.82 -41.96
CA ARG D 846 -31.98 -19.37 -42.02
C ARG D 846 -30.63 -18.85 -41.54
N VAL D 847 -29.97 -18.04 -42.36
CA VAL D 847 -28.72 -17.38 -41.99
C VAL D 847 -28.94 -15.89 -42.09
N ASP D 848 -28.69 -15.18 -40.98
CA ASP D 848 -28.91 -13.75 -40.88
C ASP D 848 -30.30 -13.37 -41.39
N CYS D 849 -30.37 -12.60 -42.46
CA CYS D 849 -31.63 -12.10 -42.99
C CYS D 849 -32.13 -12.90 -44.17
N ASN D 850 -31.40 -13.92 -44.59
CA ASN D 850 -31.76 -14.69 -45.77
C ASN D 850 -31.92 -16.16 -45.40
N THR D 851 -32.55 -16.91 -46.30
CA THR D 851 -32.85 -18.31 -46.07
C THR D 851 -32.19 -19.12 -47.17
N CYS D 852 -31.63 -20.27 -46.80
CA CYS D 852 -30.99 -21.17 -47.73
C CYS D 852 -31.64 -22.54 -47.68
N THR D 853 -31.47 -23.27 -48.78
CA THR D 853 -31.99 -24.63 -48.92
C THR D 853 -30.87 -25.52 -49.45
N CYS D 854 -30.84 -26.77 -49.00
CA CYS D 854 -29.77 -27.70 -49.31
C CYS D 854 -30.09 -28.45 -50.59
N ARG D 855 -29.22 -28.31 -51.58
CA ARG D 855 -29.36 -29.01 -52.85
C ARG D 855 -27.98 -29.33 -53.41
N ASN D 856 -27.76 -30.60 -53.74
CA ASN D 856 -26.52 -31.05 -54.35
C ASN D 856 -25.31 -30.56 -53.57
N ARG D 857 -25.32 -30.86 -52.27
CA ARG D 857 -24.21 -30.52 -51.37
C ARG D 857 -23.88 -29.04 -51.40
N ARG D 858 -24.88 -28.21 -51.69
CA ARG D 858 -24.71 -26.77 -51.73
C ARG D 858 -25.89 -26.12 -51.03
N TRP D 859 -25.73 -24.85 -50.69
CA TRP D 859 -26.80 -24.05 -50.16
C TRP D 859 -27.18 -23.00 -51.20
N GLU D 860 -28.45 -22.98 -51.60
CA GLU D 860 -28.98 -21.91 -52.42
C GLU D 860 -29.80 -20.98 -51.53
N CYS D 861 -29.41 -19.71 -51.52
CA CYS D 861 -29.98 -18.72 -50.62
C CYS D 861 -30.63 -17.60 -51.41
N SER D 862 -31.69 -17.04 -50.85
CA SER D 862 -32.26 -15.82 -51.39
C SER D 862 -31.23 -14.70 -51.33
N HIS D 863 -31.43 -13.67 -52.15
CA HIS D 863 -30.46 -12.59 -52.28
C HIS D 863 -30.95 -11.30 -51.65
N ARG D 864 -31.69 -11.37 -50.55
CA ARG D 864 -32.12 -10.17 -49.86
C ARG D 864 -30.94 -9.53 -49.13
N LEU D 865 -30.83 -8.21 -49.25
CA LEU D 865 -29.80 -7.48 -48.54
C LEU D 865 -30.02 -7.56 -47.03
N CYS D 866 -28.93 -7.67 -46.28
CA CYS D 866 -28.97 -7.84 -44.84
C CYS D 866 -28.46 -6.58 -44.14
N LEU D 867 -29.20 -6.16 -43.11
CA LEU D 867 -28.90 -4.90 -42.43
C LEU D 867 -27.61 -5.03 -41.63
N GLY D 868 -26.60 -4.24 -42.00
CA GLY D 868 -25.34 -4.28 -41.28
C GLY D 868 -25.51 -3.82 -39.84
N THR D 869 -24.62 -4.29 -38.96
CA THR D 869 -24.82 -4.10 -37.53
C THR D 869 -23.53 -3.65 -36.85
N CYS D 870 -23.63 -2.54 -36.13
CA CYS D 870 -22.61 -2.09 -35.19
C CYS D 870 -23.10 -2.33 -33.78
N VAL D 871 -22.18 -2.63 -32.88
CA VAL D 871 -22.51 -2.89 -31.48
C VAL D 871 -21.56 -2.11 -30.60
N ALA D 872 -22.10 -1.44 -29.60
CA ALA D 872 -21.29 -0.68 -28.64
C ALA D 872 -21.93 -0.90 -27.28
N TYR D 873 -21.29 -1.69 -26.42
CA TYR D 873 -21.91 -2.06 -25.17
C TYR D 873 -20.86 -2.23 -24.09
N GLY D 874 -21.33 -2.44 -22.86
CA GLY D 874 -20.48 -2.77 -21.75
C GLY D 874 -19.53 -1.66 -21.36
N ASP D 875 -18.35 -2.05 -20.89
CA ASP D 875 -17.30 -1.12 -20.49
C ASP D 875 -16.62 -0.48 -21.68
N GLY D 876 -17.15 -0.65 -22.88
CA GLY D 876 -16.54 -0.06 -24.05
C GLY D 876 -16.18 -1.09 -25.09
N HIS D 877 -16.84 -2.24 -25.07
CA HIS D 877 -16.63 -3.19 -26.14
C HIS D 877 -17.37 -2.73 -27.38
N PHE D 878 -16.68 -2.75 -28.51
CA PHE D 878 -17.26 -2.38 -29.79
C PHE D 878 -17.09 -3.53 -30.77
N ILE D 879 -18.13 -3.77 -31.55
CA ILE D 879 -18.10 -4.64 -32.71
C ILE D 879 -18.45 -3.77 -33.90
N THR D 880 -17.49 -3.49 -34.76
CA THR D 880 -17.71 -2.53 -35.83
C THR D 880 -18.67 -3.12 -36.86
N PHE D 881 -18.95 -2.32 -37.90
CA PHE D 881 -19.90 -2.75 -38.93
C PHE D 881 -19.35 -3.93 -39.71
N ASP D 882 -18.03 -4.01 -39.85
CA ASP D 882 -17.36 -5.01 -40.66
C ASP D 882 -17.03 -6.27 -39.90
N GLY D 883 -17.49 -6.40 -38.65
CA GLY D 883 -17.24 -7.57 -37.86
C GLY D 883 -16.05 -7.50 -36.94
N ASP D 884 -15.31 -6.39 -36.93
CA ASP D 884 -14.18 -6.25 -36.05
C ASP D 884 -14.64 -6.13 -34.60
N ARG D 885 -13.75 -6.44 -33.68
CA ARG D 885 -14.05 -6.38 -32.25
C ARG D 885 -12.88 -5.78 -31.49
N TYR D 886 -13.17 -4.85 -30.58
CA TYR D 886 -12.12 -4.31 -29.73
C TYR D 886 -12.74 -3.69 -28.50
N SER D 887 -11.88 -3.21 -27.61
CA SER D 887 -12.30 -2.59 -26.36
C SER D 887 -11.63 -1.24 -26.23
N PHE D 888 -12.43 -0.21 -25.99
CA PHE D 888 -11.91 1.14 -25.84
C PHE D 888 -12.64 1.80 -24.69
N GLU D 889 -11.92 2.12 -23.62
CA GLU D 889 -12.51 2.69 -22.42
C GLU D 889 -12.24 4.19 -22.42
N GLY D 890 -13.08 4.93 -23.13
CA GLY D 890 -12.98 6.38 -23.18
C GLY D 890 -13.96 7.03 -22.21
N SER D 891 -13.78 8.33 -22.00
CA SER D 891 -14.62 9.08 -21.08
C SER D 891 -15.36 10.25 -21.71
N CYS D 892 -14.82 10.82 -22.78
CA CYS D 892 -15.41 12.00 -23.40
C CYS D 892 -16.44 11.61 -24.45
N GLU D 893 -16.84 12.56 -25.28
CA GLU D 893 -17.84 12.31 -26.31
C GLU D 893 -17.19 11.77 -27.56
N TYR D 894 -17.67 10.61 -28.03
CA TYR D 894 -17.04 9.91 -29.14
C TYR D 894 -18.07 9.63 -30.22
N ILE D 895 -17.68 9.87 -31.47
CA ILE D 895 -18.59 9.72 -32.59
C ILE D 895 -18.78 8.24 -32.90
N LEU D 896 -19.93 7.68 -32.52
CA LEU D 896 -20.17 6.28 -32.79
C LEU D 896 -20.40 6.02 -34.27
N ALA D 897 -20.98 6.99 -34.97
CA ALA D 897 -21.16 6.86 -36.41
C ALA D 897 -21.43 8.23 -36.99
N GLN D 898 -21.25 8.35 -38.30
CA GLN D 898 -21.64 9.55 -39.02
C GLN D 898 -21.42 9.36 -40.50
N ASP D 899 -22.21 10.08 -41.29
CA ASP D 899 -21.94 10.23 -42.72
C ASP D 899 -21.17 11.49 -43.01
N TYR D 900 -20.86 12.29 -42.00
CA TYR D 900 -20.14 13.55 -42.19
C TYR D 900 -18.64 13.28 -42.20
N CYS D 901 -18.21 12.49 -43.19
CA CYS D 901 -16.79 12.27 -43.44
C CYS D 901 -16.63 11.83 -44.88
N GLY D 902 -15.84 12.57 -45.63
CA GLY D 902 -15.63 12.28 -47.04
C GLY D 902 -15.10 13.52 -47.74
N ASP D 903 -14.92 13.37 -49.05
CA ASP D 903 -14.43 14.50 -49.85
C ASP D 903 -15.40 15.67 -49.76
N ASN D 904 -16.64 15.40 -49.40
CA ASN D 904 -17.55 16.40 -48.86
C ASN D 904 -18.11 15.82 -47.56
N THR D 905 -18.01 16.59 -46.48
CA THR D 905 -18.62 16.18 -45.22
C THR D 905 -20.08 16.62 -45.16
N THR D 906 -20.50 17.50 -46.05
CA THR D 906 -21.81 18.13 -45.99
C THR D 906 -22.88 17.38 -46.77
N HIS D 907 -22.53 16.31 -47.49
CA HIS D 907 -23.54 15.51 -48.16
C HIS D 907 -24.00 14.32 -47.31
N GLY D 908 -23.54 14.22 -46.06
CA GLY D 908 -24.02 13.20 -45.16
C GLY D 908 -25.35 13.57 -44.50
N THR D 909 -25.93 12.61 -43.81
CA THR D 909 -27.22 12.84 -43.17
C THR D 909 -27.14 12.79 -41.66
N PHE D 910 -26.72 11.67 -41.07
CA PHE D 910 -26.91 11.45 -39.64
C PHE D 910 -25.58 11.48 -38.91
N ARG D 911 -25.68 11.39 -37.58
CA ARG D 911 -24.50 11.44 -36.71
C ARG D 911 -24.87 10.92 -35.33
N ILE D 912 -24.09 9.98 -34.79
CA ILE D 912 -24.38 9.35 -33.52
C ILE D 912 -23.14 9.46 -32.65
N VAL D 913 -23.27 10.15 -31.52
CA VAL D 913 -22.24 10.31 -30.52
C VAL D 913 -22.65 9.58 -29.25
N THR D 914 -21.68 9.10 -28.50
CA THR D 914 -21.95 8.48 -27.21
C THR D 914 -20.90 8.90 -26.21
N GLU D 915 -21.22 8.74 -24.93
CA GLU D 915 -20.25 8.92 -23.85
C GLU D 915 -20.80 8.26 -22.60
N ASN D 916 -19.90 7.83 -21.74
CA ASN D 916 -20.25 6.94 -20.64
C ASN D 916 -20.67 7.74 -19.41
N ILE D 917 -21.94 7.64 -19.05
CA ILE D 917 -22.47 8.28 -17.85
C ILE D 917 -22.20 7.40 -16.64
N PRO D 918 -21.73 7.97 -15.55
CA PRO D 918 -21.86 7.27 -14.26
C PRO D 918 -23.17 7.66 -13.61
N CYS D 919 -23.98 6.69 -13.19
CA CYS D 919 -25.36 6.97 -12.83
C CYS D 919 -25.56 7.39 -11.38
N GLY D 920 -24.54 7.26 -10.53
CA GLY D 920 -24.70 7.70 -9.15
C GLY D 920 -23.46 8.34 -8.56
N THR D 921 -22.41 8.45 -9.36
CA THR D 921 -21.12 8.91 -8.86
C THR D 921 -20.34 9.47 -10.04
N THR D 922 -19.03 9.63 -9.88
CA THR D 922 -18.11 9.88 -10.99
C THR D 922 -17.04 8.79 -10.91
N GLY D 923 -17.35 7.65 -11.50
CA GLY D 923 -16.48 6.49 -11.41
C GLY D 923 -16.63 5.57 -12.59
N THR D 924 -16.80 4.27 -12.32
CA THR D 924 -17.02 3.32 -13.40
C THR D 924 -18.35 3.60 -14.08
N THR D 925 -18.41 3.32 -15.38
CA THR D 925 -19.58 3.65 -16.17
C THR D 925 -20.78 2.86 -15.68
N CYS D 926 -21.96 3.48 -15.74
CA CYS D 926 -23.20 2.83 -15.33
C CYS D 926 -24.27 2.90 -16.41
N SER D 927 -24.27 3.94 -17.23
CA SER D 927 -25.16 4.04 -18.37
C SER D 927 -24.45 4.86 -19.44
N LYS D 928 -25.15 5.12 -20.52
CA LYS D 928 -24.58 5.86 -21.64
C LYS D 928 -25.42 7.10 -21.92
N ALA D 929 -25.03 7.82 -22.96
CA ALA D 929 -25.76 8.99 -23.43
C ALA D 929 -25.53 9.12 -24.92
N ILE D 930 -26.59 9.12 -25.69
CA ILE D 930 -26.54 9.11 -27.14
C ILE D 930 -26.98 10.48 -27.64
N LYS D 931 -26.37 10.94 -28.73
CA LYS D 931 -26.80 12.17 -29.40
C LYS D 931 -27.03 11.84 -30.86
N LEU D 932 -28.24 11.38 -31.17
CA LEU D 932 -28.65 11.06 -32.54
C LEU D 932 -28.97 12.33 -33.30
N PHE D 933 -28.00 12.85 -34.04
CA PHE D 933 -28.28 13.94 -34.94
C PHE D 933 -28.74 13.36 -36.28
N VAL D 934 -29.90 13.78 -36.75
CA VAL D 934 -30.49 13.28 -37.98
C VAL D 934 -30.84 14.50 -38.82
N GLU D 935 -30.02 14.76 -39.85
CA GLU D 935 -30.04 16.06 -40.54
C GLU D 935 -30.00 17.22 -39.56
N SER D 936 -31.06 18.03 -39.53
CA SER D 936 -31.11 19.22 -38.70
C SER D 936 -31.80 18.99 -37.36
N TYR D 937 -32.22 17.77 -37.07
CA TYR D 937 -32.83 17.46 -35.79
C TYR D 937 -31.76 17.06 -34.79
N GLU D 938 -32.19 16.52 -33.64
CA GLU D 938 -31.30 15.99 -32.63
C GLU D 938 -32.14 15.25 -31.61
N LEU D 939 -31.64 14.12 -31.14
CA LEU D 939 -32.27 13.41 -30.04
C LEU D 939 -31.21 13.08 -29.00
N ILE D 940 -31.50 13.35 -27.75
CA ILE D 940 -30.62 12.96 -26.66
C ILE D 940 -31.24 11.77 -25.96
N LEU D 941 -30.51 10.67 -25.92
CA LEU D 941 -30.94 9.43 -25.29
C LEU D 941 -30.15 9.31 -23.99
N GLN D 942 -30.79 9.59 -22.86
CA GLN D 942 -30.08 9.51 -21.61
C GLN D 942 -31.05 9.22 -20.48
N GLU D 943 -30.50 8.71 -19.37
CA GLU D 943 -31.23 8.47 -18.13
C GLU D 943 -32.38 7.47 -18.29
N GLY D 944 -32.60 6.95 -19.49
CA GLY D 944 -33.66 6.00 -19.72
C GLY D 944 -34.80 6.52 -20.58
N THR D 945 -34.68 7.73 -21.11
CA THR D 945 -35.67 8.27 -22.04
C THR D 945 -34.97 9.13 -23.07
N PHE D 946 -35.77 9.71 -23.96
CA PHE D 946 -35.30 10.48 -25.10
C PHE D 946 -35.75 11.93 -24.98
N LYS D 947 -35.22 12.76 -25.87
CA LYS D 947 -35.60 14.17 -25.93
C LYS D 947 -35.66 14.63 -27.37
N ALA D 948 -35.72 15.92 -27.60
CA ALA D 948 -35.77 16.46 -28.95
C ALA D 948 -35.39 17.92 -28.91
N VAL D 949 -34.29 18.27 -29.57
CA VAL D 949 -33.73 19.61 -29.49
C VAL D 949 -33.68 20.17 -30.90
N ALA D 950 -34.69 19.82 -31.71
CA ALA D 950 -34.75 20.26 -33.11
C ALA D 950 -34.50 21.75 -33.24
N ARG D 951 -33.42 22.10 -33.93
CA ARG D 951 -33.00 23.48 -34.09
C ARG D 951 -33.06 23.99 -35.52
N GLY D 952 -32.91 23.12 -36.51
CA GLY D 952 -32.96 23.53 -37.89
C GLY D 952 -34.37 23.77 -38.37
N PRO D 953 -34.64 23.43 -39.65
CA PRO D 953 -36.00 23.51 -40.16
C PRO D 953 -36.99 22.68 -39.36
N GLY D 954 -38.14 23.26 -39.04
CA GLY D 954 -39.15 22.60 -38.24
C GLY D 954 -40.22 21.89 -39.04
N GLY D 955 -39.85 20.87 -39.80
CA GLY D 955 -40.79 20.07 -40.56
C GLY D 955 -41.21 18.82 -39.82
N ASP D 956 -41.59 17.81 -40.60
CA ASP D 956 -41.92 16.54 -39.99
C ASP D 956 -40.65 15.77 -39.62
N PRO D 957 -40.68 15.03 -38.51
CA PRO D 957 -39.49 14.31 -38.06
C PRO D 957 -39.04 13.29 -39.10
N PRO D 958 -37.73 13.23 -39.37
CA PRO D 958 -37.19 12.16 -40.21
C PRO D 958 -36.91 10.87 -39.47
N TYR D 959 -37.47 10.70 -38.27
CA TYR D 959 -37.26 9.53 -37.44
C TYR D 959 -38.61 9.05 -36.90
N LYS D 960 -38.64 7.79 -36.50
CA LYS D 960 -39.77 7.22 -35.79
C LYS D 960 -39.23 6.57 -34.53
N ILE D 961 -40.06 6.52 -33.49
CA ILE D 961 -39.64 6.08 -32.17
C ILE D 961 -40.53 4.92 -31.76
N ARG D 962 -39.92 3.85 -31.26
CA ARG D 962 -40.66 2.68 -30.81
C ARG D 962 -40.04 2.13 -29.54
N TYR D 963 -40.85 1.42 -28.78
CA TYR D 963 -40.41 0.76 -27.56
C TYR D 963 -40.38 -0.73 -27.85
N MET D 964 -39.24 -1.20 -28.37
CA MET D 964 -39.11 -2.59 -28.77
C MET D 964 -38.57 -3.37 -27.57
N GLY D 965 -39.48 -4.00 -26.84
CA GLY D 965 -39.07 -4.81 -25.71
C GLY D 965 -38.41 -4.00 -24.61
N ILE D 966 -37.12 -4.20 -24.41
CA ILE D 966 -36.37 -3.44 -23.40
C ILE D 966 -35.46 -2.46 -24.10
N PHE D 967 -35.84 -2.04 -25.31
CA PHE D 967 -35.04 -1.16 -26.13
C PHE D 967 -35.84 0.03 -26.59
N LEU D 968 -35.19 1.18 -26.66
CA LEU D 968 -35.67 2.30 -27.46
C LEU D 968 -35.12 2.11 -28.87
N VAL D 969 -36.00 2.00 -29.85
CA VAL D 969 -35.57 1.79 -31.23
C VAL D 969 -36.07 2.95 -32.06
N ILE D 970 -35.15 3.59 -32.77
CA ILE D 970 -35.46 4.74 -33.59
C ILE D 970 -35.13 4.40 -35.03
N GLU D 971 -36.13 4.48 -35.91
CA GLU D 971 -35.95 4.22 -37.33
C GLU D 971 -35.78 5.54 -38.09
N THR D 972 -35.06 5.46 -39.21
CA THR D 972 -34.89 6.60 -40.10
C THR D 972 -35.03 6.16 -41.56
N HIS D 973 -35.74 5.05 -41.79
CA HIS D 973 -36.05 4.50 -43.10
C HIS D 973 -34.84 3.84 -43.75
N GLY D 974 -33.65 4.03 -43.17
CA GLY D 974 -32.46 3.35 -43.62
C GLY D 974 -31.46 3.05 -42.52
N MET D 975 -31.85 3.30 -41.27
CA MET D 975 -30.92 3.25 -40.15
C MET D 975 -31.74 3.16 -38.86
N ALA D 976 -31.61 2.05 -38.14
CA ALA D 976 -32.38 1.78 -36.94
C ALA D 976 -31.45 1.61 -35.75
N VAL D 977 -31.67 2.40 -34.71
CA VAL D 977 -30.86 2.39 -33.49
C VAL D 977 -31.65 1.69 -32.39
N SER D 978 -30.96 0.88 -31.59
CA SER D 978 -31.58 0.20 -30.47
C SER D 978 -30.74 0.41 -29.23
N TRP D 979 -31.35 0.98 -28.19
CA TRP D 979 -30.68 1.33 -26.95
C TRP D 979 -31.31 0.54 -25.82
N ASP D 980 -30.48 -0.18 -25.05
CA ASP D 980 -31.01 -1.01 -23.98
C ASP D 980 -31.46 -0.20 -22.78
N ARG D 981 -31.37 1.13 -22.88
CA ARG D 981 -31.72 2.11 -21.87
C ARG D 981 -30.71 2.12 -20.74
N LYS D 982 -29.74 1.20 -20.72
CA LYS D 982 -28.65 1.31 -19.77
C LYS D 982 -27.31 1.48 -20.47
N THR D 983 -26.81 0.49 -21.19
CA THR D 983 -25.47 0.66 -21.74
C THR D 983 -25.21 0.01 -23.09
N SER D 984 -26.20 -0.62 -23.73
CA SER D 984 -25.98 -1.32 -24.98
C SER D 984 -26.63 -0.57 -26.12
N VAL D 985 -25.89 -0.37 -27.20
CA VAL D 985 -26.40 0.28 -28.40
C VAL D 985 -26.08 -0.64 -29.58
N PHE D 986 -27.12 -1.02 -30.32
CA PHE D 986 -26.96 -1.80 -31.54
C PHE D 986 -27.58 -1.01 -32.69
N ILE D 987 -26.80 -0.75 -33.72
CA ILE D 987 -27.26 0.03 -34.87
C ILE D 987 -27.31 -0.88 -36.09
N ARG D 988 -28.39 -0.80 -36.85
CA ARG D 988 -28.55 -1.61 -38.05
C ARG D 988 -28.79 -0.68 -39.22
N LEU D 989 -27.86 -0.72 -40.18
CA LEU D 989 -27.82 0.17 -41.33
C LEU D 989 -28.21 -0.56 -42.60
N HIS D 990 -28.87 0.17 -43.50
CA HIS D 990 -29.15 -0.36 -44.83
C HIS D 990 -27.86 -0.46 -45.62
N GLN D 991 -27.90 -1.26 -46.69
CA GLN D 991 -26.72 -1.44 -47.51
C GLN D 991 -26.36 -0.19 -48.31
N ASP D 992 -27.23 0.82 -48.33
CA ASP D 992 -26.92 2.05 -49.05
C ASP D 992 -25.72 2.77 -48.42
N TYR D 993 -25.67 2.82 -47.09
CA TYR D 993 -24.65 3.60 -46.39
C TYR D 993 -23.30 2.93 -46.38
N LYS D 994 -23.11 1.88 -47.16
CA LYS D 994 -21.88 1.12 -47.15
C LYS D 994 -20.72 1.99 -47.61
N GLY D 995 -19.60 1.92 -46.89
CA GLY D 995 -18.40 2.62 -47.28
C GLY D 995 -18.39 4.11 -47.01
N ARG D 996 -19.55 4.71 -46.76
CA ARG D 996 -19.65 6.16 -46.60
C ARG D 996 -19.88 6.59 -45.16
N VAL D 997 -19.61 5.73 -44.19
CA VAL D 997 -19.75 6.08 -42.79
C VAL D 997 -18.35 6.07 -42.16
N CYS D 998 -18.27 6.48 -40.90
CA CYS D 998 -17.01 6.43 -40.16
C CYS D 998 -17.32 6.51 -38.68
N GLY D 999 -16.30 6.78 -37.87
CA GLY D 999 -16.47 6.83 -36.43
C GLY D 999 -15.94 5.59 -35.74
N LEU D 1000 -16.59 5.16 -34.66
CA LEU D 1000 -16.15 4.00 -33.90
C LEU D 1000 -16.87 2.71 -34.30
N CYS D 1001 -17.73 2.74 -35.30
CA CYS D 1001 -18.28 1.52 -35.86
C CYS D 1001 -17.63 1.18 -37.20
N GLY D 1002 -16.45 1.72 -37.46
CA GLY D 1002 -15.77 1.46 -38.70
C GLY D 1002 -16.42 2.24 -39.82
N ASN D 1003 -15.94 1.98 -41.03
CA ASN D 1003 -16.47 2.65 -42.21
C ASN D 1003 -17.38 1.76 -43.04
N PHE D 1004 -17.75 0.59 -42.54
CA PHE D 1004 -18.70 -0.29 -43.20
C PHE D 1004 -18.26 -0.54 -44.64
N ASP D 1005 -17.10 -1.19 -44.78
CA ASP D 1005 -16.53 -1.46 -46.09
C ASP D 1005 -16.27 -2.95 -46.31
N ASP D 1006 -16.78 -3.82 -45.45
CA ASP D 1006 -16.52 -5.26 -45.52
C ASP D 1006 -15.02 -5.54 -45.49
N ASN D 1007 -14.29 -4.73 -44.73
CA ASN D 1007 -12.84 -4.84 -44.62
C ASN D 1007 -12.47 -4.40 -43.21
N ALA D 1008 -12.33 -5.37 -42.31
CA ALA D 1008 -12.18 -5.09 -40.91
C ALA D 1008 -10.74 -4.76 -40.51
N ILE D 1009 -9.77 -4.96 -41.39
CA ILE D 1009 -8.39 -4.72 -41.02
C ILE D 1009 -8.12 -3.22 -40.93
N ASN D 1010 -8.75 -2.44 -41.81
CA ASN D 1010 -8.52 -1.00 -41.89
C ASN D 1010 -9.56 -0.19 -41.13
N ASP D 1011 -10.44 -0.85 -40.37
CA ASP D 1011 -11.48 -0.13 -39.64
C ASP D 1011 -10.92 0.74 -38.54
N PHE D 1012 -9.67 0.54 -38.14
CA PHE D 1012 -9.04 1.43 -37.18
C PHE D 1012 -8.52 2.68 -37.87
N ALA D 1013 -9.40 3.39 -38.57
CA ALA D 1013 -9.02 4.57 -39.33
C ALA D 1013 -9.34 5.82 -38.52
N THR D 1014 -8.31 6.59 -38.20
CA THR D 1014 -8.43 7.71 -37.30
C THR D 1014 -9.05 8.89 -38.03
N ARG D 1015 -9.01 10.08 -37.41
CA ARG D 1015 -9.63 11.26 -37.99
C ARG D 1015 -8.99 11.61 -39.32
N SER D 1016 -7.68 11.55 -39.41
CA SER D 1016 -6.98 11.90 -40.62
C SER D 1016 -6.81 10.72 -41.57
N ARG D 1017 -7.59 9.66 -41.38
CA ARG D 1017 -7.53 8.45 -42.20
C ARG D 1017 -6.09 7.92 -42.29
N SER D 1018 -5.56 7.49 -41.16
CA SER D 1018 -4.26 6.85 -41.08
C SER D 1018 -4.44 5.59 -40.24
N VAL D 1019 -4.75 4.48 -40.91
CA VAL D 1019 -5.11 3.26 -40.20
C VAL D 1019 -3.99 2.85 -39.26
N VAL D 1020 -4.33 2.72 -37.99
CA VAL D 1020 -3.38 2.36 -36.96
C VAL D 1020 -3.71 0.96 -36.47
N GLY D 1021 -2.73 0.32 -35.84
CA GLY D 1021 -2.93 -1.00 -35.28
C GLY D 1021 -3.37 -1.01 -33.84
N ASP D 1022 -3.64 0.15 -33.26
CA ASP D 1022 -3.95 0.28 -31.84
C ASP D 1022 -5.33 0.90 -31.67
N ALA D 1023 -6.13 0.33 -30.78
CA ALA D 1023 -7.48 0.83 -30.56
C ALA D 1023 -7.49 2.13 -29.78
N LEU D 1024 -6.50 2.35 -28.91
CA LEU D 1024 -6.50 3.55 -28.09
C LEU D 1024 -6.40 4.80 -28.94
N GLU D 1025 -5.50 4.81 -29.93
CA GLU D 1025 -5.39 5.96 -30.81
C GLU D 1025 -6.62 6.09 -31.69
N PHE D 1026 -7.15 4.97 -32.17
CA PHE D 1026 -8.35 5.03 -33.00
C PHE D 1026 -9.49 5.69 -32.24
N GLY D 1027 -9.64 5.37 -30.96
CA GLY D 1027 -10.65 6.05 -30.16
C GLY D 1027 -10.32 7.50 -29.88
N ASN D 1028 -9.06 7.78 -29.50
CA ASN D 1028 -8.66 9.14 -29.19
C ASN D 1028 -8.84 10.07 -30.38
N SER D 1029 -8.86 9.52 -31.58
CA SER D 1029 -9.12 10.37 -32.75
C SER D 1029 -10.53 10.92 -32.73
N TRP D 1030 -11.52 10.07 -32.45
CA TRP D 1030 -12.91 10.42 -32.69
C TRP D 1030 -13.59 11.12 -31.51
N LYS D 1031 -12.82 11.69 -30.59
CA LYS D 1031 -13.44 12.51 -29.55
C LYS D 1031 -13.97 13.79 -30.17
N LEU D 1032 -15.16 14.20 -29.72
CA LEU D 1032 -15.78 15.41 -30.27
C LEU D 1032 -14.93 16.64 -30.00
N SER D 1033 -14.47 16.81 -28.76
CA SER D 1033 -13.81 18.05 -28.37
C SER D 1033 -12.31 17.82 -28.31
N PRO D 1034 -11.51 18.52 -29.13
CA PRO D 1034 -10.05 18.40 -29.00
C PRO D 1034 -9.52 18.84 -27.65
N SER D 1035 -10.28 19.65 -26.91
CA SER D 1035 -9.84 20.06 -25.59
C SER D 1035 -9.82 18.90 -24.61
N CYS D 1036 -10.62 17.87 -24.85
CA CYS D 1036 -10.70 16.75 -23.93
C CYS D 1036 -9.38 16.01 -23.88
N PRO D 1037 -9.00 15.44 -22.73
CA PRO D 1037 -7.77 14.66 -22.67
C PRO D 1037 -7.95 13.27 -23.25
N ASP D 1038 -6.89 12.77 -23.86
CA ASP D 1038 -6.90 11.41 -24.42
C ASP D 1038 -6.96 10.38 -23.30
N ALA D 1039 -7.70 9.30 -23.56
CA ALA D 1039 -7.75 8.19 -22.63
C ALA D 1039 -6.38 7.54 -22.53
N LEU D 1040 -6.04 7.09 -21.32
CA LEU D 1040 -4.74 6.46 -21.11
C LEU D 1040 -4.87 4.96 -21.36
N ALA D 1041 -3.84 4.22 -20.99
CA ALA D 1041 -3.83 2.79 -21.24
C ALA D 1041 -4.92 2.11 -20.44
N PRO D 1042 -5.82 1.38 -21.08
CA PRO D 1042 -6.79 0.58 -20.32
C PRO D 1042 -6.05 -0.45 -19.48
N LYS D 1043 -6.58 -0.70 -18.29
CA LYS D 1043 -5.92 -1.59 -17.35
C LYS D 1043 -6.82 -2.80 -17.15
N ASP D 1044 -6.23 -3.99 -17.23
CA ASP D 1044 -7.03 -5.22 -17.25
C ASP D 1044 -7.80 -5.37 -15.95
N PRO D 1045 -9.12 -5.58 -16.01
CA PRO D 1045 -9.94 -5.50 -14.80
C PRO D 1045 -9.63 -6.58 -13.78
N CYS D 1046 -9.55 -7.84 -14.22
CA CYS D 1046 -9.41 -8.95 -13.30
C CYS D 1046 -8.09 -8.89 -12.56
N THR D 1047 -7.03 -8.41 -13.22
CA THR D 1047 -5.77 -8.22 -12.52
C THR D 1047 -5.90 -7.18 -11.42
N ALA D 1048 -6.64 -6.10 -11.69
CA ALA D 1048 -6.80 -5.05 -10.69
C ALA D 1048 -7.53 -5.57 -9.45
N ASN D 1049 -8.57 -6.36 -9.64
CA ASN D 1049 -9.44 -6.80 -8.55
C ASN D 1049 -9.55 -8.32 -8.60
N PRO D 1050 -8.51 -9.03 -8.17
CA PRO D 1050 -8.57 -10.49 -8.21
C PRO D 1050 -9.69 -11.07 -7.38
N PHE D 1051 -10.11 -10.39 -6.32
CA PHE D 1051 -11.11 -10.94 -5.42
C PHE D 1051 -12.51 -10.96 -6.02
N ARG D 1052 -12.73 -10.23 -7.10
CA ARG D 1052 -13.95 -10.40 -7.87
C ARG D 1052 -13.84 -11.55 -8.86
N LYS D 1053 -12.60 -11.84 -9.29
CA LYS D 1053 -12.39 -12.63 -10.49
C LYS D 1053 -13.16 -13.94 -10.42
N SER D 1054 -12.99 -14.68 -9.33
CA SER D 1054 -13.67 -15.97 -9.20
C SER D 1054 -15.17 -15.82 -9.39
N TRP D 1055 -15.78 -14.91 -8.64
CA TRP D 1055 -17.21 -14.67 -8.80
C TRP D 1055 -17.53 -14.40 -10.26
N ALA D 1056 -16.73 -13.54 -10.89
CA ALA D 1056 -16.97 -13.20 -12.29
C ALA D 1056 -17.10 -14.46 -13.14
N GLN D 1057 -16.13 -15.37 -13.01
CA GLN D 1057 -16.19 -16.57 -13.84
C GLN D 1057 -17.45 -17.36 -13.54
N LYS D 1058 -17.76 -17.53 -12.25
CA LYS D 1058 -18.97 -18.28 -11.90
C LYS D 1058 -20.19 -17.64 -12.52
N GLN D 1059 -20.22 -16.31 -12.60
CA GLN D 1059 -21.35 -15.67 -13.22
C GLN D 1059 -21.29 -15.81 -14.73
N CYS D 1060 -20.11 -15.68 -15.32
CA CYS D 1060 -20.06 -15.71 -16.78
C CYS D 1060 -20.13 -17.13 -17.33
N SER D 1061 -19.86 -18.14 -16.49
CA SER D 1061 -19.98 -19.52 -16.94
C SER D 1061 -21.36 -19.85 -17.48
N ILE D 1062 -22.33 -18.95 -17.34
CA ILE D 1062 -23.65 -19.18 -17.91
C ILE D 1062 -23.53 -19.38 -19.41
N LEU D 1063 -22.50 -18.78 -20.03
CA LEU D 1063 -22.34 -18.92 -21.47
C LEU D 1063 -21.95 -20.33 -21.89
N HIS D 1064 -21.19 -21.05 -21.07
CA HIS D 1064 -20.78 -22.41 -21.41
C HIS D 1064 -21.77 -23.47 -20.95
N GLY D 1065 -22.86 -23.09 -20.30
CA GLY D 1065 -23.80 -24.05 -19.78
C GLY D 1065 -24.87 -24.45 -20.76
N PRO D 1066 -25.69 -25.43 -20.38
CA PRO D 1066 -26.74 -25.90 -21.29
C PRO D 1066 -27.76 -24.85 -21.63
N THR D 1067 -27.78 -23.73 -20.91
CA THR D 1067 -28.63 -22.61 -21.30
C THR D 1067 -28.23 -22.11 -22.68
N PHE D 1068 -26.93 -21.95 -22.92
CA PHE D 1068 -26.42 -21.51 -24.21
C PHE D 1068 -25.68 -22.63 -24.93
N ALA D 1069 -26.19 -23.85 -24.83
CA ALA D 1069 -25.59 -24.96 -25.55
C ALA D 1069 -25.73 -24.78 -27.05
N ALA D 1070 -26.96 -24.54 -27.53
CA ALA D 1070 -27.20 -24.49 -28.96
C ALA D 1070 -26.48 -23.32 -29.62
N CYS D 1071 -26.62 -22.12 -29.04
CA CYS D 1071 -26.06 -20.94 -29.68
C CYS D 1071 -24.55 -20.99 -29.79
N ARG D 1072 -23.86 -21.68 -28.88
CA ARG D 1072 -22.41 -21.70 -28.95
C ARG D 1072 -21.91 -22.35 -30.23
N SER D 1073 -22.77 -23.07 -30.94
CA SER D 1073 -22.41 -23.59 -32.25
C SER D 1073 -22.90 -22.70 -33.38
N GLN D 1074 -23.67 -21.65 -33.08
CA GLN D 1074 -24.12 -20.72 -34.10
C GLN D 1074 -23.43 -19.37 -34.04
N VAL D 1075 -22.91 -18.99 -32.87
CA VAL D 1075 -22.20 -17.74 -32.70
C VAL D 1075 -20.94 -18.01 -31.89
N ASP D 1076 -19.81 -17.52 -32.37
CA ASP D 1076 -18.57 -17.65 -31.60
C ASP D 1076 -18.64 -16.80 -30.36
N SER D 1077 -18.40 -17.42 -29.21
CA SER D 1077 -18.60 -16.77 -27.92
C SER D 1077 -17.33 -16.69 -27.09
N THR D 1078 -16.16 -16.78 -27.71
CA THR D 1078 -14.93 -16.56 -26.96
C THR D 1078 -14.84 -15.13 -26.48
N LYS D 1079 -14.99 -14.19 -27.41
CA LYS D 1079 -14.83 -12.78 -27.08
C LYS D 1079 -15.96 -12.26 -26.22
N TYR D 1080 -17.17 -12.75 -26.43
CA TYR D 1080 -18.27 -12.38 -25.55
C TYR D 1080 -17.99 -12.80 -24.12
N TYR D 1081 -17.46 -14.01 -23.93
CA TYR D 1081 -17.10 -14.47 -22.60
C TYR D 1081 -15.98 -13.63 -22.00
N GLU D 1082 -14.98 -13.28 -22.81
CA GLU D 1082 -13.91 -12.45 -22.28
C GLU D 1082 -14.44 -11.10 -21.83
N ALA D 1083 -15.36 -10.51 -22.62
CA ALA D 1083 -15.97 -9.25 -22.24
C ALA D 1083 -16.80 -9.39 -20.98
N CYS D 1084 -17.55 -10.48 -20.85
CA CYS D 1084 -18.35 -10.71 -19.65
C CYS D 1084 -17.47 -10.75 -18.42
N VAL D 1085 -16.40 -11.54 -18.48
CA VAL D 1085 -15.53 -11.68 -17.31
C VAL D 1085 -14.85 -10.36 -16.99
N ASN D 1086 -14.40 -9.63 -18.02
CA ASN D 1086 -13.73 -8.36 -17.77
C ASN D 1086 -14.69 -7.34 -17.17
N ASP D 1087 -15.95 -7.34 -17.62
CA ASP D 1087 -16.92 -6.40 -17.07
C ASP D 1087 -17.29 -6.75 -15.64
N ALA D 1088 -17.54 -8.03 -15.36
CA ALA D 1088 -17.82 -8.44 -14.00
C ALA D 1088 -16.63 -8.20 -13.08
N CYS D 1089 -15.40 -8.21 -13.61
CA CYS D 1089 -14.24 -7.87 -12.80
C CYS D 1089 -14.13 -6.36 -12.59
N ALA D 1090 -14.54 -5.57 -13.58
CA ALA D 1090 -14.29 -4.14 -13.53
C ALA D 1090 -15.26 -3.41 -12.60
N CYS D 1091 -16.52 -3.84 -12.54
CA CYS D 1091 -17.54 -3.10 -11.83
C CYS D 1091 -17.35 -3.25 -10.32
N ASP D 1092 -16.28 -2.60 -9.83
CA ASP D 1092 -15.95 -2.66 -8.42
C ASP D 1092 -16.56 -1.52 -7.60
N SER D 1093 -17.38 -0.67 -8.22
CA SER D 1093 -17.96 0.44 -7.51
C SER D 1093 -19.47 0.34 -7.35
N GLY D 1094 -20.07 -0.78 -7.70
CA GLY D 1094 -21.49 -0.99 -7.50
C GLY D 1094 -22.19 -1.27 -8.81
N GLY D 1095 -23.37 -1.88 -8.71
CA GLY D 1095 -24.11 -2.27 -9.88
C GLY D 1095 -23.43 -3.39 -10.63
N ASP D 1096 -23.37 -4.57 -10.00
CA ASP D 1096 -22.67 -5.70 -10.61
C ASP D 1096 -23.58 -6.51 -11.52
N CYS D 1097 -24.80 -6.79 -11.06
CA CYS D 1097 -25.71 -7.60 -11.85
C CYS D 1097 -26.00 -6.94 -13.19
N GLU D 1098 -26.05 -5.61 -13.22
CA GLU D 1098 -26.28 -4.93 -14.49
C GLU D 1098 -25.13 -5.17 -15.45
N CYS D 1099 -23.89 -5.11 -14.96
CA CYS D 1099 -22.73 -5.37 -15.82
C CYS D 1099 -22.79 -6.77 -16.40
N PHE D 1100 -22.95 -7.77 -15.54
CA PHE D 1100 -23.02 -9.14 -16.02
C PHE D 1100 -24.21 -9.33 -16.96
N CYS D 1101 -25.36 -8.74 -16.62
CA CYS D 1101 -26.57 -8.88 -17.41
C CYS D 1101 -26.37 -8.35 -18.81
N THR D 1102 -25.80 -7.15 -18.94
CA THR D 1102 -25.63 -6.61 -20.28
C THR D 1102 -24.56 -7.35 -21.06
N ALA D 1103 -23.49 -7.79 -20.39
CA ALA D 1103 -22.47 -8.53 -21.10
C ALA D 1103 -23.03 -9.82 -21.68
N VAL D 1104 -23.88 -10.51 -20.91
CA VAL D 1104 -24.51 -11.71 -21.45
C VAL D 1104 -25.57 -11.37 -22.49
N ALA D 1105 -26.28 -10.25 -22.30
CA ALA D 1105 -27.38 -9.91 -23.21
C ALA D 1105 -26.89 -9.49 -24.59
N ALA D 1106 -25.65 -9.01 -24.71
CA ALA D 1106 -25.11 -8.79 -26.05
C ALA D 1106 -25.01 -10.10 -26.82
N TYR D 1107 -24.50 -11.15 -26.18
CA TYR D 1107 -24.50 -12.47 -26.78
C TYR D 1107 -25.92 -12.97 -27.03
N ALA D 1108 -26.83 -12.68 -26.11
CA ALA D 1108 -28.22 -13.08 -26.30
C ALA D 1108 -28.77 -12.47 -27.58
N GLN D 1109 -28.51 -11.19 -27.81
CA GLN D 1109 -28.97 -10.55 -29.03
C GLN D 1109 -28.26 -11.10 -30.25
N ALA D 1110 -26.97 -11.43 -30.14
CA ALA D 1110 -26.28 -12.04 -31.27
C ALA D 1110 -26.94 -13.36 -31.65
N CYS D 1111 -27.27 -14.19 -30.65
CA CYS D 1111 -28.00 -15.42 -30.93
C CYS D 1111 -29.36 -15.13 -31.54
N HIS D 1112 -30.04 -14.12 -31.02
CA HIS D 1112 -31.36 -13.77 -31.55
C HIS D 1112 -31.28 -13.41 -33.02
N ASP D 1113 -30.25 -12.64 -33.38
CA ASP D 1113 -30.13 -12.17 -34.76
C ASP D 1113 -29.64 -13.28 -35.68
N ALA D 1114 -28.82 -14.19 -35.17
CA ALA D 1114 -28.31 -15.23 -36.03
C ALA D 1114 -29.43 -16.13 -36.56
N GLY D 1115 -29.98 -16.98 -35.71
CA GLY D 1115 -31.16 -17.72 -36.11
C GLY D 1115 -32.08 -18.18 -34.99
N LEU D 1116 -31.79 -17.81 -33.75
CA LEU D 1116 -32.32 -18.51 -32.60
C LEU D 1116 -33.18 -17.61 -31.75
N CYS D 1117 -34.04 -18.23 -30.95
CA CYS D 1117 -34.82 -17.54 -29.93
C CYS D 1117 -34.40 -18.15 -28.59
N VAL D 1118 -33.34 -17.61 -28.02
CA VAL D 1118 -32.77 -18.12 -26.78
C VAL D 1118 -33.32 -17.31 -25.62
N SER D 1119 -33.64 -18.01 -24.52
CA SER D 1119 -34.33 -17.41 -23.36
C SER D 1119 -33.61 -17.87 -22.10
N TRP D 1120 -32.64 -17.09 -21.65
CA TRP D 1120 -31.89 -17.45 -20.46
C TRP D 1120 -32.54 -16.97 -19.17
N ARG D 1121 -32.38 -15.68 -18.85
CA ARG D 1121 -33.22 -14.87 -17.97
C ARG D 1121 -33.93 -15.61 -16.84
N THR D 1122 -33.21 -16.40 -16.06
CA THR D 1122 -33.82 -17.14 -14.97
C THR D 1122 -34.08 -16.21 -13.80
N PRO D 1123 -35.09 -16.47 -12.98
CA PRO D 1123 -35.32 -15.60 -11.82
C PRO D 1123 -34.11 -15.47 -10.91
N ASP D 1124 -33.24 -16.47 -10.89
CA ASP D 1124 -31.98 -16.35 -10.19
C ASP D 1124 -30.98 -15.50 -10.94
N THR D 1125 -31.10 -15.39 -12.25
CA THR D 1125 -30.07 -14.83 -13.11
C THR D 1125 -30.69 -13.81 -14.05
N CYS D 1126 -30.39 -12.53 -13.81
CA CYS D 1126 -30.87 -11.44 -14.65
C CYS D 1126 -32.39 -11.47 -14.81
N PRO D 1127 -33.14 -11.33 -13.73
CA PRO D 1127 -34.59 -11.29 -13.86
C PRO D 1127 -35.04 -9.98 -14.47
N LEU D 1128 -36.25 -10.00 -15.03
CA LEU D 1128 -36.81 -8.83 -15.71
C LEU D 1128 -38.25 -8.67 -15.29
N PHE D 1129 -38.52 -7.74 -14.38
CA PHE D 1129 -39.86 -7.54 -13.85
C PHE D 1129 -40.77 -7.07 -14.96
N CYS D 1130 -41.64 -7.96 -15.42
CA CYS D 1130 -42.58 -7.62 -16.48
C CYS D 1130 -44.03 -7.72 -16.04
N ASP D 1131 -44.28 -8.18 -14.81
CA ASP D 1131 -45.59 -8.06 -14.20
C ASP D 1131 -45.92 -6.63 -13.82
N PHE D 1132 -44.95 -5.73 -13.89
CA PHE D 1132 -45.09 -4.39 -13.34
C PHE D 1132 -46.21 -3.63 -14.03
N TYR D 1133 -46.28 -3.73 -15.36
CA TYR D 1133 -47.28 -3.00 -16.14
C TYR D 1133 -48.62 -3.71 -16.17
N ASN D 1134 -48.73 -4.87 -15.54
CA ASN D 1134 -50.00 -5.55 -15.40
C ASN D 1134 -50.85 -4.76 -14.42
N PRO D 1135 -52.01 -4.24 -14.82
CA PRO D 1135 -52.90 -3.61 -13.85
C PRO D 1135 -53.88 -4.55 -13.18
N HIS D 1136 -53.66 -4.79 -11.89
CA HIS D 1136 -54.59 -5.55 -11.03
C HIS D 1136 -55.13 -6.79 -11.74
N GLY D 1137 -54.20 -7.64 -12.16
CA GLY D 1137 -54.54 -8.90 -12.79
C GLY D 1137 -54.65 -8.88 -14.30
N GLY D 1138 -54.79 -7.71 -14.92
CA GLY D 1138 -54.75 -7.64 -16.36
C GLY D 1138 -53.40 -8.11 -16.88
N CYS D 1139 -53.44 -9.05 -17.81
CA CYS D 1139 -52.27 -9.85 -18.15
C CYS D 1139 -51.96 -9.79 -19.64
N GLU D 1140 -51.92 -8.58 -20.19
CA GLU D 1140 -51.34 -8.43 -21.52
C GLU D 1140 -49.82 -8.61 -21.49
N TRP D 1141 -49.17 -7.95 -20.55
CA TRP D 1141 -47.72 -7.83 -20.54
C TRP D 1141 -47.07 -9.17 -20.27
N HIS D 1142 -46.51 -9.77 -21.31
CA HIS D 1142 -45.83 -11.06 -21.21
C HIS D 1142 -44.42 -10.91 -21.77
N TYR D 1143 -43.49 -11.65 -21.16
CA TYR D 1143 -42.09 -11.60 -21.58
C TYR D 1143 -41.92 -12.49 -22.81
N GLN D 1144 -41.43 -11.90 -23.90
CA GLN D 1144 -41.12 -12.68 -25.09
C GLN D 1144 -39.63 -12.60 -25.35
N PRO D 1145 -38.93 -13.73 -25.51
CA PRO D 1145 -37.51 -13.67 -25.83
C PRO D 1145 -37.22 -13.07 -27.20
N CYS D 1146 -38.17 -13.10 -28.12
CA CYS D 1146 -38.02 -12.48 -29.44
C CYS D 1146 -39.31 -11.76 -29.75
N GLY D 1147 -39.26 -10.44 -29.83
CA GLY D 1147 -40.46 -9.64 -30.00
C GLY D 1147 -40.96 -9.61 -31.42
N ALA D 1148 -42.15 -9.02 -31.58
CA ALA D 1148 -42.73 -8.85 -32.90
C ALA D 1148 -41.87 -7.90 -33.73
N PRO D 1149 -41.82 -8.08 -35.05
CA PRO D 1149 -41.01 -7.19 -35.89
C PRO D 1149 -41.44 -5.74 -35.82
N CYS D 1150 -42.73 -5.46 -35.70
CA CYS D 1150 -43.23 -4.10 -35.56
C CYS D 1150 -44.41 -4.13 -34.61
N LEU D 1151 -44.60 -3.03 -33.89
CA LEU D 1151 -45.61 -2.94 -32.84
C LEU D 1151 -46.66 -1.92 -33.24
N LYS D 1152 -47.93 -2.31 -33.11
CA LYS D 1152 -49.05 -1.41 -33.40
C LYS D 1152 -49.15 -0.43 -32.24
N THR D 1153 -48.21 0.51 -32.22
CA THR D 1153 -48.07 1.41 -31.08
C THR D 1153 -49.07 2.55 -31.16
N CYS D 1154 -49.14 3.31 -30.08
CA CYS D 1154 -49.95 4.51 -30.06
C CYS D 1154 -49.44 5.53 -31.08
N ARG D 1155 -48.13 5.67 -31.17
CA ARG D 1155 -47.54 6.62 -32.10
C ARG D 1155 -47.62 6.13 -33.54
N ASN D 1156 -47.60 4.83 -33.76
CA ASN D 1156 -47.73 4.25 -35.09
C ASN D 1156 -49.06 3.50 -35.18
N PRO D 1157 -50.17 4.21 -35.35
CA PRO D 1157 -51.46 3.51 -35.43
C PRO D 1157 -51.58 2.62 -36.64
N SER D 1158 -50.74 2.82 -37.66
CA SER D 1158 -50.85 2.01 -38.87
C SER D 1158 -50.47 0.56 -38.62
N GLY D 1159 -49.42 0.33 -37.81
CA GLY D 1159 -48.91 -1.01 -37.60
C GLY D 1159 -47.76 -1.39 -38.50
N HIS D 1160 -47.37 -0.53 -39.44
CA HIS D 1160 -46.23 -0.76 -40.29
C HIS D 1160 -44.99 -0.12 -39.68
N CYS D 1161 -43.83 -0.41 -40.26
CA CYS D 1161 -42.58 0.09 -39.72
C CYS D 1161 -41.62 0.37 -40.86
N LEU D 1162 -40.64 1.22 -40.60
CA LEU D 1162 -39.70 1.65 -41.62
C LEU D 1162 -38.51 0.69 -41.73
N VAL D 1163 -37.90 0.36 -40.60
CA VAL D 1163 -36.83 -0.62 -40.55
C VAL D 1163 -37.35 -1.78 -39.71
N ASP D 1164 -37.78 -2.84 -40.37
CA ASP D 1164 -38.39 -3.97 -39.67
C ASP D 1164 -37.32 -4.72 -38.90
N LEU D 1165 -37.25 -4.47 -37.60
CA LEU D 1165 -36.27 -5.15 -36.78
C LEU D 1165 -36.76 -6.55 -36.41
N PRO D 1166 -35.86 -7.51 -36.27
CA PRO D 1166 -36.28 -8.86 -35.89
C PRO D 1166 -36.59 -8.96 -34.41
N GLY D 1167 -36.83 -10.18 -33.92
CA GLY D 1167 -37.09 -10.36 -32.52
C GLY D 1167 -35.92 -9.94 -31.66
N LEU D 1168 -36.24 -9.43 -30.47
CA LEU D 1168 -35.25 -9.03 -29.48
C LEU D 1168 -35.92 -9.07 -28.12
N GLU D 1169 -35.12 -9.32 -27.09
CA GLU D 1169 -35.66 -9.59 -25.76
C GLU D 1169 -36.49 -8.41 -25.27
N GLY D 1170 -37.26 -8.66 -24.23
CA GLY D 1170 -38.16 -7.67 -23.66
C GLY D 1170 -39.58 -8.18 -23.60
N CYS D 1171 -40.39 -7.53 -22.78
CA CYS D 1171 -41.76 -7.95 -22.60
C CYS D 1171 -42.70 -6.99 -23.29
N TYR D 1172 -43.69 -7.57 -23.95
CA TYR D 1172 -44.61 -6.86 -24.83
C TYR D 1172 -46.03 -7.09 -24.37
N PRO D 1173 -46.91 -6.19 -24.68
CA PRO D 1173 -48.31 -6.40 -24.33
C PRO D 1173 -49.07 -7.12 -25.44
N LYS D 1174 -49.75 -8.21 -25.08
CA LYS D 1174 -50.62 -8.90 -26.02
C LYS D 1174 -51.94 -8.12 -26.07
N CYS D 1175 -51.87 -6.97 -26.73
CA CYS D 1175 -52.99 -6.04 -26.75
C CYS D 1175 -54.22 -6.68 -27.39
N PRO D 1176 -55.26 -6.98 -26.62
CA PRO D 1176 -56.42 -7.67 -27.17
C PRO D 1176 -57.18 -6.78 -28.13
N PRO D 1177 -58.05 -7.36 -28.96
CA PRO D 1177 -58.82 -6.53 -29.90
C PRO D 1177 -59.68 -5.47 -29.21
N SER D 1178 -60.15 -5.74 -27.99
CA SER D 1178 -60.95 -4.75 -27.29
C SER D 1178 -60.15 -3.48 -26.99
N GLN D 1179 -58.87 -3.61 -26.67
CA GLN D 1179 -57.97 -2.47 -26.45
C GLN D 1179 -56.70 -2.70 -27.26
N PRO D 1180 -56.76 -2.43 -28.56
CA PRO D 1180 -55.69 -2.86 -29.47
C PRO D 1180 -54.56 -1.87 -29.69
N PHE D 1181 -54.44 -0.81 -28.90
CA PHE D 1181 -53.38 0.17 -29.13
C PHE D 1181 -52.41 0.14 -27.95
N PHE D 1182 -51.14 -0.10 -28.24
CA PHE D 1182 -50.12 -0.08 -27.20
C PHE D 1182 -49.62 1.35 -27.02
N ASN D 1183 -49.82 1.91 -25.82
CA ASN D 1183 -49.40 3.25 -25.51
C ASN D 1183 -48.13 3.19 -24.67
N GLU D 1184 -47.04 3.75 -25.22
CA GLU D 1184 -45.73 3.69 -24.57
C GLU D 1184 -45.65 4.63 -23.39
N ASP D 1185 -46.18 5.85 -23.52
CA ASP D 1185 -46.03 6.82 -22.45
C ASP D 1185 -46.69 6.37 -21.16
N GLN D 1186 -47.71 5.51 -21.24
CA GLN D 1186 -48.27 4.88 -20.07
C GLN D 1186 -48.02 3.38 -20.03
N MET D 1187 -47.51 2.79 -21.11
CA MET D 1187 -47.23 1.36 -21.18
C MET D 1187 -48.48 0.54 -20.90
N LYS D 1188 -49.46 0.65 -21.79
CA LYS D 1188 -50.66 -0.14 -21.57
C LYS D 1188 -51.41 -0.34 -22.89
N CYS D 1189 -52.23 -1.40 -22.93
CA CYS D 1189 -53.13 -1.64 -24.04
C CYS D 1189 -54.41 -0.84 -23.80
N VAL D 1190 -54.77 0.00 -24.78
CA VAL D 1190 -55.86 0.94 -24.64
C VAL D 1190 -56.73 0.86 -25.89
N ALA D 1191 -57.94 1.42 -25.79
CA ALA D 1191 -58.90 1.34 -26.88
C ALA D 1191 -58.60 2.34 -27.99
N GLN D 1192 -58.46 3.62 -27.65
CA GLN D 1192 -58.16 4.65 -28.62
C GLN D 1192 -56.99 5.49 -28.13
N CYS D 1193 -56.19 5.99 -29.06
CA CYS D 1193 -54.99 6.74 -28.74
C CYS D 1193 -55.29 8.24 -28.63
N GLY D 1194 -54.32 8.96 -28.09
CA GLY D 1194 -54.42 10.40 -27.96
C GLY D 1194 -53.80 11.13 -29.13
N CYS D 1195 -52.71 11.87 -28.88
CA CYS D 1195 -52.11 12.69 -29.92
C CYS D 1195 -50.67 13.03 -29.55
N TYR D 1196 -49.82 13.09 -30.56
CA TYR D 1196 -48.43 13.49 -30.42
C TYR D 1196 -48.21 14.78 -31.18
N ASP D 1197 -47.64 15.78 -30.50
CA ASP D 1197 -47.35 17.05 -31.16
C ASP D 1197 -46.06 16.90 -31.96
N LYS D 1198 -45.55 18.02 -32.49
CA LYS D 1198 -44.32 17.96 -33.26
C LYS D 1198 -43.14 17.50 -32.41
N ASP D 1199 -43.04 18.01 -31.17
CA ASP D 1199 -41.95 17.60 -30.30
C ASP D 1199 -42.13 16.20 -29.74
N GLY D 1200 -43.32 15.62 -29.86
CA GLY D 1200 -43.56 14.28 -29.40
C GLY D 1200 -44.16 14.13 -28.02
N ASN D 1201 -44.71 15.20 -27.45
CA ASN D 1201 -45.39 15.10 -26.17
C ASN D 1201 -46.80 14.54 -26.37
N TYR D 1202 -47.29 13.85 -25.35
CA TYR D 1202 -48.55 13.13 -25.43
C TYR D 1202 -49.61 13.78 -24.54
N TYR D 1203 -50.85 13.74 -25.03
CA TYR D 1203 -51.99 14.25 -24.30
C TYR D 1203 -53.17 13.31 -24.50
N ASP D 1204 -54.12 13.36 -23.56
CA ASP D 1204 -55.34 12.60 -23.70
C ASP D 1204 -56.25 13.28 -24.72
N VAL D 1205 -57.17 12.49 -25.29
CA VAL D 1205 -58.14 13.03 -26.22
C VAL D 1205 -58.90 14.17 -25.54
N GLY D 1206 -59.34 15.15 -26.35
CA GLY D 1206 -60.13 16.24 -25.82
C GLY D 1206 -59.36 17.27 -25.03
N ALA D 1207 -58.04 17.18 -25.00
CA ALA D 1207 -57.20 18.11 -24.24
C ALA D 1207 -56.48 19.04 -25.19
N ARG D 1208 -56.47 20.32 -24.85
CA ARG D 1208 -55.90 21.32 -25.73
C ARG D 1208 -54.38 21.31 -25.65
N VAL D 1209 -53.75 21.60 -26.78
CA VAL D 1209 -52.29 21.59 -26.89
C VAL D 1209 -51.79 23.03 -26.84
N PRO D 1210 -50.65 23.29 -26.16
CA PRO D 1210 -50.04 24.63 -26.17
C PRO D 1210 -49.50 25.02 -27.54
N CYS D 1218 -55.83 24.39 -30.10
CA CYS D 1218 -56.29 23.16 -30.73
C CYS D 1218 -56.47 22.03 -29.72
N ASN D 1219 -57.39 21.11 -30.01
CA ASN D 1219 -57.78 20.05 -29.10
C ASN D 1219 -57.25 18.71 -29.59
N CYS D 1220 -57.66 17.64 -28.92
CA CYS D 1220 -57.34 16.27 -29.32
C CYS D 1220 -58.63 15.54 -29.62
N THR D 1221 -58.64 14.80 -30.74
CA THR D 1221 -59.83 14.13 -31.26
C THR D 1221 -59.43 12.79 -31.86
N PRO D 1222 -60.39 12.00 -32.36
CA PRO D 1222 -60.00 10.81 -33.12
C PRO D 1222 -59.03 11.11 -34.26
N SER D 1223 -59.20 12.26 -34.93
CA SER D 1223 -58.22 12.65 -35.93
C SER D 1223 -56.86 12.91 -35.30
N GLY D 1224 -56.85 13.55 -34.13
CA GLY D 1224 -55.62 13.95 -33.48
C GLY D 1224 -55.70 15.39 -33.02
N ILE D 1225 -54.59 16.11 -33.11
CA ILE D 1225 -54.59 17.53 -32.80
C ILE D 1225 -55.20 18.27 -33.99
N GLN D 1226 -56.34 18.92 -33.77
CA GLN D 1226 -57.02 19.66 -34.81
C GLN D 1226 -57.56 20.97 -34.25
N CYS D 1227 -57.80 21.93 -35.13
CA CYS D 1227 -58.42 23.20 -34.78
C CYS D 1227 -58.91 23.93 -36.01
N ALA E 46 -3.09 58.98 110.03
CA ALA E 46 -3.55 60.06 109.17
C ALA E 46 -4.13 59.51 107.89
N HIS E 47 -3.97 60.24 106.79
CA HIS E 47 -4.47 59.83 105.49
C HIS E 47 -3.56 58.72 104.93
N ASN E 48 -3.66 57.56 105.58
CA ASN E 48 -2.74 56.46 105.28
C ASN E 48 -3.07 55.82 103.94
N GLY E 49 -4.26 55.25 103.81
CA GLY E 49 -4.61 54.55 102.59
C GLY E 49 -5.93 55.00 102.02
N ARG E 50 -6.25 56.27 102.17
CA ARG E 50 -7.48 56.84 101.63
C ARG E 50 -7.16 57.94 100.63
N VAL E 51 -6.10 57.74 99.86
CA VAL E 51 -5.62 58.74 98.89
C VAL E 51 -5.36 58.05 97.56
N CYS E 52 -5.66 58.74 96.47
CA CYS E 52 -5.22 58.35 95.14
C CYS E 52 -4.84 59.60 94.36
N SER E 53 -4.07 59.42 93.28
CA SER E 53 -3.61 60.60 92.56
C SER E 53 -3.32 60.28 91.11
N THR E 54 -3.30 61.34 90.30
CA THR E 54 -2.90 61.28 88.91
C THR E 54 -1.89 62.39 88.66
N TRP E 55 -0.74 62.02 88.12
CA TRP E 55 0.32 63.02 87.98
C TRP E 55 1.16 62.72 86.75
N GLY E 56 1.85 63.77 86.29
CA GLY E 56 2.88 63.63 85.29
C GLY E 56 2.40 62.95 84.04
N ASP E 57 3.22 62.02 83.55
CA ASP E 57 2.93 61.31 82.31
C ASP E 57 2.01 60.13 82.60
N PHE E 58 0.73 60.45 82.76
CA PHE E 58 -0.33 59.45 82.91
C PHE E 58 0.02 58.44 84.00
N HIS E 59 0.53 58.93 85.12
CA HIS E 59 0.87 58.07 86.24
C HIS E 59 -0.29 58.08 87.23
N TYR E 60 -0.81 56.90 87.53
CA TYR E 60 -1.94 56.74 88.44
C TYR E 60 -1.46 56.01 89.68
N LYS E 61 -1.75 56.58 90.84
CA LYS E 61 -1.46 55.93 92.12
C LYS E 61 -2.80 55.65 92.77
N THR E 62 -3.05 54.38 93.06
CA THR E 62 -4.33 53.96 93.60
C THR E 62 -4.34 54.12 95.11
N PHE E 63 -5.47 53.75 95.72
CA PHE E 63 -5.61 53.90 97.17
C PHE E 63 -4.60 53.05 97.93
N ASP E 64 -4.39 51.82 97.48
CA ASP E 64 -3.60 50.86 98.24
C ASP E 64 -2.13 50.84 97.84
N GLY E 65 -1.66 51.85 97.12
CA GLY E 65 -0.25 52.02 96.85
C GLY E 65 0.21 51.65 95.46
N ASP E 66 -0.65 51.03 94.65
CA ASP E 66 -0.22 50.67 93.31
C ASP E 66 -0.01 51.90 92.45
N VAL E 67 1.05 51.85 91.65
CA VAL E 67 1.35 52.87 90.66
C VAL E 67 1.37 52.19 89.30
N PHE E 68 0.81 52.87 88.31
CA PHE E 68 0.97 52.38 86.95
C PHE E 68 0.87 53.55 85.99
N ARG E 69 1.04 53.27 84.72
CA ARG E 69 0.95 54.28 83.68
C ARG E 69 -0.10 53.86 82.66
N PHE E 70 -1.04 54.73 82.40
CA PHE E 70 -2.08 54.41 81.43
C PHE E 70 -2.29 55.63 80.56
N PRO E 71 -1.79 55.63 79.32
CA PRO E 71 -1.80 56.84 78.48
C PRO E 71 -3.12 57.07 77.74
N GLY E 72 -4.23 57.00 78.47
CA GLY E 72 -5.51 57.27 77.86
C GLY E 72 -5.64 58.71 77.41
N LEU E 73 -6.64 58.96 76.55
CA LEU E 73 -6.88 60.31 76.06
C LEU E 73 -8.36 60.69 76.05
N CYS E 74 -9.17 60.09 76.90
CA CYS E 74 -10.59 60.43 77.00
C CYS E 74 -11.05 60.33 78.46
N ASN E 75 -12.36 60.31 78.65
CA ASN E 75 -12.91 60.27 80.00
C ASN E 75 -12.79 58.87 80.59
N TYR E 76 -12.60 58.82 81.91
CA TYR E 76 -12.52 57.55 82.63
C TYR E 76 -13.11 57.74 84.02
N VAL E 77 -13.65 56.66 84.57
CA VAL E 77 -14.23 56.71 85.90
C VAL E 77 -13.09 56.65 86.90
N PHE E 78 -12.61 57.82 87.33
CA PHE E 78 -11.50 57.87 88.27
C PHE E 78 -11.88 57.26 89.61
N SER E 79 -13.08 57.54 90.09
CA SER E 79 -13.59 56.84 91.25
C SER E 79 -15.10 57.02 91.30
N GLU E 80 -15.78 56.04 91.87
CA GLU E 80 -17.24 56.03 91.91
C GLU E 80 -17.70 55.09 92.99
N HIS E 81 -18.65 55.52 93.79
CA HIS E 81 -19.26 54.65 94.78
C HIS E 81 -20.13 53.66 94.00
N CYS E 82 -19.60 52.47 93.76
CA CYS E 82 -20.24 51.53 92.85
C CYS E 82 -20.55 50.18 93.48
N ARG E 83 -20.40 50.03 94.79
CA ARG E 83 -20.79 48.80 95.44
C ARG E 83 -21.75 49.12 96.58
N ALA E 84 -22.75 49.95 96.30
CA ALA E 84 -23.73 50.33 97.30
C ALA E 84 -25.08 50.52 96.63
N ALA E 85 -26.13 50.54 97.45
CA ALA E 85 -27.48 50.70 96.93
C ALA E 85 -27.64 52.05 96.25
N TYR E 86 -27.01 53.09 96.78
CA TYR E 86 -27.11 54.44 96.24
C TYR E 86 -25.73 55.05 96.17
N GLU E 87 -25.37 55.60 95.02
CA GLU E 87 -24.05 56.18 94.83
C GLU E 87 -23.94 57.51 95.59
N ASP E 88 -22.74 57.77 96.10
CA ASP E 88 -22.46 59.00 96.83
C ASP E 88 -21.60 59.98 96.04
N PHE E 89 -20.64 59.47 95.28
CA PHE E 89 -19.74 60.32 94.51
C PHE E 89 -19.41 59.64 93.19
N ASN E 90 -19.11 60.46 92.19
CA ASN E 90 -18.73 59.96 90.87
C ASN E 90 -17.78 60.99 90.27
N VAL E 91 -16.47 60.75 90.44
CA VAL E 91 -15.43 61.66 89.99
C VAL E 91 -14.75 61.03 88.78
N GLN E 92 -14.67 61.80 87.69
CA GLN E 92 -14.12 61.35 86.42
C GLN E 92 -13.11 62.36 85.91
N LEU E 93 -12.11 61.88 85.16
CA LEU E 93 -11.18 62.77 84.50
C LEU E 93 -11.12 62.49 83.01
N ARG E 94 -10.88 63.54 82.25
CA ARG E 94 -10.52 63.45 80.84
C ARG E 94 -9.10 63.96 80.71
N ARG E 95 -8.22 63.14 80.14
CA ARG E 95 -6.81 63.49 80.01
C ARG E 95 -6.49 63.83 78.56
N GLY E 96 -5.89 65.00 78.35
CA GLY E 96 -5.50 65.43 77.02
C GLY E 96 -4.06 65.89 76.95
N LEU E 97 -3.73 66.65 75.90
CA LEU E 97 -2.37 67.09 75.64
C LEU E 97 -2.30 68.60 75.56
N VAL E 98 -1.27 69.18 76.17
CA VAL E 98 -0.87 70.56 75.88
C VAL E 98 0.39 70.48 75.04
N GLY E 99 0.22 70.47 73.72
CA GLY E 99 1.33 70.35 72.80
C GLY E 99 1.89 68.96 72.83
N SER E 100 2.57 68.64 73.94
CA SER E 100 2.99 67.28 74.25
C SER E 100 2.78 66.90 75.70
N ARG E 101 2.62 67.85 76.62
CA ARG E 101 2.56 67.54 78.03
C ARG E 101 1.22 66.88 78.34
N PRO E 102 1.22 65.72 79.00
CA PRO E 102 -0.05 65.15 79.47
C PRO E 102 -0.67 66.04 80.53
N VAL E 103 -1.94 66.40 80.33
CA VAL E 103 -2.67 67.25 81.26
C VAL E 103 -4.05 66.67 81.46
N VAL E 104 -4.74 67.17 82.48
CA VAL E 104 -6.15 66.88 82.70
C VAL E 104 -6.95 68.05 82.17
N THR E 105 -7.80 67.80 81.19
CA THR E 105 -8.53 68.87 80.53
C THR E 105 -9.92 69.10 81.10
N ARG E 106 -10.44 68.18 81.91
CA ARG E 106 -11.75 68.37 82.51
C ARG E 106 -11.98 67.31 83.57
N VAL E 107 -12.50 67.72 84.72
CA VAL E 107 -12.89 66.83 85.81
C VAL E 107 -14.38 67.02 86.05
N VAL E 108 -15.11 65.93 86.23
CA VAL E 108 -16.52 65.98 86.54
C VAL E 108 -16.74 65.21 87.83
N ILE E 109 -17.10 65.92 88.89
CA ILE E 109 -17.42 65.31 90.18
C ILE E 109 -18.92 65.41 90.36
N LYS E 110 -19.59 64.27 90.37
CA LYS E 110 -21.01 64.20 90.67
C LYS E 110 -21.15 63.63 92.08
N ALA E 111 -21.89 64.32 92.92
CA ALA E 111 -22.01 63.89 94.31
C ALA E 111 -23.30 64.41 94.91
N GLN E 112 -24.18 63.48 95.27
CA GLN E 112 -25.35 63.79 96.10
C GLN E 112 -26.21 64.87 95.45
N GLY E 113 -26.38 64.78 94.14
CA GLY E 113 -27.20 65.73 93.42
C GLY E 113 -26.52 67.03 93.06
N LEU E 114 -25.20 67.11 93.21
CA LEU E 114 -24.44 68.29 92.83
C LEU E 114 -23.43 67.91 91.75
N VAL E 115 -23.41 68.65 90.66
CA VAL E 115 -22.54 68.38 89.52
C VAL E 115 -21.50 69.49 89.43
N LEU E 116 -20.23 69.12 89.48
CA LEU E 116 -19.13 70.08 89.52
C LEU E 116 -18.16 69.75 88.41
N GLU E 117 -18.07 70.62 87.41
CA GLU E 117 -17.24 70.37 86.23
C GLU E 117 -16.14 71.43 86.20
N ALA E 118 -14.90 71.00 86.42
CA ALA E 118 -13.75 71.89 86.45
C ALA E 118 -12.95 71.70 85.18
N SER E 119 -12.79 72.78 84.42
CA SER E 119 -12.11 72.72 83.13
C SER E 119 -11.94 74.14 82.61
N ASN E 120 -10.93 74.32 81.77
CA ASN E 120 -10.68 75.61 81.13
C ASN E 120 -10.48 76.70 82.19
N GLY E 121 -9.83 76.33 83.30
CA GLY E 121 -9.55 77.27 84.36
C GLY E 121 -10.80 77.80 85.04
N SER E 122 -11.94 77.15 84.78
CA SER E 122 -13.21 77.57 85.33
C SER E 122 -13.88 76.39 86.02
N VAL E 123 -14.83 76.72 86.89
CA VAL E 123 -15.58 75.74 87.65
C VAL E 123 -17.06 75.96 87.40
N LEU E 124 -17.78 74.87 87.13
CA LEU E 124 -19.21 74.89 86.89
C LEU E 124 -19.89 74.13 88.01
N ILE E 125 -20.80 74.78 88.72
CA ILE E 125 -21.55 74.16 89.79
C ILE E 125 -22.99 74.01 89.32
N ASN E 126 -23.39 72.77 89.06
CA ASN E 126 -24.73 72.46 88.57
C ASN E 126 -25.06 73.22 87.30
N GLY E 127 -24.04 73.42 86.45
CA GLY E 127 -24.23 74.07 85.18
C GLY E 127 -23.98 75.56 85.17
N GLN E 128 -23.67 76.17 86.31
CA GLN E 128 -23.42 77.61 86.38
C GLN E 128 -21.98 77.86 86.80
N ARG E 129 -21.33 78.77 86.10
CA ARG E 129 -20.01 79.23 86.51
C ARG E 129 -20.11 79.92 87.86
N GLU E 130 -19.09 79.74 88.70
CA GLU E 130 -19.07 80.39 90.00
C GLU E 130 -17.69 80.97 90.25
N GLU E 131 -17.64 81.99 91.09
CA GLU E 131 -16.40 82.65 91.43
C GLU E 131 -15.82 82.04 92.70
N LEU E 132 -14.59 81.56 92.60
CA LEU E 132 -13.95 80.92 93.74
C LEU E 132 -13.72 81.95 94.85
N PRO E 133 -13.90 81.56 96.12
CA PRO E 133 -14.43 80.27 96.59
C PRO E 133 -15.94 80.25 96.56
N TYR E 134 -16.53 79.07 96.42
CA TYR E 134 -17.96 78.87 96.45
C TYR E 134 -18.25 77.90 97.58
N SER E 135 -19.06 78.31 98.55
CA SER E 135 -19.29 77.54 99.75
C SER E 135 -20.78 77.34 99.98
N ARG E 136 -21.12 76.14 100.40
CA ARG E 136 -22.48 75.74 100.72
CA ARG E 136 -22.48 75.81 100.81
C ARG E 136 -22.41 74.65 101.78
N THR E 137 -23.55 74.36 102.40
CA THR E 137 -23.57 73.34 103.44
C THR E 137 -22.94 72.06 102.95
N GLY E 138 -21.84 71.67 103.61
CA GLY E 138 -21.12 70.46 103.28
C GLY E 138 -20.07 70.59 102.19
N LEU E 139 -20.24 71.51 101.25
CA LEU E 139 -19.36 71.64 100.11
C LEU E 139 -18.63 72.97 100.14
N LEU E 140 -17.33 72.96 99.84
CA LEU E 140 -16.62 74.20 99.65
C LEU E 140 -15.53 74.01 98.61
N VAL E 141 -15.49 74.91 97.62
CA VAL E 141 -14.54 74.87 96.53
C VAL E 141 -13.74 76.16 96.55
N GLU E 142 -12.43 76.05 96.38
CA GLU E 142 -11.56 77.19 96.56
C GLU E 142 -10.40 77.13 95.58
N GLN E 143 -9.80 78.30 95.34
CA GLN E 143 -8.55 78.45 94.61
C GLN E 143 -7.36 78.37 95.55
N SER E 144 -7.52 77.65 96.66
CA SER E 144 -6.54 77.66 97.74
C SER E 144 -5.18 77.21 97.24
N GLY E 145 -4.13 77.93 97.66
CA GLY E 145 -2.78 77.53 97.33
C GLY E 145 -2.53 77.54 95.84
N ASP E 146 -1.86 76.50 95.37
CA ASP E 146 -1.49 76.36 93.97
C ASP E 146 -2.51 75.57 93.17
N TYR E 147 -3.64 75.24 93.76
CA TYR E 147 -4.57 74.29 93.16
C TYR E 147 -5.98 74.82 93.21
N ILE E 148 -6.92 73.99 92.77
CA ILE E 148 -8.34 74.17 93.00
C ILE E 148 -8.78 72.99 93.84
N LYS E 149 -9.32 73.25 95.01
CA LYS E 149 -9.67 72.20 95.96
C LYS E 149 -11.18 72.20 96.16
N VAL E 150 -11.77 71.00 96.06
CA VAL E 150 -13.18 70.77 96.27
C VAL E 150 -13.32 69.80 97.43
N SER E 151 -13.81 70.28 98.57
CA SER E 151 -13.99 69.45 99.74
C SER E 151 -15.48 69.31 100.02
N ILE E 152 -15.96 68.06 100.03
CA ILE E 152 -17.35 67.73 100.34
C ILE E 152 -17.30 66.97 101.65
N ARG E 153 -17.73 67.62 102.72
CA ARG E 153 -17.47 67.12 104.06
C ARG E 153 -18.14 65.77 104.27
N LEU E 154 -17.44 64.86 104.96
CA LEU E 154 -17.73 63.43 105.05
C LEU E 154 -17.75 62.70 103.71
N VAL E 155 -17.37 63.32 102.59
CA VAL E 155 -17.37 62.59 101.33
C VAL E 155 -15.96 62.52 100.77
N LEU E 156 -15.39 63.67 100.41
CA LEU E 156 -14.15 63.59 99.67
C LEU E 156 -13.42 64.92 99.70
N THR E 157 -12.16 64.85 99.28
CA THR E 157 -11.29 66.00 99.14
C THR E 157 -10.63 65.85 97.77
N PHE E 158 -10.73 66.87 96.94
CA PHE E 158 -10.23 66.79 95.57
C PHE E 158 -9.32 67.97 95.32
N LEU E 159 -8.03 67.70 95.17
CA LEU E 159 -7.06 68.73 94.83
C LEU E 159 -6.74 68.61 93.35
N TRP E 160 -6.69 69.74 92.67
CA TRP E 160 -6.41 69.74 91.23
C TRP E 160 -5.54 70.93 90.89
N ASN E 161 -4.27 70.70 90.60
CA ASN E 161 -3.38 71.82 90.30
C ASN E 161 -3.81 72.59 89.06
N GLY E 162 -4.70 72.01 88.26
CA GLY E 162 -5.19 72.66 87.08
C GLY E 162 -4.41 72.35 85.82
N GLU E 163 -3.23 71.75 85.95
CA GLU E 163 -2.48 71.33 84.77
C GLU E 163 -2.31 69.82 84.70
N ASP E 164 -1.63 69.20 85.67
CA ASP E 164 -1.44 67.75 85.59
C ASP E 164 -1.99 67.00 86.80
N SER E 165 -1.62 67.38 88.01
CA SER E 165 -1.92 66.55 89.17
C SER E 165 -3.40 66.61 89.52
N ALA E 166 -3.87 65.57 90.21
CA ALA E 166 -5.23 65.55 90.73
C ALA E 166 -5.31 64.45 91.78
N LEU E 167 -5.68 64.81 92.99
CA LEU E 167 -5.54 63.93 94.14
C LEU E 167 -6.88 63.84 94.86
N LEU E 168 -7.27 62.61 95.21
CA LEU E 168 -8.50 62.34 95.91
C LEU E 168 -8.21 61.79 97.29
N GLU E 169 -8.82 62.38 98.30
CA GLU E 169 -8.89 61.84 99.64
C GLU E 169 -10.33 61.38 99.88
N LEU E 170 -10.50 60.15 100.34
CA LEU E 170 -11.83 59.61 100.57
C LEU E 170 -12.02 59.25 102.02
N ASP E 171 -13.27 59.24 102.47
CA ASP E 171 -13.57 58.84 103.83
C ASP E 171 -13.25 57.35 103.99
N PRO E 172 -12.93 56.92 105.21
CA PRO E 172 -12.78 55.48 105.45
C PRO E 172 -14.04 54.69 105.22
N LYS E 173 -15.22 55.30 105.30
CA LYS E 173 -16.45 54.54 105.19
C LYS E 173 -16.69 53.99 103.80
N TYR E 174 -16.02 54.50 102.78
CA TYR E 174 -16.14 53.97 101.43
C TYR E 174 -15.16 52.85 101.16
N ALA E 175 -14.67 52.19 102.20
CA ALA E 175 -13.82 51.04 101.99
C ALA E 175 -14.59 49.97 101.23
N ASN E 176 -13.96 49.45 100.18
CA ASN E 176 -14.44 48.27 99.46
C ASN E 176 -15.67 48.55 98.61
N GLN E 177 -16.24 49.74 98.70
CA GLN E 177 -17.44 50.06 97.94
C GLN E 177 -17.15 50.98 96.76
N THR E 178 -15.89 51.19 96.43
CA THR E 178 -15.55 52.03 95.29
C THR E 178 -14.95 51.19 94.19
N CYS E 179 -14.88 51.77 92.99
CA CYS E 179 -14.24 51.11 91.86
C CYS E 179 -13.90 52.14 90.81
N GLY E 180 -12.66 52.10 90.36
CA GLY E 180 -12.16 53.03 89.38
C GLY E 180 -10.65 52.97 89.35
N LEU E 181 -10.07 53.89 88.57
CA LEU E 181 -8.62 53.93 88.45
C LEU E 181 -7.95 54.04 89.80
N CYS E 182 -8.63 54.63 90.78
CA CYS E 182 -8.11 54.74 92.13
C CYS E 182 -8.16 53.43 92.90
N GLY E 183 -8.80 52.40 92.35
CA GLY E 183 -8.74 51.10 92.98
C GLY E 183 -9.94 50.76 93.85
N ASP E 184 -9.86 49.65 94.58
CA ASP E 184 -11.01 49.16 95.33
C ASP E 184 -11.06 49.64 96.77
N PHE E 185 -10.01 50.25 97.31
CA PHE E 185 -10.04 50.81 98.67
C PHE E 185 -10.34 49.74 99.72
N ASN E 186 -9.93 48.51 99.44
CA ASN E 186 -10.08 47.41 100.40
C ASN E 186 -8.83 47.20 101.23
N GLY E 187 -7.70 47.76 100.81
CA GLY E 187 -6.47 47.68 101.57
C GLY E 187 -5.44 46.70 101.06
N LEU E 188 -5.80 45.85 100.09
CA LEU E 188 -4.87 44.87 99.56
C LEU E 188 -4.41 45.31 98.18
N PRO E 189 -3.16 45.76 98.04
CA PRO E 189 -2.73 46.38 96.79
C PRO E 189 -2.59 45.41 95.64
N ALA E 190 -1.94 44.28 95.90
CA ALA E 190 -1.32 43.49 94.84
C ALA E 190 -2.18 42.33 94.36
N PHE E 191 -3.46 42.23 94.74
CA PHE E 191 -4.16 40.99 94.45
C PHE E 191 -5.54 41.27 93.86
N ASN E 192 -6.14 42.42 94.15
CA ASN E 192 -7.55 42.53 93.77
C ASN E 192 -7.85 43.57 92.69
N GLU E 193 -6.89 44.42 92.34
CA GLU E 193 -7.15 45.47 91.36
C GLU E 193 -7.30 44.94 89.93
N PHE E 194 -6.38 44.10 89.48
CA PHE E 194 -6.24 43.77 88.07
C PHE E 194 -6.69 42.35 87.76
N TYR E 195 -7.61 41.82 88.57
CA TYR E 195 -8.10 40.47 88.40
C TYR E 195 -9.60 40.54 88.13
N ALA E 196 -9.96 40.56 86.84
CA ALA E 196 -11.35 40.62 86.43
C ALA E 196 -11.74 39.25 85.90
N HIS E 197 -12.79 38.67 86.49
CA HIS E 197 -13.23 37.33 86.13
C HIS E 197 -12.06 36.34 86.23
N ASN E 198 -11.29 36.47 87.31
CA ASN E 198 -10.18 35.60 87.72
C ASN E 198 -8.97 35.78 86.81
N ALA E 199 -9.07 36.59 85.76
CA ALA E 199 -7.96 36.80 84.84
C ALA E 199 -7.17 38.03 85.26
N ARG E 200 -5.87 37.86 85.46
CA ARG E 200 -5.00 38.99 85.78
C ARG E 200 -4.73 39.80 84.52
N LEU E 201 -4.91 41.11 84.60
CA LEU E 201 -4.80 41.98 83.44
C LEU E 201 -3.81 43.12 83.71
N THR E 202 -3.59 43.93 82.68
CA THR E 202 -2.47 44.85 82.61
C THR E 202 -2.94 46.30 82.67
N PRO E 203 -2.06 47.22 83.10
CA PRO E 203 -2.43 48.64 83.21
C PRO E 203 -3.22 49.20 82.04
N LEU E 204 -2.86 48.83 80.81
CA LEU E 204 -3.64 49.29 79.67
C LEU E 204 -5.05 48.73 79.76
N GLN E 205 -5.16 47.45 80.07
CA GLN E 205 -6.46 46.79 80.20
C GLN E 205 -7.26 47.37 81.36
N PHE E 206 -6.60 47.58 82.51
CA PHE E 206 -7.30 48.09 83.68
C PHE E 206 -7.78 49.51 83.45
N GLY E 207 -6.95 50.35 82.84
CA GLY E 207 -7.36 51.70 82.57
C GLY E 207 -8.38 51.80 81.45
N ASN E 208 -8.46 50.78 80.61
CA ASN E 208 -9.46 50.80 79.55
C ASN E 208 -10.79 50.22 80.00
N LEU E 209 -10.79 49.31 80.98
CA LEU E 209 -12.05 48.82 81.50
C LEU E 209 -12.85 49.95 82.13
N GLN E 210 -12.18 50.83 82.87
CA GLN E 210 -12.86 51.95 83.51
C GLN E 210 -13.00 53.12 82.54
N LYS E 211 -13.54 52.86 81.36
CA LYS E 211 -13.71 53.87 80.33
C LYS E 211 -15.16 54.31 80.28
N LEU E 212 -15.39 55.48 79.68
CA LEU E 212 -16.74 56.02 79.52
C LEU E 212 -16.70 57.03 78.38
N ASP E 213 -17.34 56.70 77.27
CA ASP E 213 -17.37 57.61 76.14
C ASP E 213 -18.41 58.70 76.37
N GLY E 214 -18.28 59.77 75.59
CA GLY E 214 -19.30 60.79 75.54
C GLY E 214 -20.53 60.25 74.86
N PRO E 215 -21.63 61.02 74.86
CA PRO E 215 -22.85 60.54 74.20
C PRO E 215 -22.67 60.27 72.73
N THR E 216 -21.86 61.07 72.03
CA THR E 216 -21.66 60.93 70.60
C THR E 216 -20.18 60.79 70.26
N GLU E 217 -19.40 60.23 71.17
CA GLU E 217 -17.96 60.15 71.03
C GLU E 217 -17.51 58.70 71.06
N GLN E 218 -16.55 58.36 70.21
CA GLN E 218 -15.92 57.05 70.20
C GLN E 218 -14.42 57.25 70.29
N CYS E 219 -13.92 57.40 71.50
CA CYS E 219 -12.50 57.56 71.74
C CYS E 219 -11.79 56.21 71.56
N PRO E 220 -10.61 56.20 70.94
CA PRO E 220 -9.89 54.94 70.76
C PRO E 220 -9.27 54.41 72.04
N ASP E 221 -8.51 53.34 71.94
CA ASP E 221 -7.69 52.96 73.07
C ASP E 221 -6.22 53.15 72.73
N PRO E 222 -5.47 53.90 73.54
CA PRO E 222 -4.06 54.15 73.23
C PRO E 222 -3.29 52.84 73.21
N LEU E 223 -2.37 52.73 72.27
CA LEU E 223 -1.62 51.50 72.09
C LEU E 223 -0.38 51.50 72.99
N PRO E 224 0.14 50.32 73.32
CA PRO E 224 1.31 50.27 74.20
C PRO E 224 2.50 51.03 73.63
N LEU E 225 3.17 51.77 74.51
CA LEU E 225 4.36 52.50 74.11
C LEU E 225 5.55 51.55 74.03
N PRO E 226 6.44 51.71 73.06
CA PRO E 226 7.61 50.82 72.97
C PRO E 226 8.56 50.96 74.16
N ALA E 227 9.67 50.22 74.11
CA ALA E 227 10.60 50.10 75.22
C ALA E 227 11.16 51.46 75.66
N GLY E 228 11.70 51.49 76.87
CA GLY E 228 12.25 52.69 77.45
C GLY E 228 13.75 52.82 77.25
N ASN E 229 14.24 54.00 77.60
CA ASN E 229 15.64 54.39 77.40
C ASN E 229 16.02 55.34 78.53
N CYS E 230 17.08 56.11 78.32
CA CYS E 230 17.46 57.21 79.21
C CYS E 230 17.82 56.70 80.59
N THR E 231 16.82 56.23 81.33
CA THR E 231 16.95 55.86 82.72
C THR E 231 17.46 57.03 83.55
N ASP E 232 17.87 56.78 84.79
CA ASP E 232 18.46 57.83 85.62
C ASP E 232 19.98 57.77 85.48
N GLU E 233 20.46 58.44 84.44
CA GLU E 233 21.90 58.44 84.17
C GLU E 233 22.65 59.26 85.22
N GLU E 234 22.34 60.56 85.32
CA GLU E 234 23.05 61.42 86.24
C GLU E 234 22.69 61.13 87.69
N GLY E 235 21.74 60.24 87.95
CA GLY E 235 21.37 59.92 89.32
C GLY E 235 20.50 60.94 90.00
N ILE E 236 19.95 61.90 89.25
CA ILE E 236 19.18 62.98 89.87
C ILE E 236 18.01 62.42 90.66
N CYS E 237 17.30 61.45 90.08
CA CYS E 237 16.19 60.84 90.81
C CYS E 237 16.69 60.12 92.05
N HIS E 238 17.82 59.41 91.94
CA HIS E 238 18.38 58.75 93.11
C HIS E 238 19.00 59.75 94.07
N ARG E 239 19.60 60.82 93.54
CA ARG E 239 20.20 61.82 94.42
C ARG E 239 19.16 62.55 95.25
N THR E 240 18.03 62.90 94.62
CA THR E 240 17.00 63.64 95.33
C THR E 240 16.09 62.71 96.12
N LEU E 241 15.41 61.78 95.44
CA LEU E 241 14.42 60.94 96.10
C LEU E 241 15.02 60.20 97.29
N LEU E 242 16.22 59.66 97.12
CA LEU E 242 16.92 58.99 98.21
C LEU E 242 17.70 59.95 99.08
N GLY E 243 17.67 61.25 98.77
CA GLY E 243 18.40 62.23 99.52
C GLY E 243 17.81 62.46 100.89
N PRO E 244 18.46 63.32 101.68
CA PRO E 244 18.00 63.54 103.06
C PRO E 244 16.58 64.09 103.13
N ALA E 245 16.17 64.84 102.11
CA ALA E 245 14.89 65.56 102.16
C ALA E 245 13.75 64.61 102.50
N PHE E 246 13.82 63.37 102.04
CA PHE E 246 12.76 62.40 102.25
C PHE E 246 13.20 61.23 103.11
N ALA E 247 14.11 61.46 104.06
CA ALA E 247 14.66 60.36 104.85
C ALA E 247 13.56 59.53 105.48
N GLU E 248 12.77 60.14 106.37
CA GLU E 248 11.68 59.41 106.99
C GLU E 248 10.59 59.05 106.00
N CYS E 249 10.53 59.72 104.84
CA CYS E 249 9.60 59.32 103.81
C CYS E 249 9.91 57.93 103.30
N HIS E 250 11.18 57.52 103.34
CA HIS E 250 11.52 56.15 103.00
C HIS E 250 10.89 55.17 103.98
N ALA E 251 10.66 55.59 105.22
CA ALA E 251 10.02 54.75 106.21
C ALA E 251 8.52 54.61 105.99
N LEU E 252 7.93 55.39 105.08
CA LEU E 252 6.49 55.41 104.90
C LEU E 252 6.06 55.02 103.50
N VAL E 253 6.66 55.61 102.47
CA VAL E 253 6.24 55.39 101.09
C VAL E 253 7.45 54.92 100.30
N ASP E 254 7.33 53.75 99.68
CA ASP E 254 8.45 53.18 98.94
C ASP E 254 8.56 53.84 97.57
N SER E 255 9.80 54.15 97.19
CA SER E 255 10.07 55.02 96.05
C SER E 255 10.38 54.28 94.77
N THR E 256 10.30 52.95 94.76
CA THR E 256 10.67 52.18 93.57
C THR E 256 9.87 52.61 92.36
N ALA E 257 8.54 52.62 92.50
CA ALA E 257 7.69 53.09 91.42
C ALA E 257 7.96 54.55 91.11
N TYR E 258 8.21 55.35 92.14
CA TYR E 258 8.54 56.76 91.91
C TYR E 258 9.88 56.90 91.21
N LEU E 259 10.85 56.04 91.54
CA LEU E 259 12.11 56.06 90.82
C LEU E 259 11.90 55.75 89.33
N ALA E 260 11.11 54.71 89.04
CA ALA E 260 10.85 54.35 87.65
C ALA E 260 10.13 55.48 86.92
N ALA E 261 9.13 56.09 87.57
CA ALA E 261 8.40 57.18 86.94
C ALA E 261 9.29 58.38 86.72
N CYS E 262 10.21 58.65 87.64
CA CYS E 262 11.19 59.70 87.45
C CYS E 262 12.02 59.44 86.21
N ALA E 263 12.51 58.21 86.05
CA ALA E 263 13.30 57.89 84.87
C ALA E 263 12.47 58.06 83.60
N GLN E 264 11.22 57.60 83.63
CA GLN E 264 10.36 57.69 82.44
C GLN E 264 10.10 59.15 82.07
N ASP E 265 9.84 60.00 83.06
CA ASP E 265 9.71 61.43 82.77
C ASP E 265 11.01 62.02 82.26
N LEU E 266 12.13 61.54 82.78
CA LEU E 266 13.41 61.98 82.22
C LEU E 266 13.51 61.63 80.75
N CYS E 267 12.88 60.52 80.31
CA CYS E 267 12.80 60.26 78.88
C CYS E 267 11.95 61.31 78.18
N ARG E 268 10.95 61.84 78.86
CA ARG E 268 10.18 62.95 78.32
C ARG E 268 11.00 64.24 78.49
N CYS E 269 10.35 65.39 78.37
CA CYS E 269 11.05 66.65 78.35
C CYS E 269 11.88 66.86 79.62
N PRO E 270 13.07 67.44 79.52
CA PRO E 270 13.77 67.76 80.65
C PRO E 270 13.33 69.02 81.41
N THR E 271 12.25 69.69 81.04
CA THR E 271 11.65 70.66 81.95
C THR E 271 10.50 70.09 82.78
N CYS E 272 10.17 68.82 82.60
CA CYS E 272 9.08 68.18 83.32
C CYS E 272 9.49 66.91 84.05
N PRO E 273 10.57 66.93 84.85
CA PRO E 273 10.89 65.73 85.62
C PRO E 273 10.45 65.82 87.07
N CYS E 274 10.02 66.99 87.54
CA CYS E 274 9.79 67.20 88.97
C CYS E 274 8.38 66.84 89.41
N ALA E 275 7.52 66.41 88.48
CA ALA E 275 6.18 65.98 88.86
C ALA E 275 6.24 64.79 89.82
N THR E 276 7.10 63.82 89.53
CA THR E 276 7.22 62.67 90.41
C THR E 276 7.74 63.07 91.78
N PHE E 277 8.71 63.98 91.82
CA PHE E 277 9.21 64.45 93.10
C PHE E 277 8.11 65.10 93.93
N VAL E 278 7.35 66.00 93.29
CA VAL E 278 6.27 66.67 94.02
C VAL E 278 5.24 65.66 94.49
N GLU E 279 4.93 64.68 93.66
CA GLU E 279 3.97 63.67 94.07
C GLU E 279 4.48 62.86 95.25
N TYR E 280 5.78 62.53 95.26
CA TYR E 280 6.33 61.81 96.39
C TYR E 280 6.27 62.66 97.65
N SER E 281 6.51 63.97 97.52
CA SER E 281 6.36 64.84 98.67
C SER E 281 4.92 64.82 99.19
N ARG E 282 3.95 64.91 98.28
CA ARG E 282 2.54 64.87 98.67
C ARG E 282 2.22 63.57 99.40
N GLN E 283 2.66 62.44 98.83
CA GLN E 283 2.37 61.14 99.42
C GLN E 283 3.05 60.97 100.77
N CYS E 284 4.29 61.41 100.90
CA CYS E 284 4.98 61.33 102.19
C CYS E 284 4.25 62.18 103.23
N ALA E 285 3.81 63.37 102.83
CA ALA E 285 3.02 64.20 103.73
C ALA E 285 1.74 63.51 104.14
N HIS E 286 1.09 62.83 103.19
CA HIS E 286 -0.22 62.25 103.46
C HIS E 286 -0.15 61.00 104.31
N ALA E 287 0.92 60.21 104.16
CA ALA E 287 1.06 59.04 105.01
C ALA E 287 1.27 59.44 106.47
N GLY E 288 1.76 60.65 106.69
CA GLY E 288 1.94 61.16 108.04
C GLY E 288 3.28 61.80 108.28
N GLY E 289 4.25 61.50 107.42
CA GLY E 289 5.60 61.98 107.62
C GLY E 289 5.74 63.47 107.34
N GLN E 290 6.92 63.98 107.66
CA GLN E 290 7.21 65.40 107.51
C GLN E 290 8.28 65.55 106.44
N PRO E 291 7.93 65.90 105.21
CA PRO E 291 8.96 66.07 104.18
C PRO E 291 9.80 67.29 104.44
N ARG E 292 10.99 67.32 103.84
CA ARG E 292 11.91 68.43 103.95
CA ARG E 292 11.92 68.43 103.95
C ARG E 292 12.02 69.15 102.61
N ASN E 293 12.50 70.37 102.66
CA ASN E 293 12.56 71.22 101.47
C ASN E 293 13.63 70.68 100.52
N TRP E 294 13.20 69.92 99.52
CA TRP E 294 14.13 69.37 98.54
C TRP E 294 14.47 70.35 97.43
N ARG E 295 13.70 71.43 97.29
CA ARG E 295 13.88 72.35 96.18
C ARG E 295 15.14 73.16 96.34
N CYS E 296 15.73 73.52 95.21
CA CYS E 296 16.86 74.42 95.09
C CYS E 296 16.61 75.31 93.88
N PRO E 297 17.28 76.47 93.79
CA PRO E 297 17.00 77.40 92.69
C PRO E 297 17.05 76.80 91.30
N GLU E 298 17.50 75.55 91.19
CA GLU E 298 17.48 74.84 89.92
C GLU E 298 16.45 73.71 89.86
N LEU E 299 16.12 73.10 90.99
CA LEU E 299 15.24 71.92 91.01
C LEU E 299 13.78 72.39 91.02
N CYS E 300 13.30 72.77 89.84
CA CYS E 300 11.96 73.32 89.63
C CYS E 300 11.69 74.39 90.69
N PRO E 301 12.39 75.52 90.63
CA PRO E 301 12.28 76.51 91.71
C PRO E 301 10.89 77.10 91.79
N ARG E 302 10.53 77.55 93.00
CA ARG E 302 9.24 78.16 93.25
C ARG E 302 9.40 79.62 93.65
N THR E 303 8.39 80.42 93.33
CA THR E 303 8.36 81.82 93.68
C THR E 303 7.11 82.13 94.48
N CYS E 304 7.25 82.96 95.50
CA CYS E 304 6.18 83.37 96.38
C CYS E 304 6.27 84.88 96.57
N PRO E 305 5.20 85.52 97.08
CA PRO E 305 5.23 86.98 97.30
C PRO E 305 6.36 87.45 98.21
N LEU E 306 6.51 88.77 98.33
CA LEU E 306 7.74 89.34 98.88
C LEU E 306 7.98 88.88 100.32
N ASN E 307 6.96 88.91 101.17
CA ASN E 307 7.08 88.52 102.56
C ASN E 307 6.87 87.03 102.76
N MET E 308 6.67 86.30 101.69
CA MET E 308 6.04 84.99 101.73
C MET E 308 6.98 83.98 101.08
N GLN E 309 7.17 82.84 101.74
CA GLN E 309 8.19 81.87 101.36
C GLN E 309 7.57 80.55 100.95
N HIS E 310 8.20 79.89 100.00
CA HIS E 310 7.73 78.59 99.53
C HIS E 310 8.33 77.50 100.41
N GLN E 311 7.47 76.79 101.14
CA GLN E 311 7.88 75.72 102.04
C GLN E 311 7.22 74.40 101.64
N GLU E 312 7.99 73.34 101.79
CA GLU E 312 7.47 71.97 101.80
C GLU E 312 7.16 71.61 103.25
N CYS E 313 5.97 71.07 103.49
CA CYS E 313 5.49 70.80 104.84
C CYS E 313 5.53 72.06 105.71
N GLY E 314 4.68 73.03 105.37
CA GLY E 314 4.31 74.05 106.31
C GLY E 314 2.90 73.78 106.81
N SER E 315 2.57 74.40 107.93
CA SER E 315 1.28 74.15 108.56
C SER E 315 0.15 74.57 107.63
N PRO E 316 -0.84 73.71 107.38
CA PRO E 316 -1.91 74.07 106.43
C PRO E 316 -2.77 75.21 106.91
N CYS E 317 -2.88 75.40 108.22
CA CYS E 317 -3.69 76.46 108.80
C CYS E 317 -2.79 77.65 109.09
N THR E 318 -2.63 78.52 108.10
CA THR E 318 -1.78 79.69 108.26
C THR E 318 -2.39 80.62 109.30
N ASP E 319 -1.62 80.94 110.34
CA ASP E 319 -2.11 81.88 111.33
C ASP E 319 -2.18 83.27 110.72
N THR E 320 -3.37 83.86 110.79
CA THR E 320 -3.62 85.15 110.17
C THR E 320 -4.26 86.03 111.22
N CYS E 321 -3.78 87.26 111.40
CA CYS E 321 -4.23 88.01 112.57
C CYS E 321 -5.70 88.38 112.49
N SER E 322 -6.43 87.94 111.47
CA SER E 322 -7.87 87.80 111.61
C SER E 322 -8.19 86.73 112.63
N ASN E 323 -7.45 85.63 112.63
CA ASN E 323 -7.52 84.59 113.66
C ASN E 323 -6.09 84.18 114.02
N PRO E 324 -5.32 85.08 114.64
CA PRO E 324 -3.87 84.89 114.73
C PRO E 324 -3.43 83.64 115.46
N GLN E 325 -4.35 82.91 116.10
CA GLN E 325 -4.00 81.66 116.77
C GLN E 325 -4.79 80.50 116.17
N ARG E 326 -5.01 80.52 114.85
CA ARG E 326 -5.71 79.43 114.19
C ARG E 326 -4.90 78.14 114.28
N ALA E 327 -3.58 78.24 114.19
CA ALA E 327 -2.71 77.07 114.13
C ALA E 327 -2.52 76.41 115.49
N GLN E 328 -3.39 76.69 116.46
CA GLN E 328 -3.14 76.24 117.82
C GLN E 328 -3.32 74.73 117.96
N LEU E 329 -4.53 74.24 117.71
CA LEU E 329 -4.85 72.82 117.86
C LEU E 329 -5.33 72.24 116.54
N CYS E 330 -4.64 72.57 115.46
CA CYS E 330 -4.99 72.08 114.14
C CYS E 330 -4.81 70.57 114.05
N GLU E 331 -5.60 69.95 113.18
CA GLU E 331 -5.39 68.56 112.81
C GLU E 331 -5.44 68.46 111.30
N ASP E 332 -4.27 68.59 110.68
CA ASP E 332 -4.08 68.40 109.25
C ASP E 332 -2.60 68.25 108.97
N HIS E 333 -2.25 67.32 108.09
CA HIS E 333 -0.86 66.95 107.86
C HIS E 333 -0.13 68.10 107.16
N CYS E 334 1.15 67.89 106.87
CA CYS E 334 1.91 68.86 106.11
C CYS E 334 1.18 69.24 104.83
N VAL E 335 1.38 70.49 104.39
CA VAL E 335 0.94 70.94 103.09
C VAL E 335 2.02 71.82 102.49
N ASP E 336 2.33 71.59 101.22
CA ASP E 336 3.26 72.42 100.47
C ASP E 336 2.58 73.74 100.11
N GLY E 337 3.37 74.81 100.02
CA GLY E 337 2.84 76.04 99.47
C GLY E 337 3.60 77.24 100.00
N CYS E 338 3.02 78.41 99.79
CA CYS E 338 3.56 79.64 100.33
C CYS E 338 3.14 79.79 101.79
N PHE E 339 3.99 80.45 102.59
CA PHE E 339 3.78 80.58 104.01
C PHE E 339 4.46 81.85 104.48
N CYS E 340 4.39 82.08 105.77
CA CYS E 340 5.05 83.18 106.46
C CYS E 340 6.07 82.66 107.46
N PRO E 341 7.14 83.41 107.70
CA PRO E 341 8.09 83.00 108.73
C PRO E 341 7.43 82.96 110.09
N PRO E 342 7.88 82.09 110.98
CA PRO E 342 7.25 81.97 112.30
C PRO E 342 7.33 83.28 113.08
N GLY E 343 6.26 83.59 113.80
CA GLY E 343 6.20 84.80 114.58
C GLY E 343 5.34 85.88 113.96
N THR E 344 5.43 86.04 112.65
CA THR E 344 4.62 87.01 111.91
C THR E 344 3.51 86.27 111.18
N VAL E 345 2.27 86.67 111.44
CA VAL E 345 1.09 86.03 110.88
C VAL E 345 0.73 86.64 109.53
N LEU E 346 -0.14 85.97 108.78
CA LEU E 346 -0.58 86.50 107.51
C LEU E 346 -1.63 87.58 107.72
N ASP E 347 -1.62 88.57 106.84
CA ASP E 347 -2.59 89.67 106.88
C ASP E 347 -3.59 89.47 105.75
N ASP E 348 -4.76 88.94 106.09
CA ASP E 348 -5.83 88.76 105.13
C ASP E 348 -6.81 89.91 105.12
N ILE E 349 -6.65 90.89 106.01
CA ILE E 349 -7.58 92.00 106.10
C ILE E 349 -7.38 92.98 104.93
N THR E 350 -6.14 93.34 104.62
CA THR E 350 -5.85 94.17 103.48
C THR E 350 -4.82 93.59 102.52
N HIS E 351 -4.38 92.35 102.74
CA HIS E 351 -3.49 91.65 101.80
C HIS E 351 -2.15 92.38 101.65
N SER E 352 -1.54 92.70 102.79
CA SER E 352 -0.24 93.36 102.81
C SER E 352 0.91 92.39 103.07
N GLY E 353 0.74 91.13 102.72
CA GLY E 353 1.73 90.12 103.06
C GLY E 353 1.58 89.68 104.50
N CYS E 354 2.67 89.14 105.04
CA CYS E 354 2.68 88.77 106.44
C CYS E 354 3.16 89.94 107.28
N LEU E 355 2.42 90.24 108.35
CA LEU E 355 2.75 91.35 109.21
C LEU E 355 2.93 90.86 110.64
N PRO E 356 3.70 91.57 111.45
CA PRO E 356 3.81 91.20 112.86
C PRO E 356 2.47 91.35 113.55
N LEU E 357 2.30 90.60 114.64
CA LEU E 357 1.01 90.54 115.32
C LEU E 357 0.54 91.92 115.76
N GLY E 358 1.46 92.84 116.00
CA GLY E 358 1.12 94.15 116.49
C GLY E 358 0.87 95.23 115.47
N GLN E 359 1.11 94.98 114.17
CA GLN E 359 0.98 96.03 113.17
C GLN E 359 -0.11 95.73 112.16
N CYS E 360 -0.98 94.82 112.44
CA CYS E 360 -1.90 94.58 111.34
C CYS E 360 -3.29 95.12 111.67
N PRO E 361 -4.08 95.46 110.65
CA PRO E 361 -5.32 96.21 110.89
C PRO E 361 -6.36 95.40 111.63
N CYS E 362 -7.43 96.09 112.01
CA CYS E 362 -8.62 95.49 112.58
C CYS E 362 -9.80 95.77 111.66
N THR E 363 -10.94 95.18 112.00
CA THR E 363 -12.14 95.31 111.18
C THR E 363 -13.36 95.52 112.06
N HIS E 364 -14.28 96.36 111.60
CA HIS E 364 -15.56 96.57 112.29
C HIS E 364 -16.61 96.97 111.27
N GLY E 365 -17.60 96.11 111.06
CA GLY E 365 -18.76 96.44 110.25
C GLY E 365 -18.44 96.85 108.82
N GLY E 366 -17.55 96.12 108.15
CA GLY E 366 -17.14 96.48 106.82
C GLY E 366 -16.13 97.59 106.75
N ARG E 367 -15.70 98.12 107.88
CA ARG E 367 -14.67 99.15 107.92
C ARG E 367 -13.35 98.53 108.34
N THR E 368 -12.27 98.96 107.69
CA THR E 368 -10.93 98.50 108.02
C THR E 368 -10.20 99.62 108.77
N TYR E 369 -9.62 99.28 109.92
CA TYR E 369 -8.97 100.27 110.77
C TYR E 369 -7.48 99.97 110.82
N SER E 370 -6.68 100.96 110.45
CA SER E 370 -5.24 100.82 110.59
C SER E 370 -4.86 100.79 112.07
N PRO E 371 -3.69 100.25 112.40
CA PRO E 371 -3.24 100.34 113.80
C PRO E 371 -3.09 101.79 114.21
N GLY E 372 -3.38 102.06 115.49
CA GLY E 372 -3.39 103.40 116.04
C GLY E 372 -4.76 104.04 115.99
N THR E 373 -5.67 103.49 115.20
CA THR E 373 -7.00 104.06 115.07
C THR E 373 -7.91 103.62 116.20
N SER E 374 -8.91 104.44 116.47
CA SER E 374 -9.92 104.15 117.46
C SER E 374 -11.27 104.55 116.89
N PHE E 375 -12.32 103.91 117.39
CA PHE E 375 -13.67 104.32 117.06
C PHE E 375 -14.52 104.20 118.30
N ASN E 376 -15.30 105.22 118.59
CA ASN E 376 -16.11 105.27 119.81
C ASN E 376 -17.57 105.17 119.45
N THR E 377 -18.23 104.14 119.97
CA THR E 377 -19.68 104.07 119.95
C THR E 377 -20.24 104.99 121.02
N THR E 378 -21.54 105.23 120.99
CA THR E 378 -22.16 106.10 121.98
C THR E 378 -22.05 105.48 123.37
N CYS E 379 -21.85 104.17 123.45
CA CYS E 379 -21.74 103.48 124.73
C CYS E 379 -20.35 102.95 125.03
N SER E 380 -19.44 102.95 124.06
CA SER E 380 -18.11 102.40 124.30
C SER E 380 -17.13 102.95 123.27
N SER E 381 -15.85 102.79 123.57
CA SER E 381 -14.77 103.20 122.69
C SER E 381 -13.75 102.07 122.55
N CYS E 382 -13.38 101.77 121.31
CA CYS E 382 -12.51 100.65 121.01
C CYS E 382 -11.33 101.08 120.17
N THR E 383 -10.13 100.68 120.59
CA THR E 383 -8.88 100.98 119.92
C THR E 383 -8.33 99.74 119.24
N CYS E 384 -7.94 99.87 117.98
CA CYS E 384 -7.38 98.75 117.24
C CYS E 384 -5.91 98.59 117.61
N SER E 385 -5.63 97.65 118.51
CA SER E 385 -4.25 97.43 118.92
C SER E 385 -4.11 96.02 119.46
N GLY E 386 -2.87 95.55 119.50
CA GLY E 386 -2.59 94.18 119.87
C GLY E 386 -3.13 93.17 118.88
N GLY E 387 -3.49 93.61 117.68
CA GLY E 387 -4.21 92.78 116.75
C GLY E 387 -5.66 92.55 117.12
N LEU E 388 -6.14 93.20 118.18
CA LEU E 388 -7.50 93.03 118.65
C LEU E 388 -8.12 94.41 118.84
N TRP E 389 -9.30 94.44 119.44
CA TRP E 389 -9.95 95.68 119.84
C TRP E 389 -9.87 95.78 121.36
N GLN E 390 -9.17 96.81 121.84
CA GLN E 390 -9.14 97.14 123.26
C GLN E 390 -10.30 98.09 123.51
N CYS E 391 -11.34 97.59 124.18
CA CYS E 391 -12.59 98.31 124.31
C CYS E 391 -12.80 98.70 125.77
N GLN E 392 -13.02 99.98 126.01
CA GLN E 392 -13.48 100.45 127.30
C GLN E 392 -14.87 101.03 127.16
N ASP E 393 -15.57 101.12 128.30
CA ASP E 393 -16.99 101.47 128.31
C ASP E 393 -17.16 102.88 128.86
N LEU E 394 -17.53 103.81 127.99
CA LEU E 394 -17.96 105.12 128.44
C LEU E 394 -19.27 105.00 129.21
N PRO E 395 -19.55 105.93 130.11
CA PRO E 395 -20.82 105.87 130.86
C PRO E 395 -22.01 105.95 129.91
N CYS E 396 -23.04 105.17 130.21
CA CYS E 396 -24.22 105.07 129.36
C CYS E 396 -25.47 105.20 130.21
N PRO E 397 -26.27 106.25 130.03
CA PRO E 397 -27.57 106.30 130.71
C PRO E 397 -28.50 105.24 130.17
N GLY E 398 -29.04 104.41 131.06
CA GLY E 398 -29.93 103.36 130.64
C GLY E 398 -31.25 103.90 130.13
N THR E 399 -31.98 103.06 129.40
CA THR E 399 -33.17 103.51 128.69
C THR E 399 -34.22 102.42 128.71
N CYS E 400 -35.23 102.59 129.55
CA CYS E 400 -36.43 101.78 129.49
C CYS E 400 -37.42 102.44 128.55
N SER E 401 -38.39 101.67 128.10
CA SER E 401 -39.41 102.27 127.25
C SER E 401 -40.62 101.36 127.18
N VAL E 402 -41.77 101.99 126.98
CA VAL E 402 -43.02 101.30 126.70
C VAL E 402 -43.55 101.83 125.39
N GLN E 403 -43.66 100.94 124.40
CA GLN E 403 -44.00 101.30 123.03
C GLN E 403 -45.18 100.46 122.59
N GLY E 404 -46.03 101.06 121.76
CA GLY E 404 -47.22 100.38 121.29
C GLY E 404 -48.29 100.20 122.33
N GLY E 405 -48.05 100.65 123.55
CA GLY E 405 -48.96 100.40 124.65
C GLY E 405 -48.89 99.00 125.21
N ALA E 406 -48.11 98.13 124.61
CA ALA E 406 -48.02 96.75 125.07
C ALA E 406 -46.59 96.27 125.27
N HIS E 407 -45.65 96.74 124.45
CA HIS E 407 -44.30 96.20 124.47
C HIS E 407 -43.40 97.03 125.37
N ILE E 408 -42.52 96.36 126.09
CA ILE E 408 -41.65 96.97 127.07
C ILE E 408 -40.22 96.56 126.75
N SER E 409 -39.35 97.55 126.62
CA SER E 409 -37.91 97.32 126.51
C SER E 409 -37.30 97.77 127.81
N THR E 410 -36.80 96.82 128.61
CA THR E 410 -36.33 97.14 129.94
C THR E 410 -34.97 97.85 129.85
N TYR E 411 -34.37 98.12 131.00
CA TYR E 411 -33.03 98.71 131.04
C TYR E 411 -31.98 97.73 130.54
N ASP E 412 -32.18 96.44 130.79
CA ASP E 412 -31.30 95.39 130.31
C ASP E 412 -31.61 94.99 128.87
N GLU E 413 -32.48 95.73 128.19
CA GLU E 413 -32.87 95.44 126.81
C GLU E 413 -33.51 94.05 126.68
N LYS E 414 -34.44 93.76 127.57
CA LYS E 414 -35.21 92.51 127.50
C LYS E 414 -36.60 92.84 126.99
N LEU E 415 -36.77 92.80 125.68
CA LEU E 415 -38.06 93.15 125.08
C LEU E 415 -39.10 92.10 125.42
N TYR E 416 -40.26 92.54 125.86
CA TYR E 416 -41.36 91.63 126.15
C TYR E 416 -42.67 92.38 126.09
N ASP E 417 -43.72 91.71 125.65
CA ASP E 417 -45.02 92.36 125.54
C ASP E 417 -45.83 92.18 126.81
N LEU E 418 -46.63 93.19 127.13
CA LEU E 418 -47.45 93.20 128.34
C LEU E 418 -48.82 93.72 127.98
N HIS E 419 -49.82 92.83 128.01
CA HIS E 419 -51.22 93.18 127.73
C HIS E 419 -51.93 93.27 129.07
N GLY E 420 -51.98 94.46 129.65
CA GLY E 420 -52.51 94.64 130.97
C GLY E 420 -53.53 95.76 131.01
N ASP E 421 -54.36 95.71 132.05
CA ASP E 421 -55.38 96.73 132.32
C ASP E 421 -55.26 97.11 133.79
N CYS E 422 -54.33 98.01 134.08
CA CYS E 422 -54.10 98.49 135.44
C CYS E 422 -53.07 99.60 135.37
N SER E 423 -52.62 100.07 136.52
CA SER E 423 -51.47 100.95 136.63
C SER E 423 -50.31 100.12 137.16
N TYR E 424 -49.19 100.14 136.46
CA TYR E 424 -48.04 99.31 136.78
C TYR E 424 -46.87 100.17 137.19
N VAL E 425 -46.14 99.72 138.20
CA VAL E 425 -44.97 100.46 138.65
C VAL E 425 -43.90 100.28 137.59
N LEU E 426 -43.79 101.25 136.68
CA LEU E 426 -42.88 101.11 135.56
C LEU E 426 -41.43 101.04 136.02
N SER E 427 -41.05 101.91 136.95
CA SER E 427 -39.68 101.85 137.44
C SER E 427 -39.61 102.55 138.79
N LYS E 428 -38.77 102.03 139.67
CA LYS E 428 -38.73 102.52 141.03
C LYS E 428 -37.43 102.08 141.70
N LYS E 429 -36.68 103.03 142.24
CA LYS E 429 -35.45 102.71 142.95
C LYS E 429 -35.82 102.02 144.26
N CYS E 430 -35.86 100.70 144.25
CA CYS E 430 -36.63 99.95 145.25
C CYS E 430 -35.98 99.86 146.62
N ALA E 431 -34.77 100.39 146.79
CA ALA E 431 -34.22 100.52 148.14
C ALA E 431 -35.09 101.45 148.96
N ASP E 432 -35.51 102.56 148.35
CA ASP E 432 -36.34 103.57 149.02
C ASP E 432 -37.44 104.05 148.08
N SER E 433 -38.06 105.18 148.39
CA SER E 433 -39.10 105.73 147.52
C SER E 433 -38.72 107.09 146.95
N SER E 434 -37.49 107.23 146.46
CA SER E 434 -37.04 108.50 145.90
C SER E 434 -37.89 108.92 144.70
N PHE E 435 -38.15 107.99 143.79
CA PHE E 435 -39.05 108.22 142.68
C PHE E 435 -39.77 106.93 142.35
N THR E 436 -40.90 107.06 141.64
CA THR E 436 -41.66 105.90 141.17
C THR E 436 -42.39 106.30 139.91
N VAL E 437 -41.82 105.97 138.76
CA VAL E 437 -42.48 106.23 137.50
C VAL E 437 -43.53 105.15 137.30
N LEU E 438 -44.78 105.58 137.20
CA LEU E 438 -45.94 104.72 137.06
C LEU E 438 -46.53 104.86 135.68
N ALA E 439 -47.01 103.76 135.12
CA ALA E 439 -47.65 103.74 133.83
C ALA E 439 -49.00 103.06 133.97
N GLU E 440 -50.05 103.70 133.49
CA GLU E 440 -51.38 103.13 133.47
C GLU E 440 -51.66 102.65 132.05
N LEU E 441 -51.91 101.36 131.89
CA LEU E 441 -52.16 100.75 130.60
C LEU E 441 -53.59 100.25 130.56
N ARG E 442 -54.35 100.70 129.56
CA ARG E 442 -55.78 100.45 129.54
C ARG E 442 -56.16 99.72 128.27
N LYS E 443 -57.13 98.81 128.38
CA LYS E 443 -57.63 98.11 127.21
C LYS E 443 -58.40 99.08 126.31
N CYS E 444 -58.21 98.94 125.00
CA CYS E 444 -58.67 99.92 124.03
C CYS E 444 -59.56 99.34 122.94
N GLY E 445 -60.01 98.09 123.06
CA GLY E 445 -60.73 97.52 121.95
C GLY E 445 -61.57 96.34 122.37
N LEU E 446 -62.17 95.69 121.38
CA LEU E 446 -63.00 94.52 121.65
C LEU E 446 -62.17 93.40 122.27
N THR E 447 -60.96 93.19 121.76
CA THR E 447 -60.12 92.09 122.24
C THR E 447 -59.27 92.52 123.42
N ASP E 448 -58.94 91.56 124.27
CA ASP E 448 -58.22 91.84 125.51
C ASP E 448 -56.76 92.21 125.26
N ASN E 449 -56.27 92.06 124.03
CA ASN E 449 -54.90 92.42 123.70
C ASN E 449 -54.79 93.68 122.87
N GLU E 450 -55.76 94.59 122.99
CA GLU E 450 -55.74 95.87 122.29
C GLU E 450 -55.57 96.96 123.34
N ASN E 451 -54.32 97.29 123.66
CA ASN E 451 -54.01 98.16 124.78
C ASN E 451 -53.43 99.48 124.32
N CYS E 452 -53.58 100.48 125.18
CA CYS E 452 -52.95 101.80 125.00
C CYS E 452 -52.41 102.28 126.33
N LEU E 453 -51.21 102.84 126.30
CA LEU E 453 -50.73 103.65 127.41
C LEU E 453 -51.64 104.86 127.56
N LYS E 454 -52.07 105.16 128.79
CA LYS E 454 -53.00 106.25 128.98
C LYS E 454 -52.50 107.34 129.92
N ALA E 455 -51.45 107.10 130.70
CA ALA E 455 -50.90 108.12 131.54
C ALA E 455 -49.48 107.72 131.93
N VAL E 456 -48.73 108.68 132.43
CA VAL E 456 -47.42 108.43 133.02
C VAL E 456 -47.35 109.28 134.27
N THR E 457 -47.36 108.65 135.43
CA THR E 457 -47.48 109.35 136.71
C THR E 457 -46.16 109.23 137.46
N LEU E 458 -45.27 110.20 137.28
CA LEU E 458 -44.07 110.25 138.07
C LEU E 458 -44.43 110.63 139.50
N SER E 459 -44.43 109.65 140.40
CA SER E 459 -44.60 109.90 141.82
C SER E 459 -43.24 110.10 142.46
N LEU E 460 -43.16 111.06 143.37
CA LEU E 460 -41.87 111.59 143.80
C LEU E 460 -41.91 111.84 145.30
N ASP E 461 -40.72 111.77 145.91
CA ASP E 461 -40.56 112.10 147.32
C ASP E 461 -41.46 111.24 148.20
N GLY E 462 -41.56 109.96 147.88
CA GLY E 462 -42.49 109.10 148.59
C GLY E 462 -43.93 109.46 148.34
N GLY E 463 -44.25 109.87 147.12
CA GLY E 463 -45.60 110.25 146.78
C GLY E 463 -45.96 111.66 147.13
N ASP E 464 -45.05 112.42 147.75
CA ASP E 464 -45.35 113.79 148.12
C ASP E 464 -45.55 114.67 146.89
N THR E 465 -44.90 114.35 145.78
CA THR E 465 -45.05 115.12 144.56
C THR E 465 -45.53 114.19 143.45
N ALA E 466 -46.30 114.71 142.51
CA ALA E 466 -46.86 113.89 141.44
C ALA E 466 -46.88 114.71 140.16
N ILE E 467 -46.30 114.17 139.10
CA ILE E 467 -46.36 114.78 137.78
C ILE E 467 -47.01 113.77 136.85
N ARG E 468 -48.22 114.07 136.40
CA ARG E 468 -49.03 113.12 135.65
C ARG E 468 -49.19 113.63 134.23
N VAL E 469 -48.52 112.98 133.28
CA VAL E 469 -48.65 113.33 131.88
C VAL E 469 -49.73 112.44 131.29
N GLN E 470 -50.83 113.03 130.86
CA GLN E 470 -51.93 112.28 130.28
C GLN E 470 -51.63 111.98 128.81
N ALA E 471 -52.59 111.38 128.12
CA ALA E 471 -52.41 110.98 126.74
C ALA E 471 -52.66 112.10 125.74
N ASP E 472 -53.48 113.09 126.08
CA ASP E 472 -53.74 114.20 125.17
C ASP E 472 -52.73 115.32 125.31
N GLY E 473 -51.78 115.20 126.21
CA GLY E 473 -50.78 116.22 126.43
C GLY E 473 -50.92 117.00 127.71
N GLY E 474 -52.07 116.93 128.37
CA GLY E 474 -52.27 117.63 129.61
C GLY E 474 -51.36 117.11 130.71
N VAL E 475 -50.65 118.01 131.38
CA VAL E 475 -49.71 117.64 132.43
C VAL E 475 -50.23 118.21 133.74
N PHE E 476 -50.31 117.37 134.75
CA PHE E 476 -50.90 117.71 136.04
C PHE E 476 -49.80 117.66 137.10
N LEU E 477 -49.59 118.78 137.79
CA LEU E 477 -48.68 118.80 138.93
C LEU E 477 -49.52 118.76 140.20
N ASN E 478 -49.45 117.63 140.91
CA ASN E 478 -50.31 117.36 142.06
C ASN E 478 -51.78 117.54 141.68
N SER E 479 -52.17 116.87 140.60
CA SER E 479 -53.55 116.82 140.13
C SER E 479 -54.10 118.19 139.78
N ILE E 480 -53.23 119.16 139.56
CA ILE E 480 -53.61 120.50 139.12
C ILE E 480 -53.06 120.71 137.73
N TYR E 481 -53.91 121.15 136.81
CA TYR E 481 -53.44 121.41 135.46
C TYR E 481 -52.31 122.42 135.47
N THR E 482 -51.24 122.09 134.75
CA THR E 482 -50.06 122.93 134.67
C THR E 482 -49.65 123.04 133.21
N GLN E 483 -49.59 124.27 132.70
CA GLN E 483 -49.14 124.41 131.33
C GLN E 483 -47.63 124.27 131.28
N LEU E 484 -47.10 124.12 130.07
CA LEU E 484 -45.67 123.87 129.94
C LEU E 484 -45.00 125.04 129.23
N PRO E 485 -43.75 125.37 129.57
CA PRO E 485 -42.86 124.70 130.54
C PRO E 485 -43.11 125.09 131.98
N LEU E 486 -42.65 124.27 132.92
CA LEU E 486 -42.63 124.60 134.33
C LEU E 486 -41.26 124.23 134.87
N SER E 487 -40.83 124.92 135.92
CA SER E 487 -39.49 124.71 136.48
C SER E 487 -39.50 124.96 137.98
N ALA E 488 -39.61 123.88 138.77
CA ALA E 488 -39.65 124.03 140.22
C ALA E 488 -39.24 122.73 140.89
N ALA E 489 -38.62 122.85 142.07
CA ALA E 489 -38.12 121.70 142.81
C ALA E 489 -37.15 120.86 141.98
N ASN E 490 -36.33 121.55 141.20
CA ASN E 490 -35.37 120.97 140.25
C ASN E 490 -36.04 120.21 139.12
N ILE E 491 -37.37 120.15 139.09
CA ILE E 491 -38.11 119.47 138.04
C ILE E 491 -38.40 120.45 136.92
N THR E 492 -38.09 120.06 135.69
CA THR E 492 -38.31 120.89 134.52
C THR E 492 -39.20 120.12 133.55
N LEU E 493 -40.33 120.73 133.19
CA LEU E 493 -41.28 120.14 132.26
C LEU E 493 -41.33 121.02 131.03
N PHE E 494 -41.11 120.44 129.85
CA PHE E 494 -41.19 121.25 128.65
C PHE E 494 -41.41 120.38 127.44
N THR E 495 -41.91 120.99 126.37
CA THR E 495 -42.16 120.27 125.15
C THR E 495 -41.06 120.59 124.15
N PRO E 496 -40.14 119.67 123.86
CA PRO E 496 -39.16 119.94 122.81
C PRO E 496 -39.80 120.15 121.45
N SER E 497 -40.91 119.47 121.19
CA SER E 497 -41.70 119.69 120.00
C SER E 497 -43.15 119.38 120.33
N SER E 498 -44.01 119.42 119.32
CA SER E 498 -45.40 119.13 119.56
C SER E 498 -45.66 117.65 119.76
N PHE E 499 -44.68 116.80 119.52
CA PHE E 499 -44.87 115.36 119.63
C PHE E 499 -44.44 114.79 120.97
N PHE E 500 -43.59 115.50 121.72
CA PHE E 500 -42.95 114.93 122.90
C PHE E 500 -43.01 115.89 124.07
N ILE E 501 -43.05 115.32 125.27
CA ILE E 501 -42.99 116.06 126.52
C ILE E 501 -41.84 115.52 127.34
N VAL E 502 -40.95 116.40 127.80
CA VAL E 502 -39.78 116.01 128.57
C VAL E 502 -40.00 116.44 130.02
N VAL E 503 -39.84 115.49 130.93
CA VAL E 503 -39.91 115.71 132.36
C VAL E 503 -38.53 115.39 132.91
N GLN E 504 -37.69 116.41 133.04
CA GLN E 504 -36.33 116.26 133.52
C GLN E 504 -36.28 116.51 135.01
N THR E 505 -35.98 115.49 135.79
CA THR E 505 -35.89 115.64 137.23
C THR E 505 -34.43 115.66 137.65
N GLY E 506 -34.17 116.25 138.81
CA GLY E 506 -32.83 116.26 139.33
C GLY E 506 -32.42 114.99 140.03
N LEU E 507 -33.38 114.11 140.30
CA LEU E 507 -33.10 112.86 141.02
C LEU E 507 -32.24 111.91 140.22
N GLY E 508 -32.05 112.16 138.92
CA GLY E 508 -31.19 111.35 138.11
C GLY E 508 -31.84 110.92 136.82
N LEU E 509 -33.14 110.62 136.85
CA LEU E 509 -33.83 110.12 135.68
C LEU E 509 -34.40 111.26 134.85
N GLN E 510 -34.95 110.89 133.70
CA GLN E 510 -35.59 111.82 132.78
C GLN E 510 -36.64 111.08 131.98
N LEU E 511 -37.86 111.61 131.95
CA LEU E 511 -38.94 111.00 131.18
C LEU E 511 -39.10 111.74 129.87
N LEU E 512 -39.34 111.00 128.81
CA LEU E 512 -39.61 111.57 127.49
C LEU E 512 -40.83 110.84 126.95
N VAL E 513 -41.95 111.53 126.85
CA VAL E 513 -43.23 110.91 126.55
C VAL E 513 -43.69 111.36 125.19
N GLN E 514 -44.04 110.41 124.33
CA GLN E 514 -44.54 110.70 122.99
C GLN E 514 -46.04 110.67 122.99
N LEU E 515 -46.66 111.70 122.41
CA LEU E 515 -48.09 111.82 122.28
C LEU E 515 -48.59 111.55 120.88
N VAL E 516 -47.90 112.08 119.88
CA VAL E 516 -48.28 111.94 118.48
C VAL E 516 -47.38 110.88 117.85
N PRO E 517 -47.94 109.85 117.20
CA PRO E 517 -49.35 109.60 116.95
C PRO E 517 -50.08 109.00 118.15
N LEU E 518 -49.42 108.21 118.99
CA LEU E 518 -50.07 107.69 120.19
C LEU E 518 -49.11 107.86 121.36
N MET E 519 -49.45 107.25 122.49
CA MET E 519 -48.77 107.48 123.75
C MET E 519 -47.71 106.41 123.98
N GLN E 520 -46.45 106.84 124.06
CA GLN E 520 -45.32 105.96 124.37
C GLN E 520 -44.44 106.66 125.40
N VAL E 521 -43.66 105.88 126.15
CA VAL E 521 -42.85 106.48 127.19
C VAL E 521 -41.42 105.97 127.08
N PHE E 522 -40.46 106.86 127.38
CA PHE E 522 -39.05 106.51 127.41
C PHE E 522 -38.45 107.05 128.69
N VAL E 523 -37.74 106.21 129.43
CA VAL E 523 -37.19 106.58 130.72
C VAL E 523 -35.68 106.45 130.65
N ARG E 524 -34.96 107.51 131.01
CA ARG E 524 -33.52 107.54 130.94
C ARG E 524 -32.94 107.64 132.33
N LEU E 525 -31.97 106.81 132.64
CA LEU E 525 -31.36 106.76 133.97
C LEU E 525 -29.88 107.13 133.89
N ASP E 526 -29.47 108.05 134.74
CA ASP E 526 -28.06 108.27 135.03
C ASP E 526 -27.47 106.95 135.52
N PRO E 527 -26.36 106.49 134.94
CA PRO E 527 -25.88 105.13 135.25
C PRO E 527 -25.59 104.85 136.71
N ALA E 528 -25.60 105.87 137.56
CA ALA E 528 -25.30 105.64 138.98
C ALA E 528 -26.30 104.70 139.62
N HIS E 529 -27.55 104.72 139.15
CA HIS E 529 -28.59 103.87 139.70
C HIS E 529 -28.47 102.42 139.26
N GLN E 530 -27.47 102.11 138.44
CA GLN E 530 -27.33 100.77 137.91
C GLN E 530 -27.26 99.73 139.03
N GLY E 531 -28.00 98.65 138.85
CA GLY E 531 -28.03 97.61 139.86
C GLY E 531 -28.80 97.99 141.11
N GLN E 532 -29.70 98.96 141.01
CA GLN E 532 -30.48 99.39 142.16
C GLN E 532 -31.98 99.42 141.92
N MET E 533 -32.45 99.62 140.70
CA MET E 533 -33.86 99.85 140.47
C MET E 533 -34.66 98.57 140.64
N CYS E 534 -35.97 98.71 140.55
CA CYS E 534 -36.92 97.60 140.51
C CYS E 534 -38.01 97.96 139.53
N GLY E 535 -39.10 97.21 139.56
CA GLY E 535 -40.26 97.54 138.74
C GLY E 535 -40.28 96.78 137.43
N LEU E 536 -41.16 97.25 136.54
CA LEU E 536 -41.30 96.62 135.24
C LEU E 536 -40.02 96.70 134.44
N CYS E 537 -39.36 97.84 134.46
CA CYS E 537 -38.18 97.99 133.62
C CYS E 537 -36.99 97.25 134.14
N GLY E 538 -37.03 96.49 135.22
CA GLY E 538 -35.88 95.70 135.62
C GLY E 538 -34.83 96.50 136.36
N ASN E 539 -33.88 95.78 136.94
CA ASN E 539 -32.99 96.34 137.94
C ASN E 539 -31.76 97.02 137.35
N PHE E 540 -31.62 97.06 136.03
CA PHE E 540 -30.56 97.83 135.40
C PHE E 540 -29.19 97.39 135.91
N ASN E 541 -28.85 96.13 135.64
CA ASN E 541 -27.58 95.56 136.11
C ASN E 541 -26.85 94.81 135.00
N GLN E 542 -27.19 95.08 133.74
CA GLN E 542 -26.55 94.44 132.59
C GLN E 542 -26.61 92.92 132.69
N ASN E 543 -27.84 92.42 132.78
CA ASN E 543 -28.13 91.01 132.89
C ASN E 543 -29.58 90.83 132.49
N GLN E 544 -29.83 90.12 131.40
CA GLN E 544 -31.18 89.95 130.91
C GLN E 544 -31.94 88.83 131.60
N ALA E 545 -31.24 87.95 132.32
CA ALA E 545 -31.89 86.83 132.97
C ALA E 545 -32.43 87.17 134.34
N ASP E 546 -31.98 88.26 134.94
CA ASP E 546 -32.40 88.63 136.28
C ASP E 546 -33.58 89.59 136.29
N ASP E 547 -34.04 90.02 135.10
CA ASP E 547 -35.03 91.08 135.06
C ASP E 547 -36.33 90.66 135.73
N PHE E 548 -36.72 89.40 135.59
CA PHE E 548 -37.96 88.91 136.14
C PHE E 548 -37.83 88.53 137.60
N THR E 549 -36.80 89.02 138.28
CA THR E 549 -36.67 88.80 139.71
C THR E 549 -37.74 89.62 140.43
N ALA E 550 -38.79 88.95 140.88
CA ALA E 550 -39.84 89.65 141.60
C ALA E 550 -39.37 89.91 143.02
N LEU E 551 -40.23 90.49 143.84
CA LEU E 551 -39.87 90.75 145.24
C LEU E 551 -39.70 89.48 146.05
N SER E 552 -40.18 88.35 145.55
CA SER E 552 -40.06 87.08 146.24
C SER E 552 -38.71 86.42 145.99
N GLY E 553 -37.85 87.03 145.20
CA GLY E 553 -36.50 86.55 145.02
C GLY E 553 -36.31 85.51 143.93
N VAL E 554 -37.34 85.19 143.18
CA VAL E 554 -37.25 84.20 142.11
C VAL E 554 -37.61 84.86 140.79
N VAL E 555 -36.87 84.49 139.74
CA VAL E 555 -37.17 84.97 138.40
C VAL E 555 -38.51 84.39 137.95
N GLU E 556 -39.41 85.26 137.51
CA GLU E 556 -40.68 84.81 136.98
C GLU E 556 -40.46 84.22 135.58
N ALA E 557 -41.45 83.47 135.11
CA ALA E 557 -41.26 82.73 133.86
C ALA E 557 -41.47 83.62 132.64
N THR E 558 -42.67 84.13 132.47
CA THR E 558 -43.03 84.90 131.29
C THR E 558 -43.17 86.37 131.66
N GLY E 559 -43.43 87.20 130.65
CA GLY E 559 -43.57 88.62 130.91
C GLY E 559 -44.73 88.92 131.83
N ALA E 560 -45.90 88.37 131.53
CA ALA E 560 -47.10 88.74 132.27
C ALA E 560 -47.06 88.21 133.69
N ALA E 561 -46.47 87.03 133.89
CA ALA E 561 -46.33 86.53 135.25
C ALA E 561 -45.49 87.47 136.09
N PHE E 562 -44.50 88.12 135.49
CA PHE E 562 -43.72 89.12 136.21
C PHE E 562 -44.50 90.40 136.41
N ALA E 563 -45.23 90.83 135.38
CA ALA E 563 -45.93 92.11 135.47
C ALA E 563 -47.05 92.07 136.49
N ASN E 564 -47.77 90.96 136.59
CA ASN E 564 -48.87 90.89 137.55
C ASN E 564 -48.40 90.89 138.99
N THR E 565 -47.10 91.06 139.24
CA THR E 565 -46.61 91.33 140.57
C THR E 565 -46.40 92.80 140.86
N TRP E 566 -46.48 93.65 139.83
CA TRP E 566 -46.20 95.08 139.96
C TRP E 566 -47.42 95.94 139.73
N LYS E 567 -48.61 95.35 139.76
CA LYS E 567 -49.82 96.16 139.63
C LYS E 567 -49.95 97.13 140.79
N ALA E 568 -50.48 98.31 140.52
CA ALA E 568 -50.70 99.26 141.60
C ALA E 568 -51.83 98.81 142.52
N GLN E 569 -52.97 98.44 141.94
CA GLN E 569 -54.18 98.14 142.70
C GLN E 569 -54.44 96.64 142.73
N ALA E 570 -54.68 96.10 143.92
CA ALA E 570 -55.02 94.68 144.03
C ALA E 570 -56.28 94.32 143.26
N ALA E 571 -57.15 95.27 142.99
CA ALA E 571 -58.40 95.00 142.32
C ALA E 571 -58.26 94.90 140.81
N CYS E 572 -57.06 95.12 140.28
CA CYS E 572 -56.87 95.05 138.83
C CYS E 572 -56.97 93.60 138.36
N ALA E 573 -57.13 93.45 137.06
CA ALA E 573 -57.19 92.13 136.44
C ALA E 573 -55.80 91.72 135.97
N ASN E 574 -55.41 90.51 136.34
CA ASN E 574 -54.08 90.01 135.97
C ASN E 574 -53.93 89.96 134.46
N ALA E 575 -52.75 90.31 133.99
CA ALA E 575 -52.44 90.20 132.58
C ALA E 575 -52.35 88.73 132.19
N ARG E 576 -52.58 88.46 130.92
CA ARG E 576 -52.58 87.10 130.40
C ARG E 576 -51.62 87.02 129.21
N ASN E 577 -51.17 85.81 128.92
CA ASN E 577 -50.25 85.60 127.82
C ASN E 577 -51.01 85.43 126.51
N SER E 578 -50.54 86.10 125.46
CA SER E 578 -51.24 86.18 124.18
C SER E 578 -50.42 85.47 123.10
N PHE E 579 -51.03 84.49 122.45
CA PHE E 579 -50.43 83.84 121.30
C PHE E 579 -51.14 84.18 120.00
N GLU E 580 -52.37 84.65 120.10
CA GLU E 580 -53.20 84.95 118.93
C GLU E 580 -52.60 86.13 118.19
N ASP E 581 -52.01 85.85 117.03
CA ASP E 581 -51.51 86.90 116.18
C ASP E 581 -52.67 87.67 115.59
N PRO E 582 -52.78 88.99 115.81
CA PRO E 582 -53.85 89.76 115.16
C PRO E 582 -53.74 89.76 113.67
N CYS E 583 -52.57 89.38 113.14
CA CYS E 583 -52.36 89.40 111.70
C CYS E 583 -53.18 88.34 110.99
N SER E 584 -53.42 87.21 111.64
CA SER E 584 -54.11 86.09 111.00
C SER E 584 -55.59 86.35 110.77
N LEU E 585 -56.15 87.44 111.30
CA LEU E 585 -57.60 87.62 111.26
C LEU E 585 -58.07 88.16 109.91
N SER E 586 -57.63 89.35 109.54
CA SER E 586 -58.12 90.03 108.34
C SER E 586 -57.04 90.03 107.27
N VAL E 587 -57.41 89.61 106.06
CA VAL E 587 -56.42 89.52 104.99
C VAL E 587 -55.98 90.90 104.52
N GLU E 588 -56.92 91.85 104.43
CA GLU E 588 -56.52 93.19 104.01
C GLU E 588 -55.64 93.86 105.05
N ASN E 589 -55.94 93.63 106.33
CA ASN E 589 -55.02 94.05 107.39
C ASN E 589 -53.64 93.45 107.18
N GLU E 590 -53.60 92.17 106.82
CA GLU E 590 -52.32 91.51 106.55
C GLU E 590 -51.55 92.21 105.45
N ASN E 591 -52.19 92.40 104.30
CA ASN E 591 -51.48 92.99 103.17
C ASN E 591 -51.02 94.41 103.50
N TYR E 592 -51.89 95.19 104.14
CA TYR E 592 -51.53 96.57 104.47
C TYR E 592 -50.34 96.60 105.42
N ALA E 593 -50.44 95.85 106.53
CA ALA E 593 -49.39 95.85 107.54
C ALA E 593 -48.08 95.34 106.98
N ARG E 594 -48.11 94.26 106.21
CA ARG E 594 -46.89 93.73 105.62
C ARG E 594 -46.27 94.76 104.68
N HIS E 595 -47.07 95.26 103.74
CA HIS E 595 -46.55 96.17 102.73
C HIS E 595 -45.93 97.40 103.35
N TRP E 596 -46.40 97.82 104.54
CA TRP E 596 -45.77 99.01 105.10
C TRP E 596 -44.69 98.70 106.13
N CYS E 597 -44.97 97.83 107.10
CA CYS E 597 -43.97 97.48 108.09
C CYS E 597 -42.75 96.81 107.50
N SER E 598 -42.83 96.29 106.27
CA SER E 598 -41.64 95.76 105.63
C SER E 598 -40.57 96.81 105.41
N ARG E 599 -40.94 98.10 105.45
CA ARG E 599 -39.95 99.16 105.26
C ARG E 599 -38.87 99.13 106.33
N LEU E 600 -39.14 98.48 107.46
CA LEU E 600 -38.11 98.39 108.50
C LEU E 600 -36.93 97.57 108.01
N THR E 601 -37.18 96.37 107.50
CA THR E 601 -36.13 95.41 107.17
C THR E 601 -35.57 95.58 105.77
N ASP E 602 -36.07 96.53 105.01
CA ASP E 602 -35.58 96.74 103.64
C ASP E 602 -34.15 97.29 103.69
N PRO E 603 -33.18 96.59 103.11
CA PRO E 603 -31.81 97.12 103.11
C PRO E 603 -31.64 98.36 102.24
N ASN E 604 -32.57 98.65 101.36
CA ASN E 604 -32.53 99.88 100.58
C ASN E 604 -33.28 101.03 101.23
N SER E 605 -33.99 100.77 102.33
CA SER E 605 -34.86 101.75 102.94
C SER E 605 -34.05 102.79 103.70
N ALA E 606 -34.74 103.88 104.08
CA ALA E 606 -34.10 104.92 104.87
C ALA E 606 -33.61 104.40 106.21
N PHE E 607 -34.35 103.48 106.82
CA PHE E 607 -33.97 102.91 108.11
C PHE E 607 -32.71 102.05 108.03
N SER E 608 -32.29 101.66 106.82
CA SER E 608 -31.23 100.67 106.67
C SER E 608 -29.96 101.09 107.40
N ARG E 609 -29.68 102.39 107.46
CA ARG E 609 -28.45 102.85 108.09
C ARG E 609 -28.30 102.35 109.52
N CYS E 610 -29.41 102.13 110.22
CA CYS E 610 -29.36 101.69 111.60
C CYS E 610 -29.30 100.18 111.74
N HIS E 611 -29.48 99.43 110.65
CA HIS E 611 -29.55 97.97 110.74
C HIS E 611 -28.26 97.41 111.30
N SER E 612 -27.12 97.99 110.93
CA SER E 612 -25.83 97.50 111.39
C SER E 612 -25.56 97.83 112.85
N ILE E 613 -26.51 98.44 113.57
CA ILE E 613 -26.36 98.79 114.97
C ILE E 613 -27.47 98.18 115.83
N ILE E 614 -28.71 98.40 115.44
CA ILE E 614 -29.87 97.87 116.14
C ILE E 614 -30.54 96.84 115.25
N ASN E 615 -30.72 95.64 115.79
CA ASN E 615 -31.39 94.59 115.04
C ASN E 615 -32.87 94.94 114.91
N PRO E 616 -33.40 95.10 113.70
CA PRO E 616 -34.78 95.58 113.55
C PRO E 616 -35.86 94.51 113.64
N LYS E 617 -35.50 93.26 113.93
CA LYS E 617 -36.51 92.21 113.98
C LYS E 617 -37.55 92.43 115.08
N PRO E 618 -37.18 92.75 116.33
CA PRO E 618 -38.23 93.04 117.32
C PRO E 618 -39.09 94.22 116.93
N PHE E 619 -38.49 95.23 116.30
CA PHE E 619 -39.27 96.37 115.84
C PHE E 619 -40.25 95.96 114.75
N HIS E 620 -39.83 95.08 113.84
CA HIS E 620 -40.76 94.59 112.84
C HIS E 620 -41.89 93.78 113.46
N SER E 621 -41.58 92.95 114.46
CA SER E 621 -42.63 92.19 115.12
C SER E 621 -43.60 93.13 115.82
N ASN E 622 -43.08 94.19 116.45
CA ASN E 622 -43.94 95.20 117.06
C ASN E 622 -44.83 95.86 116.02
N CYS E 623 -44.26 96.26 114.88
CA CYS E 623 -45.04 96.92 113.85
C CYS E 623 -46.15 96.00 113.33
N MET E 624 -45.80 94.73 113.08
CA MET E 624 -46.80 93.76 112.63
C MET E 624 -47.92 93.64 113.64
N PHE E 625 -47.58 93.38 114.90
CA PHE E 625 -48.60 93.15 115.92
C PHE E 625 -49.48 94.38 116.07
N ASP E 626 -48.86 95.55 116.20
CA ASP E 626 -49.61 96.78 116.36
C ASP E 626 -50.57 96.97 115.20
N THR E 627 -50.04 97.05 113.97
CA THR E 627 -50.88 97.39 112.83
C THR E 627 -51.99 96.37 112.63
N CYS E 628 -51.67 95.08 112.75
CA CYS E 628 -52.70 94.06 112.61
C CYS E 628 -53.74 94.15 113.72
N ASN E 629 -53.38 94.74 114.87
CA ASN E 629 -54.33 94.82 115.97
C ASN E 629 -54.91 96.20 116.17
N CYS E 630 -54.23 97.25 115.70
CA CYS E 630 -54.65 98.61 115.99
C CYS E 630 -55.94 98.95 115.24
N GLU E 631 -56.83 99.67 115.91
CA GLU E 631 -58.05 100.11 115.25
C GLU E 631 -57.75 101.17 114.19
N ARG E 632 -56.96 102.18 114.54
CA ARG E 632 -56.44 103.14 113.57
C ARG E 632 -55.04 102.66 113.22
N SER E 633 -54.98 101.58 112.44
CA SER E 633 -53.73 100.86 112.24
C SER E 633 -52.66 101.77 111.65
N GLU E 634 -53.07 102.85 110.98
CA GLU E 634 -52.09 103.86 110.59
C GLU E 634 -51.39 104.45 111.80
N ASP E 635 -52.16 104.75 112.85
CA ASP E 635 -51.57 105.35 114.05
C ASP E 635 -50.50 104.44 114.63
N CYS E 636 -50.83 103.16 114.81
CA CYS E 636 -49.88 102.25 115.44
C CYS E 636 -48.72 101.93 114.50
N LEU E 637 -48.95 101.89 113.19
CA LEU E 637 -47.87 101.72 112.24
C LEU E 637 -46.86 102.86 112.35
N CYS E 638 -47.35 104.10 112.28
CA CYS E 638 -46.46 105.24 112.39
C CYS E 638 -45.82 105.31 113.77
N ALA E 639 -46.53 104.85 114.80
CA ALA E 639 -45.93 104.82 116.13
C ALA E 639 -44.76 103.86 116.18
N ALA E 640 -44.91 102.68 115.56
CA ALA E 640 -43.82 101.72 115.58
C ALA E 640 -42.63 102.20 114.78
N LEU E 641 -42.88 102.81 113.62
CA LEU E 641 -41.77 103.36 112.84
C LEU E 641 -41.08 104.49 113.59
N SER E 642 -41.86 105.35 114.24
CA SER E 642 -41.28 106.40 115.06
C SER E 642 -40.47 105.82 116.20
N SER E 643 -40.95 104.73 116.80
CA SER E 643 -40.23 104.11 117.88
C SER E 643 -38.88 103.58 117.42
N TYR E 644 -38.85 102.93 116.26
CA TYR E 644 -37.57 102.45 115.73
C TYR E 644 -36.64 103.61 115.44
N VAL E 645 -37.18 104.68 114.83
CA VAL E 645 -36.35 105.83 114.52
C VAL E 645 -35.77 106.43 115.79
N HIS E 646 -36.59 106.54 116.83
CA HIS E 646 -36.12 107.16 118.06
C HIS E 646 -35.10 106.28 118.77
N ALA E 647 -35.28 104.96 118.76
CA ALA E 647 -34.28 104.10 119.36
C ALA E 647 -32.96 104.22 118.61
N CYS E 648 -33.02 104.29 117.29
CA CYS E 648 -31.79 104.44 116.50
C CYS E 648 -31.11 105.77 116.80
N ALA E 649 -31.90 106.84 116.93
CA ALA E 649 -31.32 108.12 117.31
C ALA E 649 -30.73 108.08 118.71
N ALA E 650 -31.31 107.27 119.59
CA ALA E 650 -30.72 107.07 120.90
C ALA E 650 -29.36 106.39 120.79
N LYS E 651 -29.23 105.41 119.90
CA LYS E 651 -27.91 104.81 119.71
C LYS E 651 -26.93 105.74 119.01
N GLY E 652 -27.41 106.77 118.34
CA GLY E 652 -26.51 107.73 117.71
C GLY E 652 -26.54 107.73 116.20
N VAL E 653 -27.71 107.45 115.62
CA VAL E 653 -27.90 107.46 114.17
C VAL E 653 -28.99 108.47 113.85
N GLN E 654 -28.76 109.28 112.81
CA GLN E 654 -29.70 110.34 112.45
C GLN E 654 -30.47 109.94 111.19
N LEU E 655 -31.58 109.24 111.41
CA LEU E 655 -32.47 108.90 110.31
C LEU E 655 -33.30 110.10 109.91
N SER E 656 -33.30 110.44 108.62
CA SER E 656 -34.01 111.60 108.12
C SER E 656 -34.78 111.23 106.86
N ASP E 657 -35.85 111.99 106.60
CA ASP E 657 -36.67 111.84 105.40
C ASP E 657 -37.17 110.41 105.24
N TRP E 658 -37.66 109.82 106.32
CA TRP E 658 -38.11 108.44 106.28
C TRP E 658 -39.60 108.29 106.05
N ARG E 659 -40.35 109.39 105.90
CA ARG E 659 -41.80 109.32 105.78
C ARG E 659 -42.25 109.50 104.34
N ASP E 660 -41.52 108.93 103.39
CA ASP E 660 -41.88 109.00 101.98
C ASP E 660 -43.24 108.33 101.73
N GLY E 661 -44.24 109.13 101.39
CA GLY E 661 -45.55 108.57 101.08
C GLY E 661 -46.20 107.82 102.22
N VAL E 662 -45.74 108.06 103.44
CA VAL E 662 -46.24 107.33 104.61
C VAL E 662 -46.24 108.30 105.79
N CYS E 663 -47.32 108.23 106.58
CA CYS E 663 -47.45 109.01 107.81
C CYS E 663 -47.37 110.51 107.57
N THR E 664 -47.78 110.98 106.40
CA THR E 664 -47.69 112.40 106.09
C THR E 664 -48.80 113.23 106.72
N LYS E 665 -49.87 112.58 107.19
CA LYS E 665 -50.89 113.32 107.91
C LYS E 665 -50.34 113.91 109.20
N TYR E 666 -49.18 113.43 109.66
CA TYR E 666 -48.50 114.05 110.79
C TYR E 666 -47.63 115.23 110.38
N MET E 667 -47.22 115.33 109.12
CA MET E 667 -46.77 116.63 108.64
C MET E 667 -47.92 117.62 108.60
N GLN E 668 -49.04 117.25 107.98
CA GLN E 668 -50.00 118.29 107.62
C GLN E 668 -50.74 118.87 108.84
N ASN E 669 -50.95 118.07 109.89
CA ASN E 669 -51.78 118.51 111.01
C ASN E 669 -51.07 119.51 111.93
N CYS E 670 -49.93 120.05 111.53
CA CYS E 670 -49.17 120.92 112.41
C CYS E 670 -49.97 122.18 112.78
N PRO E 671 -49.78 122.69 113.99
CA PRO E 671 -50.38 123.97 114.35
C PRO E 671 -49.87 125.07 113.45
N LYS E 672 -50.70 126.10 113.26
CA LYS E 672 -50.34 127.17 112.35
C LYS E 672 -49.09 127.87 112.83
N SER E 673 -48.31 128.37 111.86
CA SER E 673 -47.03 129.04 112.04
C SER E 673 -45.92 128.09 112.46
N GLN E 674 -46.20 126.80 112.60
CA GLN E 674 -45.18 125.81 112.90
C GLN E 674 -45.00 124.87 111.72
N ARG E 675 -43.86 124.20 111.69
CA ARG E 675 -43.59 123.22 110.64
C ARG E 675 -42.95 121.98 111.25
N TYR E 676 -43.11 120.86 110.56
CA TYR E 676 -42.46 119.64 111.00
C TYR E 676 -40.95 119.79 110.95
N ALA E 677 -40.27 118.98 111.76
CA ALA E 677 -38.83 118.92 111.77
C ALA E 677 -38.41 117.52 112.17
N TYR E 678 -37.52 116.94 111.36
CA TYR E 678 -37.07 115.58 111.56
C TYR E 678 -36.08 115.47 112.69
N VAL E 679 -35.32 116.52 112.94
CA VAL E 679 -34.30 116.54 113.98
C VAL E 679 -34.56 117.77 114.83
N VAL E 680 -35.17 117.57 115.99
CA VAL E 680 -35.22 118.57 117.06
C VAL E 680 -34.23 118.08 118.10
N ASP E 681 -33.01 118.62 118.08
CA ASP E 681 -31.90 118.04 118.82
C ASP E 681 -31.65 118.77 120.12
N ALA E 682 -32.45 119.78 120.42
CA ALA E 682 -32.20 120.61 121.60
C ALA E 682 -33.40 121.50 121.84
N CYS E 683 -33.12 122.65 122.43
CA CYS E 683 -34.04 123.66 122.91
C CYS E 683 -35.09 124.00 121.85
N GLN E 684 -36.31 124.31 122.32
CA GLN E 684 -37.26 125.04 121.49
C GLN E 684 -36.92 126.53 121.58
N PRO E 685 -36.60 127.18 120.46
CA PRO E 685 -36.19 128.59 120.54
C PRO E 685 -37.35 129.51 120.89
N THR E 686 -37.29 130.10 122.07
CA THR E 686 -38.33 131.02 122.54
C THR E 686 -37.80 132.44 122.59
N CYS E 687 -38.71 133.39 122.40
CA CYS E 687 -38.34 134.79 122.47
C CYS E 687 -38.01 135.22 123.89
N ARG E 688 -38.77 134.74 124.86
CA ARG E 688 -38.46 135.01 126.26
C ARG E 688 -37.04 134.57 126.59
N GLY E 689 -36.65 133.41 126.09
CA GLY E 689 -35.32 132.90 126.38
C GLY E 689 -34.23 133.78 125.82
N LEU E 690 -34.37 134.21 124.56
CA LEU E 690 -33.37 135.10 124.00
C LEU E 690 -33.41 136.46 124.69
N SER E 691 -34.50 136.77 125.38
CA SER E 691 -34.51 137.97 126.20
C SER E 691 -33.76 137.76 127.51
N GLU E 692 -34.13 136.71 128.27
CA GLU E 692 -33.65 136.61 129.65
C GLU E 692 -33.22 135.18 130.03
N ALA E 693 -32.68 134.43 129.07
CA ALA E 693 -32.21 133.07 129.31
C ALA E 693 -33.31 132.12 129.74
N ASP E 694 -32.96 130.87 130.00
CA ASP E 694 -33.95 129.81 130.16
C ASP E 694 -33.33 128.59 130.85
N VAL E 695 -33.81 128.28 132.05
CA VAL E 695 -33.32 127.09 132.74
C VAL E 695 -33.87 125.82 132.11
N THR E 696 -35.01 125.94 131.41
CA THR E 696 -35.59 124.79 130.72
C THR E 696 -34.63 124.21 129.69
N CYS E 697 -33.85 125.08 129.05
CA CYS E 697 -33.25 124.84 127.75
C CYS E 697 -31.79 124.38 127.84
N SER E 698 -31.32 123.95 129.00
CA SER E 698 -30.00 123.37 129.15
C SER E 698 -30.05 121.88 129.48
N VAL E 699 -30.97 121.15 128.84
CA VAL E 699 -31.18 119.74 129.12
C VAL E 699 -30.83 118.93 127.88
N SER E 700 -30.02 117.89 128.07
CA SER E 700 -29.61 117.02 126.98
C SER E 700 -30.60 115.87 126.86
N PHE E 701 -31.33 115.82 125.76
CA PHE E 701 -32.25 114.74 125.48
C PHE E 701 -31.96 114.21 124.08
N VAL E 702 -32.21 112.92 123.89
CA VAL E 702 -31.96 112.32 122.58
C VAL E 702 -32.82 113.02 121.54
N PRO E 703 -32.28 113.40 120.39
CA PRO E 703 -33.02 114.26 119.46
C PRO E 703 -34.27 113.61 118.94
N VAL E 704 -35.41 114.17 119.31
CA VAL E 704 -36.70 113.66 118.87
C VAL E 704 -37.21 114.53 117.72
N ASP E 705 -38.23 114.03 117.05
CA ASP E 705 -38.84 114.70 115.92
C ASP E 705 -40.13 115.39 116.35
N GLY E 706 -40.63 116.26 115.50
CA GLY E 706 -41.94 116.84 115.75
C GLY E 706 -42.08 118.21 115.14
N CYS E 707 -43.21 118.83 115.42
CA CYS E 707 -43.51 120.15 114.90
C CYS E 707 -42.87 121.21 115.79
N THR E 708 -42.23 122.18 115.16
CA THR E 708 -41.49 123.22 115.85
C THR E 708 -41.52 124.47 114.99
N CYS E 709 -41.26 125.61 115.63
CA CYS E 709 -41.02 126.82 114.88
C CYS E 709 -39.79 126.66 114.00
N PRO E 710 -39.81 127.20 112.79
CA PRO E 710 -38.64 127.11 111.92
C PRO E 710 -37.47 127.91 112.49
N ALA E 711 -36.27 127.51 112.07
CA ALA E 711 -35.06 128.09 112.62
C ALA E 711 -35.00 129.59 112.34
N GLY E 712 -34.40 130.32 113.28
CA GLY E 712 -34.33 131.76 113.19
C GLY E 712 -35.58 132.48 113.60
N THR E 713 -36.67 131.76 113.87
CA THR E 713 -37.93 132.34 114.27
C THR E 713 -38.25 131.90 115.69
N PHE E 714 -39.05 132.69 116.39
CA PHE E 714 -39.37 132.42 117.78
C PHE E 714 -40.86 132.59 118.00
N LEU E 715 -41.37 131.91 119.02
CA LEU E 715 -42.78 132.01 119.38
C LEU E 715 -42.94 133.02 120.50
N ASN E 716 -43.87 133.95 120.33
CA ASN E 716 -44.14 134.95 121.35
C ASN E 716 -45.07 134.34 122.40
N ASP E 717 -45.40 135.12 123.42
CA ASP E 717 -46.25 134.61 124.49
C ASP E 717 -47.63 134.23 123.97
N ALA E 718 -48.05 134.80 122.83
CA ALA E 718 -49.33 134.42 122.25
C ALA E 718 -49.29 133.03 121.63
N GLY E 719 -48.12 132.44 121.47
CA GLY E 719 -47.97 131.14 120.87
C GLY E 719 -47.72 131.16 119.37
N ALA E 720 -47.98 132.27 118.70
CA ALA E 720 -47.71 132.37 117.28
C ALA E 720 -46.20 132.48 117.04
N CYS E 721 -45.79 132.16 115.81
CA CYS E 721 -44.38 132.19 115.44
C CYS E 721 -44.10 133.44 114.61
N VAL E 722 -43.14 134.24 115.06
CA VAL E 722 -42.71 135.44 114.33
C VAL E 722 -41.19 135.46 114.32
N PRO E 723 -40.58 136.15 113.37
CA PRO E 723 -39.12 136.32 113.39
C PRO E 723 -38.69 137.15 114.59
N ALA E 724 -37.37 137.27 114.75
CA ALA E 724 -36.82 137.94 115.91
C ALA E 724 -37.21 139.42 115.94
N GLN E 725 -37.29 140.06 114.78
CA GLN E 725 -37.59 141.49 114.72
C GLN E 725 -38.97 141.83 115.25
N GLU E 726 -39.92 140.92 115.17
CA GLU E 726 -41.28 141.20 115.61
C GLU E 726 -41.50 140.91 117.09
N CYS E 727 -40.45 140.60 117.83
CA CYS E 727 -40.75 140.14 119.17
C CYS E 727 -40.13 141.05 120.22
N PRO E 728 -40.89 141.43 121.25
CA PRO E 728 -40.38 142.36 122.25
C PRO E 728 -39.33 141.75 123.17
N CYS E 729 -38.48 142.63 123.70
CA CYS E 729 -37.56 142.22 124.74
C CYS E 729 -38.20 142.42 126.11
N TYR E 730 -38.02 141.44 126.99
CA TYR E 730 -38.69 141.42 128.28
C TYR E 730 -37.73 141.85 129.37
N ALA E 731 -37.98 143.02 129.96
CA ALA E 731 -37.23 143.53 131.08
C ALA E 731 -38.12 143.53 132.31
N HIS E 732 -37.66 142.88 133.38
CA HIS E 732 -38.44 142.69 134.60
C HIS E 732 -39.78 142.01 134.32
N GLY E 733 -39.87 141.27 133.22
CA GLY E 733 -41.14 140.74 132.78
C GLY E 733 -42.06 141.73 132.13
N THR E 734 -41.57 142.93 131.80
CA THR E 734 -42.39 143.94 131.15
C THR E 734 -42.14 143.92 129.65
N VAL E 735 -43.24 143.91 128.89
CA VAL E 735 -43.15 143.88 127.43
C VAL E 735 -42.60 145.22 126.95
N LEU E 736 -41.67 145.16 125.99
CA LEU E 736 -41.03 146.34 125.44
C LEU E 736 -40.85 146.11 123.94
N ALA E 737 -41.61 146.84 123.13
CA ALA E 737 -41.70 146.55 121.71
C ALA E 737 -40.34 146.70 121.03
N PRO E 738 -40.09 145.96 119.96
CA PRO E 738 -38.77 146.01 119.31
C PRO E 738 -38.50 147.37 118.69
N GLY E 739 -37.22 147.72 118.63
CA GLY E 739 -36.82 148.99 118.03
C GLY E 739 -37.36 150.19 118.77
N GLU E 740 -37.33 150.14 120.10
CA GLU E 740 -37.77 151.25 120.93
C GLU E 740 -36.71 151.52 122.00
N VAL E 741 -36.39 152.78 122.21
CA VAL E 741 -35.44 153.19 123.24
C VAL E 741 -36.23 153.78 124.40
N VAL E 742 -35.97 153.27 125.60
CA VAL E 742 -36.70 153.70 126.78
C VAL E 742 -35.73 154.12 127.87
N HIS E 743 -36.24 154.98 128.75
CA HIS E 743 -35.54 155.46 129.92
C HIS E 743 -35.88 154.56 131.09
N ASP E 744 -34.85 154.05 131.76
CA ASP E 744 -35.09 153.20 132.92
C ASP E 744 -33.88 153.28 133.84
N GLU E 745 -34.11 153.70 135.08
CA GLU E 745 -33.07 153.74 136.10
C GLU E 745 -31.88 154.60 135.65
N GLY E 746 -32.18 155.81 135.15
CA GLY E 746 -31.11 156.67 134.68
C GLY E 746 -30.34 156.11 133.51
N ALA E 747 -30.87 155.08 132.87
CA ALA E 747 -30.20 154.39 131.79
C ALA E 747 -31.04 154.45 130.53
N VAL E 748 -30.37 154.32 129.39
CA VAL E 748 -31.02 154.37 128.08
C VAL E 748 -30.90 152.99 127.44
N CYS E 749 -32.04 152.35 127.20
CA CYS E 749 -32.04 150.98 126.69
C CYS E 749 -32.83 150.90 125.40
N SER E 750 -32.67 149.80 124.69
CA SER E 750 -33.34 149.59 123.42
C SER E 750 -33.64 148.10 123.23
N CYS E 751 -34.78 147.85 122.61
CA CYS E 751 -35.22 146.50 122.23
C CYS E 751 -34.88 146.32 120.76
N THR E 752 -33.69 145.82 120.46
CA THR E 752 -33.25 145.61 119.10
C THR E 752 -33.47 144.15 118.73
N GLY E 753 -34.42 143.91 117.82
CA GLY E 753 -34.60 142.58 117.26
C GLY E 753 -34.84 141.48 118.27
N GLY E 754 -35.40 141.82 119.42
CA GLY E 754 -35.63 140.84 120.47
C GLY E 754 -34.63 140.84 121.59
N LYS E 755 -33.42 141.35 121.38
CA LYS E 755 -32.42 141.45 122.45
C LYS E 755 -32.47 142.85 123.05
N LEU E 756 -32.34 142.93 124.37
CA LEU E 756 -32.36 144.21 125.07
C LEU E 756 -30.93 144.66 125.32
N SER E 757 -30.60 145.87 124.87
CA SER E 757 -29.26 146.42 125.00
C SER E 757 -29.36 147.80 125.60
N CYS E 758 -28.64 148.04 126.70
CA CYS E 758 -28.79 149.27 127.46
C CYS E 758 -27.42 149.85 127.84
N LEU E 759 -27.40 151.16 128.05
CA LEU E 759 -26.20 151.88 128.45
C LEU E 759 -26.56 152.89 129.54
N GLY E 760 -25.55 153.47 130.15
CA GLY E 760 -25.75 154.49 131.17
C GLY E 760 -25.62 153.96 132.58
N ALA F 46 86.17 -38.25 -81.82
CA ALA F 46 85.82 -39.54 -81.25
C ALA F 46 84.43 -39.49 -80.62
N HIS F 47 84.24 -40.25 -79.55
CA HIS F 47 82.96 -40.29 -78.84
C HIS F 47 82.81 -39.00 -78.02
N ASN F 48 82.60 -37.90 -78.75
CA ASN F 48 82.62 -36.58 -78.12
C ASN F 48 81.35 -36.36 -77.31
N GLY F 49 80.20 -36.37 -77.97
CA GLY F 49 78.96 -36.07 -77.30
C GLY F 49 77.89 -37.11 -77.53
N ARG F 50 78.30 -38.36 -77.67
CA ARG F 50 77.38 -39.47 -77.88
C ARG F 50 77.49 -40.47 -76.73
N VAL F 51 77.70 -39.97 -75.52
CA VAL F 51 77.91 -40.81 -74.34
C VAL F 51 77.04 -40.28 -73.20
N CYS F 52 76.51 -41.20 -72.41
CA CYS F 52 75.88 -40.87 -71.13
C CYS F 52 76.22 -41.95 -70.13
N SER F 53 76.08 -41.64 -68.85
CA SER F 53 76.49 -42.62 -67.84
C SER F 53 75.73 -42.43 -66.53
N THR F 54 75.74 -43.49 -65.74
CA THR F 54 75.18 -43.49 -64.39
C THR F 54 76.23 -44.09 -63.46
N TRP F 55 76.57 -43.36 -62.40
CA TRP F 55 77.64 -43.83 -61.55
C TRP F 55 77.40 -43.41 -60.11
N GLY F 56 78.07 -44.12 -59.21
CA GLY F 56 78.17 -43.72 -57.83
C GLY F 56 76.81 -43.51 -57.18
N ASP F 57 76.71 -42.41 -56.43
CA ASP F 57 75.50 -42.08 -55.70
C ASP F 57 74.52 -41.37 -56.62
N PHE F 58 73.85 -42.17 -57.45
CA PHE F 58 72.78 -41.69 -58.31
C PHE F 58 73.21 -40.48 -59.13
N HIS F 59 74.42 -40.53 -59.67
CA HIS F 59 74.93 -39.44 -60.49
C HIS F 59 74.69 -39.78 -61.95
N TYR F 60 73.99 -38.91 -62.66
CA TYR F 60 73.67 -39.10 -64.05
C TYR F 60 74.38 -38.05 -64.87
N LYS F 61 75.09 -38.49 -65.90
CA LYS F 61 75.76 -37.61 -66.85
C LYS F 61 75.07 -37.80 -68.18
N THR F 62 74.51 -36.72 -68.73
CA THR F 62 73.75 -36.81 -69.97
C THR F 62 74.67 -36.72 -71.17
N PHE F 63 74.08 -36.77 -72.36
CA PHE F 63 74.86 -36.75 -73.58
C PHE F 63 75.65 -35.45 -73.73
N ASP F 64 75.02 -34.32 -73.40
CA ASP F 64 75.60 -33.01 -73.69
C ASP F 64 76.39 -32.44 -72.52
N GLY F 65 76.73 -33.26 -71.53
CA GLY F 65 77.64 -32.87 -70.48
C GLY F 65 77.00 -32.55 -69.14
N ASP F 66 75.68 -32.48 -69.06
CA ASP F 66 75.05 -32.18 -67.78
C ASP F 66 75.25 -33.33 -66.81
N VAL F 67 75.50 -32.96 -65.56
CA VAL F 67 75.58 -33.91 -64.45
C VAL F 67 74.52 -33.50 -63.45
N PHE F 68 73.85 -34.49 -62.87
CA PHE F 68 72.98 -34.19 -61.75
C PHE F 68 72.86 -35.44 -60.90
N ARG F 69 72.14 -35.31 -59.79
CA ARG F 69 71.91 -36.42 -58.88
C ARG F 69 70.41 -36.62 -58.72
N PHE F 70 69.97 -37.84 -58.95
CA PHE F 70 68.56 -38.15 -58.81
C PHE F 70 68.42 -39.46 -58.06
N PRO F 71 68.05 -39.44 -56.77
CA PRO F 71 68.10 -40.65 -55.95
C PRO F 71 66.84 -41.52 -56.08
N GLY F 72 66.45 -41.82 -57.33
CA GLY F 72 65.32 -42.69 -57.54
C GLY F 72 65.59 -44.10 -57.05
N LEU F 73 64.50 -44.87 -56.91
CA LEU F 73 64.63 -46.26 -56.47
C LEU F 73 63.75 -47.22 -57.27
N CYS F 74 63.42 -46.89 -58.51
CA CYS F 74 62.62 -47.78 -59.36
C CYS F 74 63.08 -47.66 -60.81
N ASN F 75 62.27 -48.16 -61.73
CA ASN F 75 62.64 -48.14 -63.13
C ASN F 75 62.47 -46.75 -63.73
N TYR F 76 63.33 -46.42 -64.69
CA TYR F 76 63.25 -45.14 -65.38
C TYR F 76 63.72 -45.34 -66.81
N VAL F 77 63.20 -44.52 -67.72
CA VAL F 77 63.57 -44.61 -69.12
C VAL F 77 64.93 -43.92 -69.26
N PHE F 78 66.00 -44.71 -69.20
CA PHE F 78 67.34 -44.14 -69.30
C PHE F 78 67.59 -43.54 -70.68
N SER F 79 67.14 -44.22 -71.72
CA SER F 79 67.15 -43.63 -73.04
C SER F 79 66.19 -44.41 -73.93
N GLU F 80 65.63 -43.73 -74.92
CA GLU F 80 64.63 -44.33 -75.78
C GLU F 80 64.53 -43.50 -77.05
N HIS F 81 64.49 -44.18 -78.19
CA HIS F 81 64.25 -43.51 -79.45
C HIS F 81 62.79 -43.11 -79.45
N CYS F 82 62.51 -41.85 -79.12
CA CYS F 82 61.14 -41.41 -78.87
C CYS F 82 60.71 -40.23 -79.74
N ARG F 83 61.51 -39.84 -80.72
CA ARG F 83 61.08 -38.80 -81.65
C ARG F 83 61.19 -39.31 -83.06
N ALA F 84 60.69 -40.52 -83.31
CA ALA F 84 60.74 -41.12 -84.63
C ALA F 84 59.48 -41.95 -84.85
N ALA F 85 59.24 -42.28 -86.12
CA ALA F 85 58.05 -43.07 -86.45
C ALA F 85 58.12 -44.45 -85.81
N TYR F 86 59.32 -45.04 -85.75
CA TYR F 86 59.51 -46.37 -85.19
C TYR F 86 60.70 -46.36 -84.25
N GLU F 87 60.52 -46.87 -83.04
CA GLU F 87 61.60 -46.88 -82.06
C GLU F 87 62.67 -47.89 -82.43
N ASP F 88 63.92 -47.54 -82.12
CA ASP F 88 65.05 -48.42 -82.38
C ASP F 88 65.62 -49.05 -81.11
N PHE F 89 65.64 -48.31 -80.00
CA PHE F 89 66.20 -48.82 -78.76
C PHE F 89 65.37 -48.27 -77.60
N ASN F 90 65.37 -49.04 -76.51
CA ASN F 90 64.66 -48.64 -75.30
C ASN F 90 65.43 -49.24 -74.11
N VAL F 91 66.33 -48.47 -73.54
CA VAL F 91 67.18 -48.90 -72.45
C VAL F 91 66.70 -48.25 -71.17
N GLN F 92 66.47 -49.07 -70.14
CA GLN F 92 65.93 -48.63 -68.86
C GLN F 92 66.78 -49.19 -67.73
N LEU F 93 66.85 -48.47 -66.62
CA LEU F 93 67.50 -48.97 -65.43
C LEU F 93 66.57 -48.91 -64.23
N ARG F 94 66.75 -49.87 -63.34
CA ARG F 94 66.16 -49.86 -62.01
C ARG F 94 67.29 -49.74 -61.02
N ARG F 95 67.24 -48.73 -60.16
CA ARG F 95 68.30 -48.47 -59.19
C ARG F 95 67.83 -48.86 -57.80
N GLY F 96 68.64 -49.68 -57.12
CA GLY F 96 68.33 -50.11 -55.78
C GLY F 96 69.49 -49.94 -54.83
N LEU F 97 69.45 -50.64 -53.69
CA LEU F 97 70.44 -50.50 -52.63
C LEU F 97 71.09 -51.84 -52.33
N VAL F 98 72.41 -51.83 -52.15
CA VAL F 98 73.09 -52.94 -51.51
C VAL F 98 73.47 -52.47 -50.11
N GLY F 99 72.59 -52.75 -49.14
CA GLY F 99 72.79 -52.32 -47.77
C GLY F 99 72.61 -50.81 -47.67
N SER F 100 73.58 -50.08 -48.20
CA SER F 100 73.47 -48.64 -48.39
C SER F 100 74.01 -48.17 -49.74
N ARG F 101 74.82 -48.95 -50.43
CA ARG F 101 75.44 -48.47 -51.65
C ARG F 101 74.42 -48.40 -52.77
N PRO F 102 74.28 -47.26 -53.45
CA PRO F 102 73.43 -47.21 -54.64
C PRO F 102 73.99 -48.10 -55.73
N VAL F 103 73.13 -48.99 -56.25
CA VAL F 103 73.52 -49.90 -57.31
C VAL F 103 72.41 -49.93 -58.35
N VAL F 104 72.73 -50.51 -59.50
CA VAL F 104 71.74 -50.81 -60.54
C VAL F 104 71.39 -52.28 -60.41
N THR F 105 70.11 -52.55 -60.14
CA THR F 105 69.68 -53.92 -59.89
C THR F 105 69.14 -54.62 -61.13
N ARG F 106 68.85 -53.89 -62.21
CA ARG F 106 68.35 -54.52 -63.42
C ARG F 106 68.33 -53.50 -64.54
N VAL F 107 68.81 -53.92 -65.72
CA VAL F 107 68.77 -53.12 -66.94
C VAL F 107 67.96 -53.87 -67.97
N VAL F 108 67.08 -53.17 -68.67
CA VAL F 108 66.30 -53.77 -69.74
C VAL F 108 66.55 -52.96 -71.00
N ILE F 109 67.21 -53.59 -71.98
CA ILE F 109 67.46 -52.99 -73.27
C ILE F 109 66.55 -53.66 -74.28
N LYS F 110 65.61 -52.93 -74.82
CA LYS F 110 64.76 -53.42 -75.90
C LYS F 110 65.23 -52.74 -77.17
N ALA F 111 65.49 -53.54 -78.20
CA ALA F 111 66.01 -52.99 -79.44
C ALA F 111 65.66 -53.90 -80.59
N GLN F 112 64.85 -53.40 -81.52
CA GLN F 112 64.65 -54.02 -82.82
C GLN F 112 64.14 -55.46 -82.66
N GLY F 113 63.23 -55.64 -81.71
CA GLY F 113 62.65 -56.95 -81.49
C GLY F 113 63.47 -57.88 -80.62
N LEU F 114 64.52 -57.39 -79.98
CA LEU F 114 65.33 -58.18 -79.07
C LEU F 114 65.26 -57.57 -77.68
N VAL F 115 64.97 -58.41 -76.68
CA VAL F 115 64.81 -57.97 -75.30
C VAL F 115 65.96 -58.54 -74.48
N LEU F 116 66.72 -57.68 -73.83
CA LEU F 116 67.91 -58.07 -73.11
C LEU F 116 67.82 -57.53 -71.69
N GLU F 117 67.69 -58.43 -70.72
CA GLU F 117 67.49 -58.04 -69.33
C GLU F 117 68.68 -58.53 -68.51
N ALA F 118 69.50 -57.60 -68.04
CA ALA F 118 70.70 -57.90 -67.29
C ALA F 118 70.46 -57.59 -65.82
N SER F 119 70.59 -58.60 -64.97
CA SER F 119 70.31 -58.47 -63.55
C SER F 119 70.74 -59.73 -62.85
N ASN F 120 71.04 -59.61 -61.56
CA ASN F 120 71.40 -60.77 -60.73
C ASN F 120 72.60 -61.49 -61.33
N GLY F 121 73.53 -60.72 -61.89
CA GLY F 121 74.74 -61.29 -62.46
C GLY F 121 74.48 -62.17 -63.66
N SER F 122 73.26 -62.11 -64.19
CA SER F 122 72.86 -62.94 -65.32
C SER F 122 72.29 -62.05 -66.41
N VAL F 123 72.24 -62.61 -67.62
CA VAL F 123 71.76 -61.92 -68.80
C VAL F 123 70.66 -62.77 -69.43
N LEU F 124 69.54 -62.14 -69.76
CA LEU F 124 68.41 -62.80 -70.39
C LEU F 124 68.26 -62.24 -71.80
N ILE F 125 68.30 -63.10 -72.79
CA ILE F 125 68.13 -62.69 -74.18
C ILE F 125 66.78 -63.23 -74.66
N ASN F 126 65.82 -62.32 -74.84
CA ASN F 126 64.48 -62.69 -75.26
C ASN F 126 63.84 -63.71 -74.32
N GLY F 127 64.14 -63.58 -73.03
CA GLY F 127 63.57 -64.44 -72.02
C GLY F 127 64.37 -65.67 -71.68
N GLN F 128 65.50 -65.91 -72.33
CA GLN F 128 66.34 -67.08 -72.06
C GLN F 128 67.69 -66.64 -71.53
N ARG F 129 68.13 -67.29 -70.47
CA ARG F 129 69.49 -67.08 -69.98
C ARG F 129 70.47 -67.53 -71.04
N GLU F 130 71.60 -66.82 -71.14
CA GLU F 130 72.63 -67.19 -72.09
C GLU F 130 74.00 -67.09 -71.41
N GLU F 131 74.94 -67.85 -71.93
CA GLU F 131 76.29 -67.87 -71.41
C GLU F 131 77.15 -66.88 -72.17
N LEU F 132 77.76 -65.97 -71.44
CA LEU F 132 78.59 -64.95 -72.08
C LEU F 132 79.82 -65.59 -72.70
N PRO F 133 80.25 -65.14 -73.88
CA PRO F 133 79.61 -64.13 -74.74
C PRO F 133 78.52 -64.75 -75.59
N TYR F 134 77.52 -63.95 -75.96
CA TYR F 134 76.45 -64.38 -76.85
C TYR F 134 76.48 -63.45 -78.05
N SER F 135 76.64 -64.01 -79.24
CA SER F 135 76.85 -63.23 -80.45
C SER F 135 75.86 -63.64 -81.52
N ARG F 136 75.34 -62.64 -82.22
CA ARG F 136 74.40 -62.81 -83.31
CA ARG F 136 74.48 -62.87 -83.37
C ARG F 136 74.59 -61.65 -84.27
N THR F 137 74.03 -61.77 -85.46
CA THR F 137 74.17 -60.70 -86.45
C THR F 137 73.79 -59.36 -85.85
N GLY F 138 74.76 -58.45 -85.80
CA GLY F 138 74.57 -57.12 -85.28
C GLY F 138 74.73 -56.96 -83.79
N LEU F 139 74.47 -58.01 -83.00
CA LEU F 139 74.50 -57.93 -81.55
C LEU F 139 75.59 -58.80 -80.98
N LEU F 140 76.31 -58.29 -79.99
CA LEU F 140 77.24 -59.15 -79.25
C LEU F 140 77.32 -58.67 -77.81
N VAL F 141 77.17 -59.61 -76.89
CA VAL F 141 77.20 -59.35 -75.46
C VAL F 141 78.32 -60.16 -74.85
N GLU F 142 79.09 -59.54 -73.96
CA GLU F 142 80.29 -60.17 -73.45
C GLU F 142 80.50 -59.78 -72.01
N GLN F 143 81.29 -60.61 -71.32
CA GLN F 143 81.81 -60.33 -69.98
C GLN F 143 83.16 -59.62 -70.07
N SER F 144 83.37 -58.88 -71.14
CA SER F 144 84.68 -58.30 -71.44
C SER F 144 85.15 -57.40 -70.32
N GLY F 145 86.42 -57.55 -69.96
CA GLY F 145 87.02 -56.68 -68.96
C GLY F 145 86.34 -56.81 -67.62
N ASP F 146 86.11 -55.66 -66.98
CA ASP F 146 85.51 -55.61 -65.66
C ASP F 146 84.00 -55.45 -65.70
N TYR F 147 83.39 -55.53 -66.88
CA TYR F 147 82.00 -55.15 -67.06
C TYR F 147 81.27 -56.24 -67.85
N ILE F 148 80.00 -55.94 -68.14
CA ILE F 148 79.21 -56.67 -69.13
C ILE F 148 78.89 -55.65 -70.22
N LYS F 149 79.29 -55.95 -71.44
CA LYS F 149 79.14 -55.01 -72.54
C LYS F 149 78.19 -55.60 -73.58
N VAL F 150 77.22 -54.79 -73.99
CA VAL F 150 76.25 -55.15 -75.01
C VAL F 150 76.41 -54.16 -76.15
N SER F 151 76.91 -54.63 -77.29
CA SER F 151 77.09 -53.77 -78.45
C SER F 151 76.16 -54.22 -79.55
N ILE F 152 75.29 -53.31 -80.00
CA ILE F 152 74.36 -53.55 -81.09
C ILE F 152 74.82 -52.65 -82.23
N ARG F 153 75.41 -53.24 -83.24
CA ARG F 153 76.16 -52.48 -84.24
C ARG F 153 75.22 -51.52 -84.98
N LEU F 154 75.71 -50.31 -85.25
CA LEU F 154 74.95 -49.13 -85.68
C LEU F 154 73.86 -48.69 -84.71
N VAL F 155 73.76 -49.27 -83.51
CA VAL F 155 72.73 -48.80 -82.60
C VAL F 155 73.36 -48.24 -81.33
N LEU F 156 74.04 -49.08 -80.56
CA LEU F 156 74.46 -48.60 -79.26
C LEU F 156 75.56 -49.48 -78.68
N THR F 157 76.16 -48.96 -77.63
CA THR F 157 77.18 -49.65 -76.85
C THR F 157 76.80 -49.45 -75.40
N PHE F 158 76.69 -50.53 -74.64
CA PHE F 158 76.21 -50.46 -73.27
C PHE F 158 77.21 -51.18 -72.37
N LEU F 159 77.92 -50.42 -71.55
CA LEU F 159 78.83 -50.98 -70.58
C LEU F 159 78.17 -50.97 -69.22
N TRP F 160 78.30 -52.06 -68.49
CA TRP F 160 77.66 -52.16 -67.17
C TRP F 160 78.58 -52.92 -66.24
N ASN F 161 79.21 -52.23 -65.29
CA ASN F 161 80.14 -52.89 -64.40
C ASN F 161 79.45 -53.95 -63.54
N GLY F 162 78.13 -53.94 -63.49
CA GLY F 162 77.39 -54.91 -62.74
C GLY F 162 77.08 -54.49 -61.32
N GLU F 163 77.73 -53.44 -60.83
CA GLU F 163 77.40 -52.94 -59.49
C GLU F 163 76.84 -51.52 -59.54
N ASP F 164 77.59 -50.53 -60.00
CA ASP F 164 77.07 -49.17 -60.02
C ASP F 164 77.05 -48.54 -61.41
N SER F 165 78.18 -48.54 -62.12
CA SER F 165 78.26 -47.74 -63.34
C SER F 165 77.46 -48.37 -64.47
N ALA F 166 77.07 -47.53 -65.42
CA ALA F 166 76.42 -47.99 -66.64
C ALA F 166 76.49 -46.89 -67.66
N LEU F 167 77.09 -47.17 -68.82
CA LEU F 167 77.47 -46.16 -69.78
C LEU F 167 76.90 -46.51 -71.15
N LEU F 168 76.31 -45.54 -71.81
CA LEU F 168 75.72 -45.71 -73.14
C LEU F 168 76.48 -44.87 -74.15
N GLU F 169 76.89 -45.51 -75.23
CA GLU F 169 77.37 -44.84 -76.43
C GLU F 169 76.31 -44.99 -77.50
N LEU F 170 75.93 -43.89 -78.14
CA LEU F 170 74.89 -43.94 -79.16
C LEU F 170 75.45 -43.46 -80.49
N ASP F 171 74.81 -43.92 -81.57
CA ASP F 171 75.21 -43.47 -82.89
C ASP F 171 74.89 -41.98 -83.04
N PRO F 172 75.64 -41.28 -83.90
CA PRO F 172 75.27 -39.89 -84.19
C PRO F 172 73.91 -39.74 -84.84
N LYS F 173 73.39 -40.78 -85.50
CA LYS F 173 72.14 -40.62 -86.23
C LYS F 173 70.94 -40.45 -85.32
N TYR F 174 71.05 -40.78 -84.04
CA TYR F 174 69.96 -40.57 -83.09
C TYR F 174 70.03 -39.19 -82.45
N ALA F 175 70.67 -38.24 -83.10
CA ALA F 175 70.66 -36.88 -82.60
C ALA F 175 69.24 -36.36 -82.55
N ASN F 176 68.85 -35.79 -81.42
CA ASN F 176 67.60 -35.05 -81.28
C ASN F 176 66.37 -35.94 -81.27
N GLN F 177 66.53 -37.24 -81.52
CA GLN F 177 65.39 -38.15 -81.55
C GLN F 177 65.31 -39.03 -80.32
N THR F 178 66.08 -38.73 -79.28
CA THR F 178 66.04 -39.52 -78.06
C THR F 178 65.46 -38.68 -76.94
N CYS F 179 65.08 -39.36 -75.87
CA CYS F 179 64.60 -38.68 -74.66
C CYS F 179 64.68 -39.63 -73.48
N GLY F 180 65.27 -39.13 -72.42
CA GLY F 180 65.46 -39.91 -71.21
C GLY F 180 66.47 -39.23 -70.33
N LEU F 181 66.82 -39.93 -69.25
CA LEU F 181 67.78 -39.37 -68.30
C LEU F 181 69.08 -38.98 -68.99
N CYS F 182 69.41 -39.65 -70.09
CA CYS F 182 70.60 -39.31 -70.86
C CYS F 182 70.44 -38.04 -71.68
N GLY F 183 69.24 -37.47 -71.74
CA GLY F 183 69.07 -36.19 -72.39
C GLY F 183 68.59 -36.26 -73.82
N ASP F 184 68.59 -35.12 -74.52
CA ASP F 184 68.02 -35.05 -75.85
C ASP F 184 69.00 -35.28 -76.98
N PHE F 185 70.31 -35.31 -76.73
CA PHE F 185 71.30 -35.61 -77.76
C PHE F 185 71.24 -34.62 -78.93
N ASN F 186 70.84 -33.38 -78.63
CA ASN F 186 70.82 -32.31 -79.63
C ASN F 186 72.08 -31.47 -79.60
N GLY F 187 72.88 -31.57 -78.54
CA GLY F 187 74.14 -30.86 -78.45
C GLY F 187 74.14 -29.62 -77.57
N LEU F 188 72.98 -29.17 -77.11
CA LEU F 188 72.91 -27.98 -76.27
C LEU F 188 72.64 -28.40 -74.84
N PRO F 189 73.61 -28.29 -73.95
CA PRO F 189 73.46 -28.87 -72.61
C PRO F 189 72.50 -28.12 -71.73
N ALA F 190 72.62 -26.79 -71.71
CA ALA F 190 72.10 -25.99 -70.61
C ALA F 190 70.73 -25.38 -70.87
N PHE F 191 70.03 -25.77 -71.93
CA PHE F 191 68.83 -25.00 -72.26
C PHE F 191 67.64 -25.92 -72.55
N ASN F 192 67.87 -27.16 -72.97
CA ASN F 192 66.73 -27.91 -73.47
C ASN F 192 66.33 -29.14 -72.64
N GLU F 193 67.17 -29.54 -71.69
CA GLU F 193 66.87 -30.74 -70.91
C GLU F 193 65.72 -30.55 -69.92
N PHE F 194 65.75 -29.48 -69.13
CA PHE F 194 64.90 -29.34 -67.95
C PHE F 194 63.81 -28.31 -68.16
N TYR F 195 63.40 -28.10 -69.40
CA TYR F 195 62.38 -27.12 -69.74
C TYR F 195 61.20 -27.85 -70.37
N ALA F 196 60.23 -28.22 -69.54
CA ALA F 196 59.04 -28.91 -70.01
C ALA F 196 57.88 -27.94 -69.99
N HIS F 197 57.23 -27.76 -71.14
CA HIS F 197 56.15 -26.80 -71.29
C HIS F 197 56.60 -25.42 -70.83
N ASN F 198 57.82 -25.04 -71.23
CA ASN F 198 58.45 -23.73 -71.04
C ASN F 198 58.86 -23.53 -69.58
N ALA F 199 58.54 -24.46 -68.69
CA ALA F 199 58.88 -24.32 -67.28
C ALA F 199 60.20 -25.03 -66.99
N ARG F 200 61.16 -24.30 -66.42
CA ARG F 200 62.42 -24.90 -66.02
C ARG F 200 62.23 -25.70 -64.75
N LEU F 201 62.71 -26.93 -64.74
CA LEU F 201 62.50 -27.86 -63.64
C LEU F 201 63.83 -28.41 -63.13
N THR F 202 63.73 -29.20 -62.06
CA THR F 202 64.88 -29.58 -61.24
C THR F 202 65.20 -31.05 -61.37
N PRO F 203 66.47 -31.45 -61.09
CA PRO F 203 66.87 -32.85 -61.20
C PRO F 203 65.88 -33.86 -60.64
N LEU F 204 65.28 -33.57 -59.49
CA LEU F 204 64.27 -34.48 -58.96
C LEU F 204 63.09 -34.57 -59.93
N GLN F 205 62.65 -33.41 -60.41
CA GLN F 205 61.54 -33.35 -61.35
C GLN F 205 61.88 -34.02 -62.67
N PHE F 206 63.09 -33.76 -63.18
CA PHE F 206 63.49 -34.33 -64.46
C PHE F 206 63.62 -35.83 -64.37
N GLY F 207 64.22 -36.33 -63.29
CA GLY F 207 64.35 -37.76 -63.13
C GLY F 207 63.04 -38.44 -62.80
N ASN F 208 62.06 -37.69 -62.30
CA ASN F 208 60.76 -38.29 -62.03
C ASN F 208 59.84 -38.25 -63.23
N LEU F 209 60.02 -37.30 -64.15
CA LEU F 209 59.23 -37.31 -65.37
C LEU F 209 59.51 -38.56 -66.18
N GLN F 210 60.78 -38.95 -66.28
CA GLN F 210 61.15 -40.14 -67.03
C GLN F 210 60.99 -41.39 -66.18
N LYS F 211 59.82 -41.57 -65.58
CA LYS F 211 59.55 -42.70 -64.71
C LYS F 211 58.68 -43.72 -65.45
N LEU F 212 58.69 -44.95 -64.95
CA LEU F 212 57.88 -46.02 -65.52
C LEU F 212 57.68 -47.08 -64.45
N ASP F 213 56.46 -47.23 -63.96
CA ASP F 213 56.17 -48.23 -62.96
C ASP F 213 56.05 -49.60 -63.59
N GLY F 214 56.14 -50.63 -62.75
CA GLY F 214 55.84 -51.97 -63.18
C GLY F 214 54.35 -52.11 -63.40
N PRO F 215 53.92 -53.26 -63.94
CA PRO F 215 52.48 -53.45 -64.18
C PRO F 215 51.65 -53.35 -62.92
N THR F 216 52.15 -53.83 -61.79
CA THR F 216 51.42 -53.85 -60.54
C THR F 216 52.19 -53.16 -59.43
N GLU F 217 53.03 -52.19 -59.79
CA GLU F 217 53.93 -51.53 -58.85
C GLU F 217 53.64 -50.04 -58.81
N GLN F 218 53.68 -49.47 -57.61
CA GLN F 218 53.55 -48.03 -57.42
C GLN F 218 54.74 -47.58 -56.58
N CYS F 219 55.85 -47.31 -57.26
CA CYS F 219 57.05 -46.81 -56.60
C CYS F 219 56.87 -45.34 -56.23
N PRO F 220 57.34 -44.93 -55.06
CA PRO F 220 57.19 -43.53 -54.66
C PRO F 220 58.14 -42.61 -55.40
N ASP F 221 58.16 -41.35 -55.02
CA ASP F 221 59.21 -40.48 -55.51
C ASP F 221 60.13 -40.09 -54.35
N PRO F 222 61.43 -40.33 -54.47
CA PRO F 222 62.35 -40.01 -53.38
C PRO F 222 62.32 -38.51 -53.09
N LEU F 223 62.39 -38.17 -51.81
CA LEU F 223 62.28 -36.79 -51.40
C LEU F 223 63.67 -36.13 -51.41
N PRO F 224 63.72 -34.80 -51.53
CA PRO F 224 65.03 -34.13 -51.57
C PRO F 224 65.86 -34.40 -50.33
N LEU F 225 67.14 -34.65 -50.54
CA LEU F 225 68.06 -34.86 -49.43
C LEU F 225 68.44 -33.52 -48.81
N PRO F 226 68.58 -33.44 -47.49
CA PRO F 226 68.97 -32.16 -46.86
C PRO F 226 70.37 -31.71 -47.26
N ALA F 227 70.80 -30.59 -46.67
CA ALA F 227 72.04 -29.93 -47.05
C ALA F 227 73.25 -30.84 -46.89
N GLY F 228 74.34 -30.46 -47.55
CA GLY F 228 75.57 -31.22 -47.55
C GLY F 228 76.56 -30.73 -46.50
N ASN F 229 77.61 -31.53 -46.34
CA ASN F 229 78.64 -31.32 -45.32
C ASN F 229 79.96 -31.83 -45.89
N CYS F 230 80.91 -32.12 -45.00
CA CYS F 230 82.15 -32.81 -45.35
C CYS F 230 82.98 -31.98 -46.32
N THR F 231 82.50 -31.87 -47.55
CA THR F 231 83.23 -31.27 -48.66
C THR F 231 84.56 -31.98 -48.87
N ASP F 232 85.45 -31.38 -49.66
CA ASP F 232 86.79 -31.95 -49.86
C ASP F 232 87.75 -31.28 -48.87
N GLU F 233 87.78 -31.84 -47.66
CA GLU F 233 88.63 -31.28 -46.62
C GLU F 233 90.11 -31.54 -46.91
N GLU F 234 90.49 -32.82 -47.01
CA GLU F 234 91.89 -33.14 -47.24
C GLU F 234 92.35 -32.81 -48.64
N GLY F 235 91.45 -32.39 -49.52
CA GLY F 235 91.83 -32.03 -50.88
C GLY F 235 92.06 -33.21 -51.80
N ILE F 236 91.65 -34.42 -51.38
CA ILE F 236 91.93 -35.61 -52.17
C ILE F 236 91.31 -35.47 -53.56
N CYS F 237 90.08 -34.98 -53.64
CA CYS F 237 89.46 -34.80 -54.94
C CYS F 237 90.20 -33.75 -55.76
N HIS F 238 90.64 -32.67 -55.10
CA HIS F 238 91.41 -31.66 -55.82
C HIS F 238 92.83 -32.15 -56.09
N ARG F 239 93.39 -32.93 -55.18
CA ARG F 239 94.75 -33.43 -55.40
C ARG F 239 94.80 -34.40 -56.58
N THR F 240 93.81 -35.28 -56.68
CA THR F 240 93.80 -36.28 -57.76
C THR F 240 93.22 -35.70 -59.04
N LEU F 241 91.96 -35.25 -59.01
CA LEU F 241 91.29 -34.81 -60.22
C LEU F 241 92.07 -33.71 -60.92
N LEU F 242 92.59 -32.76 -60.17
CA LEU F 242 93.41 -31.70 -60.74
C LEU F 242 94.87 -32.10 -60.85
N GLY F 243 95.23 -33.33 -60.45
CA GLY F 243 96.58 -33.78 -60.50
C GLY F 243 97.06 -34.01 -61.92
N PRO F 244 98.33 -34.39 -62.06
CA PRO F 244 98.88 -34.57 -63.41
C PRO F 244 98.17 -35.64 -64.21
N ALA F 245 97.62 -36.65 -63.54
CA ALA F 245 97.05 -37.82 -64.22
C ALA F 245 96.04 -37.39 -65.28
N PHE F 246 95.31 -36.32 -65.03
CA PHE F 246 94.27 -35.87 -65.94
C PHE F 246 94.56 -34.50 -66.53
N ALA F 247 95.85 -34.18 -66.74
CA ALA F 247 96.22 -32.85 -67.20
C ALA F 247 95.45 -32.47 -68.46
N GLU F 248 95.67 -33.21 -69.55
CA GLU F 248 94.95 -32.92 -70.79
C GLU F 248 93.46 -33.21 -70.66
N CYS F 249 93.06 -34.01 -69.67
CA CYS F 249 91.64 -34.20 -69.43
C CYS F 249 90.97 -32.90 -69.02
N HIS F 250 91.71 -32.00 -68.37
CA HIS F 250 91.17 -30.69 -68.09
C HIS F 250 90.87 -29.91 -69.37
N ALA F 251 91.60 -30.20 -70.44
CA ALA F 251 91.35 -29.56 -71.72
C ALA F 251 90.12 -30.10 -72.42
N LEU F 252 89.53 -31.18 -71.94
CA LEU F 252 88.42 -31.84 -72.61
C LEU F 252 87.15 -31.87 -71.80
N VAL F 253 87.22 -32.31 -70.55
CA VAL F 253 86.05 -32.51 -69.70
C VAL F 253 86.25 -31.70 -68.42
N ASP F 254 85.30 -30.80 -68.14
CA ASP F 254 85.42 -29.94 -66.98
C ASP F 254 85.00 -30.69 -65.72
N SER F 255 85.78 -30.51 -64.66
CA SER F 255 85.69 -31.35 -63.48
C SER F 255 84.85 -30.75 -62.36
N THR F 256 84.23 -29.59 -62.58
CA THR F 256 83.49 -28.93 -61.51
C THR F 256 82.41 -29.85 -60.94
N ALA F 257 81.57 -30.39 -61.82
CA ALA F 257 80.54 -31.33 -61.37
C ALA F 257 81.18 -32.58 -60.78
N TYR F 258 82.30 -33.02 -61.36
CA TYR F 258 82.99 -34.18 -60.80
C TYR F 258 83.59 -33.85 -59.44
N LEU F 259 84.09 -32.63 -59.25
CA LEU F 259 84.56 -32.23 -57.94
C LEU F 259 83.44 -32.26 -56.92
N ALA F 260 82.28 -31.72 -57.27
CA ALA F 260 81.14 -31.72 -56.35
C ALA F 260 80.70 -33.14 -56.02
N ALA F 261 80.63 -34.00 -57.05
CA ALA F 261 80.22 -35.38 -56.82
C ALA F 261 81.24 -36.12 -55.96
N CYS F 262 82.52 -35.83 -56.15
CA CYS F 262 83.54 -36.40 -55.28
C CYS F 262 83.31 -36.00 -53.84
N ALA F 263 83.03 -34.72 -53.58
CA ALA F 263 82.76 -34.28 -52.22
C ALA F 263 81.53 -34.99 -51.66
N GLN F 264 80.48 -35.09 -52.46
CA GLN F 264 79.25 -35.71 -52.00
C GLN F 264 79.47 -37.18 -51.65
N ASP F 265 80.22 -37.90 -52.49
CA ASP F 265 80.56 -39.28 -52.14
C ASP F 265 81.43 -39.33 -50.91
N LEU F 266 82.32 -38.36 -50.73
CA LEU F 266 83.07 -38.31 -49.49
C LEU F 266 82.16 -38.17 -48.28
N CYS F 267 80.99 -37.51 -48.45
CA CYS F 267 80.00 -37.54 -47.37
C CYS F 267 79.46 -38.94 -47.16
N ARG F 268 79.37 -39.73 -48.22
CA ARG F 268 79.00 -41.13 -48.07
C ARG F 268 80.22 -41.91 -47.58
N CYS F 269 80.18 -43.23 -47.71
CA CYS F 269 81.20 -44.06 -47.12
C CYS F 269 82.60 -43.72 -47.63
N PRO F 270 83.63 -43.76 -46.79
CA PRO F 270 84.91 -43.58 -47.25
C PRO F 270 85.57 -44.76 -47.95
N THR F 271 84.88 -45.88 -48.19
CA THR F 271 85.39 -46.85 -49.14
C THR F 271 84.81 -46.70 -50.55
N CYS F 272 83.95 -45.72 -50.77
CA CYS F 272 83.32 -45.51 -52.06
C CYS F 272 83.47 -44.08 -52.58
N PRO F 273 84.70 -43.52 -52.59
CA PRO F 273 84.86 -42.20 -53.18
C PRO F 273 85.43 -42.23 -54.60
N CYS F 274 85.90 -43.39 -55.07
CA CYS F 274 86.63 -43.46 -56.33
C CYS F 274 85.74 -43.65 -57.55
N ALA F 275 84.43 -43.77 -57.35
CA ALA F 275 83.53 -43.89 -58.49
C ALA F 275 83.60 -42.66 -59.38
N THR F 276 83.63 -41.47 -58.77
CA THR F 276 83.72 -40.25 -59.57
C THR F 276 85.05 -40.19 -60.32
N PHE F 277 86.14 -40.59 -59.67
CA PHE F 277 87.43 -40.60 -60.35
C PHE F 277 87.40 -41.52 -61.56
N VAL F 278 86.88 -42.73 -61.39
CA VAL F 278 86.84 -43.68 -62.50
C VAL F 278 85.96 -43.14 -63.61
N GLU F 279 84.85 -42.51 -63.25
CA GLU F 279 83.97 -41.94 -64.27
C GLU F 279 84.65 -40.82 -65.03
N TYR F 280 85.43 -39.99 -64.32
CA TYR F 280 86.16 -38.94 -65.01
C TYR F 280 87.21 -39.54 -65.95
N SER F 281 87.85 -40.62 -65.53
CA SER F 281 88.78 -41.29 -66.43
C SER F 281 88.05 -41.79 -67.68
N ARG F 282 86.89 -42.42 -67.50
CA ARG F 282 86.12 -42.91 -68.63
C ARG F 282 85.75 -41.77 -69.57
N GLN F 283 85.27 -40.66 -69.02
CA GLN F 283 84.84 -39.54 -69.84
C GLN F 283 86.01 -38.89 -70.56
N CYS F 284 87.15 -38.74 -69.88
CA CYS F 284 88.32 -38.19 -70.53
C CYS F 284 88.78 -39.09 -71.67
N ALA F 285 88.75 -40.40 -71.45
CA ALA F 285 89.07 -41.34 -72.52
C ALA F 285 88.10 -41.18 -73.68
N HIS F 286 86.81 -41.00 -73.38
CA HIS F 286 85.80 -40.99 -74.43
C HIS F 286 85.81 -39.71 -75.24
N ALA F 287 86.14 -38.58 -74.62
CA ALA F 287 86.22 -37.34 -75.36
C ALA F 287 87.37 -37.38 -76.37
N GLY F 288 88.36 -38.23 -76.10
CA GLY F 288 89.48 -38.40 -77.02
C GLY F 288 90.83 -38.39 -76.34
N GLY F 289 90.89 -37.83 -75.14
CA GLY F 289 92.16 -37.67 -74.45
C GLY F 289 92.72 -38.98 -73.96
N GLN F 290 93.96 -38.90 -73.46
CA GLN F 290 94.68 -40.06 -72.98
C GLN F 290 94.88 -39.93 -71.48
N PRO F 291 94.07 -40.56 -70.65
CA PRO F 291 94.27 -40.46 -69.20
C PRO F 291 95.54 -41.15 -68.76
N ARG F 292 96.03 -40.77 -67.60
CA ARG F 292 97.22 -41.36 -67.01
CA ARG F 292 97.22 -41.35 -67.00
C ARG F 292 96.83 -42.15 -65.76
N ASN F 293 97.73 -43.05 -65.36
CA ASN F 293 97.44 -43.97 -64.25
C ASN F 293 97.42 -43.19 -62.95
N TRP F 294 96.22 -42.83 -62.49
CA TRP F 294 96.07 -42.11 -61.24
C TRP F 294 96.09 -43.01 -60.03
N ARG F 295 95.94 -44.32 -60.21
CA ARG F 295 95.81 -45.23 -59.09
C ARG F 295 97.15 -45.41 -58.38
N CYS F 296 97.06 -45.66 -57.08
CA CYS F 296 98.16 -46.01 -56.21
C CYS F 296 97.68 -47.09 -55.27
N PRO F 297 98.59 -47.87 -54.66
CA PRO F 297 98.16 -48.99 -53.81
C PRO F 297 97.15 -48.64 -52.73
N GLU F 298 96.86 -47.35 -52.55
CA GLU F 298 95.81 -46.93 -51.63
C GLU F 298 94.58 -46.36 -52.33
N LEU F 299 94.74 -45.78 -53.52
CA LEU F 299 93.63 -45.09 -54.19
C LEU F 299 92.82 -46.11 -54.98
N CYS F 300 91.96 -46.83 -54.26
CA CYS F 300 91.14 -47.93 -54.80
C CYS F 300 92.02 -48.82 -55.66
N PRO F 301 92.95 -49.56 -55.06
CA PRO F 301 93.92 -50.31 -55.86
C PRO F 301 93.23 -51.42 -56.67
N ARG F 302 93.87 -51.78 -57.77
CA ARG F 302 93.37 -52.83 -58.64
C ARG F 302 94.33 -54.01 -58.67
N THR F 303 93.79 -55.19 -58.90
CA THR F 303 94.56 -56.42 -59.00
C THR F 303 94.27 -57.08 -60.34
N CYS F 304 95.32 -57.62 -60.97
CA CYS F 304 95.24 -58.30 -62.25
C CYS F 304 96.05 -59.59 -62.15
N PRO F 305 95.87 -60.52 -63.09
CA PRO F 305 96.64 -61.78 -63.05
C PRO F 305 98.15 -61.60 -63.08
N LEU F 306 98.89 -62.70 -62.91
CA LEU F 306 100.31 -62.60 -62.57
C LEU F 306 101.11 -61.86 -63.64
N ASN F 307 100.89 -62.19 -64.91
CA ASN F 307 101.61 -61.57 -66.01
C ASN F 307 100.93 -60.30 -66.50
N MET F 308 99.87 -59.89 -65.85
CA MET F 308 98.90 -58.98 -66.42
C MET F 308 98.75 -57.78 -65.49
N GLN F 309 98.79 -56.59 -66.06
CA GLN F 309 98.87 -55.35 -65.29
C GLN F 309 97.63 -54.49 -65.50
N HIS F 310 97.24 -53.78 -64.45
CA HIS F 310 96.09 -52.89 -64.52
C HIS F 310 96.54 -51.52 -65.03
N GLN F 311 96.07 -51.14 -66.20
CA GLN F 311 96.41 -49.87 -66.83
C GLN F 311 95.16 -49.02 -67.06
N GLU F 312 95.33 -47.73 -66.88
CA GLU F 312 94.39 -46.73 -67.38
C GLU F 312 94.85 -46.30 -68.76
N CYS F 313 93.92 -46.28 -69.71
CA CYS F 313 94.25 -46.03 -71.11
C CYS F 313 95.30 -47.01 -71.62
N GLY F 314 94.93 -48.29 -71.71
CA GLY F 314 95.65 -49.22 -72.55
C GLY F 314 94.83 -49.48 -73.81
N SER F 315 95.50 -50.00 -74.82
CA SER F 315 94.85 -50.22 -76.10
C SER F 315 93.70 -51.22 -75.95
N PRO F 316 92.50 -50.91 -76.44
CA PRO F 316 91.36 -51.82 -76.25
C PRO F 316 91.52 -53.12 -76.97
N CYS F 317 92.27 -53.14 -78.07
CA CYS F 317 92.48 -54.34 -78.86
C CYS F 317 93.79 -54.97 -78.42
N THR F 318 93.71 -55.84 -77.42
CA THR F 318 94.90 -56.51 -76.90
C THR F 318 95.46 -57.44 -77.96
N ASP F 319 96.72 -57.24 -78.32
CA ASP F 319 97.36 -58.13 -79.27
C ASP F 319 97.56 -59.49 -78.64
N THR F 320 97.02 -60.52 -79.30
CA THR F 320 97.03 -61.87 -78.78
C THR F 320 97.56 -62.77 -79.88
N CYS F 321 98.53 -63.63 -79.58
CA CYS F 321 99.19 -64.32 -80.68
C CYS F 321 98.29 -65.28 -81.42
N SER F 322 97.01 -65.35 -81.07
CA SER F 322 96.01 -65.80 -82.03
C SER F 322 95.91 -64.82 -83.20
N ASN F 323 95.97 -63.52 -82.91
CA ASN F 323 96.06 -62.46 -83.91
C ASN F 323 97.09 -61.45 -83.44
N PRO F 324 98.37 -61.84 -83.37
CA PRO F 324 99.35 -61.04 -82.62
C PRO F 324 99.55 -59.63 -83.14
N GLN F 325 98.96 -59.26 -84.27
CA GLN F 325 99.05 -57.90 -84.78
C GLN F 325 97.66 -57.27 -84.91
N ARG F 326 96.77 -57.59 -83.96
CA ARG F 326 95.43 -57.01 -83.98
C ARG F 326 95.50 -55.50 -83.75
N ALA F 327 96.42 -55.05 -82.91
CA ALA F 327 96.49 -53.65 -82.52
C ALA F 327 97.11 -52.77 -83.58
N GLN F 328 97.19 -53.24 -84.83
CA GLN F 328 97.95 -52.53 -85.85
C GLN F 328 97.25 -51.23 -86.25
N LEU F 329 96.06 -51.33 -86.82
CA LEU F 329 95.32 -50.16 -87.32
C LEU F 329 93.98 -50.06 -86.61
N CYS F 330 93.98 -50.23 -85.29
CA CYS F 330 92.77 -50.14 -84.50
C CYS F 330 92.21 -48.72 -84.53
N GLU F 331 90.89 -48.65 -84.36
CA GLU F 331 90.23 -47.37 -84.12
C GLU F 331 89.29 -47.52 -82.94
N ASP F 332 89.81 -47.25 -81.74
CA ASP F 332 89.04 -47.23 -80.52
C ASP F 332 89.86 -46.50 -79.45
N HIS F 333 89.20 -45.66 -78.67
CA HIS F 333 89.88 -44.78 -77.72
C HIS F 333 90.47 -45.62 -76.59
N CYS F 334 91.12 -44.94 -75.64
CA CYS F 334 91.64 -45.61 -74.45
C CYS F 334 90.55 -46.45 -73.81
N VAL F 335 90.98 -47.54 -73.18
CA VAL F 335 90.11 -48.34 -72.32
C VAL F 335 90.90 -48.76 -71.10
N ASP F 336 90.29 -48.62 -69.93
CA ASP F 336 90.87 -49.10 -68.67
C ASP F 336 90.75 -50.61 -68.60
N GLY F 337 91.70 -51.25 -67.93
CA GLY F 337 91.55 -52.66 -67.63
C GLY F 337 92.90 -53.33 -67.46
N CYS F 338 92.87 -54.66 -67.47
CA CYS F 338 94.08 -55.46 -67.43
C CYS F 338 94.69 -55.54 -68.83
N PHE F 339 96.01 -55.64 -68.90
CA PHE F 339 96.75 -55.62 -70.15
C PHE F 339 98.02 -56.42 -69.97
N CYS F 340 98.82 -56.44 -71.01
CA CYS F 340 100.13 -57.05 -71.04
C CYS F 340 101.20 -56.00 -71.32
N PRO F 341 102.41 -56.19 -70.80
CA PRO F 341 103.49 -55.26 -71.14
C PRO F 341 103.80 -55.30 -72.62
N PRO F 342 104.25 -54.18 -73.19
CA PRO F 342 104.51 -54.15 -74.64
C PRO F 342 105.57 -55.17 -75.04
N GLY F 343 105.36 -55.78 -76.20
CA GLY F 343 106.29 -56.76 -76.71
C GLY F 343 105.78 -58.19 -76.57
N THR F 344 105.17 -58.50 -75.42
CA THR F 344 104.59 -59.82 -75.17
C THR F 344 103.08 -59.73 -75.33
N VAL F 345 102.53 -60.57 -76.20
CA VAL F 345 101.11 -60.58 -76.52
C VAL F 345 100.36 -61.48 -75.55
N LEU F 346 99.03 -61.36 -75.53
CA LEU F 346 98.21 -62.21 -74.70
C LEU F 346 98.06 -63.59 -75.33
N ASP F 347 97.99 -64.61 -74.48
CA ASP F 347 97.79 -65.99 -74.94
C ASP F 347 96.37 -66.41 -74.63
N ASP F 348 95.51 -66.37 -75.65
CA ASP F 348 94.13 -66.80 -75.52
C ASP F 348 93.94 -68.25 -75.93
N ILE F 349 94.98 -68.92 -76.42
CA ILE F 349 94.84 -70.29 -76.88
C ILE F 349 94.73 -71.25 -75.70
N THR F 350 95.59 -71.11 -74.69
CA THR F 350 95.49 -71.92 -73.49
C THR F 350 95.41 -71.10 -72.19
N HIS F 351 95.31 -69.77 -72.27
CA HIS F 351 95.10 -68.92 -71.10
C HIS F 351 96.26 -69.03 -70.11
N SER F 352 97.48 -68.89 -70.63
CA SER F 352 98.69 -68.94 -69.81
C SER F 352 99.23 -67.55 -69.49
N GLY F 353 98.37 -66.53 -69.46
CA GLY F 353 98.83 -65.17 -69.30
C GLY F 353 99.36 -64.62 -70.60
N CYS F 354 100.20 -63.60 -70.48
CA CYS F 354 100.85 -63.04 -71.66
C CYS F 354 102.17 -63.77 -71.90
N LEU F 355 102.39 -64.17 -73.15
CA LEU F 355 103.59 -64.90 -73.51
C LEU F 355 104.32 -64.17 -74.61
N PRO F 356 105.63 -64.36 -74.72
CA PRO F 356 106.35 -63.76 -75.85
C PRO F 356 105.88 -64.35 -77.17
N LEU F 357 106.06 -63.58 -78.23
CA LEU F 357 105.53 -63.96 -79.53
C LEU F 357 106.04 -65.32 -79.99
N GLY F 358 107.21 -65.73 -79.51
CA GLY F 358 107.81 -66.97 -79.95
C GLY F 358 107.50 -68.20 -79.12
N GLN F 359 106.83 -68.06 -77.98
CA GLN F 359 106.61 -69.22 -77.10
C GLN F 359 105.14 -69.56 -76.95
N CYS F 360 104.30 -69.07 -77.80
CA CYS F 360 102.93 -69.42 -77.48
C CYS F 360 102.38 -70.43 -78.47
N PRO F 361 101.38 -71.21 -78.07
CA PRO F 361 100.97 -72.37 -78.87
C PRO F 361 100.32 -71.96 -80.18
N CYS F 362 100.08 -72.97 -81.02
CA CYS F 362 99.31 -72.84 -82.24
C CYS F 362 98.09 -73.73 -82.15
N THR F 363 97.22 -73.64 -83.16
CA THR F 363 95.97 -74.38 -83.17
C THR F 363 95.70 -74.94 -84.56
N HIS F 364 95.16 -76.15 -84.61
CA HIS F 364 94.76 -76.77 -85.87
C HIS F 364 93.61 -77.72 -85.60
N GLY F 365 92.42 -77.40 -86.13
CA GLY F 365 91.29 -78.31 -86.10
C GLY F 365 90.88 -78.76 -84.71
N GLY F 366 90.80 -77.84 -83.76
CA GLY F 366 90.46 -78.19 -82.40
C GLY F 366 91.61 -78.77 -81.60
N ARG F 367 92.79 -78.89 -82.20
CA ARG F 367 93.97 -79.38 -81.50
C ARG F 367 94.87 -78.20 -81.16
N THR F 368 95.44 -78.24 -79.96
CA THR F 368 96.38 -77.22 -79.51
C THR F 368 97.79 -77.80 -79.55
N TYR F 369 98.71 -77.07 -80.18
CA TYR F 369 100.08 -77.55 -80.36
C TYR F 369 101.02 -76.65 -79.58
N SER F 370 101.80 -77.25 -78.68
CA SER F 370 102.81 -76.50 -77.98
C SER F 370 103.91 -76.09 -78.96
N PRO F 371 104.70 -75.07 -78.63
CA PRO F 371 105.85 -74.74 -79.48
C PRO F 371 106.81 -75.92 -79.53
N GLY F 372 107.46 -76.09 -80.69
CA GLY F 372 108.33 -77.20 -80.97
C GLY F 372 107.62 -78.37 -81.63
N THR F 373 106.29 -78.37 -81.60
CA THR F 373 105.53 -79.46 -82.17
C THR F 373 105.34 -79.27 -83.67
N SER F 374 105.17 -80.38 -84.36
CA SER F 374 104.89 -80.39 -85.78
C SER F 374 103.80 -81.40 -86.05
N PHE F 375 103.07 -81.19 -87.14
CA PHE F 375 102.11 -82.18 -87.60
C PHE F 375 102.18 -82.23 -89.11
N ASN F 376 102.23 -83.44 -89.66
CA ASN F 376 102.39 -83.63 -91.10
C ASN F 376 101.10 -84.20 -91.67
N THR F 377 100.51 -83.48 -92.61
CA THR F 377 99.44 -84.03 -93.43
C THR F 377 100.07 -84.92 -94.51
N THR F 378 99.23 -85.68 -95.19
CA THR F 378 99.74 -86.56 -96.24
C THR F 378 100.35 -85.76 -97.38
N CYS F 379 99.98 -84.49 -97.49
CA CYS F 379 100.49 -83.63 -98.56
C CYS F 379 101.41 -82.52 -98.07
N SER F 380 101.50 -82.29 -96.76
CA SER F 380 102.32 -81.20 -96.24
C SER F 380 102.65 -81.44 -94.78
N SER F 381 103.67 -80.71 -94.30
CA SER F 381 104.09 -80.77 -92.92
C SER F 381 104.24 -79.35 -92.37
N CYS F 382 103.66 -79.12 -91.19
CA CYS F 382 103.61 -77.79 -90.61
C CYS F 382 104.15 -77.82 -89.18
N THR F 383 105.06 -76.89 -88.89
CA THR F 383 105.68 -76.75 -87.58
C THR F 383 105.15 -75.51 -86.88
N CYS F 384 104.75 -75.66 -85.61
CA CYS F 384 104.24 -74.53 -84.84
C CYS F 384 105.41 -73.71 -84.32
N SER F 385 105.73 -72.61 -85.01
CA SER F 385 106.83 -71.78 -84.57
C SER F 385 106.65 -70.38 -85.12
N GLY F 386 107.33 -69.42 -84.48
CA GLY F 386 107.16 -68.02 -84.81
C GLY F 386 105.78 -67.51 -84.45
N GLY F 387 105.03 -68.23 -83.63
CA GLY F 387 103.64 -67.93 -83.41
C GLY F 387 102.73 -68.27 -84.58
N LEU F 388 103.28 -68.90 -85.62
CA LEU F 388 102.53 -69.24 -86.82
C LEU F 388 102.79 -70.71 -87.13
N TRP F 389 102.32 -71.15 -88.30
CA TRP F 389 102.62 -72.46 -88.83
C TRP F 389 103.60 -72.28 -89.99
N GLN F 390 104.79 -72.83 -89.84
CA GLN F 390 105.77 -72.90 -90.92
C GLN F 390 105.50 -74.20 -91.67
N CYS F 391 104.95 -74.08 -92.88
CA CYS F 391 104.46 -75.23 -93.61
C CYS F 391 105.31 -75.44 -94.85
N GLN F 392 105.84 -76.65 -95.01
CA GLN F 392 106.46 -77.06 -96.25
C GLN F 392 105.65 -78.19 -96.88
N ASP F 393 105.84 -78.38 -98.17
CA ASP F 393 105.01 -79.29 -98.95
C ASP F 393 105.81 -80.53 -99.32
N LEU F 394 105.45 -81.65 -98.71
CA LEU F 394 105.97 -82.93 -99.13
C LEU F 394 105.44 -83.26 -100.53
N PRO F 395 106.16 -84.07 -101.30
CA PRO F 395 105.66 -84.43 -102.64
C PRO F 395 104.33 -85.14 -102.55
N CYS F 396 103.44 -84.84 -103.49
CA CYS F 396 102.08 -85.38 -103.51
C CYS F 396 101.74 -85.89 -104.90
N PRO F 397 101.53 -87.18 -105.07
CA PRO F 397 101.04 -87.67 -106.37
C PRO F 397 99.62 -87.20 -106.62
N GLY F 398 99.41 -86.54 -107.75
CA GLY F 398 98.09 -86.04 -108.06
C GLY F 398 97.10 -87.16 -108.33
N THR F 399 95.81 -86.82 -108.29
CA THR F 399 94.77 -87.84 -108.34
C THR F 399 93.57 -87.30 -109.11
N CYS F 400 93.43 -87.73 -110.35
CA CYS F 400 92.20 -87.53 -111.10
C CYS F 400 91.26 -88.69 -110.83
N SER F 401 89.98 -88.47 -111.12
CA SER F 401 89.04 -89.56 -110.96
C SER F 401 87.77 -89.27 -111.71
N VAL F 402 87.12 -90.33 -112.14
CA VAL F 402 85.78 -90.28 -112.73
C VAL F 402 84.89 -91.19 -111.91
N GLN F 403 83.87 -90.59 -111.30
CA GLN F 403 83.00 -91.26 -110.33
C GLN F 403 81.57 -91.07 -110.77
N GLY F 404 80.74 -92.09 -110.52
CA GLY F 404 79.36 -92.06 -110.91
C GLY F 404 79.13 -92.19 -112.40
N GLY F 405 80.18 -92.30 -113.19
CA GLY F 405 80.07 -92.28 -114.63
C GLY F 405 79.84 -90.91 -115.22
N ALA F 406 79.67 -89.90 -114.41
CA ALA F 406 79.42 -88.56 -114.91
C ALA F 406 80.32 -87.50 -114.30
N HIS F 407 80.71 -87.65 -113.05
CA HIS F 407 81.44 -86.60 -112.34
C HIS F 407 82.94 -86.83 -112.44
N ILE F 408 83.67 -85.74 -112.60
CA ILE F 408 85.11 -85.79 -112.80
C ILE F 408 85.76 -84.87 -111.78
N SER F 409 86.72 -85.41 -111.03
CA SER F 409 87.56 -84.62 -110.15
C SER F 409 88.93 -84.56 -110.78
N THR F 410 89.33 -83.38 -111.26
CA THR F 410 90.56 -83.27 -112.02
C THR F 410 91.75 -83.34 -111.06
N TYR F 411 92.96 -83.16 -111.61
CA TYR F 411 94.16 -83.12 -110.79
C TYR F 411 94.20 -81.88 -109.92
N ASP F 412 93.65 -80.77 -110.40
CA ASP F 412 93.54 -79.53 -109.63
C ASP F 412 92.34 -79.53 -108.71
N GLU F 413 91.64 -80.66 -108.58
CA GLU F 413 90.46 -80.77 -107.73
C GLU F 413 89.35 -79.82 -108.17
N LYS F 414 89.07 -79.81 -109.47
CA LYS F 414 87.97 -79.03 -110.02
C LYS F 414 86.84 -79.99 -110.37
N LEU F 415 85.95 -80.22 -109.42
CA LEU F 415 84.86 -81.16 -109.63
C LEU F 415 83.88 -80.60 -110.64
N TYR F 416 83.50 -81.42 -111.62
CA TYR F 416 82.51 -81.02 -112.61
C TYR F 416 81.87 -82.26 -113.21
N ASP F 417 80.60 -82.17 -113.56
CA ASP F 417 79.91 -83.31 -114.13
C ASP F 417 80.00 -83.29 -115.65
N LEU F 418 80.04 -84.48 -116.23
CA LEU F 418 80.17 -84.64 -117.67
C LEU F 418 79.22 -85.74 -118.11
N HIS F 419 78.16 -85.37 -118.82
CA HIS F 419 77.18 -86.30 -119.36
C HIS F 419 77.48 -86.46 -120.85
N GLY F 420 78.29 -87.47 -121.18
CA GLY F 420 78.74 -87.64 -122.54
C GLY F 420 78.54 -89.07 -123.01
N ASP F 421 78.52 -89.22 -124.33
CA ASP F 421 78.39 -90.51 -125.00
C ASP F 421 79.48 -90.58 -126.06
N CYS F 422 80.69 -90.94 -125.65
CA CYS F 422 81.83 -91.06 -126.54
C CYS F 422 82.99 -91.65 -125.74
N SER F 423 84.16 -91.70 -126.35
CA SER F 423 85.41 -91.98 -125.65
C SER F 423 86.17 -90.68 -125.51
N TYR F 424 86.56 -90.34 -124.30
CA TYR F 424 87.19 -89.06 -124.02
C TYR F 424 88.61 -89.28 -123.55
N VAL F 425 89.52 -88.41 -124.00
CA VAL F 425 90.91 -88.52 -123.58
C VAL F 425 90.97 -88.07 -122.14
N LEU F 426 90.95 -89.03 -121.22
CA LEU F 426 90.87 -88.69 -119.80
C LEU F 426 92.12 -87.95 -119.35
N SER F 427 93.29 -88.43 -119.76
CA SER F 427 94.51 -87.72 -119.38
C SER F 427 95.63 -88.12 -120.33
N LYS F 428 96.50 -87.16 -120.62
CA LYS F 428 97.53 -87.39 -121.63
C LYS F 428 98.62 -86.34 -121.47
N LYS F 429 99.87 -86.79 -121.35
CA LYS F 429 101.00 -85.87 -121.25
C LYS F 429 101.19 -85.22 -122.61
N CYS F 430 100.59 -84.04 -122.81
CA CYS F 430 100.31 -83.55 -124.15
C CYS F 430 101.51 -82.98 -124.89
N ALA F 431 102.68 -82.92 -124.26
CA ALA F 431 103.88 -82.60 -125.00
C ALA F 431 104.16 -83.68 -126.06
N ASP F 432 103.99 -84.94 -125.67
CA ASP F 432 104.21 -86.08 -126.53
C ASP F 432 103.10 -87.11 -126.36
N SER F 433 103.33 -88.35 -126.82
CA SER F 433 102.33 -89.40 -126.65
C SER F 433 102.86 -90.54 -125.79
N SER F 434 103.49 -90.23 -124.65
CA SER F 434 104.03 -91.27 -123.79
C SER F 434 102.93 -92.18 -123.25
N PHE F 435 101.83 -91.60 -122.79
CA PHE F 435 100.66 -92.36 -122.38
C PHE F 435 99.42 -91.57 -122.70
N THR F 436 98.29 -92.25 -122.78
CA THR F 436 96.99 -91.61 -122.99
C THR F 436 95.93 -92.46 -122.34
N VAL F 437 95.54 -92.10 -121.13
CA VAL F 437 94.45 -92.81 -120.45
C VAL F 437 93.14 -92.32 -121.05
N LEU F 438 92.39 -93.24 -121.63
CA LEU F 438 91.13 -92.98 -122.31
C LEU F 438 89.99 -93.57 -121.51
N ALA F 439 88.86 -92.86 -121.50
CA ALA F 439 87.66 -93.32 -120.83
C ALA F 439 86.52 -93.25 -121.81
N GLU F 440 85.78 -94.34 -121.94
CA GLU F 440 84.59 -94.38 -122.77
C GLU F 440 83.37 -94.30 -121.85
N LEU F 441 82.56 -93.26 -122.04
CA LEU F 441 81.38 -93.02 -121.22
C LEU F 441 80.15 -93.19 -122.08
N ARG F 442 79.24 -94.06 -121.66
CA ARG F 442 78.12 -94.43 -122.51
C ARG F 442 76.81 -94.14 -121.80
N LYS F 443 75.81 -93.72 -122.57
CA LYS F 443 74.49 -93.48 -122.01
C LYS F 443 73.85 -94.80 -121.60
N CYS F 444 73.17 -94.79 -120.46
CA CYS F 444 72.71 -96.02 -119.81
C CYS F 444 71.21 -96.05 -119.52
N GLY F 445 70.44 -95.10 -120.03
CA GLY F 445 69.05 -95.05 -119.64
C GLY F 445 68.21 -94.28 -120.62
N LEU F 446 66.94 -94.11 -120.25
CA LEU F 446 66.02 -93.37 -121.11
C LEU F 446 66.47 -91.93 -121.27
N THR F 447 66.94 -91.30 -120.20
CA THR F 447 67.33 -89.90 -120.23
C THR F 447 68.79 -89.74 -120.63
N ASP F 448 69.09 -88.61 -121.26
CA ASP F 448 70.42 -88.38 -121.79
C ASP F 448 71.46 -88.13 -120.71
N ASN F 449 71.04 -87.98 -119.45
CA ASN F 449 71.97 -87.77 -118.35
C ASN F 449 72.10 -88.99 -117.45
N GLU F 450 71.88 -90.19 -117.99
CA GLU F 450 72.04 -91.44 -117.24
C GLU F 450 73.23 -92.17 -117.85
N ASN F 451 74.43 -91.90 -117.33
CA ASN F 451 75.66 -92.37 -117.95
C ASN F 451 76.37 -93.38 -117.07
N CYS F 452 77.18 -94.22 -117.71
CA CYS F 452 78.07 -95.15 -117.03
C CYS F 452 79.42 -95.16 -117.74
N LEU F 453 80.49 -95.16 -116.94
CA LEU F 453 81.80 -95.51 -117.45
C LEU F 453 81.76 -96.95 -117.93
N LYS F 454 82.29 -97.20 -119.13
CA LYS F 454 82.22 -98.55 -119.69
C LYS F 454 83.56 -99.17 -120.01
N ALA F 455 84.64 -98.39 -120.05
CA ALA F 455 85.96 -98.96 -120.28
C ALA F 455 86.98 -97.94 -119.83
N VAL F 456 88.22 -98.40 -119.67
CA VAL F 456 89.36 -97.54 -119.43
C VAL F 456 90.49 -98.08 -120.28
N THR F 457 90.88 -97.34 -121.29
CA THR F 457 91.83 -97.82 -122.30
C THR F 457 93.12 -97.04 -122.16
N LEU F 458 94.05 -97.56 -121.38
CA LEU F 458 95.39 -96.98 -121.31
C LEU F 458 96.10 -97.26 -122.62
N SER F 459 96.20 -96.24 -123.47
CA SER F 459 96.99 -96.32 -124.68
C SER F 459 98.40 -95.84 -124.39
N LEU F 460 99.40 -96.51 -124.94
CA LEU F 460 100.76 -96.38 -124.48
C LEU F 460 101.71 -96.39 -125.67
N ASP F 461 102.86 -95.75 -125.49
CA ASP F 461 103.92 -95.74 -126.49
C ASP F 461 103.43 -95.22 -127.83
N GLY F 462 102.62 -94.17 -127.79
CA GLY F 462 102.01 -93.68 -129.02
C GLY F 462 101.02 -94.64 -129.61
N GLY F 463 100.26 -95.33 -128.76
CA GLY F 463 99.29 -96.29 -129.21
C GLY F 463 99.84 -97.65 -129.51
N ASP F 464 101.16 -97.85 -129.39
CA ASP F 464 101.74 -99.14 -129.68
C ASP F 464 101.28 -100.21 -128.69
N THR F 465 100.96 -99.82 -127.46
CA THR F 465 100.49 -100.75 -126.45
C THR F 465 99.12 -100.29 -125.97
N ALA F 466 98.27 -101.24 -125.58
CA ALA F 466 96.92 -100.89 -125.15
C ALA F 466 96.51 -101.83 -124.03
N ILE F 467 96.08 -101.27 -122.91
CA ILE F 467 95.53 -102.05 -121.80
C ILE F 467 94.12 -101.56 -121.56
N ARG F 468 93.14 -102.40 -121.85
CA ARG F 468 91.74 -102.00 -121.85
C ARG F 468 91.04 -102.75 -120.72
N VAL F 469 90.69 -102.03 -119.67
CA VAL F 469 89.93 -102.61 -118.56
C VAL F 469 88.46 -102.36 -118.83
N GLN F 470 87.70 -103.42 -119.05
CA GLN F 470 86.28 -103.29 -119.30
C GLN F 470 85.52 -103.13 -118.00
N ALA F 471 84.19 -103.11 -118.08
CA ALA F 471 83.36 -102.88 -116.91
C ALA F 471 83.10 -104.14 -116.10
N ASP F 472 83.13 -105.32 -116.72
CA ASP F 472 82.90 -106.55 -115.98
C ASP F 472 84.17 -107.12 -115.37
N GLY F 473 85.30 -106.47 -115.56
CA GLY F 473 86.56 -106.93 -115.02
C GLY F 473 87.53 -107.49 -116.04
N GLY F 474 87.06 -107.81 -117.24
CA GLY F 474 87.94 -108.33 -118.26
C GLY F 474 88.98 -107.32 -118.69
N VAL F 475 90.25 -107.71 -118.69
CA VAL F 475 91.35 -106.84 -119.05
C VAL F 475 91.98 -107.36 -120.33
N PHE F 476 92.15 -106.48 -121.30
CA PHE F 476 92.61 -106.84 -122.63
C PHE F 476 93.96 -106.18 -122.86
N LEU F 477 94.98 -106.97 -123.15
CA LEU F 477 96.29 -106.44 -123.53
C LEU F 477 96.40 -106.56 -125.06
N ASN F 478 96.38 -105.41 -125.74
CA ASN F 478 96.32 -105.36 -127.19
C ASN F 478 95.15 -106.18 -127.72
N SER F 479 93.97 -105.92 -127.15
CA SER F 479 92.72 -106.52 -127.58
C SER F 479 92.72 -108.04 -127.44
N ILE F 480 93.62 -108.56 -126.62
CA ILE F 480 93.67 -109.99 -126.32
C ILE F 480 93.35 -110.16 -124.85
N TYR F 481 92.41 -111.05 -124.54
CA TYR F 481 92.07 -111.30 -123.15
C TYR F 481 93.31 -111.72 -122.37
N THR F 482 93.50 -111.10 -121.21
CA THR F 482 94.64 -111.36 -120.36
C THR F 482 94.14 -111.52 -118.94
N GLN F 483 94.41 -112.67 -118.33
CA GLN F 483 94.00 -112.83 -116.94
C GLN F 483 94.98 -112.07 -116.04
N LEU F 484 94.59 -111.90 -114.78
CA LEU F 484 95.41 -111.11 -113.89
C LEU F 484 95.97 -111.97 -112.77
N PRO F 485 97.18 -111.68 -112.29
CA PRO F 485 98.07 -110.58 -112.64
C PRO F 485 98.90 -110.80 -113.89
N LEU F 486 99.40 -109.72 -114.49
CA LEU F 486 100.37 -109.80 -115.57
C LEU F 486 101.48 -108.81 -115.26
N SER F 487 102.68 -109.09 -115.76
CA SER F 487 103.84 -108.25 -115.48
C SER F 487 104.79 -108.25 -116.66
N ALA F 488 104.71 -107.22 -117.49
CA ALA F 488 105.58 -107.14 -118.67
C ALA F 488 105.69 -105.70 -119.13
N ALA F 489 106.86 -105.36 -119.71
CA ALA F 489 107.14 -104.01 -120.19
C ALA F 489 106.99 -102.98 -119.06
N ASN F 490 107.40 -103.37 -117.86
CA ASN F 490 107.29 -102.60 -116.62
C ASN F 490 105.84 -102.38 -116.20
N ILE F 491 104.88 -102.88 -116.95
CA ILE F 491 103.47 -102.74 -116.62
C ILE F 491 103.04 -103.92 -115.76
N THR F 492 102.39 -103.62 -114.64
CA THR F 492 101.91 -104.64 -113.71
C THR F 492 100.41 -104.49 -113.55
N LEU F 493 99.67 -105.55 -113.84
CA LEU F 493 98.22 -105.56 -113.72
C LEU F 493 97.85 -106.56 -112.64
N PHE F 494 97.09 -106.13 -111.63
CA PHE F 494 96.70 -107.08 -110.61
C PHE F 494 95.47 -106.57 -109.88
N THR F 495 94.78 -107.49 -109.23
CA THR F 495 93.59 -107.13 -108.48
C THR F 495 93.92 -107.12 -107.00
N PRO F 496 94.01 -105.96 -106.35
CA PRO F 496 94.21 -105.96 -104.90
C PRO F 496 93.08 -106.62 -104.15
N SER F 497 91.86 -106.51 -104.67
CA SER F 497 90.72 -107.23 -104.14
C SER F 497 89.75 -107.50 -105.28
N SER F 498 88.59 -108.06 -104.95
CA SER F 498 87.63 -108.34 -106.01
C SER F 498 86.93 -107.09 -106.50
N PHE F 499 87.13 -105.95 -105.85
CA PHE F 499 86.44 -104.74 -106.25
C PHE F 499 87.27 -103.83 -107.15
N PHE F 500 88.59 -103.99 -107.17
CA PHE F 500 89.47 -103.03 -107.82
C PHE F 500 90.51 -103.75 -108.68
N ILE F 501 90.93 -103.06 -109.74
CA ILE F 501 92.00 -103.52 -110.62
C ILE F 501 93.04 -102.41 -110.69
N VAL F 502 94.30 -102.76 -110.42
CA VAL F 502 95.39 -101.80 -110.42
C VAL F 502 96.25 -102.06 -111.66
N VAL F 503 96.48 -101.01 -112.42
CA VAL F 503 97.36 -101.02 -113.58
C VAL F 503 98.50 -100.06 -113.28
N GLN F 504 99.59 -100.60 -112.75
CA GLN F 504 100.76 -99.82 -112.37
C GLN F 504 101.75 -99.80 -113.52
N THR F 505 101.97 -98.64 -114.10
CA THR F 505 102.93 -98.51 -115.20
C THR F 505 104.20 -97.85 -114.68
N GLY F 506 105.28 -98.10 -115.39
CA GLY F 506 106.53 -97.46 -115.03
C GLY F 506 106.68 -96.05 -115.53
N LEU F 507 105.78 -95.62 -116.42
CA LEU F 507 105.87 -94.28 -117.00
C LEU F 507 105.60 -93.19 -115.98
N GLY F 508 105.11 -93.53 -114.80
CA GLY F 508 104.89 -92.57 -113.75
C GLY F 508 103.51 -92.65 -113.14
N LEU F 509 102.49 -92.93 -113.96
CA LEU F 509 101.13 -92.95 -113.49
C LEU F 509 100.73 -94.33 -113.00
N GLN F 510 99.53 -94.41 -112.44
CA GLN F 510 98.96 -95.65 -111.94
C GLN F 510 97.45 -95.55 -112.00
N LEU F 511 96.80 -96.54 -112.62
CA LEU F 511 95.35 -96.56 -112.70
C LEU F 511 94.79 -97.50 -111.64
N LEU F 512 93.71 -97.10 -111.02
CA LEU F 512 93.00 -97.92 -110.04
C LEU F 512 91.53 -97.86 -110.41
N VAL F 513 90.99 -98.97 -110.88
CA VAL F 513 89.65 -98.99 -111.46
C VAL F 513 88.74 -99.81 -110.57
N GLN F 514 87.60 -99.24 -110.21
CA GLN F 514 86.62 -99.90 -109.37
C GLN F 514 85.53 -100.50 -110.25
N LEU F 515 85.23 -101.77 -110.00
CA LEU F 515 84.19 -102.51 -110.71
C LEU F 515 82.92 -102.69 -109.91
N VAL F 516 83.06 -103.04 -108.63
CA VAL F 516 81.93 -103.28 -107.74
C VAL F 516 81.75 -102.05 -106.86
N PRO F 517 80.55 -101.46 -106.79
CA PRO F 517 79.31 -101.86 -107.44
C PRO F 517 79.24 -101.45 -108.90
N LEU F 518 79.84 -100.34 -109.31
CA LEU F 518 79.85 -99.96 -110.71
C LEU F 518 81.26 -99.53 -111.08
N MET F 519 81.40 -98.95 -112.26
CA MET F 519 82.71 -98.69 -112.85
C MET F 519 83.12 -97.24 -112.57
N GLN F 520 84.24 -97.08 -111.86
CA GLN F 520 84.83 -95.78 -111.57
C GLN F 520 86.32 -95.87 -111.80
N VAL F 521 86.97 -94.74 -112.05
CA VAL F 521 88.41 -94.77 -112.34
C VAL F 521 89.12 -93.74 -111.49
N PHE F 522 90.33 -94.08 -111.07
CA PHE F 522 91.20 -93.17 -110.32
C PHE F 522 92.59 -93.22 -110.93
N VAL F 523 93.15 -92.06 -111.22
CA VAL F 523 94.43 -91.95 -111.90
C VAL F 523 95.38 -91.21 -110.98
N ARG F 524 96.55 -91.80 -110.72
CA ARG F 524 97.54 -91.24 -109.82
C ARG F 524 98.78 -90.88 -110.61
N LEU F 525 99.27 -89.67 -110.40
CA LEU F 525 100.45 -89.18 -111.12
C LEU F 525 101.60 -88.89 -110.16
N ASP F 526 102.77 -89.42 -110.47
CA ASP F 526 104.00 -88.97 -109.87
C ASP F 526 104.13 -87.47 -110.10
N PRO F 527 104.39 -86.68 -109.05
CA PRO F 527 104.32 -85.22 -109.20
C PRO F 527 105.23 -84.61 -110.25
N ALA F 528 106.16 -85.41 -110.81
CA ALA F 528 107.08 -84.86 -111.80
C ALA F 528 106.33 -84.34 -113.02
N HIS F 529 105.20 -84.96 -113.36
CA HIS F 529 104.42 -84.54 -114.52
C HIS F 529 103.65 -83.27 -114.28
N GLN F 530 103.75 -82.70 -113.09
CA GLN F 530 102.97 -81.51 -112.75
C GLN F 530 103.21 -80.39 -113.75
N GLY F 531 102.13 -79.75 -114.17
CA GLY F 531 102.24 -78.68 -115.15
C GLY F 531 102.58 -79.15 -116.54
N GLN F 532 102.31 -80.42 -116.86
CA GLN F 532 102.60 -80.95 -118.18
C GLN F 532 101.44 -81.64 -118.86
N MET F 533 100.49 -82.20 -118.12
CA MET F 533 99.47 -83.03 -118.72
C MET F 533 98.46 -82.18 -119.48
N CYS F 534 97.55 -82.88 -120.15
CA CYS F 534 96.39 -82.29 -120.81
C CYS F 534 95.22 -83.23 -120.61
N GLY F 535 94.15 -83.01 -121.36
CA GLY F 535 93.01 -83.90 -121.32
C GLY F 535 91.93 -83.45 -120.38
N LEU F 536 91.01 -84.37 -120.11
CA LEU F 536 89.88 -84.06 -119.23
C LEU F 536 90.36 -83.73 -117.83
N CYS F 537 91.33 -84.46 -117.32
CA CYS F 537 91.72 -84.23 -115.95
C CYS F 537 92.55 -82.99 -115.77
N GLY F 538 92.82 -82.16 -116.76
CA GLY F 538 93.51 -80.91 -116.52
C GLY F 538 95.01 -81.08 -116.41
N ASN F 539 95.71 -79.95 -116.43
CA ASN F 539 97.14 -79.92 -116.63
C ASN F 539 97.95 -80.10 -115.36
N PHE F 540 97.31 -80.29 -114.21
CA PHE F 540 98.01 -80.62 -112.99
C PHE F 540 99.08 -79.57 -112.67
N ASN F 541 98.63 -78.34 -112.42
CA ASN F 541 99.54 -77.24 -112.13
C ASN F 541 99.09 -76.43 -110.92
N GLN F 542 98.25 -77.00 -110.07
CA GLN F 542 97.76 -76.35 -108.85
C GLN F 542 97.14 -75.00 -109.17
N ASN F 543 96.11 -75.06 -110.02
CA ASN F 543 95.36 -73.87 -110.46
C ASN F 543 94.05 -74.39 -111.01
N GLN F 544 92.95 -74.03 -110.37
CA GLN F 544 91.64 -74.52 -110.78
C GLN F 544 91.04 -73.72 -111.92
N ALA F 545 91.56 -72.54 -112.21
CA ALA F 545 91.00 -71.70 -113.25
C ALA F 545 91.55 -72.03 -114.63
N ASP F 546 92.68 -72.73 -114.70
CA ASP F 546 93.31 -73.03 -115.98
C ASP F 546 92.89 -74.38 -116.53
N ASP F 547 92.08 -75.14 -115.80
CA ASP F 547 91.81 -76.51 -116.20
C ASP F 547 91.10 -76.58 -117.53
N PHE F 548 90.22 -75.63 -117.81
CA PHE F 548 89.45 -75.64 -119.05
C PHE F 548 90.23 -75.01 -120.20
N THR F 549 91.54 -74.92 -120.08
CA THR F 549 92.35 -74.44 -121.19
C THR F 549 92.37 -75.50 -122.27
N ALA F 550 91.60 -75.29 -123.32
CA ALA F 550 91.57 -76.23 -124.43
C ALA F 550 92.83 -76.04 -125.26
N LEU F 551 92.95 -76.81 -126.35
CA LEU F 551 94.11 -76.67 -127.22
C LEU F 551 94.15 -75.34 -127.95
N SER F 552 93.04 -74.60 -127.98
CA SER F 552 92.99 -73.31 -128.63
C SER F 552 93.51 -72.20 -127.74
N GLY F 553 93.92 -72.50 -126.52
CA GLY F 553 94.55 -71.53 -125.66
C GLY F 553 93.62 -70.69 -124.81
N VAL F 554 92.32 -70.95 -124.85
CA VAL F 554 91.36 -70.19 -124.06
C VAL F 554 90.64 -71.13 -123.12
N VAL F 555 90.39 -70.66 -121.89
CA VAL F 555 89.62 -71.42 -120.92
C VAL F 555 88.18 -71.53 -121.40
N GLU F 556 87.67 -72.76 -121.47
CA GLU F 556 86.28 -72.96 -121.83
C GLU F 556 85.38 -72.57 -120.67
N ALA F 557 84.10 -72.38 -120.95
CA ALA F 557 83.20 -71.84 -119.93
C ALA F 557 82.74 -72.90 -118.95
N THR F 558 82.02 -73.90 -119.44
CA THR F 558 81.42 -74.91 -118.60
C THR F 558 82.16 -76.23 -118.79
N GLY F 559 81.75 -77.23 -118.01
CA GLY F 559 82.41 -78.52 -118.11
C GLY F 559 82.25 -79.14 -119.49
N ALA F 560 81.02 -79.18 -119.99
CA ALA F 560 80.76 -79.90 -121.23
C ALA F 560 81.38 -79.19 -122.42
N ALA F 561 81.41 -77.86 -122.41
CA ALA F 561 82.07 -77.14 -123.48
C ALA F 561 83.54 -77.50 -123.55
N PHE F 562 84.16 -77.76 -122.40
CA PHE F 562 85.55 -78.21 -122.40
C PHE F 562 85.67 -79.66 -122.85
N ALA F 563 84.75 -80.51 -122.37
CA ALA F 563 84.85 -81.93 -122.69
C ALA F 563 84.64 -82.21 -124.16
N ASN F 564 83.71 -81.50 -124.81
CA ASN F 564 83.46 -81.75 -126.22
C ASN F 564 84.62 -81.33 -127.11
N THR F 565 85.74 -80.91 -126.54
CA THR F 565 86.97 -80.73 -127.30
C THR F 565 87.90 -81.92 -127.20
N TRP F 566 87.62 -82.87 -126.31
CA TRP F 566 88.50 -84.00 -126.07
C TRP F 566 87.88 -85.32 -126.47
N LYS F 567 86.81 -85.30 -127.26
CA LYS F 567 86.23 -86.55 -127.75
C LYS F 567 87.22 -87.29 -128.63
N ALA F 568 87.19 -88.61 -128.56
CA ALA F 568 88.07 -89.39 -129.43
C ALA F 568 87.61 -89.31 -130.89
N GLN F 569 86.32 -89.55 -131.14
CA GLN F 569 85.79 -89.67 -132.49
C GLN F 569 84.98 -88.44 -132.85
N ALA F 570 85.26 -87.87 -134.02
CA ALA F 570 84.48 -86.73 -134.49
C ALA F 570 83.00 -87.04 -134.65
N ALA F 571 82.65 -88.31 -134.82
CA ALA F 571 81.26 -88.68 -135.02
C ALA F 571 80.46 -88.77 -133.74
N CYS F 572 81.10 -88.55 -132.59
CA CYS F 572 80.37 -88.63 -131.33
C CYS F 572 79.41 -87.45 -131.20
N ALA F 573 78.49 -87.58 -130.26
CA ALA F 573 77.53 -86.52 -129.98
C ALA F 573 78.06 -85.64 -128.85
N ASN F 574 78.03 -84.33 -129.07
CA ASN F 574 78.52 -83.39 -128.08
C ASN F 574 77.76 -83.52 -126.77
N ALA F 575 78.47 -83.41 -125.67
CA ALA F 575 77.81 -83.39 -124.37
C ALA F 575 77.03 -82.10 -124.20
N ARG F 576 76.02 -82.15 -123.34
CA ARG F 576 75.16 -81.01 -123.10
C ARG F 576 75.11 -80.73 -121.61
N ASN F 577 74.74 -79.50 -121.27
CA ASN F 577 74.67 -79.09 -119.88
C ASN F 577 73.31 -79.46 -119.28
N SER F 578 73.33 -80.03 -118.08
CA SER F 578 72.15 -80.58 -117.45
C SER F 578 71.80 -79.78 -116.20
N PHE F 579 70.57 -79.26 -116.15
CA PHE F 579 70.06 -78.59 -114.96
C PHE F 579 68.96 -79.41 -114.28
N GLU F 580 68.36 -80.33 -115.02
CA GLU F 580 67.25 -81.12 -114.51
C GLU F 580 67.74 -82.03 -113.41
N ASP F 581 67.37 -81.72 -112.18
CA ASP F 581 67.68 -82.58 -111.06
C ASP F 581 66.85 -83.85 -111.16
N PRO F 582 67.46 -85.03 -111.23
CA PRO F 582 66.68 -86.27 -111.22
C PRO F 582 65.90 -86.45 -109.95
N CYS F 583 66.26 -85.72 -108.90
CA CYS F 583 65.60 -85.86 -107.62
C CYS F 583 64.16 -85.37 -107.66
N SER F 584 63.88 -84.35 -108.47
CA SER F 584 62.55 -83.75 -108.51
C SER F 584 61.48 -84.64 -109.13
N LEU F 585 61.87 -85.76 -109.74
CA LEU F 585 60.90 -86.53 -110.52
C LEU F 585 60.03 -87.41 -109.64
N SER F 586 60.64 -88.36 -108.93
CA SER F 586 59.89 -89.35 -108.16
C SER F 586 60.04 -89.06 -106.67
N VAL F 587 58.91 -89.03 -105.96
CA VAL F 587 58.94 -88.70 -104.55
C VAL F 587 59.57 -89.82 -103.73
N GLU F 588 59.28 -91.09 -104.07
CA GLU F 588 59.88 -92.18 -103.32
C GLU F 588 61.39 -92.25 -103.57
N ASN F 589 61.81 -91.97 -104.81
CA ASN F 589 63.23 -91.80 -105.07
C ASN F 589 63.82 -90.72 -104.18
N GLU F 590 63.11 -89.61 -104.03
CA GLU F 590 63.57 -88.53 -103.17
C GLU F 590 63.77 -89.00 -101.75
N ASN F 591 62.75 -89.62 -101.16
CA ASN F 591 62.85 -90.02 -99.77
C ASN F 591 63.96 -91.04 -99.58
N TYR F 592 64.06 -92.01 -100.50
CA TYR F 592 65.08 -93.04 -100.38
C TYR F 592 66.48 -92.42 -100.44
N ALA F 593 66.72 -91.62 -101.49
CA ALA F 593 68.03 -91.03 -101.70
C ALA F 593 68.41 -90.10 -100.56
N ARG F 594 67.49 -89.27 -100.10
CA ARG F 594 67.79 -88.38 -99.00
C ARG F 594 68.12 -89.18 -97.74
N HIS F 595 67.23 -90.11 -97.37
CA HIS F 595 67.41 -90.85 -96.14
C HIS F 595 68.73 -91.61 -96.12
N TRP F 596 69.24 -92.00 -97.28
CA TRP F 596 70.51 -92.73 -97.23
C TRP F 596 71.73 -91.84 -97.47
N CYS F 597 71.72 -91.02 -98.52
CA CYS F 597 72.84 -90.13 -98.80
C CYS F 597 73.07 -89.11 -97.69
N SER F 598 72.09 -88.88 -96.83
CA SER F 598 72.34 -87.99 -95.70
C SER F 598 73.39 -88.53 -94.76
N ARG F 599 73.71 -89.82 -94.84
CA ARG F 599 74.75 -90.39 -93.98
C ARG F 599 76.11 -89.75 -94.21
N LEU F 600 76.29 -89.09 -95.36
CA LEU F 600 77.56 -88.42 -95.61
C LEU F 600 77.77 -87.27 -94.65
N THR F 601 76.78 -86.38 -94.54
CA THR F 601 76.92 -85.13 -93.79
C THR F 601 76.58 -85.27 -92.32
N ASP F 602 76.20 -86.44 -91.87
CA ASP F 602 75.86 -86.63 -90.47
C ASP F 602 77.11 -86.52 -89.61
N PRO F 603 77.16 -85.58 -88.66
CA PRO F 603 78.36 -85.48 -87.80
C PRO F 603 78.50 -86.65 -86.84
N ASN F 604 77.46 -87.44 -86.63
CA ASN F 604 77.58 -88.64 -85.81
C ASN F 604 77.91 -89.88 -86.62
N SER F 605 77.93 -89.77 -87.95
CA SER F 605 78.09 -90.93 -88.83
C SER F 605 79.54 -91.41 -88.83
N ALA F 606 79.74 -92.60 -89.38
CA ALA F 606 81.08 -93.15 -89.52
C ALA F 606 81.97 -92.27 -90.38
N PHE F 607 81.41 -91.67 -91.43
CA PHE F 607 82.16 -90.79 -92.31
C PHE F 607 82.64 -89.51 -91.63
N SER F 608 82.07 -89.17 -90.47
CA SER F 608 82.31 -87.88 -89.87
C SER F 608 83.79 -87.60 -89.66
N ARG F 609 84.58 -88.63 -89.39
CA ARG F 609 86.00 -88.44 -89.12
C ARG F 609 86.70 -87.70 -90.24
N CYS F 610 86.24 -87.86 -91.48
CA CYS F 610 86.88 -87.24 -92.63
C CYS F 610 86.36 -85.83 -92.90
N HIS F 611 85.28 -85.41 -92.23
CA HIS F 611 84.67 -84.13 -92.54
C HIS F 611 85.65 -82.99 -92.31
N SER F 612 86.48 -83.08 -91.28
CA SER F 612 87.44 -82.05 -90.97
C SER F 612 88.61 -82.00 -91.94
N ILE F 613 88.61 -82.82 -92.99
CA ILE F 613 89.67 -82.86 -93.99
C ILE F 613 89.12 -82.65 -95.39
N ILE F 614 88.12 -83.44 -95.77
CA ILE F 614 87.48 -83.34 -97.08
C ILE F 614 86.07 -82.82 -96.89
N ASN F 615 85.73 -81.75 -97.58
CA ASN F 615 84.39 -81.20 -97.50
C ASN F 615 83.43 -82.15 -98.21
N PRO F 616 82.44 -82.72 -97.52
CA PRO F 616 81.59 -83.75 -98.13
C PRO F 616 80.43 -83.22 -98.96
N LYS F 617 80.31 -81.91 -99.17
CA LYS F 617 79.19 -81.39 -99.93
C LYS F 617 79.19 -81.84 -101.39
N PRO F 618 80.29 -81.78 -102.14
CA PRO F 618 80.25 -82.33 -103.50
C PRO F 618 79.93 -83.81 -103.52
N PHE F 619 80.42 -84.56 -102.54
CA PHE F 619 80.09 -85.98 -102.47
C PHE F 619 78.60 -86.19 -102.21
N HIS F 620 78.00 -85.36 -101.35
CA HIS F 620 76.57 -85.47 -101.14
C HIS F 620 75.80 -85.12 -102.40
N SER F 621 76.23 -84.09 -103.13
CA SER F 621 75.55 -83.76 -104.38
C SER F 621 75.67 -84.90 -105.38
N ASN F 622 76.85 -85.53 -105.45
CA ASN F 622 77.02 -86.69 -106.30
C ASN F 622 76.08 -87.81 -105.89
N CYS F 623 76.00 -88.11 -104.60
CA CYS F 623 75.14 -89.19 -104.13
C CYS F 623 73.69 -88.91 -104.47
N MET F 624 73.25 -87.68 -104.23
CA MET F 624 71.88 -87.29 -104.58
C MET F 624 71.61 -87.50 -106.06
N PHE F 625 72.46 -86.92 -106.91
CA PHE F 625 72.23 -87.00 -108.34
C PHE F 625 72.23 -88.44 -108.81
N ASP F 626 73.24 -89.21 -108.41
CA ASP F 626 73.32 -90.61 -108.80
C ASP F 626 72.06 -91.36 -108.40
N THR F 627 71.77 -91.39 -107.10
CA THR F 627 70.68 -92.22 -106.63
C THR F 627 69.35 -91.80 -107.23
N CYS F 628 69.10 -90.49 -107.32
CA CYS F 628 67.85 -90.03 -107.94
C CYS F 628 67.80 -90.38 -109.41
N ASN F 629 68.96 -90.57 -110.05
CA ASN F 629 68.96 -90.87 -111.48
C ASN F 629 69.25 -92.33 -111.79
N CYS F 630 69.90 -93.05 -110.89
CA CYS F 630 70.36 -94.40 -111.17
C CYS F 630 69.18 -95.36 -111.27
N GLU F 631 69.25 -96.27 -112.23
CA GLU F 631 68.20 -97.28 -112.35
C GLU F 631 68.26 -98.26 -111.19
N ARG F 632 69.44 -98.79 -110.87
CA ARG F 632 69.65 -99.58 -109.67
C ARG F 632 70.23 -98.62 -108.64
N SER F 633 69.36 -97.75 -108.12
CA SER F 633 69.82 -96.61 -107.33
C SER F 633 70.62 -97.06 -106.11
N GLU F 634 70.42 -98.30 -105.67
CA GLU F 634 71.30 -98.85 -104.65
C GLU F 634 72.74 -98.91 -105.15
N ASP F 635 72.93 -99.33 -106.39
CA ASP F 635 74.28 -99.44 -106.94
C ASP F 635 74.98 -98.09 -106.93
N CYS F 636 74.31 -97.05 -107.43
CA CYS F 636 74.93 -95.74 -107.50
C CYS F 636 75.09 -95.12 -106.11
N LEU F 637 74.15 -95.38 -105.20
CA LEU F 637 74.29 -94.92 -103.83
C LEU F 637 75.55 -95.50 -103.19
N CYS F 638 75.69 -96.82 -103.25
CA CYS F 638 76.86 -97.46 -102.67
C CYS F 638 78.12 -97.04 -103.40
N ALA F 639 78.03 -96.77 -104.71
CA ALA F 639 79.21 -96.29 -105.43
C ALA F 639 79.64 -94.92 -104.93
N ALA F 640 78.68 -94.04 -104.67
CA ALA F 640 79.04 -92.71 -104.18
C ALA F 640 79.62 -92.77 -102.78
N LEU F 641 79.04 -93.60 -101.91
CA LEU F 641 79.60 -93.74 -100.57
C LEU F 641 81.00 -94.34 -100.63
N SER F 642 81.19 -95.34 -101.49
CA SER F 642 82.51 -95.91 -101.67
C SER F 642 83.49 -94.88 -102.20
N SER F 643 83.03 -94.01 -103.10
CA SER F 643 83.90 -92.98 -103.65
C SER F 643 84.35 -92.02 -102.56
N TYR F 644 83.43 -91.60 -101.69
CA TYR F 644 83.82 -90.72 -100.59
C TYR F 644 84.80 -91.42 -99.66
N VAL F 645 84.53 -92.69 -99.35
CA VAL F 645 85.41 -93.43 -98.47
C VAL F 645 86.81 -93.52 -99.08
N HIS F 646 86.88 -93.81 -100.37
CA HIS F 646 88.17 -93.97 -101.01
C HIS F 646 88.92 -92.64 -101.10
N ALA F 647 88.22 -91.55 -101.38
CA ALA F 647 88.90 -90.26 -101.40
C ALA F 647 89.45 -89.92 -100.02
N CYS F 648 88.68 -90.22 -98.97
CA CYS F 648 89.16 -89.97 -97.62
C CYS F 648 90.36 -90.83 -97.28
N ALA F 649 90.35 -92.09 -97.71
CA ALA F 649 91.52 -92.94 -97.50
C ALA F 649 92.71 -92.44 -98.29
N ALA F 650 92.46 -91.82 -99.45
CA ALA F 650 93.54 -91.18 -100.19
C ALA F 650 94.15 -90.03 -99.40
N LYS F 651 93.30 -89.24 -98.74
CA LYS F 651 93.85 -88.18 -97.91
C LYS F 651 94.55 -88.70 -96.65
N GLY F 652 94.26 -89.93 -96.24
CA GLY F 652 94.95 -90.50 -95.10
C GLY F 652 94.06 -90.75 -93.90
N VAL F 653 92.79 -91.08 -94.14
CA VAL F 653 91.83 -91.40 -93.09
C VAL F 653 91.30 -92.80 -93.32
N GLN F 654 91.22 -93.59 -92.25
CA GLN F 654 90.82 -94.99 -92.35
C GLN F 654 89.39 -95.15 -91.84
N LEU F 655 88.43 -94.96 -92.75
CA LEU F 655 87.03 -95.19 -92.43
C LEU F 655 86.74 -96.68 -92.43
N SER F 656 86.14 -97.18 -91.35
CA SER F 656 85.85 -98.59 -91.21
C SER F 656 84.43 -98.78 -90.68
N ASP F 657 83.86 -99.94 -90.99
CA ASP F 657 82.53 -100.32 -90.51
C ASP F 657 81.48 -99.28 -90.86
N TRP F 658 81.51 -98.81 -92.10
CA TRP F 658 80.58 -97.76 -92.50
C TRP F 658 79.34 -98.29 -93.21
N ARG F 659 79.21 -99.61 -93.36
CA ARG F 659 78.09 -100.17 -94.11
C ARG F 659 77.01 -100.75 -93.20
N ASP F 660 76.74 -100.08 -92.07
CA ASP F 660 75.71 -100.50 -91.15
C ASP F 660 74.34 -100.51 -91.81
N GLY F 661 73.77 -101.70 -92.01
CA GLY F 661 72.45 -101.80 -92.59
C GLY F 661 72.33 -101.23 -93.98
N VAL F 662 73.45 -101.05 -94.68
CA VAL F 662 73.46 -100.43 -95.99
C VAL F 662 74.54 -101.12 -96.84
N CYS F 663 74.21 -101.40 -98.09
CA CYS F 663 75.15 -101.95 -99.07
C CYS F 663 75.72 -103.29 -98.62
N THR F 664 74.96 -104.07 -97.85
CA THR F 664 75.45 -105.35 -97.36
C THR F 664 75.40 -106.46 -98.41
N LYS F 665 74.63 -106.26 -99.48
CA LYS F 665 74.65 -107.23 -100.56
C LYS F 665 76.02 -107.33 -101.20
N TYR F 666 76.89 -106.35 -100.97
CA TYR F 666 78.28 -106.44 -101.39
C TYR F 666 79.16 -107.20 -100.41
N MET F 667 78.77 -107.31 -99.14
CA MET F 667 79.35 -108.35 -98.32
C MET F 667 78.96 -109.74 -98.83
N GLN F 668 77.66 -109.97 -99.02
CA GLN F 668 77.22 -111.35 -99.17
C GLN F 668 77.65 -111.99 -100.48
N ASN F 669 77.76 -111.21 -101.55
CA ASN F 669 78.01 -111.77 -102.88
C ASN F 669 79.45 -112.22 -103.09
N CYS F 670 80.26 -112.30 -102.03
CA CYS F 670 81.66 -112.62 -102.18
C CYS F 670 81.85 -114.02 -102.77
N PRO F 671 82.90 -114.21 -103.57
CA PRO F 671 83.23 -115.56 -104.05
C PRO F 671 83.55 -116.47 -102.88
N LYS F 672 83.28 -117.76 -103.06
CA LYS F 672 83.47 -118.72 -101.98
C LYS F 672 84.92 -118.75 -101.55
N SER F 673 85.12 -119.01 -100.26
CA SER F 673 86.41 -119.05 -99.58
C SER F 673 87.02 -117.67 -99.39
N GLN F 674 86.36 -116.61 -99.83
CA GLN F 674 86.82 -115.25 -99.63
C GLN F 674 85.87 -114.51 -98.69
N ARG F 675 86.37 -113.43 -98.10
CA ARG F 675 85.54 -112.62 -97.23
C ARG F 675 85.81 -111.15 -97.52
N TYR F 676 84.82 -110.31 -97.20
CA TYR F 676 85.00 -108.88 -97.34
C TYR F 676 86.10 -108.39 -96.41
N ALA F 677 86.68 -107.25 -96.77
CA ALA F 677 87.69 -106.60 -95.95
C ALA F 677 87.61 -105.10 -96.22
N TYR F 678 87.53 -104.35 -95.14
CA TYR F 678 87.37 -102.91 -95.21
C TYR F 678 88.67 -102.21 -95.56
N VAL F 679 89.79 -102.80 -95.18
CA VAL F 679 91.11 -102.23 -95.44
C VAL F 679 91.94 -103.31 -96.11
N VAL F 680 92.09 -103.21 -97.43
CA VAL F 680 93.09 -103.96 -98.18
C VAL F 680 94.18 -102.94 -98.50
N ASP F 681 95.25 -102.93 -97.71
CA ASP F 681 96.20 -101.83 -97.75
C ASP F 681 97.44 -102.18 -98.55
N ALA F 682 97.48 -103.37 -99.12
CA ALA F 682 98.68 -103.81 -99.81
C ALA F 682 98.35 -105.08 -100.59
N CYS F 683 99.38 -105.89 -100.75
CA CYS F 683 99.44 -107.11 -101.53
C CYS F 683 98.24 -108.02 -101.25
N GLN F 684 97.79 -108.74 -102.28
CA GLN F 684 96.96 -109.93 -102.07
C GLN F 684 97.88 -111.10 -101.75
N PRO F 685 97.74 -111.72 -100.58
CA PRO F 685 98.68 -112.80 -100.21
C PRO F 685 98.46 -114.05 -101.05
N THR F 686 99.43 -114.38 -101.89
CA THR F 686 99.37 -115.55 -102.75
C THR F 686 100.37 -116.60 -102.28
N CYS F 687 100.03 -117.85 -102.53
CA CYS F 687 100.92 -118.95 -102.19
C CYS F 687 102.15 -118.97 -103.08
N ARG F 688 101.96 -118.72 -104.38
CA ARG F 688 103.10 -118.61 -105.29
C ARG F 688 104.09 -117.58 -104.79
N GLY F 689 103.59 -116.44 -104.31
CA GLY F 689 104.48 -115.38 -103.85
C GLY F 689 105.30 -115.80 -102.64
N LEU F 690 104.66 -116.44 -101.66
CA LEU F 690 105.41 -116.91 -100.51
C LEU F 690 106.36 -118.03 -100.91
N SER F 691 106.12 -118.66 -102.05
CA SER F 691 107.10 -119.62 -102.56
C SER F 691 108.28 -118.90 -103.22
N GLU F 692 108.02 -118.01 -104.18
CA GLU F 692 109.09 -117.50 -105.03
C GLU F 692 109.00 -115.99 -105.27
N ALA F 693 108.51 -115.24 -104.29
CA ALA F 693 108.40 -113.78 -104.38
C ALA F 693 107.47 -113.34 -105.50
N ASP F 694 107.32 -112.03 -105.66
CA ASP F 694 106.27 -111.46 -106.51
C ASP F 694 106.59 -110.01 -106.85
N VAL F 695 106.81 -109.75 -108.15
CA VAL F 695 107.03 -108.37 -108.58
C VAL F 695 105.74 -107.57 -108.57
N THR F 696 104.60 -108.25 -108.63
CA THR F 696 103.31 -107.57 -108.57
C THR F 696 103.15 -106.81 -107.26
N CYS F 697 103.69 -107.37 -106.19
CA CYS F 697 103.27 -107.10 -104.83
C CYS F 697 104.14 -106.06 -104.10
N SER F 698 104.95 -105.30 -104.83
CA SER F 698 105.72 -104.20 -104.26
C SER F 698 105.23 -102.85 -104.75
N VAL F 699 103.92 -102.67 -104.86
CA VAL F 699 103.32 -101.46 -105.40
C VAL F 699 102.52 -100.78 -104.30
N SER F 700 102.74 -99.49 -104.12
CA SER F 700 102.04 -98.70 -103.13
C SER F 700 100.79 -98.09 -103.76
N PHE F 701 99.62 -98.53 -103.29
CA PHE F 701 98.36 -97.99 -103.75
C PHE F 701 97.54 -97.61 -102.53
N VAL F 702 96.70 -96.59 -102.69
CA VAL F 702 95.88 -96.15 -101.57
C VAL F 702 94.97 -97.29 -101.13
N PRO F 703 94.86 -97.58 -99.84
CA PRO F 703 94.18 -98.81 -99.41
C PRO F 703 92.72 -98.84 -99.81
N VAL F 704 92.36 -99.76 -100.68
CA VAL F 704 91.00 -99.91 -101.14
C VAL F 704 90.36 -101.07 -100.38
N ASP F 705 89.05 -101.16 -100.51
CA ASP F 705 88.26 -102.18 -99.86
C ASP F 705 87.89 -103.28 -100.86
N GLY F 706 87.43 -104.41 -100.35
CA GLY F 706 86.90 -105.42 -101.23
C GLY F 706 87.03 -106.81 -100.64
N CYS F 707 86.67 -107.79 -101.44
CA CYS F 707 86.73 -109.18 -101.02
C CYS F 707 88.14 -109.71 -101.22
N THR F 708 88.64 -110.41 -100.21
CA THR F 708 90.00 -110.93 -100.21
C THR F 708 90.01 -112.20 -99.37
N CYS F 709 91.04 -113.01 -99.58
CA CYS F 709 91.29 -114.12 -98.69
C CYS F 709 91.58 -113.58 -97.28
N PRO F 710 91.11 -114.27 -96.25
CA PRO F 710 91.40 -113.82 -94.88
C PRO F 710 92.87 -113.95 -94.56
N ALA F 711 93.32 -113.17 -93.58
CA ALA F 711 94.72 -113.09 -93.25
C ALA F 711 95.25 -114.45 -92.80
N GLY F 712 96.52 -114.71 -93.10
CA GLY F 712 97.13 -115.98 -92.80
C GLY F 712 96.78 -117.09 -93.76
N THR F 713 95.89 -116.85 -94.71
CA THR F 713 95.47 -117.84 -95.68
C THR F 713 95.88 -117.36 -97.07
N PHE F 714 96.04 -118.30 -97.99
CA PHE F 714 96.50 -117.97 -99.32
C PHE F 714 95.66 -118.72 -100.33
N LEU F 715 95.60 -118.18 -101.54
CA LEU F 715 94.86 -118.80 -102.63
C LEU F 715 95.82 -119.59 -103.50
N ASN F 716 95.47 -120.84 -103.77
CA ASN F 716 96.29 -121.68 -104.63
C ASN F 716 95.98 -121.37 -106.08
N ASP F 717 96.67 -122.05 -107.00
CA ASP F 717 96.46 -121.79 -108.42
C ASP F 717 95.03 -122.11 -108.85
N ALA F 718 94.33 -122.96 -108.09
CA ALA F 718 92.95 -123.25 -108.42
C ALA F 718 92.02 -122.08 -108.09
N GLY F 719 92.50 -121.09 -107.35
CA GLY F 719 91.70 -119.96 -106.95
C GLY F 719 91.04 -120.10 -105.60
N ALA F 720 90.94 -121.31 -105.06
CA ALA F 720 90.36 -121.50 -103.74
C ALA F 720 91.32 -121.01 -102.67
N CYS F 721 90.77 -120.74 -101.48
CA CYS F 721 91.56 -120.23 -100.37
C CYS F 721 91.80 -121.35 -99.36
N VAL F 722 93.08 -121.61 -99.07
CA VAL F 722 93.48 -122.61 -98.08
C VAL F 722 94.56 -121.99 -97.20
N PRO F 723 94.72 -122.50 -95.98
CA PRO F 723 95.82 -122.04 -95.13
C PRO F 723 97.17 -122.41 -95.74
N ALA F 724 98.23 -121.94 -95.09
CA ALA F 724 99.58 -122.15 -95.62
C ALA F 724 99.95 -123.62 -95.67
N GLN F 725 99.49 -124.42 -94.70
CA GLN F 725 99.87 -125.82 -94.63
C GLN F 725 99.34 -126.63 -95.81
N GLU F 726 98.24 -126.22 -96.42
CA GLU F 726 97.67 -126.97 -97.53
C GLU F 726 98.24 -126.58 -98.88
N CYS F 727 99.26 -125.74 -98.91
CA CYS F 727 99.63 -125.25 -100.22
C CYS F 727 101.05 -125.65 -100.59
N PRO F 728 101.26 -126.14 -101.80
CA PRO F 728 102.60 -126.61 -102.20
C PRO F 728 103.59 -125.49 -102.42
N CYS F 729 104.86 -125.83 -102.23
CA CYS F 729 105.94 -124.92 -102.59
C CYS F 729 106.36 -125.15 -104.03
N TYR F 730 106.57 -124.07 -104.76
CA TYR F 730 106.83 -124.13 -106.19
C TYR F 730 108.32 -123.94 -106.47
N ALA F 731 108.96 -125.00 -106.93
CA ALA F 731 110.37 -124.97 -107.33
C ALA F 731 110.43 -125.16 -108.83
N HIS F 732 111.09 -124.23 -109.52
CA HIS F 732 111.16 -124.18 -110.98
C HIS F 732 109.78 -124.19 -111.61
N GLY F 733 108.76 -123.74 -110.87
CA GLY F 733 107.40 -123.85 -111.33
C GLY F 733 106.81 -125.23 -111.20
N THR F 734 107.48 -126.15 -110.50
CA THR F 734 106.96 -127.50 -110.31
C THR F 734 106.26 -127.60 -108.96
N VAL F 735 105.06 -128.17 -108.99
CA VAL F 735 104.26 -128.33 -107.77
C VAL F 735 104.94 -129.37 -106.88
N LEU F 736 105.02 -129.08 -105.59
CA LEU F 736 105.67 -129.96 -104.61
C LEU F 736 104.83 -129.90 -103.34
N ALA F 737 104.15 -131.00 -103.03
CA ALA F 737 103.15 -131.00 -101.97
C ALA F 737 103.78 -130.67 -100.62
N PRO F 738 103.02 -130.06 -99.71
CA PRO F 738 103.59 -129.66 -98.42
C PRO F 738 104.01 -130.85 -97.58
N GLY F 739 105.02 -130.63 -96.74
CA GLY F 739 105.50 -131.69 -95.87
C GLY F 739 106.05 -132.88 -96.62
N GLU F 740 106.82 -132.63 -97.68
CA GLU F 740 107.46 -133.68 -98.45
C GLU F 740 108.92 -133.31 -98.67
N VAL F 741 109.81 -134.27 -98.49
CA VAL F 741 111.24 -134.08 -98.70
C VAL F 741 111.61 -134.75 -100.02
N VAL F 742 112.26 -134.01 -100.91
CA VAL F 742 112.60 -134.51 -102.22
C VAL F 742 114.08 -134.33 -102.48
N HIS F 743 114.59 -135.16 -103.37
CA HIS F 743 115.96 -135.13 -103.85
C HIS F 743 116.01 -134.28 -105.11
N ASP F 744 116.89 -133.29 -105.12
CA ASP F 744 117.03 -132.44 -106.30
C ASP F 744 118.44 -131.88 -106.33
N GLU F 745 119.17 -132.16 -107.41
CA GLU F 745 120.51 -131.60 -107.62
C GLU F 745 121.44 -131.94 -106.46
N GLY F 746 121.46 -133.21 -106.07
CA GLY F 746 122.31 -133.62 -104.96
C GLY F 746 121.94 -132.97 -103.66
N ALA F 747 120.75 -132.37 -103.57
CA ALA F 747 120.32 -131.63 -102.40
C ALA F 747 119.04 -132.24 -101.86
N VAL F 748 118.79 -132.02 -100.58
CA VAL F 748 117.61 -132.54 -99.91
C VAL F 748 116.74 -131.35 -99.50
N CYS F 749 115.53 -131.29 -100.04
CA CYS F 749 114.66 -130.15 -99.81
C CYS F 749 113.32 -130.61 -99.25
N SER F 750 112.56 -129.65 -98.73
CA SER F 750 111.27 -129.94 -98.12
C SER F 750 110.33 -128.78 -98.32
N CYS F 751 109.06 -129.11 -98.52
CA CYS F 751 107.97 -128.15 -98.65
C CYS F 751 107.28 -128.09 -97.30
N THR F 752 107.73 -127.17 -96.44
CA THR F 752 107.17 -127.02 -95.10
C THR F 752 106.18 -125.86 -95.13
N GLY F 753 104.90 -126.18 -94.97
CA GLY F 753 103.88 -125.16 -94.81
C GLY F 753 103.83 -124.12 -95.90
N GLY F 754 104.24 -124.47 -97.11
CA GLY F 754 104.25 -123.53 -98.21
C GLY F 754 105.60 -122.93 -98.54
N LYS F 755 106.54 -122.92 -97.61
CA LYS F 755 107.89 -122.43 -97.88
C LYS F 755 108.79 -123.61 -98.20
N LEU F 756 109.68 -123.43 -99.18
CA LEU F 756 110.61 -124.47 -99.58
C LEU F 756 111.95 -124.23 -98.89
N SER F 757 112.44 -125.25 -98.19
CA SER F 757 113.68 -125.16 -97.45
C SER F 757 114.55 -126.35 -97.82
N CYS F 758 115.78 -126.09 -98.24
CA CYS F 758 116.65 -127.14 -98.77
C CYS F 758 118.06 -127.02 -98.22
N LEU F 759 118.76 -128.15 -98.20
CA LEU F 759 120.13 -128.24 -97.74
C LEU F 759 120.93 -129.12 -98.70
N GLY F 760 122.25 -129.12 -98.51
CA GLY F 760 123.12 -129.96 -99.33
C GLY F 760 123.79 -129.22 -100.46
N GLY G 768 -71.72 96.06 156.40
CA GLY G 768 -72.50 95.45 155.35
C GLY G 768 -71.84 94.24 154.72
N CYS G 769 -71.01 93.56 155.51
CA CYS G 769 -70.30 92.37 155.04
C CYS G 769 -70.52 91.25 156.06
N ALA G 770 -69.93 90.09 155.81
CA ALA G 770 -70.12 88.92 156.67
C ALA G 770 -68.82 88.50 157.34
N ALA G 771 -67.76 88.33 156.56
CA ALA G 771 -66.47 87.95 157.11
C ALA G 771 -65.91 89.11 157.93
N PRO G 772 -64.89 88.83 158.79
CA PRO G 772 -64.30 89.90 159.62
C PRO G 772 -64.09 91.22 158.88
N MET G 773 -63.84 91.15 157.57
CA MET G 773 -63.75 92.34 156.76
C MET G 773 -65.07 93.12 156.81
N VAL G 774 -64.98 94.40 157.17
CA VAL G 774 -66.15 95.24 157.37
C VAL G 774 -66.21 96.28 156.25
N TYR G 775 -67.36 96.93 156.10
CA TYR G 775 -67.53 97.88 155.01
C TYR G 775 -66.76 99.17 155.29
N LEU G 776 -66.37 99.84 154.21
CA LEU G 776 -65.76 101.16 154.25
C LEU G 776 -66.40 102.02 153.17
N ASP G 777 -66.82 103.22 153.55
CA ASP G 777 -67.51 104.14 152.67
C ASP G 777 -66.78 105.47 152.68
N CYS G 778 -66.64 106.08 151.51
CA CYS G 778 -65.88 107.32 151.37
C CYS G 778 -66.71 108.56 151.69
N SER G 779 -68.02 108.42 151.94
CA SER G 779 -68.85 109.59 152.21
C SER G 779 -68.42 110.30 153.47
N ASN G 780 -68.07 109.55 154.51
CA ASN G 780 -67.62 110.16 155.77
C ASN G 780 -66.21 110.72 155.66
N SER G 781 -65.30 109.97 155.05
CA SER G 781 -63.91 110.40 154.95
C SER G 781 -63.76 111.51 153.93
N SER G 782 -62.74 112.35 154.13
CA SER G 782 -62.39 113.35 153.14
C SER G 782 -61.88 112.68 151.87
N ALA G 783 -62.06 113.35 150.74
CA ALA G 783 -61.65 112.78 149.47
C ALA G 783 -60.14 112.55 149.46
N GLY G 784 -59.72 111.46 148.83
CA GLY G 784 -58.32 111.11 148.71
C GLY G 784 -57.85 109.99 149.62
N THR G 785 -58.63 109.59 150.63
CA THR G 785 -58.21 108.49 151.48
C THR G 785 -58.17 107.18 150.69
N PRO G 786 -57.28 106.26 151.05
CA PRO G 786 -57.20 104.98 150.33
C PRO G 786 -58.44 104.14 150.55
N GLY G 787 -59.23 103.94 149.49
CA GLY G 787 -60.46 103.19 149.56
C GLY G 787 -60.22 101.70 149.49
N ALA G 788 -61.28 100.98 149.12
CA ALA G 788 -61.18 99.52 149.04
C ALA G 788 -60.24 99.10 147.92
N GLU G 789 -59.96 99.98 146.96
CA GLU G 789 -58.99 99.66 145.93
C GLU G 789 -57.59 99.55 146.54
N CYS G 790 -57.26 100.42 147.48
CA CYS G 790 -56.00 100.35 148.19
C CYS G 790 -56.14 99.50 149.45
N LEU G 791 -56.72 98.31 149.25
CA LEU G 791 -56.93 97.38 150.34
C LEU G 791 -55.63 96.64 150.62
N ARG G 792 -55.24 96.58 151.89
CA ARG G 792 -54.07 95.80 152.25
C ARG G 792 -54.29 94.34 151.83
N SER G 793 -53.42 93.85 150.95
CA SER G 793 -53.62 92.57 150.33
C SER G 793 -52.28 91.91 150.11
N CYS G 794 -52.31 90.60 149.89
CA CYS G 794 -51.08 89.81 149.79
C CYS G 794 -50.19 90.29 148.66
N HIS G 795 -50.74 91.00 147.67
CA HIS G 795 -49.95 91.65 146.65
C HIS G 795 -49.66 93.11 146.93
N THR G 796 -50.66 93.88 147.38
CA THR G 796 -50.50 95.32 147.53
C THR G 796 -50.03 95.70 148.94
N LEU G 797 -49.86 94.73 149.82
CA LEU G 797 -49.18 95.03 151.07
C LEU G 797 -47.72 95.41 150.81
N ASP G 798 -47.16 94.95 149.70
CA ASP G 798 -45.74 95.06 149.46
C ASP G 798 -45.37 96.21 148.53
N VAL G 799 -46.17 96.48 147.50
CA VAL G 799 -45.84 97.49 146.49
C VAL G 799 -46.19 98.88 146.97
N GLY G 800 -47.40 99.04 147.50
CA GLY G 800 -47.89 100.35 147.88
C GLY G 800 -48.89 100.85 146.85
N CYS G 801 -50.13 101.08 147.27
CA CYS G 801 -51.23 101.31 146.34
C CYS G 801 -51.26 102.77 145.90
N PHE G 802 -51.73 102.99 144.67
CA PHE G 802 -51.92 104.32 144.11
C PHE G 802 -53.34 104.45 143.56
N SER G 803 -54.02 105.53 143.93
CA SER G 803 -55.34 105.84 143.39
C SER G 803 -55.73 107.25 143.79
N THR G 804 -56.32 108.00 142.86
CA THR G 804 -56.81 109.34 143.14
C THR G 804 -58.24 109.35 143.65
N HIS G 805 -58.94 108.22 143.66
CA HIS G 805 -60.34 108.17 144.05
C HIS G 805 -60.54 107.07 145.08
N CYS G 806 -61.24 107.39 146.16
CA CYS G 806 -61.67 106.37 147.11
C CYS G 806 -62.82 105.56 146.54
N VAL G 807 -62.88 104.29 146.93
CA VAL G 807 -64.00 103.42 146.56
C VAL G 807 -64.54 102.78 147.82
N SER G 808 -65.86 102.62 147.87
CA SER G 808 -66.50 101.93 148.99
C SER G 808 -66.50 100.43 148.73
N GLY G 809 -66.28 99.66 149.79
CA GLY G 809 -66.24 98.22 149.67
C GLY G 809 -65.87 97.60 150.99
N CYS G 810 -65.85 96.27 151.00
CA CYS G 810 -65.53 95.51 152.21
C CYS G 810 -64.02 95.32 152.31
N VAL G 811 -63.46 95.67 153.46
CA VAL G 811 -62.03 95.70 153.69
C VAL G 811 -61.74 95.01 155.03
N CYS G 812 -60.68 94.19 155.06
CA CYS G 812 -60.34 93.45 156.26
C CYS G 812 -60.02 94.41 157.41
N PRO G 813 -60.29 94.00 158.65
CA PRO G 813 -60.01 94.87 159.79
C PRO G 813 -58.53 95.09 159.94
N PRO G 814 -58.12 96.18 160.59
CA PRO G 814 -56.69 96.48 160.71
C PRO G 814 -55.92 95.36 161.40
N GLY G 815 -54.69 95.15 160.94
CA GLY G 815 -53.85 94.08 161.41
C GLY G 815 -53.82 92.86 160.51
N LEU G 816 -54.81 92.70 159.63
CA LEU G 816 -54.90 91.58 158.71
C LEU G 816 -55.02 92.12 157.29
N VAL G 817 -54.83 91.23 156.32
CA VAL G 817 -54.96 91.55 154.91
C VAL G 817 -55.98 90.60 154.31
N SER G 818 -56.21 90.73 153.00
CA SER G 818 -57.16 89.88 152.31
C SER G 818 -56.46 88.96 151.32
N ASP G 819 -57.03 87.78 151.13
CA ASP G 819 -56.55 86.83 150.14
C ASP G 819 -57.04 87.16 148.74
N GLY G 820 -57.88 88.17 148.58
CA GLY G 820 -58.52 88.48 147.33
C GLY G 820 -59.81 87.76 147.08
N SER G 821 -60.23 86.86 147.99
CA SER G 821 -61.47 86.12 147.85
C SER G 821 -62.47 86.47 148.94
N GLY G 822 -62.34 87.64 149.54
CA GLY G 822 -63.22 88.06 150.61
C GLY G 822 -62.86 87.56 151.99
N GLY G 823 -61.82 86.73 152.11
CA GLY G 823 -61.34 86.26 153.38
C GLY G 823 -60.39 87.26 154.01
N CYS G 824 -59.91 86.90 155.21
CA CYS G 824 -58.93 87.71 155.92
C CYS G 824 -57.85 86.78 156.45
N ILE G 825 -56.60 87.23 156.35
CA ILE G 825 -55.43 86.42 156.68
C ILE G 825 -54.41 87.30 157.38
N ALA G 826 -53.73 86.73 158.37
CA ALA G 826 -52.62 87.44 158.99
C ALA G 826 -51.52 87.67 157.96
N GLU G 827 -50.85 88.83 158.07
CA GLU G 827 -49.86 89.22 157.08
C GLU G 827 -48.67 88.27 157.03
N GLU G 828 -48.48 87.43 158.03
CA GLU G 828 -47.38 86.47 158.03
C GLU G 828 -47.77 85.13 157.42
N ASP G 829 -48.88 85.08 156.67
CA ASP G 829 -49.33 83.85 156.03
C ASP G 829 -49.82 84.08 154.60
N CYS G 830 -49.39 85.16 153.97
CA CYS G 830 -49.88 85.49 152.65
C CYS G 830 -49.37 84.48 151.63
N PRO G 831 -50.23 83.96 150.75
CA PRO G 831 -49.77 82.99 149.75
C PRO G 831 -48.75 83.61 148.80
N CYS G 832 -47.78 82.81 148.41
CA CYS G 832 -46.77 83.23 147.45
C CYS G 832 -47.26 82.94 146.03
N VAL G 833 -47.09 83.93 145.15
CA VAL G 833 -47.51 83.84 143.76
C VAL G 833 -46.27 83.59 142.92
N HIS G 834 -46.33 82.61 142.02
CA HIS G 834 -45.21 82.31 141.15
C HIS G 834 -45.71 81.73 139.84
N ASN G 835 -45.41 82.42 138.73
CA ASN G 835 -45.66 81.92 137.38
C ASN G 835 -47.15 81.61 137.17
N GLU G 836 -47.97 82.65 137.26
CA GLU G 836 -49.41 82.56 137.05
C GLU G 836 -50.03 81.52 137.98
N ALA G 837 -49.37 81.24 139.10
CA ALA G 837 -49.90 80.31 140.08
C ALA G 837 -49.96 80.95 141.45
N THR G 838 -50.27 80.14 142.46
CA THR G 838 -50.34 80.58 143.84
C THR G 838 -50.05 79.40 144.74
N TYR G 839 -49.18 79.61 145.73
CA TYR G 839 -48.73 78.55 146.62
C TYR G 839 -48.99 78.95 148.06
N LYS G 840 -49.54 78.02 148.84
CA LYS G 840 -49.75 78.28 150.26
C LYS G 840 -48.42 78.35 150.98
N PRO G 841 -48.36 79.01 152.13
CA PRO G 841 -47.15 78.94 152.95
C PRO G 841 -46.85 77.51 153.33
N GLY G 842 -45.59 77.13 153.24
CA GLY G 842 -45.18 75.77 153.48
C GLY G 842 -45.15 74.88 152.26
N GLU G 843 -45.62 75.37 151.11
CA GLU G 843 -45.50 74.63 149.86
C GLU G 843 -44.17 74.95 149.20
N THR G 844 -43.63 73.95 148.51
CA THR G 844 -42.30 74.05 147.91
C THR G 844 -42.41 74.03 146.40
N ILE G 845 -41.43 74.66 145.74
CA ILE G 845 -41.32 74.62 144.29
C ILE G 845 -39.86 74.35 143.94
N ARG G 846 -39.63 73.99 142.68
CA ARG G 846 -38.30 73.76 142.16
C ARG G 846 -38.07 74.71 140.99
N VAL G 847 -37.00 75.50 141.07
CA VAL G 847 -36.60 76.38 139.98
C VAL G 847 -35.19 75.99 139.56
N ASP G 848 -35.04 75.66 138.28
CA ASP G 848 -33.77 75.20 137.70
C ASP G 848 -33.20 74.08 138.55
N CYS G 849 -32.03 74.30 139.14
CA CYS G 849 -31.33 73.27 139.89
C CYS G 849 -31.53 73.40 141.39
N ASN G 850 -32.29 74.39 141.85
CA ASN G 850 -32.48 74.65 143.27
C ASN G 850 -33.95 74.59 143.62
N THR G 851 -34.23 74.48 144.91
CA THR G 851 -35.58 74.36 145.40
C THR G 851 -35.86 75.51 146.36
N CYS G 852 -37.07 76.06 146.27
CA CYS G 852 -37.49 77.15 147.12
C CYS G 852 -38.74 76.76 147.91
N THR G 853 -38.93 77.44 149.02
CA THR G 853 -40.08 77.26 149.88
C THR G 853 -40.68 78.62 150.23
N CYS G 854 -42.00 78.67 150.34
CA CYS G 854 -42.73 79.92 150.51
C CYS G 854 -42.85 80.24 151.99
N ARG G 855 -42.32 81.40 152.38
CA ARG G 855 -42.40 81.88 153.76
C ARG G 855 -42.48 83.39 153.75
N ASN G 856 -43.49 83.92 154.45
CA ASN G 856 -43.66 85.36 154.61
C ASN G 856 -43.58 86.08 153.27
N ARG G 857 -44.40 85.62 152.33
CA ARG G 857 -44.52 86.22 151.00
C ARG G 857 -43.16 86.29 150.29
N ARG G 858 -42.27 85.36 150.63
CA ARG G 858 -40.97 85.30 150.01
C ARG G 858 -40.66 83.85 149.67
N TRP G 859 -39.66 83.66 148.82
CA TRP G 859 -39.13 82.35 148.52
C TRP G 859 -37.73 82.24 149.10
N GLU G 860 -37.52 81.24 149.95
CA GLU G 860 -36.19 80.90 150.42
C GLU G 860 -35.71 79.67 149.65
N CYS G 861 -34.58 79.80 148.97
CA CYS G 861 -34.06 78.78 148.09
C CYS G 861 -32.69 78.32 148.55
N SER G 862 -32.40 77.04 148.32
CA SER G 862 -31.05 76.54 148.51
C SER G 862 -30.10 77.26 147.58
N HIS G 863 -28.82 77.24 147.93
CA HIS G 863 -27.80 77.99 147.19
C HIS G 863 -26.89 77.10 146.37
N ARG G 864 -27.42 76.01 145.81
CA ARG G 864 -26.61 75.16 144.94
C ARG G 864 -26.39 75.85 143.60
N LEU G 865 -25.14 75.78 143.12
CA LEU G 865 -24.81 76.33 141.81
C LEU G 865 -25.53 75.56 140.72
N CYS G 866 -25.97 76.28 139.69
CA CYS G 866 -26.74 75.70 138.60
C CYS G 866 -25.92 75.70 137.32
N LEU G 867 -25.96 74.57 136.62
CA LEU G 867 -25.14 74.37 135.43
C LEU G 867 -25.61 75.25 134.30
N GLY G 868 -24.77 76.18 133.86
CA GLY G 868 -25.14 77.06 132.76
C GLY G 868 -25.35 76.28 131.48
N THR G 869 -26.16 76.83 130.57
CA THR G 869 -26.60 76.07 129.41
C THR G 869 -26.52 76.89 128.14
N CYS G 870 -25.81 76.35 127.14
CA CYS G 870 -25.84 76.85 125.78
C CYS G 870 -26.65 75.89 124.93
N VAL G 871 -27.34 76.43 123.92
CA VAL G 871 -28.17 75.63 123.04
C VAL G 871 -27.86 76.03 121.60
N ALA G 872 -27.67 75.05 120.73
CA ALA G 872 -27.41 75.29 119.32
C ALA G 872 -28.19 74.22 118.56
N TYR G 873 -29.29 74.61 117.90
CA TYR G 873 -30.15 73.61 117.28
C TYR G 873 -30.78 74.18 116.03
N GLY G 874 -31.49 73.31 115.31
CA GLY G 874 -32.30 73.71 114.17
C GLY G 874 -31.46 74.24 113.03
N ASP G 875 -32.05 75.20 112.32
CA ASP G 875 -31.41 75.84 111.17
C ASP G 875 -30.33 76.82 111.60
N GLY G 876 -29.97 76.83 112.87
CA GLY G 876 -28.94 77.74 113.33
C GLY G 876 -29.42 78.63 114.45
N HIS G 877 -30.46 78.21 115.16
CA HIS G 877 -30.86 78.96 116.33
C HIS G 877 -29.89 78.69 117.47
N PHE G 878 -29.43 79.76 118.12
CA PHE G 878 -28.54 79.67 119.25
C PHE G 878 -29.16 80.39 120.44
N ILE G 879 -29.02 79.78 121.60
CA ILE G 879 -29.31 80.40 122.88
C ILE G 879 -28.00 80.38 123.65
N THR G 880 -27.40 81.55 123.85
CA THR G 880 -26.08 81.61 124.43
C THR G 880 -26.14 81.23 125.91
N PHE G 881 -24.97 81.25 126.56
CA PHE G 881 -24.89 80.86 127.96
C PHE G 881 -25.63 81.84 128.84
N ASP G 882 -25.67 83.11 128.44
CA ASP G 882 -26.24 84.20 129.22
C ASP G 882 -27.72 84.41 128.96
N GLY G 883 -28.36 83.53 128.19
CA GLY G 883 -29.76 83.63 127.91
C GLY G 883 -30.12 84.35 126.63
N ASP G 884 -29.14 84.85 125.88
CA ASP G 884 -29.42 85.51 124.62
C ASP G 884 -29.92 84.52 123.59
N ARG G 885 -30.62 85.01 122.58
CA ARG G 885 -31.17 84.18 121.51
C ARG G 885 -30.97 84.86 120.17
N TYR G 886 -30.53 84.09 119.18
CA TYR G 886 -30.43 84.64 117.83
C TYR G 886 -30.39 83.49 116.83
N SER G 887 -30.35 83.85 115.56
CA SER G 887 -30.33 82.89 114.46
C SER G 887 -29.17 83.22 113.54
N PHE G 888 -28.33 82.25 113.27
CA PHE G 888 -27.19 82.44 112.39
C PHE G 888 -27.07 81.22 111.48
N GLU G 889 -27.25 81.42 110.19
CA GLU G 889 -27.24 80.32 109.22
C GLU G 889 -25.89 80.33 108.51
N GLY G 890 -24.90 79.72 109.15
CA GLY G 890 -23.58 79.59 108.57
C GLY G 890 -23.39 78.23 107.93
N SER G 891 -22.30 78.10 107.16
CA SER G 891 -22.00 76.86 106.46
C SER G 891 -20.67 76.25 106.83
N CYS G 892 -19.69 77.05 107.25
CA CYS G 892 -18.35 76.57 107.53
C CYS G 892 -18.24 76.10 108.97
N GLU G 893 -17.01 75.90 109.43
CA GLU G 893 -16.77 75.42 110.78
C GLU G 893 -16.73 76.58 111.75
N TYR G 894 -17.56 76.52 112.79
CA TYR G 894 -17.75 77.63 113.71
C TYR G 894 -17.50 77.16 115.14
N ILE G 895 -16.76 77.94 115.91
CA ILE G 895 -16.39 77.57 117.27
C ILE G 895 -17.59 77.77 118.19
N LEU G 896 -18.23 76.67 118.57
CA LEU G 896 -19.38 76.78 119.46
C LEU G 896 -18.97 77.18 120.86
N ALA G 897 -17.78 76.77 121.29
CA ALA G 897 -17.28 77.19 122.60
C ALA G 897 -15.78 76.94 122.64
N GLN G 898 -15.11 77.59 123.59
CA GLN G 898 -13.71 77.31 123.85
C GLN G 898 -13.26 78.11 125.05
N ASP G 899 -12.25 77.59 125.75
CA ASP G 899 -11.50 78.37 126.73
C ASP G 899 -10.25 78.97 126.14
N TYR G 900 -9.98 78.72 124.86
CA TYR G 900 -8.77 79.25 124.22
C TYR G 900 -9.04 80.67 123.71
N CYS G 901 -9.34 81.56 124.65
CA CYS G 901 -9.47 82.98 124.35
C CYS G 901 -9.24 83.75 125.63
N GLY G 902 -8.27 84.64 125.62
CA GLY G 902 -7.92 85.42 126.80
C GLY G 902 -6.52 85.97 126.66
N ASP G 903 -6.09 86.67 127.71
CA ASP G 903 -4.74 87.24 127.72
C ASP G 903 -3.70 86.14 127.57
N ASN G 904 -4.08 84.91 127.90
CA ASN G 904 -3.39 83.71 127.45
C ASN G 904 -4.46 82.80 126.85
N THR G 905 -4.23 82.35 125.62
CA THR G 905 -5.12 81.38 125.02
C THR G 905 -4.73 79.96 125.39
N THR G 906 -3.53 79.77 125.95
CA THR G 906 -2.97 78.46 126.19
C THR G 906 -3.29 77.90 127.58
N HIS G 907 -3.95 78.68 128.43
CA HIS G 907 -4.36 78.15 129.72
C HIS G 907 -5.79 77.59 129.70
N GLY G 908 -6.43 77.55 128.53
CA GLY G 908 -7.73 76.93 128.41
C GLY G 908 -7.64 75.41 128.27
N THR G 909 -8.80 74.76 128.33
CA THR G 909 -8.84 73.32 128.25
C THR G 909 -9.54 72.80 127.01
N PHE G 910 -10.81 73.15 126.80
CA PHE G 910 -11.62 72.46 125.80
C PHE G 910 -11.94 73.38 124.63
N ARG G 911 -12.59 72.80 123.62
CA ARG G 911 -12.94 73.52 122.41
C ARG G 911 -13.99 72.74 121.64
N ILE G 912 -15.09 73.39 121.25
CA ILE G 912 -16.20 72.74 120.58
C ILE G 912 -16.50 73.51 119.31
N VAL G 913 -16.37 72.85 118.17
CA VAL G 913 -16.67 73.38 116.86
C VAL G 913 -17.87 72.63 116.29
N THR G 914 -18.65 73.30 115.46
CA THR G 914 -19.76 72.65 114.77
C THR G 914 -19.83 73.17 113.34
N GLU G 915 -20.51 72.40 112.49
CA GLU G 915 -20.83 72.83 111.14
C GLU G 915 -21.96 71.96 110.63
N ASN G 916 -22.74 72.51 109.70
CA ASN G 916 -24.01 71.92 109.31
C ASN G 916 -23.80 70.94 108.16
N ILE G 917 -24.02 69.66 108.44
CA ILE G 917 -23.95 68.61 107.42
C ILE G 917 -25.27 68.53 106.67
N PRO G 918 -25.25 68.44 105.36
CA PRO G 918 -26.41 67.94 104.64
C PRO G 918 -26.31 66.44 104.50
N CYS G 919 -27.36 65.70 104.88
CA CYS G 919 -27.24 64.27 105.06
C CYS G 919 -27.47 63.46 103.78
N GLY G 920 -27.96 64.08 102.71
CA GLY G 920 -28.16 63.34 101.49
C GLY G 920 -27.87 64.13 100.23
N THR G 921 -27.45 65.36 100.39
CA THR G 921 -27.27 66.28 99.27
C THR G 921 -26.28 67.35 99.69
N THR G 922 -26.24 68.45 98.94
CA THR G 922 -25.55 69.66 99.37
C THR G 922 -26.59 70.78 99.28
N GLY G 923 -27.36 70.92 100.36
CA GLY G 923 -28.47 71.86 100.38
C GLY G 923 -28.79 72.33 101.78
N THR G 924 -30.07 72.28 102.14
CA THR G 924 -30.46 72.65 103.49
C THR G 924 -29.88 71.66 104.50
N THR G 925 -29.58 72.15 105.69
CA THR G 925 -28.91 71.34 106.69
C THR G 925 -29.80 70.19 107.11
N CYS G 926 -29.20 69.03 107.40
CA CYS G 926 -29.93 67.87 107.85
C CYS G 926 -29.38 67.30 109.14
N SER G 927 -28.10 67.44 109.39
CA SER G 927 -27.50 67.06 110.66
C SER G 927 -26.31 67.98 110.90
N LYS G 928 -25.60 67.72 111.99
CA LYS G 928 -24.46 68.55 112.37
C LYS G 928 -23.21 67.70 112.44
N ALA G 929 -22.11 68.33 112.85
CA ALA G 929 -20.84 67.66 113.07
C ALA G 929 -20.08 68.42 114.14
N ILE G 930 -19.73 67.75 115.20
CA ILE G 930 -19.11 68.36 116.37
C ILE G 930 -17.65 67.93 116.42
N LYS G 931 -16.78 68.83 116.86
CA LYS G 931 -15.38 68.50 117.10
C LYS G 931 -15.04 68.90 118.52
N LEU G 932 -15.29 68.00 119.47
CA LEU G 932 -14.99 68.21 120.88
C LEU G 932 -13.50 68.01 121.13
N PHE G 933 -12.74 69.09 121.11
CA PHE G 933 -11.36 69.00 121.54
C PHE G 933 -11.30 69.21 123.05
N VAL G 934 -10.69 68.26 123.75
CA VAL G 934 -10.60 68.27 125.21
C VAL G 934 -9.14 68.09 125.56
N GLU G 935 -8.47 69.18 125.96
CA GLU G 935 -7.01 69.21 126.01
C GLU G 935 -6.39 68.68 124.72
N SER G 936 -5.63 67.58 124.82
CA SER G 936 -4.92 67.03 123.68
C SER G 936 -5.69 65.92 122.97
N TYR G 937 -6.91 65.62 123.39
CA TYR G 937 -7.72 64.63 122.72
C TYR G 937 -8.54 65.28 121.62
N GLU G 938 -9.50 64.54 121.09
CA GLU G 938 -10.44 65.04 120.09
C GLU G 938 -11.52 64.00 119.91
N LEU G 939 -12.77 64.45 119.76
CA LEU G 939 -13.87 63.58 119.41
C LEU G 939 -14.63 64.19 118.26
N ILE G 940 -14.92 63.40 117.25
CA ILE G 940 -15.76 63.84 116.15
C ILE G 940 -17.12 63.20 116.31
N LEU G 941 -18.14 64.03 116.42
CA LEU G 941 -19.53 63.60 116.56
C LEU G 941 -20.21 63.83 115.23
N GLN G 942 -20.43 62.77 114.47
CA GLN G 942 -21.05 62.94 113.17
C GLN G 942 -21.78 61.68 112.77
N GLU G 943 -22.74 61.84 111.85
CA GLU G 943 -23.46 60.73 111.23
C GLU G 943 -24.27 59.91 112.23
N GLY G 944 -24.22 60.25 113.52
CA GLY G 944 -24.96 59.53 114.53
C GLY G 944 -24.10 58.75 115.49
N THR G 945 -22.77 58.87 115.40
CA THR G 945 -21.87 58.24 116.35
C THR G 945 -20.66 59.13 116.56
N PHE G 946 -19.74 58.66 117.39
CA PHE G 946 -18.56 59.39 117.81
C PHE G 946 -17.30 58.70 117.32
N LYS G 947 -16.18 59.38 117.50
CA LYS G 947 -14.88 58.85 117.14
C LYS G 947 -13.84 59.28 118.17
N ALA G 948 -12.57 59.09 117.86
CA ALA G 948 -11.50 59.48 118.77
C ALA G 948 -10.21 59.58 117.99
N VAL G 949 -9.64 60.77 117.93
CA VAL G 949 -8.47 61.03 117.10
C VAL G 949 -7.36 61.53 118.01
N ALA G 950 -7.30 60.99 119.23
CA ALA G 950 -6.31 61.39 120.23
C ALA G 950 -4.91 61.43 119.63
N ARG G 951 -4.33 62.62 119.61
CA ARG G 951 -3.01 62.84 119.00
C ARG G 951 -1.94 63.25 120.00
N GLY G 952 -2.31 63.91 121.09
CA GLY G 952 -1.33 64.34 122.07
C GLY G 952 -0.88 63.20 122.97
N PRO G 953 -0.64 63.51 124.24
CA PRO G 953 -0.31 62.44 125.21
C PRO G 953 -1.38 61.38 125.29
N GLY G 954 -0.97 60.11 125.28
CA GLY G 954 -1.89 59.00 125.32
C GLY G 954 -2.17 58.44 126.69
N GLY G 955 -2.77 59.25 127.57
CA GLY G 955 -3.14 58.81 128.90
C GLY G 955 -4.58 58.35 128.98
N ASP G 956 -5.15 58.47 130.16
CA ASP G 956 -6.55 58.14 130.32
C ASP G 956 -7.43 59.27 129.79
N PRO G 957 -8.58 58.93 129.19
CA PRO G 957 -9.45 59.96 128.62
C PRO G 957 -9.92 60.93 129.68
N PRO G 958 -9.89 62.23 129.38
CA PRO G 958 -10.51 63.23 130.27
C PRO G 958 -12.00 63.40 130.06
N TYR G 959 -12.65 62.47 129.38
CA TYR G 959 -14.07 62.51 129.09
C TYR G 959 -14.71 61.17 129.41
N LYS G 960 -16.02 61.18 129.59
CA LYS G 960 -16.82 59.98 129.71
C LYS G 960 -17.96 60.09 128.72
N ILE G 961 -18.43 58.94 128.23
CA ILE G 961 -19.40 58.88 127.16
C ILE G 961 -20.61 58.11 127.65
N ARG G 962 -21.80 58.65 127.41
CA ARG G 962 -23.03 57.99 127.83
C ARG G 962 -24.08 58.14 126.75
N TYR G 963 -25.04 57.24 126.76
CA TYR G 963 -26.17 57.26 125.84
C TYR G 963 -27.39 57.65 126.65
N MET G 964 -27.60 58.96 126.79
CA MET G 964 -28.70 59.46 127.62
C MET G 964 -29.92 59.61 126.73
N GLY G 965 -30.80 58.62 126.76
CA GLY G 965 -32.02 58.68 125.99
C GLY G 965 -31.78 58.71 124.50
N ILE G 966 -32.08 59.85 123.87
CA ILE G 966 -31.84 60.01 122.43
C ILE G 966 -30.67 60.96 122.24
N PHE G 967 -29.77 61.00 123.21
CA PHE G 967 -28.63 61.92 123.18
C PHE G 967 -27.34 61.16 123.43
N LEU G 968 -26.29 61.59 122.75
CA LEU G 968 -24.92 61.30 123.17
C LEU G 968 -24.51 62.37 124.16
N VAL G 969 -24.16 61.96 125.37
CA VAL G 969 -23.77 62.91 126.40
C VAL G 969 -22.35 62.60 126.83
N ILE G 970 -21.48 63.61 126.76
CA ILE G 970 -20.08 63.45 127.10
C ILE G 970 -19.78 64.35 128.28
N GLU G 971 -19.31 63.77 129.37
CA GLU G 971 -18.94 64.52 130.56
C GLU G 971 -17.43 64.76 130.59
N THR G 972 -17.03 65.86 131.24
CA THR G 972 -15.63 66.17 131.44
C THR G 972 -15.39 66.67 132.86
N HIS G 973 -16.28 66.30 133.79
CA HIS G 973 -16.21 66.61 135.21
C HIS G 973 -16.55 68.07 135.50
N GLY G 974 -16.65 68.89 134.45
CA GLY G 974 -17.11 70.26 134.60
C GLY G 974 -17.86 70.79 133.40
N MET G 975 -18.16 69.92 132.45
CA MET G 975 -18.72 70.35 131.16
C MET G 975 -19.34 69.12 130.50
N ALA G 976 -20.65 69.14 130.29
CA ALA G 976 -21.39 68.01 129.74
C ALA G 976 -22.07 68.43 128.45
N VAL G 977 -21.80 67.69 127.37
CA VAL G 977 -22.35 67.96 126.04
C VAL G 977 -23.44 66.95 125.76
N SER G 978 -24.53 67.38 125.13
CA SER G 978 -25.63 66.50 124.75
C SER G 978 -25.97 66.75 123.30
N TRP G 979 -25.90 65.71 122.48
CA TRP G 979 -26.12 65.78 121.04
C TRP G 979 -27.32 64.90 120.71
N ASP G 980 -28.31 65.47 120.03
CA ASP G 980 -29.51 64.72 119.69
C ASP G 980 -29.28 63.72 118.58
N ARG G 981 -28.05 63.62 118.09
CA ARG G 981 -27.59 62.76 117.03
C ARG G 981 -28.09 63.24 115.68
N LYS G 982 -28.95 64.25 115.63
CA LYS G 982 -29.29 64.86 114.35
C LYS G 982 -28.85 66.32 114.30
N THR G 983 -29.44 67.22 115.08
CA THR G 983 -29.09 68.62 114.89
C THR G 983 -29.09 69.48 116.15
N SER G 984 -29.37 68.93 117.32
CA SER G 984 -29.47 69.74 118.53
C SER G 984 -28.29 69.45 119.44
N VAL G 985 -27.65 70.51 119.93
CA VAL G 985 -26.55 70.40 120.87
C VAL G 985 -26.88 71.29 122.06
N PHE G 986 -26.87 70.70 123.25
CA PHE G 986 -27.05 71.43 124.50
C PHE G 986 -25.84 71.19 125.38
N ILE G 987 -25.17 72.26 125.79
CA ILE G 987 -23.97 72.16 126.62
C ILE G 987 -24.27 72.73 127.99
N ARG G 988 -23.85 72.03 129.03
CA ARG G 988 -24.06 72.46 130.40
C ARG G 988 -22.70 72.56 131.09
N LEU G 989 -22.34 73.77 131.50
CA LEU G 989 -21.05 74.10 132.06
C LEU G 989 -21.16 74.36 133.56
N HIS G 990 -20.10 73.99 134.28
CA HIS G 990 -19.99 74.33 135.68
C HIS G 990 -19.78 75.83 135.83
N GLN G 991 -20.03 76.33 137.03
CA GLN G 991 -19.87 77.75 137.29
C GLN G 991 -18.41 78.19 137.30
N ASP G 992 -17.47 77.24 137.26
CA ASP G 992 -16.05 77.60 137.23
C ASP G 992 -15.70 78.32 135.94
N TYR G 993 -16.23 77.86 134.82
CA TYR G 993 -15.85 78.37 133.51
C TYR G 993 -16.49 79.71 133.20
N LYS G 994 -17.10 80.35 134.18
CA LYS G 994 -17.82 81.60 133.95
C LYS G 994 -16.86 82.69 133.50
N GLY G 995 -17.26 83.43 132.48
CA GLY G 995 -16.49 84.56 132.01
C GLY G 995 -15.27 84.22 131.20
N ARG G 996 -14.79 82.98 131.23
CA ARG G 996 -13.56 82.60 130.57
C ARG G 996 -13.78 81.76 129.32
N VAL G 997 -14.98 81.76 128.76
CA VAL G 997 -15.27 81.05 127.52
C VAL G 997 -15.59 82.08 126.44
N CYS G 998 -15.75 81.60 125.21
CA CYS G 998 -16.13 82.46 124.10
C CYS G 998 -16.70 81.60 122.98
N GLY G 999 -16.82 82.17 121.79
CA GLY G 999 -17.40 81.46 120.67
C GLY G 999 -18.82 81.87 120.38
N LEU G 1000 -19.65 80.94 119.94
CA LEU G 1000 -21.04 81.23 119.60
C LEU G 1000 -22.02 80.95 120.73
N CYS G 1001 -21.54 80.53 121.90
CA CYS G 1001 -22.38 80.45 123.08
C CYS G 1001 -22.14 81.61 124.03
N GLY G 1002 -21.57 82.69 123.53
CA GLY G 1002 -21.28 83.83 124.37
C GLY G 1002 -20.08 83.54 125.25
N ASN G 1003 -19.80 84.48 126.14
CA ASN G 1003 -18.68 84.36 127.05
C ASN G 1003 -19.11 84.01 128.47
N PHE G 1004 -20.37 83.66 128.67
CA PHE G 1004 -20.85 83.19 129.97
C PHE G 1004 -20.48 84.19 131.06
N ASP G 1005 -21.02 85.39 130.95
CA ASP G 1005 -20.73 86.46 131.90
C ASP G 1005 -21.98 87.02 132.56
N ASP G 1006 -23.12 86.37 132.41
CA ASP G 1006 -24.39 86.87 132.94
C ASP G 1006 -24.69 88.27 132.39
N ASN G 1007 -24.31 88.50 131.15
CA ASN G 1007 -24.48 89.80 130.50
C ASN G 1007 -24.71 89.52 129.02
N ALA G 1008 -25.97 89.45 128.62
CA ALA G 1008 -26.32 89.00 127.28
C ALA G 1008 -26.23 90.10 126.24
N ILE G 1009 -26.05 91.36 126.63
CA ILE G 1009 -26.01 92.43 125.65
C ILE G 1009 -24.71 92.40 124.87
N ASN G 1010 -23.61 92.04 125.54
CA ASN G 1010 -22.29 92.05 124.94
C ASN G 1010 -21.86 90.68 124.42
N ASP G 1011 -22.76 89.70 124.43
CA ASP G 1011 -22.40 88.36 123.99
C ASP G 1011 -22.10 88.31 122.50
N PHE G 1012 -22.48 89.32 121.74
CA PHE G 1012 -22.11 89.37 120.33
C PHE G 1012 -20.70 89.90 120.19
N ALA G 1013 -19.73 89.26 120.84
CA ALA G 1013 -18.35 89.70 120.84
C ALA G 1013 -17.57 88.90 119.80
N THR G 1014 -17.03 89.59 118.81
CA THR G 1014 -16.39 88.95 117.66
C THR G 1014 -15.00 88.48 118.06
N ARG G 1015 -14.21 88.09 117.05
CA ARG G 1015 -12.88 87.56 117.32
C ARG G 1015 -12.00 88.59 118.00
N SER G 1016 -12.05 89.83 117.55
CA SER G 1016 -11.23 90.88 118.10
C SER G 1016 -11.88 91.58 119.28
N ARG G 1017 -12.90 90.97 119.88
CA ARG G 1017 -13.64 91.55 121.01
C ARG G 1017 -14.10 92.97 120.68
N SER G 1018 -15.00 93.07 119.71
CA SER G 1018 -15.64 94.34 119.36
C SER G 1018 -17.14 94.05 119.26
N VAL G 1019 -17.85 94.21 120.37
CA VAL G 1019 -19.24 93.81 120.43
C VAL G 1019 -20.04 94.52 119.36
N VAL G 1020 -20.69 93.75 118.51
CA VAL G 1020 -21.49 94.28 117.42
C VAL G 1020 -22.96 94.02 117.72
N GLY G 1021 -23.82 94.77 117.05
CA GLY G 1021 -25.24 94.58 117.20
C GLY G 1021 -25.87 93.62 116.22
N ASP G 1022 -25.06 92.97 115.38
CA ASP G 1022 -25.55 92.12 114.32
C ASP G 1022 -25.03 90.71 114.49
N ALA G 1023 -25.92 89.73 114.33
CA ALA G 1023 -25.53 88.34 114.51
C ALA G 1023 -24.69 87.82 113.36
N LEU G 1024 -24.89 88.34 112.15
CA LEU G 1024 -24.16 87.83 111.01
C LEU G 1024 -22.66 88.06 111.16
N GLU G 1025 -22.25 89.25 111.59
CA GLU G 1025 -20.83 89.50 111.79
C GLU G 1025 -20.31 88.70 112.99
N PHE G 1026 -21.11 88.58 114.04
CA PHE G 1026 -20.67 87.81 115.19
C PHE G 1026 -20.37 86.37 114.79
N GLY G 1027 -21.21 85.79 113.93
CA GLY G 1027 -20.92 84.46 113.43
C GLY G 1027 -19.75 84.41 112.48
N ASN G 1028 -19.68 85.36 111.55
CA ASN G 1028 -18.59 85.39 110.57
C ASN G 1028 -17.24 85.53 111.25
N SER G 1029 -17.22 86.06 112.47
CA SER G 1029 -15.95 86.15 113.18
C SER G 1029 -15.43 84.77 113.53
N TRP G 1030 -16.29 83.89 114.06
CA TRP G 1030 -15.84 82.67 114.68
C TRP G 1030 -15.71 81.49 113.73
N LYS G 1031 -15.60 81.73 112.43
CA LYS G 1031 -15.29 80.65 111.52
C LYS G 1031 -13.86 80.18 111.74
N LEU G 1032 -13.65 78.86 111.70
CA LEU G 1032 -12.32 78.32 111.92
C LEU G 1032 -11.34 78.79 110.86
N SER G 1033 -11.72 78.70 109.59
CA SER G 1033 -10.79 78.95 108.50
C SER G 1033 -11.05 80.33 107.91
N PRO G 1034 -10.09 81.25 107.97
CA PRO G 1034 -10.29 82.55 107.31
C PRO G 1034 -10.48 82.44 105.81
N SER G 1035 -10.05 81.34 105.19
CA SER G 1035 -10.26 81.16 103.78
C SER G 1035 -11.73 80.98 103.43
N CYS G 1036 -12.53 80.52 104.36
CA CYS G 1036 -13.94 80.27 104.09
C CYS G 1036 -14.67 81.59 103.80
N PRO G 1037 -15.68 81.57 102.93
CA PRO G 1037 -16.43 82.80 102.68
C PRO G 1037 -17.44 83.08 103.78
N ASP G 1038 -17.65 84.36 104.03
CA ASP G 1038 -18.63 84.78 105.03
C ASP G 1038 -20.04 84.46 104.56
N ALA G 1039 -20.89 84.07 105.51
CA ALA G 1039 -22.30 83.84 105.21
C ALA G 1039 -22.95 85.15 104.82
N LEU G 1040 -23.88 85.07 103.87
CA LEU G 1040 -24.57 86.26 103.41
C LEU G 1040 -25.81 86.49 104.27
N ALA G 1041 -26.67 87.40 103.84
CA ALA G 1041 -27.85 87.75 104.60
C ALA G 1041 -28.79 86.56 104.68
N PRO G 1042 -29.15 86.09 105.87
CA PRO G 1042 -30.18 85.06 105.97
C PRO G 1042 -31.48 85.56 105.39
N LYS G 1043 -32.20 84.67 104.74
CA LYS G 1043 -33.44 85.05 104.05
C LYS G 1043 -34.59 84.36 104.75
N ASP G 1044 -35.64 85.11 105.04
CA ASP G 1044 -36.72 84.59 105.87
C ASP G 1044 -37.40 83.41 105.20
N PRO G 1045 -37.54 82.28 105.88
CA PRO G 1045 -37.97 81.06 105.20
C PRO G 1045 -39.39 81.12 104.67
N CYS G 1046 -40.32 81.56 105.51
CA CYS G 1046 -41.73 81.51 105.14
C CYS G 1046 -42.04 82.42 103.95
N THR G 1047 -41.34 83.55 103.86
CA THR G 1047 -41.50 84.41 102.69
C THR G 1047 -41.03 83.69 101.43
N ALA G 1048 -39.93 82.95 101.53
CA ALA G 1048 -39.41 82.25 100.36
C ALA G 1048 -40.38 81.20 99.86
N ASN G 1049 -40.99 80.45 100.77
CA ASN G 1049 -41.84 79.31 100.42
C ASN G 1049 -43.18 79.47 101.11
N PRO G 1050 -44.04 80.36 100.61
CA PRO G 1050 -45.34 80.57 101.25
C PRO G 1050 -46.21 79.32 101.26
N PHE G 1051 -46.03 78.42 100.29
CA PHE G 1051 -46.88 77.25 100.19
C PHE G 1051 -46.62 76.22 101.29
N ARG G 1052 -45.48 76.31 101.97
CA ARG G 1052 -45.29 75.53 103.18
C ARG G 1052 -45.90 76.20 104.39
N LYS G 1053 -46.00 77.53 104.35
CA LYS G 1053 -46.21 78.32 105.56
C LYS G 1053 -47.40 77.81 106.34
N SER G 1054 -48.54 77.66 105.67
CA SER G 1054 -49.75 77.21 106.35
C SER G 1054 -49.50 75.89 107.09
N TRP G 1055 -48.99 74.89 106.37
CA TRP G 1055 -48.67 73.62 107.00
C TRP G 1055 -47.80 73.85 108.21
N ALA G 1056 -46.76 74.67 108.06
CA ALA G 1056 -45.85 74.94 109.16
C ALA G 1056 -46.62 75.35 110.41
N GLN G 1057 -47.50 76.33 110.27
CA GLN G 1057 -48.24 76.79 111.45
C GLN G 1057 -49.06 75.67 112.04
N LYS G 1058 -49.75 74.90 111.19
CA LYS G 1058 -50.56 73.80 111.70
C LYS G 1058 -49.69 72.83 112.46
N GLN G 1059 -48.46 72.62 112.01
CA GLN G 1059 -47.57 71.72 112.73
C GLN G 1059 -47.06 72.37 114.00
N CYS G 1060 -46.72 73.65 113.94
CA CYS G 1060 -46.12 74.27 115.12
C CYS G 1060 -47.16 74.64 116.16
N SER G 1061 -48.43 74.73 115.77
CA SER G 1061 -49.49 75.02 116.73
C SER G 1061 -49.52 74.03 117.88
N ILE G 1062 -48.75 72.95 117.81
CA ILE G 1062 -48.68 72.01 118.92
C ILE G 1062 -48.21 72.72 120.18
N LEU G 1063 -47.44 73.80 120.02
CA LEU G 1063 -46.94 74.53 121.18
C LEU G 1063 -48.05 75.27 121.93
N HIS G 1064 -49.06 75.76 121.22
CA HIS G 1064 -50.15 76.48 121.87
C HIS G 1064 -51.28 75.58 122.33
N GLY G 1065 -51.19 74.28 122.10
CA GLY G 1065 -52.27 73.38 122.45
C GLY G 1065 -52.19 72.85 123.86
N PRO G 1066 -53.22 72.11 124.29
CA PRO G 1066 -53.23 71.59 125.66
C PRO G 1066 -52.10 70.63 125.94
N THR G 1067 -51.40 70.14 124.91
CA THR G 1067 -50.21 69.35 125.14
C THR G 1067 -49.17 70.15 125.90
N PHE G 1068 -48.96 71.40 125.50
CA PHE G 1068 -48.01 72.29 126.15
C PHE G 1068 -48.73 73.42 126.89
N ALA G 1069 -49.88 73.12 127.49
CA ALA G 1069 -50.57 74.13 128.27
C ALA G 1069 -49.75 74.54 129.49
N ALA G 1070 -49.31 73.58 130.29
CA ALA G 1070 -48.65 73.90 131.55
C ALA G 1070 -47.31 74.62 131.31
N CYS G 1071 -46.48 74.07 130.42
CA CYS G 1071 -45.16 74.63 130.24
C CYS G 1071 -45.19 76.06 129.73
N ARG G 1072 -46.22 76.44 128.97
CA ARG G 1072 -46.23 77.79 128.43
C ARG G 1072 -46.27 78.85 129.52
N SER G 1073 -46.61 78.46 130.74
CA SER G 1073 -46.51 79.36 131.87
C SER G 1073 -45.22 79.22 132.64
N GLN G 1074 -44.38 78.23 132.31
CA GLN G 1074 -43.09 78.07 132.95
C GLN G 1074 -41.92 78.45 132.07
N VAL G 1075 -42.09 78.41 130.75
CA VAL G 1075 -41.04 78.79 129.82
C VAL G 1075 -41.66 79.66 128.74
N ASP G 1076 -41.04 80.80 128.46
CA ASP G 1076 -41.52 81.65 127.38
C ASP G 1076 -41.28 80.97 126.05
N SER G 1077 -42.34 80.85 125.26
CA SER G 1077 -42.31 80.06 124.02
C SER G 1077 -42.61 80.88 122.79
N THR G 1078 -42.46 82.20 122.84
CA THR G 1078 -42.62 82.99 121.63
C THR G 1078 -41.53 82.65 120.63
N LYS G 1079 -40.27 82.72 121.07
CA LYS G 1079 -39.15 82.53 120.17
C LYS G 1079 -39.03 81.08 119.73
N TYR G 1080 -39.35 80.13 120.61
CA TYR G 1080 -39.37 78.74 120.20
C TYR G 1080 -40.38 78.51 119.08
N TYR G 1081 -41.55 79.12 119.19
CA TYR G 1081 -42.55 79.00 118.14
C TYR G 1081 -42.07 79.64 116.85
N GLU G 1082 -41.44 80.81 116.95
CA GLU G 1082 -40.93 81.45 115.74
C GLU G 1082 -39.89 80.56 115.06
N ALA G 1083 -39.02 79.95 115.85
CA ALA G 1083 -38.02 79.04 115.29
C ALA G 1083 -38.68 77.83 114.66
N CYS G 1084 -39.69 77.27 115.31
CA CYS G 1084 -40.40 76.11 114.75
C CYS G 1084 -40.99 76.46 113.40
N VAL G 1085 -41.70 77.58 113.31
CA VAL G 1085 -42.35 77.94 112.06
C VAL G 1085 -41.30 78.22 110.98
N ASN G 1086 -40.22 78.91 111.34
CA ASN G 1086 -39.19 79.21 110.35
C ASN G 1086 -38.51 77.95 109.85
N ASP G 1087 -38.29 76.98 110.75
CA ASP G 1087 -37.66 75.73 110.33
C ASP G 1087 -38.58 74.90 109.46
N ALA G 1088 -39.84 74.77 109.85
CA ALA G 1088 -40.79 74.06 109.01
C ALA G 1088 -41.00 74.74 107.67
N CYS G 1089 -40.82 76.06 107.59
CA CYS G 1089 -40.87 76.75 106.31
C CYS G 1089 -39.61 76.53 105.50
N ALA G 1090 -38.46 76.42 106.15
CA ALA G 1090 -37.19 76.39 105.44
C ALA G 1090 -36.91 75.03 104.79
N CYS G 1091 -37.31 73.94 105.44
CA CYS G 1091 -36.91 72.61 105.00
C CYS G 1091 -37.70 72.24 103.74
N ASP G 1092 -37.35 72.90 102.64
CA ASP G 1092 -38.02 72.68 101.37
C ASP G 1092 -37.33 71.62 100.51
N SER G 1093 -36.29 70.98 101.01
CA SER G 1093 -35.57 69.99 100.22
C SER G 1093 -35.69 68.58 100.77
N GLY G 1094 -36.54 68.35 101.75
CA GLY G 1094 -36.79 67.01 102.26
C GLY G 1094 -36.47 66.93 103.74
N GLY G 1095 -37.04 65.92 104.39
CA GLY G 1095 -36.86 65.76 105.81
C GLY G 1095 -37.57 66.85 106.58
N ASP G 1096 -38.90 66.86 106.53
CA ASP G 1096 -39.67 67.91 107.18
C ASP G 1096 -39.99 67.55 108.62
N CYS G 1097 -40.41 66.32 108.87
CA CYS G 1097 -40.79 65.93 110.21
C CYS G 1097 -39.61 66.07 111.16
N GLU G 1098 -38.40 65.82 110.68
CA GLU G 1098 -37.23 65.99 111.53
C GLU G 1098 -37.05 67.45 111.93
N CYS G 1099 -37.25 68.38 111.00
CA CYS G 1099 -37.13 69.79 111.31
C CYS G 1099 -38.15 70.20 112.37
N PHE G 1100 -39.41 69.88 112.15
CA PHE G 1100 -40.44 70.22 113.12
C PHE G 1100 -40.19 69.53 114.46
N CYS G 1101 -39.77 68.27 114.41
CA CYS G 1101 -39.53 67.50 115.62
C CYS G 1101 -38.46 68.13 116.47
N THR G 1102 -37.33 68.50 115.86
CA THR G 1102 -36.26 69.08 116.68
C THR G 1102 -36.62 70.48 117.15
N ALA G 1103 -37.34 71.25 116.34
CA ALA G 1103 -37.72 72.58 116.78
C ALA G 1103 -38.63 72.51 118.01
N VAL G 1104 -39.56 71.56 118.02
CA VAL G 1104 -40.39 71.38 119.20
C VAL G 1104 -39.62 70.76 120.34
N ALA G 1105 -38.67 69.87 120.05
CA ALA G 1105 -37.96 69.16 121.11
C ALA G 1105 -37.00 70.06 121.86
N ALA G 1106 -36.54 71.16 121.26
CA ALA G 1106 -35.77 72.13 122.03
C ALA G 1106 -36.62 72.73 123.14
N TYR G 1107 -37.86 73.11 122.82
CA TYR G 1107 -38.78 73.57 123.85
C TYR G 1107 -39.10 72.46 124.83
N ALA G 1108 -39.22 71.22 124.35
CA ALA G 1108 -39.46 70.11 125.25
C ALA G 1108 -38.35 69.99 126.27
N GLN G 1109 -37.10 70.11 125.84
CA GLN G 1109 -35.99 70.06 126.77
C GLN G 1109 -35.98 71.26 127.69
N ALA G 1110 -36.35 72.45 127.20
CA ALA G 1110 -36.44 73.60 128.08
C ALA G 1110 -37.45 73.37 129.19
N CYS G 1111 -38.61 72.82 128.85
CA CYS G 1111 -39.59 72.47 129.87
C CYS G 1111 -39.04 71.42 130.82
N HIS G 1112 -38.33 70.43 130.28
CA HIS G 1112 -37.76 69.38 131.11
C HIS G 1112 -36.81 69.96 132.14
N ASP G 1113 -35.98 70.91 131.71
CA ASP G 1113 -34.97 71.47 132.58
C ASP G 1113 -35.58 72.45 133.58
N ALA G 1114 -36.64 73.15 133.18
CA ALA G 1114 -37.22 74.12 134.09
C ALA G 1114 -37.78 73.45 135.34
N GLY G 1115 -38.91 72.76 135.22
CA GLY G 1115 -39.38 71.95 136.33
C GLY G 1115 -40.25 70.76 135.99
N LEU G 1116 -40.45 70.50 134.71
CA LEU G 1116 -41.58 69.68 134.27
C LEU G 1116 -41.11 68.42 133.57
N CYS G 1117 -41.99 67.43 133.53
CA CYS G 1117 -41.80 66.22 132.75
C CYS G 1117 -42.92 66.18 131.72
N VAL G 1118 -42.70 66.85 130.59
CA VAL G 1118 -43.71 66.97 129.55
C VAL G 1118 -43.47 65.88 128.51
N SER G 1119 -44.56 65.28 128.02
CA SER G 1119 -44.51 64.12 127.13
C SER G 1119 -45.47 64.35 125.98
N TRP G 1120 -44.99 64.94 124.89
CA TRP G 1120 -45.84 65.23 123.75
C TRP G 1120 -45.95 64.06 122.77
N ARG G 1121 -44.92 63.87 121.94
CA ARG G 1121 -44.56 62.63 121.25
C ARG G 1121 -45.70 61.67 120.92
N THR G 1122 -46.75 62.16 120.29
CA THR G 1122 -47.88 61.31 119.96
C THR G 1122 -47.53 60.47 118.73
N PRO G 1123 -48.11 59.27 118.59
CA PRO G 1123 -47.82 58.47 117.39
C PRO G 1123 -48.12 59.20 116.10
N ASP G 1124 -49.04 60.15 116.11
CA ASP G 1124 -49.27 61.01 114.96
C ASP G 1124 -48.19 62.07 114.81
N THR G 1125 -47.53 62.44 115.90
CA THR G 1125 -46.68 63.62 115.95
C THR G 1125 -45.34 63.26 116.56
N CYS G 1126 -44.29 63.22 115.73
CA CYS G 1126 -42.94 62.93 116.18
C CYS G 1126 -42.86 61.63 116.97
N PRO G 1127 -43.19 60.50 116.34
CA PRO G 1127 -43.06 59.22 117.03
C PRO G 1127 -41.60 58.84 117.20
N LEU G 1128 -41.36 57.97 118.17
CA LEU G 1128 -40.00 57.53 118.48
C LEU G 1128 -40.01 56.03 118.68
N PHE G 1129 -39.55 55.30 117.68
CA PHE G 1129 -39.58 53.84 117.72
C PHE G 1129 -38.65 53.36 118.82
N CYS G 1130 -39.23 52.89 119.92
CA CYS G 1130 -38.45 52.38 121.04
C CYS G 1130 -38.71 50.91 121.32
N ASP G 1131 -39.64 50.29 120.61
CA ASP G 1131 -39.77 48.84 120.61
C ASP G 1131 -38.63 48.17 119.87
N PHE G 1132 -37.81 48.94 119.15
CA PHE G 1132 -36.83 48.37 118.24
C PHE G 1132 -35.82 47.51 118.96
N TYR G 1133 -35.35 47.96 120.12
CA TYR G 1133 -34.34 47.24 120.87
C TYR G 1133 -34.93 46.15 121.75
N ASN G 1134 -36.24 46.00 121.74
CA ASN G 1134 -36.87 44.89 122.43
C ASN G 1134 -36.58 43.62 121.67
N PRO G 1135 -35.91 42.63 122.27
CA PRO G 1135 -35.74 41.34 121.60
C PRO G 1135 -36.86 40.34 121.83
N HIS G 1136 -37.64 40.09 120.79
CA HIS G 1136 -38.66 39.04 120.77
C HIS G 1136 -39.47 39.03 122.07
N GLY G 1137 -40.08 40.17 122.37
CA GLY G 1137 -40.93 40.30 123.54
C GLY G 1137 -40.26 40.80 124.80
N GLY G 1138 -38.94 40.70 124.89
CA GLY G 1138 -38.25 41.29 126.03
C GLY G 1138 -38.49 42.79 126.08
N CYS G 1139 -38.93 43.26 127.23
CA CYS G 1139 -39.54 44.58 127.34
C CYS G 1139 -38.85 45.43 128.40
N GLU G 1140 -37.52 45.49 128.36
CA GLU G 1140 -36.83 46.51 129.14
C GLU G 1140 -37.03 47.89 128.55
N TRP G 1141 -36.86 48.01 127.23
CA TRP G 1141 -36.78 49.31 126.57
C TRP G 1141 -38.13 50.02 126.62
N HIS G 1142 -38.24 51.02 127.49
CA HIS G 1142 -39.44 51.81 127.63
C HIS G 1142 -39.11 53.28 127.43
N TYR G 1143 -40.05 54.02 126.85
CA TYR G 1143 -39.86 55.43 126.59
C TYR G 1143 -40.14 56.21 127.87
N GLN G 1144 -39.16 56.98 128.33
CA GLN G 1144 -39.34 57.85 129.48
C GLN G 1144 -39.20 59.30 129.04
N PRO G 1145 -40.17 60.16 129.33
CA PRO G 1145 -40.00 61.58 128.97
C PRO G 1145 -38.87 62.27 129.73
N CYS G 1146 -38.49 61.77 130.90
CA CYS G 1146 -37.37 62.30 131.65
C CYS G 1146 -36.54 61.14 132.17
N GLY G 1147 -35.33 61.00 131.67
CA GLY G 1147 -34.51 59.84 132.00
C GLY G 1147 -33.85 59.93 133.35
N ALA G 1148 -33.23 58.82 133.74
CA ALA G 1148 -32.50 58.77 134.99
C ALA G 1148 -31.30 59.72 134.93
N PRO G 1149 -30.90 60.30 136.06
CA PRO G 1149 -29.75 61.22 136.06
C PRO G 1149 -28.45 60.57 135.60
N CYS G 1150 -28.23 59.30 135.94
CA CYS G 1150 -27.06 58.58 135.49
C CYS G 1150 -27.46 57.14 135.21
N LEU G 1151 -26.77 56.52 134.26
CA LEU G 1151 -27.12 55.18 133.80
C LEU G 1151 -26.01 54.21 134.15
N LYS G 1152 -26.38 53.07 134.74
CA LYS G 1152 -25.43 52.02 135.08
C LYS G 1152 -25.04 51.32 133.77
N THR G 1153 -24.22 52.02 133.00
CA THR G 1153 -23.91 51.56 131.66
C THR G 1153 -22.82 50.51 131.68
N CYS G 1154 -22.59 49.89 130.51
CA CYS G 1154 -21.49 48.95 130.36
C CYS G 1154 -20.16 49.65 130.57
N ARG G 1155 -20.02 50.86 130.05
CA ARG G 1155 -18.77 51.60 130.17
C ARG G 1155 -18.60 52.15 131.58
N ASN G 1156 -19.68 52.47 132.27
CA ASN G 1156 -19.63 52.95 133.64
C ASN G 1156 -20.23 51.90 134.56
N PRO G 1157 -19.50 50.84 134.89
CA PRO G 1157 -20.06 49.81 135.77
C PRO G 1157 -20.34 50.32 137.18
N SER G 1158 -19.75 51.45 137.57
CA SER G 1158 -19.95 51.95 138.92
C SER G 1158 -21.39 52.42 139.14
N GLY G 1159 -21.96 53.10 138.15
CA GLY G 1159 -23.25 53.70 138.28
C GLY G 1159 -23.25 55.16 138.69
N HIS G 1160 -22.07 55.73 138.96
CA HIS G 1160 -21.94 57.14 139.27
C HIS G 1160 -21.66 57.92 137.99
N CYS G 1161 -21.69 59.24 138.10
CA CYS G 1161 -21.50 60.08 136.94
C CYS G 1161 -20.78 61.36 137.36
N LEU G 1162 -20.14 62.01 136.39
CA LEU G 1162 -19.33 63.19 136.66
C LEU G 1162 -20.19 64.46 136.64
N VAL G 1163 -20.98 64.64 135.60
CA VAL G 1163 -21.91 65.75 135.49
C VAL G 1163 -23.30 65.14 135.49
N ASP G 1164 -23.97 65.17 136.64
CA ASP G 1164 -25.27 64.53 136.77
C ASP G 1164 -26.31 65.33 136.00
N LEU G 1165 -26.64 64.86 134.80
CA LEU G 1165 -27.64 65.54 133.99
C LEU G 1165 -29.04 65.18 134.46
N PRO G 1166 -29.99 66.09 134.36
CA PRO G 1166 -31.36 65.78 134.75
C PRO G 1166 -32.08 64.94 133.71
N GLY G 1167 -33.37 64.74 133.90
CA GLY G 1167 -34.15 64.00 132.94
C GLY G 1167 -34.15 64.66 131.58
N LEU G 1168 -34.21 63.83 130.54
CA LEU G 1168 -34.28 64.27 129.16
C LEU G 1168 -34.90 63.15 128.34
N GLU G 1169 -35.59 63.52 127.26
CA GLU G 1169 -36.39 62.56 126.52
C GLU G 1169 -35.51 61.43 125.99
N GLY G 1170 -36.17 60.37 125.56
CA GLY G 1170 -35.51 59.18 125.08
C GLY G 1170 -35.97 57.95 125.83
N CYS G 1171 -35.71 56.79 125.23
CA CYS G 1171 -36.13 55.54 125.83
C CYS G 1171 -34.95 54.79 126.39
N TYR G 1172 -35.17 54.25 127.58
CA TYR G 1172 -34.12 53.64 128.39
C TYR G 1172 -34.51 52.21 128.70
N PRO G 1173 -33.54 51.38 128.97
CA PRO G 1173 -33.85 50.01 129.36
C PRO G 1173 -34.00 49.85 130.86
N LYS G 1174 -35.13 49.27 131.29
CA LYS G 1174 -35.33 48.96 132.70
C LYS G 1174 -34.58 47.66 132.97
N CYS G 1175 -33.25 47.79 133.02
CA CYS G 1175 -32.38 46.63 133.15
C CYS G 1175 -32.66 45.87 134.43
N PRO G 1176 -33.24 44.67 134.36
CA PRO G 1176 -33.60 43.95 135.55
C PRO G 1176 -32.37 43.48 136.31
N PRO G 1177 -32.51 43.09 137.58
CA PRO G 1177 -31.35 42.62 138.34
C PRO G 1177 -30.66 41.41 137.72
N SER G 1178 -31.42 40.56 137.02
CA SER G 1178 -30.82 39.40 136.38
C SER G 1178 -29.82 39.80 135.30
N GLN G 1179 -30.10 40.86 134.55
CA GLN G 1179 -29.19 41.40 133.55
C GLN G 1179 -29.07 42.90 133.77
N PRO G 1180 -28.26 43.32 134.75
CA PRO G 1180 -28.29 44.71 135.22
C PRO G 1180 -27.32 45.66 134.53
N PHE G 1181 -26.71 45.30 133.40
CA PHE G 1181 -25.75 46.18 132.75
C PHE G 1181 -26.30 46.62 131.41
N PHE G 1182 -26.41 47.93 131.20
CA PHE G 1182 -26.87 48.44 129.92
C PHE G 1182 -25.67 48.60 129.01
N ASN G 1183 -25.68 47.88 127.89
CA ASN G 1183 -24.61 47.91 126.92
C ASN G 1183 -25.05 48.75 125.73
N GLU G 1184 -24.33 49.85 125.50
CA GLU G 1184 -24.69 50.81 124.45
C GLU G 1184 -24.36 50.28 123.07
N ASP G 1185 -23.19 49.64 122.91
CA ASP G 1185 -22.77 49.21 121.59
C ASP G 1185 -23.72 48.18 120.99
N GLN G 1186 -24.44 47.44 121.82
CA GLN G 1186 -25.51 46.57 121.35
C GLN G 1186 -26.88 47.03 121.81
N MET G 1187 -26.96 48.00 122.72
CA MET G 1187 -28.23 48.52 123.23
C MET G 1187 -29.05 47.41 123.85
N LYS G 1188 -28.56 46.84 124.94
CA LYS G 1188 -29.34 45.80 125.59
C LYS G 1188 -28.95 45.65 127.05
N CYS G 1189 -29.86 45.10 127.84
CA CYS G 1189 -29.57 44.74 129.23
C CYS G 1189 -28.93 43.36 129.25
N VAL G 1190 -27.74 43.28 129.86
CA VAL G 1190 -26.93 42.07 129.83
C VAL G 1190 -26.45 41.79 131.24
N ALA G 1191 -25.95 40.56 131.44
CA ALA G 1191 -25.54 40.11 132.77
C ALA G 1191 -24.17 40.64 133.15
N GLN G 1192 -23.16 40.44 132.29
CA GLN G 1192 -21.82 40.92 132.55
C GLN G 1192 -21.30 41.66 131.32
N CYS G 1193 -20.46 42.67 131.57
CA CYS G 1193 -19.95 43.50 130.50
C CYS G 1193 -18.65 42.96 129.94
N GLY G 1194 -18.24 43.52 128.79
CA GLY G 1194 -17.00 43.14 128.15
C GLY G 1194 -15.84 44.03 128.56
N CYS G 1195 -15.31 44.81 127.61
CA CYS G 1195 -14.14 45.62 127.88
C CYS G 1195 -14.02 46.73 126.85
N TYR G 1196 -13.55 47.89 127.30
CA TYR G 1196 -13.28 49.04 126.44
C TYR G 1196 -11.78 49.31 126.45
N ASP G 1197 -11.19 49.40 125.26
CA ASP G 1197 -9.77 49.71 125.17
C ASP G 1197 -9.58 51.22 125.35
N LYS G 1198 -8.37 51.71 125.12
CA LYS G 1198 -8.11 53.13 125.25
C LYS G 1198 -8.93 53.95 124.26
N ASP G 1199 -9.00 53.47 123.01
CA ASP G 1199 -9.76 54.21 121.99
C ASP G 1199 -11.26 54.05 122.16
N GLY G 1200 -11.71 53.10 122.99
CA GLY G 1200 -13.12 52.93 123.25
C GLY G 1200 -13.83 51.88 122.44
N ASN G 1201 -13.09 50.98 121.78
CA ASN G 1201 -13.73 49.89 121.06
C ASN G 1201 -14.12 48.78 122.03
N TYR G 1202 -15.16 48.05 121.67
CA TYR G 1202 -15.74 47.05 122.56
C TYR G 1202 -15.51 45.65 122.02
N TYR G 1203 -15.32 44.71 122.95
CA TYR G 1203 -15.15 43.31 122.62
C TYR G 1203 -15.88 42.46 123.65
N ASP G 1204 -16.23 41.25 123.26
CA ASP G 1204 -16.82 40.30 124.19
C ASP G 1204 -15.76 39.76 125.14
N VAL G 1205 -16.20 39.28 126.30
CA VAL G 1205 -15.28 38.66 127.24
C VAL G 1205 -14.54 37.51 126.55
N GLY G 1206 -13.30 37.28 127.00
CA GLY G 1206 -12.52 36.19 126.47
C GLY G 1206 -11.94 36.41 125.09
N ALA G 1207 -12.07 37.61 124.54
CA ALA G 1207 -11.58 37.92 123.21
C ALA G 1207 -10.34 38.80 123.31
N ARG G 1208 -9.33 38.46 122.52
CA ARG G 1208 -8.06 39.17 122.60
C ARG G 1208 -8.15 40.52 121.90
N VAL G 1209 -7.40 41.48 122.44
CA VAL G 1209 -7.40 42.85 121.94
C VAL G 1209 -6.13 43.05 121.11
N PRO G 1210 -6.20 43.77 119.98
CA PRO G 1210 -5.01 44.13 119.20
C PRO G 1210 -4.09 45.08 119.93
N CYS G 1218 -3.41 40.41 124.91
CA CYS G 1218 -4.25 40.44 126.11
C CYS G 1218 -5.69 40.08 125.80
N ASN G 1219 -6.38 39.51 126.79
CA ASN G 1219 -7.72 38.96 126.64
C ASN G 1219 -8.73 39.85 127.36
N CYS G 1220 -9.98 39.39 127.40
CA CYS G 1220 -11.04 40.06 128.14
C CYS G 1220 -11.56 39.12 129.23
N THR G 1221 -11.73 39.66 130.42
CA THR G 1221 -12.09 38.89 131.61
C THR G 1221 -13.05 39.70 132.48
N PRO G 1222 -13.53 39.15 133.60
CA PRO G 1222 -14.28 39.99 134.55
C PRO G 1222 -13.55 41.25 134.95
N SER G 1223 -12.22 41.18 135.11
CA SER G 1223 -11.45 42.40 135.36
C SER G 1223 -11.52 43.34 134.16
N GLY G 1224 -11.44 42.79 132.95
CA GLY G 1224 -11.40 43.60 131.75
C GLY G 1224 -10.29 43.12 130.84
N ILE G 1225 -9.62 44.05 130.15
CA ILE G 1225 -8.46 43.69 129.33
C ILE G 1225 -7.29 43.47 130.26
N GLN G 1226 -6.77 42.25 130.30
CA GLN G 1226 -5.63 41.92 131.14
C GLN G 1226 -4.69 41.00 130.38
N CYS G 1227 -3.43 40.97 130.82
CA CYS G 1227 -2.43 40.06 130.28
C CYS G 1227 -1.22 39.97 131.21
N GLY H 768 80.47 -93.06 -153.92
CA GLY H 768 79.05 -92.99 -153.61
C GLY H 768 78.64 -91.73 -152.88
N CYS H 769 79.38 -90.65 -153.12
CA CYS H 769 79.10 -89.36 -152.50
C CYS H 769 79.06 -88.30 -153.60
N ALA H 770 78.82 -87.05 -153.20
CA ALA H 770 78.69 -85.96 -154.15
C ALA H 770 79.80 -84.92 -154.01
N ALA H 771 80.02 -84.45 -152.78
CA ALA H 771 81.08 -83.49 -152.53
C ALA H 771 82.44 -84.16 -152.72
N PRO H 772 83.53 -83.36 -152.86
CA PRO H 772 84.87 -83.94 -153.04
C PRO H 772 85.16 -85.13 -152.15
N MET H 773 84.56 -85.16 -150.96
CA MET H 773 84.66 -86.33 -150.10
C MET H 773 84.10 -87.57 -150.79
N VAL H 774 84.92 -88.61 -150.88
CA VAL H 774 84.56 -89.83 -151.60
C VAL H 774 84.33 -90.97 -150.60
N TYR H 775 83.71 -92.05 -151.04
CA TYR H 775 83.37 -93.14 -150.14
C TYR H 775 84.62 -93.93 -149.75
N LEU H 776 84.56 -94.54 -148.57
CA LEU H 776 85.58 -95.45 -148.08
C LEU H 776 84.88 -96.65 -147.46
N ASP H 777 85.31 -97.84 -147.85
CA ASP H 777 84.72 -99.09 -147.41
C ASP H 777 85.80 -99.97 -146.83
N CYS H 778 85.49 -100.65 -145.73
CA CYS H 778 86.47 -101.47 -145.02
C CYS H 778 86.60 -102.87 -145.59
N SER H 779 85.77 -103.24 -146.56
CA SER H 779 85.83 -104.60 -147.10
C SER H 779 87.16 -104.86 -147.78
N ASN H 780 87.69 -103.88 -148.52
CA ASN H 780 88.97 -104.05 -149.18
C ASN H 780 90.15 -103.97 -148.21
N SER H 781 90.11 -103.02 -147.29
CA SER H 781 91.21 -102.83 -146.35
C SER H 781 91.21 -103.92 -145.28
N SER H 782 92.39 -104.21 -144.76
CA SER H 782 92.50 -105.12 -143.62
C SER H 782 91.84 -104.50 -142.39
N ALA H 783 91.35 -105.35 -141.50
CA ALA H 783 90.67 -104.86 -140.31
C ALA H 783 91.62 -104.03 -139.46
N GLY H 784 91.09 -102.97 -138.86
CA GLY H 784 91.86 -102.09 -137.99
C GLY H 784 92.23 -100.75 -138.61
N THR H 785 92.10 -100.56 -139.92
CA THR H 785 92.40 -99.27 -140.51
C THR H 785 91.42 -98.21 -140.02
N PRO H 786 91.85 -96.95 -139.92
CA PRO H 786 90.95 -95.89 -139.47
C PRO H 786 89.85 -95.61 -140.47
N GLY H 787 88.61 -95.94 -140.10
CA GLY H 787 87.47 -95.77 -140.96
C GLY H 787 86.95 -94.35 -140.97
N ALA H 788 85.69 -94.20 -141.38
CA ALA H 788 85.10 -92.87 -141.45
C ALA H 788 84.93 -92.27 -140.06
N GLU H 789 84.96 -93.09 -139.01
CA GLU H 789 84.92 -92.54 -137.66
C GLU H 789 86.19 -91.76 -137.36
N CYS H 790 87.33 -92.27 -137.81
CA CYS H 790 88.61 -91.57 -137.66
C CYS H 790 88.86 -90.67 -138.87
N LEU H 791 87.84 -89.89 -139.20
CA LEU H 791 87.92 -88.96 -140.32
C LEU H 791 88.66 -87.72 -139.89
N ARG H 792 89.64 -87.30 -140.70
CA ARG H 792 90.33 -86.05 -140.42
C ARG H 792 89.32 -84.91 -140.40
N SER H 793 89.22 -84.26 -139.26
CA SER H 793 88.16 -83.27 -139.03
C SER H 793 88.71 -82.16 -138.16
N CYS H 794 88.00 -81.03 -138.19
CA CYS H 794 88.46 -79.83 -137.50
C CYS H 794 88.65 -80.06 -136.01
N HIS H 795 88.00 -81.08 -135.44
CA HIS H 795 88.24 -81.49 -134.07
C HIS H 795 89.23 -82.63 -133.95
N THR H 796 89.11 -83.66 -134.77
CA THR H 796 89.92 -84.86 -134.62
C THR H 796 91.21 -84.79 -135.42
N LEU H 797 91.44 -83.71 -136.17
CA LEU H 797 92.75 -83.50 -136.74
C LEU H 797 93.78 -83.27 -135.64
N ASP H 798 93.35 -82.80 -134.48
CA ASP H 798 94.25 -82.35 -133.45
C ASP H 798 94.47 -83.36 -132.33
N VAL H 799 93.43 -84.10 -131.93
CA VAL H 799 93.52 -85.01 -130.80
C VAL H 799 94.14 -86.33 -131.21
N GLY H 800 93.66 -86.91 -132.31
CA GLY H 800 94.09 -88.22 -132.73
C GLY H 800 93.03 -89.25 -132.41
N CYS H 801 92.49 -89.90 -133.43
CA CYS H 801 91.29 -90.71 -133.28
C CYS H 801 91.63 -92.09 -132.76
N PHE H 802 90.69 -92.68 -132.01
CA PHE H 802 90.81 -94.04 -131.50
C PHE H 802 89.55 -94.83 -131.86
N SER H 803 89.76 -96.03 -132.40
CA SER H 803 88.65 -96.94 -132.69
C SER H 803 89.21 -98.31 -133.05
N THR H 804 88.58 -99.37 -132.55
CA THR H 804 88.97 -100.72 -132.88
C THR H 804 88.27 -101.27 -134.11
N HIS H 805 87.30 -100.54 -134.67
CA HIS H 805 86.51 -101.02 -135.80
C HIS H 805 86.50 -99.96 -136.89
N CYS H 806 86.77 -100.38 -138.13
CA CYS H 806 86.58 -99.49 -139.27
C CYS H 806 85.10 -99.34 -139.59
N VAL H 807 84.73 -98.17 -140.11
CA VAL H 807 83.37 -97.92 -140.56
C VAL H 807 83.44 -97.37 -141.98
N SER H 808 82.47 -97.78 -142.81
CA SER H 808 82.38 -97.26 -144.16
C SER H 808 81.59 -95.96 -144.15
N GLY H 809 82.02 -95.01 -144.98
CA GLY H 809 81.35 -93.73 -145.06
C GLY H 809 82.12 -92.81 -145.98
N CYS H 810 81.57 -91.61 -146.15
CA CYS H 810 82.16 -90.61 -147.03
C CYS H 810 83.19 -89.79 -146.28
N VAL H 811 84.39 -89.69 -146.84
CA VAL H 811 85.55 -89.07 -146.19
C VAL H 811 86.21 -88.13 -147.19
N CYS H 812 86.63 -86.96 -146.71
CA CYS H 812 87.23 -85.97 -147.58
C CYS H 812 88.51 -86.51 -148.19
N PRO H 813 88.87 -86.07 -149.40
CA PRO H 813 90.08 -86.55 -150.05
C PRO H 813 91.32 -86.11 -149.27
N PRO H 814 92.43 -86.81 -149.43
CA PRO H 814 93.63 -86.46 -148.65
C PRO H 814 94.09 -85.04 -148.91
N GLY H 815 94.60 -84.41 -147.86
CA GLY H 815 94.99 -83.01 -147.89
C GLY H 815 93.98 -82.05 -147.31
N LEU H 816 92.71 -82.47 -147.20
CA LEU H 816 91.65 -81.63 -146.65
C LEU H 816 90.98 -82.38 -145.51
N VAL H 817 90.18 -81.67 -144.73
CA VAL H 817 89.42 -82.23 -143.63
C VAL H 817 87.95 -81.90 -143.86
N SER H 818 87.10 -82.31 -142.94
CA SER H 818 85.67 -82.05 -143.04
C SER H 818 85.22 -81.09 -141.95
N ASP H 819 84.20 -80.29 -142.28
CA ASP H 819 83.57 -79.40 -141.33
C ASP H 819 82.55 -80.12 -140.45
N GLY H 820 82.31 -81.40 -140.67
CA GLY H 820 81.28 -82.13 -139.98
C GLY H 820 79.91 -82.07 -140.64
N SER H 821 79.76 -81.30 -141.72
CA SER H 821 78.50 -81.17 -142.42
C SER H 821 78.57 -81.74 -143.83
N GLY H 822 79.51 -82.65 -144.09
CA GLY H 822 79.68 -83.22 -145.40
C GLY H 822 80.51 -82.41 -146.37
N GLY H 823 80.95 -81.21 -145.98
CA GLY H 823 81.83 -80.40 -146.79
C GLY H 823 83.28 -80.80 -146.62
N CYS H 824 84.14 -80.10 -147.35
CA CYS H 824 85.58 -80.29 -147.25
C CYS H 824 86.25 -78.93 -147.17
N ILE H 825 87.25 -78.82 -146.32
CA ILE H 825 87.92 -77.56 -146.01
C ILE H 825 89.41 -77.81 -145.87
N ALA H 826 90.21 -76.87 -146.34
CA ALA H 826 91.64 -76.93 -146.10
C ALA H 826 91.92 -76.85 -144.61
N GLU H 827 92.94 -77.58 -144.17
CA GLU H 827 93.25 -77.66 -142.74
C GLU H 827 93.63 -76.33 -142.13
N GLU H 828 93.99 -75.33 -142.94
CA GLU H 828 94.34 -74.02 -142.43
C GLU H 828 93.15 -73.08 -142.34
N ASP H 829 91.93 -73.62 -142.38
CA ASP H 829 90.72 -72.80 -142.30
C ASP H 829 89.67 -73.43 -141.41
N CYS H 830 90.05 -74.32 -140.51
CA CYS H 830 89.09 -75.02 -139.67
C CYS H 830 88.44 -74.05 -138.70
N PRO H 831 87.12 -74.08 -138.55
CA PRO H 831 86.46 -73.18 -137.61
C PRO H 831 86.88 -73.46 -136.18
N CYS H 832 87.01 -72.39 -135.40
CA CYS H 832 87.33 -72.50 -133.99
C CYS H 832 86.06 -72.67 -133.17
N VAL H 833 86.09 -73.61 -132.24
CA VAL H 833 84.97 -73.91 -131.36
C VAL H 833 85.24 -73.31 -130.00
N HIS H 834 84.28 -72.59 -129.46
CA HIS H 834 84.43 -71.99 -128.13
C HIS H 834 83.08 -71.88 -127.44
N ASN H 835 82.96 -72.54 -126.29
CA ASN H 835 81.79 -72.41 -125.42
C ASN H 835 80.50 -72.78 -126.15
N GLU H 836 80.42 -74.06 -126.55
CA GLU H 836 79.24 -74.60 -127.23
C GLU H 836 78.90 -73.79 -128.48
N ALA H 837 79.88 -73.09 -129.03
CA ALA H 837 79.68 -72.32 -130.25
C ALA H 837 80.70 -72.72 -131.31
N THR H 838 80.70 -71.96 -132.41
CA THR H 838 81.64 -72.18 -133.50
C THR H 838 81.86 -70.86 -134.21
N TYR H 839 83.12 -70.53 -134.47
CA TYR H 839 83.49 -69.25 -135.08
C TYR H 839 84.30 -69.50 -136.34
N LYS H 840 83.98 -68.78 -137.40
CA LYS H 840 84.75 -68.89 -138.63
C LYS H 840 86.13 -68.28 -138.43
N PRO H 841 87.10 -68.67 -139.24
CA PRO H 841 88.39 -67.98 -139.21
C PRO H 841 88.21 -66.51 -139.54
N GLY H 842 88.88 -65.65 -138.78
CA GLY H 842 88.72 -64.22 -138.92
C GLY H 842 87.66 -63.61 -138.03
N GLU H 843 86.89 -64.41 -137.31
CA GLU H 843 85.94 -63.90 -136.33
C GLU H 843 86.63 -63.73 -134.99
N THR H 844 86.19 -62.71 -134.26
CA THR H 844 86.81 -62.34 -133.00
C THR H 844 85.86 -62.60 -131.83
N ILE H 845 86.44 -62.85 -130.66
CA ILE H 845 85.68 -62.99 -129.44
C ILE H 845 86.38 -62.20 -128.34
N ARG H 846 85.66 -61.97 -127.25
CA ARG H 846 86.20 -61.29 -126.08
C ARG H 846 86.10 -62.23 -124.90
N VAL H 847 87.23 -62.47 -124.23
CA VAL H 847 87.27 -63.25 -123.00
C VAL H 847 87.84 -62.37 -121.90
N ASP H 848 87.08 -62.22 -120.82
CA ASP H 848 87.43 -61.36 -119.70
C ASP H 848 87.84 -59.98 -120.19
N CYS H 849 89.10 -59.61 -119.96
CA CYS H 849 89.59 -58.28 -120.30
C CYS H 849 90.35 -58.25 -121.61
N ASN H 850 90.50 -59.38 -122.27
CA ASN H 850 91.29 -59.47 -123.49
C ASN H 850 90.42 -59.98 -124.64
N THR H 851 90.93 -59.80 -125.85
CA THR H 851 90.22 -60.18 -127.06
C THR H 851 91.06 -61.18 -127.83
N CYS H 852 90.40 -62.19 -128.39
CA CYS H 852 91.05 -63.22 -129.17
C CYS H 852 90.46 -63.26 -130.57
N THR H 853 91.26 -63.80 -131.49
CA THR H 853 90.87 -63.97 -132.88
C THR H 853 91.22 -65.39 -133.31
N CYS H 854 90.38 -65.98 -134.16
CA CYS H 854 90.51 -67.37 -134.56
C CYS H 854 91.41 -67.48 -135.78
N ARG H 855 92.50 -68.24 -135.63
CA ARG H 855 93.43 -68.48 -136.72
C ARG H 855 94.02 -69.87 -136.57
N ASN H 856 93.95 -70.65 -137.64
CA ASN H 856 94.52 -71.99 -137.68
C ASN H 856 94.12 -72.81 -136.46
N ARG H 857 92.81 -72.89 -136.24
CA ARG H 857 92.22 -73.69 -135.15
C ARG H 857 92.80 -73.29 -133.80
N ARG H 858 93.21 -72.03 -133.67
CA ARG H 858 93.74 -71.52 -132.42
C ARG H 858 93.16 -70.15 -132.16
N TRP H 859 93.29 -69.70 -130.92
CA TRP H 859 92.92 -68.34 -130.55
C TRP H 859 94.19 -67.57 -130.23
N GLU H 860 94.39 -66.45 -130.92
CA GLU H 860 95.45 -65.51 -130.58
C GLU H 860 94.82 -64.33 -129.85
N CYS H 861 95.29 -64.08 -128.62
CA CYS H 861 94.70 -63.08 -127.75
C CYS H 861 95.73 -62.03 -127.39
N SER H 862 95.25 -60.81 -127.20
CA SER H 862 96.09 -59.76 -126.65
C SER H 862 96.54 -60.15 -125.25
N HIS H 863 97.63 -59.54 -124.80
CA HIS H 863 98.24 -59.90 -123.51
C HIS H 863 98.02 -58.85 -122.44
N ARG H 864 96.88 -58.18 -122.44
CA ARG H 864 96.58 -57.22 -121.39
C ARG H 864 96.26 -57.94 -120.09
N LEU H 865 96.82 -57.43 -118.99
CA LEU H 865 96.55 -57.99 -117.68
C LEU H 865 95.08 -57.76 -117.31
N CYS H 866 94.50 -58.76 -116.65
CA CYS H 866 93.09 -58.73 -116.29
C CYS H 866 92.92 -58.58 -114.78
N LEU H 867 92.02 -57.69 -114.39
CA LEU H 867 91.83 -57.34 -112.98
C LEU H 867 91.23 -58.52 -112.23
N GLY H 868 91.96 -59.06 -111.26
CA GLY H 868 91.44 -60.17 -110.47
C GLY H 868 90.23 -59.76 -109.66
N THR H 869 89.38 -60.73 -109.34
CA THR H 869 88.08 -60.41 -108.75
C THR H 869 87.76 -61.30 -107.57
N CYS H 870 87.46 -60.69 -106.44
CA CYS H 870 86.87 -61.35 -105.28
C CYS H 870 85.40 -60.97 -105.20
N VAL H 871 84.57 -61.89 -104.71
CA VAL H 871 83.14 -61.66 -104.58
C VAL H 871 82.71 -62.11 -103.21
N ALA H 872 81.93 -61.29 -102.52
CA ALA H 872 81.40 -61.61 -101.20
C ALA H 872 79.97 -61.10 -101.17
N TYR H 873 79.00 -62.00 -101.23
CA TYR H 873 77.61 -61.56 -101.36
C TYR H 873 76.68 -62.54 -100.64
N GLY H 874 75.41 -62.17 -100.59
CA GLY H 874 74.37 -63.03 -100.09
C GLY H 874 74.51 -63.34 -98.62
N ASP H 875 74.10 -64.55 -98.25
CA ASP H 875 74.17 -65.03 -96.88
C ASP H 875 75.59 -65.40 -96.47
N GLY H 876 76.58 -65.05 -97.28
CA GLY H 876 77.95 -65.36 -96.94
C GLY H 876 78.63 -66.20 -98.00
N HIS H 877 78.14 -66.14 -99.22
CA HIS H 877 78.85 -66.80 -100.31
C HIS H 877 80.07 -65.98 -100.70
N PHE H 878 81.20 -66.65 -100.80
CA PHE H 878 82.45 -66.01 -101.22
C PHE H 878 83.00 -66.73 -102.43
N ILE H 879 83.50 -65.95 -103.37
CA ILE H 879 84.30 -66.43 -104.49
C ILE H 879 85.64 -65.76 -104.36
N THR H 880 86.67 -66.52 -104.01
CA THR H 880 87.96 -65.93 -103.71
C THR H 880 88.60 -65.38 -104.99
N PHE H 881 89.80 -64.81 -104.83
CA PHE H 881 90.49 -64.21 -105.96
C PHE H 881 90.90 -65.26 -106.98
N ASP H 882 91.18 -66.47 -106.50
CA ASP H 882 91.69 -67.56 -107.32
C ASP H 882 90.59 -68.41 -107.94
N GLY H 883 89.33 -68.01 -107.80
CA GLY H 883 88.23 -68.74 -108.37
C GLY H 883 87.55 -69.73 -107.45
N ASP H 884 88.03 -69.87 -106.22
CA ASP H 884 87.39 -70.78 -105.28
C ASP H 884 86.02 -70.26 -104.86
N ARG H 885 85.17 -71.16 -104.40
CA ARG H 885 83.82 -70.80 -103.97
C ARG H 885 83.48 -71.53 -102.68
N TYR H 886 82.89 -70.81 -101.72
CA TYR H 886 82.43 -71.46 -100.51
C TYR H 886 81.39 -70.57 -99.83
N SER H 887 80.84 -71.07 -98.73
CA SER H 887 79.83 -70.37 -97.97
C SER H 887 80.25 -70.34 -96.52
N PHE H 888 80.26 -69.14 -95.93
CA PHE H 888 80.65 -68.98 -94.54
C PHE H 888 79.69 -67.98 -93.91
N GLU H 889 78.90 -68.43 -92.95
CA GLU H 889 77.89 -67.59 -92.31
C GLU H 889 78.43 -67.14 -90.96
N GLY H 890 79.22 -66.08 -90.97
CA GLY H 890 79.77 -65.50 -89.76
C GLY H 890 78.95 -64.30 -89.31
N SER H 891 79.22 -63.85 -88.08
CA SER H 891 78.49 -62.73 -87.52
C SER H 891 79.38 -61.56 -87.11
N CYS H 892 80.65 -61.81 -86.78
CA CYS H 892 81.54 -60.77 -86.30
C CYS H 892 82.25 -60.08 -87.45
N GLU H 893 83.29 -59.32 -87.14
CA GLU H 893 84.02 -58.58 -88.16
C GLU H 893 85.11 -59.46 -88.77
N TYR H 894 85.08 -59.60 -90.09
CA TYR H 894 85.97 -60.51 -90.79
C TYR H 894 86.74 -59.77 -91.86
N ILE H 895 88.04 -60.04 -91.94
CA ILE H 895 88.92 -59.35 -92.88
C ILE H 895 88.69 -59.88 -94.28
N LEU H 896 87.99 -59.11 -95.11
CA LEU H 896 87.74 -59.56 -96.47
C LEU H 896 89.01 -59.52 -97.31
N ALA H 897 89.91 -58.60 -97.02
CA ALA H 897 91.19 -58.56 -97.73
C ALA H 897 92.15 -57.70 -96.93
N GLN H 898 93.44 -57.85 -97.23
CA GLN H 898 94.46 -56.98 -96.66
C GLN H 898 95.80 -57.32 -97.26
N ASP H 899 96.68 -56.33 -97.30
CA ASP H 899 98.09 -56.56 -97.56
C ASP H 899 98.89 -56.66 -96.29
N TYR H 900 98.25 -56.52 -95.13
CA TYR H 900 98.95 -56.59 -93.85
C TYR H 900 99.07 -58.05 -93.40
N CYS H 901 99.78 -58.82 -94.22
CA CYS H 901 100.13 -60.20 -93.86
C CYS H 901 101.36 -60.60 -94.67
N GLY H 902 102.40 -60.99 -93.98
CA GLY H 902 103.65 -61.36 -94.61
C GLY H 902 104.79 -61.29 -93.63
N ASP H 903 105.99 -61.57 -94.13
CA ASP H 903 107.18 -61.51 -93.29
C ASP H 903 107.35 -60.11 -92.71
N ASN H 904 106.77 -59.12 -93.36
CA ASN H 904 106.47 -57.83 -92.74
C ASN H 904 105.00 -57.55 -93.01
N THR H 905 104.25 -57.25 -91.94
CA THR H 905 102.87 -56.84 -92.10
C THR H 905 102.76 -55.35 -92.36
N THR H 906 103.83 -54.60 -92.14
CA THR H 906 103.81 -53.14 -92.19
C THR H 906 104.14 -52.58 -93.57
N HIS H 907 104.50 -53.41 -94.53
CA HIS H 907 104.71 -52.91 -95.88
C HIS H 907 103.47 -53.01 -96.75
N GLY H 908 102.33 -53.42 -96.19
CA GLY H 908 101.09 -53.42 -96.92
C GLY H 908 100.43 -52.06 -96.95
N THR H 909 99.37 -51.96 -97.77
CA THR H 909 98.69 -50.68 -97.92
C THR H 909 97.26 -50.71 -97.39
N PHE H 910 96.40 -51.58 -97.92
CA PHE H 910 94.97 -51.46 -97.67
C PHE H 910 94.46 -52.60 -96.79
N ARG H 911 93.19 -52.51 -96.42
CA ARG H 911 92.56 -53.49 -95.57
C ARG H 911 91.04 -53.34 -95.66
N ILE H 912 90.33 -54.44 -95.88
CA ILE H 912 88.89 -54.44 -96.07
C ILE H 912 88.28 -55.45 -95.12
N VAL H 913 87.44 -54.96 -94.21
CA VAL H 913 86.70 -55.78 -93.25
C VAL H 913 85.22 -55.69 -93.60
N THR H 914 84.49 -56.75 -93.29
CA THR H 914 83.04 -56.75 -93.46
C THR H 914 82.38 -57.45 -92.28
N GLU H 915 81.09 -57.19 -92.09
CA GLU H 915 80.28 -57.92 -91.14
C GLU H 915 78.82 -57.68 -91.49
N ASN H 916 77.98 -58.65 -91.12
CA ASN H 916 76.61 -58.71 -91.61
C ASN H 916 75.69 -57.91 -90.70
N ILE H 917 75.14 -56.82 -91.22
CA ILE H 917 74.17 -56.01 -90.50
C ILE H 917 72.78 -56.61 -90.66
N PRO H 918 72.02 -56.73 -89.60
CA PRO H 918 70.57 -56.87 -89.77
C PRO H 918 69.91 -55.51 -89.80
N CYS H 919 69.10 -55.23 -90.81
CA CYS H 919 68.66 -53.86 -91.06
C CYS H 919 67.43 -53.43 -90.27
N GLY H 920 66.73 -54.36 -89.63
CA GLY H 920 65.57 -53.97 -88.85
C GLY H 920 65.40 -54.74 -87.57
N THR H 921 66.31 -55.66 -87.28
CA THR H 921 66.18 -56.57 -86.16
C THR H 921 67.57 -57.05 -85.78
N THR H 922 67.64 -58.13 -85.01
CA THR H 922 68.89 -58.87 -84.79
C THR H 922 68.59 -60.31 -85.18
N GLY H 923 68.72 -60.60 -86.47
CA GLY H 923 68.36 -61.90 -87.00
C GLY H 923 69.13 -62.24 -88.26
N THR H 924 68.42 -62.68 -89.29
CA THR H 924 69.09 -62.96 -90.56
C THR H 924 69.64 -61.68 -91.17
N THR H 925 70.75 -61.81 -91.89
CA THR H 925 71.44 -60.64 -92.41
C THR H 925 70.56 -59.92 -93.43
N CYS H 926 70.65 -58.60 -93.45
CA CYS H 926 69.91 -57.79 -94.39
C CYS H 926 70.78 -56.85 -95.19
N SER H 927 71.89 -56.40 -94.64
CA SER H 927 72.88 -55.61 -95.36
C SER H 927 74.24 -55.89 -94.75
N LYS H 928 75.25 -55.21 -95.24
CA LYS H 928 76.61 -55.41 -94.79
C LYS H 928 77.17 -54.11 -94.23
N ALA H 929 78.44 -54.16 -93.84
CA ALA H 929 79.17 -52.98 -93.37
C ALA H 929 80.64 -53.19 -93.69
N ILE H 930 81.21 -52.27 -94.45
CA ILE H 930 82.58 -52.38 -94.94
C ILE H 930 83.44 -51.38 -94.20
N LYS H 931 84.69 -51.75 -93.93
CA LYS H 931 85.67 -50.83 -93.36
C LYS H 931 86.90 -50.83 -94.25
N LEU H 932 86.87 -49.98 -95.27
CA LEU H 932 87.98 -49.83 -96.21
C LEU H 932 89.07 -48.98 -95.58
N PHE H 933 90.06 -49.64 -94.99
CA PHE H 933 91.24 -48.91 -94.54
C PHE H 933 92.23 -48.84 -95.70
N VAL H 934 92.65 -47.63 -96.03
CA VAL H 934 93.56 -47.38 -97.16
C VAL H 934 94.71 -46.54 -96.61
N GLU H 935 95.87 -47.18 -96.39
CA GLU H 935 96.93 -46.60 -95.60
C GLU H 935 96.40 -46.05 -94.27
N SER H 936 96.52 -44.74 -94.06
CA SER H 936 96.13 -44.12 -92.81
C SER H 936 94.71 -43.57 -92.82
N TYR H 937 93.97 -43.75 -93.91
CA TYR H 937 92.59 -43.29 -93.96
C TYR H 937 91.67 -44.40 -93.46
N GLU H 938 90.37 -44.21 -93.69
CA GLU H 938 89.36 -45.21 -93.37
C GLU H 938 88.06 -44.76 -93.98
N LEU H 939 87.30 -45.71 -94.53
CA LEU H 939 85.95 -45.44 -94.99
C LEU H 939 85.02 -46.48 -94.42
N ILE H 940 83.90 -46.05 -93.89
CA ILE H 940 82.87 -46.97 -93.42
C ILE H 940 81.73 -46.94 -94.43
N LEU H 941 81.43 -48.10 -94.99
CA LEU H 941 80.37 -48.27 -95.96
C LEU H 941 79.22 -48.97 -95.25
N GLN H 942 78.18 -48.22 -94.91
CA GLN H 942 77.07 -48.85 -94.20
C GLN H 942 75.79 -48.08 -94.47
N GLU H 943 74.66 -48.76 -94.26
CA GLU H 943 73.33 -48.17 -94.32
C GLU H 943 72.98 -47.62 -95.71
N GLY H 944 73.90 -47.72 -96.67
CA GLY H 944 73.66 -47.21 -98.01
C GLY H 944 74.49 -46.01 -98.38
N THR H 945 75.40 -45.57 -97.54
CA THR H 945 76.31 -44.48 -97.86
C THR H 945 77.66 -44.74 -97.20
N PHE H 946 78.58 -43.80 -97.41
CA PHE H 946 79.96 -43.90 -96.97
C PHE H 946 80.27 -42.84 -95.94
N LYS H 947 81.45 -42.95 -95.34
CA LYS H 947 81.92 -41.98 -94.37
C LYS H 947 83.42 -41.77 -94.54
N ALA H 948 84.06 -41.12 -93.59
CA ALA H 948 85.49 -40.87 -93.66
C ALA H 948 85.99 -40.54 -92.26
N VAL H 949 86.86 -41.38 -91.72
CA VAL H 949 87.32 -41.25 -90.35
C VAL H 949 88.83 -41.09 -90.38
N ALA H 950 89.33 -40.40 -91.40
CA ALA H 950 90.77 -40.19 -91.57
C ALA H 950 91.42 -39.73 -90.27
N ARG H 951 92.34 -40.56 -89.75
CA ARG H 951 93.00 -40.29 -88.49
C ARG H 951 94.50 -40.05 -88.61
N GLY H 952 95.15 -40.64 -89.61
CA GLY H 952 96.57 -40.46 -89.79
C GLY H 952 96.91 -39.11 -90.40
N PRO H 953 97.95 -39.09 -91.25
CA PRO H 953 98.28 -37.85 -91.98
C PRO H 953 97.11 -37.34 -92.81
N GLY H 954 96.87 -36.03 -92.73
CA GLY H 954 95.77 -35.41 -93.43
C GLY H 954 96.12 -34.82 -94.78
N GLY H 955 96.54 -35.66 -95.72
CA GLY H 955 96.86 -35.22 -97.06
C GLY H 955 95.69 -35.41 -98.02
N ASP H 956 96.03 -35.55 -99.29
CA ASP H 956 95.00 -35.83 -100.27
C ASP H 956 94.56 -37.29 -100.20
N PRO H 957 93.27 -37.55 -100.42
CA PRO H 957 92.78 -38.93 -100.34
C PRO H 957 93.47 -39.84 -101.33
N PRO H 958 93.87 -41.04 -100.90
CA PRO H 958 94.37 -42.04 -101.84
C PRO H 958 93.28 -42.86 -102.51
N TYR H 959 92.03 -42.40 -102.47
CA TYR H 959 90.89 -43.08 -103.05
C TYR H 959 90.05 -42.09 -103.84
N LYS H 960 89.24 -42.64 -104.75
CA LYS H 960 88.24 -41.87 -105.47
C LYS H 960 86.92 -42.59 -105.31
N ILE H 961 85.83 -41.85 -105.34
CA ILE H 961 84.50 -42.36 -105.05
C ILE H 961 83.61 -42.10 -106.25
N ARG H 962 82.87 -43.12 -106.68
CA ARG H 962 81.97 -42.98 -107.80
C ARG H 962 80.68 -43.73 -107.52
N TYR H 963 79.62 -43.32 -108.20
CA TYR H 963 78.32 -43.95 -108.10
C TYR H 963 78.10 -44.69 -109.42
N MET H 964 78.58 -45.93 -109.49
CA MET H 964 78.50 -46.71 -110.72
C MET H 964 77.20 -47.49 -110.69
N GLY H 965 76.18 -46.97 -111.36
CA GLY H 965 74.91 -47.65 -111.43
C GLY H 965 74.25 -47.81 -110.08
N ILE H 966 74.16 -49.05 -109.60
CA ILE H 966 73.57 -49.32 -108.29
C ILE H 966 74.68 -49.70 -107.32
N PHE H 967 75.89 -49.22 -107.58
CA PHE H 967 77.07 -49.56 -106.78
C PHE H 967 77.78 -48.30 -106.33
N LEU H 968 78.31 -48.35 -105.12
CA LEU H 968 79.38 -47.46 -104.70
C LEU H 968 80.70 -48.08 -105.13
N VAL H 969 81.47 -47.39 -105.95
CA VAL H 969 82.73 -47.91 -106.43
C VAL H 969 83.84 -46.97 -106.00
N ILE H 970 84.83 -47.52 -105.32
CA ILE H 970 85.95 -46.74 -104.79
C ILE H 970 87.21 -47.25 -105.45
N GLU H 971 87.92 -46.37 -106.14
CA GLU H 971 89.18 -46.69 -106.78
C GLU H 971 90.36 -46.27 -105.91
N THR H 972 91.47 -46.98 -106.04
CA THR H 972 92.70 -46.65 -105.36
C THR H 972 93.91 -46.78 -106.30
N HIS H 973 93.65 -46.67 -107.60
CA HIS H 973 94.65 -46.70 -108.67
C HIS H 973 95.20 -48.11 -108.90
N GLY H 974 94.87 -49.05 -108.01
CA GLY H 974 95.22 -50.44 -108.21
C GLY H 974 94.24 -51.42 -107.61
N MET H 975 93.10 -50.90 -107.13
CA MET H 975 92.17 -51.72 -106.36
C MET H 975 90.82 -50.98 -106.34
N ALA H 976 89.80 -51.58 -106.93
CA ALA H 976 88.48 -50.96 -107.06
C ALA H 976 87.44 -51.82 -106.36
N VAL H 977 86.70 -51.22 -105.45
CA VAL H 977 85.68 -51.90 -104.66
C VAL H 977 84.31 -51.49 -105.18
N SER H 978 83.38 -52.43 -105.26
CA SER H 978 82.02 -52.16 -105.70
C SER H 978 81.04 -52.75 -104.70
N TRP H 979 80.19 -51.92 -104.14
CA TRP H 979 79.24 -52.31 -103.10
C TRP H 979 77.84 -52.07 -103.63
N ASP H 980 76.99 -53.09 -103.58
CA ASP H 980 75.64 -52.97 -104.12
C ASP H 980 74.73 -52.14 -103.21
N ARG H 981 75.28 -51.62 -102.12
CA ARG H 981 74.62 -50.81 -101.11
C ARG H 981 73.71 -51.67 -100.26
N LYS H 982 73.51 -52.95 -100.57
CA LYS H 982 72.80 -53.83 -99.66
C LYS H 982 73.70 -54.96 -99.17
N THR H 983 74.11 -55.88 -100.01
CA THR H 983 74.85 -57.03 -99.48
C THR H 983 75.93 -57.59 -100.39
N SER H 984 76.18 -57.04 -101.56
CA SER H 984 77.14 -57.63 -102.50
C SER H 984 78.37 -56.73 -102.57
N VAL H 985 79.55 -57.34 -102.46
CA VAL H 985 80.82 -56.64 -102.59
C VAL H 985 81.64 -57.38 -103.63
N PHE H 986 82.08 -56.67 -104.67
CA PHE H 986 82.98 -57.21 -105.67
C PHE H 986 84.23 -56.35 -105.71
N ILE H 987 85.38 -56.96 -105.53
CA ILE H 987 86.65 -56.24 -105.49
C ILE H 987 87.46 -56.67 -106.70
N ARG H 988 88.07 -55.70 -107.39
CA ARG H 988 88.90 -55.97 -108.54
C ARG H 988 90.28 -55.38 -108.32
N LEU H 989 91.27 -56.25 -108.28
CA LEU H 989 92.65 -55.93 -107.94
C LEU H 989 93.53 -55.96 -109.17
N HIS H 990 94.53 -55.08 -109.19
CA HIS H 990 95.55 -55.12 -110.21
C HIS H 990 96.44 -56.35 -110.02
N GLN H 991 97.16 -56.72 -111.07
CA GLN H 991 98.03 -57.88 -110.99
C GLN H 991 99.24 -57.66 -110.09
N ASP H 992 99.47 -56.43 -109.65
CA ASP H 992 100.59 -56.17 -108.75
C ASP H 992 100.42 -56.86 -107.42
N TYR H 993 99.20 -56.83 -106.88
CA TYR H 993 98.94 -57.34 -105.53
C TYR H 993 98.88 -58.86 -105.48
N LYS H 994 99.30 -59.53 -106.54
CA LYS H 994 99.19 -60.98 -106.60
C LYS H 994 100.06 -61.62 -105.54
N GLY H 995 99.52 -62.62 -104.85
CA GLY H 995 100.26 -63.37 -103.88
C GLY H 995 100.52 -62.68 -102.56
N ARG H 996 100.34 -61.37 -102.49
CA ARG H 996 100.66 -60.61 -101.29
C ARG H 996 99.43 -60.14 -100.51
N VAL H 997 98.27 -60.74 -100.76
CA VAL H 997 97.05 -60.41 -100.03
C VAL H 997 96.65 -61.63 -99.20
N CYS H 998 95.63 -61.46 -98.37
CA CYS H 998 95.09 -62.57 -97.59
C CYS H 998 93.69 -62.20 -97.12
N GLY H 999 93.17 -62.95 -96.16
CA GLY H 999 91.82 -62.72 -95.68
C GLY H 999 90.84 -63.73 -96.22
N LEU H 1000 89.59 -63.32 -96.47
CA LEU H 1000 88.55 -64.21 -96.96
C LEU H 1000 88.40 -64.19 -98.48
N CYS H 1001 89.23 -63.45 -99.19
CA CYS H 1001 89.28 -63.54 -100.65
C CYS H 1001 90.49 -64.33 -101.11
N GLY H 1002 91.06 -65.14 -100.23
CA GLY H 1002 92.23 -65.91 -100.60
C GLY H 1002 93.45 -65.01 -100.65
N ASN H 1003 94.56 -65.60 -101.09
CA ASN H 1003 95.81 -64.87 -101.19
C ASN H 1003 96.17 -64.53 -102.62
N PHE H 1004 95.25 -64.70 -103.56
CA PHE H 1004 95.46 -64.29 -104.94
C PHE H 1004 96.77 -64.86 -105.48
N ASP H 1005 96.84 -66.19 -105.53
CA ASP H 1005 98.05 -66.87 -105.98
C ASP H 1005 97.80 -67.80 -107.16
N ASP H 1006 96.63 -67.71 -107.79
CA ASP H 1006 96.24 -68.61 -108.89
C ASP H 1006 96.33 -70.07 -108.44
N ASN H 1007 95.98 -70.30 -107.18
CA ASN H 1007 96.04 -71.65 -106.60
C ASN H 1007 94.91 -71.71 -105.56
N ALA H 1008 93.78 -72.25 -105.98
CA ALA H 1008 92.57 -72.20 -105.17
C ALA H 1008 92.50 -73.30 -104.13
N ILE H 1009 93.40 -74.30 -104.18
CA ILE H 1009 93.31 -75.39 -103.22
C ILE H 1009 93.78 -74.93 -101.84
N ASN H 1010 94.77 -74.05 -101.80
CA ASN H 1010 95.35 -73.59 -100.54
C ASN H 1010 94.77 -72.27 -100.07
N ASP H 1011 93.73 -71.77 -100.73
CA ASP H 1011 93.16 -70.48 -100.34
C ASP H 1011 92.49 -70.54 -98.98
N PHE H 1012 92.22 -71.72 -98.45
CA PHE H 1012 91.69 -71.83 -97.09
C PHE H 1012 92.83 -71.73 -96.09
N ALA H 1013 93.61 -70.65 -96.14
CA ALA H 1013 94.76 -70.48 -95.27
C ALA H 1013 94.39 -69.59 -94.10
N THR H 1014 94.48 -70.13 -92.90
CA THR H 1014 93.99 -69.47 -91.70
C THR H 1014 94.99 -68.41 -91.27
N ARG H 1015 94.80 -67.89 -90.05
CA ARG H 1015 95.66 -66.81 -89.57
C ARG H 1015 97.12 -67.25 -89.47
N SER H 1016 97.34 -68.45 -88.98
CA SER H 1016 98.69 -68.96 -88.80
C SER H 1016 99.20 -69.69 -90.04
N ARG H 1017 98.57 -69.48 -91.19
CA ARG H 1017 98.95 -70.13 -92.45
C ARG H 1017 99.04 -71.64 -92.27
N SER H 1018 97.91 -72.27 -91.98
CA SER H 1018 97.80 -73.72 -91.92
C SER H 1018 96.57 -74.11 -92.72
N VAL H 1019 96.77 -74.37 -94.02
CA VAL H 1019 95.66 -74.59 -94.93
C VAL H 1019 94.79 -75.72 -94.43
N VAL H 1020 93.51 -75.44 -94.22
CA VAL H 1020 92.56 -76.42 -93.74
C VAL H 1020 91.59 -76.75 -94.86
N GLY H 1021 90.92 -77.88 -94.72
CA GLY H 1021 89.94 -78.29 -95.69
C GLY H 1021 88.53 -77.85 -95.38
N ASP H 1022 88.34 -77.05 -94.33
CA ASP H 1022 87.02 -76.67 -93.87
C ASP H 1022 86.88 -75.15 -93.91
N ALA H 1023 85.75 -74.67 -94.41
CA ALA H 1023 85.54 -73.24 -94.52
C ALA H 1023 85.24 -72.59 -93.18
N LEU H 1024 84.63 -73.33 -92.25
CA LEU H 1024 84.27 -72.74 -90.97
C LEU H 1024 85.50 -72.30 -90.20
N GLU H 1025 86.53 -73.13 -90.15
CA GLU H 1025 87.76 -72.73 -89.46
C GLU H 1025 88.46 -71.60 -90.22
N PHE H 1026 88.47 -71.68 -91.55
CA PHE H 1026 89.10 -70.62 -92.33
C PHE H 1026 88.46 -69.27 -92.02
N GLY H 1027 87.14 -69.23 -91.89
CA GLY H 1027 86.49 -68.00 -91.50
C GLY H 1027 86.75 -67.61 -90.06
N ASN H 1028 86.66 -68.59 -89.14
CA ASN H 1028 86.88 -68.29 -87.73
C ASN H 1028 88.27 -67.76 -87.47
N SER H 1029 89.21 -68.03 -88.36
CA SER H 1029 90.55 -67.47 -88.19
C SER H 1029 90.52 -65.95 -88.36
N TRP H 1030 89.85 -65.46 -89.39
CA TRP H 1030 90.00 -64.07 -89.81
C TRP H 1030 89.05 -63.11 -89.11
N LYS H 1031 88.47 -63.49 -87.97
CA LYS H 1031 87.71 -62.53 -87.20
C LYS H 1031 88.64 -61.48 -86.62
N LEU H 1032 88.20 -60.22 -86.64
CA LEU H 1032 89.03 -59.14 -86.12
C LEU H 1032 89.31 -59.31 -84.63
N SER H 1033 88.27 -59.59 -83.85
CA SER H 1033 88.41 -59.60 -82.40
C SER H 1033 88.48 -61.02 -81.89
N PRO H 1034 89.58 -61.44 -81.26
CA PRO H 1034 89.61 -62.78 -80.67
C PRO H 1034 88.57 -63.00 -79.59
N SER H 1035 88.06 -61.93 -78.99
CA SER H 1035 87.02 -62.08 -77.99
C SER H 1035 85.72 -62.58 -78.58
N CYS H 1036 85.49 -62.35 -79.87
CA CYS H 1036 84.24 -62.77 -80.49
C CYS H 1036 84.13 -64.28 -80.51
N PRO H 1037 82.92 -64.83 -80.39
CA PRO H 1037 82.76 -66.28 -80.46
C PRO H 1037 82.80 -66.79 -81.89
N ASP H 1038 83.35 -67.99 -82.05
CA ASP H 1038 83.41 -68.62 -83.37
C ASP H 1038 82.02 -69.00 -83.85
N ALA H 1039 81.80 -68.86 -85.15
CA ALA H 1039 80.55 -69.29 -85.75
C ALA H 1039 80.43 -70.80 -85.64
N LEU H 1040 79.20 -71.26 -85.43
CA LEU H 1040 78.97 -72.69 -85.30
C LEU H 1040 78.68 -73.28 -86.68
N ALA H 1041 78.22 -74.52 -86.70
CA ALA H 1041 77.98 -75.21 -87.95
C ALA H 1041 76.86 -74.52 -88.72
N PRO H 1042 77.10 -74.08 -89.94
CA PRO H 1042 75.99 -73.56 -90.76
C PRO H 1042 74.96 -74.64 -90.98
N LYS H 1043 73.70 -74.26 -90.99
CA LYS H 1043 72.61 -75.22 -91.09
C LYS H 1043 71.90 -74.97 -92.41
N ASP H 1044 71.65 -76.05 -93.16
CA ASP H 1044 71.16 -75.91 -94.52
C ASP H 1044 69.79 -75.23 -94.53
N PRO H 1045 69.60 -74.18 -95.31
CA PRO H 1045 68.38 -73.36 -95.17
C PRO H 1045 67.10 -74.10 -95.55
N CYS H 1046 67.12 -74.76 -96.71
CA CYS H 1046 65.90 -75.36 -97.23
C CYS H 1046 65.41 -76.48 -96.34
N THR H 1047 66.32 -77.21 -95.71
CA THR H 1047 65.90 -78.23 -94.75
C THR H 1047 65.20 -77.59 -93.55
N ALA H 1048 65.72 -76.44 -93.09
CA ALA H 1048 65.11 -75.78 -91.93
C ALA H 1048 63.69 -75.32 -92.25
N ASN H 1049 63.47 -74.77 -93.43
CA ASN H 1049 62.19 -74.15 -93.79
C ASN H 1049 61.72 -74.76 -95.10
N PRO H 1050 61.21 -75.99 -95.07
CA PRO H 1050 60.76 -76.62 -96.31
C PRO H 1050 59.63 -75.87 -96.98
N PHE H 1051 58.81 -75.13 -96.22
CA PHE H 1051 57.66 -74.47 -96.80
C PHE H 1051 58.03 -73.27 -97.65
N ARG H 1052 59.25 -72.77 -97.54
CA ARG H 1052 59.74 -71.80 -98.50
C ARG H 1052 60.31 -72.46 -99.74
N LYS H 1053 60.77 -73.71 -99.59
CA LYS H 1053 61.64 -74.31 -100.57
C LYS H 1053 61.04 -74.23 -101.96
N SER H 1054 59.81 -74.68 -102.10
CA SER H 1054 59.16 -74.67 -103.41
C SER H 1054 59.19 -73.28 -104.03
N TRP H 1055 58.71 -72.28 -103.28
CA TRP H 1055 58.75 -70.91 -103.78
C TRP H 1055 60.16 -70.56 -104.22
N ALA H 1056 61.14 -70.90 -103.39
CA ALA H 1056 62.52 -70.59 -103.73
C ALA H 1056 62.88 -71.08 -105.11
N GLN H 1057 62.60 -72.36 -105.38
CA GLN H 1057 62.95 -72.89 -106.70
C GLN H 1057 62.24 -72.13 -107.79
N LYS H 1058 60.94 -71.88 -107.62
CA LYS H 1058 60.20 -71.15 -108.64
C LYS H 1058 60.83 -69.79 -108.87
N GLN H 1059 61.34 -69.15 -107.82
CA GLN H 1059 61.99 -67.87 -108.02
C GLN H 1059 63.35 -68.05 -108.65
N CYS H 1060 64.12 -69.07 -108.23
CA CYS H 1060 65.47 -69.18 -108.77
C CYS H 1060 65.50 -69.79 -110.15
N SER H 1061 64.41 -70.46 -110.57
CA SER H 1061 64.35 -71.02 -111.90
C SER H 1061 64.55 -69.96 -112.98
N ILE H 1062 64.60 -68.68 -112.62
CA ILE H 1062 64.88 -67.64 -113.60
C ILE H 1062 66.23 -67.90 -114.25
N LEU H 1063 67.14 -68.55 -113.54
CA LEU H 1063 68.47 -68.82 -114.09
C LEU H 1063 68.43 -69.83 -115.22
N HIS H 1064 67.53 -70.80 -115.18
CA HIS H 1064 67.45 -71.81 -116.23
C HIS H 1064 66.54 -71.41 -117.38
N GLY H 1065 65.91 -70.24 -117.32
CA GLY H 1065 64.97 -69.83 -118.34
C GLY H 1065 65.62 -69.10 -119.50
N PRO H 1066 64.82 -68.81 -120.53
CA PRO H 1066 65.37 -68.14 -121.71
C PRO H 1066 65.91 -66.76 -121.42
N THR H 1067 65.61 -66.20 -120.25
CA THR H 1067 66.24 -64.94 -119.85
C THR H 1067 67.74 -65.11 -119.75
N PHE H 1068 68.19 -66.20 -119.13
CA PHE H 1068 69.60 -66.51 -119.00
C PHE H 1068 70.01 -67.70 -119.86
N ALA H 1069 69.43 -67.82 -121.05
CA ALA H 1069 69.82 -68.89 -121.95
C ALA H 1069 71.27 -68.74 -122.40
N ALA H 1070 71.62 -67.56 -122.92
CA ALA H 1070 72.95 -67.37 -123.50
C ALA H 1070 74.04 -67.50 -122.45
N CYS H 1071 73.89 -66.80 -121.32
CA CYS H 1071 74.95 -66.77 -120.33
C CYS H 1071 75.24 -68.14 -119.75
N ARG H 1072 74.25 -69.03 -119.68
CA ARG H 1072 74.50 -70.33 -119.08
C ARG H 1072 75.54 -71.13 -119.84
N SER H 1073 75.85 -70.73 -121.07
CA SER H 1073 76.95 -71.32 -121.81
C SER H 1073 78.24 -70.53 -121.69
N GLN H 1074 78.20 -69.36 -121.07
CA GLN H 1074 79.41 -68.56 -120.87
C GLN H 1074 79.89 -68.55 -119.44
N VAL H 1075 79.00 -68.79 -118.47
CA VAL H 1075 79.37 -68.83 -117.07
C VAL H 1075 78.68 -70.04 -116.45
N ASP H 1076 79.44 -70.84 -115.71
CA ASP H 1076 78.85 -71.97 -115.01
C ASP H 1076 77.96 -71.46 -113.88
N SER H 1077 76.71 -71.92 -113.87
CA SER H 1077 75.70 -71.40 -112.97
C SER H 1077 75.13 -72.45 -112.04
N THR H 1078 75.82 -73.56 -111.83
CA THR H 1078 75.36 -74.51 -110.83
C THR H 1078 75.41 -73.91 -109.43
N LYS H 1079 76.57 -73.37 -109.06
CA LYS H 1079 76.76 -72.87 -107.70
C LYS H 1079 75.98 -71.59 -107.48
N TYR H 1080 75.84 -70.75 -108.49
CA TYR H 1080 75.00 -69.57 -108.36
C TYR H 1080 73.57 -69.96 -108.07
N TYR H 1081 73.06 -70.98 -108.77
CA TYR H 1081 71.70 -71.46 -108.50
C TYR H 1081 71.58 -72.03 -107.11
N GLU H 1082 72.58 -72.80 -106.66
CA GLU H 1082 72.51 -73.33 -105.32
C GLU H 1082 72.48 -72.22 -104.28
N ALA H 1083 73.28 -71.18 -104.49
CA ALA H 1083 73.27 -70.03 -103.59
C ALA H 1083 71.93 -69.31 -103.62
N CYS H 1084 71.35 -69.14 -104.81
CA CYS H 1084 70.05 -68.49 -104.92
C CYS H 1084 69.00 -69.25 -104.12
N VAL H 1085 68.93 -70.56 -104.31
CA VAL H 1085 67.92 -71.35 -103.63
C VAL H 1085 68.15 -71.34 -102.13
N ASN H 1086 69.41 -71.44 -101.70
CA ASN H 1086 69.69 -71.43 -100.26
C ASN H 1086 69.35 -70.09 -99.63
N ASP H 1087 69.59 -68.99 -100.35
CA ASP H 1087 69.27 -67.68 -99.82
C ASP H 1087 67.78 -67.46 -99.76
N ALA H 1088 67.05 -67.81 -100.82
CA ALA H 1088 65.60 -67.70 -100.79
C ALA H 1088 64.98 -68.61 -99.74
N CYS H 1089 65.64 -69.72 -99.40
CA CYS H 1089 65.16 -70.56 -98.30
C CYS H 1089 65.48 -69.95 -96.95
N ALA H 1090 66.61 -69.27 -96.83
CA ALA H 1090 67.08 -68.82 -95.53
C ALA H 1090 66.33 -67.60 -95.03
N CYS H 1091 65.95 -66.68 -95.92
CA CYS H 1091 65.41 -65.39 -95.51
C CYS H 1091 63.97 -65.58 -95.00
N ASP H 1092 63.88 -66.20 -93.83
CA ASP H 1092 62.59 -66.47 -93.21
C ASP H 1092 62.12 -65.38 -92.27
N SER H 1093 62.87 -64.29 -92.15
CA SER H 1093 62.50 -63.22 -91.23
C SER H 1093 62.13 -61.93 -91.93
N GLY H 1094 61.99 -61.93 -93.25
CA GLY H 1094 61.54 -60.76 -93.97
C GLY H 1094 62.58 -60.32 -94.98
N GLY H 1095 62.12 -59.55 -95.97
CA GLY H 1095 62.99 -59.12 -97.04
C GLY H 1095 63.40 -60.27 -97.92
N ASP H 1096 62.44 -60.84 -98.65
CA ASP H 1096 62.72 -62.01 -99.49
C ASP H 1096 63.17 -61.61 -100.88
N CYS H 1097 62.49 -60.63 -101.48
CA CYS H 1097 62.83 -60.24 -102.84
C CYS H 1097 64.26 -59.72 -102.90
N GLU H 1098 64.73 -59.07 -101.84
CA GLU H 1098 66.11 -58.60 -101.84
C GLU H 1098 67.09 -59.77 -101.86
N CYS H 1099 66.81 -60.82 -101.10
CA CYS H 1099 67.68 -62.00 -101.10
C CYS H 1099 67.74 -62.62 -102.48
N PHE H 1100 66.58 -62.90 -103.07
CA PHE H 1100 66.57 -63.49 -104.40
C PHE H 1100 67.21 -62.56 -105.42
N CYS H 1101 66.94 -61.26 -105.32
CA CYS H 1101 67.47 -60.28 -106.25
C CYS H 1101 68.99 -60.27 -106.23
N THR H 1102 69.59 -60.22 -105.04
CA THR H 1102 71.05 -60.17 -105.00
C THR H 1102 71.67 -61.50 -105.41
N ALA H 1103 71.03 -62.62 -105.07
CA ALA H 1103 71.58 -63.90 -105.48
C ALA H 1103 71.61 -64.01 -106.99
N VAL H 1104 70.56 -63.56 -107.66
CA VAL H 1104 70.57 -63.58 -109.12
C VAL H 1104 71.51 -62.51 -109.68
N ALA H 1105 71.63 -61.35 -109.02
CA ALA H 1105 72.43 -60.27 -109.55
C ALA H 1105 73.92 -60.56 -109.48
N ALA H 1106 74.36 -61.44 -108.58
CA ALA H 1106 75.76 -61.86 -108.63
C ALA H 1106 76.05 -62.59 -109.94
N TYR H 1107 75.17 -63.49 -110.34
CA TYR H 1107 75.30 -64.13 -111.65
C TYR H 1107 75.16 -63.11 -112.77
N ALA H 1108 74.28 -62.14 -112.61
CA ALA H 1108 74.15 -61.11 -113.62
C ALA H 1108 75.47 -60.38 -113.83
N GLN H 1109 76.13 -60.03 -112.73
CA GLN H 1109 77.44 -59.38 -112.85
C GLN H 1109 78.48 -60.31 -113.43
N ALA H 1110 78.44 -61.60 -113.09
CA ALA H 1110 79.38 -62.54 -113.69
C ALA H 1110 79.20 -62.57 -115.21
N CYS H 1111 77.96 -62.62 -115.67
CA CYS H 1111 77.71 -62.56 -117.11
C CYS H 1111 78.20 -61.24 -117.69
N HIS H 1112 77.96 -60.14 -116.98
CA HIS H 1112 78.39 -58.83 -117.46
C HIS H 1112 79.89 -58.80 -117.65
N ASP H 1113 80.63 -59.37 -116.70
CA ASP H 1113 82.08 -59.32 -116.75
C ASP H 1113 82.64 -60.30 -117.77
N ALA H 1114 81.96 -61.42 -117.98
CA ALA H 1114 82.49 -62.40 -118.92
C ALA H 1114 82.53 -61.83 -120.33
N GLY H 1115 81.38 -61.71 -120.98
CA GLY H 1115 81.34 -61.02 -122.26
C GLY H 1115 80.04 -60.38 -122.64
N LEU H 1116 79.04 -60.41 -121.75
CA LEU H 1116 77.65 -60.22 -122.16
C LEU H 1116 77.05 -59.01 -121.49
N CYS H 1117 75.98 -58.50 -122.10
CA CYS H 1117 75.15 -57.45 -121.52
C CYS H 1117 73.75 -58.05 -121.35
N VAL H 1118 73.55 -58.73 -120.23
CA VAL H 1118 72.30 -59.41 -119.95
C VAL H 1118 71.40 -58.50 -119.12
N SER H 1119 70.11 -58.50 -119.43
CA SER H 1119 69.14 -57.58 -118.84
C SER H 1119 67.89 -58.36 -118.44
N TRP H 1120 67.88 -58.86 -117.21
CA TRP H 1120 66.74 -59.65 -116.75
C TRP H 1120 65.60 -58.80 -116.18
N ARG H 1121 65.77 -58.32 -114.94
CA ARG H 1121 65.10 -57.17 -114.33
C ARG H 1121 63.71 -56.84 -114.85
N THR H 1122 62.81 -57.82 -114.90
CA THR H 1122 61.47 -57.57 -115.39
C THR H 1122 60.66 -56.87 -114.31
N PRO H 1123 59.67 -56.05 -114.69
CA PRO H 1123 58.83 -55.41 -113.66
C PRO H 1123 58.20 -56.38 -112.70
N ASP H 1124 57.96 -57.62 -113.12
CA ASP H 1124 57.51 -58.66 -112.21
C ASP H 1124 58.63 -59.18 -111.33
N THR H 1125 59.88 -59.07 -111.78
CA THR H 1125 61.01 -59.76 -111.16
C THR H 1125 62.14 -58.78 -110.93
N CYS H 1126 62.38 -58.44 -109.66
CA CYS H 1126 63.47 -57.55 -109.28
C CYS H 1126 63.41 -56.22 -110.04
N PRO H 1127 62.34 -55.44 -109.86
CA PRO H 1127 62.28 -54.14 -110.52
C PRO H 1127 63.24 -53.16 -109.87
N LEU H 1128 63.59 -52.12 -110.62
CA LEU H 1128 64.54 -51.12 -110.15
C LEU H 1128 64.00 -49.74 -110.51
N PHE H 1129 63.44 -49.06 -109.53
CA PHE H 1129 62.83 -47.75 -109.78
C PHE H 1129 63.90 -46.77 -110.20
N CYS H 1130 63.92 -46.42 -111.47
CA CYS H 1130 64.89 -45.47 -111.99
C CYS H 1130 64.25 -44.22 -112.56
N ASP H 1131 62.92 -44.16 -112.61
CA ASP H 1131 62.21 -42.92 -112.88
C ASP H 1131 62.29 -41.96 -111.71
N PHE H 1132 62.79 -42.41 -110.55
CA PHE H 1132 62.70 -41.63 -109.33
C PHE H 1132 63.46 -40.32 -109.44
N TYR H 1133 64.65 -40.36 -110.03
CA TYR H 1133 65.49 -39.17 -110.15
C TYR H 1133 65.11 -38.30 -111.34
N ASN H 1134 64.12 -38.72 -112.12
CA ASN H 1134 63.60 -37.89 -113.19
C ASN H 1134 62.82 -36.75 -112.57
N PRO H 1135 63.21 -35.49 -112.80
CA PRO H 1135 62.41 -34.37 -112.33
C PRO H 1135 61.32 -33.91 -113.30
N HIS H 1136 60.08 -34.17 -112.94
CA HIS H 1136 58.90 -33.67 -113.66
C HIS H 1136 59.08 -33.79 -115.17
N GLY H 1137 59.31 -35.02 -115.62
CA GLY H 1137 59.43 -35.31 -117.03
C GLY H 1137 60.83 -35.28 -117.59
N GLY H 1138 61.78 -34.64 -116.92
CA GLY H 1138 63.16 -34.70 -117.36
C GLY H 1138 63.66 -36.13 -117.34
N CYS H 1139 64.21 -36.57 -118.46
CA CYS H 1139 64.41 -37.98 -118.72
C CYS H 1139 65.86 -38.28 -119.07
N GLU H 1140 66.79 -37.78 -118.25
CA GLU H 1140 68.16 -38.28 -118.35
C GLU H 1140 68.27 -39.70 -117.80
N TRP H 1141 67.70 -39.94 -116.63
CA TRP H 1141 67.92 -41.17 -115.88
C TRP H 1141 67.30 -42.36 -116.61
N HIS H 1142 68.16 -43.17 -117.24
CA HIS H 1142 67.72 -44.37 -117.95
C HIS H 1142 68.47 -45.57 -117.41
N TYR H 1143 67.79 -46.70 -117.38
CA TYR H 1143 68.39 -47.93 -116.87
C TYR H 1143 69.25 -48.55 -117.96
N GLN H 1144 70.53 -48.76 -117.66
CA GLN H 1144 71.42 -49.44 -118.58
C GLN H 1144 71.90 -50.74 -117.95
N PRO H 1145 71.76 -51.88 -118.63
CA PRO H 1145 72.27 -53.13 -118.06
C PRO H 1145 73.78 -53.16 -117.92
N CYS H 1146 74.50 -52.36 -118.71
CA CYS H 1146 75.96 -52.26 -118.60
C CYS H 1146 76.32 -50.79 -118.69
N GLY H 1147 76.84 -50.24 -117.60
CA GLY H 1147 77.10 -48.81 -117.55
C GLY H 1147 78.37 -48.41 -118.25
N ALA H 1148 78.56 -47.09 -118.35
CA ALA H 1148 79.77 -46.54 -118.95
C ALA H 1148 80.98 -46.90 -118.07
N PRO H 1149 82.16 -47.07 -118.69
CA PRO H 1149 83.34 -47.42 -117.88
C PRO H 1149 83.71 -46.37 -116.86
N CYS H 1150 83.53 -45.09 -117.17
CA CYS H 1150 83.78 -44.02 -116.22
C CYS H 1150 82.73 -42.94 -116.42
N LEU H 1151 82.40 -42.24 -115.34
CA LEU H 1151 81.33 -41.26 -115.35
C LEU H 1151 81.89 -39.87 -115.12
N LYS H 1152 81.48 -38.92 -115.95
CA LYS H 1152 81.90 -37.53 -115.81
C LYS H 1152 81.12 -36.95 -114.63
N THR H 1153 81.54 -37.34 -113.44
CA THR H 1153 80.80 -37.00 -112.24
C THR H 1153 81.13 -35.60 -111.78
N CYS H 1154 80.36 -35.14 -110.78
CA CYS H 1154 80.64 -33.86 -110.15
C CYS H 1154 81.98 -33.89 -109.45
N ARG H 1155 82.30 -35.00 -108.79
CA ARG H 1155 83.57 -35.12 -108.08
C ARG H 1155 84.74 -35.33 -109.03
N ASN H 1156 84.50 -35.96 -110.17
CA ASN H 1156 85.53 -36.16 -111.18
C ASN H 1156 85.19 -35.33 -112.41
N PRO H 1157 85.44 -34.01 -112.40
CA PRO H 1157 85.11 -33.20 -113.57
C PRO H 1157 85.93 -33.55 -114.79
N SER H 1158 87.05 -34.25 -114.62
CA SER H 1158 87.90 -34.58 -115.76
C SER H 1158 87.22 -35.57 -116.69
N GLY H 1159 86.54 -36.57 -116.14
CA GLY H 1159 85.97 -37.64 -116.93
C GLY H 1159 86.83 -38.87 -117.05
N HIS H 1160 88.05 -38.84 -116.51
CA HIS H 1160 88.92 -40.01 -116.49
C HIS H 1160 88.72 -40.78 -115.20
N CYS H 1161 89.32 -41.96 -115.14
CA CYS H 1161 89.16 -42.82 -113.97
C CYS H 1161 90.44 -43.58 -113.74
N LEU H 1162 90.61 -44.05 -112.50
CA LEU H 1162 91.83 -44.73 -112.10
C LEU H 1162 91.76 -46.23 -112.40
N VAL H 1163 90.69 -46.87 -112.00
CA VAL H 1163 90.45 -48.28 -112.31
C VAL H 1163 89.21 -48.32 -113.19
N ASP H 1164 89.42 -48.45 -114.49
CA ASP H 1164 88.31 -48.40 -115.44
C ASP H 1164 87.48 -49.66 -115.31
N LEU H 1165 86.37 -49.56 -114.60
CA LEU H 1165 85.50 -50.72 -114.43
C LEU H 1165 84.62 -50.90 -115.67
N PRO H 1166 84.28 -52.14 -116.01
CA PRO H 1166 83.42 -52.39 -117.16
C PRO H 1166 81.96 -52.09 -116.85
N GLY H 1167 81.08 -52.43 -117.78
CA GLY H 1167 79.66 -52.23 -117.55
C GLY H 1167 79.16 -53.04 -116.37
N LEU H 1168 78.18 -52.47 -115.68
CA LEU H 1168 77.53 -53.12 -114.55
C LEU H 1168 76.15 -52.49 -114.39
N GLU H 1169 75.21 -53.28 -113.88
CA GLU H 1169 73.81 -52.87 -113.86
C GLU H 1169 73.64 -51.58 -113.08
N GLY H 1170 72.48 -50.96 -113.26
CA GLY H 1170 72.17 -49.69 -112.64
C GLY H 1170 71.74 -48.67 -113.68
N CYS H 1171 71.09 -47.63 -113.20
CA CYS H 1171 70.60 -46.59 -114.09
C CYS H 1171 71.43 -45.33 -113.96
N TYR H 1172 71.74 -44.75 -115.12
CA TYR H 1172 72.66 -43.65 -115.25
C TYR H 1172 71.97 -42.48 -115.90
N PRO H 1173 72.44 -41.29 -115.67
CA PRO H 1173 71.87 -40.14 -116.34
C PRO H 1173 72.55 -39.83 -117.66
N LYS H 1174 71.76 -39.72 -118.73
CA LYS H 1174 72.29 -39.31 -120.02
C LYS H 1174 72.43 -37.78 -119.97
N CYS H 1175 73.43 -37.34 -119.25
CA CYS H 1175 73.62 -35.91 -118.99
C CYS H 1175 73.83 -35.15 -120.29
N PRO H 1176 72.88 -34.33 -120.72
CA PRO H 1176 72.99 -33.66 -122.00
C PRO H 1176 74.09 -32.61 -121.95
N PRO H 1177 74.56 -32.12 -123.10
CA PRO H 1177 75.61 -31.09 -123.10
C PRO H 1177 75.21 -29.83 -122.37
N SER H 1178 73.92 -29.48 -122.36
CA SER H 1178 73.48 -28.29 -121.64
C SER H 1178 73.75 -28.39 -120.14
N GLN H 1179 73.57 -29.58 -119.57
CA GLN H 1179 73.86 -29.84 -118.15
C GLN H 1179 74.71 -31.10 -118.06
N PRO H 1180 76.00 -30.98 -118.34
CA PRO H 1180 76.86 -32.16 -118.54
C PRO H 1180 77.54 -32.72 -117.30
N PHE H 1181 77.18 -32.31 -116.10
CA PHE H 1181 77.85 -32.79 -114.90
C PHE H 1181 76.88 -33.63 -114.08
N PHE H 1182 77.24 -34.87 -113.81
CA PHE H 1182 76.41 -35.73 -112.97
C PHE H 1182 76.79 -35.50 -111.52
N ASN H 1183 75.84 -35.03 -110.72
CA ASN H 1183 76.04 -34.76 -109.31
C ASN H 1183 75.41 -35.88 -108.50
N GLU H 1184 76.26 -36.61 -107.76
CA GLU H 1184 75.81 -37.77 -106.99
C GLU H 1184 75.02 -37.37 -105.76
N ASP H 1185 75.48 -36.34 -105.04
CA ASP H 1185 74.83 -35.98 -103.79
C ASP H 1185 73.39 -35.55 -103.99
N GLN H 1186 73.04 -35.05 -105.17
CA GLN H 1186 71.66 -34.79 -105.53
C GLN H 1186 71.15 -35.71 -106.63
N MET H 1187 72.02 -36.47 -107.28
CA MET H 1187 71.66 -37.39 -108.35
C MET H 1187 70.95 -36.64 -109.48
N LYS H 1188 71.69 -35.77 -110.15
CA LYS H 1188 71.07 -35.06 -111.26
C LYS H 1188 72.13 -34.53 -112.22
N CYS H 1189 71.70 -34.30 -113.46
CA CYS H 1189 72.54 -33.65 -114.46
C CYS H 1189 72.42 -32.14 -114.29
N VAL H 1190 73.55 -31.47 -114.10
CA VAL H 1190 73.60 -30.06 -113.77
C VAL H 1190 74.62 -29.39 -114.67
N ALA H 1191 74.55 -28.06 -114.70
CA ALA H 1191 75.41 -27.28 -115.60
C ALA H 1191 76.82 -27.11 -115.03
N GLN H 1192 76.95 -26.64 -113.79
CA GLN H 1192 78.25 -26.47 -113.16
C GLN H 1192 78.23 -27.10 -111.78
N CYS H 1193 79.37 -27.62 -111.35
CA CYS H 1193 79.49 -28.32 -110.09
C CYS H 1193 79.84 -27.37 -108.95
N GLY H 1194 79.71 -27.87 -107.73
CA GLY H 1194 80.05 -27.11 -106.54
C GLY H 1194 81.47 -27.36 -106.09
N CYS H 1195 81.63 -27.98 -104.91
CA CYS H 1195 82.95 -28.18 -104.35
C CYS H 1195 82.91 -29.29 -103.30
N TYR H 1196 84.00 -30.05 -103.24
CA TYR H 1196 84.18 -31.09 -102.24
C TYR H 1196 85.35 -30.72 -101.34
N ASP H 1197 85.13 -30.74 -100.03
CA ASP H 1197 86.21 -30.43 -99.10
C ASP H 1197 87.08 -31.67 -98.94
N LYS H 1198 88.01 -31.63 -97.98
CA LYS H 1198 88.87 -32.78 -97.75
C LYS H 1198 88.07 -34.00 -97.30
N ASP H 1199 87.11 -33.81 -96.41
CA ASP H 1199 86.32 -34.94 -95.94
C ASP H 1199 85.29 -35.39 -96.96
N GLY H 1200 85.05 -34.61 -98.01
CA GLY H 1200 84.14 -35.01 -99.06
C GLY H 1200 82.72 -34.48 -98.95
N ASN H 1201 82.47 -33.48 -98.11
CA ASN H 1201 81.16 -32.88 -98.04
C ASN H 1201 80.96 -31.90 -99.20
N TYR H 1202 79.72 -31.74 -99.61
CA TYR H 1202 79.38 -30.96 -100.79
C TYR H 1202 78.65 -29.68 -100.41
N TYR H 1203 78.91 -28.62 -101.16
CA TYR H 1203 78.25 -27.34 -100.99
C TYR H 1203 77.97 -26.74 -102.36
N ASP H 1204 76.98 -25.85 -102.40
CA ASP H 1204 76.69 -25.11 -103.63
C ASP H 1204 77.75 -24.04 -103.84
N VAL H 1205 77.90 -23.62 -105.10
CA VAL H 1205 78.81 -22.52 -105.41
C VAL H 1205 78.45 -21.30 -104.57
N GLY H 1206 79.48 -20.50 -104.25
CA GLY H 1206 79.25 -19.27 -103.51
C GLY H 1206 78.96 -19.45 -102.04
N ALA H 1207 79.07 -20.66 -101.52
CA ALA H 1207 78.79 -20.93 -100.12
C ALA H 1207 80.09 -21.18 -99.36
N ARG H 1208 80.20 -20.59 -98.19
CA ARG H 1208 81.43 -20.67 -97.43
C ARG H 1208 81.55 -22.02 -96.73
N VAL H 1209 82.79 -22.49 -96.62
CA VAL H 1209 83.09 -23.79 -96.02
C VAL H 1209 83.58 -23.56 -94.60
N PRO H 1210 83.19 -24.42 -93.64
CA PRO H 1210 83.73 -24.36 -92.28
C PRO H 1210 85.21 -24.71 -92.20
N CYS H 1218 86.54 -19.49 -96.44
CA CYS H 1218 86.66 -19.68 -97.88
C CYS H 1218 85.32 -19.99 -98.52
N ASN H 1219 85.16 -19.62 -99.79
CA ASN H 1219 83.90 -19.72 -100.51
C ASN H 1219 83.98 -20.84 -101.55
N CYS H 1220 82.93 -20.94 -102.38
CA CYS H 1220 82.90 -21.86 -103.49
C CYS H 1220 82.76 -21.08 -104.79
N THR H 1221 83.55 -21.45 -105.79
CA THR H 1221 83.66 -20.72 -107.05
C THR H 1221 83.81 -21.72 -108.19
N PRO H 1222 83.89 -21.25 -109.45
CA PRO H 1222 84.27 -22.17 -110.53
C PRO H 1222 85.55 -22.94 -110.27
N SER H 1223 86.55 -22.29 -109.64
CA SER H 1223 87.74 -23.02 -109.23
C SER H 1223 87.41 -24.07 -108.19
N GLY H 1224 86.54 -23.74 -107.24
CA GLY H 1224 86.23 -24.63 -106.13
C GLY H 1224 86.28 -23.88 -104.83
N ILE H 1225 86.74 -24.52 -103.77
CA ILE H 1225 86.93 -23.86 -102.49
C ILE H 1225 88.20 -23.03 -102.58
N GLN H 1226 88.06 -21.71 -102.47
CA GLN H 1226 89.20 -20.80 -102.54
C GLN H 1226 89.03 -19.69 -101.51
N CYS H 1227 90.15 -19.08 -101.13
CA CYS H 1227 90.16 -17.93 -100.25
C CYS H 1227 91.50 -17.21 -100.30
N CYS I 1 12.02 58.54 31.08
CA CYS I 1 11.11 57.51 31.56
C CYS I 1 9.91 57.36 30.63
N VAL I 2 9.22 56.22 30.74
CA VAL I 2 8.00 55.95 29.99
C VAL I 2 7.09 55.11 30.87
N ARG I 3 5.83 55.53 31.00
CA ARG I 3 4.86 54.82 31.81
C ARG I 3 3.59 54.60 30.99
N GLU I 4 2.97 53.44 31.16
CA GLU I 4 1.72 53.17 30.47
C GLU I 4 0.59 53.99 31.08
N VAL I 5 -0.15 54.68 30.23
CA VAL I 5 -1.38 55.38 30.61
C VAL I 5 -2.52 54.76 29.82
N CYS I 6 -3.51 54.26 30.53
CA CYS I 6 -4.59 53.50 29.91
C CYS I 6 -5.94 53.99 30.41
N ARG I 7 -6.97 53.82 29.58
CA ARG I 7 -8.31 54.23 29.98
C ARG I 7 -9.33 53.49 29.13
N TRP I 8 -10.57 53.47 29.63
CA TRP I 8 -11.69 52.87 28.92
C TRP I 8 -12.11 53.76 27.76
N SER I 9 -13.00 53.22 26.93
CA SER I 9 -13.63 53.97 25.86
C SER I 9 -15.09 54.22 26.22
N SER I 10 -15.83 54.80 25.28
CA SER I 10 -17.26 55.01 25.47
C SER I 10 -18.04 53.82 24.89
N TRP I 11 -19.36 53.94 24.89
CA TRP I 11 -20.22 52.87 24.42
C TRP I 11 -20.44 52.97 22.91
N TYR I 12 -20.39 51.83 22.23
CA TYR I 12 -20.48 51.77 20.78
C TYR I 12 -21.65 50.88 20.37
N ASN I 13 -22.78 51.50 20.00
CA ASN I 13 -23.95 50.78 19.51
C ASN I 13 -24.16 51.18 18.05
N GLY I 14 -23.48 50.46 17.16
CA GLY I 14 -23.49 50.77 15.74
C GLY I 14 -24.53 50.05 14.91
N HIS I 15 -25.44 49.31 15.53
CA HIS I 15 -26.41 48.53 14.79
C HIS I 15 -27.63 48.29 15.67
N ARG I 16 -28.77 48.07 15.03
CA ARG I 16 -29.98 47.67 15.73
C ARG I 16 -30.42 46.31 15.22
N PRO I 17 -30.39 45.27 16.07
CA PRO I 17 -30.65 43.92 15.56
C PRO I 17 -32.01 43.80 14.92
N GLU I 18 -32.07 42.98 13.88
CA GLU I 18 -33.20 42.85 12.98
C GLU I 18 -34.04 41.64 13.34
N PRO I 19 -35.37 41.75 13.35
CA PRO I 19 -36.21 40.57 13.57
C PRO I 19 -36.11 39.61 12.40
N GLY I 20 -36.27 38.32 12.69
CA GLY I 20 -36.19 37.27 11.71
C GLY I 20 -35.29 36.16 12.18
N LEU I 21 -34.77 35.39 11.22
CA LEU I 21 -33.87 34.28 11.52
C LEU I 21 -32.41 34.62 11.29
N GLY I 22 -32.07 35.30 10.20
CA GLY I 22 -30.70 35.70 9.97
C GLY I 22 -30.29 36.96 10.69
N GLY I 23 -31.24 37.64 11.33
CA GLY I 23 -30.97 38.91 11.97
C GLY I 23 -30.14 38.75 13.24
N GLY I 24 -29.92 39.88 13.89
CA GLY I 24 -29.16 39.93 15.11
C GLY I 24 -28.23 41.12 15.10
N ASP I 25 -27.31 41.14 16.05
CA ASP I 25 -26.35 42.22 16.18
C ASP I 25 -24.96 41.69 15.88
N PHE I 26 -24.23 42.39 15.01
CA PHE I 26 -22.89 41.97 14.59
C PHE I 26 -21.98 43.18 14.73
N GLU I 27 -21.44 43.39 15.94
CA GLU I 27 -20.61 44.55 16.25
C GLU I 27 -19.16 44.11 16.19
N THR I 28 -18.53 44.31 15.04
CA THR I 28 -17.18 43.81 14.81
C THR I 28 -16.19 44.96 14.70
N PHE I 29 -14.94 44.67 15.05
CA PHE I 29 -13.90 45.69 14.99
C PHE I 29 -13.69 46.19 13.56
N GLU I 30 -13.81 45.30 12.58
CA GLU I 30 -13.71 45.72 11.18
C GLU I 30 -14.87 46.64 10.81
N ASN I 31 -16.09 46.31 11.24
CA ASN I 31 -17.21 47.21 11.01
C ASN I 31 -17.03 48.52 11.75
N LEU I 32 -16.46 48.47 12.96
CA LEU I 32 -16.21 49.69 13.71
C LEU I 32 -15.21 50.57 12.96
N ARG I 33 -14.16 49.98 12.39
CA ARG I 33 -13.21 50.74 11.59
C ARG I 33 -13.88 51.34 10.35
N GLN I 34 -14.70 50.54 9.66
CA GLN I 34 -15.34 51.01 8.44
C GLN I 34 -16.31 52.16 8.72
N ARG I 35 -17.09 52.05 9.79
CA ARG I 35 -18.09 53.06 10.10
C ARG I 35 -17.47 54.36 10.64
N GLY I 36 -16.18 54.37 10.94
CA GLY I 36 -15.53 55.55 11.44
C GLY I 36 -15.34 55.60 12.94
N TYR I 37 -15.87 54.61 13.67
CA TYR I 37 -15.58 54.51 15.09
C TYR I 37 -14.10 54.22 15.29
N GLN I 38 -13.48 54.92 16.24
CA GLN I 38 -12.06 54.73 16.48
C GLN I 38 -11.81 53.35 17.09
N VAL I 39 -10.91 52.59 16.48
CA VAL I 39 -10.56 51.26 16.95
C VAL I 39 -9.06 51.24 17.25
N CYS I 40 -8.73 50.98 18.51
CA CYS I 40 -7.33 50.92 18.91
C CYS I 40 -6.72 49.61 18.40
N PRO I 41 -5.55 49.65 17.77
CA PRO I 41 -4.91 48.40 17.33
C PRO I 41 -4.59 47.45 18.48
N VAL I 42 -4.27 47.99 19.65
CA VAL I 42 -3.87 47.20 20.81
C VAL I 42 -4.85 47.49 21.95
N LEU I 43 -5.11 46.48 22.78
CA LEU I 43 -6.08 46.59 23.85
C LEU I 43 -5.72 45.59 24.94
N ALA I 44 -6.41 45.69 26.07
CA ALA I 44 -6.23 44.78 27.19
C ALA I 44 -7.50 44.01 27.52
N ASP I 45 -8.65 44.68 27.61
CA ASP I 45 -9.91 44.02 27.87
C ASP I 45 -11.04 44.90 27.37
N ILE I 46 -12.16 44.26 27.03
CA ILE I 46 -13.34 44.96 26.55
C ILE I 46 -14.56 44.43 27.30
N GLU I 47 -15.62 45.24 27.31
CA GLU I 47 -16.84 44.90 28.05
C GLU I 47 -18.04 45.04 27.13
N CYS I 48 -18.85 43.99 27.06
CA CYS I 48 -20.09 44.00 26.30
C CYS I 48 -21.27 44.08 27.25
N ARG I 49 -22.38 44.62 26.76
CA ARG I 49 -23.62 44.65 27.56
C ARG I 49 -24.80 44.85 26.62
N ALA I 50 -26.00 44.67 27.16
CA ALA I 50 -27.22 45.02 26.44
C ALA I 50 -27.50 46.50 26.61
N ALA I 51 -27.74 47.19 25.50
CA ALA I 51 -27.93 48.64 25.55
C ALA I 51 -29.23 49.02 26.24
N GLN I 52 -30.30 48.27 26.00
CA GLN I 52 -31.60 48.59 26.58
C GLN I 52 -31.75 48.09 28.02
N LEU I 53 -30.88 47.20 28.48
CA LEU I 53 -30.91 46.70 29.86
C LEU I 53 -29.52 46.90 30.45
N PRO I 54 -29.24 48.10 30.97
CA PRO I 54 -27.88 48.44 31.41
C PRO I 54 -27.52 47.95 32.80
N ASP I 55 -28.31 47.06 33.40
CA ASP I 55 -28.03 46.56 34.73
C ASP I 55 -27.72 45.07 34.75
N MET I 56 -28.60 44.25 34.23
CA MET I 56 -28.43 42.80 34.34
C MET I 56 -27.33 42.33 33.39
N PRO I 57 -26.34 41.59 33.90
CA PRO I 57 -25.17 41.24 33.07
C PRO I 57 -25.48 40.30 31.92
N LEU I 58 -24.45 39.94 31.16
CA LEU I 58 -24.64 39.08 30.00
C LEU I 58 -25.11 37.68 30.41
N GLU I 59 -24.47 37.09 31.43
CA GLU I 59 -24.82 35.72 31.80
C GLU I 59 -26.21 35.64 32.42
N GLU I 60 -26.67 36.71 33.06
CA GLU I 60 -28.04 36.72 33.56
C GLU I 60 -29.05 36.72 32.42
N LEU I 61 -28.68 37.25 31.25
CA LEU I 61 -29.56 37.16 30.09
C LEU I 61 -29.77 35.72 29.67
N GLY I 62 -28.69 34.95 29.61
CA GLY I 62 -28.76 33.57 29.17
C GLY I 62 -28.77 33.38 27.67
N GLN I 63 -28.74 34.45 26.89
CA GLN I 63 -28.75 34.34 25.45
C GLN I 63 -27.37 34.00 24.92
N GLN I 64 -27.32 33.47 23.69
CA GLN I 64 -26.07 33.06 23.07
C GLN I 64 -25.43 34.26 22.40
N VAL I 65 -24.45 34.85 23.07
CA VAL I 65 -23.66 35.95 22.54
C VAL I 65 -22.20 35.58 22.70
N ASP I 66 -21.41 35.79 21.65
CA ASP I 66 -19.96 35.65 21.80
C ASP I 66 -19.31 37.02 21.69
N CYS I 67 -18.51 37.36 22.70
CA CYS I 67 -17.95 38.70 22.87
C CYS I 67 -16.53 38.54 23.36
N ASP I 68 -15.57 38.92 22.52
CA ASP I 68 -14.15 38.66 22.74
C ASP I 68 -13.31 39.88 22.40
N ARG I 69 -12.14 39.95 23.04
CA ARG I 69 -11.25 41.10 22.90
C ARG I 69 -10.67 41.21 21.50
N MET I 70 -10.54 40.10 20.77
CA MET I 70 -9.94 40.17 19.44
C MET I 70 -10.95 40.54 18.36
N ARG I 71 -12.21 40.13 18.50
CA ARG I 71 -13.20 40.35 17.45
C ARG I 71 -14.24 41.38 17.82
N GLY I 72 -14.93 41.20 18.94
CA GLY I 72 -16.06 42.07 19.25
C GLY I 72 -17.26 41.29 19.77
N LEU I 73 -18.46 41.63 19.30
CA LEU I 73 -19.69 41.06 19.84
C LEU I 73 -20.55 40.53 18.71
N MET I 74 -21.16 39.37 18.91
CA MET I 74 -22.05 38.80 17.92
C MET I 74 -23.18 38.07 18.63
N CYS I 75 -24.41 38.40 18.22
CA CYS I 75 -25.64 37.73 18.66
C CYS I 75 -26.44 37.40 17.40
N ALA I 76 -26.72 36.13 17.18
CA ALA I 76 -27.47 35.66 16.02
C ALA I 76 -28.88 35.28 16.44
N ASN I 77 -29.85 35.64 15.61
CA ASN I 77 -31.25 35.39 15.95
C ASN I 77 -31.55 33.90 16.06
N SER I 78 -31.05 33.11 15.11
CA SER I 78 -31.47 31.72 15.01
C SER I 78 -31.03 30.88 16.20
N GLN I 79 -30.03 31.31 16.96
CA GLN I 79 -29.47 30.49 18.03
C GLN I 79 -30.26 30.59 19.34
N GLN I 80 -31.18 31.54 19.47
CA GLN I 80 -31.94 31.73 20.70
C GLN I 80 -33.40 31.36 20.48
N SER I 81 -34.10 31.14 21.58
CA SER I 81 -35.54 30.91 21.55
C SER I 81 -36.20 31.90 22.49
N PRO I 82 -37.11 32.77 22.02
CA PRO I 82 -37.51 33.02 20.63
C PRO I 82 -36.34 33.41 19.73
N PRO I 83 -36.42 33.15 18.44
CA PRO I 83 -35.27 33.41 17.56
C PRO I 83 -35.01 34.89 17.38
N LEU I 84 -34.56 35.57 18.43
CA LEU I 84 -34.32 36.99 18.38
C LEU I 84 -33.12 37.33 19.26
N CYS I 85 -32.66 38.57 19.15
CA CYS I 85 -31.59 39.10 19.96
C CYS I 85 -32.03 40.41 20.60
N HIS I 86 -31.30 40.82 21.63
CA HIS I 86 -31.47 42.14 22.20
C HIS I 86 -30.54 43.12 21.49
N ASP I 87 -30.65 44.40 21.81
CA ASP I 87 -29.80 45.42 21.21
C ASP I 87 -28.59 45.63 22.11
N TYR I 88 -27.44 45.10 21.69
CA TYR I 88 -26.23 45.13 22.50
C TYR I 88 -25.33 46.28 22.07
N GLU I 89 -24.34 46.55 22.93
CA GLU I 89 -23.23 47.43 22.58
C GLU I 89 -22.02 47.00 23.42
N LEU I 90 -20.89 47.66 23.18
CA LEU I 90 -19.65 47.26 23.82
C LEU I 90 -18.71 48.46 23.93
N ARG I 91 -17.70 48.31 24.76
CA ARG I 91 -16.66 49.33 24.92
C ARG I 91 -15.31 48.65 25.06
N VAL I 92 -14.26 49.37 24.68
CA VAL I 92 -12.91 48.84 24.63
C VAL I 92 -12.00 49.67 25.53
N LEU I 93 -10.81 49.14 25.76
CA LEU I 93 -9.81 49.74 26.63
C LEU I 93 -8.56 50.04 25.82
N CYS I 94 -8.12 51.30 25.84
CA CYS I 94 -6.95 51.73 25.08
C CYS I 94 -5.85 52.20 26.03
N CYS I 95 -4.64 51.68 25.82
CA CYS I 95 -3.48 52.02 26.62
C CYS I 95 -2.35 52.46 25.70
N GLU I 96 -1.74 53.60 26.02
CA GLU I 96 -0.56 54.10 25.34
C GLU I 96 0.57 54.24 26.35
N TYR I 97 1.74 54.71 25.89
CA TYR I 97 2.90 54.90 26.75
C TYR I 97 3.33 56.34 26.66
N VAL I 98 3.32 57.04 27.80
CA VAL I 98 3.63 58.47 27.84
C VAL I 98 4.96 58.65 28.56
N PRO I 99 5.85 59.52 28.09
CA PRO I 99 7.08 59.81 28.83
C PRO I 99 6.78 60.37 30.22
N CYS I 100 7.59 59.96 31.19
CA CYS I 100 7.39 60.35 32.58
C CYS I 100 7.77 61.81 32.79
N CYS J 1 51.55 -42.14 -10.57
CA CYS J 1 50.84 -41.97 -11.83
C CYS J 1 49.55 -42.81 -11.84
N VAL J 2 48.48 -42.21 -12.32
CA VAL J 2 47.19 -42.87 -12.46
C VAL J 2 46.58 -42.48 -13.80
N ARG J 3 46.07 -43.46 -14.53
CA ARG J 3 45.53 -43.25 -15.86
C ARG J 3 44.03 -43.51 -15.87
N GLU J 4 43.33 -42.74 -16.70
CA GLU J 4 41.89 -42.89 -16.88
C GLU J 4 41.61 -44.16 -17.68
N VAL J 5 40.56 -44.89 -17.29
CA VAL J 5 40.07 -46.03 -18.06
C VAL J 5 38.56 -45.91 -18.14
N CYS J 6 38.06 -45.58 -19.32
CA CYS J 6 36.63 -45.49 -19.59
C CYS J 6 36.18 -46.75 -20.31
N ARG J 7 34.88 -47.03 -20.26
CA ARG J 7 34.35 -48.18 -20.96
C ARG J 7 32.84 -48.06 -21.08
N TRP J 8 32.30 -48.46 -22.23
CA TRP J 8 30.87 -48.57 -22.37
C TRP J 8 30.34 -49.73 -21.54
N SER J 9 29.07 -49.64 -21.19
CA SER J 9 28.33 -50.77 -20.63
C SER J 9 27.38 -51.30 -21.68
N SER J 10 26.86 -52.50 -21.45
CA SER J 10 26.04 -53.18 -22.43
C SER J 10 24.65 -52.54 -22.48
N TRP J 11 23.74 -53.17 -23.23
CA TRP J 11 22.38 -52.68 -23.39
C TRP J 11 21.56 -53.04 -22.15
N TYR J 12 20.78 -52.07 -21.68
CA TYR J 12 19.89 -52.25 -20.54
C TYR J 12 18.45 -51.99 -21.00
N ASN J 13 17.81 -53.02 -21.53
CA ASN J 13 16.40 -52.95 -21.91
C ASN J 13 15.60 -53.47 -20.72
N GLY J 14 15.07 -52.54 -19.92
CA GLY J 14 14.44 -52.90 -18.67
C GLY J 14 12.94 -52.81 -18.64
N HIS J 15 12.32 -52.50 -19.78
CA HIS J 15 10.87 -52.37 -19.84
C HIS J 15 10.38 -52.66 -21.26
N ARG J 16 9.16 -53.19 -21.33
CA ARG J 16 8.41 -53.26 -22.58
C ARG J 16 7.28 -52.26 -22.51
N PRO J 17 7.28 -51.22 -23.35
CA PRO J 17 6.22 -50.21 -23.26
C PRO J 17 4.85 -50.80 -23.53
N GLU J 18 3.87 -50.27 -22.83
CA GLU J 18 2.50 -50.78 -22.86
C GLU J 18 1.65 -49.96 -23.80
N PRO J 19 0.83 -50.58 -24.64
CA PRO J 19 -0.12 -49.81 -25.46
C PRO J 19 -1.16 -49.13 -24.58
N GLY J 20 -1.61 -47.97 -25.04
CA GLY J 20 -2.59 -47.18 -24.34
C GLY J 20 -2.27 -45.71 -24.44
N LEU J 21 -2.82 -44.94 -23.51
CA LEU J 21 -2.58 -43.50 -23.45
C LEU J 21 -1.55 -43.10 -22.40
N GLY J 22 -1.52 -43.80 -21.27
CA GLY J 22 -0.57 -43.50 -20.22
C GLY J 22 0.65 -44.38 -20.18
N GLY J 23 0.67 -45.46 -20.97
CA GLY J 23 1.80 -46.33 -21.02
C GLY J 23 2.94 -45.73 -21.81
N GLY J 24 4.06 -46.42 -21.77
CA GLY J 24 5.26 -45.95 -22.43
C GLY J 24 6.48 -46.67 -21.90
N ASP J 25 7.63 -46.10 -22.20
CA ASP J 25 8.91 -46.70 -21.81
C ASP J 25 9.67 -45.72 -20.94
N PHE J 26 9.88 -46.10 -19.67
CA PHE J 26 10.52 -45.22 -18.69
C PHE J 26 11.75 -45.93 -18.14
N GLU J 27 12.86 -45.79 -18.84
CA GLU J 27 14.12 -46.41 -18.43
C GLU J 27 14.84 -45.41 -17.54
N THR J 28 14.62 -45.52 -16.23
CA THR J 28 15.16 -44.57 -15.28
C THR J 28 16.24 -45.23 -14.43
N PHE J 29 17.23 -44.41 -14.03
CA PHE J 29 18.40 -44.94 -13.33
C PHE J 29 18.01 -45.61 -12.02
N GLU J 30 17.14 -44.96 -11.24
CA GLU J 30 16.73 -45.55 -9.97
C GLU J 30 15.93 -46.83 -10.18
N ASN J 31 15.07 -46.86 -11.20
CA ASN J 31 14.37 -48.09 -11.51
C ASN J 31 15.34 -49.19 -11.94
N LEU J 32 16.37 -48.83 -12.70
CA LEU J 32 17.38 -49.81 -13.09
C LEU J 32 18.09 -50.37 -11.86
N ARG J 33 18.41 -49.50 -10.90
CA ARG J 33 19.03 -49.98 -9.67
C ARG J 33 18.08 -50.90 -8.89
N GLN J 34 16.81 -50.55 -8.84
CA GLN J 34 15.82 -51.38 -8.15
C GLN J 34 15.68 -52.74 -8.80
N ARG J 35 15.78 -52.78 -10.13
CA ARG J 35 15.66 -54.04 -10.87
C ARG J 35 16.95 -54.84 -10.86
N GLY J 36 18.04 -54.30 -10.32
CA GLY J 36 19.29 -55.02 -10.16
C GLY J 36 20.37 -54.64 -11.14
N TYR J 37 20.04 -53.93 -12.21
CA TYR J 37 21.05 -53.50 -13.16
C TYR J 37 22.05 -52.57 -12.49
N GLN J 38 23.34 -52.83 -12.71
CA GLN J 38 24.38 -51.99 -12.15
C GLN J 38 24.46 -50.68 -12.93
N VAL J 39 24.21 -49.57 -12.25
CA VAL J 39 24.26 -48.24 -12.85
C VAL J 39 25.33 -47.44 -12.11
N CYS J 40 26.32 -46.97 -12.84
CA CYS J 40 27.41 -46.22 -12.22
C CYS J 40 26.91 -44.85 -11.78
N PRO J 41 27.13 -44.45 -10.53
CA PRO J 41 26.71 -43.11 -10.09
C PRO J 41 27.38 -42.00 -10.88
N VAL J 42 28.61 -42.20 -11.33
CA VAL J 42 29.35 -41.20 -12.09
C VAL J 42 29.43 -41.66 -13.54
N LEU J 43 29.16 -40.74 -14.47
CA LEU J 43 29.13 -41.05 -15.89
C LEU J 43 29.45 -39.79 -16.68
N ALA J 44 29.73 -39.98 -17.97
CA ALA J 44 29.92 -38.87 -18.89
C ALA J 44 28.80 -38.79 -19.92
N ASP J 45 28.58 -39.86 -20.68
CA ASP J 45 27.54 -39.90 -21.71
C ASP J 45 26.73 -41.18 -21.56
N ILE J 46 25.51 -41.14 -22.11
CA ILE J 46 24.69 -42.33 -22.31
C ILE J 46 24.20 -42.30 -23.76
N GLU J 47 23.72 -43.45 -24.22
CA GLU J 47 23.21 -43.54 -25.58
C GLU J 47 21.90 -44.31 -25.58
N CYS J 48 20.88 -43.73 -26.21
CA CYS J 48 19.58 -44.36 -26.34
C CYS J 48 19.40 -44.87 -27.76
N ARG J 49 18.65 -45.95 -27.91
CA ARG J 49 18.29 -46.45 -29.23
C ARG J 49 17.06 -47.33 -29.10
N ALA J 50 16.21 -47.30 -30.14
CA ALA J 50 15.04 -48.17 -30.16
C ALA J 50 15.48 -49.62 -30.19
N ALA J 51 14.95 -50.42 -29.26
CA ALA J 51 15.46 -51.77 -29.06
C ALA J 51 15.27 -52.64 -30.31
N GLN J 52 14.10 -52.55 -30.93
CA GLN J 52 13.82 -53.39 -32.09
C GLN J 52 14.50 -52.87 -33.35
N LEU J 53 14.75 -51.57 -33.44
CA LEU J 53 15.44 -50.99 -34.58
C LEU J 53 16.78 -50.41 -34.14
N PRO J 54 17.87 -51.17 -34.21
CA PRO J 54 19.16 -50.70 -33.69
C PRO J 54 20.01 -49.91 -34.68
N ASP J 55 19.46 -49.46 -35.80
CA ASP J 55 20.24 -48.79 -36.82
C ASP J 55 19.95 -47.30 -36.95
N MET J 56 18.69 -46.89 -36.89
CA MET J 56 18.41 -45.46 -37.12
C MET J 56 18.46 -44.70 -35.80
N PRO J 57 19.22 -43.60 -35.72
CA PRO J 57 19.21 -42.77 -34.53
C PRO J 57 17.83 -42.41 -34.00
N LEU J 58 17.80 -41.91 -32.76
CA LEU J 58 16.53 -41.53 -32.14
C LEU J 58 15.84 -40.43 -32.92
N GLU J 59 16.61 -39.47 -33.46
CA GLU J 59 16.00 -38.35 -34.16
C GLU J 59 15.23 -38.78 -35.40
N GLU J 60 15.80 -39.70 -36.19
CA GLU J 60 15.08 -40.18 -37.37
C GLU J 60 13.79 -40.88 -37.02
N LEU J 61 13.67 -41.40 -35.80
CA LEU J 61 12.38 -41.93 -35.35
C LEU J 61 11.33 -40.84 -35.28
N GLY J 62 11.72 -39.64 -34.86
CA GLY J 62 10.81 -38.52 -34.82
C GLY J 62 9.84 -38.52 -33.66
N GLN J 63 9.95 -39.48 -32.75
CA GLN J 63 9.05 -39.57 -31.61
C GLN J 63 9.59 -38.73 -30.45
N GLN J 64 8.67 -38.26 -29.60
CA GLN J 64 9.03 -37.43 -28.45
C GLN J 64 9.56 -38.35 -27.35
N VAL J 65 10.86 -38.61 -27.41
CA VAL J 65 11.57 -39.38 -26.41
C VAL J 65 12.69 -38.51 -25.88
N ASP J 66 12.76 -38.35 -24.56
CA ASP J 66 13.77 -37.51 -23.95
C ASP J 66 14.74 -38.36 -23.15
N CYS J 67 16.02 -38.30 -23.51
CA CYS J 67 17.08 -38.93 -22.71
C CYS J 67 17.95 -37.83 -22.14
N ASP J 68 18.24 -37.92 -20.85
CA ASP J 68 19.25 -37.10 -20.21
C ASP J 68 20.24 -38.01 -19.48
N ARG J 69 21.51 -37.62 -19.53
CA ARG J 69 22.57 -38.45 -18.96
C ARG J 69 22.50 -38.51 -17.44
N MET J 70 21.73 -37.61 -16.82
CA MET J 70 21.60 -37.66 -15.37
C MET J 70 20.37 -38.44 -14.93
N ARG J 71 19.39 -38.61 -15.79
CA ARG J 71 18.11 -39.10 -15.27
C ARG J 71 17.56 -40.30 -16.02
N GLY J 72 17.77 -40.40 -17.34
CA GLY J 72 17.38 -41.60 -18.05
C GLY J 72 16.61 -41.29 -19.32
N LEU J 73 15.82 -42.27 -19.77
CA LEU J 73 15.07 -42.20 -21.03
C LEU J 73 13.58 -42.28 -20.75
N MET J 74 12.82 -41.39 -21.37
CA MET J 74 11.36 -41.40 -21.22
C MET J 74 10.67 -41.31 -22.57
N CYS J 75 9.60 -42.10 -22.71
CA CYS J 75 8.68 -42.01 -23.83
C CYS J 75 7.27 -42.23 -23.30
N ALA J 76 6.41 -41.23 -23.46
CA ALA J 76 5.01 -41.33 -23.08
C ALA J 76 4.14 -41.48 -24.32
N ASN J 77 3.11 -42.31 -24.21
CA ASN J 77 2.29 -42.63 -25.38
C ASN J 77 1.58 -41.39 -25.92
N SER J 78 1.07 -40.53 -25.03
CA SER J 78 0.23 -39.42 -25.45
C SER J 78 0.98 -38.43 -26.34
N GLN J 79 2.24 -38.15 -26.01
CA GLN J 79 3.02 -37.18 -26.77
C GLN J 79 3.15 -37.57 -28.23
N GLN J 80 3.09 -38.85 -28.55
CA GLN J 80 3.35 -39.35 -29.89
C GLN J 80 2.03 -39.61 -30.61
N SER J 81 1.98 -39.21 -31.87
CA SER J 81 0.96 -39.70 -32.80
C SER J 81 1.67 -40.58 -33.81
N PRO J 82 1.42 -41.89 -33.83
CA PRO J 82 0.33 -42.59 -33.14
C PRO J 82 0.47 -42.68 -31.62
N PRO J 83 -0.64 -42.80 -30.91
CA PRO J 83 -0.58 -42.81 -29.44
C PRO J 83 0.09 -44.06 -28.89
N LEU J 84 1.31 -44.32 -29.37
CA LEU J 84 2.11 -45.44 -28.91
C LEU J 84 3.57 -45.06 -29.00
N CYS J 85 4.37 -45.72 -28.17
CA CYS J 85 5.82 -45.57 -28.20
C CYS J 85 6.44 -46.77 -28.89
N HIS J 86 7.71 -46.63 -29.23
CA HIS J 86 8.52 -47.75 -29.67
C HIS J 86 9.15 -48.41 -28.44
N ASP J 87 9.97 -49.43 -28.68
CA ASP J 87 10.69 -50.09 -27.60
C ASP J 87 12.13 -49.60 -27.61
N TYR J 88 12.60 -49.10 -26.47
CA TYR J 88 13.88 -48.43 -26.39
C TYR J 88 14.75 -49.09 -25.33
N GLU J 89 16.05 -48.77 -25.40
CA GLU J 89 16.99 -49.11 -24.33
C GLU J 89 18.17 -48.14 -24.43
N LEU J 90 19.06 -48.21 -23.45
CA LEU J 90 20.20 -47.30 -23.42
C LEU J 90 21.42 -48.01 -22.86
N ARG J 91 22.56 -47.35 -23.00
CA ARG J 91 23.81 -47.79 -22.40
C ARG J 91 24.53 -46.61 -21.75
N VAL J 92 25.32 -46.92 -20.74
CA VAL J 92 26.03 -45.93 -19.93
C VAL J 92 27.53 -46.08 -20.16
N LEU J 93 28.24 -44.96 -20.02
CA LEU J 93 29.69 -44.94 -20.13
C LEU J 93 30.26 -44.80 -18.72
N CYS J 94 30.86 -45.89 -18.21
CA CYS J 94 31.43 -45.91 -16.88
C CYS J 94 32.94 -45.75 -16.97
N CYS J 95 33.49 -44.81 -16.21
CA CYS J 95 34.92 -44.51 -16.25
C CYS J 95 35.49 -44.50 -14.85
N GLU J 96 36.68 -45.06 -14.70
CA GLU J 96 37.38 -45.06 -13.42
C GLU J 96 38.87 -44.80 -13.62
N TYR J 97 39.66 -45.03 -12.57
CA TYR J 97 41.08 -44.72 -12.58
C TYR J 97 41.87 -45.98 -12.21
N VAL J 98 42.98 -46.21 -12.92
CA VAL J 98 43.83 -47.37 -12.70
C VAL J 98 45.26 -46.86 -12.51
N PRO J 99 45.98 -47.31 -11.49
CA PRO J 99 47.35 -46.84 -11.29
C PRO J 99 48.25 -47.17 -12.48
N CYS J 100 49.13 -46.22 -12.81
CA CYS J 100 50.07 -46.38 -13.91
C CYS J 100 51.02 -47.55 -13.67
N CYS K 1 -0.38 72.96 33.02
CA CYS K 1 -1.50 72.12 33.42
C CYS K 1 -1.21 71.41 34.74
N VAL K 2 -2.27 70.93 35.39
CA VAL K 2 -2.17 70.16 36.62
C VAL K 2 -3.28 69.12 36.62
N ARG K 3 -2.93 67.87 36.87
CA ARG K 3 -3.90 66.78 36.90
C ARG K 3 -3.71 65.97 38.18
N GLU K 4 -4.82 65.54 38.77
CA GLU K 4 -4.75 64.71 39.97
C GLU K 4 -4.24 63.33 39.61
N VAL K 5 -3.23 62.86 40.33
CA VAL K 5 -2.74 61.50 40.25
C VAL K 5 -2.93 60.86 41.62
N CYS K 6 -3.68 59.76 41.67
CA CYS K 6 -4.07 59.14 42.92
C CYS K 6 -3.81 57.64 42.87
N ARG K 7 -3.59 57.06 44.04
CA ARG K 7 -3.35 55.63 44.12
C ARG K 7 -3.63 55.13 45.54
N TRP K 8 -3.85 53.82 45.65
CA TRP K 8 -4.06 53.17 46.94
C TRP K 8 -2.75 53.10 47.71
N SER K 9 -2.85 52.71 48.97
CA SER K 9 -1.71 52.41 49.81
C SER K 9 -1.60 50.90 50.03
N SER K 10 -0.66 50.51 50.88
CA SER K 10 -0.52 49.10 51.23
C SER K 10 -1.33 48.81 52.50
N TRP K 11 -1.19 47.59 53.00
CA TRP K 11 -1.93 47.16 54.18
C TRP K 11 -1.19 47.52 55.46
N TYR K 12 -1.93 48.02 56.45
CA TYR K 12 -1.35 48.50 57.70
C TYR K 12 -1.96 47.74 58.87
N ASN K 13 -1.21 46.76 59.40
CA ASN K 13 -1.63 45.99 60.57
C ASN K 13 -0.64 46.31 61.70
N GLY K 14 -0.91 47.38 62.42
CA GLY K 14 -0.02 47.87 63.46
C GLY K 14 -0.30 47.37 64.86
N HIS K 15 -1.21 46.43 65.03
CA HIS K 15 -1.58 45.94 66.35
C HIS K 15 -2.15 44.54 66.23
N ARG K 16 -2.05 43.78 67.32
CA ARG K 16 -2.67 42.47 67.42
C ARG K 16 -3.68 42.50 68.55
N PRO K 17 -4.97 42.37 68.27
CA PRO K 17 -5.98 42.54 69.32
C PRO K 17 -5.78 41.57 70.48
N GLU K 18 -6.07 42.05 71.68
CA GLU K 18 -5.78 41.39 72.93
C GLU K 18 -7.01 40.69 73.48
N PRO K 19 -6.88 39.46 73.96
CA PRO K 19 -8.02 38.81 74.61
C PRO K 19 -8.38 39.50 75.91
N GLY K 20 -9.68 39.45 76.25
CA GLY K 20 -10.20 40.07 77.45
C GLY K 20 -11.43 40.89 77.13
N LEU K 21 -11.72 41.85 77.99
CA LEU K 21 -12.86 42.74 77.83
C LEU K 21 -12.50 44.10 77.27
N GLY K 22 -11.42 44.71 77.75
CA GLY K 22 -10.99 45.98 77.20
C GLY K 22 -10.17 45.87 75.94
N GLY K 23 -9.82 44.65 75.53
CA GLY K 23 -8.96 44.45 74.39
C GLY K 23 -9.65 44.74 73.08
N GLY K 24 -8.92 44.50 72.00
CA GLY K 24 -9.41 44.71 70.67
C GLY K 24 -8.35 45.38 69.82
N ASP K 25 -8.76 45.84 68.64
CA ASP K 25 -7.86 46.48 67.70
C ASP K 25 -8.25 47.95 67.59
N PHE K 26 -7.26 48.83 67.72
CA PHE K 26 -7.48 50.28 67.67
C PHE K 26 -6.47 50.86 66.68
N GLU K 27 -6.82 50.85 65.39
CA GLU K 27 -5.92 51.30 64.33
C GLU K 27 -6.33 52.71 63.95
N THR K 28 -5.67 53.70 64.54
CA THR K 28 -6.04 55.09 64.37
C THR K 28 -4.97 55.84 63.59
N PHE K 29 -5.41 56.89 62.89
CA PHE K 29 -4.49 57.71 62.11
C PHE K 29 -3.44 58.35 62.98
N GLU K 30 -3.81 58.76 64.19
CA GLU K 30 -2.84 59.33 65.11
C GLU K 30 -1.82 58.27 65.54
N ASN K 31 -2.28 57.05 65.83
CA ASN K 31 -1.34 55.97 66.14
C ASN K 31 -0.48 55.64 64.93
N LEU K 32 -1.06 55.71 63.73
CA LEU K 32 -0.28 55.45 62.52
C LEU K 32 0.81 56.50 62.35
N ARG K 33 0.50 57.76 62.62
CA ARG K 33 1.51 58.81 62.58
C ARG K 33 2.59 58.59 63.63
N GLN K 34 2.19 58.23 64.85
CA GLN K 34 3.16 58.05 65.93
C GLN K 34 4.09 56.88 65.64
N ARG K 35 3.55 55.77 65.14
CA ARG K 35 4.35 54.58 64.89
C ARG K 35 5.27 54.72 63.69
N GLY K 36 5.13 55.78 62.89
CA GLY K 36 5.97 55.99 61.75
C GLY K 36 5.37 55.58 60.42
N TYR K 37 4.18 54.98 60.44
CA TYR K 37 3.46 54.71 59.20
C TYR K 37 3.07 56.02 58.54
N GLN K 38 3.28 56.11 57.22
CA GLN K 38 2.98 57.33 56.50
C GLN K 38 1.47 57.55 56.46
N VAL K 39 1.03 58.73 56.88
CA VAL K 39 -0.39 59.08 56.89
C VAL K 39 -0.57 60.32 56.01
N CYS K 40 -1.34 60.18 54.96
CA CYS K 40 -1.60 61.31 54.08
C CYS K 40 -2.58 62.27 54.76
N PRO K 41 -2.30 63.57 54.76
CA PRO K 41 -3.26 64.52 55.36
C PRO K 41 -4.61 64.52 54.67
N VAL K 42 -4.64 64.28 53.35
CA VAL K 42 -5.86 64.31 52.56
C VAL K 42 -6.07 62.95 51.93
N LEU K 43 -7.32 62.56 51.76
CA LEU K 43 -7.66 61.25 51.24
C LEU K 43 -9.05 61.30 50.61
N ALA K 44 -9.42 60.23 49.92
CA ALA K 44 -10.74 60.11 49.31
C ALA K 44 -11.54 58.95 49.88
N ASP K 45 -10.94 57.78 50.00
CA ASP K 45 -11.63 56.64 50.59
C ASP K 45 -10.59 55.65 51.11
N ILE K 46 -11.00 54.87 52.11
CA ILE K 46 -10.14 53.87 52.72
C ILE K 46 -10.92 52.56 52.83
N GLU K 47 -10.17 51.46 52.94
CA GLU K 47 -10.76 50.13 52.98
C GLU K 47 -10.22 49.36 54.18
N CYS K 48 -11.11 48.83 55.00
CA CYS K 48 -10.75 47.99 56.13
C CYS K 48 -11.07 46.53 55.81
N ARG K 49 -10.34 45.62 56.46
CA ARG K 49 -10.63 44.20 56.31
C ARG K 49 -10.02 43.45 57.49
N ALA K 50 -10.39 42.18 57.62
CA ALA K 50 -9.74 41.30 58.57
C ALA K 50 -8.47 40.73 57.96
N ALA K 51 -7.36 40.83 58.70
CA ALA K 51 -6.07 40.41 58.16
C ALA K 51 -6.00 38.90 57.98
N GLN K 52 -6.55 38.13 58.92
CA GLN K 52 -6.48 36.68 58.86
C GLN K 52 -7.55 36.07 57.96
N LEU K 53 -8.57 36.83 57.57
CA LEU K 53 -9.61 36.35 56.66
C LEU K 53 -9.72 37.35 55.51
N PRO K 54 -8.86 37.21 54.49
CA PRO K 54 -8.77 38.23 53.44
C PRO K 54 -9.82 38.09 52.35
N ASP K 55 -10.86 37.29 52.54
CA ASP K 55 -11.90 37.11 51.53
C ASP K 55 -13.25 37.64 51.98
N MET K 56 -13.76 37.16 53.10
CA MET K 56 -15.11 37.50 53.51
C MET K 56 -15.16 38.94 54.02
N PRO K 57 -16.07 39.77 53.49
CA PRO K 57 -16.05 41.21 53.82
C PRO K 57 -16.40 41.52 55.25
N LEU K 58 -16.41 42.81 55.60
CA LEU K 58 -16.69 43.23 56.97
C LEU K 58 -18.11 42.88 57.38
N GLU K 59 -19.10 43.15 56.52
CA GLU K 59 -20.49 42.91 56.91
C GLU K 59 -20.79 41.43 57.02
N GLU K 60 -20.09 40.59 56.27
CA GLU K 60 -20.27 39.14 56.42
C GLU K 60 -19.76 38.66 57.77
N LEU K 61 -18.79 39.37 58.36
CA LEU K 61 -18.34 39.03 59.70
C LEU K 61 -19.46 39.24 60.71
N GLY K 62 -20.16 40.36 60.62
CA GLY K 62 -21.22 40.68 61.57
C GLY K 62 -20.74 41.29 62.86
N GLN K 63 -19.43 41.46 63.06
CA GLN K 63 -18.91 42.01 64.30
C GLN K 63 -19.03 43.53 64.28
N GLN K 64 -18.98 44.12 65.47
CA GLN K 64 -19.12 45.57 65.62
C GLN K 64 -17.75 46.21 65.43
N VAL K 65 -17.53 46.76 64.23
CA VAL K 65 -16.32 47.49 63.89
C VAL K 65 -16.76 48.82 63.31
N ASP K 66 -16.14 49.91 63.74
CA ASP K 66 -16.36 51.19 63.08
C ASP K 66 -15.10 51.61 62.35
N CYS K 67 -15.24 51.88 61.05
CA CYS K 67 -14.11 52.11 60.15
C CYS K 67 -14.49 53.25 59.21
N ASP K 68 -13.80 54.38 59.35
CA ASP K 68 -14.17 55.62 58.69
C ASP K 68 -12.94 56.31 58.12
N ARG K 69 -13.18 57.12 57.08
CA ARG K 69 -12.10 57.80 56.37
C ARG K 69 -11.41 58.86 57.23
N MET K 70 -12.10 59.42 58.22
CA MET K 70 -11.48 60.47 59.02
C MET K 70 -10.65 59.92 60.18
N ARG K 71 -11.05 58.79 60.74
CA ARG K 71 -10.40 58.26 61.93
C ARG K 71 -9.60 56.99 61.65
N GLY K 72 -10.22 55.96 61.09
CA GLY K 72 -9.55 54.68 60.97
C GLY K 72 -10.45 53.52 61.36
N LEU K 73 -9.91 52.55 62.11
CA LEU K 73 -10.64 51.32 62.41
C LEU K 73 -10.60 51.06 63.91
N MET K 74 -11.73 50.61 64.44
CA MET K 74 -11.80 50.28 65.87
C MET K 74 -12.73 49.09 66.05
N CYS K 75 -12.24 48.08 66.76
CA CYS K 75 -13.01 46.91 67.19
C CYS K 75 -12.74 46.72 68.67
N ALA K 76 -13.80 46.75 69.48
CA ALA K 76 -13.70 46.59 70.92
C ALA K 76 -14.20 45.22 71.33
N ASN K 77 -13.48 44.58 72.26
CA ASN K 77 -13.84 43.23 72.66
C ASN K 77 -15.21 43.16 73.29
N SER K 78 -15.53 44.11 74.18
CA SER K 78 -16.74 43.99 74.99
C SER K 78 -18.02 44.07 74.18
N GLN K 79 -17.97 44.62 72.96
CA GLN K 79 -19.18 44.83 72.18
C GLN K 79 -19.63 43.60 71.40
N GLN K 80 -18.82 42.56 71.30
CA GLN K 80 -19.16 41.38 70.54
C GLN K 80 -19.36 40.19 71.47
N SER K 81 -20.03 39.16 70.96
CA SER K 81 -20.19 37.89 71.68
C SER K 81 -19.68 36.77 70.78
N PRO K 82 -18.68 36.00 71.20
CA PRO K 82 -17.84 36.12 72.41
C PRO K 82 -17.13 37.47 72.49
N PRO K 83 -16.81 37.94 73.68
CA PRO K 83 -16.22 39.28 73.82
C PRO K 83 -14.81 39.35 73.28
N LEU K 84 -14.67 39.23 71.96
CA LEU K 84 -13.36 39.25 71.32
C LEU K 84 -13.46 39.94 69.97
N CYS K 85 -12.30 40.20 69.38
CA CYS K 85 -12.19 40.78 68.05
C CYS K 85 -11.28 39.91 67.19
N HIS K 86 -11.36 40.12 65.89
CA HIS K 86 -10.42 39.53 64.96
C HIS K 86 -9.26 40.50 64.77
N ASP K 87 -8.23 40.06 64.04
CA ASP K 87 -7.07 40.90 63.77
C ASP K 87 -7.29 41.63 62.44
N TYR K 88 -7.61 42.91 62.51
CA TYR K 88 -7.97 43.69 61.34
C TYR K 88 -6.77 44.49 60.84
N GLU K 89 -6.91 45.01 59.63
CA GLU K 89 -5.99 46.02 59.10
C GLU K 89 -6.76 46.85 58.09
N LEU K 90 -6.09 47.87 57.55
CA LEU K 90 -6.76 48.82 56.66
C LEU K 90 -5.73 49.43 55.71
N ARG K 91 -6.25 50.05 54.66
CA ARG K 91 -5.43 50.77 53.70
C ARG K 91 -6.14 52.06 53.29
N VAL K 92 -5.34 53.04 52.88
CA VAL K 92 -5.83 54.38 52.56
C VAL K 92 -5.48 54.72 51.12
N LEU K 93 -6.08 55.80 50.64
CA LEU K 93 -5.94 56.27 49.27
C LEU K 93 -5.34 57.67 49.29
N CYS K 94 -4.23 57.87 48.58
CA CYS K 94 -3.54 59.15 48.55
C CYS K 94 -3.55 59.71 47.14
N CYS K 95 -3.95 60.97 47.01
CA CYS K 95 -4.01 61.66 45.73
C CYS K 95 -3.24 62.97 45.83
N GLU K 96 -2.37 63.21 44.87
CA GLU K 96 -1.65 64.48 44.73
C GLU K 96 -1.98 65.09 43.38
N TYR K 97 -1.39 66.24 43.09
CA TYR K 97 -1.61 66.94 41.81
C TYR K 97 -0.27 67.14 41.13
N VAL K 98 -0.13 66.58 39.94
CA VAL K 98 1.13 66.61 39.19
C VAL K 98 0.95 67.51 37.98
N PRO K 99 1.93 68.36 37.65
CA PRO K 99 1.84 69.14 36.41
C PRO K 99 1.76 68.24 35.19
N CYS K 100 0.95 68.67 34.23
CA CYS K 100 0.71 67.90 33.00
C CYS K 100 1.93 67.92 32.08
N CYS L 1 49.94 -61.49 -16.38
CA CYS L 1 49.03 -61.14 -17.46
C CYS L 1 49.68 -60.18 -18.45
N VAL L 2 49.10 -60.10 -19.65
CA VAL L 2 49.55 -59.17 -20.69
C VAL L 2 48.33 -58.71 -21.47
N ARG L 3 48.18 -57.40 -21.63
CA ARG L 3 47.06 -56.83 -22.37
C ARG L 3 47.57 -55.83 -23.39
N GLU L 4 46.95 -55.81 -24.56
CA GLU L 4 47.33 -54.86 -25.59
C GLU L 4 46.89 -53.46 -25.19
N VAL L 5 47.82 -52.51 -25.26
CA VAL L 5 47.53 -51.09 -25.09
C VAL L 5 47.91 -50.40 -26.38
N CYS L 6 46.94 -49.72 -26.99
CA CYS L 6 47.13 -49.13 -28.32
C CYS L 6 46.64 -47.70 -28.32
N ARG L 7 47.22 -46.90 -29.22
CA ARG L 7 46.83 -45.50 -29.34
C ARG L 7 47.22 -44.96 -30.71
N TRP L 8 46.58 -43.87 -31.09
CA TRP L 8 46.89 -43.18 -32.32
C TRP L 8 48.22 -42.44 -32.20
N SER L 9 48.70 -41.93 -33.33
CA SER L 9 49.86 -41.06 -33.39
C SER L 9 49.41 -39.64 -33.70
N SER L 10 50.38 -38.76 -33.89
CA SER L 10 50.10 -37.39 -34.29
C SER L 10 50.12 -37.27 -35.80
N TRP L 11 49.99 -36.04 -36.30
CA TRP L 11 49.96 -35.79 -37.73
C TRP L 11 51.36 -35.60 -38.28
N TYR L 12 51.63 -36.20 -39.44
CA TYR L 12 52.96 -36.21 -40.05
C TYR L 12 52.88 -35.59 -41.45
N ASN L 13 53.28 -34.33 -41.57
CA ASN L 13 53.34 -33.63 -42.85
C ASN L 13 54.80 -33.32 -43.15
N GLY L 14 55.49 -34.29 -43.74
CA GLY L 14 56.92 -34.19 -44.00
C GLY L 14 57.31 -33.64 -45.36
N HIS L 15 56.36 -33.15 -46.15
CA HIS L 15 56.65 -32.68 -47.49
C HIS L 15 55.60 -31.68 -47.91
N ARG L 16 55.96 -30.79 -48.82
CA ARG L 16 55.02 -29.87 -49.43
C ARG L 16 54.98 -30.14 -50.93
N PRO L 17 53.85 -30.60 -51.46
CA PRO L 17 53.83 -31.02 -52.88
C PRO L 17 54.22 -29.89 -53.82
N GLU L 18 54.90 -30.26 -54.88
CA GLU L 18 55.55 -29.35 -55.82
C GLU L 18 54.70 -29.15 -57.06
N PRO L 19 54.54 -27.92 -57.54
CA PRO L 19 53.83 -27.72 -58.81
C PRO L 19 54.61 -28.29 -59.97
N GLY L 20 53.88 -28.73 -61.00
CA GLY L 20 54.47 -29.32 -62.18
C GLY L 20 53.78 -30.62 -62.51
N LEU L 21 54.48 -31.47 -63.27
CA LEU L 21 53.95 -32.77 -63.67
C LEU L 21 54.47 -33.92 -62.82
N GLY L 22 55.77 -33.95 -62.52
CA GLY L 22 56.30 -34.98 -61.66
C GLY L 22 56.10 -34.74 -60.18
N GLY L 23 55.60 -33.56 -59.81
CA GLY L 23 55.46 -33.20 -58.42
C GLY L 23 54.35 -33.95 -57.73
N GLY L 24 54.13 -33.59 -56.47
CA GLY L 24 53.12 -34.20 -55.65
C GLY L 24 53.65 -34.48 -54.27
N ASP L 25 52.89 -35.24 -53.50
CA ASP L 25 53.27 -35.59 -52.14
C ASP L 25 53.55 -37.07 -52.06
N PHE L 26 54.70 -37.43 -51.49
CA PHE L 26 55.12 -38.82 -51.38
C PHE L 26 55.51 -39.08 -49.93
N GLU L 27 54.54 -39.41 -49.09
CA GLU L 27 54.74 -39.60 -47.66
C GLU L 27 54.85 -41.09 -47.41
N THR L 28 56.07 -41.61 -47.37
CA THR L 28 56.30 -43.04 -47.26
C THR L 28 56.92 -43.38 -45.93
N PHE L 29 56.66 -44.62 -45.47
CA PHE L 29 57.20 -45.07 -44.20
C PHE L 29 58.72 -45.08 -44.20
N GLU L 30 59.32 -45.43 -45.35
CA GLU L 30 60.78 -45.37 -45.45
C GLU L 30 61.29 -43.93 -45.35
N ASN L 31 60.61 -42.99 -46.01
CA ASN L 31 60.97 -41.59 -45.85
C ASN L 31 60.75 -41.11 -44.43
N LEU L 32 59.67 -41.60 -43.78
CA LEU L 32 59.43 -41.24 -42.40
C LEU L 32 60.55 -41.74 -41.49
N ARG L 33 61.02 -42.95 -41.73
CA ARG L 33 62.15 -43.47 -40.96
C ARG L 33 63.41 -42.66 -41.21
N GLN L 34 63.68 -42.33 -42.48
CA GLN L 34 64.89 -41.58 -42.81
C GLN L 34 64.88 -40.20 -42.20
N ARG L 35 63.74 -39.51 -42.25
CA ARG L 35 63.65 -38.15 -41.74
C ARG L 35 63.67 -38.07 -40.23
N GLY L 36 63.58 -39.21 -39.53
CA GLY L 36 63.60 -39.21 -38.09
C GLY L 36 62.23 -39.30 -37.43
N TYR L 37 61.16 -39.26 -38.21
CA TYR L 37 59.82 -39.51 -37.66
C TYR L 37 59.74 -40.95 -37.17
N GLN L 38 59.17 -41.14 -35.98
CA GLN L 38 59.07 -42.47 -35.41
C GLN L 38 58.08 -43.30 -36.22
N VAL L 39 58.51 -44.48 -36.67
CA VAL L 39 57.68 -45.39 -37.45
C VAL L 39 57.58 -46.71 -36.69
N CYS L 40 56.36 -47.07 -36.30
CA CYS L 40 56.17 -48.32 -35.59
C CYS L 40 56.28 -49.49 -36.58
N PRO L 41 57.03 -50.54 -36.24
CA PRO L 41 57.10 -51.70 -37.15
C PRO L 41 55.76 -52.37 -37.38
N VAL L 42 54.89 -52.36 -36.38
CA VAL L 42 53.60 -53.03 -36.43
C VAL L 42 52.51 -51.99 -36.21
N LEU L 43 51.37 -52.20 -36.86
CA LEU L 43 50.27 -51.24 -36.82
C LEU L 43 48.97 -51.98 -37.10
N ALA L 44 47.85 -51.28 -36.90
CA ALA L 44 46.53 -51.81 -37.18
C ALA L 44 45.79 -51.03 -38.27
N ASP L 45 45.78 -49.70 -38.17
CA ASP L 45 45.15 -48.88 -39.20
C ASP L 45 45.76 -47.49 -39.15
N ILE L 46 45.71 -46.80 -40.28
CA ILE L 46 46.23 -45.45 -40.42
C ILE L 46 45.20 -44.59 -41.12
N GLU L 47 45.32 -43.28 -40.92
CA GLU L 47 44.36 -42.32 -41.47
C GLU L 47 45.10 -41.23 -42.22
N CYS L 48 44.71 -41.00 -43.47
CA CYS L 48 45.25 -39.92 -44.29
C CYS L 48 44.23 -38.80 -44.41
N ARG L 49 44.72 -37.58 -44.63
CA ARG L 49 43.83 -36.45 -44.87
C ARG L 49 44.62 -35.35 -45.56
N ALA L 50 43.89 -34.34 -46.05
CA ALA L 50 44.50 -33.14 -46.56
C ALA L 50 44.80 -32.19 -45.40
N ALA L 51 46.05 -31.70 -45.34
CA ALA L 51 46.46 -30.87 -44.22
C ALA L 51 45.77 -29.51 -44.23
N GLN L 52 45.60 -28.92 -45.41
CA GLN L 52 44.99 -27.60 -45.51
C GLN L 52 43.46 -27.63 -45.49
N LEU L 53 42.84 -28.80 -45.65
CA LEU L 53 41.39 -28.96 -45.59
C LEU L 53 41.09 -30.06 -44.60
N PRO L 54 41.06 -29.74 -43.31
CA PRO L 54 40.94 -30.77 -42.27
C PRO L 54 39.52 -31.26 -42.01
N ASP L 55 38.56 -30.95 -42.87
CA ASP L 55 37.18 -31.38 -42.68
C ASP L 55 36.70 -32.35 -43.76
N MET L 56 36.79 -31.95 -45.02
CA MET L 56 36.24 -32.78 -46.08
C MET L 56 37.11 -34.00 -46.33
N PRO L 57 36.53 -35.21 -46.32
CA PRO L 57 37.33 -36.44 -46.38
C PRO L 57 38.05 -36.63 -47.71
N LEU L 58 38.77 -37.75 -47.81
CA LEU L 58 39.55 -38.02 -49.02
C LEU L 58 38.64 -38.24 -50.23
N GLU L 59 37.57 -39.04 -50.07
CA GLU L 59 36.72 -39.34 -51.21
C GLU L 59 35.94 -38.13 -51.67
N GLU L 60 35.64 -37.19 -50.77
CA GLU L 60 34.98 -35.95 -51.19
C GLU L 60 35.91 -35.11 -52.05
N LEU L 61 37.23 -35.23 -51.87
CA LEU L 61 38.16 -34.54 -52.74
C LEU L 61 38.05 -35.04 -54.17
N GLY L 62 37.98 -36.36 -54.35
CA GLY L 62 37.93 -36.93 -55.67
C GLY L 62 39.26 -37.08 -56.37
N GLN L 63 40.35 -36.64 -55.75
CA GLN L 63 41.66 -36.74 -56.37
C GLN L 63 42.23 -38.14 -56.22
N GLN L 64 43.20 -38.47 -57.07
CA GLN L 64 43.80 -39.80 -57.08
C GLN L 64 44.92 -39.83 -56.05
N VAL L 65 44.63 -40.41 -54.90
CA VAL L 65 45.59 -40.62 -53.82
C VAL L 65 45.51 -42.08 -53.42
N ASP L 66 46.66 -42.72 -53.27
CA ASP L 66 46.67 -44.06 -52.70
C ASP L 66 47.32 -44.03 -51.32
N CYS L 67 46.59 -44.53 -50.33
CA CYS L 67 46.96 -44.40 -48.92
C CYS L 67 46.64 -45.72 -48.24
N ASP L 68 47.69 -46.42 -47.80
CA ASP L 68 47.57 -47.79 -47.31
C ASP L 68 48.42 -47.98 -46.06
N ARG L 69 47.99 -48.97 -45.25
CA ARG L 69 48.63 -49.22 -43.96
C ARG L 69 50.06 -49.75 -44.12
N MET L 70 50.37 -50.40 -45.24
CA MET L 70 51.72 -50.96 -45.39
C MET L 70 52.73 -49.94 -45.92
N ARG L 71 52.29 -49.00 -46.75
CA ARG L 71 53.20 -48.06 -47.40
C ARG L 71 53.06 -46.64 -46.88
N GLY L 72 51.86 -46.07 -46.93
CA GLY L 72 51.72 -44.66 -46.61
C GLY L 72 50.82 -43.94 -47.58
N LEU L 73 51.20 -42.74 -48.02
CA LEU L 73 50.35 -41.89 -48.83
C LEU L 73 51.12 -41.41 -50.06
N MET L 74 50.44 -41.40 -51.20
CA MET L 74 51.07 -40.91 -52.43
C MET L 74 50.01 -40.22 -53.27
N CYS L 75 50.33 -39.00 -53.70
CA CYS L 75 49.55 -38.20 -54.64
C CYS L 75 50.49 -37.68 -55.70
N ALA L 76 50.23 -38.03 -56.97
CA ALA L 76 51.07 -37.63 -58.09
C ALA L 76 50.36 -36.54 -58.89
N ASN L 77 51.12 -35.55 -59.31
CA ASN L 77 50.53 -34.41 -60.01
C ASN L 77 49.90 -34.83 -61.33
N SER L 78 50.59 -35.68 -62.10
CA SER L 78 50.16 -35.95 -63.47
C SER L 78 48.82 -36.68 -63.53
N GLN L 79 48.40 -37.33 -62.45
CA GLN L 79 47.19 -38.16 -62.50
C GLN L 79 45.90 -37.37 -62.29
N GLN L 80 45.98 -36.11 -61.89
CA GLN L 80 44.79 -35.30 -61.63
C GLN L 80 44.68 -34.20 -62.66
N SER L 81 43.48 -33.63 -62.75
CA SER L 81 43.25 -32.46 -63.59
C SER L 81 42.60 -31.38 -62.73
N PRO L 82 43.21 -30.19 -62.60
CA PRO L 82 44.54 -29.78 -63.07
C PRO L 82 45.66 -30.66 -62.54
N PRO L 83 46.77 -30.77 -63.26
CA PRO L 83 47.83 -31.70 -62.84
C PRO L 83 48.54 -31.25 -61.58
N LEU L 84 47.84 -31.30 -60.45
CA LEU L 84 48.40 -30.86 -59.19
C LEU L 84 47.85 -31.73 -58.07
N CYS L 85 48.43 -31.57 -56.89
CA CYS L 85 47.99 -32.24 -55.67
C CYS L 85 47.78 -31.22 -54.57
N HIS L 86 47.05 -31.64 -53.54
CA HIS L 86 46.94 -30.86 -52.32
C HIS L 86 48.06 -31.27 -51.37
N ASP L 87 48.17 -30.56 -50.24
CA ASP L 87 49.19 -30.86 -49.25
C ASP L 87 48.58 -31.80 -48.21
N TYR L 88 48.94 -33.08 -48.29
CA TYR L 88 48.36 -34.11 -47.44
C TYR L 88 49.25 -34.40 -46.24
N GLU L 89 48.69 -35.11 -45.28
CA GLU L 89 49.45 -35.71 -44.19
C GLU L 89 48.69 -36.94 -43.70
N LEU L 90 49.27 -37.65 -42.75
CA LEU L 90 48.71 -38.91 -42.29
C LEU L 90 49.14 -39.17 -40.86
N ARG L 91 48.45 -40.11 -40.22
CA ARG L 91 48.78 -40.56 -38.89
C ARG L 91 48.59 -42.07 -38.79
N VAL L 92 49.34 -42.68 -37.87
CA VAL L 92 49.39 -44.12 -37.72
C VAL L 92 48.95 -44.51 -36.31
N LEU L 93 48.71 -45.80 -36.13
CA LEU L 93 48.23 -46.38 -34.89
C LEU L 93 49.26 -47.37 -34.37
N CYS L 94 49.71 -47.19 -33.14
CA CYS L 94 50.73 -48.06 -32.55
C CYS L 94 50.15 -48.78 -31.33
N CYS L 95 50.33 -50.09 -31.30
CA CYS L 95 49.84 -50.93 -30.21
C CYS L 95 51.00 -51.77 -29.67
N GLU L 96 51.17 -51.76 -28.36
CA GLU L 96 52.14 -52.62 -27.67
C GLU L 96 51.39 -53.51 -26.68
N TYR L 97 52.13 -54.35 -25.96
CA TYR L 97 51.54 -55.25 -24.98
C TYR L 97 52.17 -54.98 -23.62
N VAL L 98 51.35 -54.59 -22.65
CA VAL L 98 51.82 -54.21 -21.32
C VAL L 98 51.38 -55.28 -20.32
N PRO L 99 52.24 -55.69 -19.39
CA PRO L 99 51.80 -56.61 -18.34
C PRO L 99 50.66 -56.03 -17.53
N CYS L 100 49.73 -56.90 -17.15
CA CYS L 100 48.53 -56.50 -16.41
C CYS L 100 48.86 -56.15 -14.96
N CYS M 1 -74.19 141.22 90.72
CA CYS M 1 -73.49 141.02 91.97
C CYS M 1 -74.20 140.00 92.85
N VAL M 2 -73.42 139.10 93.45
CA VAL M 2 -73.94 138.09 94.37
C VAL M 2 -73.00 138.00 95.56
N ARG M 3 -73.55 137.98 96.77
CA ARG M 3 -72.77 137.96 97.99
C ARG M 3 -72.98 136.64 98.73
N GLU M 4 -71.92 136.20 99.39
CA GLU M 4 -71.94 134.99 100.20
C GLU M 4 -72.74 135.25 101.48
N VAL M 5 -73.53 134.26 101.89
CA VAL M 5 -74.23 134.30 103.18
C VAL M 5 -74.05 132.93 103.82
N CYS M 6 -73.23 132.89 104.87
CA CYS M 6 -73.01 131.68 105.64
C CYS M 6 -73.84 131.75 106.93
N ARG M 7 -74.07 130.59 107.53
CA ARG M 7 -74.81 130.57 108.80
C ARG M 7 -74.60 129.22 109.46
N TRP M 8 -74.46 129.24 110.79
CA TRP M 8 -74.46 128.01 111.55
C TRP M 8 -75.86 127.40 111.55
N SER M 9 -75.91 126.09 111.77
CA SER M 9 -77.15 125.39 112.06
C SER M 9 -77.16 125.02 113.54
N SER M 10 -78.33 124.65 114.04
CA SER M 10 -78.49 124.39 115.46
C SER M 10 -77.87 123.04 115.82
N TRP M 11 -78.09 122.62 117.07
CA TRP M 11 -77.56 121.36 117.56
C TRP M 11 -78.39 120.20 117.04
N TYR M 12 -77.69 119.14 116.59
CA TYR M 12 -78.34 117.92 116.10
C TYR M 12 -77.87 116.76 116.98
N ASN M 13 -78.57 116.54 118.09
CA ASN M 13 -78.31 115.40 118.96
C ASN M 13 -79.26 114.29 118.53
N GLY M 14 -78.76 113.36 117.73
CA GLY M 14 -79.61 112.37 117.11
C GLY M 14 -79.50 110.97 117.68
N HIS M 15 -78.72 110.79 118.74
CA HIS M 15 -78.55 109.48 119.34
C HIS M 15 -78.19 109.63 120.82
N ARG M 16 -78.61 108.63 121.60
CA ARG M 16 -78.13 108.45 122.96
C ARG M 16 -77.23 107.23 122.98
N PRO M 17 -75.93 107.38 123.24
CA PRO M 17 -75.03 106.23 123.21
C PRO M 17 -75.43 105.17 124.24
N GLU M 18 -75.22 103.93 123.87
CA GLU M 18 -75.64 102.79 124.66
C GLU M 18 -74.47 102.24 125.46
N PRO M 19 -74.65 101.92 126.74
CA PRO M 19 -73.59 101.25 127.49
C PRO M 19 -73.32 99.86 126.94
N GLY M 20 -72.07 99.44 127.04
CA GLY M 20 -71.64 98.14 126.57
C GLY M 20 -70.28 98.24 125.92
N LEU M 21 -69.97 97.25 125.09
CA LEU M 21 -68.70 97.22 124.37
C LEU M 21 -68.81 97.69 122.92
N GLY M 22 -69.94 97.39 122.26
CA GLY M 22 -70.14 97.80 120.88
C GLY M 22 -70.97 99.04 120.70
N GLY M 23 -71.60 99.53 121.77
CA GLY M 23 -72.40 100.72 121.69
C GLY M 23 -71.54 101.97 121.60
N GLY M 24 -72.20 103.08 121.38
CA GLY M 24 -71.52 104.34 121.25
C GLY M 24 -72.43 105.35 120.58
N ASP M 25 -71.81 106.44 120.11
CA ASP M 25 -72.54 107.55 119.51
C ASP M 25 -72.06 107.73 118.08
N PHE M 26 -72.94 107.50 117.11
CA PHE M 26 -72.59 107.55 115.70
C PHE M 26 -73.49 108.58 115.01
N GLU M 27 -73.08 109.85 115.06
CA GLU M 27 -73.84 110.93 114.46
C GLU M 27 -73.35 111.09 113.02
N THR M 28 -74.00 110.40 112.10
CA THR M 28 -73.57 110.35 110.71
C THR M 28 -74.54 111.13 109.83
N PHE M 29 -74.00 111.74 108.77
CA PHE M 29 -74.81 112.61 107.92
C PHE M 29 -75.97 111.86 107.28
N GLU M 30 -75.70 110.66 106.75
CA GLU M 30 -76.77 109.89 106.11
C GLU M 30 -77.81 109.46 107.13
N ASN M 31 -77.38 109.08 108.33
CA ASN M 31 -78.36 108.76 109.37
C ASN M 31 -79.17 109.98 109.75
N LEU M 32 -78.54 111.16 109.81
CA LEU M 32 -79.28 112.38 110.09
C LEU M 32 -80.33 112.65 109.02
N ARG M 33 -79.98 112.43 107.75
CA ARG M 33 -80.95 112.59 106.68
C ARG M 33 -82.10 111.58 106.82
N GLN M 34 -81.76 110.33 107.15
CA GLN M 34 -82.79 109.31 107.33
C GLN M 34 -83.73 109.67 108.47
N ARG M 35 -83.21 110.27 109.54
CA ARG M 35 -84.02 110.65 110.68
C ARG M 35 -84.78 111.94 110.46
N GLY M 36 -84.54 112.64 109.35
CA GLY M 36 -85.30 113.83 108.99
C GLY M 36 -84.55 115.13 109.18
N TYR M 37 -83.44 115.13 109.91
CA TYR M 37 -82.67 116.34 110.09
C TYR M 37 -82.13 116.84 108.76
N GLN M 38 -82.29 118.14 108.50
CA GLN M 38 -81.81 118.73 107.27
C GLN M 38 -80.30 118.89 107.36
N VAL M 39 -79.57 118.22 106.46
CA VAL M 39 -78.11 118.29 106.40
C VAL M 39 -77.74 118.84 105.03
N CYS M 40 -77.03 119.96 105.02
CA CYS M 40 -76.64 120.58 103.77
C CYS M 40 -75.57 119.74 103.07
N PRO M 41 -75.76 119.39 101.80
CA PRO M 41 -74.73 118.63 101.08
C PRO M 41 -73.39 119.35 101.00
N VAL M 42 -73.41 120.68 100.94
CA VAL M 42 -72.20 121.48 100.85
C VAL M 42 -71.99 122.19 102.19
N LEU M 43 -70.76 122.14 102.69
CA LEU M 43 -70.43 122.72 103.98
C LEU M 43 -68.96 123.11 103.99
N ALA M 44 -68.58 123.89 105.00
CA ALA M 44 -67.19 124.23 105.23
C ALA M 44 -66.65 123.60 106.50
N ASP M 45 -67.27 123.87 107.65
CA ASP M 45 -66.86 123.33 108.93
C ASP M 45 -68.05 122.74 109.66
N ILE M 46 -67.76 121.84 110.60
CA ILE M 46 -68.72 121.37 111.59
C ILE M 46 -68.06 121.47 112.96
N GLU M 47 -68.89 121.41 114.00
CA GLU M 47 -68.38 121.48 115.36
C GLU M 47 -69.05 120.41 116.21
N CYS M 48 -68.24 119.63 116.92
CA CYS M 48 -68.71 118.60 117.82
C CYS M 48 -68.55 119.07 119.26
N ARG M 49 -69.45 118.61 120.13
CA ARG M 49 -69.33 118.88 121.55
C ARG M 49 -70.16 117.86 122.31
N ALA M 50 -69.67 117.48 123.49
CA ALA M 50 -70.41 116.57 124.36
C ALA M 50 -71.72 117.22 124.77
N ALA M 51 -72.82 116.51 124.56
CA ALA M 51 -74.14 117.11 124.72
C ALA M 51 -74.38 117.55 126.16
N GLN M 52 -74.01 116.71 127.12
CA GLN M 52 -74.27 117.04 128.52
C GLN M 52 -73.27 118.06 129.06
N LEU M 53 -72.06 118.12 128.51
CA LEU M 53 -71.06 119.09 128.92
C LEU M 53 -70.76 120.04 127.76
N PRO M 54 -71.44 121.18 127.67
CA PRO M 54 -71.26 122.08 126.52
C PRO M 54 -70.15 123.10 126.66
N ASP M 55 -69.25 122.96 127.64
CA ASP M 55 -68.22 123.96 127.87
C ASP M 55 -66.81 123.51 127.51
N MET M 56 -66.44 122.26 127.81
CA MET M 56 -65.05 121.88 127.54
C MET M 56 -64.94 121.28 126.14
N PRO M 57 -64.00 121.76 125.33
CA PRO M 57 -63.75 121.16 124.02
C PRO M 57 -63.61 119.65 124.02
N LEU M 58 -63.70 119.06 122.83
CA LEU M 58 -63.60 117.61 122.69
C LEU M 58 -62.26 117.10 123.18
N GLU M 59 -61.18 117.85 122.92
CA GLU M 59 -59.84 117.39 123.30
C GLU M 59 -59.70 117.24 124.81
N GLU M 60 -60.20 118.20 125.58
CA GLU M 60 -60.10 118.09 127.03
C GLU M 60 -60.86 116.89 127.57
N LEU M 61 -61.86 116.39 126.82
CA LEU M 61 -62.49 115.14 127.21
C LEU M 61 -61.51 113.99 127.17
N GLY M 62 -60.63 113.98 126.16
CA GLY M 62 -59.61 112.96 126.07
C GLY M 62 -60.09 111.63 125.53
N GLN M 63 -61.35 111.53 125.12
CA GLN M 63 -61.89 110.29 124.59
C GLN M 63 -61.64 110.19 123.09
N GLN M 64 -61.57 108.97 122.60
CA GLN M 64 -61.33 108.71 121.18
C GLN M 64 -62.64 108.92 120.43
N VAL M 65 -62.88 110.17 120.04
CA VAL M 65 -64.02 110.55 119.23
C VAL M 65 -63.48 111.22 117.98
N ASP M 66 -63.90 110.74 116.81
CA ASP M 66 -63.43 111.31 115.55
C ASP M 66 -64.58 112.00 114.84
N CYS M 67 -64.39 113.30 114.58
CA CYS M 67 -65.32 114.05 113.73
C CYS M 67 -64.59 114.45 112.46
N ASP M 68 -65.24 114.23 111.33
CA ASP M 68 -64.79 114.77 110.05
C ASP M 68 -65.95 115.53 109.41
N ARG M 69 -65.61 116.64 108.76
CA ARG M 69 -66.61 117.52 108.19
C ARG M 69 -67.31 116.88 107.00
N MET M 70 -66.77 115.80 106.45
CA MET M 70 -67.43 115.12 105.35
C MET M 70 -68.30 113.96 105.80
N ARG M 71 -68.06 113.44 106.99
CA ARG M 71 -68.70 112.16 107.29
C ARG M 71 -69.44 112.14 108.61
N GLY M 72 -68.97 112.85 109.64
CA GLY M 72 -69.74 112.97 110.87
C GLY M 72 -68.90 112.70 112.10
N LEU M 73 -69.57 112.31 113.19
CA LEU M 73 -68.94 112.12 114.50
C LEU M 73 -69.11 110.67 114.92
N MET M 74 -68.02 110.06 115.39
CA MET M 74 -68.07 108.69 115.88
C MET M 74 -67.39 108.57 117.24
N CYS M 75 -68.01 107.77 118.11
CA CYS M 75 -67.43 107.36 119.38
C CYS M 75 -67.83 105.91 119.63
N ALA M 76 -66.85 105.02 119.72
CA ALA M 76 -67.07 103.61 120.02
C ALA M 76 -66.66 103.33 121.46
N ASN M 77 -67.43 102.48 122.14
CA ASN M 77 -67.19 102.24 123.56
C ASN M 77 -65.82 101.60 123.80
N SER M 78 -65.43 100.67 122.94
CA SER M 78 -64.22 99.87 123.19
C SER M 78 -62.97 100.74 123.21
N GLN M 79 -62.87 101.71 122.31
CA GLN M 79 -61.69 102.56 122.22
C GLN M 79 -61.41 103.30 123.51
N GLN M 80 -62.43 103.59 124.30
CA GLN M 80 -62.31 104.41 125.49
C GLN M 80 -62.22 103.53 126.73
N SER M 81 -61.31 103.90 127.63
CA SER M 81 -61.33 103.41 129.00
C SER M 81 -61.70 104.59 129.88
N PRO M 82 -62.87 104.59 130.52
CA PRO M 82 -63.77 103.44 130.70
C PRO M 82 -64.51 103.00 129.43
N PRO M 83 -64.92 101.73 129.37
CA PRO M 83 -65.54 101.23 128.14
C PRO M 83 -66.91 101.83 127.91
N LEU M 84 -66.98 103.15 127.91
CA LEU M 84 -68.20 103.89 127.65
C LEU M 84 -67.85 105.20 126.95
N CYS M 85 -68.82 105.72 126.20
CA CYS M 85 -68.70 107.02 125.56
C CYS M 85 -69.51 108.04 126.34
N HIS M 86 -69.27 109.30 126.04
CA HIS M 86 -70.11 110.38 126.51
C HIS M 86 -71.24 110.59 125.51
N ASP M 87 -72.07 111.59 125.76
CA ASP M 87 -73.15 111.93 124.84
C ASP M 87 -72.74 113.17 124.06
N TYR M 88 -72.78 113.07 122.74
CA TYR M 88 -72.24 114.10 121.86
C TYR M 88 -73.31 114.59 120.89
N GLU M 89 -73.02 115.75 120.28
CA GLU M 89 -73.80 116.24 119.15
C GLU M 89 -72.92 117.20 118.37
N LEU M 90 -73.42 117.65 117.21
CA LEU M 90 -72.63 118.52 116.35
C LEU M 90 -73.54 119.53 115.67
N ARG M 91 -72.92 120.51 115.03
CA ARG M 91 -73.60 121.48 114.21
C ARG M 91 -72.82 121.70 112.91
N VAL M 92 -73.56 122.08 111.87
CA VAL M 92 -73.03 122.24 110.52
C VAL M 92 -73.10 123.72 110.14
N LEU M 93 -72.16 124.14 109.29
CA LEU M 93 -72.13 125.50 108.75
C LEU M 93 -72.63 125.45 107.32
N CYS M 94 -73.83 125.96 107.09
CA CYS M 94 -74.44 125.97 105.76
C CYS M 94 -74.29 127.36 105.15
N CYS M 95 -73.77 127.41 103.92
CA CYS M 95 -73.52 128.67 103.25
C CYS M 95 -74.13 128.65 101.86
N GLU M 96 -74.72 129.77 101.45
CA GLU M 96 -75.29 129.92 100.12
C GLU M 96 -74.99 131.30 99.56
N TYR M 97 -75.67 131.65 98.47
CA TYR M 97 -75.43 132.90 97.75
C TYR M 97 -76.74 133.67 97.63
N VAL M 98 -76.67 134.98 97.84
CA VAL M 98 -77.82 135.87 97.77
C VAL M 98 -77.47 137.01 96.82
N PRO M 99 -78.35 137.35 95.86
CA PRO M 99 -78.03 138.44 94.93
C PRO M 99 -77.83 139.77 95.66
N CYS M 100 -76.85 140.53 95.19
CA CYS M 100 -76.55 141.84 95.77
C CYS M 100 -77.72 142.81 95.63
N CYS N 1 60.38 -144.61 -96.49
CA CYS N 1 61.51 -143.95 -97.13
C CYS N 1 61.07 -143.19 -98.38
N VAL N 2 61.58 -141.98 -98.53
CA VAL N 2 61.31 -141.14 -99.70
C VAL N 2 62.62 -140.48 -100.12
N ARG N 3 62.91 -140.51 -101.43
CA ARG N 3 64.14 -139.98 -101.97
C ARG N 3 63.86 -138.77 -102.85
N GLU N 4 64.80 -137.82 -102.83
CA GLU N 4 64.72 -136.64 -103.66
C GLU N 4 65.01 -137.00 -105.11
N VAL N 5 64.27 -136.39 -106.03
CA VAL N 5 64.54 -136.52 -107.46
C VAL N 5 64.45 -135.12 -108.06
N CYS N 6 65.59 -134.57 -108.43
CA CYS N 6 65.67 -133.28 -109.10
C CYS N 6 65.87 -133.49 -110.59
N ARG N 7 65.56 -132.46 -111.37
CA ARG N 7 65.76 -132.54 -112.81
C ARG N 7 65.71 -131.16 -113.41
N TRP N 8 66.58 -130.91 -114.39
CA TRP N 8 66.48 -129.70 -115.17
C TRP N 8 65.24 -129.73 -116.06
N SER N 9 64.77 -128.55 -116.43
CA SER N 9 63.78 -128.40 -117.48
C SER N 9 64.46 -127.84 -118.72
N SER N 10 63.76 -127.93 -119.85
CA SER N 10 64.35 -127.54 -121.13
C SER N 10 64.43 -126.02 -121.24
N TRP N 11 64.80 -125.55 -122.42
CA TRP N 11 64.92 -124.12 -122.68
C TRP N 11 63.54 -123.50 -122.89
N TYR N 12 63.33 -122.34 -122.27
CA TYR N 12 62.07 -121.58 -122.41
C TYR N 12 62.41 -120.22 -122.99
N ASN N 13 62.47 -120.15 -124.32
CA ASN N 13 62.66 -118.88 -125.02
C ASN N 13 61.27 -118.37 -125.38
N GLY N 14 60.76 -117.43 -124.58
CA GLY N 14 59.39 -117.00 -124.69
C GLY N 14 59.19 -115.62 -125.27
N HIS N 15 60.27 -114.96 -125.69
CA HIS N 15 60.18 -113.63 -126.26
C HIS N 15 61.34 -113.39 -127.22
N ARG N 16 61.07 -112.55 -128.23
CA ARG N 16 62.11 -111.96 -129.06
C ARG N 16 62.22 -110.50 -128.72
N PRO N 17 63.36 -110.05 -128.15
CA PRO N 17 63.47 -108.65 -127.76
C PRO N 17 63.34 -107.71 -128.96
N GLU N 18 62.73 -106.57 -128.71
CA GLU N 18 62.41 -105.59 -129.75
C GLU N 18 63.46 -104.49 -129.78
N PRO N 19 63.92 -104.09 -130.96
CA PRO N 19 64.81 -102.93 -131.04
C PRO N 19 64.09 -101.66 -130.63
N GLY N 20 64.84 -100.74 -130.03
CA GLY N 20 64.32 -99.47 -129.58
C GLY N 20 64.94 -99.09 -128.26
N LEU N 21 64.26 -98.20 -127.54
CA LEU N 21 64.73 -97.75 -126.22
C LEU N 21 64.01 -98.44 -125.07
N GLY N 22 62.72 -98.74 -125.22
CA GLY N 22 61.98 -99.42 -124.18
C GLY N 22 61.81 -100.90 -124.34
N GLY N 23 62.19 -101.43 -125.50
CA GLY N 23 62.09 -102.85 -125.74
C GLY N 23 63.17 -103.61 -125.02
N GLY N 24 63.07 -104.93 -125.08
CA GLY N 24 64.00 -105.80 -124.41
C GLY N 24 63.42 -107.19 -124.26
N ASP N 25 64.04 -107.96 -123.38
CA ASP N 25 63.66 -109.35 -123.17
C ASP N 25 63.27 -109.53 -121.71
N PHE N 26 61.99 -109.85 -121.48
CA PHE N 26 61.45 -109.96 -120.13
C PHE N 26 60.86 -111.37 -119.96
N GLU N 27 61.71 -112.32 -119.60
CA GLU N 27 61.30 -113.71 -119.42
C GLU N 27 60.89 -113.85 -117.95
N THR N 28 59.60 -113.65 -117.68
CA THR N 28 59.10 -113.66 -116.32
C THR N 28 58.24 -114.89 -116.07
N PHE N 29 58.27 -115.37 -114.82
CA PHE N 29 57.60 -116.61 -114.48
C PHE N 29 56.10 -116.52 -114.73
N GLU N 30 55.47 -115.43 -114.31
CA GLU N 30 54.03 -115.29 -114.52
C GLU N 30 53.69 -115.18 -116.00
N ASN N 31 54.53 -114.47 -116.78
CA ASN N 31 54.30 -114.44 -118.22
C ASN N 31 54.46 -115.82 -118.83
N LEU N 32 55.44 -116.59 -118.35
CA LEU N 32 55.61 -117.95 -118.85
C LEU N 32 54.37 -118.80 -118.56
N ARG N 33 53.81 -118.64 -117.36
CA ARG N 33 52.57 -119.36 -117.03
C ARG N 33 51.43 -118.92 -117.94
N GLN N 34 51.32 -117.61 -118.19
CA GLN N 34 50.26 -117.11 -119.06
C GLN N 34 50.41 -117.64 -120.47
N ARG N 35 51.64 -117.79 -120.95
CA ARG N 35 51.88 -118.29 -122.29
C ARG N 35 51.79 -119.80 -122.38
N GLY N 36 51.60 -120.50 -121.26
CA GLY N 36 51.38 -121.94 -121.24
C GLY N 36 52.57 -122.76 -120.79
N TYR N 37 53.77 -122.18 -120.74
CA TYR N 37 54.93 -122.92 -120.28
C TYR N 37 54.75 -123.35 -118.83
N GLN N 38 55.04 -124.61 -118.55
CA GLN N 38 54.93 -125.13 -117.19
C GLN N 38 56.11 -124.61 -116.37
N VAL N 39 55.82 -123.86 -115.32
CA VAL N 39 56.83 -123.31 -114.42
C VAL N 39 56.55 -123.86 -113.03
N CYS N 40 57.52 -124.56 -112.46
CA CYS N 40 57.34 -125.16 -111.14
C CYS N 40 57.32 -124.06 -110.08
N PRO N 41 56.31 -124.03 -109.20
CA PRO N 41 56.30 -123.02 -108.14
C PRO N 41 57.49 -123.12 -107.20
N VAL N 42 58.02 -124.32 -106.99
CA VAL N 42 59.16 -124.55 -106.11
C VAL N 42 60.36 -124.89 -106.97
N LEU N 43 61.50 -124.25 -106.67
CA LEU N 43 62.72 -124.44 -107.44
C LEU N 43 63.92 -124.17 -106.55
N ALA N 44 65.10 -124.55 -107.04
CA ALA N 44 66.35 -124.24 -106.38
C ALA N 44 67.19 -123.25 -107.18
N ASP N 45 67.52 -123.57 -108.42
CA ASP N 45 68.32 -122.72 -109.28
C ASP N 45 67.64 -122.59 -110.64
N ILE N 46 68.01 -121.51 -111.34
CA ILE N 46 67.69 -121.34 -112.75
C ILE N 46 68.98 -120.95 -113.47
N GLU N 47 68.97 -121.07 -114.79
CA GLU N 47 70.14 -120.72 -115.59
C GLU N 47 69.70 -119.91 -116.80
N CYS N 48 70.35 -118.77 -117.01
CA CYS N 48 70.09 -117.90 -118.14
C CYS N 48 71.22 -118.03 -119.15
N ARG N 49 70.89 -117.86 -120.42
CA ARG N 49 71.90 -117.83 -121.47
C ARG N 49 71.33 -117.14 -122.69
N ALA N 50 72.19 -116.42 -123.40
CA ALA N 50 71.78 -115.78 -124.65
C ALA N 50 71.37 -116.85 -125.66
N ALA N 51 70.18 -116.71 -126.22
CA ALA N 51 69.60 -117.78 -127.03
C ALA N 51 70.44 -118.05 -128.27
N GLN N 52 70.89 -117.00 -128.94
CA GLN N 52 71.66 -117.18 -130.17
C GLN N 52 73.10 -117.60 -129.90
N LEU N 53 73.65 -117.23 -128.75
CA LEU N 53 75.01 -117.62 -128.37
C LEU N 53 74.96 -118.51 -127.14
N PRO N 54 74.92 -119.83 -127.31
CA PRO N 54 74.77 -120.75 -126.16
C PRO N 54 76.07 -121.17 -125.49
N ASP N 55 77.19 -120.51 -125.77
CA ASP N 55 78.47 -120.94 -125.24
C ASP N 55 79.05 -120.01 -124.19
N MET N 56 78.97 -118.69 -124.39
CA MET N 56 79.62 -117.80 -123.42
C MET N 56 78.65 -117.43 -122.31
N PRO N 57 79.04 -117.60 -121.04
CA PRO N 57 78.21 -117.16 -119.93
C PRO N 57 77.65 -115.75 -120.05
N LEU N 58 76.66 -115.44 -119.22
CA LEU N 58 76.04 -114.12 -119.24
C LEU N 58 77.04 -113.02 -118.92
N GLU N 59 77.96 -113.28 -117.99
CA GLU N 59 78.91 -112.26 -117.59
C GLU N 59 79.82 -111.82 -118.73
N GLU N 60 80.33 -112.78 -119.52
CA GLU N 60 81.17 -112.42 -120.65
C GLU N 60 80.43 -111.58 -121.68
N LEU N 61 79.11 -111.66 -121.72
CA LEU N 61 78.35 -110.76 -122.56
C LEU N 61 78.51 -109.31 -122.11
N GLY N 62 78.56 -109.10 -120.80
CA GLY N 62 78.78 -107.77 -120.27
C GLY N 62 77.57 -106.87 -120.29
N GLN N 63 76.41 -107.36 -120.69
CA GLN N 63 75.20 -106.56 -120.75
C GLN N 63 74.47 -106.61 -119.41
N GLN N 64 73.72 -105.55 -119.14
CA GLN N 64 72.97 -105.44 -117.89
C GLN N 64 71.71 -106.28 -118.01
N VAL N 65 71.85 -107.57 -117.67
CA VAL N 65 70.75 -108.51 -117.62
C VAL N 65 70.70 -109.08 -116.22
N ASP N 66 69.53 -109.01 -115.58
CA ASP N 66 69.38 -109.51 -114.23
C ASP N 66 68.46 -110.72 -114.22
N CYS N 67 69.00 -111.84 -113.73
CA CYS N 67 68.19 -113.04 -113.49
C CYS N 67 68.14 -113.28 -111.99
N ASP N 68 66.94 -113.53 -111.48
CA ASP N 68 66.75 -114.02 -110.12
C ASP N 68 65.90 -115.28 -110.18
N ARG N 69 66.24 -116.23 -109.31
CA ARG N 69 65.58 -117.54 -109.32
C ARG N 69 64.13 -117.44 -108.85
N MET N 70 63.75 -116.32 -108.24
CA MET N 70 62.37 -116.17 -107.81
C MET N 70 61.52 -115.42 -108.84
N ARG N 71 62.14 -114.67 -109.73
CA ARG N 71 61.32 -113.75 -110.50
C ARG N 71 61.55 -113.84 -112.00
N GLY N 72 62.77 -114.12 -112.46
CA GLY N 72 62.98 -114.36 -113.88
C GLY N 72 64.17 -113.58 -114.42
N LEU N 73 64.16 -113.35 -115.74
CA LEU N 73 65.25 -112.71 -116.46
C LEU N 73 64.77 -111.41 -117.09
N MET N 74 65.54 -110.34 -116.92
CA MET N 74 65.20 -109.06 -117.51
C MET N 74 66.40 -108.46 -118.23
N CYS N 75 66.12 -107.87 -119.40
CA CYS N 75 67.08 -107.06 -120.14
C CYS N 75 66.32 -105.90 -120.76
N ALA N 76 66.69 -104.67 -120.38
CA ALA N 76 66.11 -103.47 -120.95
C ALA N 76 67.10 -102.81 -121.90
N ASN N 77 66.59 -102.28 -123.01
CA ASN N 77 67.47 -101.74 -124.04
C ASN N 77 68.28 -100.56 -123.54
N SER N 78 67.67 -99.68 -122.73
CA SER N 78 68.33 -98.44 -122.34
C SER N 78 69.58 -98.68 -121.52
N GLN N 79 69.54 -99.66 -120.61
CA GLN N 79 70.69 -99.93 -119.74
C GLN N 79 71.93 -100.28 -120.52
N GLN N 80 71.79 -100.84 -121.72
CA GLN N 80 72.91 -101.34 -122.49
C GLN N 80 73.32 -100.32 -123.55
N SER N 81 74.62 -100.14 -123.69
CA SER N 81 75.18 -99.50 -124.87
C SER N 81 75.93 -100.58 -125.65
N PRO N 82 75.47 -100.96 -126.85
CA PRO N 82 74.46 -100.29 -127.66
C PRO N 82 73.04 -100.40 -127.12
N PRO N 83 72.17 -99.44 -127.47
CA PRO N 83 70.81 -99.44 -126.91
C PRO N 83 69.97 -100.59 -127.44
N LEU N 84 70.49 -101.80 -127.30
CA LEU N 84 69.79 -103.01 -127.70
C LEU N 84 70.20 -104.14 -126.77
N CYS N 85 69.31 -105.13 -126.65
CA CYS N 85 69.59 -106.34 -125.90
C CYS N 85 69.91 -107.47 -126.86
N HIS N 86 70.44 -108.55 -126.31
CA HIS N 86 70.58 -109.79 -127.02
C HIS N 86 69.30 -110.61 -126.85
N ASP N 87 69.29 -111.81 -127.41
CA ASP N 87 68.16 -112.72 -127.25
C ASP N 87 68.53 -113.77 -126.21
N TYR N 88 67.69 -113.91 -125.19
CA TYR N 88 68.00 -114.73 -124.03
C TYR N 88 66.92 -115.78 -123.80
N GLU N 89 67.26 -116.77 -122.98
CA GLU N 89 66.28 -117.72 -122.46
C GLU N 89 66.86 -118.32 -121.20
N LEU N 90 66.03 -119.11 -120.49
CA LEU N 90 66.46 -119.69 -119.24
C LEU N 90 65.87 -121.09 -119.08
N ARG N 91 66.37 -121.80 -118.08
CA ARG N 91 65.82 -123.09 -117.67
C ARG N 91 65.71 -123.15 -116.15
N VAL N 92 64.77 -123.96 -115.69
CA VAL N 92 64.44 -124.09 -114.28
C VAL N 92 64.80 -125.50 -113.82
N LEU N 93 65.15 -125.61 -112.54
CA LEU N 93 65.45 -126.90 -111.90
C LEU N 93 64.25 -127.28 -111.04
N CYS N 94 63.49 -128.29 -111.48
CA CYS N 94 62.32 -128.76 -110.77
C CYS N 94 62.66 -130.02 -110.01
N CYS N 95 62.34 -130.04 -108.71
CA CYS N 95 62.68 -131.17 -107.86
C CYS N 95 61.44 -131.62 -107.08
N GLU N 96 61.27 -132.93 -106.95
CA GLU N 96 60.17 -133.50 -106.19
C GLU N 96 60.64 -134.71 -105.39
N TYR N 97 59.69 -135.47 -104.85
CA TYR N 97 59.99 -136.60 -103.97
C TYR N 97 59.34 -137.85 -104.53
N VAL N 98 60.07 -138.97 -104.48
CA VAL N 98 59.59 -140.26 -104.98
C VAL N 98 59.77 -141.28 -103.85
N PRO N 99 58.76 -142.08 -103.54
CA PRO N 99 58.92 -143.08 -102.48
C PRO N 99 60.04 -144.07 -102.77
N CYS N 100 60.78 -144.42 -101.72
CA CYS N 100 61.89 -145.38 -101.84
C CYS N 100 61.40 -146.75 -102.28
#